data_9LX0
#
_entry.id   9LX0
#
_cell.length_a   1.00
_cell.length_b   1.00
_cell.length_c   1.00
_cell.angle_alpha   90.00
_cell.angle_beta   90.00
_cell.angle_gamma   90.00
#
_symmetry.space_group_name_H-M   'P 1'
#
loop_
_entity.id
_entity.type
_entity.pdbx_description
1 polymer 'Engulfment and cell motility protein 1'
2 polymer 'Dedicator of cytokinesis protein 5'
3 polymer 'Rho-related GTP-binding protein RhoG'
4 polymer 'Ras-related C3 botulinum toxin substrate 1'
#
loop_
_entity_poly.entity_id
_entity_poly.type
_entity_poly.pdbx_seq_one_letter_code
_entity_poly.pdbx_strand_id
1 'polypeptide(L)'
;GGSVGSMPPPADIVKVAIEWPGAYPKLMEIDQKKPLSAIIKEVCDGWSLANHEYFALQHADSSNFYITEKNRNEIKNGTI
LRLTTSPAQNAQQLHERIQSSSMDAKLEALKDLASLSRDVTFAQEFINLDGISLLTQMVESGTERYQKLQKIMKPCFGDM
LSFTLTAFVELMDHGIVSWDTFSVAFIKKIASFVNKSAIDISILQRSLAILESMVLNSHDLYQKVAQEITIGQLIPHLQG
SDQEIQTYTIAVINALFLKAPDERRQEMANILAQKQLRSIILTHVIRAQRAINNEMAHQLYVLQVLTFNLLEDRMMTKMD
PQDQAQRDIIFELRRIAFDAESEPNNSSGSMEKRKSMYTRDYKKLGFINHVNPAMDFTQTPPGMLALDNMLYFAKHHQDA
YIRIVLENSSREDKHECPFGRSSIELTKMLCEILKVGELPSETCNDFHPMFFTHDRSFEEFFCICIQLLNKTWKEMRATS
EDFNKVMQVVKEQVMRALTTKPSSLDQFKSKLQNLSYTEILKIRQSERMNQEDFQSRPILELKEKIQPEILELIKQQRLN
RLVEGTCFRKLNARRRQDKFWYCRLSPNHKVLHYGDLEESPQGEVPHDSLQDKLPVADIKAVVTGKDCPHMKEKGALKQN
KEVLELAFSILYDSNCQLNFIAPDKHEYCIWTDGLNALLGKDMMSDLTRNDLDTLLSMEIKLRLLDLENIQIPDAPPPIP
KEPSNYDFVYDCN
;
A,E
2 'polypeptide(L)'
;GGSGGSMARWIPTKRQKYGVAIYNYNASQDVELSLQIGDTVHILEMYEGWYRGYTLQNKSKKGIFPETYIHLKEATVEDL
GQHETVIPGELPLVQELTSTLREWAVIWRKLYVNNKLTLFRQLQQMTYSLIEWRSQILSGTLPKDELAELKKKVTAKIDH
GNRMLGLDLVVRDDNGNILDPDETSTIALFKAHEVASKRIEEKIQEEKSILQNLDLRGQSIFSTIHTYGLYVNFKNFVCN
IGEDAELFMALYDPDQSTFISENYLIRWGSNGMPKEIEKLNNLQAVFTDLSSMDLIRPRVSLVCQIVRVGHMELKEGKKH
TCGLRRPFGVAVMDITDIIHGKVDDEEKQHFIPFQQIAMETYIRQRQLIMSPLITSHVIGENEPLTSVLNKVIAAKEVNH
KGQGLWVSLKLLPGDLTQVQKNFSHLVDRSTAIARKMGFPEIILPGDVRNDIYVTLIHGEFDKGKKKTPKNVEVTMSVHD
EEGKLLEKAIHPGAGYEGISEYKSVVYYQVKQPCWYETVKVSIAIEEVTRCHIRFTFRHRSSQETRDKSERAFGVAFVKL
MNPDGTTLQDGRHDLVVYKGDNKKMEDAKFYLTLPGTKMEMEEKELQASKNLVTFTPSKDSTKDSFQIATLICSTKLTQN
VDLLGLLNWRSNSQNIKHNLKKLMEVDGGEIVKFLQDTLDALFNIMMEMSDSETYDFLVFDALVFIISLIGDIKFQHFNP
VLETYIYKHFSATLAYVKLSKVLNFYVANADDSSKTELLFAALKALKYLFRFIIQSRVLYLRFYGQSKDGDEFNNSIRQL
FLAFNMLMDRPLEEAVKIKGAALKYLPSIINDVKLVFDPVELSVLFCKFIQSIPDNQLVRQKLNCMTKIVESTLFRQSEC
REVLLPLLTDQLSGQLDDNSNKPDHEASSQLLSNILEVLDRKDVGATAVHIQLIMERLLRRINRTVIGMNRQSPHIGSFV
ACMIALLQQMDDSHYSHYISTFKTRQDIIDFLMETFIMFKDLIGKNVYAKDWMVMNMTQNRVFLRAINQFAEVLTRFFMD
QASFELQLWNNYFHLAVAFLTHESLQLETFSQAKRNKIVKKYGDMRKEIGFRIRDMWYNLGPHKIKFIPSMVGPILEVTL
TPEVELRKATIPIFFDMMQCEFNFSGNGNFHMFENELITKLDQEVEGGRGDEQYKVLLEKLLLEHCRKHKYLSSSGEVFA
LLVSSLLENLLDYRTIIMQDESKENRMSCTVNVLNFYKEKKREDIYIRYLYKLRDLHRDCENYTEAAYTLLLHAELLQWS
DKPCVPHLLQRDSYYVYTQQELKEKLYQEIISYFDKGKMWEKAIKLSKELAETYESKVFDYEGLGNLLKKRASFYENIIK
AMRPQPEYFAVGYYGQGFPSFLRNKIFIYRGKEYERREDFSLRLLTQFPNAEKMTSTTPPGEDIKSSPKQYMQCFTVKPV
MSLPPSYKDKPVPEQILNYYRANEVQQFRYSRPFRKGEKDPDNEFATMWIERTTYTTAYTFPGILKWFEVKQISTEEISP
LENAIETMELTNERISNCVQQHAWDRSLSVHPLSMLLSGIVDPAVMGGFSNYEKAFFTEKYLQEHPEDQEKVELLKRLIA
LQMPLLTEGIRIHGEKLTEQLKPLHERLSSCFRELKEKVEKHYGVITLPPNLTERKQSRTGSIVLPYIMSSTLRRLSITS
VTSSVVSTSSNSSDNAPSRPGSDGSILEPLLERRASSGARVEDLSLREENSENRISKFKRKDWSLSKSQVIAEKAPEPDL
MSPTRKAQRPKSLQLMDNRLSPFHGSSPPQSTPLSPPPLTPKATRTLSSPSLQTDGIAATPVPPPPPPKSKPYEGSQRNS
TELAPPLPVRREAKAPPPPPPKARKSGIPTSEPGSQ
;
B,F
3 'polypeptide(L)'
;GSSGSSGMQSIKCVVVGDGAVGKTCLLICYTTNAFPKEYIPTVFDNYSAQSAVDGRTVNLNLWDTAGLEEYDRLRTLSYP
QTNVFVICFSIASPPSYENVRHKWHPEVCHHCPDVPILLVGTKKDLRAQPDTLRRLKEQGQAPITPQQGQALAKQIHAVR
YLECSALQQDGVKEVFAEAVRAVLNPTPIKRGRSCILLSGPSSGHHHHHHHHHH
;
C,G
4 'polypeptide(L)'
;GSSGSSGMQAIKCVVVGDGAVAKTCLLISYTTNAFPGEYIPTVFDNYSANVMVDGKPVNLGLWDTAGQEDYDRLRPLSYP
QTDVFLICFSLVSPASFENVRAKWYPEVRHHCPNTPIILVGTKLDLRDDKDTIEKLKEKKLTPITYPQGLAMAKEIGAVK
YLECSALTQRGLKTVFDEAIRAVLCPPPVKKRKRKSHHHHHHHHHH
;
D,H
#
# COMPACT_ATOMS: atom_id res chain seq x y z
N MET A 7 56.43 -101.13 -3.35
CA MET A 7 57.25 -102.25 -2.92
C MET A 7 56.70 -102.86 -1.63
N PRO A 8 55.94 -103.94 -1.76
CA PRO A 8 55.33 -104.57 -0.59
C PRO A 8 56.38 -105.12 0.36
N PRO A 9 56.12 -105.06 1.67
CA PRO A 9 57.08 -105.63 2.62
C PRO A 9 57.14 -107.14 2.50
N PRO A 10 58.28 -107.75 2.86
CA PRO A 10 58.37 -109.21 2.77
C PRO A 10 57.37 -109.90 3.67
N ALA A 11 56.86 -111.04 3.20
CA ALA A 11 55.90 -111.85 3.94
C ALA A 11 56.48 -113.19 4.36
N ASP A 12 57.80 -113.32 4.36
CA ASP A 12 58.43 -114.59 4.73
C ASP A 12 58.39 -114.84 6.23
N ILE A 13 58.01 -113.85 7.03
CA ILE A 13 57.95 -113.97 8.49
C ILE A 13 56.50 -113.95 8.92
N VAL A 14 56.09 -114.96 9.68
CA VAL A 14 54.73 -115.06 10.20
C VAL A 14 54.80 -115.44 11.67
N LYS A 15 53.69 -115.18 12.37
CA LYS A 15 53.56 -115.52 13.79
C LYS A 15 52.45 -116.54 13.96
N VAL A 16 52.75 -117.62 14.68
CA VAL A 16 51.78 -118.68 14.92
C VAL A 16 52.17 -119.40 16.21
N ALA A 17 51.17 -119.68 17.05
CA ALA A 17 51.37 -120.39 18.30
C ALA A 17 50.82 -121.81 18.18
N ILE A 18 51.61 -122.80 18.60
CA ILE A 18 51.20 -124.19 18.53
C ILE A 18 50.84 -124.68 19.92
N GLU A 19 49.55 -124.86 20.18
CA GLU A 19 49.09 -125.21 21.51
C GLU A 19 49.31 -126.69 21.78
N TRP A 20 49.18 -127.06 23.05
CA TRP A 20 49.23 -128.44 23.51
C TRP A 20 48.10 -128.68 24.49
N PRO A 21 47.60 -129.91 24.58
CA PRO A 21 46.57 -130.23 25.58
C PRO A 21 47.15 -130.20 26.99
N GLY A 22 46.78 -129.19 27.78
CA GLY A 22 47.29 -129.04 29.11
C GLY A 22 48.60 -128.29 29.23
N ALA A 23 49.20 -127.87 28.11
CA ALA A 23 50.45 -127.14 28.11
C ALA A 23 50.33 -125.89 27.25
N TYR A 24 51.03 -124.83 27.64
CA TYR A 24 50.95 -123.57 26.93
C TYR A 24 51.79 -123.61 25.65
N PRO A 25 51.42 -122.80 24.64
CA PRO A 25 52.06 -122.93 23.32
C PRO A 25 53.49 -122.40 23.26
N LYS A 26 54.14 -122.61 22.12
CA LYS A 26 55.46 -122.10 21.84
C LYS A 26 55.45 -121.46 20.46
N LEU A 27 56.26 -120.43 20.29
CA LEU A 27 56.24 -119.60 19.09
C LEU A 27 57.38 -119.98 18.14
N MET A 28 57.03 -120.11 16.87
CA MET A 28 58.00 -120.37 15.81
C MET A 28 57.39 -119.89 14.49
N GLU A 29 58.27 -119.67 13.51
CA GLU A 29 57.86 -119.25 12.18
C GLU A 29 57.78 -120.46 11.26
N ILE A 30 56.67 -120.59 10.55
CA ILE A 30 56.42 -121.72 9.65
C ILE A 30 56.24 -121.18 8.24
N ASP A 31 56.97 -121.76 7.29
CA ASP A 31 56.87 -121.40 5.89
C ASP A 31 56.19 -122.55 5.16
N GLN A 32 55.02 -122.27 4.57
CA GLN A 32 54.24 -123.28 3.88
C GLN A 32 54.80 -123.65 2.52
N LYS A 33 55.69 -122.83 1.95
CA LYS A 33 56.25 -123.15 0.64
C LYS A 33 57.10 -124.41 0.70
N LYS A 34 57.88 -124.58 1.76
CA LYS A 34 58.71 -125.76 1.90
C LYS A 34 57.85 -127.00 2.14
N PRO A 35 58.34 -128.17 1.76
CA PRO A 35 57.57 -129.40 1.98
C PRO A 35 57.34 -129.66 3.45
N LEU A 36 56.27 -130.41 3.74
CA LEU A 36 55.90 -130.71 5.11
C LEU A 36 56.99 -131.47 5.85
N SER A 37 57.79 -132.27 5.12
CA SER A 37 58.89 -132.98 5.75
C SER A 37 59.91 -132.01 6.33
N ALA A 38 60.24 -130.95 5.58
CA ALA A 38 61.16 -129.94 6.07
C ALA A 38 60.60 -129.21 7.28
N ILE A 39 59.29 -128.91 7.25
CA ILE A 39 58.66 -128.23 8.38
C ILE A 39 58.72 -129.11 9.63
N ILE A 40 58.43 -130.40 9.47
CA ILE A 40 58.48 -131.32 10.61
C ILE A 40 59.91 -131.44 11.14
N LYS A 41 60.90 -131.51 10.23
CA LYS A 41 62.28 -131.60 10.67
C LYS A 41 62.70 -130.34 11.44
N GLU A 42 62.30 -129.17 10.95
CA GLU A 42 62.61 -127.94 11.67
C GLU A 42 61.92 -127.88 13.02
N VAL A 43 60.67 -128.33 13.09
CA VAL A 43 59.97 -128.35 14.38
C VAL A 43 60.69 -129.28 15.37
N CYS A 44 61.09 -130.46 14.89
CA CYS A 44 61.79 -131.39 15.76
C CYS A 44 63.13 -130.84 16.21
N ASP A 45 63.85 -130.17 15.31
CA ASP A 45 65.12 -129.55 15.70
C ASP A 45 64.90 -128.45 16.74
N GLY A 46 63.87 -127.63 16.55
CA GLY A 46 63.61 -126.56 17.50
C GLY A 46 63.20 -127.06 18.87
N TRP A 47 62.32 -128.06 18.90
CA TRP A 47 61.80 -128.60 20.16
C TRP A 47 62.59 -129.79 20.68
N SER A 48 63.65 -130.19 19.98
CA SER A 48 64.52 -131.30 20.40
C SER A 48 63.71 -132.58 20.62
N LEU A 49 62.79 -132.84 19.70
CA LEU A 49 61.93 -134.01 19.76
C LEU A 49 62.36 -135.03 18.72
N ALA A 50 62.54 -136.27 19.13
CA ALA A 50 62.92 -137.35 18.24
C ALA A 50 61.67 -137.97 17.60
N ASN A 51 61.90 -138.91 16.68
CA ASN A 51 60.84 -139.62 15.97
C ASN A 51 59.92 -138.64 15.23
N HIS A 52 60.52 -137.97 14.24
CA HIS A 52 59.79 -136.96 13.46
C HIS A 52 58.60 -137.52 12.73
N GLU A 53 58.58 -138.84 12.46
CA GLU A 53 57.47 -139.45 11.76
C GLU A 53 56.25 -139.71 12.64
N TYR A 54 56.36 -139.45 13.94
CA TYR A 54 55.26 -139.69 14.88
C TYR A 54 54.55 -138.40 15.27
N PHE A 55 54.78 -137.31 14.53
CA PHE A 55 54.12 -136.05 14.80
C PHE A 55 53.62 -135.45 13.48
N ALA A 56 52.55 -134.66 13.59
CA ALA A 56 51.95 -134.01 12.43
C ALA A 56 51.36 -132.67 12.88
N LEU A 57 50.62 -132.04 11.98
CA LEU A 57 50.01 -130.75 12.24
C LEU A 57 48.52 -130.81 11.92
N GLN A 58 47.74 -129.99 12.61
CA GLN A 58 46.30 -129.94 12.43
C GLN A 58 45.79 -128.54 12.70
N HIS A 59 44.56 -128.28 12.29
CA HIS A 59 43.90 -126.99 12.50
C HIS A 59 42.98 -127.11 13.70
N ALA A 60 43.13 -126.18 14.66
CA ALA A 60 42.34 -126.18 15.88
C ALA A 60 41.06 -125.37 15.77
N ASP A 61 40.65 -125.03 14.54
CA ASP A 61 39.43 -124.26 14.33
C ASP A 61 38.22 -125.20 14.41
N SER A 62 37.05 -124.72 14.00
CA SER A 62 35.85 -125.53 14.03
C SER A 62 35.93 -126.73 13.09
N SER A 63 36.71 -126.64 12.02
CA SER A 63 36.88 -127.77 11.11
C SER A 63 37.56 -128.94 11.80
N ASN A 64 38.59 -128.67 12.61
CA ASN A 64 39.36 -129.70 13.31
C ASN A 64 39.95 -130.69 12.32
N PHE A 65 40.50 -130.17 11.23
CA PHE A 65 41.11 -130.98 10.18
C PHE A 65 42.62 -130.80 10.19
N TYR A 66 43.31 -131.77 9.58
CA TYR A 66 44.75 -131.69 9.44
C TYR A 66 45.12 -130.82 8.23
N ILE A 67 46.40 -130.47 8.15
CA ILE A 67 46.89 -129.65 7.06
C ILE A 67 46.98 -130.50 5.79
N THR A 68 46.35 -130.02 4.73
CA THR A 68 46.35 -130.71 3.44
C THR A 68 46.96 -129.82 2.37
N GLU A 69 47.53 -130.45 1.35
CA GLU A 69 48.20 -129.72 0.28
C GLU A 69 47.24 -128.84 -0.52
N LYS A 70 45.95 -129.20 -0.57
CA LYS A 70 44.99 -128.45 -1.35
C LYS A 70 44.24 -127.39 -0.54
N ASN A 71 44.19 -127.52 0.78
CA ASN A 71 43.46 -126.60 1.64
C ASN A 71 44.32 -126.12 2.79
N ARG A 72 45.56 -125.72 2.49
CA ARG A 72 46.46 -125.19 3.49
C ARG A 72 46.44 -123.66 3.56
N ASN A 73 45.64 -123.01 2.72
CA ASN A 73 45.61 -121.54 2.71
C ASN A 73 44.74 -120.98 3.83
N GLU A 74 44.01 -121.81 4.56
CA GLU A 74 43.19 -121.34 5.68
C GLU A 74 44.03 -120.88 6.86
N ILE A 75 45.34 -121.15 6.86
CA ILE A 75 46.19 -120.74 7.97
C ILE A 75 46.32 -119.23 7.96
N LYS A 76 46.00 -118.60 9.09
CA LYS A 76 46.04 -117.15 9.24
C LYS A 76 46.78 -116.79 10.51
N ASN A 77 47.46 -115.64 10.49
CA ASN A 77 48.16 -115.16 11.67
C ASN A 77 47.18 -114.86 12.79
N GLY A 78 47.61 -115.12 14.02
CA GLY A 78 46.74 -114.93 15.17
C GLY A 78 45.59 -115.89 15.25
N THR A 79 45.82 -117.16 14.93
CA THR A 79 44.80 -118.19 14.98
C THR A 79 45.26 -119.32 15.90
N ILE A 80 44.34 -119.82 16.71
CA ILE A 80 44.67 -120.87 17.68
C ILE A 80 44.92 -122.17 16.94
N LEU A 81 46.08 -122.79 17.19
CA LEU A 81 46.44 -124.08 16.62
C LEU A 81 47.07 -124.94 17.70
N ARG A 82 46.62 -126.19 17.80
CA ARG A 82 47.10 -127.10 18.82
C ARG A 82 47.72 -128.34 18.17
N LEU A 83 48.78 -128.85 18.79
CA LEU A 83 49.46 -130.03 18.28
C LEU A 83 48.67 -131.29 18.63
N THR A 84 48.69 -132.26 17.72
CA THR A 84 48.00 -133.52 17.89
C THR A 84 48.95 -134.66 17.54
N THR A 85 48.51 -135.88 17.85
CA THR A 85 49.27 -137.07 17.52
C THR A 85 49.19 -137.34 16.02
N SER A 86 50.19 -138.05 15.51
CA SER A 86 50.24 -138.33 14.08
C SER A 86 49.05 -139.21 13.68
N PRO A 87 48.54 -139.06 12.45
CA PRO A 87 47.38 -139.88 12.04
C PRO A 87 47.65 -141.38 12.07
N ALA A 88 48.88 -141.81 11.79
CA ALA A 88 49.19 -143.24 11.86
C ALA A 88 49.01 -143.78 13.28
N GLN A 89 49.52 -143.03 14.27
CA GLN A 89 49.37 -143.44 15.67
C GLN A 89 47.90 -143.42 16.09
N ASN A 90 47.14 -142.41 15.64
CA ASN A 90 45.72 -142.36 15.97
C ASN A 90 44.98 -143.57 15.38
N ALA A 91 45.28 -143.91 14.13
CA ALA A 91 44.65 -145.08 13.52
C ALA A 91 45.04 -146.36 14.26
N GLN A 92 46.31 -146.48 14.65
CA GLN A 92 46.76 -147.67 15.36
C GLN A 92 46.06 -147.81 16.71
N GLN A 93 45.96 -146.71 17.46
CA GLN A 93 45.31 -146.79 18.76
C GLN A 93 43.80 -147.02 18.63
N LEU A 94 43.17 -146.45 17.59
CA LEU A 94 41.76 -146.75 17.35
C LEU A 94 41.56 -148.23 17.02
N HIS A 95 42.44 -148.79 16.19
CA HIS A 95 42.35 -150.21 15.87
C HIS A 95 42.55 -151.08 17.10
N GLU A 96 43.51 -150.70 17.95
CA GLU A 96 43.74 -151.46 19.19
C GLU A 96 42.53 -151.39 20.11
N ARG A 97 41.91 -150.21 20.22
CA ARG A 97 40.76 -150.03 21.10
C ARG A 97 39.45 -150.51 20.47
N ILE A 98 39.45 -150.92 19.21
CA ILE A 98 38.26 -151.51 18.61
C ILE A 98 37.88 -152.79 19.36
N GLN A 99 38.87 -153.62 19.68
CA GLN A 99 38.64 -154.87 20.39
C GLN A 99 39.02 -154.76 21.87
N SER A 100 38.95 -153.56 22.45
CA SER A 100 39.31 -153.37 23.84
C SER A 100 38.25 -153.97 24.76
N SER A 101 38.57 -154.01 26.06
CA SER A 101 37.68 -154.55 27.07
C SER A 101 36.84 -153.48 27.76
N SER A 102 36.95 -152.22 27.36
CA SER A 102 36.23 -151.13 27.99
C SER A 102 35.15 -150.62 27.05
N MET A 103 33.91 -150.54 27.55
CA MET A 103 32.80 -150.06 26.73
C MET A 103 32.91 -148.56 26.48
N ASP A 104 33.31 -147.80 27.50
CA ASP A 104 33.47 -146.36 27.34
C ASP A 104 34.58 -146.03 26.35
N ALA A 105 35.66 -146.80 26.37
CA ALA A 105 36.75 -146.60 25.41
C ALA A 105 36.26 -146.84 23.99
N LYS A 106 35.49 -147.91 23.78
CA LYS A 106 34.91 -148.16 22.46
C LYS A 106 33.99 -147.02 22.04
N LEU A 107 33.15 -146.55 22.96
CA LEU A 107 32.22 -145.48 22.65
C LEU A 107 32.96 -144.22 22.19
N GLU A 108 33.94 -143.77 22.99
CA GLU A 108 34.68 -142.56 22.64
C GLU A 108 35.51 -142.75 21.37
N ALA A 109 36.12 -143.93 21.18
CA ALA A 109 36.90 -144.16 19.98
C ALA A 109 36.03 -144.12 18.74
N LEU A 110 34.87 -144.76 18.77
CA LEU A 110 33.97 -144.74 17.62
C LEU A 110 33.45 -143.32 17.38
N LYS A 111 33.14 -142.58 18.44
CA LYS A 111 32.67 -141.21 18.26
C LYS A 111 33.74 -140.35 17.61
N ASP A 112 34.99 -140.48 18.07
CA ASP A 112 36.08 -139.70 17.48
C ASP A 112 36.33 -140.11 16.03
N LEU A 113 36.28 -141.40 15.74
CA LEU A 113 36.47 -141.86 14.36
C LEU A 113 35.38 -141.32 13.44
N ALA A 114 34.12 -141.34 13.90
CA ALA A 114 33.03 -140.81 13.09
C ALA A 114 33.16 -139.30 12.90
N SER A 115 33.57 -138.58 13.95
CA SER A 115 33.70 -137.13 13.83
C SER A 115 34.86 -136.74 12.91
N LEU A 116 35.96 -137.49 12.94
CA LEU A 116 37.15 -137.18 12.17
C LEU A 116 37.26 -138.00 10.89
N SER A 117 36.14 -138.30 10.25
CA SER A 117 36.12 -139.06 9.00
C SER A 117 35.78 -138.19 7.80
N ARG A 118 36.11 -136.89 7.84
CA ARG A 118 35.80 -135.96 6.78
C ARG A 118 36.99 -135.68 5.87
N ASP A 119 38.07 -136.45 5.99
CA ASP A 119 39.25 -136.31 5.15
C ASP A 119 39.37 -137.50 4.22
N VAL A 120 39.80 -137.24 2.99
CA VAL A 120 39.86 -138.25 1.95
C VAL A 120 41.17 -139.03 1.98
N THR A 121 42.31 -138.32 2.04
CA THR A 121 43.60 -139.01 2.00
C THR A 121 43.79 -139.89 3.23
N PHE A 122 43.44 -139.39 4.42
CA PHE A 122 43.55 -140.21 5.62
C PHE A 122 42.56 -141.36 5.63
N ALA A 123 41.39 -141.19 5.02
CA ALA A 123 40.49 -142.32 4.84
C ALA A 123 41.13 -143.39 3.97
N GLN A 124 41.83 -142.98 2.90
CA GLN A 124 42.55 -143.93 2.08
C GLN A 124 43.64 -144.64 2.89
N GLU A 125 44.37 -143.89 3.72
CA GLU A 125 45.41 -144.50 4.54
C GLU A 125 44.83 -145.51 5.52
N PHE A 126 43.69 -145.17 6.14
CA PHE A 126 43.05 -146.09 7.07
C PHE A 126 42.55 -147.34 6.36
N ILE A 127 41.97 -147.18 5.16
CA ILE A 127 41.47 -148.33 4.42
C ILE A 127 42.63 -149.21 3.94
N ASN A 128 43.81 -148.60 3.70
CA ASN A 128 44.97 -149.39 3.30
C ASN A 128 45.36 -150.44 4.34
N LEU A 129 44.93 -150.27 5.60
CA LEU A 129 45.16 -151.26 6.65
C LEU A 129 44.04 -152.29 6.72
N ASP A 130 43.33 -152.52 5.62
CA ASP A 130 42.23 -153.49 5.57
C ASP A 130 41.15 -153.17 6.60
N GLY A 131 40.87 -151.87 6.77
CA GLY A 131 39.83 -151.47 7.70
C GLY A 131 38.44 -151.88 7.24
N ILE A 132 38.18 -151.77 5.94
CA ILE A 132 36.86 -152.12 5.40
C ILE A 132 36.57 -153.60 5.60
N SER A 133 37.57 -154.45 5.33
CA SER A 133 37.39 -155.89 5.52
C SER A 133 37.15 -156.22 6.99
N LEU A 134 37.88 -155.57 7.89
CA LEU A 134 37.67 -155.81 9.32
C LEU A 134 36.28 -155.38 9.76
N LEU A 135 35.82 -154.22 9.27
CA LEU A 135 34.46 -153.77 9.59
C LEU A 135 33.41 -154.74 9.07
N THR A 136 33.59 -155.23 7.84
CA THR A 136 32.65 -156.19 7.28
C THR A 136 32.64 -157.48 8.09
N GLN A 137 33.82 -157.96 8.49
CA GLN A 137 33.87 -159.20 9.28
C GLN A 137 33.23 -159.02 10.64
N MET A 138 33.46 -157.88 11.30
CA MET A 138 32.87 -157.68 12.62
C MET A 138 31.37 -157.44 12.53
N VAL A 139 30.89 -156.87 11.43
CA VAL A 139 29.45 -156.73 11.24
C VAL A 139 28.81 -158.09 11.00
N GLU A 140 29.42 -158.92 10.15
CA GLU A 140 28.87 -160.24 9.86
C GLU A 140 28.88 -161.13 11.11
N SER A 141 29.98 -161.10 11.87
CA SER A 141 30.09 -161.92 13.07
C SER A 141 29.39 -161.31 14.27
N GLY A 142 29.04 -160.02 14.21
CA GLY A 142 28.37 -159.35 15.30
C GLY A 142 26.86 -159.40 15.30
N THR A 143 26.28 -160.19 14.40
CA THR A 143 24.81 -160.28 14.34
C THR A 143 24.24 -160.87 15.62
N GLU A 144 24.78 -162.01 16.06
CA GLU A 144 24.32 -162.66 17.28
C GLU A 144 25.10 -162.21 18.51
N ARG A 145 26.18 -161.45 18.34
CA ARG A 145 26.97 -161.03 19.50
C ARG A 145 26.27 -159.94 20.30
N TYR A 146 25.63 -158.99 19.62
CA TYR A 146 24.96 -157.89 20.29
C TYR A 146 23.52 -158.21 20.68
N GLN A 147 22.99 -159.36 20.27
CA GLN A 147 21.61 -159.71 20.62
C GLN A 147 21.45 -159.90 22.12
N LYS A 148 22.44 -160.49 22.79
CA LYS A 148 22.34 -160.73 24.22
C LYS A 148 22.25 -159.42 25.00
N LEU A 149 23.05 -158.43 24.60
CA LEU A 149 23.10 -157.15 25.29
C LEU A 149 22.28 -156.07 24.59
N GLN A 150 21.50 -156.44 23.57
CA GLN A 150 20.66 -155.45 22.89
C GLN A 150 19.63 -154.87 23.84
N LYS A 151 18.90 -155.73 24.55
CA LYS A 151 17.87 -155.26 25.47
C LYS A 151 18.45 -154.50 26.66
N ILE A 152 19.76 -154.55 26.85
CA ILE A 152 20.41 -153.84 27.94
C ILE A 152 20.95 -152.47 27.48
N MET A 153 21.61 -152.42 26.33
CA MET A 153 22.24 -151.19 25.86
C MET A 153 21.81 -150.85 24.44
N LYS A 154 20.52 -150.95 24.15
CA LYS A 154 20.01 -150.48 22.86
C LYS A 154 20.31 -149.03 22.55
N PRO A 155 20.20 -148.06 23.47
CA PRO A 155 20.50 -146.66 23.09
C PRO A 155 21.93 -146.46 22.61
N CYS A 156 22.92 -146.91 23.39
CA CYS A 156 24.32 -146.71 22.99
C CYS A 156 24.65 -147.48 21.71
N PHE A 157 24.15 -148.71 21.59
CA PHE A 157 24.38 -149.49 20.38
C PHE A 157 23.78 -148.81 19.16
N GLY A 158 22.56 -148.26 19.31
CA GLY A 158 21.94 -147.56 18.20
C GLY A 158 22.69 -146.29 17.82
N ASP A 159 23.19 -145.56 18.82
CA ASP A 159 23.98 -144.36 18.51
C ASP A 159 25.27 -144.73 17.78
N MET A 160 25.95 -145.78 18.22
CA MET A 160 27.16 -146.22 17.54
C MET A 160 26.86 -146.71 16.13
N LEU A 161 25.72 -147.40 15.97
CA LEU A 161 25.31 -147.83 14.64
C LEU A 161 25.03 -146.63 13.73
N SER A 162 24.41 -145.59 14.28
CA SER A 162 24.16 -144.39 13.49
C SER A 162 25.47 -143.72 13.08
N PHE A 163 26.44 -143.66 14.00
CA PHE A 163 27.74 -143.10 13.64
C PHE A 163 28.43 -143.93 12.55
N THR A 164 28.34 -145.26 12.66
CA THR A 164 28.93 -146.12 11.64
C THR A 164 28.23 -145.92 10.30
N LEU A 165 26.91 -145.76 10.31
CA LEU A 165 26.17 -145.51 9.08
C LEU A 165 26.57 -144.18 8.46
N THR A 166 26.77 -143.14 9.29
CA THR A 166 27.25 -141.86 8.77
C THR A 166 28.63 -141.99 8.15
N ALA A 167 29.52 -142.76 8.80
CA ALA A 167 30.84 -143.00 8.23
C ALA A 167 30.75 -143.73 6.89
N PHE A 168 29.88 -144.73 6.81
CA PHE A 168 29.69 -145.44 5.54
C PHE A 168 29.13 -144.53 4.47
N VAL A 169 28.21 -143.64 4.85
CA VAL A 169 27.61 -142.71 3.89
C VAL A 169 28.66 -141.76 3.35
N GLU A 170 29.52 -141.22 4.22
CA GLU A 170 30.55 -140.31 3.73
C GLU A 170 31.61 -141.04 2.90
N LEU A 171 31.92 -142.30 3.27
CA LEU A 171 32.84 -143.08 2.46
C LEU A 171 32.27 -143.34 1.06
N MET A 172 30.97 -143.65 0.99
CA MET A 172 30.31 -143.82 -0.30
C MET A 172 30.30 -142.51 -1.09
N ASP A 173 30.08 -141.38 -0.40
CA ASP A 173 30.11 -140.08 -1.07
C ASP A 173 31.47 -139.82 -1.68
N HIS A 174 32.54 -140.15 -0.95
CA HIS A 174 33.88 -140.06 -1.53
C HIS A 174 34.16 -141.14 -2.55
N GLY A 175 33.35 -142.20 -2.59
CA GLY A 175 33.51 -143.24 -3.59
C GLY A 175 34.74 -144.10 -3.43
N ILE A 176 35.33 -144.12 -2.23
CA ILE A 176 36.52 -144.93 -2.01
C ILE A 176 36.19 -146.42 -2.09
N VAL A 177 35.08 -146.82 -1.47
CA VAL A 177 34.67 -148.22 -1.49
C VAL A 177 34.20 -148.60 -2.88
N SER A 178 34.66 -149.76 -3.36
CA SER A 178 34.28 -150.22 -4.69
C SER A 178 32.83 -150.67 -4.71
N TRP A 179 32.20 -150.54 -5.88
CA TRP A 179 30.81 -150.93 -6.02
C TRP A 179 30.62 -152.43 -5.84
N ASP A 180 31.55 -153.24 -6.35
CA ASP A 180 31.42 -154.69 -6.26
C ASP A 180 31.60 -155.19 -4.83
N THR A 181 32.30 -154.41 -3.99
CA THR A 181 32.53 -154.83 -2.61
C THR A 181 31.25 -154.87 -1.79
N PHE A 182 30.19 -154.21 -2.25
CA PHE A 182 28.92 -154.25 -1.53
C PHE A 182 28.34 -155.66 -1.54
N SER A 183 27.81 -156.07 -0.39
CA SER A 183 27.27 -157.41 -0.21
C SER A 183 25.80 -157.33 0.20
N VAL A 184 25.11 -158.47 0.07
CA VAL A 184 23.70 -158.53 0.44
C VAL A 184 23.52 -158.52 1.95
N ALA A 185 24.59 -158.73 2.72
CA ALA A 185 24.49 -158.71 4.17
C ALA A 185 24.06 -157.34 4.68
N PHE A 186 24.60 -156.27 4.10
CA PHE A 186 24.22 -154.92 4.50
C PHE A 186 22.74 -154.66 4.21
N ILE A 187 22.27 -155.09 3.03
CA ILE A 187 20.87 -154.90 2.68
C ILE A 187 19.96 -155.69 3.62
N LYS A 188 20.36 -156.93 3.94
CA LYS A 188 19.57 -157.74 4.86
C LYS A 188 19.52 -157.10 6.25
N LYS A 189 20.65 -156.55 6.71
CA LYS A 189 20.68 -155.89 8.01
C LYS A 189 19.79 -154.66 8.03
N ILE A 190 19.82 -153.87 6.94
CA ILE A 190 18.96 -152.69 6.86
C ILE A 190 17.48 -153.11 6.85
N ALA A 191 17.16 -154.17 6.11
CA ALA A 191 15.79 -154.66 6.09
C ALA A 191 15.34 -155.14 7.47
N SER A 192 16.22 -155.84 8.18
CA SER A 192 15.90 -156.27 9.54
C SER A 192 15.68 -155.08 10.47
N PHE A 193 16.52 -154.04 10.33
CA PHE A 193 16.32 -152.84 11.13
C PHE A 193 14.98 -152.18 10.82
N VAL A 194 14.60 -152.13 9.55
CA VAL A 194 13.31 -151.56 9.17
C VAL A 194 12.16 -152.38 9.75
N ASN A 195 12.29 -153.71 9.71
CA ASN A 195 11.22 -154.58 10.20
C ASN A 195 10.97 -154.42 11.70
N LYS A 196 11.96 -153.97 12.46
CA LYS A 196 11.77 -153.78 13.88
C LYS A 196 10.78 -152.65 14.15
N SER A 197 9.86 -152.89 15.06
CA SER A 197 8.82 -151.92 15.39
C SER A 197 9.20 -151.02 16.57
N ALA A 198 10.38 -151.21 17.16
CA ALA A 198 10.82 -150.43 18.31
C ALA A 198 12.01 -149.53 17.97
N ILE A 199 12.07 -149.02 16.74
CA ILE A 199 13.15 -148.15 16.33
C ILE A 199 12.71 -146.70 16.45
N ASP A 200 13.68 -145.82 16.63
CA ASP A 200 13.42 -144.39 16.76
C ASP A 200 13.26 -143.76 15.38
N ILE A 201 12.80 -142.51 15.36
CA ILE A 201 12.59 -141.78 14.12
C ILE A 201 13.92 -141.55 13.42
N SER A 202 14.98 -141.32 14.20
CA SER A 202 16.32 -141.13 13.65
C SER A 202 16.79 -142.39 12.93
N ILE A 203 16.53 -143.55 13.53
CA ILE A 203 16.88 -144.83 12.92
C ILE A 203 16.11 -144.98 11.62
N LEU A 204 14.82 -144.62 11.64
CA LEU A 204 14.01 -144.69 10.43
C LEU A 204 14.53 -143.75 9.35
N GLN A 205 14.92 -142.54 9.74
CA GLN A 205 15.47 -141.59 8.78
C GLN A 205 16.75 -142.12 8.15
N ARG A 206 17.64 -142.70 8.98
CA ARG A 206 18.87 -143.27 8.45
C ARG A 206 18.59 -144.44 7.53
N SER A 207 17.62 -145.30 7.89
CA SER A 207 17.27 -146.43 7.03
C SER A 207 16.74 -145.95 5.69
N LEU A 208 15.88 -144.92 5.70
CA LEU A 208 15.34 -144.41 4.44
C LEU A 208 16.41 -143.74 3.60
N ALA A 209 17.36 -143.06 4.25
CA ALA A 209 18.49 -142.49 3.52
C ALA A 209 19.34 -143.59 2.89
N ILE A 210 19.56 -144.68 3.61
CA ILE A 210 20.28 -145.82 3.04
C ILE A 210 19.53 -146.38 1.84
N LEU A 211 18.20 -146.48 1.96
CA LEU A 211 17.40 -147.01 0.86
C LEU A 211 17.51 -146.13 -0.37
N GLU A 212 17.40 -144.81 -0.19
CA GLU A 212 17.46 -143.91 -1.34
C GLU A 212 18.86 -143.89 -1.95
N SER A 213 19.91 -143.98 -1.12
CA SER A 213 21.26 -144.07 -1.65
C SER A 213 21.44 -145.35 -2.47
N MET A 214 20.93 -146.47 -1.96
CA MET A 214 21.01 -147.74 -2.68
C MET A 214 20.25 -147.68 -3.99
N VAL A 215 19.09 -147.03 -4.00
CA VAL A 215 18.34 -146.84 -5.24
C VAL A 215 19.16 -146.01 -6.23
N LEU A 216 19.81 -144.96 -5.74
CA LEU A 216 20.68 -144.16 -6.59
C LEU A 216 21.87 -144.98 -7.10
N ASN A 217 22.26 -146.03 -6.37
CA ASN A 217 23.42 -146.83 -6.77
C ASN A 217 23.13 -147.65 -8.01
N SER A 218 22.15 -148.56 -7.94
CA SER A 218 21.85 -149.46 -9.04
C SER A 218 20.34 -149.56 -9.20
N HIS A 219 19.90 -150.45 -10.10
CA HIS A 219 18.48 -150.62 -10.40
C HIS A 219 17.93 -151.94 -9.88
N ASP A 220 18.74 -153.01 -9.94
CA ASP A 220 18.30 -154.30 -9.42
C ASP A 220 18.09 -154.25 -7.91
N LEU A 221 18.97 -153.54 -7.20
CA LEU A 221 18.78 -153.35 -5.76
C LEU A 221 17.51 -152.56 -5.49
N TYR A 222 17.16 -151.64 -6.40
CA TYR A 222 15.87 -150.94 -6.29
C TYR A 222 14.70 -151.92 -6.42
N GLN A 223 14.77 -152.87 -7.34
CA GLN A 223 13.73 -153.89 -7.42
C GLN A 223 13.68 -154.72 -6.15
N LYS A 224 14.84 -155.07 -5.60
CA LYS A 224 14.89 -155.87 -4.38
C LYS A 224 14.22 -155.14 -3.22
N VAL A 225 14.51 -153.84 -3.07
CA VAL A 225 13.90 -153.10 -1.98
C VAL A 225 12.41 -152.88 -2.24
N ALA A 226 12.02 -152.66 -3.50
CA ALA A 226 10.60 -152.49 -3.82
C ALA A 226 9.83 -153.77 -3.55
N GLN A 227 10.50 -154.91 -3.59
CA GLN A 227 9.86 -156.16 -3.20
C GLN A 227 9.39 -156.16 -1.76
N GLU A 228 9.97 -155.31 -0.91
CA GLU A 228 9.58 -155.16 0.48
C GLU A 228 9.06 -153.75 0.76
N ILE A 229 8.42 -153.15 -0.22
CA ILE A 229 7.84 -151.81 -0.09
C ILE A 229 6.34 -151.91 -0.27
N THR A 230 5.59 -151.43 0.72
CA THR A 230 4.14 -151.38 0.68
C THR A 230 3.68 -149.94 0.85
N ILE A 231 2.61 -149.58 0.15
CA ILE A 231 2.09 -148.22 0.23
C ILE A 231 1.52 -147.95 1.62
N GLY A 232 1.14 -149.00 2.34
CA GLY A 232 0.54 -148.89 3.65
C GLY A 232 1.50 -148.66 4.81
N GLN A 233 2.80 -148.62 4.55
CA GLN A 233 3.77 -148.38 5.61
C GLN A 233 4.44 -147.02 5.53
N LEU A 234 4.49 -146.42 4.34
CA LEU A 234 5.07 -145.08 4.19
C LEU A 234 4.04 -143.99 4.48
N ILE A 235 2.77 -144.32 4.57
CA ILE A 235 1.72 -143.37 4.93
C ILE A 235 1.75 -143.11 6.43
N PRO A 236 1.93 -144.13 7.31
CA PRO A 236 2.11 -143.82 8.74
C PRO A 236 3.30 -142.90 8.99
N HIS A 237 4.31 -142.96 8.13
CA HIS A 237 5.43 -142.02 8.20
C HIS A 237 4.99 -140.59 7.99
N LEU A 238 4.02 -140.33 7.11
CA LEU A 238 3.50 -138.98 6.92
C LEU A 238 2.76 -138.49 8.15
N GLN A 239 2.19 -139.41 8.94
CA GLN A 239 1.43 -139.01 10.13
C GLN A 239 2.31 -138.24 11.11
N GLY A 240 3.60 -138.53 11.16
CA GLY A 240 4.52 -137.75 11.96
C GLY A 240 4.59 -136.31 11.49
N SER A 241 4.38 -135.36 12.40
CA SER A 241 4.35 -133.95 12.06
C SER A 241 5.73 -133.39 11.72
N ASP A 242 6.80 -134.15 11.96
CA ASP A 242 8.14 -133.69 11.62
C ASP A 242 8.28 -133.50 10.12
N GLN A 243 8.86 -132.37 9.72
CA GLN A 243 9.01 -132.08 8.29
C GLN A 243 10.16 -132.86 7.67
N GLU A 244 11.23 -133.11 8.43
CA GLU A 244 12.40 -133.77 7.87
C GLU A 244 12.10 -135.20 7.46
N ILE A 245 11.35 -135.93 8.28
CA ILE A 245 10.97 -137.30 7.92
C ILE A 245 10.05 -137.30 6.70
N GLN A 246 9.18 -136.29 6.58
CA GLN A 246 8.35 -136.17 5.39
C GLN A 246 9.21 -135.94 4.15
N THR A 247 10.22 -135.08 4.26
CA THR A 247 11.12 -134.84 3.13
C THR A 247 11.84 -136.13 2.75
N TYR A 248 12.32 -136.89 3.73
CA TYR A 248 13.04 -138.12 3.44
C TYR A 248 12.12 -139.14 2.76
N THR A 249 10.89 -139.29 3.27
CA THR A 249 9.96 -140.24 2.68
C THR A 249 9.59 -139.85 1.26
N ILE A 250 9.34 -138.55 1.02
CA ILE A 250 9.01 -138.10 -0.33
C ILE A 250 10.19 -138.29 -1.27
N ALA A 251 11.41 -138.05 -0.78
CA ALA A 251 12.59 -138.27 -1.61
C ALA A 251 12.75 -139.73 -1.97
N VAL A 252 12.50 -140.65 -1.03
CA VAL A 252 12.54 -142.07 -1.37
C VAL A 252 11.45 -142.43 -2.36
N ILE A 253 10.28 -141.82 -2.22
CA ILE A 253 9.19 -142.04 -3.18
C ILE A 253 9.62 -141.61 -4.58
N ASN A 254 10.27 -140.45 -4.67
CA ASN A 254 10.79 -140.00 -5.95
C ASN A 254 11.84 -140.96 -6.49
N ALA A 255 12.70 -141.48 -5.60
CA ALA A 255 13.69 -142.47 -6.00
C ALA A 255 13.01 -143.71 -6.57
N LEU A 256 11.80 -144.03 -6.09
CA LEU A 256 11.05 -145.13 -6.68
C LEU A 256 10.69 -144.86 -8.13
N PHE A 257 10.58 -143.59 -8.51
CA PHE A 257 10.21 -143.20 -9.87
C PHE A 257 11.40 -142.82 -10.74
N LEU A 258 12.62 -143.07 -10.30
CA LEU A 258 13.78 -142.62 -11.06
C LEU A 258 14.18 -143.61 -12.15
N LYS A 259 14.35 -144.88 -11.79
CA LYS A 259 14.86 -145.89 -12.72
C LYS A 259 13.92 -147.09 -12.75
N ALA A 260 12.63 -146.82 -12.93
CA ALA A 260 11.62 -147.87 -13.02
C ALA A 260 10.93 -147.81 -14.39
N PRO A 261 10.41 -148.94 -14.88
CA PRO A 261 9.70 -148.93 -16.16
C PRO A 261 8.47 -148.02 -16.10
N ASP A 262 8.18 -147.39 -17.24
CA ASP A 262 7.04 -146.46 -17.29
C ASP A 262 5.72 -147.17 -17.04
N GLU A 263 5.61 -148.44 -17.46
CA GLU A 263 4.40 -149.20 -17.14
C GLU A 263 4.25 -149.37 -15.63
N ARG A 264 5.33 -149.71 -14.94
CA ARG A 264 5.30 -149.77 -13.49
C ARG A 264 5.10 -148.39 -12.86
N ARG A 265 5.60 -147.33 -13.51
CA ARG A 265 5.29 -145.98 -13.06
C ARG A 265 3.79 -145.73 -13.05
N GLN A 266 3.11 -146.07 -14.16
CA GLN A 266 1.66 -145.92 -14.22
C GLN A 266 0.96 -146.80 -13.18
N GLU A 267 1.46 -148.03 -13.00
CA GLU A 267 0.85 -148.93 -12.02
C GLU A 267 0.92 -148.36 -10.61
N MET A 268 2.10 -147.88 -10.20
CA MET A 268 2.22 -147.36 -8.85
C MET A 268 1.53 -145.99 -8.71
N ALA A 269 1.43 -145.23 -9.80
CA ALA A 269 0.62 -144.01 -9.76
C ALA A 269 -0.85 -144.35 -9.53
N ASN A 270 -1.34 -145.41 -10.19
CA ASN A 270 -2.71 -145.85 -9.95
C ASN A 270 -2.89 -146.34 -8.52
N ILE A 271 -1.86 -147.01 -7.97
CA ILE A 271 -1.92 -147.45 -6.57
C ILE A 271 -2.02 -146.23 -5.65
N LEU A 272 -1.22 -145.20 -5.91
CA LEU A 272 -1.28 -143.98 -5.11
C LEU A 272 -2.65 -143.33 -5.22
N ALA A 273 -3.22 -143.31 -6.43
CA ALA A 273 -4.54 -142.73 -6.62
C ALA A 273 -5.61 -143.51 -5.88
N GLN A 274 -5.55 -144.84 -5.91
CA GLN A 274 -6.54 -145.65 -5.20
C GLN A 274 -6.37 -145.52 -3.69
N LYS A 275 -5.17 -145.24 -3.21
CA LYS A 275 -4.97 -144.90 -1.81
C LYS A 275 -5.20 -143.42 -1.53
N GLN A 276 -5.34 -142.60 -2.58
CA GLN A 276 -5.57 -141.16 -2.46
C GLN A 276 -4.49 -140.51 -1.60
N LEU A 277 -3.24 -140.67 -2.05
CA LEU A 277 -2.10 -140.15 -1.30
C LEU A 277 -2.12 -138.63 -1.24
N ARG A 278 -2.53 -137.96 -2.33
CA ARG A 278 -2.44 -136.51 -2.38
C ARG A 278 -3.39 -135.85 -1.38
N SER A 279 -4.52 -136.50 -1.08
CA SER A 279 -5.44 -135.95 -0.10
C SER A 279 -4.85 -135.96 1.30
N ILE A 280 -4.23 -137.08 1.71
CA ILE A 280 -3.63 -137.14 3.04
C ILE A 280 -2.39 -136.25 3.08
N ILE A 281 -1.69 -136.10 1.96
CA ILE A 281 -0.58 -135.16 1.88
C ILE A 281 -1.07 -133.73 2.12
N LEU A 282 -2.19 -133.37 1.48
CA LEU A 282 -2.78 -132.05 1.70
C LEU A 282 -3.18 -131.86 3.15
N THR A 283 -3.81 -132.88 3.74
CA THR A 283 -4.30 -132.73 5.11
C THR A 283 -3.17 -132.84 6.13
N HIS A 284 -1.97 -133.21 5.71
CA HIS A 284 -0.85 -133.33 6.63
C HIS A 284 0.23 -132.27 6.46
N VAL A 285 0.80 -132.13 5.26
CA VAL A 285 1.96 -131.26 5.09
C VAL A 285 1.55 -129.89 4.54
N ILE A 286 0.46 -129.86 3.75
CA ILE A 286 0.01 -128.58 3.21
C ILE A 286 -0.57 -127.70 4.29
N ARG A 287 -1.39 -128.26 5.18
CA ARG A 287 -2.00 -127.49 6.25
C ARG A 287 -1.04 -127.17 7.38
N ALA A 288 0.16 -127.75 7.39
CA ALA A 288 1.14 -127.44 8.42
C ALA A 288 1.70 -126.04 8.22
N GLN A 289 1.78 -125.27 9.30
CA GLN A 289 2.31 -123.92 9.24
C GLN A 289 3.64 -123.83 9.98
N ARG A 290 4.46 -124.88 9.88
CA ARG A 290 5.77 -124.91 10.49
C ARG A 290 6.82 -124.37 9.52
N ALA A 291 8.10 -124.50 9.86
CA ALA A 291 9.19 -124.03 9.02
C ALA A 291 9.33 -124.98 7.85
N ILE A 292 8.77 -124.58 6.70
CA ILE A 292 8.85 -125.42 5.51
C ILE A 292 10.28 -125.44 5.01
N ASN A 293 10.78 -126.65 4.73
CA ASN A 293 12.18 -126.80 4.32
C ASN A 293 12.35 -126.50 2.84
N ASN A 294 13.55 -126.02 2.49
CA ASN A 294 13.93 -125.94 1.09
C ASN A 294 14.01 -127.33 0.47
N GLU A 295 14.40 -128.33 1.27
CA GLU A 295 14.34 -129.71 0.81
C GLU A 295 12.90 -130.11 0.49
N MET A 296 11.94 -129.66 1.30
CA MET A 296 10.54 -129.92 0.99
C MET A 296 10.12 -129.24 -0.30
N ALA A 297 10.66 -128.05 -0.55
CA ALA A 297 10.38 -127.38 -1.82
C ALA A 297 10.93 -128.18 -2.99
N HIS A 298 12.14 -128.74 -2.83
CA HIS A 298 12.68 -129.64 -3.85
C HIS A 298 11.79 -130.87 -4.02
N GLN A 299 11.24 -131.38 -2.91
CA GLN A 299 10.33 -132.52 -2.99
C GLN A 299 9.08 -132.16 -3.81
N LEU A 300 8.52 -130.98 -3.57
CA LEU A 300 7.36 -130.54 -4.34
C LEU A 300 7.70 -130.43 -5.82
N TYR A 301 8.86 -129.82 -6.13
CA TYR A 301 9.25 -129.66 -7.53
C TYR A 301 9.46 -131.01 -8.20
N VAL A 302 10.12 -131.94 -7.51
CA VAL A 302 10.42 -133.22 -8.14
C VAL A 302 9.16 -134.07 -8.28
N LEU A 303 8.21 -133.94 -7.35
CA LEU A 303 6.93 -134.63 -7.53
C LEU A 303 6.13 -134.03 -8.68
N GLN A 304 6.23 -132.71 -8.87
CA GLN A 304 5.65 -132.09 -10.05
C GLN A 304 6.28 -132.64 -11.33
N VAL A 305 7.61 -132.79 -11.32
CA VAL A 305 8.30 -133.37 -12.48
C VAL A 305 7.88 -134.82 -12.69
N LEU A 306 7.65 -135.56 -11.60
CA LEU A 306 7.21 -136.94 -11.71
C LEU A 306 5.82 -137.02 -12.34
N THR A 307 4.91 -136.13 -11.93
CA THR A 307 3.59 -136.09 -12.56
C THR A 307 3.71 -135.71 -14.04
N PHE A 308 4.59 -134.76 -14.34
CA PHE A 308 4.79 -134.37 -15.74
C PHE A 308 5.31 -135.55 -16.57
N ASN A 309 6.22 -136.34 -16.00
CA ASN A 309 6.74 -137.50 -16.71
C ASN A 309 5.69 -138.60 -16.84
N LEU A 310 4.87 -138.80 -15.82
CA LEU A 310 3.77 -139.76 -15.90
C LEU A 310 2.73 -139.34 -16.93
N LEU A 311 2.64 -138.06 -17.24
CA LEU A 311 1.83 -137.61 -18.36
C LEU A 311 2.57 -137.71 -19.70
N GLU A 312 3.88 -137.50 -19.69
CA GLU A 312 4.64 -137.47 -20.94
C GLU A 312 4.82 -138.86 -21.52
N ASP A 313 5.13 -139.85 -20.67
CA ASP A 313 5.36 -141.20 -21.16
C ASP A 313 4.13 -141.79 -21.84
N ARG A 314 2.95 -141.23 -21.59
CA ARG A 314 1.74 -141.59 -22.31
C ARG A 314 1.34 -140.57 -23.37
N MET A 315 1.88 -139.35 -23.30
CA MET A 315 1.61 -138.35 -24.33
C MET A 315 2.74 -138.19 -25.35
N MET A 316 3.93 -138.71 -25.05
CA MET A 316 5.05 -138.55 -25.97
C MET A 316 4.81 -139.29 -27.28
N THR A 317 4.09 -140.41 -27.22
CA THR A 317 3.82 -141.20 -28.40
C THR A 317 2.89 -140.45 -29.35
N LYS A 318 2.91 -140.84 -30.62
CA LYS A 318 2.08 -140.23 -31.65
C LYS A 318 0.83 -141.07 -31.87
N MET A 319 -0.32 -140.41 -31.88
CA MET A 319 -1.58 -141.09 -32.13
C MET A 319 -1.74 -141.29 -33.64
N ASP A 320 -1.77 -142.55 -34.07
CA ASP A 320 -1.86 -142.84 -35.49
C ASP A 320 -3.21 -142.39 -36.03
N PRO A 321 -3.23 -141.55 -37.07
CA PRO A 321 -4.52 -141.13 -37.64
C PRO A 321 -5.28 -142.27 -38.30
N GLN A 322 -4.60 -143.38 -38.54
CA GLN A 322 -5.20 -144.54 -39.19
C GLN A 322 -5.86 -145.49 -38.19
N ASP A 323 -5.86 -145.14 -36.91
CA ASP A 323 -6.47 -145.98 -35.88
C ASP A 323 -7.98 -145.84 -35.95
N GLN A 324 -8.67 -146.95 -36.22
CA GLN A 324 -10.13 -146.94 -36.21
C GLN A 324 -10.67 -146.78 -34.79
N ALA A 325 -9.95 -147.28 -33.79
CA ALA A 325 -10.36 -147.06 -32.41
C ALA A 325 -10.33 -145.57 -32.06
N GLN A 326 -9.30 -144.86 -32.53
CA GLN A 326 -9.28 -143.41 -32.39
C GLN A 326 -10.44 -142.75 -33.11
N ARG A 327 -10.81 -143.25 -34.28
CA ARG A 327 -11.98 -142.71 -34.99
C ARG A 327 -13.24 -142.89 -34.15
N ASP A 328 -13.42 -144.07 -33.54
CA ASP A 328 -14.59 -144.29 -32.70
C ASP A 328 -14.57 -143.39 -31.47
N ILE A 329 -13.39 -143.20 -30.87
CA ILE A 329 -13.28 -142.37 -29.68
C ILE A 329 -13.64 -140.92 -30.00
N ILE A 330 -13.08 -140.39 -31.10
CA ILE A 330 -13.40 -139.01 -31.46
C ILE A 330 -14.85 -138.90 -31.92
N PHE A 331 -15.40 -139.96 -32.51
CA PHE A 331 -16.81 -139.96 -32.86
C PHE A 331 -17.69 -139.81 -31.63
N GLU A 332 -17.42 -140.61 -30.59
CA GLU A 332 -18.19 -140.49 -29.35
C GLU A 332 -17.98 -139.13 -28.69
N LEU A 333 -16.75 -138.62 -28.72
CA LEU A 333 -16.47 -137.30 -28.15
C LEU A 333 -17.24 -136.20 -28.84
N ARG A 334 -17.24 -136.18 -30.17
CA ARG A 334 -17.99 -135.18 -30.92
C ARG A 334 -19.49 -135.40 -30.84
N ARG A 335 -19.95 -136.63 -30.60
CA ARG A 335 -21.36 -136.86 -30.34
C ARG A 335 -21.78 -136.21 -29.02
N ILE A 336 -21.04 -136.49 -27.95
CA ILE A 336 -21.38 -135.92 -26.66
C ILE A 336 -21.05 -134.44 -26.57
N ALA A 337 -20.27 -133.90 -27.51
CA ALA A 337 -19.99 -132.47 -27.56
C ALA A 337 -20.98 -131.67 -28.40
N PHE A 338 -21.32 -132.15 -29.60
CA PHE A 338 -22.09 -131.37 -30.56
C PHE A 338 -23.51 -131.91 -30.73
N ASP A 339 -24.15 -132.32 -29.65
CA ASP A 339 -25.55 -132.78 -29.73
C ASP A 339 -26.51 -131.60 -29.71
N ALA A 340 -26.24 -130.61 -30.57
CA ALA A 340 -27.17 -129.51 -30.80
C ALA A 340 -27.36 -129.32 -32.29
N GLU A 341 -26.28 -129.51 -33.06
CA GLU A 341 -26.33 -129.41 -34.51
C GLU A 341 -26.34 -130.78 -35.18
N SER A 342 -25.85 -131.80 -34.51
CA SER A 342 -25.82 -133.15 -35.05
C SER A 342 -26.94 -133.98 -34.45
N GLU A 343 -27.75 -134.60 -35.32
CA GLU A 343 -28.86 -135.42 -34.87
C GLU A 343 -28.31 -136.66 -34.14
N PRO A 344 -29.05 -137.17 -33.14
CA PRO A 344 -28.63 -138.39 -32.46
C PRO A 344 -28.65 -139.63 -33.34
N ASN A 345 -29.32 -139.59 -34.50
CA ASN A 345 -29.46 -140.75 -35.35
C ASN A 345 -28.17 -141.10 -36.10
N ASN A 346 -27.24 -140.16 -36.23
CA ASN A 346 -26.01 -140.43 -36.97
C ASN A 346 -25.06 -141.35 -36.21
N SER A 347 -25.34 -141.65 -34.94
CA SER A 347 -24.51 -142.59 -34.19
C SER A 347 -24.55 -143.97 -34.85
N SER A 348 -25.72 -144.40 -35.30
CA SER A 348 -25.85 -145.65 -36.05
C SER A 348 -25.82 -145.44 -37.56
N GLY A 349 -25.48 -144.24 -38.02
CA GLY A 349 -25.47 -143.93 -39.43
C GLY A 349 -24.19 -144.36 -40.11
N SER A 350 -23.96 -143.78 -41.29
CA SER A 350 -22.83 -144.13 -42.13
C SER A 350 -21.71 -143.10 -42.00
N MET A 351 -20.58 -143.39 -42.64
CA MET A 351 -19.42 -142.52 -42.53
C MET A 351 -19.51 -141.29 -43.42
N GLU A 352 -20.41 -141.28 -44.40
CA GLU A 352 -20.59 -140.08 -45.21
C GLU A 352 -21.14 -138.93 -44.37
N LYS A 353 -22.15 -139.22 -43.54
CA LYS A 353 -22.62 -138.22 -42.59
C LYS A 353 -21.54 -137.85 -41.59
N ARG A 354 -20.67 -138.81 -41.24
CA ARG A 354 -19.55 -138.51 -40.35
C ARG A 354 -18.62 -137.47 -40.98
N LYS A 355 -18.29 -137.64 -42.27
CA LYS A 355 -17.43 -136.67 -42.94
C LYS A 355 -18.14 -135.32 -43.09
N SER A 356 -19.46 -135.35 -43.37
CA SER A 356 -20.20 -134.10 -43.47
C SER A 356 -20.18 -133.34 -42.15
N MET A 357 -20.39 -134.05 -41.04
CA MET A 357 -20.30 -133.41 -39.73
C MET A 357 -18.89 -132.92 -39.45
N TYR A 358 -17.87 -133.70 -39.84
CA TYR A 358 -16.49 -133.27 -39.69
C TYR A 358 -16.26 -131.93 -40.36
N THR A 359 -16.62 -131.81 -41.63
CA THR A 359 -16.33 -130.58 -42.36
C THR A 359 -17.19 -129.42 -41.86
N ARG A 360 -18.46 -129.67 -41.53
CA ARG A 360 -19.33 -128.57 -41.12
C ARG A 360 -18.99 -128.08 -39.72
N ASP A 361 -18.39 -128.94 -38.89
CA ASP A 361 -18.00 -128.53 -37.55
C ASP A 361 -16.55 -128.09 -37.46
N TYR A 362 -15.73 -128.38 -38.48
CA TYR A 362 -14.35 -127.92 -38.49
C TYR A 362 -14.14 -126.69 -39.37
N LYS A 363 -15.07 -126.36 -40.26
CA LYS A 363 -15.00 -125.09 -40.96
C LYS A 363 -15.25 -123.91 -40.03
N LYS A 364 -15.92 -124.13 -38.90
CA LYS A 364 -16.16 -123.09 -37.91
C LYS A 364 -15.18 -123.12 -36.76
N LEU A 365 -14.25 -124.09 -36.73
CA LEU A 365 -13.27 -124.23 -35.66
C LEU A 365 -11.86 -123.99 -36.19
N GLY A 366 -11.76 -123.39 -37.38
CA GLY A 366 -10.45 -123.06 -37.92
C GLY A 366 -9.61 -124.26 -38.28
N PHE A 367 -10.20 -125.25 -38.93
CA PHE A 367 -9.47 -126.40 -39.43
C PHE A 367 -9.49 -126.40 -40.96
N ILE A 368 -8.31 -126.60 -41.55
CA ILE A 368 -8.18 -126.50 -43.01
C ILE A 368 -8.59 -127.79 -43.72
N ASN A 369 -8.05 -128.93 -43.32
CA ASN A 369 -8.29 -130.20 -43.99
C ASN A 369 -9.56 -130.84 -43.43
N HIS A 370 -10.40 -131.35 -44.33
CA HIS A 370 -11.65 -132.00 -43.95
C HIS A 370 -11.70 -133.45 -44.43
N VAL A 371 -10.67 -133.91 -45.12
CA VAL A 371 -10.60 -135.30 -45.56
C VAL A 371 -9.82 -136.16 -44.58
N ASN A 372 -8.82 -135.62 -43.89
CA ASN A 372 -8.04 -136.34 -42.88
C ASN A 372 -8.01 -135.51 -41.61
N PRO A 373 -9.09 -135.56 -40.82
CA PRO A 373 -9.18 -134.69 -39.64
C PRO A 373 -8.13 -134.97 -38.57
N ALA A 374 -7.52 -136.15 -38.56
CA ALA A 374 -6.57 -136.53 -37.53
C ALA A 374 -5.13 -136.18 -37.90
N MET A 375 -4.93 -135.29 -38.87
CA MET A 375 -3.57 -134.87 -39.23
C MET A 375 -2.93 -134.04 -38.12
N ASP A 376 -3.75 -133.29 -37.38
CA ASP A 376 -3.24 -132.41 -36.32
C ASP A 376 -2.98 -133.14 -35.02
N PHE A 377 -3.07 -134.48 -35.01
CA PHE A 377 -2.85 -135.27 -33.80
C PHE A 377 -1.50 -135.97 -33.81
N THR A 378 -0.63 -135.64 -34.77
CA THR A 378 0.69 -136.27 -34.87
C THR A 378 1.78 -135.40 -34.27
N GLN A 379 1.41 -134.33 -33.58
CA GLN A 379 2.37 -133.40 -32.97
C GLN A 379 2.19 -133.43 -31.46
N THR A 380 3.27 -133.77 -30.74
CA THR A 380 3.26 -133.82 -29.28
C THR A 380 4.38 -132.92 -28.76
N PRO A 381 4.18 -132.19 -27.66
CA PRO A 381 2.96 -132.11 -26.85
C PRO A 381 1.86 -131.27 -27.51
N PRO A 382 0.59 -131.48 -27.13
CA PRO A 382 0.14 -132.45 -26.13
C PRO A 382 -0.20 -133.82 -26.71
N GLY A 383 -0.61 -133.86 -27.98
CA GLY A 383 -0.99 -135.10 -28.61
C GLY A 383 -2.35 -135.60 -28.16
N MET A 384 -2.37 -136.68 -27.39
CA MET A 384 -3.62 -137.24 -26.88
C MET A 384 -4.05 -136.62 -25.56
N LEU A 385 -3.22 -135.75 -24.98
CA LEU A 385 -3.61 -135.08 -23.74
C LEU A 385 -4.82 -134.18 -23.92
N ALA A 386 -4.90 -133.47 -25.04
CA ALA A 386 -6.08 -132.65 -25.31
C ALA A 386 -7.33 -133.52 -25.44
N LEU A 387 -7.18 -134.72 -25.98
CA LEU A 387 -8.31 -135.65 -26.04
C LEU A 387 -8.78 -136.04 -24.65
N ASP A 388 -7.86 -136.32 -23.73
CA ASP A 388 -8.24 -136.62 -22.35
C ASP A 388 -8.88 -135.40 -21.69
N ASN A 389 -8.36 -134.21 -21.98
CA ASN A 389 -8.94 -132.98 -21.43
C ASN A 389 -10.39 -132.79 -21.89
N MET A 390 -10.65 -133.02 -23.18
CA MET A 390 -12.01 -132.88 -23.67
C MET A 390 -12.91 -134.00 -23.16
N LEU A 391 -12.35 -135.19 -22.94
CA LEU A 391 -13.09 -136.25 -22.26
C LEU A 391 -13.55 -135.80 -20.89
N TYR A 392 -12.62 -135.21 -20.11
CA TYR A 392 -12.97 -134.71 -18.79
C TYR A 392 -14.00 -133.58 -18.87
N PHE A 393 -13.86 -132.70 -19.86
CA PHE A 393 -14.84 -131.62 -20.03
C PHE A 393 -16.22 -132.17 -20.30
N ALA A 394 -16.33 -133.18 -21.17
CA ALA A 394 -17.63 -133.80 -21.43
C ALA A 394 -18.15 -134.52 -20.19
N LYS A 395 -17.27 -135.13 -19.40
CA LYS A 395 -17.72 -135.88 -18.23
C LYS A 395 -18.25 -134.96 -17.14
N HIS A 396 -17.53 -133.88 -16.81
CA HIS A 396 -17.86 -133.05 -15.66
C HIS A 396 -18.45 -131.70 -16.04
N HIS A 397 -17.98 -131.07 -17.10
CA HIS A 397 -18.40 -129.74 -17.50
C HIS A 397 -19.37 -129.78 -18.69
N GLN A 398 -20.28 -130.75 -18.72
CA GLN A 398 -21.14 -130.94 -19.88
C GLN A 398 -21.98 -129.69 -20.18
N ASP A 399 -22.43 -128.97 -19.15
CA ASP A 399 -23.17 -127.74 -19.39
C ASP A 399 -22.27 -126.69 -20.06
N ALA A 400 -21.10 -126.45 -19.47
CA ALA A 400 -20.13 -125.55 -20.09
C ALA A 400 -19.62 -126.09 -21.42
N TYR A 401 -19.52 -127.40 -21.58
CA TYR A 401 -19.11 -127.99 -22.85
C TYR A 401 -20.11 -127.63 -23.95
N ILE A 402 -21.40 -127.81 -23.66
CA ILE A 402 -22.44 -127.48 -24.64
C ILE A 402 -22.48 -125.98 -24.89
N ARG A 403 -22.27 -125.16 -23.85
CA ARG A 403 -22.26 -123.72 -24.04
C ARG A 403 -21.12 -123.31 -24.97
N ILE A 404 -19.93 -123.88 -24.78
CA ILE A 404 -18.80 -123.57 -25.63
C ILE A 404 -19.05 -124.05 -27.05
N VAL A 405 -19.63 -125.24 -27.19
CA VAL A 405 -19.93 -125.78 -28.52
C VAL A 405 -20.91 -124.89 -29.26
N LEU A 406 -21.95 -124.40 -28.59
CA LEU A 406 -22.89 -123.47 -29.21
C LEU A 406 -22.34 -122.05 -29.31
N GLU A 407 -21.21 -121.77 -28.66
CA GLU A 407 -20.65 -120.43 -28.70
C GLU A 407 -19.63 -120.28 -29.83
N ASN A 408 -18.73 -121.25 -29.99
CA ASN A 408 -17.69 -121.14 -31.00
C ASN A 408 -18.29 -121.15 -32.41
N SER A 409 -19.31 -121.97 -32.63
CA SER A 409 -19.95 -122.03 -33.94
C SER A 409 -20.80 -120.79 -34.21
N SER A 410 -21.17 -120.07 -33.15
CA SER A 410 -21.99 -118.87 -33.31
C SER A 410 -21.15 -117.61 -33.48
N ARG A 411 -19.83 -117.74 -33.53
CA ARG A 411 -18.96 -116.58 -33.68
C ARG A 411 -19.20 -115.89 -35.02
N GLU A 412 -19.78 -114.69 -34.97
CA GLU A 412 -20.04 -113.90 -36.16
C GLU A 412 -19.04 -112.76 -36.35
N ASP A 413 -17.99 -112.69 -35.54
CA ASP A 413 -16.98 -111.64 -35.67
C ASP A 413 -15.83 -112.04 -36.58
N LYS A 414 -15.89 -113.22 -37.20
CA LYS A 414 -14.83 -113.71 -38.08
C LYS A 414 -13.51 -113.84 -37.35
N HIS A 415 -13.57 -114.01 -36.02
CA HIS A 415 -12.38 -114.18 -35.19
C HIS A 415 -12.43 -115.46 -34.36
N GLU A 416 -12.94 -116.55 -34.94
CA GLU A 416 -13.02 -117.81 -34.22
C GLU A 416 -11.62 -118.32 -33.88
N CYS A 417 -11.44 -118.72 -32.62
CA CYS A 417 -10.13 -119.18 -32.15
C CYS A 417 -10.01 -120.68 -32.37
N PRO A 418 -9.01 -121.13 -33.13
CA PRO A 418 -8.79 -122.58 -33.28
C PRO A 418 -8.37 -123.20 -31.96
N PHE A 419 -9.18 -124.14 -31.47
CA PHE A 419 -8.93 -124.74 -30.17
C PHE A 419 -7.62 -125.52 -30.16
N GLY A 420 -7.34 -126.26 -31.23
CA GLY A 420 -6.11 -127.06 -31.27
C GLY A 420 -4.86 -126.22 -31.25
N ARG A 421 -4.82 -125.16 -32.08
CA ARG A 421 -3.64 -124.30 -32.13
C ARG A 421 -3.43 -123.57 -30.81
N SER A 422 -4.51 -123.05 -30.22
CA SER A 422 -4.40 -122.38 -28.94
C SER A 422 -3.93 -123.33 -27.85
N SER A 423 -4.45 -124.57 -27.84
CA SER A 423 -4.02 -125.55 -26.86
C SER A 423 -2.55 -125.89 -27.03
N ILE A 424 -2.09 -126.05 -28.27
CA ILE A 424 -0.68 -126.35 -28.52
C ILE A 424 0.20 -125.20 -28.06
N GLU A 425 -0.19 -123.96 -28.37
CA GLU A 425 0.59 -122.81 -27.94
C GLU A 425 0.65 -122.71 -26.42
N LEU A 426 -0.49 -122.93 -25.75
CA LEU A 426 -0.51 -122.85 -24.29
C LEU A 426 0.33 -123.96 -23.68
N THR A 427 0.27 -125.17 -24.25
CA THR A 427 1.10 -126.26 -23.74
C THR A 427 2.59 -125.95 -23.92
N LYS A 428 2.97 -125.38 -25.07
CA LYS A 428 4.35 -125.00 -25.28
C LYS A 428 4.79 -123.93 -24.28
N MET A 429 3.93 -122.94 -24.03
CA MET A 429 4.27 -121.90 -23.06
C MET A 429 4.42 -122.47 -21.66
N LEU A 430 3.53 -123.40 -21.28
CA LEU A 430 3.62 -124.02 -19.97
C LEU A 430 4.89 -124.85 -19.83
N CYS A 431 5.25 -125.58 -20.88
CA CYS A 431 6.49 -126.36 -20.85
C CYS A 431 7.71 -125.44 -20.74
N GLU A 432 7.68 -124.31 -21.43
CA GLU A 432 8.80 -123.37 -21.36
C GLU A 432 8.92 -122.75 -19.98
N ILE A 433 7.81 -122.28 -19.42
CA ILE A 433 7.88 -121.60 -18.12
C ILE A 433 8.20 -122.57 -17.00
N LEU A 434 7.65 -123.79 -17.05
CA LEU A 434 7.89 -124.79 -16.02
C LEU A 434 9.21 -125.53 -16.21
N LYS A 435 9.90 -125.31 -17.33
CA LYS A 435 11.20 -125.92 -17.61
C LYS A 435 11.11 -127.45 -17.58
N VAL A 436 10.30 -127.98 -18.49
CA VAL A 436 10.10 -129.42 -18.61
C VAL A 436 11.18 -130.00 -19.53
N GLY A 437 11.84 -131.05 -19.06
CA GLY A 437 12.90 -131.68 -19.81
C GLY A 437 14.31 -131.33 -19.40
N GLU A 438 14.48 -130.60 -18.30
CA GLU A 438 15.80 -130.22 -17.81
C GLU A 438 16.08 -130.88 -16.47
N LEU A 439 17.37 -131.05 -16.18
CA LEU A 439 17.77 -131.68 -14.93
C LEU A 439 17.40 -130.79 -13.75
N PRO A 440 17.11 -131.39 -12.59
CA PRO A 440 16.77 -130.59 -11.41
C PRO A 440 17.92 -129.69 -10.99
N SER A 441 17.56 -128.49 -10.54
CA SER A 441 18.56 -127.51 -10.14
C SER A 441 19.13 -127.85 -8.76
N GLU A 442 20.39 -127.48 -8.57
CA GLU A 442 21.08 -127.73 -7.30
C GLU A 442 20.90 -126.60 -6.29
N THR A 443 20.33 -125.48 -6.69
CA THR A 443 20.17 -124.33 -5.81
C THR A 443 18.74 -123.82 -5.70
N CYS A 444 17.99 -123.85 -6.79
CA CYS A 444 16.62 -123.34 -6.77
C CYS A 444 15.73 -124.21 -5.91
N ASN A 445 14.85 -123.57 -5.13
CA ASN A 445 13.95 -124.26 -4.21
C ASN A 445 12.54 -123.70 -4.33
N ASP A 446 12.03 -123.57 -5.55
CA ASP A 446 10.66 -123.11 -5.77
C ASP A 446 9.70 -124.27 -5.52
N PHE A 447 8.57 -123.97 -4.87
CA PHE A 447 7.56 -124.97 -4.57
C PHE A 447 6.18 -124.41 -4.86
N HIS A 448 5.30 -125.26 -5.40
CA HIS A 448 3.92 -124.88 -5.66
C HIS A 448 3.00 -125.79 -4.86
N PRO A 449 2.37 -125.31 -3.78
CA PRO A 449 1.54 -126.21 -2.96
C PRO A 449 0.27 -126.68 -3.65
N MET A 450 0.01 -126.26 -4.89
CA MET A 450 -1.23 -126.64 -5.56
C MET A 450 -1.10 -127.98 -6.27
N PHE A 451 0.10 -128.55 -6.34
CA PHE A 451 0.27 -129.82 -7.04
C PHE A 451 -0.23 -130.99 -6.21
N PHE A 452 -0.35 -130.82 -4.90
CA PHE A 452 -0.80 -131.92 -4.04
C PHE A 452 -2.30 -131.88 -3.77
N THR A 453 -3.02 -130.88 -4.29
CA THR A 453 -4.46 -130.83 -4.10
C THR A 453 -5.15 -132.02 -4.76
N HIS A 454 -4.72 -132.37 -5.98
CA HIS A 454 -5.26 -133.53 -6.69
C HIS A 454 -4.10 -134.28 -7.32
N ASP A 455 -4.30 -135.59 -7.53
CA ASP A 455 -3.31 -136.36 -8.28
C ASP A 455 -3.24 -135.90 -9.72
N ARG A 456 -4.35 -135.37 -10.24
CA ARG A 456 -4.42 -134.76 -11.57
C ARG A 456 -4.36 -133.25 -11.50
N SER A 457 -3.56 -132.71 -10.57
CA SER A 457 -3.56 -131.27 -10.31
C SER A 457 -3.13 -130.46 -11.52
N PHE A 458 -2.22 -130.99 -12.34
CA PHE A 458 -1.80 -130.26 -13.53
C PHE A 458 -2.96 -130.07 -14.50
N GLU A 459 -3.80 -131.10 -14.65
CA GLU A 459 -4.98 -130.95 -15.51
C GLU A 459 -5.95 -129.93 -14.96
N GLU A 460 -6.17 -129.92 -13.64
CA GLU A 460 -7.05 -128.92 -13.05
C GLU A 460 -6.50 -127.51 -13.23
N PHE A 461 -5.20 -127.34 -13.07
CA PHE A 461 -4.56 -126.05 -13.31
C PHE A 461 -4.73 -125.61 -14.76
N PHE A 462 -4.56 -126.55 -15.69
CA PHE A 462 -4.77 -126.24 -17.11
C PHE A 462 -6.21 -125.85 -17.38
N CYS A 463 -7.16 -126.56 -16.76
CA CYS A 463 -8.57 -126.23 -16.94
C CYS A 463 -8.88 -124.82 -16.42
N ILE A 464 -8.36 -124.49 -15.24
CA ILE A 464 -8.58 -123.14 -14.69
C ILE A 464 -7.95 -122.10 -15.61
N CYS A 465 -6.75 -122.36 -16.11
CA CYS A 465 -6.08 -121.42 -16.99
C CYS A 465 -6.86 -121.20 -18.27
N ILE A 466 -7.33 -122.27 -18.90
CA ILE A 466 -8.04 -122.13 -20.17
C ILE A 466 -9.39 -121.45 -19.96
N GLN A 467 -10.07 -121.74 -18.84
CA GLN A 467 -11.33 -121.05 -18.56
C GLN A 467 -11.09 -119.56 -18.35
N LEU A 468 -10.05 -119.20 -17.60
CA LEU A 468 -9.73 -117.79 -17.41
C LEU A 468 -9.37 -117.11 -18.72
N LEU A 469 -8.61 -117.80 -19.58
CA LEU A 469 -8.25 -117.24 -20.88
C LEU A 469 -9.48 -117.05 -21.75
N ASN A 470 -10.40 -118.01 -21.73
CA ASN A 470 -11.63 -117.89 -22.51
C ASN A 470 -12.46 -116.70 -22.03
N LYS A 471 -12.58 -116.54 -20.71
CA LYS A 471 -13.32 -115.40 -20.18
C LYS A 471 -12.66 -114.08 -20.55
N THR A 472 -11.33 -114.02 -20.45
CA THR A 472 -10.60 -112.80 -20.79
C THR A 472 -10.73 -112.47 -22.28
N TRP A 473 -10.68 -113.49 -23.14
CA TRP A 473 -10.84 -113.27 -24.57
C TRP A 473 -12.26 -112.85 -24.92
N LYS A 474 -13.25 -113.41 -24.24
CA LYS A 474 -14.63 -112.97 -24.45
C LYS A 474 -14.80 -111.52 -24.04
N GLU A 475 -14.20 -111.12 -22.92
CA GLU A 475 -14.26 -109.72 -22.51
C GLU A 475 -13.55 -108.82 -23.51
N MET A 476 -12.38 -109.23 -23.99
CA MET A 476 -11.59 -108.39 -24.88
C MET A 476 -12.10 -108.45 -26.32
N ARG A 477 -12.60 -109.61 -26.75
CA ARG A 477 -12.93 -109.86 -28.15
C ARG A 477 -11.71 -109.57 -29.04
N ALA A 478 -10.65 -110.34 -28.81
CA ALA A 478 -9.36 -110.09 -29.44
C ALA A 478 -9.41 -110.37 -30.94
N THR A 479 -8.37 -109.91 -31.63
CA THR A 479 -8.24 -110.05 -33.07
C THR A 479 -6.98 -110.87 -33.37
N SER A 480 -6.61 -110.92 -34.64
CA SER A 480 -5.44 -111.68 -35.09
C SER A 480 -4.15 -110.87 -35.03
N GLU A 481 -4.18 -109.64 -34.54
CA GLU A 481 -3.00 -108.79 -34.52
C GLU A 481 -2.36 -108.67 -33.14
N ASP A 482 -2.85 -109.39 -32.14
CA ASP A 482 -2.33 -109.26 -30.79
C ASP A 482 -1.97 -110.64 -30.22
N PHE A 483 -1.40 -111.51 -31.04
CA PHE A 483 -0.93 -112.79 -30.55
C PHE A 483 0.20 -112.61 -29.54
N ASN A 484 1.13 -111.69 -29.81
CA ASN A 484 2.19 -111.40 -28.86
C ASN A 484 1.62 -110.85 -27.55
N LYS A 485 0.62 -109.98 -27.65
CA LYS A 485 -0.03 -109.46 -26.44
C LYS A 485 -0.67 -110.59 -25.63
N VAL A 486 -1.35 -111.51 -26.31
CA VAL A 486 -1.97 -112.63 -25.62
C VAL A 486 -0.92 -113.49 -24.93
N MET A 487 0.17 -113.79 -25.64
CA MET A 487 1.21 -114.63 -25.06
C MET A 487 1.84 -113.96 -23.84
N GLN A 488 2.16 -112.67 -23.94
CA GLN A 488 2.80 -111.99 -22.83
C GLN A 488 1.85 -111.86 -21.64
N VAL A 489 0.57 -111.58 -21.90
CA VAL A 489 -0.38 -111.42 -20.80
C VAL A 489 -0.63 -112.75 -20.09
N VAL A 490 -0.70 -113.85 -20.86
CA VAL A 490 -0.92 -115.14 -20.21
C VAL A 490 0.32 -115.56 -19.43
N LYS A 491 1.52 -115.29 -19.97
CA LYS A 491 2.73 -115.60 -19.22
C LYS A 491 2.79 -114.81 -17.92
N GLU A 492 2.49 -113.52 -17.99
CA GLU A 492 2.52 -112.68 -16.79
C GLU A 492 1.47 -113.11 -15.78
N GLN A 493 0.26 -113.45 -16.22
CA GLN A 493 -0.78 -113.84 -15.27
C GLN A 493 -0.46 -115.19 -14.65
N VAL A 494 0.15 -116.11 -15.41
CA VAL A 494 0.55 -117.38 -14.83
C VAL A 494 1.67 -117.19 -13.81
N MET A 495 2.64 -116.33 -14.12
CA MET A 495 3.70 -116.05 -13.16
C MET A 495 3.14 -115.43 -11.89
N ARG A 496 2.23 -114.46 -12.04
CA ARG A 496 1.58 -113.84 -10.89
C ARG A 496 0.75 -114.83 -10.08
N ALA A 497 0.07 -115.76 -10.73
CA ALA A 497 -0.71 -116.76 -10.00
C ALA A 497 0.19 -117.73 -9.24
N LEU A 498 1.29 -118.15 -9.87
CA LEU A 498 2.19 -119.09 -9.20
C LEU A 498 2.94 -118.43 -8.04
N THR A 499 3.28 -117.14 -8.17
CA THR A 499 3.97 -116.45 -7.09
C THR A 499 3.10 -116.25 -5.85
N THR A 500 1.78 -116.37 -5.97
CA THR A 500 0.89 -116.18 -4.84
C THR A 500 0.84 -117.38 -3.90
N LYS A 501 1.35 -118.54 -4.33
CA LYS A 501 1.34 -119.78 -3.54
C LYS A 501 -0.07 -120.11 -3.07
N PRO A 502 -0.95 -120.54 -3.98
CA PRO A 502 -2.33 -120.82 -3.58
C PRO A 502 -2.45 -122.06 -2.72
N SER A 503 -3.58 -122.17 -2.04
CA SER A 503 -3.86 -123.29 -1.14
C SER A 503 -4.89 -124.27 -1.70
N SER A 504 -5.99 -123.78 -2.26
CA SER A 504 -7.04 -124.63 -2.81
C SER A 504 -7.38 -124.16 -4.22
N LEU A 505 -7.84 -125.10 -5.04
CA LEU A 505 -8.14 -124.80 -6.44
C LEU A 505 -9.27 -123.77 -6.55
N ASP A 506 -10.34 -123.95 -5.79
CA ASP A 506 -11.45 -123.01 -5.83
C ASP A 506 -11.03 -121.63 -5.31
N GLN A 507 -10.29 -121.60 -4.20
CA GLN A 507 -9.80 -120.34 -3.68
C GLN A 507 -8.82 -119.69 -4.65
N PHE A 508 -7.98 -120.50 -5.30
CA PHE A 508 -7.05 -119.97 -6.29
C PHE A 508 -7.80 -119.34 -7.47
N LYS A 509 -8.83 -120.01 -7.96
CA LYS A 509 -9.61 -119.48 -9.07
C LYS A 509 -10.33 -118.20 -8.67
N SER A 510 -10.87 -118.16 -7.45
CA SER A 510 -11.52 -116.94 -6.95
C SER A 510 -10.52 -115.80 -6.84
N LYS A 511 -9.33 -116.07 -6.31
CA LYS A 511 -8.31 -115.04 -6.16
C LYS A 511 -7.77 -114.56 -7.50
N LEU A 512 -7.84 -115.41 -8.54
CA LEU A 512 -7.42 -114.96 -9.86
C LEU A 512 -8.25 -113.75 -10.32
N GLN A 513 -9.56 -113.81 -10.17
CA GLN A 513 -10.41 -112.67 -10.50
C GLN A 513 -10.37 -111.61 -9.41
N ASN A 514 -10.12 -112.00 -8.16
CA ASN A 514 -10.13 -111.04 -7.06
C ASN A 514 -8.93 -110.09 -7.09
N LEU A 515 -7.85 -110.46 -7.78
CA LEU A 515 -6.65 -109.63 -7.86
C LEU A 515 -6.99 -108.39 -8.69
N SER A 516 -6.54 -107.23 -8.22
CA SER A 516 -6.79 -105.97 -8.90
C SER A 516 -5.76 -105.79 -10.02
N TYR A 517 -5.74 -104.59 -10.61
CA TYR A 517 -4.82 -104.29 -11.71
C TYR A 517 -3.50 -103.79 -11.14
N THR A 518 -2.59 -104.73 -10.83
CA THR A 518 -1.25 -104.42 -10.30
C THR A 518 -1.32 -103.59 -9.02
N GLU A 519 -2.31 -103.86 -8.17
CA GLU A 519 -2.40 -103.15 -6.90
C GLU A 519 -1.28 -103.55 -5.95
N ILE A 520 -0.88 -104.82 -5.99
CA ILE A 520 0.17 -105.31 -5.09
C ILE A 520 1.49 -104.60 -5.39
N LEU A 521 1.82 -104.45 -6.66
CA LEU A 521 3.04 -103.73 -7.03
C LEU A 521 3.01 -102.27 -6.57
N LYS A 522 1.87 -101.59 -6.76
CA LYS A 522 1.77 -100.19 -6.35
C LYS A 522 1.89 -100.04 -4.83
N ILE A 523 1.22 -100.92 -4.07
CA ILE A 523 1.30 -100.81 -2.62
C ILE A 523 2.70 -101.16 -2.11
N ARG A 524 3.35 -102.16 -2.74
CA ARG A 524 4.72 -102.48 -2.36
C ARG A 524 5.66 -101.32 -2.64
N GLN A 525 5.50 -100.67 -3.81
CA GLN A 525 6.32 -99.52 -4.13
C GLN A 525 6.09 -98.38 -3.14
N SER A 526 4.83 -98.13 -2.79
CA SER A 526 4.53 -97.07 -1.84
C SER A 526 5.12 -97.38 -0.47
N GLU A 527 5.01 -98.63 -0.01
CA GLU A 527 5.58 -98.99 1.29
C GLU A 527 7.10 -98.87 1.28
N ARG A 528 7.74 -99.30 0.19
CA ARG A 528 9.18 -99.16 0.08
C ARG A 528 9.61 -97.70 0.08
N MET A 529 8.86 -96.86 -0.64
CA MET A 529 9.18 -95.42 -0.66
C MET A 529 9.00 -94.81 0.72
N ASN A 530 7.94 -95.18 1.43
CA ASN A 530 7.73 -94.65 2.79
C ASN A 530 8.84 -95.09 3.73
N GLN A 531 9.25 -96.36 3.65
CA GLN A 531 10.33 -96.85 4.50
C GLN A 531 11.63 -96.15 4.17
N GLU A 532 11.91 -95.95 2.88
CA GLU A 532 13.13 -95.24 2.48
C GLU A 532 13.11 -93.80 2.96
N ASP A 533 11.96 -93.13 2.87
CA ASP A 533 11.84 -91.77 3.38
C ASP A 533 12.04 -91.72 4.88
N PHE A 534 11.55 -92.73 5.60
CA PHE A 534 11.81 -92.81 7.04
C PHE A 534 13.30 -93.00 7.30
N GLN A 535 13.93 -93.94 6.59
CA GLN A 535 15.35 -94.19 6.75
C GLN A 535 15.84 -95.04 5.59
N SER A 536 16.87 -94.56 4.88
CA SER A 536 17.51 -95.33 3.82
C SER A 536 18.85 -94.70 3.50
N ARG A 537 19.76 -95.54 3.00
CA ARG A 537 21.08 -95.10 2.58
C ARG A 537 21.06 -94.44 1.20
N PRO A 538 20.48 -95.07 0.17
CA PRO A 538 20.55 -94.47 -1.19
C PRO A 538 19.34 -93.65 -1.60
N ILE A 539 18.33 -93.49 -0.75
CA ILE A 539 17.11 -92.79 -1.11
C ILE A 539 16.84 -91.60 -0.19
N LEU A 540 16.91 -91.81 1.13
CA LEU A 540 16.62 -90.77 2.10
C LEU A 540 17.51 -89.55 1.96
N GLU A 541 18.80 -89.74 1.65
CA GLU A 541 19.70 -88.60 1.54
C GLU A 541 19.36 -87.70 0.37
N LEU A 542 18.59 -88.18 -0.60
CA LEU A 542 18.24 -87.39 -1.78
C LEU A 542 17.39 -86.17 -1.44
N LYS A 543 16.37 -86.33 -0.60
CA LYS A 543 15.50 -85.20 -0.27
C LYS A 543 16.19 -84.20 0.66
N GLU A 544 16.86 -84.70 1.70
CA GLU A 544 17.50 -83.79 2.66
C GLU A 544 18.71 -83.10 2.04
N LYS A 545 19.30 -83.67 0.99
CA LYS A 545 20.40 -83.00 0.30
C LYS A 545 19.95 -81.69 -0.30
N ILE A 546 18.77 -81.66 -0.91
CA ILE A 546 18.26 -80.45 -1.56
C ILE A 546 17.11 -79.89 -0.74
N GLN A 547 17.42 -78.98 0.19
CA GLN A 547 16.37 -78.27 0.91
C GLN A 547 16.65 -76.77 0.97
N PRO A 548 17.05 -76.11 -0.14
CA PRO A 548 17.29 -74.66 -0.06
C PRO A 548 16.05 -73.82 -0.35
N GLU A 549 15.12 -74.37 -1.12
CA GLU A 549 14.00 -73.60 -1.64
C GLU A 549 12.70 -73.84 -0.90
N ILE A 550 12.43 -75.07 -0.46
CA ILE A 550 11.18 -75.35 0.22
C ILE A 550 11.07 -74.56 1.51
N LEU A 551 12.11 -74.61 2.35
CA LEU A 551 12.09 -73.87 3.59
C LEU A 551 12.12 -72.36 3.37
N GLU A 552 12.85 -71.90 2.34
CA GLU A 552 12.88 -70.49 2.04
C GLU A 552 11.50 -69.98 1.63
N LEU A 553 10.80 -70.74 0.80
CA LEU A 553 9.45 -70.36 0.41
C LEU A 553 8.47 -70.48 1.58
N ILE A 554 8.68 -71.43 2.48
CA ILE A 554 7.85 -71.53 3.68
C ILE A 554 8.01 -70.28 4.54
N LYS A 555 9.26 -69.85 4.75
CA LYS A 555 9.50 -68.63 5.52
C LYS A 555 8.95 -67.41 4.79
N GLN A 556 9.05 -67.37 3.47
CA GLN A 556 8.45 -66.28 2.70
C GLN A 556 6.93 -66.24 2.88
N GLN A 557 6.29 -67.41 2.87
CA GLN A 557 4.85 -67.47 3.11
C GLN A 557 4.50 -66.99 4.50
N ARG A 558 5.31 -67.38 5.50
CA ARG A 558 5.07 -66.91 6.86
C ARG A 558 5.21 -65.39 6.95
N LEU A 559 6.22 -64.83 6.28
CA LEU A 559 6.39 -63.38 6.27
C LEU A 559 5.22 -62.69 5.59
N ASN A 560 4.73 -63.28 4.48
CA ASN A 560 3.55 -62.73 3.83
C ASN A 560 2.33 -62.77 4.76
N ARG A 561 2.22 -63.84 5.55
CA ARG A 561 1.19 -63.89 6.59
C ARG A 561 1.38 -62.76 7.60
N LEU A 562 2.63 -62.44 7.93
CA LEU A 562 2.89 -61.30 8.80
C LEU A 562 2.53 -59.99 8.12
N VAL A 563 2.74 -59.87 6.81
CA VAL A 563 2.45 -58.63 6.11
C VAL A 563 0.95 -58.36 6.07
N GLU A 564 0.16 -59.39 5.72
CA GLU A 564 -1.29 -59.21 5.69
C GLU A 564 -1.86 -58.95 7.08
N GLY A 565 -1.38 -59.68 8.09
CA GLY A 565 -1.77 -59.43 9.45
C GLY A 565 -3.21 -59.78 9.77
N THR A 566 -3.62 -59.56 11.01
CA THR A 566 -4.98 -59.86 11.45
C THR A 566 -5.24 -59.09 12.74
N CYS A 567 -6.34 -59.40 13.41
CA CYS A 567 -6.72 -58.76 14.65
C CYS A 567 -5.98 -59.45 15.79
N PHE A 568 -5.26 -58.66 16.59
CA PHE A 568 -4.52 -59.18 17.73
C PHE A 568 -5.31 -58.93 19.02
N ARG A 569 -4.76 -59.36 20.15
CA ARG A 569 -5.40 -59.19 21.45
C ARG A 569 -4.40 -58.62 22.45
N LYS A 570 -4.91 -57.87 23.42
CA LYS A 570 -4.09 -57.21 24.42
C LYS A 570 -4.13 -58.00 25.72
N LEU A 571 -3.54 -57.42 26.78
CA LEU A 571 -3.45 -58.05 28.08
C LEU A 571 -4.36 -57.33 29.07
N ASN A 572 -5.19 -58.09 29.76
CA ASN A 572 -6.04 -57.59 30.84
C ASN A 572 -6.95 -56.46 30.36
N ALA A 573 -7.80 -56.80 29.39
CA ALA A 573 -8.79 -55.88 28.85
C ALA A 573 -10.08 -56.06 29.64
N ARG A 574 -10.21 -55.31 30.72
CA ARG A 574 -11.34 -55.48 31.64
C ARG A 574 -12.12 -54.20 31.90
N ARG A 575 -11.45 -53.06 31.98
CA ARG A 575 -12.10 -51.81 32.37
C ARG A 575 -11.96 -50.79 31.24
N ARG A 576 -12.94 -50.82 30.33
CA ARG A 576 -13.04 -49.86 29.23
C ARG A 576 -11.75 -49.82 28.41
N GLN A 577 -11.22 -51.01 28.11
CA GLN A 577 -10.00 -51.14 27.33
C GLN A 577 -10.26 -51.97 26.07
N ASP A 578 -9.72 -51.50 24.96
CA ASP A 578 -9.90 -52.19 23.69
C ASP A 578 -9.13 -53.52 23.70
N LYS A 579 -9.68 -54.50 22.97
CA LYS A 579 -9.10 -55.83 22.91
C LYS A 579 -8.73 -56.29 21.51
N PHE A 580 -9.01 -55.49 20.47
CA PHE A 580 -8.66 -55.84 19.10
C PHE A 580 -7.79 -54.74 18.51
N TRP A 581 -6.71 -55.13 17.87
CA TRP A 581 -5.76 -54.20 17.25
C TRP A 581 -5.03 -54.95 16.14
N TYR A 582 -4.06 -54.30 15.51
CA TYR A 582 -3.35 -54.90 14.40
C TYR A 582 -1.86 -54.75 14.60
N CYS A 583 -1.11 -55.75 14.14
CA CYS A 583 0.36 -55.71 14.09
C CYS A 583 0.75 -56.15 12.68
N ARG A 584 0.83 -55.19 11.76
CA ARG A 584 1.05 -55.46 10.36
C ARG A 584 2.52 -55.27 10.00
N LEU A 585 3.08 -56.24 9.29
CA LEU A 585 4.45 -56.14 8.82
C LEU A 585 4.52 -55.26 7.58
N SER A 586 5.59 -54.47 7.51
CA SER A 586 5.79 -53.59 6.37
C SER A 586 6.05 -54.42 5.11
N PRO A 587 5.66 -53.92 3.93
CA PRO A 587 6.00 -54.63 2.69
C PRO A 587 7.49 -54.78 2.46
N ASN A 588 8.31 -53.95 3.11
CA ASN A 588 9.76 -54.13 3.09
C ASN A 588 10.22 -55.20 4.06
N HIS A 589 9.33 -55.74 4.90
CA HIS A 589 9.65 -56.79 5.86
C HIS A 589 10.77 -56.36 6.80
N LYS A 590 10.73 -55.12 7.25
CA LYS A 590 11.75 -54.60 8.14
C LYS A 590 11.20 -53.97 9.41
N VAL A 591 9.99 -53.42 9.37
CA VAL A 591 9.40 -52.75 10.52
C VAL A 591 7.98 -53.25 10.72
N LEU A 592 7.46 -53.09 11.94
CA LEU A 592 6.15 -53.55 12.32
C LEU A 592 5.29 -52.36 12.71
N HIS A 593 4.06 -52.32 12.18
CA HIS A 593 3.09 -51.29 12.55
C HIS A 593 2.08 -51.87 13.53
N TYR A 594 2.08 -51.34 14.75
CA TYR A 594 1.25 -51.90 15.81
C TYR A 594 1.02 -50.82 16.87
N GLY A 595 0.07 -51.07 17.75
CA GLY A 595 -0.28 -50.15 18.81
C GLY A 595 -1.68 -50.42 19.30
N ASP A 596 -2.21 -49.48 20.08
CA ASP A 596 -3.56 -49.59 20.61
C ASP A 596 -4.56 -49.10 19.57
N LEU A 597 -5.45 -49.99 19.14
CA LEU A 597 -6.44 -49.64 18.12
C LEU A 597 -7.85 -49.85 18.64
N GLU A 598 -8.84 -49.54 17.80
CA GLU A 598 -10.25 -49.63 18.16
C GLU A 598 -10.81 -50.99 17.74
N GLU A 599 -12.12 -51.14 17.90
CA GLU A 599 -12.82 -52.38 17.55
C GLU A 599 -13.13 -52.35 16.06
N SER A 600 -12.35 -53.10 15.28
CA SER A 600 -12.55 -53.18 13.84
C SER A 600 -12.98 -54.58 13.47
N PRO A 601 -14.27 -54.86 13.27
CA PRO A 601 -14.68 -56.22 12.88
C PRO A 601 -14.12 -56.67 11.54
N GLN A 602 -13.92 -55.75 10.61
CA GLN A 602 -13.39 -56.12 9.30
C GLN A 602 -11.98 -56.68 9.40
N GLY A 603 -11.13 -56.08 10.22
CA GLY A 603 -9.77 -56.54 10.39
C GLY A 603 -8.79 -55.42 10.63
N GLU A 604 -7.67 -55.42 9.89
CA GLU A 604 -6.65 -54.41 10.07
C GLU A 604 -7.01 -53.14 9.32
N VAL A 605 -6.72 -52.00 9.94
CA VAL A 605 -6.95 -50.68 9.36
C VAL A 605 -5.60 -50.15 8.86
N PRO A 606 -5.42 -49.97 7.55
CA PRO A 606 -4.12 -49.52 7.03
C PRO A 606 -3.88 -48.05 7.36
N HIS A 607 -2.98 -47.82 8.30
CA HIS A 607 -2.58 -46.47 8.72
C HIS A 607 -1.36 -46.61 9.63
N ASP A 608 -0.87 -45.46 10.09
CA ASP A 608 0.25 -45.45 11.03
C ASP A 608 -0.28 -45.57 12.45
N SER A 609 0.21 -46.56 13.19
CA SER A 609 -0.27 -46.85 14.54
C SER A 609 0.56 -46.07 15.56
N LEU A 610 0.32 -46.34 16.84
CA LEU A 610 1.01 -45.61 17.90
C LEU A 610 2.50 -45.94 17.92
N GLN A 611 2.84 -47.22 17.90
CA GLN A 611 4.22 -47.69 17.94
C GLN A 611 4.58 -48.21 16.56
N ASP A 612 5.04 -47.31 15.68
CA ASP A 612 5.30 -47.65 14.29
C ASP A 612 6.68 -48.26 14.08
N LYS A 613 7.55 -48.25 15.09
CA LYS A 613 8.92 -48.72 14.95
C LYS A 613 9.15 -49.95 15.81
N LEU A 614 9.74 -50.98 15.21
CA LEU A 614 10.13 -52.18 15.94
C LEU A 614 11.41 -52.72 15.32
N PRO A 615 12.56 -52.35 15.87
CA PRO A 615 13.84 -52.79 15.29
C PRO A 615 13.96 -54.31 15.34
N VAL A 616 14.02 -54.92 14.15
CA VAL A 616 14.17 -56.36 14.03
C VAL A 616 15.64 -56.80 14.02
N ALA A 617 16.56 -55.85 13.81
CA ALA A 617 17.97 -56.17 13.86
C ALA A 617 18.51 -56.24 15.28
N ASP A 618 17.72 -55.83 16.28
CA ASP A 618 18.16 -55.90 17.66
C ASP A 618 17.30 -56.83 18.51
N ILE A 619 16.40 -57.61 17.90
CA ILE A 619 15.60 -58.55 18.65
C ILE A 619 16.47 -59.73 19.07
N LYS A 620 16.53 -59.99 20.37
CA LYS A 620 17.34 -61.10 20.87
C LYS A 620 16.71 -62.44 20.51
N ALA A 621 15.50 -62.68 20.97
CA ALA A 621 14.75 -63.91 20.68
C ALA A 621 13.30 -63.67 21.10
N VAL A 622 12.49 -64.72 21.00
CA VAL A 622 11.09 -64.69 21.43
C VAL A 622 10.89 -65.86 22.38
N VAL A 623 10.72 -65.57 23.66
CA VAL A 623 10.49 -66.63 24.64
C VAL A 623 9.08 -67.19 24.48
N THR A 624 8.97 -68.51 24.55
CA THR A 624 7.69 -69.19 24.42
C THR A 624 7.47 -70.09 25.63
N GLY A 625 6.25 -70.06 26.15
CA GLY A 625 5.89 -70.88 27.29
C GLY A 625 5.69 -70.03 28.55
N LYS A 626 6.23 -70.52 29.67
CA LYS A 626 6.08 -69.86 30.96
C LYS A 626 7.19 -68.87 31.26
N ASP A 627 8.11 -68.66 30.31
CA ASP A 627 9.21 -67.72 30.49
C ASP A 627 8.81 -66.29 30.18
N CYS A 628 7.53 -66.04 29.88
CA CYS A 628 7.06 -64.70 29.57
C CYS A 628 6.99 -63.87 30.84
N PRO A 629 7.65 -62.71 30.92
CA PRO A 629 7.60 -61.90 32.14
C PRO A 629 6.20 -61.44 32.52
N HIS A 630 5.31 -61.20 31.56
CA HIS A 630 3.99 -60.69 31.86
C HIS A 630 3.10 -61.71 32.56
N MET A 631 3.38 -63.01 32.39
CA MET A 631 2.60 -64.04 33.06
C MET A 631 3.04 -64.27 34.50
N LYS A 632 4.14 -63.66 34.94
CA LYS A 632 4.65 -63.82 36.29
C LYS A 632 4.13 -62.75 37.24
N GLU A 633 2.98 -62.17 36.94
CA GLU A 633 2.40 -61.14 37.79
C GLU A 633 1.96 -61.71 39.12
N LYS A 634 2.28 -60.99 40.20
CA LYS A 634 1.88 -61.37 41.54
C LYS A 634 0.86 -60.43 42.16
N GLY A 635 0.31 -59.50 41.40
CA GLY A 635 -0.67 -58.57 41.93
C GLY A 635 -2.08 -58.87 41.47
N ALA A 636 -2.59 -58.10 40.50
CA ALA A 636 -3.94 -58.28 40.00
C ALA A 636 -4.00 -58.56 38.50
N LEU A 637 -2.87 -58.49 37.79
CA LEU A 637 -2.83 -58.73 36.35
C LEU A 637 -2.49 -60.17 36.00
N LYS A 638 -2.85 -61.12 36.86
CA LYS A 638 -2.56 -62.53 36.58
C LYS A 638 -3.38 -63.00 35.38
N GLN A 639 -2.75 -63.80 34.53
CA GLN A 639 -3.38 -64.34 33.34
C GLN A 639 -4.05 -65.68 33.66
N ASN A 640 -4.99 -66.05 32.80
CA ASN A 640 -5.72 -67.31 32.99
C ASN A 640 -4.80 -68.50 32.70
N LYS A 641 -5.12 -69.64 33.30
CA LYS A 641 -4.35 -70.85 33.07
C LYS A 641 -4.66 -71.47 31.71
N GLU A 642 -5.80 -71.11 31.11
CA GLU A 642 -6.20 -71.71 29.84
C GLU A 642 -5.49 -71.10 28.65
N VAL A 643 -4.79 -69.98 28.84
CA VAL A 643 -4.09 -69.32 27.74
C VAL A 643 -2.58 -69.60 27.79
N LEU A 644 -2.18 -70.68 28.45
CA LEU A 644 -0.76 -71.03 28.53
C LEU A 644 -0.18 -71.38 27.17
N GLU A 645 -1.00 -71.86 26.23
CA GLU A 645 -0.56 -72.21 24.89
C GLU A 645 -0.55 -71.00 23.96
N LEU A 646 -0.83 -69.81 24.47
CA LEU A 646 -0.90 -68.59 23.67
C LEU A 646 0.12 -67.56 24.15
N ALA A 647 1.24 -68.02 24.70
CA ALA A 647 2.22 -67.15 25.33
C ALA A 647 3.43 -67.00 24.41
N PHE A 648 3.74 -65.76 24.05
CA PHE A 648 4.92 -65.44 23.26
C PHE A 648 5.23 -63.95 23.37
N SER A 649 6.47 -63.61 23.72
CA SER A 649 6.86 -62.23 23.95
C SER A 649 8.13 -61.93 23.15
N ILE A 650 8.11 -60.82 22.42
CA ILE A 650 9.29 -60.36 21.68
C ILE A 650 10.16 -59.53 22.62
N LEU A 651 11.16 -60.17 23.22
CA LEU A 651 12.00 -59.50 24.20
C LEU A 651 12.96 -58.54 23.52
N TYR A 652 13.00 -57.31 24.01
CA TYR A 652 13.94 -56.31 23.53
C TYR A 652 14.16 -55.27 24.62
N ASP A 653 15.33 -54.62 24.57
CA ASP A 653 15.78 -53.61 25.50
C ASP A 653 16.01 -54.14 26.91
N SER A 654 15.78 -55.43 27.16
CA SER A 654 16.07 -56.09 28.43
C SER A 654 15.25 -55.53 29.59
N ASN A 655 14.32 -54.62 29.30
CA ASN A 655 13.47 -54.05 30.34
C ASN A 655 12.00 -53.94 29.97
N CYS A 656 11.64 -53.94 28.69
CA CYS A 656 10.26 -53.85 28.26
C CYS A 656 9.92 -55.05 27.38
N GLN A 657 8.66 -55.49 27.46
CA GLN A 657 8.21 -56.66 26.75
C GLN A 657 6.94 -56.34 25.98
N LEU A 658 6.85 -56.85 24.75
CA LEU A 658 5.65 -56.75 23.93
C LEU A 658 5.01 -58.14 23.91
N ASN A 659 4.04 -58.34 24.79
CA ASN A 659 3.37 -59.62 24.95
C ASN A 659 2.05 -59.59 24.19
N PHE A 660 1.89 -60.51 23.25
CA PHE A 660 0.68 -60.59 22.43
C PHE A 660 -0.10 -61.86 22.79
N ILE A 661 -1.40 -61.82 22.50
CA ILE A 661 -2.31 -62.91 22.81
C ILE A 661 -2.87 -63.47 21.51
N ALA A 662 -2.76 -64.78 21.35
CA ALA A 662 -3.25 -65.48 20.18
C ALA A 662 -4.64 -66.04 20.43
N PRO A 663 -5.47 -66.15 19.39
CA PRO A 663 -6.80 -66.74 19.56
C PRO A 663 -6.75 -68.22 19.92
N ASP A 664 -6.01 -69.01 19.16
CA ASP A 664 -5.92 -70.44 19.43
C ASP A 664 -4.52 -70.93 19.02
N LYS A 665 -4.37 -72.24 18.91
CA LYS A 665 -3.04 -72.84 18.81
C LYS A 665 -2.42 -72.63 17.43
N HIS A 666 -3.21 -72.79 16.36
CA HIS A 666 -2.62 -72.84 15.03
C HIS A 666 -2.01 -71.50 14.62
N GLU A 667 -2.73 -70.40 14.87
CA GLU A 667 -2.16 -69.10 14.53
C GLU A 667 -1.09 -68.66 15.51
N TYR A 668 -1.13 -69.14 16.76
CA TYR A 668 -0.01 -68.94 17.67
C TYR A 668 1.25 -69.59 17.11
N CYS A 669 1.12 -70.80 16.58
CA CYS A 669 2.24 -71.47 15.94
C CYS A 669 2.69 -70.73 14.69
N ILE A 670 1.74 -70.19 13.91
CA ILE A 670 2.10 -69.41 12.74
C ILE A 670 2.93 -68.18 13.15
N TRP A 671 2.49 -67.49 14.21
CA TRP A 671 3.22 -66.33 14.68
C TRP A 671 4.61 -66.68 15.18
N THR A 672 4.73 -67.78 15.94
CA THR A 672 6.07 -68.15 16.41
C THR A 672 6.95 -68.61 15.25
N ASP A 673 6.37 -69.20 14.22
CA ASP A 673 7.14 -69.53 13.02
C ASP A 673 7.64 -68.27 12.33
N GLY A 674 6.79 -67.26 12.22
CA GLY A 674 7.23 -66.00 11.65
C GLY A 674 8.32 -65.34 12.47
N LEU A 675 8.18 -65.38 13.80
CA LEU A 675 9.20 -64.79 14.67
C LEU A 675 10.54 -65.53 14.53
N ASN A 676 10.50 -66.85 14.45
CA ASN A 676 11.73 -67.61 14.28
C ASN A 676 12.33 -67.45 12.89
N ALA A 677 11.50 -67.27 11.86
CA ALA A 677 12.01 -67.00 10.53
C ALA A 677 12.66 -65.63 10.46
N LEU A 678 12.13 -64.65 11.20
CA LEU A 678 12.78 -63.35 11.32
C LEU A 678 14.19 -63.47 11.88
N LEU A 679 14.45 -64.43 12.76
CA LEU A 679 15.78 -64.71 13.26
C LEU A 679 16.53 -65.71 12.40
N GLY A 680 15.93 -66.20 11.31
CA GLY A 680 16.56 -67.17 10.45
C GLY A 680 16.83 -68.51 11.11
N LYS A 681 15.84 -69.02 11.85
CA LYS A 681 15.98 -70.28 12.58
C LYS A 681 14.89 -71.23 12.08
N ASP A 682 14.84 -72.41 12.70
CA ASP A 682 13.90 -73.45 12.31
C ASP A 682 12.49 -73.08 12.77
N MET A 683 11.51 -73.77 12.20
CA MET A 683 10.11 -73.56 12.50
C MET A 683 9.70 -74.39 13.71
N MET A 684 8.72 -73.88 14.46
CA MET A 684 8.25 -74.50 15.70
C MET A 684 6.72 -74.59 15.69
N SER A 685 6.17 -75.07 14.59
CA SER A 685 4.72 -75.13 14.40
C SER A 685 4.28 -76.53 14.01
N ASP A 686 3.19 -76.99 14.63
CA ASP A 686 2.58 -78.24 14.21
C ASP A 686 2.04 -78.12 12.78
N LEU A 687 1.53 -76.94 12.42
CA LEU A 687 1.05 -76.72 11.06
C LEU A 687 2.18 -76.83 10.05
N THR A 688 3.34 -76.26 10.38
CA THR A 688 4.47 -76.30 9.45
C THR A 688 4.98 -77.72 9.24
N ARG A 689 5.14 -78.48 10.32
CA ARG A 689 5.58 -79.86 10.19
C ARG A 689 4.59 -80.66 9.36
N ASN A 690 3.30 -80.40 9.52
CA ASN A 690 2.29 -81.01 8.65
C ASN A 690 2.52 -80.59 7.20
N ASP A 691 2.82 -79.31 6.98
CA ASP A 691 3.12 -78.84 5.63
C ASP A 691 4.51 -79.28 5.19
N LEU A 692 5.43 -79.43 6.15
CA LEU A 692 6.80 -79.81 5.80
C LEU A 692 6.85 -81.20 5.21
N ASP A 693 6.10 -82.15 5.78
CA ASP A 693 6.14 -83.52 5.31
C ASP A 693 5.52 -83.65 3.91
N THR A 694 4.37 -83.00 3.70
CA THR A 694 3.68 -83.17 2.42
C THR A 694 4.43 -82.47 1.29
N LEU A 695 5.10 -81.35 1.59
CA LEU A 695 5.85 -80.64 0.57
C LEU A 695 6.98 -81.51 0.01
N LEU A 696 7.81 -82.06 0.90
CA LEU A 696 8.90 -82.92 0.46
C LEU A 696 8.36 -84.19 -0.19
N SER A 697 7.31 -84.77 0.38
CA SER A 697 6.72 -85.96 -0.20
C SER A 697 6.15 -85.67 -1.58
N MET A 698 5.47 -84.54 -1.74
CA MET A 698 4.92 -84.19 -3.05
C MET A 698 6.02 -83.94 -4.06
N GLU A 699 7.10 -83.27 -3.64
CA GLU A 699 8.20 -83.02 -4.57
C GLU A 699 8.86 -84.32 -5.02
N ILE A 700 9.07 -85.24 -4.09
CA ILE A 700 9.67 -86.53 -4.45
C ILE A 700 8.71 -87.33 -5.32
N LYS A 701 7.42 -87.25 -5.04
CA LYS A 701 6.43 -87.92 -5.87
C LYS A 701 6.45 -87.37 -7.29
N LEU A 702 6.61 -86.06 -7.43
CA LEU A 702 6.78 -85.43 -8.72
C LEU A 702 8.04 -85.88 -9.45
N ARG A 703 9.16 -85.99 -8.72
CA ARG A 703 10.43 -86.31 -9.36
C ARG A 703 10.64 -87.79 -9.62
N LEU A 704 9.87 -88.68 -9.00
CA LEU A 704 10.08 -90.10 -9.21
C LEU A 704 9.49 -90.61 -10.53
N LEU A 705 8.86 -89.74 -11.33
CA LEU A 705 8.24 -90.18 -12.56
C LEU A 705 9.26 -90.71 -13.56
N ASP A 706 10.42 -90.06 -13.64
CA ASP A 706 11.45 -90.46 -14.58
C ASP A 706 11.96 -91.88 -14.33
N LEU A 707 11.95 -92.34 -13.09
CA LEU A 707 12.42 -93.68 -12.76
C LEU A 707 11.29 -94.71 -12.75
N GLU A 708 10.08 -94.33 -13.15
CA GLU A 708 8.97 -95.28 -13.21
C GLU A 708 9.29 -96.42 -14.17
N ASN A 709 8.86 -97.62 -13.79
CA ASN A 709 9.11 -98.88 -14.48
C ASN A 709 10.60 -99.21 -14.54
N ILE A 710 11.43 -98.54 -13.74
CA ILE A 710 12.87 -98.75 -13.72
C ILE A 710 13.31 -98.91 -12.28
N GLN A 711 14.06 -99.98 -11.99
CA GLN A 711 14.61 -100.17 -10.66
C GLN A 711 15.71 -99.15 -10.39
N ILE A 712 15.80 -98.71 -9.14
CA ILE A 712 16.80 -97.74 -8.72
C ILE A 712 17.90 -98.49 -7.98
N PRO A 713 19.10 -98.60 -8.56
CA PRO A 713 20.19 -99.29 -7.85
C PRO A 713 20.58 -98.56 -6.57
N ASP A 714 20.96 -99.33 -5.56
CA ASP A 714 21.32 -98.79 -4.26
C ASP A 714 22.80 -98.43 -4.14
N ALA A 715 23.69 -99.28 -4.63
CA ALA A 715 25.11 -98.98 -4.58
C ALA A 715 25.43 -97.84 -5.54
N PRO A 716 26.41 -97.00 -5.22
CA PRO A 716 26.80 -95.92 -6.14
C PRO A 716 27.37 -96.49 -7.42
N PRO A 717 26.86 -96.03 -8.57
CA PRO A 717 27.40 -96.53 -9.84
C PRO A 717 28.87 -96.16 -9.98
N PRO A 718 29.66 -96.99 -10.64
CA PRO A 718 31.10 -96.71 -10.78
C PRO A 718 31.37 -95.51 -11.66
N ILE A 719 32.64 -95.13 -11.77
CA ILE A 719 33.05 -94.00 -12.59
C ILE A 719 33.91 -94.51 -13.74
N PRO A 720 33.33 -94.77 -14.91
CA PRO A 720 34.15 -95.22 -16.04
C PRO A 720 35.11 -94.13 -16.51
N LYS A 721 36.24 -94.58 -17.05
CA LYS A 721 37.27 -93.65 -17.50
C LYS A 721 36.77 -92.80 -18.67
N GLU A 722 37.30 -91.59 -18.75
CA GLU A 722 36.97 -90.63 -19.79
C GLU A 722 38.24 -90.18 -20.50
N PRO A 723 38.15 -89.83 -21.77
CA PRO A 723 39.30 -89.25 -22.45
C PRO A 723 39.74 -87.95 -21.81
N SER A 724 41.06 -87.73 -21.78
CA SER A 724 41.61 -86.52 -21.19
C SER A 724 41.38 -85.28 -22.04
N ASN A 725 41.37 -85.44 -23.36
CA ASN A 725 41.21 -84.31 -24.27
C ASN A 725 39.75 -83.88 -24.35
N TYR A 726 39.55 -82.59 -24.64
CA TYR A 726 38.22 -82.02 -24.85
C TYR A 726 37.87 -81.89 -26.33
N ASP A 727 38.35 -82.81 -27.17
CA ASP A 727 38.08 -82.76 -28.60
C ASP A 727 36.62 -83.06 -28.87
N PHE A 728 35.90 -82.12 -29.47
CA PHE A 728 34.49 -82.27 -29.77
C PHE A 728 34.34 -82.70 -31.23
N VAL A 729 34.00 -83.98 -31.45
CA VAL A 729 33.64 -84.42 -32.78
C VAL A 729 32.39 -83.70 -33.27
N TYR A 730 31.40 -83.56 -32.39
CA TYR A 730 30.21 -82.77 -32.67
C TYR A 730 30.32 -81.41 -32.00
N ASP A 731 30.03 -80.37 -32.76
CA ASP A 731 30.13 -79.01 -32.25
C ASP A 731 29.13 -78.78 -31.12
N CYS A 732 29.55 -77.97 -30.14
CA CYS A 732 28.69 -77.68 -28.99
C CYS A 732 27.56 -76.73 -29.39
N ASN A 733 26.76 -76.36 -28.40
CA ASN A 733 25.62 -75.46 -28.59
C ASN A 733 24.61 -76.01 -29.60
N MET B 7 36.91 -86.65 -22.31
CA MET B 7 35.63 -86.24 -22.90
C MET B 7 35.77 -86.01 -24.41
N ALA B 8 36.22 -87.04 -25.12
CA ALA B 8 36.33 -87.01 -26.57
C ALA B 8 35.42 -88.08 -27.18
N ARG B 9 35.38 -88.12 -28.51
CA ARG B 9 34.58 -89.08 -29.26
C ARG B 9 33.09 -88.96 -28.88
N TRP B 10 32.54 -87.78 -29.12
CA TRP B 10 31.13 -87.51 -28.87
C TRP B 10 30.40 -87.47 -30.20
N ILE B 11 29.36 -88.30 -30.32
CA ILE B 11 28.65 -88.49 -31.59
C ILE B 11 27.20 -88.05 -31.44
N PRO B 12 26.67 -87.28 -32.38
CA PRO B 12 25.24 -86.93 -32.32
C PRO B 12 24.36 -88.17 -32.39
N THR B 13 23.30 -88.17 -31.57
CA THR B 13 22.36 -89.27 -31.52
C THR B 13 21.01 -88.73 -31.07
N LYS B 14 19.95 -89.43 -31.45
CA LYS B 14 18.60 -89.07 -31.04
C LYS B 14 17.90 -90.20 -30.28
N ARG B 15 18.62 -91.27 -29.94
CA ARG B 15 18.05 -92.39 -29.20
C ARG B 15 18.29 -92.28 -27.70
N GLN B 16 18.43 -91.06 -27.18
CA GLN B 16 18.73 -90.84 -25.77
C GLN B 16 17.93 -89.66 -25.19
N LYS B 17 16.80 -89.31 -25.82
CA LYS B 17 16.02 -88.17 -25.36
C LYS B 17 15.51 -88.37 -23.94
N TYR B 18 15.37 -89.61 -23.49
CA TYR B 18 14.96 -89.95 -22.13
C TYR B 18 16.22 -90.34 -21.36
N GLY B 19 16.90 -89.35 -20.81
CA GLY B 19 18.06 -89.59 -19.97
C GLY B 19 17.68 -89.76 -18.52
N VAL B 20 17.74 -91.00 -18.03
CA VAL B 20 17.24 -91.36 -16.71
C VAL B 20 18.38 -91.32 -15.71
N ALA B 21 18.19 -90.57 -14.63
CA ALA B 21 19.16 -90.50 -13.55
C ALA B 21 18.90 -91.63 -12.55
N ILE B 22 19.64 -91.65 -11.45
CA ILE B 22 19.45 -92.67 -10.42
C ILE B 22 19.20 -92.00 -9.08
N TYR B 23 20.16 -91.21 -8.61
CA TYR B 23 20.06 -90.51 -7.34
C TYR B 23 20.87 -89.23 -7.45
N ASN B 24 21.16 -88.60 -6.32
CA ASN B 24 21.99 -87.40 -6.33
C ASN B 24 23.40 -87.73 -6.81
N TYR B 25 23.72 -87.31 -8.02
CA TYR B 25 25.02 -87.61 -8.61
C TYR B 25 26.13 -86.91 -7.85
N ASN B 26 27.31 -87.53 -7.86
CA ASN B 26 28.48 -87.03 -7.15
C ASN B 26 28.91 -85.69 -7.73
N ALA B 27 29.53 -84.88 -6.87
CA ALA B 27 29.97 -83.53 -7.23
C ALA B 27 31.39 -83.54 -7.79
N SER B 28 31.80 -84.67 -8.37
CA SER B 28 33.14 -84.74 -8.97
C SER B 28 33.28 -83.79 -10.13
N GLN B 29 32.18 -83.52 -10.84
CA GLN B 29 32.17 -82.57 -11.94
C GLN B 29 31.50 -81.28 -11.51
N ASP B 30 32.10 -80.15 -11.91
CA ASP B 30 31.61 -78.84 -11.49
C ASP B 30 30.21 -78.57 -12.03
N VAL B 31 29.95 -78.90 -13.30
CA VAL B 31 28.63 -78.67 -13.87
C VAL B 31 27.60 -79.60 -13.23
N GLU B 32 28.05 -80.73 -12.70
CA GLU B 32 27.15 -81.69 -12.08
C GLU B 32 26.93 -81.37 -10.60
N LEU B 33 25.66 -81.49 -10.19
CA LEU B 33 25.29 -81.28 -8.79
C LEU B 33 24.56 -82.52 -8.28
N SER B 34 23.87 -82.37 -7.15
CA SER B 34 23.07 -83.46 -6.61
C SER B 34 21.79 -83.61 -7.45
N LEU B 35 21.89 -84.38 -8.53
CA LEU B 35 20.78 -84.46 -9.49
C LEU B 35 19.56 -85.08 -8.85
N GLN B 36 18.39 -84.57 -9.23
CA GLN B 36 17.12 -85.07 -8.72
C GLN B 36 16.75 -86.36 -9.44
N ILE B 37 15.66 -86.98 -8.98
CA ILE B 37 15.21 -88.24 -9.55
C ILE B 37 14.71 -88.03 -10.98
N GLY B 38 13.91 -86.98 -11.18
CA GLY B 38 13.38 -86.68 -12.49
C GLY B 38 14.19 -85.69 -13.29
N ASP B 39 15.49 -85.97 -13.46
CA ASP B 39 16.38 -85.10 -14.21
C ASP B 39 16.61 -85.72 -15.59
N THR B 40 15.68 -85.45 -16.51
CA THR B 40 15.86 -85.90 -17.89
C THR B 40 16.87 -85.02 -18.61
N VAL B 41 17.88 -85.67 -19.18
CA VAL B 41 18.94 -84.97 -19.90
C VAL B 41 18.72 -85.17 -21.39
N HIS B 42 18.51 -84.07 -22.12
CA HIS B 42 18.36 -84.11 -23.57
C HIS B 42 19.75 -84.13 -24.18
N ILE B 43 20.33 -85.34 -24.22
CA ILE B 43 21.70 -85.50 -24.65
C ILE B 43 21.79 -85.47 -26.16
N LEU B 44 22.79 -84.75 -26.68
CA LEU B 44 23.07 -84.69 -28.11
C LEU B 44 24.42 -85.27 -28.49
N GLU B 45 25.14 -85.90 -27.55
CA GLU B 45 26.45 -86.47 -27.82
C GLU B 45 26.51 -87.88 -27.25
N MET B 46 27.24 -88.75 -27.94
CA MET B 46 27.29 -90.16 -27.60
C MET B 46 28.72 -90.59 -27.27
N TYR B 47 28.86 -91.35 -26.19
CA TYR B 47 30.14 -91.94 -25.80
C TYR B 47 29.86 -93.29 -25.17
N GLU B 48 30.92 -94.12 -25.12
CA GLU B 48 30.77 -95.50 -24.67
C GLU B 48 30.28 -95.57 -23.23
N GLY B 49 30.84 -94.74 -22.35
CA GLY B 49 30.52 -94.85 -20.94
C GLY B 49 30.12 -93.56 -20.27
N TRP B 50 29.98 -92.48 -21.03
CA TRP B 50 29.59 -91.19 -20.47
C TRP B 50 28.65 -90.49 -21.44
N TYR B 51 27.75 -89.67 -20.90
CA TYR B 51 26.79 -88.91 -21.70
C TYR B 51 26.72 -87.49 -21.15
N ARG B 52 27.01 -86.51 -21.99
CA ARG B 52 26.90 -85.10 -21.61
C ARG B 52 25.78 -84.45 -22.42
N GLY B 53 24.81 -83.85 -21.72
CA GLY B 53 23.67 -83.25 -22.38
C GLY B 53 23.04 -82.20 -21.49
N TYR B 54 21.94 -81.63 -21.99
CA TYR B 54 21.23 -80.57 -21.29
C TYR B 54 20.26 -81.14 -20.26
N THR B 55 20.52 -80.85 -18.99
CA THR B 55 19.60 -81.25 -17.93
C THR B 55 18.29 -80.50 -18.06
N LEU B 56 17.20 -81.14 -17.64
CA LEU B 56 15.88 -80.52 -17.71
C LEU B 56 15.79 -79.30 -16.81
N GLN B 57 16.46 -79.32 -15.67
CA GLN B 57 16.47 -78.15 -14.78
C GLN B 57 17.14 -76.96 -15.44
N ASN B 58 18.25 -77.19 -16.14
CA ASN B 58 18.99 -76.11 -16.81
C ASN B 58 19.32 -76.60 -18.23
N LYS B 59 18.46 -76.25 -19.18
CA LYS B 59 18.63 -76.67 -20.57
C LYS B 59 19.75 -75.93 -21.27
N SER B 60 20.31 -74.87 -20.67
CA SER B 60 21.44 -74.15 -21.24
C SER B 60 22.76 -74.55 -20.61
N LYS B 61 22.75 -75.54 -19.71
CA LYS B 61 23.94 -76.01 -19.02
C LYS B 61 24.14 -77.48 -19.33
N LYS B 62 25.33 -77.83 -19.80
CA LYS B 62 25.65 -79.22 -20.06
C LYS B 62 25.92 -79.96 -18.76
N GLY B 63 25.68 -81.27 -18.79
CA GLY B 63 26.03 -82.13 -17.68
C GLY B 63 26.45 -83.50 -18.13
N ILE B 64 27.66 -83.93 -17.75
CA ILE B 64 28.20 -85.20 -18.16
C ILE B 64 27.75 -86.27 -17.19
N PHE B 65 27.09 -87.31 -17.71
CA PHE B 65 26.50 -88.35 -16.87
C PHE B 65 27.05 -89.69 -17.34
N PRO B 66 27.53 -90.54 -16.43
CA PRO B 66 28.05 -91.84 -16.83
C PRO B 66 26.97 -92.74 -17.41
N GLU B 67 27.39 -93.66 -18.27
CA GLU B 67 26.45 -94.63 -18.82
C GLU B 67 25.82 -95.48 -17.73
N THR B 68 26.60 -95.86 -16.71
CA THR B 68 26.04 -96.58 -15.57
C THR B 68 25.03 -95.77 -14.80
N TYR B 69 25.13 -94.44 -14.83
CA TYR B 69 24.11 -93.58 -14.22
C TYR B 69 22.91 -93.35 -15.12
N ILE B 70 23.04 -93.67 -16.42
CA ILE B 70 21.95 -93.47 -17.36
C ILE B 70 21.29 -94.79 -17.70
N HIS B 71 19.98 -94.86 -17.52
CA HIS B 71 19.21 -96.02 -17.96
C HIS B 71 18.98 -95.90 -19.46
N LEU B 72 19.40 -96.92 -20.21
CA LEU B 72 19.33 -96.89 -21.65
C LEU B 72 17.88 -96.78 -22.12
N LYS B 73 17.51 -95.65 -22.70
CA LYS B 73 16.16 -95.40 -23.19
C LYS B 73 16.25 -94.94 -24.64
N GLU B 74 16.11 -95.88 -25.57
CA GLU B 74 16.06 -95.55 -26.99
C GLU B 74 14.80 -94.77 -27.36
N ALA B 75 13.81 -94.72 -26.47
CA ALA B 75 12.56 -94.03 -26.74
C ALA B 75 12.80 -92.55 -27.00
N THR B 76 12.12 -92.03 -28.02
CA THR B 76 12.10 -90.62 -28.36
C THR B 76 10.80 -90.01 -27.86
N VAL B 77 10.56 -88.75 -28.22
CA VAL B 77 9.28 -88.12 -27.90
C VAL B 77 8.13 -88.87 -28.58
N GLU B 78 8.33 -89.24 -29.84
CA GLU B 78 7.38 -90.11 -30.52
C GLU B 78 7.69 -91.56 -30.20
N ASP B 79 6.77 -92.23 -29.51
CA ASP B 79 6.97 -93.60 -29.06
C ASP B 79 6.37 -94.64 -30.00
N LEU B 80 5.86 -94.23 -31.16
CA LEU B 80 5.29 -95.16 -32.12
C LEU B 80 6.24 -95.52 -33.25
N GLY B 81 7.19 -94.64 -33.57
CA GLY B 81 8.14 -94.95 -34.63
C GLY B 81 9.04 -96.12 -34.30
N GLN B 82 9.45 -96.23 -33.03
CA GLN B 82 10.32 -97.30 -32.57
C GLN B 82 9.56 -98.42 -31.87
N HIS B 83 8.23 -98.42 -31.96
CA HIS B 83 7.37 -99.42 -31.31
C HIS B 83 7.55 -99.46 -29.80
N GLU B 84 7.87 -98.31 -29.19
CA GLU B 84 8.08 -98.25 -27.76
C GLU B 84 6.78 -98.39 -26.97
N THR B 85 5.65 -98.00 -27.55
CA THR B 85 4.37 -98.06 -26.85
C THR B 85 4.02 -99.50 -26.53
N VAL B 86 3.59 -99.75 -25.28
CA VAL B 86 3.02 -101.03 -24.93
C VAL B 86 1.72 -101.26 -25.67
N ILE B 87 0.95 -100.20 -25.89
CA ILE B 87 -0.24 -100.24 -26.74
C ILE B 87 -0.25 -98.93 -27.53
N PRO B 88 -0.47 -98.97 -28.84
CA PRO B 88 -0.37 -97.74 -29.64
C PRO B 88 -1.37 -96.68 -29.19
N GLY B 89 -0.93 -95.42 -29.26
CA GLY B 89 -1.79 -94.30 -28.92
C GLY B 89 -2.02 -94.07 -27.44
N GLU B 90 -1.11 -94.53 -26.57
CA GLU B 90 -1.26 -94.35 -25.14
C GLU B 90 -0.11 -93.57 -24.52
N LEU B 91 1.11 -93.78 -25.00
CA LEU B 91 2.27 -93.08 -24.44
C LEU B 91 2.25 -91.58 -24.72
N PRO B 92 1.64 -91.10 -25.81
CA PRO B 92 1.36 -89.65 -25.88
C PRO B 92 0.56 -89.15 -24.69
N LEU B 93 -0.38 -89.94 -24.19
CA LEU B 93 -1.11 -89.56 -22.98
C LEU B 93 -0.17 -89.46 -21.78
N VAL B 94 0.76 -90.42 -21.65
CA VAL B 94 1.66 -90.39 -20.51
C VAL B 94 2.61 -89.20 -20.61
N GLN B 95 3.03 -88.82 -21.83
CA GLN B 95 3.95 -87.69 -21.94
C GLN B 95 3.23 -86.36 -21.72
N GLU B 96 1.98 -86.24 -22.20
CA GLU B 96 1.23 -85.04 -21.86
C GLU B 96 0.91 -84.99 -20.38
N LEU B 97 0.77 -86.16 -19.73
CA LEU B 97 0.60 -86.17 -18.28
C LEU B 97 1.88 -85.74 -17.56
N THR B 98 3.04 -86.11 -18.10
CA THR B 98 4.29 -85.62 -17.55
C THR B 98 4.38 -84.10 -17.67
N SER B 99 3.96 -83.56 -18.82
CA SER B 99 3.91 -82.10 -18.95
C SER B 99 2.93 -81.50 -17.95
N THR B 100 1.78 -82.15 -17.75
CA THR B 100 0.80 -81.67 -16.78
C THR B 100 1.38 -81.65 -15.37
N LEU B 101 2.17 -82.66 -15.02
CA LEU B 101 2.79 -82.69 -13.70
C LEU B 101 3.90 -81.65 -13.57
N ARG B 102 4.67 -81.42 -14.65
CA ARG B 102 5.64 -80.34 -14.62
C ARG B 102 4.97 -78.99 -14.45
N GLU B 103 3.72 -78.86 -14.92
CA GLU B 103 2.93 -77.68 -14.61
C GLU B 103 2.38 -77.70 -13.19
N TRP B 104 1.99 -78.87 -12.68
CA TRP B 104 1.61 -78.99 -11.27
C TRP B 104 2.72 -78.50 -10.36
N ALA B 105 3.96 -78.65 -10.80
CA ALA B 105 5.10 -78.12 -10.05
C ALA B 105 4.92 -76.64 -9.76
N VAL B 106 4.81 -75.82 -10.81
CA VAL B 106 4.61 -74.39 -10.60
C VAL B 106 3.25 -74.11 -9.98
N ILE B 107 2.28 -75.00 -10.14
CA ILE B 107 0.98 -74.82 -9.52
C ILE B 107 1.11 -74.82 -8.00
N TRP B 108 1.78 -75.84 -7.45
CA TRP B 108 1.97 -75.87 -6.01
C TRP B 108 2.99 -74.85 -5.56
N ARG B 109 3.93 -74.49 -6.44
CA ARG B 109 4.88 -73.44 -6.12
C ARG B 109 4.18 -72.09 -5.95
N LYS B 110 3.10 -71.87 -6.69
CA LYS B 110 2.34 -70.64 -6.61
C LYS B 110 1.16 -70.72 -5.64
N LEU B 111 0.66 -71.93 -5.38
CA LEU B 111 -0.52 -72.08 -4.51
C LEU B 111 -0.25 -71.75 -3.06
N TYR B 112 1.00 -71.62 -2.65
CA TYR B 112 1.32 -71.28 -1.27
C TYR B 112 1.45 -69.78 -1.03
N VAL B 113 1.70 -69.00 -2.08
CA VAL B 113 1.74 -67.55 -1.94
C VAL B 113 0.38 -67.03 -1.48
N ASN B 114 -0.70 -67.59 -2.02
CA ASN B 114 -2.05 -67.23 -1.63
C ASN B 114 -2.75 -68.46 -1.08
N ASN B 115 -3.30 -68.32 0.13
CA ASN B 115 -3.93 -69.43 0.84
C ASN B 115 -5.23 -69.80 0.11
N LYS B 116 -5.24 -70.98 -0.50
CA LYS B 116 -6.41 -71.51 -1.19
C LYS B 116 -6.80 -72.83 -0.56
N LEU B 117 -6.92 -72.86 0.77
CA LEU B 117 -6.91 -74.09 1.54
C LEU B 117 -7.94 -75.11 1.06
N THR B 118 -9.19 -74.71 0.82
CA THR B 118 -10.19 -75.66 0.32
C THR B 118 -9.84 -76.15 -1.08
N LEU B 119 -9.58 -75.19 -1.98
CA LEU B 119 -9.16 -75.55 -3.33
C LEU B 119 -7.84 -76.29 -3.32
N PHE B 120 -6.93 -75.92 -2.42
CA PHE B 120 -5.65 -76.62 -2.33
C PHE B 120 -5.86 -78.07 -1.90
N ARG B 121 -6.73 -78.32 -0.92
CA ARG B 121 -6.97 -79.68 -0.45
C ARG B 121 -7.63 -80.52 -1.53
N GLN B 122 -8.63 -79.96 -2.21
CA GLN B 122 -9.26 -80.71 -3.29
C GLN B 122 -8.28 -80.95 -4.45
N LEU B 123 -7.39 -80.00 -4.71
CA LEU B 123 -6.34 -80.20 -5.71
C LEU B 123 -5.39 -81.31 -5.28
N GLN B 124 -5.06 -81.38 -3.99
CA GLN B 124 -4.23 -82.47 -3.49
C GLN B 124 -4.90 -83.81 -3.71
N GLN B 125 -6.19 -83.89 -3.40
CA GLN B 125 -6.92 -85.15 -3.60
C GLN B 125 -6.95 -85.53 -5.08
N MET B 126 -7.21 -84.55 -5.96
CA MET B 126 -7.23 -84.82 -7.39
C MET B 126 -5.87 -85.28 -7.89
N THR B 127 -4.78 -84.66 -7.43
CA THR B 127 -3.46 -85.05 -7.89
C THR B 127 -3.07 -86.41 -7.31
N TYR B 128 -3.54 -86.73 -6.11
CA TYR B 128 -3.31 -88.06 -5.55
C TYR B 128 -3.99 -89.12 -6.40
N SER B 129 -5.26 -88.89 -6.77
CA SER B 129 -5.93 -89.82 -7.66
C SER B 129 -5.23 -89.88 -9.01
N LEU B 130 -4.72 -88.74 -9.48
CA LEU B 130 -4.02 -88.70 -10.75
C LEU B 130 -2.77 -89.57 -10.74
N ILE B 131 -1.96 -89.44 -9.70
CA ILE B 131 -0.73 -90.24 -9.62
C ILE B 131 -1.07 -91.71 -9.39
N GLU B 132 -2.13 -92.00 -8.64
CA GLU B 132 -2.55 -93.39 -8.49
C GLU B 132 -2.90 -94.00 -9.84
N TRP B 133 -3.67 -93.27 -10.66
CA TRP B 133 -4.07 -93.77 -11.96
C TRP B 133 -2.88 -93.87 -12.90
N ARG B 134 -1.94 -92.92 -12.81
CA ARG B 134 -0.74 -92.97 -13.64
C ARG B 134 0.08 -94.21 -13.30
N SER B 135 0.26 -94.51 -12.02
CA SER B 135 0.95 -95.73 -11.61
C SER B 135 0.21 -96.97 -12.07
N GLN B 136 -1.12 -96.94 -12.00
CA GLN B 136 -1.91 -98.09 -12.43
C GLN B 136 -1.73 -98.35 -13.93
N ILE B 137 -1.72 -97.29 -14.73
CA ILE B 137 -1.63 -97.42 -16.18
C ILE B 137 -0.20 -97.18 -16.68
N LEU B 138 0.80 -97.34 -15.80
CA LEU B 138 2.18 -97.32 -16.25
C LEU B 138 2.46 -98.38 -17.31
N SER B 139 1.79 -99.53 -17.23
CA SER B 139 1.90 -100.58 -18.23
C SER B 139 0.51 -100.94 -18.69
N GLY B 140 0.28 -100.86 -20.00
CA GLY B 140 -1.05 -101.13 -20.56
C GLY B 140 -1.33 -102.60 -20.73
N THR B 141 -2.25 -103.13 -19.92
CA THR B 141 -2.61 -104.54 -19.96
C THR B 141 -4.11 -104.77 -19.79
N LEU B 142 -4.94 -103.84 -20.24
CA LEU B 142 -6.38 -103.92 -20.08
C LEU B 142 -7.09 -103.74 -21.42
N PRO B 143 -8.33 -104.23 -21.53
CA PRO B 143 -9.07 -104.06 -22.79
C PRO B 143 -9.35 -102.59 -23.09
N LYS B 144 -9.65 -102.33 -24.36
CA LYS B 144 -9.76 -100.98 -24.88
C LYS B 144 -10.87 -100.16 -24.22
N ASP B 145 -11.94 -100.80 -23.74
CA ASP B 145 -13.02 -100.06 -23.10
C ASP B 145 -12.54 -99.37 -21.83
N GLU B 146 -11.81 -100.09 -20.99
CA GLU B 146 -11.28 -99.50 -19.76
C GLU B 146 -10.31 -98.38 -20.08
N LEU B 147 -9.45 -98.57 -21.08
CA LEU B 147 -8.51 -97.52 -21.46
C LEU B 147 -9.25 -96.28 -21.94
N ALA B 148 -10.28 -96.47 -22.76
CA ALA B 148 -11.04 -95.32 -23.26
C ALA B 148 -11.72 -94.57 -22.13
N GLU B 149 -12.37 -95.31 -21.21
CA GLU B 149 -13.08 -94.62 -20.14
C GLU B 149 -12.11 -93.92 -19.19
N LEU B 150 -10.96 -94.53 -18.91
CA LEU B 150 -9.99 -93.88 -18.03
C LEU B 150 -9.40 -92.64 -18.72
N LYS B 151 -9.13 -92.72 -20.03
CA LYS B 151 -8.64 -91.54 -20.73
C LYS B 151 -9.67 -90.42 -20.71
N LYS B 152 -10.95 -90.77 -20.92
CA LYS B 152 -12.00 -89.75 -20.90
C LYS B 152 -12.10 -89.09 -19.53
N LYS B 153 -12.13 -89.88 -18.46
CA LYS B 153 -12.27 -89.27 -17.14
C LYS B 153 -11.03 -88.49 -16.75
N VAL B 154 -9.85 -88.96 -17.14
CA VAL B 154 -8.61 -88.22 -16.85
C VAL B 154 -8.61 -86.89 -17.58
N THR B 155 -9.00 -86.88 -18.86
CA THR B 155 -9.07 -85.62 -19.61
C THR B 155 -10.11 -84.68 -18.99
N ALA B 156 -11.25 -85.23 -18.58
CA ALA B 156 -12.28 -84.40 -17.95
C ALA B 156 -11.77 -83.77 -16.66
N LYS B 157 -11.09 -84.55 -15.82
CA LYS B 157 -10.57 -83.99 -14.58
C LYS B 157 -9.44 -82.99 -14.83
N ILE B 158 -8.63 -83.24 -15.86
CA ILE B 158 -7.58 -82.28 -16.22
C ILE B 158 -8.19 -80.96 -16.63
N ASP B 159 -9.21 -81.00 -17.48
CA ASP B 159 -9.87 -79.77 -17.90
C ASP B 159 -10.57 -79.09 -16.73
N HIS B 160 -11.13 -79.88 -15.81
CA HIS B 160 -11.73 -79.31 -14.61
C HIS B 160 -10.70 -78.57 -13.78
N GLY B 161 -9.52 -79.16 -13.61
CA GLY B 161 -8.45 -78.48 -12.88
C GLY B 161 -7.98 -77.23 -13.59
N ASN B 162 -7.89 -77.27 -14.92
CA ASN B 162 -7.52 -76.08 -15.67
C ASN B 162 -8.55 -74.98 -15.48
N ARG B 163 -9.83 -75.33 -15.50
CA ARG B 163 -10.89 -74.33 -15.39
C ARG B 163 -10.93 -73.73 -13.98
N MET B 164 -10.84 -74.57 -12.95
CA MET B 164 -10.90 -74.06 -11.59
C MET B 164 -9.72 -73.17 -11.24
N LEU B 165 -8.53 -73.46 -11.78
CA LEU B 165 -7.40 -72.56 -11.59
C LEU B 165 -7.30 -71.51 -12.68
N GLY B 166 -8.23 -71.52 -13.63
CA GLY B 166 -8.22 -70.55 -14.72
C GLY B 166 -7.00 -70.66 -15.62
N LEU B 167 -6.62 -71.88 -15.98
CA LEU B 167 -5.46 -72.11 -16.83
C LEU B 167 -5.89 -72.80 -18.12
N ASP B 168 -4.89 -73.14 -18.93
CA ASP B 168 -5.14 -73.65 -20.28
C ASP B 168 -5.66 -75.09 -20.22
N LEU B 169 -6.74 -75.35 -20.93
CA LEU B 169 -7.35 -76.67 -20.97
C LEU B 169 -6.76 -77.46 -22.14
N VAL B 170 -7.35 -78.63 -22.42
CA VAL B 170 -6.85 -79.51 -23.47
C VAL B 170 -7.80 -79.50 -24.65
N VAL B 171 -7.36 -80.08 -25.76
CA VAL B 171 -8.18 -80.18 -26.97
C VAL B 171 -8.27 -81.65 -27.37
N ARG B 172 -9.02 -81.93 -28.44
CA ARG B 172 -9.07 -83.26 -29.06
C ARG B 172 -9.34 -84.35 -28.01
N ASP B 173 -10.53 -84.27 -27.43
CA ASP B 173 -10.91 -85.05 -26.25
C ASP B 173 -10.46 -86.52 -26.29
N ASP B 174 -10.43 -87.12 -27.48
CA ASP B 174 -10.10 -88.53 -27.62
C ASP B 174 -8.86 -88.71 -28.49
N ASN B 175 -8.23 -89.87 -28.32
CA ASN B 175 -7.10 -90.37 -29.13
C ASN B 175 -6.02 -89.30 -29.35
N GLY B 176 -5.42 -88.88 -28.24
CA GLY B 176 -4.20 -88.08 -28.31
C GLY B 176 -4.26 -86.73 -27.63
N ASN B 177 -5.39 -86.04 -27.76
CA ASN B 177 -5.62 -84.74 -27.14
C ASN B 177 -4.66 -83.65 -27.63
N ILE B 178 -3.84 -83.95 -28.62
CA ILE B 178 -2.91 -82.97 -29.18
C ILE B 178 -3.10 -82.96 -30.70
N LEU B 179 -4.09 -83.70 -31.20
CA LEU B 179 -4.30 -83.86 -32.63
C LEU B 179 -5.14 -82.74 -33.25
N ASP B 180 -5.60 -81.78 -32.44
CA ASP B 180 -6.41 -80.67 -32.94
C ASP B 180 -5.60 -79.58 -33.63
N PRO B 181 -4.47 -79.10 -33.07
CA PRO B 181 -3.78 -77.96 -33.68
C PRO B 181 -2.96 -78.33 -34.92
N ASP B 182 -3.26 -79.48 -35.54
CA ASP B 182 -2.54 -79.95 -36.71
C ASP B 182 -3.21 -79.53 -38.02
N GLU B 183 -3.82 -78.34 -38.04
CA GLU B 183 -4.56 -77.79 -39.19
C GLU B 183 -5.55 -78.81 -39.74
N THR B 184 -6.07 -79.65 -38.84
CA THR B 184 -7.05 -80.66 -39.23
C THR B 184 -8.34 -80.01 -39.71
N SER B 185 -9.00 -79.25 -38.84
CA SER B 185 -10.23 -78.55 -39.21
C SER B 185 -10.50 -77.46 -38.19
N THR B 186 -10.48 -76.20 -38.64
CA THR B 186 -10.83 -75.09 -37.75
C THR B 186 -12.28 -75.19 -37.30
N ILE B 187 -13.17 -75.67 -38.17
CA ILE B 187 -14.56 -75.87 -37.78
C ILE B 187 -14.65 -76.93 -36.70
N ALA B 188 -13.96 -78.07 -36.89
CA ALA B 188 -13.95 -79.10 -35.86
C ALA B 188 -13.29 -78.61 -34.59
N LEU B 189 -12.29 -77.74 -34.73
CA LEU B 189 -11.67 -77.13 -33.56
C LEU B 189 -12.69 -76.29 -32.79
N PHE B 190 -13.48 -75.49 -33.51
CA PHE B 190 -14.50 -74.68 -32.85
C PHE B 190 -15.57 -75.54 -32.21
N LYS B 191 -15.97 -76.63 -32.88
CA LYS B 191 -16.94 -77.53 -32.31
C LYS B 191 -16.40 -78.18 -31.04
N ALA B 192 -15.12 -78.56 -31.05
CA ALA B 192 -14.49 -79.06 -29.84
C ALA B 192 -14.50 -78.01 -28.75
N HIS B 193 -14.22 -76.74 -29.11
CA HIS B 193 -14.27 -75.66 -28.13
C HIS B 193 -15.64 -75.58 -27.47
N GLU B 194 -16.70 -75.57 -28.27
CA GLU B 194 -18.03 -75.38 -27.70
C GLU B 194 -18.50 -76.60 -26.92
N VAL B 195 -18.17 -77.81 -27.38
CA VAL B 195 -18.55 -78.98 -26.62
C VAL B 195 -17.78 -79.04 -25.31
N ALA B 196 -16.51 -78.64 -25.33
CA ALA B 196 -15.74 -78.56 -24.09
C ALA B 196 -16.35 -77.54 -23.14
N SER B 197 -16.77 -76.40 -23.67
CA SER B 197 -17.37 -75.37 -22.82
C SER B 197 -18.66 -75.86 -22.18
N LYS B 198 -19.52 -76.49 -22.98
CA LYS B 198 -20.79 -76.97 -22.42
C LYS B 198 -20.55 -78.10 -21.43
N ARG B 199 -19.55 -78.95 -21.68
CA ARG B 199 -19.19 -79.97 -20.70
C ARG B 199 -18.68 -79.33 -19.42
N ILE B 200 -17.92 -78.24 -19.54
CA ILE B 200 -17.44 -77.54 -18.36
C ILE B 200 -18.62 -77.04 -17.54
N GLU B 201 -19.59 -76.41 -18.21
CA GLU B 201 -20.77 -75.93 -17.51
C GLU B 201 -21.55 -77.07 -16.86
N GLU B 202 -21.72 -78.18 -17.57
CA GLU B 202 -22.44 -79.31 -17.02
C GLU B 202 -21.74 -79.89 -15.81
N LYS B 203 -20.41 -80.04 -15.88
CA LYS B 203 -19.69 -80.62 -14.76
C LYS B 203 -19.66 -79.67 -13.57
N ILE B 204 -19.55 -78.37 -13.81
CA ILE B 204 -19.52 -77.44 -12.69
C ILE B 204 -20.89 -77.36 -12.02
N GLN B 205 -21.97 -77.40 -12.81
CA GLN B 205 -23.29 -77.40 -12.20
C GLN B 205 -23.56 -78.72 -11.47
N GLU B 206 -23.04 -79.82 -12.00
CA GLU B 206 -23.16 -81.10 -11.28
C GLU B 206 -22.40 -81.05 -9.97
N GLU B 207 -21.21 -80.46 -9.96
CA GLU B 207 -20.45 -80.32 -8.73
C GLU B 207 -21.18 -79.43 -7.73
N LYS B 208 -21.77 -78.33 -8.21
CA LYS B 208 -22.54 -77.45 -7.32
C LYS B 208 -23.74 -78.18 -6.73
N SER B 209 -24.43 -78.98 -7.55
CA SER B 209 -25.56 -79.75 -7.04
C SER B 209 -25.14 -80.79 -6.03
N ILE B 210 -24.03 -81.50 -6.30
CA ILE B 210 -23.60 -82.59 -5.44
C ILE B 210 -22.92 -82.09 -4.17
N LEU B 211 -22.48 -80.83 -4.14
CA LEU B 211 -21.88 -80.29 -2.93
C LEU B 211 -22.86 -80.22 -1.78
N GLN B 212 -24.16 -80.16 -2.06
CA GLN B 212 -25.20 -80.12 -1.03
C GLN B 212 -26.03 -81.38 -0.95
N ASN B 213 -26.61 -81.82 -2.06
CA ASN B 213 -27.47 -83.00 -2.10
C ASN B 213 -27.01 -83.95 -3.19
N LEU B 214 -27.23 -85.25 -2.96
CA LEU B 214 -26.84 -86.29 -3.91
C LEU B 214 -28.08 -87.03 -4.43
N ASP B 215 -29.13 -86.28 -4.72
CA ASP B 215 -30.38 -86.86 -5.21
C ASP B 215 -30.47 -86.91 -6.72
N LEU B 216 -29.91 -85.92 -7.42
CA LEU B 216 -29.98 -85.92 -8.88
C LEU B 216 -29.15 -87.02 -9.50
N ARG B 217 -28.02 -87.37 -8.89
CA ARG B 217 -27.13 -88.37 -9.49
C ARG B 217 -27.80 -89.74 -9.57
N GLY B 218 -28.52 -90.15 -8.52
CA GLY B 218 -29.18 -91.44 -8.55
C GLY B 218 -30.29 -91.51 -9.58
N GLN B 219 -31.10 -90.44 -9.66
CA GLN B 219 -32.16 -90.40 -10.67
C GLN B 219 -31.58 -90.43 -12.07
N SER B 220 -30.49 -89.69 -12.30
CA SER B 220 -29.85 -89.72 -13.62
C SER B 220 -29.31 -91.10 -13.95
N ILE B 221 -28.67 -91.75 -12.97
CA ILE B 221 -28.12 -93.09 -13.21
C ILE B 221 -29.23 -94.07 -13.54
N PHE B 222 -30.33 -94.02 -12.80
CA PHE B 222 -31.44 -94.92 -13.07
C PHE B 222 -32.19 -94.56 -14.35
N SER B 223 -32.10 -93.32 -14.81
CA SER B 223 -32.70 -92.93 -16.08
C SER B 223 -31.78 -93.18 -17.27
N THR B 224 -30.51 -93.50 -17.04
CA THR B 224 -29.61 -93.81 -18.16
C THR B 224 -30.10 -95.02 -18.94
N ILE B 225 -30.51 -96.07 -18.23
CA ILE B 225 -31.00 -97.30 -18.85
C ILE B 225 -32.33 -97.68 -18.20
N HIS B 226 -32.98 -98.67 -18.79
CA HIS B 226 -34.30 -99.12 -18.35
C HIS B 226 -34.28 -100.62 -18.06
N THR B 227 -33.22 -101.07 -17.37
CA THR B 227 -33.08 -102.47 -16.98
C THR B 227 -32.49 -102.49 -15.57
N TYR B 228 -33.32 -102.83 -14.59
CA TYR B 228 -32.92 -102.80 -13.19
C TYR B 228 -32.93 -104.21 -12.61
N GLY B 229 -32.54 -104.31 -11.35
CA GLY B 229 -32.58 -105.57 -10.64
C GLY B 229 -32.80 -105.33 -9.15
N LEU B 230 -33.56 -106.23 -8.55
CA LEU B 230 -33.86 -106.17 -7.12
C LEU B 230 -33.02 -107.20 -6.38
N TYR B 231 -32.23 -106.75 -5.41
CA TYR B 231 -31.37 -107.62 -4.63
C TYR B 231 -31.89 -107.67 -3.19
N VAL B 232 -32.12 -108.88 -2.70
CA VAL B 232 -32.69 -109.10 -1.37
C VAL B 232 -31.60 -109.67 -0.47
N ASN B 233 -31.32 -109.00 0.64
CA ASN B 233 -30.36 -109.47 1.62
C ASN B 233 -31.10 -110.16 2.77
N PHE B 234 -31.59 -111.36 2.46
CA PHE B 234 -32.30 -112.17 3.46
C PHE B 234 -31.27 -112.71 4.45
N LYS B 235 -31.16 -112.05 5.60
CA LYS B 235 -30.23 -112.47 6.64
C LYS B 235 -30.82 -113.60 7.49
N ASN B 236 -31.95 -113.34 8.14
CA ASN B 236 -32.59 -114.35 8.98
C ASN B 236 -34.08 -114.05 9.07
N PHE B 237 -34.84 -115.05 9.50
CA PHE B 237 -36.28 -114.95 9.68
C PHE B 237 -36.59 -115.31 11.13
N VAL B 238 -36.62 -114.29 11.99
CA VAL B 238 -36.82 -114.49 13.43
C VAL B 238 -38.28 -114.85 13.66
N CYS B 239 -38.54 -116.11 13.93
CA CYS B 239 -39.89 -116.61 14.18
C CYS B 239 -39.79 -118.05 14.67
N ASN B 240 -40.94 -118.59 15.08
CA ASN B 240 -40.99 -119.99 15.52
C ASN B 240 -42.44 -120.44 15.38
N ILE B 241 -42.68 -121.39 14.47
CA ILE B 241 -44.01 -121.87 14.15
C ILE B 241 -44.14 -123.37 14.37
N GLY B 242 -43.21 -124.16 13.83
CA GLY B 242 -43.25 -125.60 13.99
C GLY B 242 -43.50 -126.38 12.71
N GLU B 243 -43.54 -125.72 11.55
CA GLU B 243 -43.73 -126.40 10.28
C GLU B 243 -42.81 -125.79 9.23
N ASP B 244 -42.62 -126.52 8.13
CA ASP B 244 -41.77 -126.04 7.05
C ASP B 244 -42.32 -124.73 6.49
N ALA B 245 -41.41 -123.80 6.23
CA ALA B 245 -41.77 -122.46 5.80
C ALA B 245 -41.31 -122.22 4.37
N GLU B 246 -42.14 -121.53 3.59
CA GLU B 246 -41.86 -121.19 2.21
C GLU B 246 -42.07 -119.70 2.01
N LEU B 247 -41.19 -119.08 1.24
CA LEU B 247 -41.25 -117.64 0.97
C LEU B 247 -41.85 -117.40 -0.40
N PHE B 248 -42.65 -116.33 -0.52
CA PHE B 248 -43.24 -115.92 -1.79
C PHE B 248 -43.33 -114.39 -1.80
N MET B 249 -42.42 -113.76 -2.53
CA MET B 249 -42.40 -112.31 -2.63
C MET B 249 -42.67 -111.89 -4.08
N ALA B 250 -43.26 -110.71 -4.24
CA ALA B 250 -43.60 -110.18 -5.55
C ALA B 250 -43.66 -108.65 -5.45
N LEU B 251 -44.05 -108.02 -6.55
CA LEU B 251 -44.20 -106.57 -6.61
C LEU B 251 -45.66 -106.24 -6.82
N TYR B 252 -46.20 -105.36 -5.98
CA TYR B 252 -47.60 -104.98 -6.04
C TYR B 252 -47.71 -103.46 -6.01
N ASP B 253 -48.59 -102.92 -6.85
CA ASP B 253 -48.82 -101.49 -6.88
C ASP B 253 -50.14 -101.19 -6.18
N PRO B 254 -50.12 -100.58 -5.00
CA PRO B 254 -51.39 -100.29 -4.30
C PRO B 254 -52.32 -99.40 -5.09
N ASP B 255 -51.79 -98.43 -5.83
CA ASP B 255 -52.63 -97.50 -6.56
C ASP B 255 -53.23 -98.16 -7.81
N GLN B 256 -52.44 -98.93 -8.54
CA GLN B 256 -52.96 -99.65 -9.70
C GLN B 256 -53.71 -100.92 -9.31
N SER B 257 -53.55 -101.39 -8.06
CA SER B 257 -54.23 -102.59 -7.57
C SER B 257 -53.92 -103.81 -8.44
N THR B 258 -52.69 -103.85 -8.98
CA THR B 258 -52.26 -104.95 -9.83
C THR B 258 -50.86 -105.39 -9.42
N PHE B 259 -50.64 -106.69 -9.42
CA PHE B 259 -49.32 -107.25 -9.17
C PHE B 259 -48.42 -107.06 -10.37
N ILE B 260 -47.12 -107.01 -10.11
CA ILE B 260 -46.12 -106.76 -11.15
C ILE B 260 -45.25 -107.99 -11.39
N SER B 261 -44.51 -108.42 -10.37
CA SER B 261 -43.55 -109.51 -10.52
C SER B 261 -44.13 -110.81 -9.99
N GLU B 262 -43.42 -111.91 -10.26
CA GLU B 262 -43.82 -113.24 -9.85
C GLU B 262 -43.24 -113.55 -8.47
N ASN B 263 -43.33 -114.81 -8.07
CA ASN B 263 -42.90 -115.25 -6.74
C ASN B 263 -41.83 -116.32 -6.86
N TYR B 264 -40.91 -116.33 -5.90
CA TYR B 264 -39.85 -117.32 -5.81
C TYR B 264 -39.85 -117.92 -4.41
N LEU B 265 -39.66 -119.24 -4.34
CA LEU B 265 -39.77 -119.99 -3.11
C LEU B 265 -38.40 -120.40 -2.57
N ILE B 266 -38.26 -120.35 -1.25
CA ILE B 266 -37.04 -120.74 -0.56
C ILE B 266 -37.43 -121.68 0.57
N ARG B 267 -36.75 -122.83 0.65
CA ARG B 267 -37.01 -123.79 1.72
C ARG B 267 -36.54 -123.22 3.05
N TRP B 268 -37.40 -123.26 4.06
CA TRP B 268 -37.08 -122.77 5.40
C TRP B 268 -37.59 -123.77 6.43
N GLY B 269 -36.84 -123.90 7.53
CA GLY B 269 -37.16 -124.87 8.55
C GLY B 269 -38.28 -124.43 9.46
N SER B 270 -38.55 -125.28 10.45
CA SER B 270 -39.69 -125.07 11.34
C SER B 270 -39.37 -124.20 12.55
N ASN B 271 -38.10 -123.91 12.80
CA ASN B 271 -37.71 -123.16 14.01
C ASN B 271 -36.71 -122.06 13.66
N GLY B 272 -37.01 -121.31 12.59
CA GLY B 272 -36.20 -120.16 12.23
C GLY B 272 -34.93 -120.44 11.47
N MET B 273 -34.69 -121.68 11.08
CA MET B 273 -33.53 -122.05 10.28
C MET B 273 -33.95 -122.36 8.86
N PRO B 274 -33.02 -122.31 7.91
CA PRO B 274 -33.33 -122.76 6.55
C PRO B 274 -33.22 -124.27 6.41
N LYS B 275 -34.14 -124.84 5.64
CA LYS B 275 -34.06 -126.26 5.34
C LYS B 275 -32.80 -126.59 4.56
N GLU B 276 -32.44 -125.74 3.60
CA GLU B 276 -31.21 -125.87 2.84
C GLU B 276 -30.24 -124.78 3.32
N ILE B 277 -29.12 -125.20 3.90
CA ILE B 277 -28.13 -124.25 4.42
C ILE B 277 -27.35 -123.55 3.33
N GLU B 278 -27.53 -123.94 2.06
CA GLU B 278 -26.83 -123.28 0.97
C GLU B 278 -27.29 -121.85 0.82
N LYS B 279 -28.57 -121.58 1.05
CA LYS B 279 -29.14 -120.24 0.94
C LYS B 279 -29.05 -119.46 2.24
N LEU B 280 -28.46 -120.03 3.29
CA LEU B 280 -28.33 -119.32 4.56
C LEU B 280 -27.43 -118.09 4.42
N ASN B 281 -26.32 -118.23 3.70
CA ASN B 281 -25.36 -117.14 3.53
C ASN B 281 -25.19 -116.67 2.10
N ASN B 282 -25.37 -117.54 1.10
CA ASN B 282 -25.22 -117.19 -0.29
C ASN B 282 -26.55 -116.87 -0.97
N LEU B 283 -27.49 -116.31 -0.22
CA LEU B 283 -28.82 -115.99 -0.76
C LEU B 283 -28.70 -114.74 -1.62
N GLN B 284 -28.40 -114.93 -2.90
CA GLN B 284 -28.29 -113.85 -3.86
C GLN B 284 -29.39 -114.01 -4.90
N ALA B 285 -30.31 -113.05 -4.95
CA ALA B 285 -31.42 -113.10 -5.88
C ALA B 285 -31.57 -111.76 -6.58
N VAL B 286 -31.76 -111.80 -7.89
CA VAL B 286 -31.96 -110.61 -8.71
C VAL B 286 -33.27 -110.76 -9.46
N PHE B 287 -34.14 -109.76 -9.36
CA PHE B 287 -35.45 -109.77 -10.00
C PHE B 287 -35.42 -108.72 -11.11
N THR B 288 -35.27 -109.19 -12.34
CA THR B 288 -35.04 -108.32 -13.50
C THR B 288 -36.36 -107.81 -14.05
N ASP B 289 -36.30 -107.20 -15.24
CA ASP B 289 -37.46 -106.63 -15.94
C ASP B 289 -38.08 -105.49 -15.14
N LEU B 290 -37.29 -104.45 -14.92
CA LEU B 290 -37.75 -103.20 -14.34
C LEU B 290 -37.21 -102.03 -15.16
N SER B 291 -37.99 -100.95 -15.22
CA SER B 291 -37.63 -99.80 -16.03
C SER B 291 -38.08 -98.53 -15.33
N SER B 292 -37.81 -97.40 -15.98
CA SER B 292 -38.19 -96.10 -15.41
C SER B 292 -39.70 -95.98 -15.27
N MET B 293 -40.46 -96.47 -16.26
CA MET B 293 -41.91 -96.43 -16.16
C MET B 293 -42.43 -97.26 -14.99
N ASP B 294 -41.69 -98.27 -14.55
CA ASP B 294 -42.05 -98.97 -13.33
C ASP B 294 -41.68 -98.17 -12.09
N LEU B 295 -40.57 -97.42 -12.13
CA LEU B 295 -40.16 -96.61 -10.98
C LEU B 295 -40.99 -95.34 -10.88
N ILE B 296 -41.62 -94.91 -11.97
CA ILE B 296 -42.41 -93.68 -11.97
C ILE B 296 -43.77 -93.96 -11.34
N ARG B 297 -43.98 -95.19 -10.90
CA ARG B 297 -45.22 -95.54 -10.21
C ARG B 297 -45.36 -94.69 -8.96
N PRO B 298 -46.54 -94.14 -8.68
CA PRO B 298 -46.70 -93.28 -7.49
C PRO B 298 -46.39 -93.99 -6.19
N ARG B 299 -46.69 -95.29 -6.10
CA ARG B 299 -46.42 -96.07 -4.90
C ARG B 299 -45.87 -97.43 -5.31
N VAL B 300 -44.58 -97.63 -5.08
CA VAL B 300 -43.91 -98.89 -5.37
C VAL B 300 -43.74 -99.65 -4.07
N SER B 301 -44.32 -100.84 -3.99
CA SER B 301 -44.27 -101.65 -2.80
C SER B 301 -43.95 -103.09 -3.17
N LEU B 302 -43.34 -103.81 -2.24
CA LEU B 302 -43.00 -105.21 -2.41
C LEU B 302 -43.90 -106.04 -1.51
N VAL B 303 -44.66 -106.95 -2.11
CA VAL B 303 -45.58 -107.82 -1.38
C VAL B 303 -44.87 -109.14 -1.09
N CYS B 304 -44.93 -109.58 0.16
CA CYS B 304 -44.28 -110.82 0.58
C CYS B 304 -45.27 -111.63 1.39
N GLN B 305 -45.72 -112.75 0.82
CA GLN B 305 -46.65 -113.66 1.47
C GLN B 305 -45.94 -115.00 1.72
N ILE B 306 -46.19 -115.58 2.88
CA ILE B 306 -45.54 -116.82 3.30
C ILE B 306 -46.58 -117.90 3.53
N VAL B 307 -46.33 -119.07 2.95
CA VAL B 307 -47.22 -120.22 3.07
C VAL B 307 -46.48 -121.33 3.79
N ARG B 308 -47.07 -121.86 4.85
CA ARG B 308 -46.43 -122.91 5.63
C ARG B 308 -46.61 -124.26 4.93
N VAL B 309 -45.77 -125.22 5.32
CA VAL B 309 -45.84 -126.60 4.82
C VAL B 309 -45.82 -127.53 6.02
N GLY B 310 -46.83 -128.35 6.15
CA GLY B 310 -46.90 -129.30 7.25
C GLY B 310 -48.36 -129.67 7.54
N HIS B 311 -48.66 -129.83 8.82
CA HIS B 311 -49.98 -130.28 9.25
C HIS B 311 -51.03 -129.18 9.03
N MET B 312 -52.29 -129.60 9.05
CA MET B 312 -53.38 -128.64 8.88
C MET B 312 -53.46 -127.67 10.04
N GLU B 313 -53.31 -128.16 11.27
CA GLU B 313 -53.45 -127.37 12.47
C GLU B 313 -52.15 -127.41 13.27
N LEU B 314 -51.82 -126.28 13.89
CA LEU B 314 -50.63 -126.17 14.73
C LEU B 314 -50.93 -126.52 16.19
N LYS B 315 -51.57 -127.67 16.39
CA LYS B 315 -51.95 -128.15 17.72
C LYS B 315 -52.10 -129.66 17.67
N GLU B 316 -52.64 -130.23 18.75
CA GLU B 316 -52.88 -131.66 18.85
C GLU B 316 -54.38 -131.94 18.80
N GLY B 317 -54.73 -133.22 18.87
CA GLY B 317 -56.11 -133.63 18.84
C GLY B 317 -56.40 -134.62 17.72
N LYS B 318 -55.73 -134.44 16.58
CA LYS B 318 -55.91 -135.33 15.45
C LYS B 318 -54.66 -135.26 14.58
N LYS B 319 -54.47 -136.29 13.75
CA LYS B 319 -53.31 -136.38 12.88
C LYS B 319 -53.67 -135.87 11.49
N HIS B 320 -52.76 -135.10 10.90
CA HIS B 320 -52.95 -134.50 9.59
C HIS B 320 -51.83 -134.92 8.65
N THR B 321 -52.14 -134.92 7.35
CA THR B 321 -51.16 -135.34 6.35
C THR B 321 -50.01 -134.34 6.29
N CYS B 322 -48.79 -134.89 6.20
CA CYS B 322 -47.58 -134.07 6.09
C CYS B 322 -47.25 -133.84 4.63
N GLY B 323 -46.92 -132.60 4.30
CA GLY B 323 -46.60 -132.22 2.95
C GLY B 323 -47.64 -131.40 2.23
N LEU B 324 -48.43 -130.62 2.95
CA LEU B 324 -49.46 -129.77 2.36
C LEU B 324 -49.28 -128.34 2.84
N ARG B 325 -49.79 -127.39 2.06
CA ARG B 325 -49.55 -125.98 2.27
C ARG B 325 -50.70 -125.32 3.02
N ARG B 326 -50.35 -124.36 3.88
CA ARG B 326 -51.32 -123.54 4.59
C ARG B 326 -50.80 -122.11 4.62
N PRO B 327 -51.50 -121.15 4.02
CA PRO B 327 -51.02 -119.76 4.06
C PRO B 327 -51.01 -119.22 5.48
N PHE B 328 -50.05 -118.33 5.74
CA PHE B 328 -49.84 -117.77 7.07
C PHE B 328 -50.14 -116.28 7.12
N GLY B 329 -49.50 -115.48 6.27
CA GLY B 329 -49.74 -114.05 6.28
C GLY B 329 -48.94 -113.36 5.20
N VAL B 330 -49.17 -112.06 5.07
CA VAL B 330 -48.54 -111.24 4.04
C VAL B 330 -47.87 -110.04 4.70
N ALA B 331 -46.62 -109.78 4.31
CA ALA B 331 -45.87 -108.63 4.79
C ALA B 331 -45.48 -107.77 3.60
N VAL B 332 -45.78 -106.47 3.70
CA VAL B 332 -45.51 -105.52 2.61
C VAL B 332 -44.74 -104.34 3.18
N MET B 333 -43.67 -103.95 2.51
CA MET B 333 -42.88 -102.80 2.88
C MET B 333 -42.84 -101.81 1.72
N ASP B 334 -42.79 -100.51 2.06
CA ASP B 334 -42.73 -99.48 1.04
C ASP B 334 -41.28 -99.29 0.58
N ILE B 335 -41.07 -99.34 -0.73
CA ILE B 335 -39.73 -99.25 -1.30
C ILE B 335 -39.67 -98.08 -2.27
N THR B 336 -40.45 -97.04 -2.00
CA THR B 336 -40.46 -95.87 -2.87
C THR B 336 -39.09 -95.19 -2.89
N ASP B 337 -38.63 -94.73 -1.72
CA ASP B 337 -37.33 -94.08 -1.65
C ASP B 337 -36.17 -95.06 -1.76
N ILE B 338 -36.41 -96.35 -1.48
CA ILE B 338 -35.33 -97.33 -1.55
C ILE B 338 -34.87 -97.53 -2.98
N ILE B 339 -35.81 -97.62 -3.93
CA ILE B 339 -35.46 -97.85 -5.33
C ILE B 339 -34.89 -96.63 -6.01
N HIS B 340 -34.86 -95.48 -5.33
CA HIS B 340 -34.26 -94.28 -5.91
C HIS B 340 -32.76 -94.19 -5.68
N GLY B 341 -32.20 -95.07 -4.85
CA GLY B 341 -30.76 -95.13 -4.68
C GLY B 341 -30.13 -93.87 -4.14
N LYS B 342 -30.82 -93.17 -3.23
CA LYS B 342 -30.24 -91.97 -2.62
C LYS B 342 -29.14 -92.33 -1.64
N VAL B 343 -29.36 -93.37 -0.83
CA VAL B 343 -28.38 -93.85 0.14
C VAL B 343 -28.12 -95.32 -0.13
N ASP B 344 -26.84 -95.67 -0.28
CA ASP B 344 -26.42 -97.05 -0.54
C ASP B 344 -25.91 -97.63 0.77
N ASP B 345 -26.73 -98.45 1.42
CA ASP B 345 -26.38 -99.09 2.69
C ASP B 345 -26.78 -100.57 2.61
N GLU B 346 -25.86 -101.40 2.12
CA GLU B 346 -26.11 -102.83 2.03
C GLU B 346 -26.03 -103.53 3.38
N GLU B 347 -25.33 -102.94 4.35
CA GLU B 347 -25.23 -103.54 5.68
C GLU B 347 -26.49 -103.36 6.49
N LYS B 348 -27.20 -102.24 6.30
CA LYS B 348 -28.42 -101.98 7.05
C LYS B 348 -29.50 -102.98 6.68
N GLN B 349 -30.14 -103.57 7.68
CA GLN B 349 -31.21 -104.54 7.49
C GLN B 349 -32.46 -104.01 8.19
N HIS B 350 -33.37 -103.44 7.41
CA HIS B 350 -34.59 -102.85 7.96
C HIS B 350 -35.57 -103.94 8.32
N PHE B 351 -35.99 -103.97 9.58
CA PHE B 351 -36.99 -104.94 10.02
C PHE B 351 -38.37 -104.53 9.54
N ILE B 352 -39.07 -105.46 8.90
CA ILE B 352 -40.40 -105.22 8.34
C ILE B 352 -41.42 -105.87 9.27
N PRO B 353 -42.34 -105.11 9.85
CA PRO B 353 -43.42 -105.73 10.64
C PRO B 353 -44.26 -106.65 9.78
N PHE B 354 -44.68 -107.77 10.36
CA PHE B 354 -45.40 -108.81 9.65
C PHE B 354 -46.82 -108.95 10.21
N GLN B 355 -47.79 -108.98 9.31
CA GLN B 355 -49.19 -109.16 9.67
C GLN B 355 -49.68 -110.48 9.11
N GLN B 356 -50.44 -111.22 9.92
CA GLN B 356 -50.93 -112.54 9.54
C GLN B 356 -52.40 -112.63 9.91
N ILE B 357 -52.98 -113.81 9.68
CA ILE B 357 -54.35 -114.08 10.08
C ILE B 357 -54.38 -114.50 11.55
N ALA B 358 -55.53 -114.34 12.18
CA ALA B 358 -55.66 -114.64 13.60
C ALA B 358 -55.37 -116.10 13.89
N MET B 359 -54.57 -116.35 14.92
CA MET B 359 -54.21 -117.70 15.32
C MET B 359 -54.32 -117.95 16.82
N GLU B 360 -54.59 -116.93 17.64
CA GLU B 360 -54.66 -117.07 19.08
C GLU B 360 -56.00 -116.55 19.60
N THR B 361 -56.57 -117.26 20.57
CA THR B 361 -57.85 -116.91 21.18
C THR B 361 -57.73 -116.91 22.70
N TYR B 362 -56.68 -116.26 23.20
CA TYR B 362 -56.37 -116.24 24.62
C TYR B 362 -56.84 -114.97 25.32
N ILE B 363 -56.88 -113.85 24.61
CA ILE B 363 -57.28 -112.58 25.22
C ILE B 363 -58.58 -112.04 24.62
N ARG B 364 -58.89 -112.33 23.37
CA ARG B 364 -60.03 -111.73 22.70
C ARG B 364 -61.37 -112.22 23.25
N GLN B 365 -61.45 -113.48 23.67
CA GLN B 365 -62.72 -114.09 24.04
C GLN B 365 -62.81 -114.53 25.49
N ARG B 366 -61.69 -114.66 26.20
CA ARG B 366 -61.72 -115.22 27.55
C ARG B 366 -62.50 -114.35 28.52
N GLN B 367 -62.34 -113.03 28.45
CA GLN B 367 -62.94 -112.10 29.40
C GLN B 367 -64.05 -111.30 28.70
N LEU B 368 -65.29 -111.74 28.88
CA LEU B 368 -66.46 -111.01 28.41
C LEU B 368 -67.57 -111.22 29.43
N ILE B 369 -67.95 -110.16 30.14
CA ILE B 369 -68.89 -110.25 31.25
C ILE B 369 -70.13 -109.42 30.93
N MET B 370 -71.21 -109.70 31.67
CA MET B 370 -72.50 -109.00 31.68
C MET B 370 -73.34 -109.31 30.45
N SER B 371 -72.81 -109.99 29.44
CA SER B 371 -73.61 -110.36 28.27
C SER B 371 -72.93 -111.48 27.49
N PRO B 372 -72.87 -112.70 28.03
CA PRO B 372 -72.23 -113.80 27.27
C PRO B 372 -73.16 -114.37 26.20
N LEU B 373 -72.90 -113.99 24.94
CA LEU B 373 -73.64 -114.52 23.80
C LEU B 373 -72.69 -114.52 22.61
N ILE B 374 -72.03 -115.66 22.38
CA ILE B 374 -71.06 -115.80 21.31
C ILE B 374 -71.41 -117.06 20.52
N THR B 375 -71.70 -116.88 19.22
CA THR B 375 -71.97 -117.98 18.30
C THR B 375 -71.23 -117.65 17.00
N SER B 376 -69.99 -118.10 16.89
CA SER B 376 -69.16 -117.80 15.73
C SER B 376 -68.16 -118.94 15.54
N HIS B 377 -67.38 -118.83 14.47
CA HIS B 377 -66.36 -119.81 14.12
C HIS B 377 -64.98 -119.15 14.21
N VAL B 378 -63.96 -119.91 13.83
CA VAL B 378 -62.57 -119.44 13.83
C VAL B 378 -62.15 -119.16 12.40
N ILE B 379 -61.62 -117.96 12.18
CA ILE B 379 -61.18 -117.53 10.85
C ILE B 379 -59.71 -117.89 10.74
N GLY B 380 -59.43 -119.01 10.09
CA GLY B 380 -58.06 -119.45 9.89
C GLY B 380 -57.50 -118.96 8.56
N GLU B 381 -58.22 -119.24 7.47
CA GLU B 381 -57.82 -118.79 6.14
C GLU B 381 -59.00 -118.21 5.38
N ASN B 382 -59.92 -117.56 6.08
CA ASN B 382 -61.13 -117.01 5.48
C ASN B 382 -61.03 -115.50 5.25
N GLU B 383 -59.83 -115.00 4.94
CA GLU B 383 -59.61 -113.58 4.70
C GLU B 383 -59.37 -113.37 3.22
N PRO B 384 -60.22 -112.62 2.52
CA PRO B 384 -59.94 -112.29 1.12
C PRO B 384 -58.64 -111.49 1.02
N LEU B 385 -57.87 -111.80 -0.03
CA LEU B 385 -56.54 -111.23 -0.18
C LEU B 385 -56.55 -109.76 -0.54
N THR B 386 -57.52 -109.30 -1.34
CA THR B 386 -57.54 -107.91 -1.77
C THR B 386 -57.68 -106.96 -0.59
N SER B 387 -58.71 -107.17 0.24
CA SER B 387 -58.96 -106.27 1.36
C SER B 387 -57.84 -106.34 2.39
N VAL B 388 -57.35 -107.53 2.69
CA VAL B 388 -56.27 -107.67 3.67
C VAL B 388 -55.00 -106.99 3.16
N LEU B 389 -54.68 -107.18 1.87
CA LEU B 389 -53.50 -106.53 1.30
C LEU B 389 -53.64 -105.02 1.35
N ASN B 390 -54.81 -104.50 0.99
CA ASN B 390 -55.02 -103.05 1.03
C ASN B 390 -54.90 -102.51 2.45
N LYS B 391 -55.46 -103.23 3.43
CA LYS B 391 -55.37 -102.79 4.81
C LYS B 391 -53.93 -102.82 5.31
N VAL B 392 -53.18 -103.86 4.96
CA VAL B 392 -51.78 -103.95 5.39
C VAL B 392 -50.96 -102.83 4.78
N ILE B 393 -51.17 -102.55 3.48
CA ILE B 393 -50.44 -101.46 2.83
C ILE B 393 -50.80 -100.13 3.48
N ALA B 394 -52.09 -99.91 3.73
CA ALA B 394 -52.52 -98.66 4.35
C ALA B 394 -52.03 -98.54 5.79
N ALA B 395 -51.85 -99.66 6.48
CA ALA B 395 -51.38 -99.64 7.85
C ALA B 395 -49.93 -99.17 7.92
N LYS B 396 -49.61 -98.43 8.99
CA LYS B 396 -48.26 -97.91 9.17
C LYS B 396 -47.41 -98.72 10.14
N GLU B 397 -48.04 -99.44 11.07
CA GLU B 397 -47.31 -100.24 12.04
C GLU B 397 -48.13 -101.49 12.36
N VAL B 398 -47.45 -102.62 12.49
CA VAL B 398 -48.09 -103.90 12.78
C VAL B 398 -47.47 -104.47 14.05
N ASN B 399 -48.32 -104.89 14.99
CA ASN B 399 -47.87 -105.50 16.24
C ASN B 399 -47.51 -106.95 15.96
N HIS B 400 -46.31 -107.14 15.39
CA HIS B 400 -45.86 -108.47 15.00
C HIS B 400 -45.47 -109.34 16.19
N LYS B 401 -45.23 -108.75 17.36
CA LYS B 401 -44.87 -109.49 18.57
C LYS B 401 -43.60 -110.32 18.36
N GLY B 402 -42.63 -109.76 17.65
CA GLY B 402 -41.36 -110.43 17.45
C GLY B 402 -41.31 -111.37 16.25
N GLN B 403 -42.05 -111.05 15.19
CA GLN B 403 -42.03 -111.85 13.97
C GLN B 403 -41.66 -110.98 12.79
N GLY B 404 -40.79 -111.50 11.93
CA GLY B 404 -40.36 -110.77 10.76
C GLY B 404 -39.04 -111.32 10.25
N LEU B 405 -38.43 -110.54 9.35
CA LEU B 405 -37.16 -110.93 8.75
C LEU B 405 -36.38 -109.68 8.40
N TRP B 406 -35.07 -109.85 8.21
CA TRP B 406 -34.16 -108.76 7.89
C TRP B 406 -33.80 -108.83 6.41
N VAL B 407 -34.22 -107.81 5.66
CA VAL B 407 -33.95 -107.73 4.23
C VAL B 407 -33.64 -106.28 3.86
N SER B 408 -32.75 -106.12 2.88
CA SER B 408 -32.42 -104.81 2.34
C SER B 408 -32.50 -104.89 0.82
N LEU B 409 -33.12 -103.88 0.20
CA LEU B 409 -33.34 -103.86 -1.24
C LEU B 409 -32.28 -102.97 -1.89
N LYS B 410 -31.54 -103.54 -2.84
CA LYS B 410 -30.52 -102.84 -3.58
C LYS B 410 -30.82 -102.90 -5.07
N LEU B 411 -30.73 -101.75 -5.73
CA LEU B 411 -31.04 -101.63 -7.16
C LEU B 411 -29.73 -101.59 -7.94
N LEU B 412 -29.50 -102.61 -8.77
CA LEU B 412 -28.32 -102.66 -9.62
C LEU B 412 -28.74 -102.47 -11.07
N PRO B 413 -28.47 -101.32 -11.68
CA PRO B 413 -28.87 -101.10 -13.08
C PRO B 413 -28.16 -102.05 -14.01
N GLY B 414 -28.84 -102.40 -15.10
CA GLY B 414 -28.31 -103.27 -16.12
C GLY B 414 -28.90 -104.67 -16.06
N ASP B 415 -28.24 -105.59 -16.76
CA ASP B 415 -28.70 -106.96 -16.85
C ASP B 415 -27.61 -107.93 -16.42
N LEU B 416 -27.83 -109.22 -16.64
CA LEU B 416 -26.91 -110.26 -16.15
C LEU B 416 -25.56 -110.24 -16.84
N THR B 417 -25.41 -109.47 -17.93
CA THR B 417 -24.15 -109.44 -18.65
C THR B 417 -23.02 -108.88 -17.79
N GLN B 418 -23.30 -107.82 -17.02
CA GLN B 418 -22.27 -107.16 -16.24
C GLN B 418 -22.44 -107.29 -14.73
N VAL B 419 -23.65 -107.55 -14.24
CA VAL B 419 -23.84 -107.68 -12.80
C VAL B 419 -23.20 -108.95 -12.25
N GLN B 420 -22.95 -109.94 -13.11
CA GLN B 420 -22.26 -111.16 -12.69
C GLN B 420 -20.74 -111.02 -12.77
N LYS B 421 -20.23 -109.91 -13.28
CA LYS B 421 -18.81 -109.63 -13.34
C LYS B 421 -18.41 -108.44 -12.50
N ASN B 422 -19.08 -107.30 -12.66
CA ASN B 422 -18.77 -106.11 -11.89
C ASN B 422 -19.44 -106.09 -10.53
N PHE B 423 -20.59 -106.75 -10.39
CA PHE B 423 -21.32 -106.82 -9.12
C PHE B 423 -21.29 -108.24 -8.57
N SER B 424 -20.13 -108.90 -8.66
CA SER B 424 -20.02 -110.28 -8.20
C SER B 424 -20.25 -110.38 -6.69
N HIS B 425 -19.91 -109.32 -5.95
CA HIS B 425 -20.14 -109.32 -4.51
C HIS B 425 -21.63 -109.37 -4.15
N LEU B 426 -22.50 -108.85 -5.02
CA LEU B 426 -23.94 -108.92 -4.80
C LEU B 426 -24.64 -109.94 -5.68
N VAL B 427 -24.15 -110.17 -6.90
CA VAL B 427 -24.75 -111.10 -7.85
C VAL B 427 -23.71 -112.15 -8.17
N ASP B 428 -23.90 -113.37 -7.69
CA ASP B 428 -22.99 -114.46 -7.96
C ASP B 428 -23.48 -115.27 -9.16
N ARG B 429 -22.75 -116.34 -9.47
CA ARG B 429 -23.12 -117.19 -10.60
C ARG B 429 -24.43 -117.91 -10.35
N SER B 430 -24.66 -118.37 -9.12
CA SER B 430 -25.87 -119.08 -8.75
C SER B 430 -27.03 -118.15 -8.40
N THR B 431 -26.97 -116.89 -8.79
CA THR B 431 -28.03 -115.95 -8.48
C THR B 431 -29.29 -116.30 -9.27
N ALA B 432 -30.43 -116.35 -8.57
CA ALA B 432 -31.69 -116.60 -9.24
C ALA B 432 -32.14 -115.39 -10.04
N ILE B 433 -32.73 -115.64 -11.20
CA ILE B 433 -33.21 -114.60 -12.10
C ILE B 433 -34.71 -114.75 -12.27
N ALA B 434 -35.45 -113.66 -12.05
CA ALA B 434 -36.89 -113.64 -12.17
C ALA B 434 -37.30 -112.76 -13.34
N ARG B 435 -38.22 -113.25 -14.15
CA ARG B 435 -38.72 -112.53 -15.32
C ARG B 435 -40.12 -112.02 -15.02
N LYS B 436 -40.28 -110.70 -14.97
CA LYS B 436 -41.56 -110.09 -14.71
C LYS B 436 -42.52 -110.32 -15.88
N MET B 437 -43.80 -110.54 -15.55
CA MET B 437 -44.84 -110.77 -16.55
C MET B 437 -45.22 -109.43 -17.18
N GLY B 438 -44.30 -108.90 -17.98
CA GLY B 438 -44.52 -107.63 -18.64
C GLY B 438 -43.65 -107.46 -19.86
N PHE B 439 -44.14 -106.72 -20.86
CA PHE B 439 -43.37 -106.49 -22.06
C PHE B 439 -42.15 -105.62 -21.75
N PRO B 440 -40.98 -105.97 -22.29
CA PRO B 440 -39.77 -105.20 -22.00
C PRO B 440 -39.83 -103.81 -22.62
N GLU B 441 -39.05 -102.90 -22.03
CA GLU B 441 -38.89 -101.55 -22.55
C GLU B 441 -37.76 -101.47 -23.58
N ILE B 442 -36.58 -101.98 -23.23
CA ILE B 442 -35.46 -102.05 -24.16
C ILE B 442 -35.62 -103.39 -24.88
N ILE B 443 -36.35 -103.36 -26.00
CA ILE B 443 -36.69 -104.60 -26.72
C ILE B 443 -35.55 -104.87 -27.68
N LEU B 444 -34.51 -105.53 -27.17
CA LEU B 444 -33.32 -105.92 -27.89
C LEU B 444 -33.55 -107.24 -28.64
N PRO B 445 -32.82 -107.46 -29.74
CA PRO B 445 -32.94 -108.74 -30.44
C PRO B 445 -32.46 -109.90 -29.58
N GLY B 446 -33.06 -111.06 -29.78
CA GLY B 446 -32.66 -112.23 -29.05
C GLY B 446 -33.12 -112.26 -27.60
N ASP B 447 -34.13 -111.47 -27.25
CA ASP B 447 -34.67 -111.48 -25.89
C ASP B 447 -35.50 -112.75 -25.72
N VAL B 448 -34.79 -113.84 -25.41
CA VAL B 448 -35.42 -115.14 -25.32
C VAL B 448 -36.27 -115.23 -24.07
N ARG B 449 -37.54 -115.59 -24.23
CA ARG B 449 -38.45 -115.81 -23.11
C ARG B 449 -39.55 -116.75 -23.58
N ASN B 450 -39.55 -117.97 -23.05
CA ASN B 450 -40.57 -118.97 -23.38
C ASN B 450 -41.36 -119.33 -22.14
N ASP B 451 -41.71 -118.32 -21.34
CA ASP B 451 -42.43 -118.54 -20.09
C ASP B 451 -43.92 -118.38 -20.32
N ILE B 452 -44.69 -119.37 -19.88
CA ILE B 452 -46.15 -119.34 -19.95
C ILE B 452 -46.64 -119.16 -18.53
N TYR B 453 -47.25 -118.00 -18.25
CA TYR B 453 -47.71 -117.68 -16.90
C TYR B 453 -49.20 -117.92 -16.79
N VAL B 454 -49.60 -118.73 -15.81
CA VAL B 454 -51.01 -118.96 -15.49
C VAL B 454 -51.22 -118.56 -14.03
N THR B 455 -52.19 -117.69 -13.79
CA THR B 455 -52.43 -117.12 -12.47
C THR B 455 -53.84 -117.47 -12.01
N LEU B 456 -53.94 -117.88 -10.74
CA LEU B 456 -55.22 -118.17 -10.11
C LEU B 456 -55.57 -117.03 -9.18
N ILE B 457 -56.77 -116.48 -9.32
CA ILE B 457 -57.16 -115.31 -8.54
C ILE B 457 -58.30 -115.66 -7.58
N HIS B 458 -59.43 -116.10 -8.14
CA HIS B 458 -60.60 -116.37 -7.32
C HIS B 458 -61.44 -117.46 -7.97
N GLY B 459 -62.32 -118.06 -7.18
CA GLY B 459 -63.19 -119.11 -7.67
C GLY B 459 -64.32 -119.43 -6.72
N GLU B 460 -65.54 -119.54 -7.26
CA GLU B 460 -66.71 -119.85 -6.44
C GLU B 460 -66.73 -121.32 -6.07
N PHE B 461 -66.97 -121.61 -4.79
CA PHE B 461 -67.05 -122.97 -4.28
C PHE B 461 -68.20 -123.04 -3.28
N ASP B 462 -69.30 -123.65 -3.69
CA ASP B 462 -70.47 -123.74 -2.83
C ASP B 462 -70.24 -124.73 -1.69
N LYS B 463 -71.07 -124.62 -0.66
CA LYS B 463 -71.01 -125.56 0.45
C LYS B 463 -71.34 -126.98 -0.01
N GLY B 464 -72.34 -127.13 -0.87
CA GLY B 464 -72.72 -128.43 -1.38
C GLY B 464 -73.66 -129.17 -0.45
N LYS B 465 -73.52 -130.50 -0.42
CA LYS B 465 -74.36 -131.32 0.46
C LYS B 465 -74.12 -130.98 1.92
N LYS B 466 -72.86 -130.80 2.30
CA LYS B 466 -72.54 -130.44 3.67
C LYS B 466 -72.41 -128.93 3.80
N LYS B 467 -72.53 -128.43 5.04
CA LYS B 467 -72.37 -127.00 5.28
C LYS B 467 -70.94 -126.54 5.09
N THR B 468 -69.98 -127.46 5.08
CA THR B 468 -68.58 -127.11 4.86
C THR B 468 -68.26 -127.19 3.37
N PRO B 469 -67.80 -126.11 2.75
CA PRO B 469 -67.39 -126.19 1.34
C PRO B 469 -66.25 -127.18 1.14
N LYS B 470 -66.24 -127.82 -0.03
CA LYS B 470 -65.26 -128.85 -0.31
C LYS B 470 -63.84 -128.28 -0.30
N ASN B 471 -62.91 -129.08 0.21
CA ASN B 471 -61.50 -128.70 0.24
C ASN B 471 -60.95 -128.86 -1.17
N VAL B 472 -60.45 -127.77 -1.75
CA VAL B 472 -60.03 -127.74 -3.15
C VAL B 472 -58.52 -127.49 -3.20
N GLU B 473 -57.80 -128.38 -3.87
CA GLU B 473 -56.40 -128.19 -4.22
C GLU B 473 -56.26 -128.40 -5.72
N VAL B 474 -55.60 -127.46 -6.40
CA VAL B 474 -55.46 -127.53 -7.85
C VAL B 474 -54.30 -128.49 -8.14
N THR B 475 -54.62 -129.77 -8.30
CA THR B 475 -53.63 -130.80 -8.62
C THR B 475 -53.48 -130.79 -10.14
N MET B 476 -52.61 -129.91 -10.62
CA MET B 476 -52.40 -129.72 -12.05
C MET B 476 -51.16 -130.45 -12.52
N SER B 477 -51.16 -130.81 -13.80
CA SER B 477 -50.03 -131.49 -14.41
C SER B 477 -49.99 -131.14 -15.89
N VAL B 478 -48.82 -131.35 -16.50
CA VAL B 478 -48.59 -131.05 -17.91
C VAL B 478 -48.79 -132.33 -18.72
N HIS B 479 -49.59 -132.23 -19.78
CA HIS B 479 -49.86 -133.36 -20.65
C HIS B 479 -49.69 -132.95 -22.10
N ASP B 480 -49.27 -133.91 -22.92
CA ASP B 480 -49.10 -133.68 -24.35
C ASP B 480 -50.40 -134.03 -25.08
N GLU B 481 -50.33 -134.13 -26.41
CA GLU B 481 -51.50 -134.47 -27.20
C GLU B 481 -52.04 -135.86 -26.86
N GLU B 482 -51.20 -136.76 -26.36
CA GLU B 482 -51.62 -138.09 -25.95
C GLU B 482 -51.81 -138.20 -24.44
N GLY B 483 -51.79 -137.08 -23.73
CA GLY B 483 -52.00 -137.10 -22.29
C GLY B 483 -50.90 -137.78 -21.50
N LYS B 484 -49.64 -137.52 -21.84
CA LYS B 484 -48.51 -138.10 -21.13
C LYS B 484 -47.86 -137.04 -20.25
N LEU B 485 -47.62 -137.39 -18.99
CA LEU B 485 -47.08 -136.43 -18.03
C LEU B 485 -45.63 -136.09 -18.36
N LEU B 486 -45.32 -134.80 -18.38
CA LEU B 486 -43.96 -134.31 -18.61
C LEU B 486 -43.33 -133.91 -17.28
N GLU B 487 -42.01 -134.04 -17.22
CA GLU B 487 -41.25 -133.79 -16.00
C GLU B 487 -40.57 -132.43 -16.07
N LYS B 488 -40.56 -131.73 -14.93
CA LYS B 488 -39.88 -130.44 -14.78
C LYS B 488 -40.40 -129.42 -15.80
N ALA B 489 -41.71 -129.18 -15.77
CA ALA B 489 -42.35 -128.22 -16.65
C ALA B 489 -43.05 -127.08 -15.92
N ILE B 490 -43.29 -127.23 -14.62
CA ILE B 490 -43.95 -126.19 -13.81
C ILE B 490 -42.91 -125.62 -12.86
N HIS B 491 -42.74 -124.30 -12.89
CA HIS B 491 -41.73 -123.61 -12.09
C HIS B 491 -42.43 -122.53 -11.26
N PRO B 492 -42.92 -122.87 -10.07
CA PRO B 492 -43.56 -121.85 -9.22
C PRO B 492 -42.62 -120.71 -8.86
N GLY B 493 -41.34 -120.99 -8.66
CA GLY B 493 -40.35 -119.97 -8.36
C GLY B 493 -39.33 -119.86 -9.49
N ALA B 494 -38.98 -118.62 -9.81
CA ALA B 494 -38.01 -118.35 -10.87
C ALA B 494 -36.60 -118.57 -10.33
N GLY B 495 -35.85 -119.45 -10.99
CA GLY B 495 -34.51 -119.81 -10.56
C GLY B 495 -34.44 -121.12 -9.81
N TYR B 496 -35.57 -121.72 -9.47
CA TYR B 496 -35.61 -122.99 -8.77
C TYR B 496 -36.01 -124.11 -9.73
N GLU B 497 -35.60 -125.32 -9.41
CA GLU B 497 -35.87 -126.47 -10.26
C GLU B 497 -37.37 -126.74 -10.34
N GLY B 498 -37.82 -127.14 -11.54
CA GLY B 498 -39.23 -127.38 -11.74
C GLY B 498 -39.71 -128.68 -11.12
N ILE B 499 -41.03 -128.83 -11.08
CA ILE B 499 -41.68 -130.00 -10.52
C ILE B 499 -42.65 -130.56 -11.54
N SER B 500 -42.72 -131.89 -11.61
CA SER B 500 -43.62 -132.55 -12.56
C SER B 500 -45.08 -132.24 -12.25
N GLU B 501 -45.45 -132.25 -10.97
CA GLU B 501 -46.81 -131.99 -10.55
C GLU B 501 -46.81 -130.88 -9.51
N TYR B 502 -47.78 -129.98 -9.61
CA TYR B 502 -47.88 -128.83 -8.71
C TYR B 502 -49.28 -128.76 -8.14
N LYS B 503 -49.38 -128.56 -6.83
CA LYS B 503 -50.64 -128.36 -6.14
C LYS B 503 -50.75 -126.92 -5.67
N SER B 504 -51.98 -126.52 -5.32
CA SER B 504 -52.29 -125.16 -4.92
C SER B 504 -52.37 -125.08 -3.40
N VAL B 505 -52.67 -123.86 -2.92
CA VAL B 505 -52.80 -123.61 -1.49
C VAL B 505 -54.19 -124.04 -1.03
N VAL B 506 -54.39 -124.11 0.28
CA VAL B 506 -55.63 -124.60 0.87
C VAL B 506 -56.23 -123.49 1.72
N TYR B 507 -57.54 -123.30 1.59
CA TYR B 507 -58.27 -122.31 2.36
C TYR B 507 -59.27 -122.99 3.29
N TYR B 508 -59.59 -122.29 4.38
CA TYR B 508 -60.44 -122.86 5.44
C TYR B 508 -61.91 -122.69 5.08
N GLN B 509 -62.32 -123.42 4.03
CA GLN B 509 -63.72 -123.52 3.61
C GLN B 509 -64.32 -122.13 3.35
N VAL B 510 -63.75 -121.46 2.36
CA VAL B 510 -64.14 -120.11 2.00
C VAL B 510 -65.08 -120.17 0.79
N LYS B 511 -66.19 -119.44 0.87
CA LYS B 511 -67.13 -119.39 -0.23
C LYS B 511 -66.50 -118.79 -1.48
N GLN B 512 -65.79 -117.67 -1.33
CA GLN B 512 -65.12 -116.99 -2.44
C GLN B 512 -63.69 -116.65 -2.03
N PRO B 513 -62.81 -117.65 -1.96
CA PRO B 513 -61.43 -117.39 -1.58
C PRO B 513 -60.66 -116.67 -2.69
N CYS B 514 -59.63 -115.95 -2.28
CA CYS B 514 -58.74 -115.25 -3.19
C CYS B 514 -57.38 -115.93 -3.16
N TRP B 515 -56.85 -116.27 -4.34
CA TRP B 515 -55.61 -117.03 -4.44
C TRP B 515 -54.39 -116.14 -4.70
N TYR B 516 -54.43 -115.31 -5.74
CA TYR B 516 -53.27 -114.54 -6.18
C TYR B 516 -52.05 -115.45 -6.39
N GLU B 517 -52.28 -116.62 -6.95
CA GLU B 517 -51.24 -117.64 -7.12
C GLU B 517 -50.75 -117.61 -8.56
N THR B 518 -49.49 -117.22 -8.73
CA THR B 518 -48.88 -117.13 -10.05
C THR B 518 -47.79 -118.18 -10.20
N VAL B 519 -47.89 -118.99 -11.25
CA VAL B 519 -46.90 -120.03 -11.53
C VAL B 519 -46.50 -119.92 -13.00
N LYS B 520 -45.33 -120.49 -13.31
CA LYS B 520 -44.76 -120.42 -14.64
C LYS B 520 -44.62 -121.82 -15.22
N VAL B 521 -44.96 -121.94 -16.51
CA VAL B 521 -44.88 -123.20 -17.23
C VAL B 521 -43.94 -123.02 -18.42
N SER B 522 -42.97 -123.93 -18.55
CA SER B 522 -42.00 -123.88 -19.63
C SER B 522 -42.10 -125.18 -20.43
N ILE B 523 -42.45 -125.06 -21.72
CA ILE B 523 -42.54 -126.20 -22.62
C ILE B 523 -41.75 -125.86 -23.87
N ALA B 524 -41.36 -126.90 -24.61
CA ALA B 524 -40.66 -126.70 -25.86
C ALA B 524 -41.57 -126.00 -26.87
N ILE B 525 -40.95 -125.20 -27.76
CA ILE B 525 -41.73 -124.38 -28.68
C ILE B 525 -42.54 -125.24 -29.64
N GLU B 526 -41.99 -126.36 -30.08
CA GLU B 526 -42.76 -127.31 -30.89
C GLU B 526 -43.72 -128.14 -30.05
N GLU B 527 -43.30 -128.50 -28.83
CA GLU B 527 -44.15 -129.36 -27.98
C GLU B 527 -45.36 -128.61 -27.46
N VAL B 528 -45.22 -127.31 -27.15
CA VAL B 528 -46.33 -126.55 -26.59
C VAL B 528 -47.50 -126.46 -27.56
N THR B 529 -47.24 -126.60 -28.86
CA THR B 529 -48.32 -126.59 -29.85
C THR B 529 -49.20 -127.82 -29.77
N ARG B 530 -48.80 -128.84 -29.01
CA ARG B 530 -49.59 -130.06 -28.88
C ARG B 530 -49.67 -130.53 -27.43
N CYS B 531 -49.81 -129.59 -26.49
CA CYS B 531 -49.89 -129.90 -25.08
C CYS B 531 -51.23 -129.46 -24.50
N HIS B 532 -51.61 -130.08 -23.39
CA HIS B 532 -52.86 -129.77 -22.70
C HIS B 532 -52.60 -129.76 -21.21
N ILE B 533 -53.37 -128.94 -20.48
CA ILE B 533 -53.23 -128.77 -19.04
C ILE B 533 -54.55 -129.09 -18.38
N ARG B 534 -54.50 -129.87 -17.30
CA ARG B 534 -55.69 -130.25 -16.54
C ARG B 534 -55.57 -129.73 -15.11
N PHE B 535 -56.72 -129.39 -14.53
CA PHE B 535 -56.81 -128.87 -13.16
C PHE B 535 -57.72 -129.81 -12.37
N THR B 536 -57.15 -130.83 -11.76
CA THR B 536 -57.90 -131.76 -10.93
C THR B 536 -58.00 -131.22 -9.51
N PHE B 537 -59.23 -131.16 -8.99
CA PHE B 537 -59.49 -130.67 -7.63
C PHE B 537 -59.83 -131.86 -6.75
N ARG B 538 -58.98 -132.12 -5.76
CA ARG B 538 -59.13 -133.27 -4.88
C ARG B 538 -59.60 -132.82 -3.51
N HIS B 539 -60.61 -133.51 -2.97
CA HIS B 539 -61.11 -133.22 -1.65
C HIS B 539 -60.14 -133.76 -0.60
N ARG B 540 -59.81 -132.93 0.38
CA ARG B 540 -58.84 -133.28 1.41
C ARG B 540 -59.54 -133.31 2.76
N SER B 541 -59.34 -134.41 3.50
CA SER B 541 -59.97 -134.61 4.79
C SER B 541 -58.99 -134.36 5.92
N SER B 542 -59.51 -134.34 7.15
CA SER B 542 -58.68 -134.11 8.32
C SER B 542 -57.69 -135.26 8.54
N GLN B 543 -58.20 -136.50 8.53
CA GLN B 543 -57.34 -137.65 8.73
C GLN B 543 -56.58 -137.98 7.46
N GLU B 544 -55.36 -138.52 7.63
CA GLU B 544 -54.50 -138.79 6.49
C GLU B 544 -55.09 -139.87 5.59
N THR B 545 -55.71 -140.89 6.18
CA THR B 545 -56.25 -142.00 5.39
C THR B 545 -57.30 -141.51 4.40
N ARG B 546 -58.28 -140.75 4.89
CA ARG B 546 -59.31 -140.22 3.99
C ARG B 546 -58.75 -139.10 3.11
N ASP B 547 -57.72 -138.38 3.58
CA ASP B 547 -57.10 -137.35 2.77
C ASP B 547 -56.46 -137.94 1.52
N LYS B 548 -55.79 -139.08 1.66
CA LYS B 548 -55.13 -139.71 0.52
C LYS B 548 -56.02 -140.67 -0.25
N SER B 549 -57.07 -141.21 0.37
CA SER B 549 -57.94 -142.14 -0.33
C SER B 549 -58.85 -141.41 -1.32
N GLU B 550 -59.36 -140.24 -0.92
CA GLU B 550 -60.26 -139.49 -1.78
C GLU B 550 -59.53 -138.99 -3.02
N ARG B 551 -60.17 -139.13 -4.18
CA ARG B 551 -59.62 -138.70 -5.45
C ARG B 551 -60.22 -137.35 -5.83
N ALA B 552 -59.93 -136.91 -7.06
CA ALA B 552 -60.40 -135.60 -7.52
C ALA B 552 -61.91 -135.63 -7.74
N PHE B 553 -62.65 -134.91 -6.89
CA PHE B 553 -64.10 -134.82 -7.05
C PHE B 553 -64.47 -134.04 -8.31
N GLY B 554 -63.74 -132.97 -8.61
CA GLY B 554 -63.99 -132.20 -9.81
C GLY B 554 -62.70 -131.97 -10.56
N VAL B 555 -62.79 -132.05 -11.89
CA VAL B 555 -61.63 -131.92 -12.77
C VAL B 555 -61.88 -130.78 -13.74
N ALA B 556 -60.95 -129.84 -13.81
CA ALA B 556 -60.95 -128.76 -14.78
C ALA B 556 -59.75 -128.93 -15.71
N PHE B 557 -59.74 -128.14 -16.78
CA PHE B 557 -58.66 -128.22 -17.76
C PHE B 557 -58.69 -126.95 -18.60
N VAL B 558 -57.56 -126.65 -19.22
CA VAL B 558 -57.42 -125.47 -20.09
C VAL B 558 -56.62 -125.88 -21.31
N LYS B 559 -57.08 -125.43 -22.49
CA LYS B 559 -56.41 -125.72 -23.74
C LYS B 559 -55.34 -124.67 -24.03
N LEU B 560 -54.18 -125.14 -24.51
CA LEU B 560 -53.07 -124.27 -24.82
C LEU B 560 -53.07 -123.83 -26.28
N MET B 561 -53.96 -124.39 -27.10
CA MET B 561 -54.04 -124.04 -28.51
C MET B 561 -55.50 -123.80 -28.87
N ASN B 562 -55.74 -123.42 -30.12
CA ASN B 562 -57.07 -123.22 -30.65
C ASN B 562 -57.18 -123.96 -31.98
N PRO B 563 -58.39 -124.41 -32.35
CA PRO B 563 -58.54 -125.11 -33.64
C PRO B 563 -58.18 -124.25 -34.84
N ASP B 564 -58.39 -122.94 -34.76
CA ASP B 564 -58.11 -122.05 -35.87
C ASP B 564 -56.63 -121.69 -35.99
N GLY B 565 -55.85 -121.93 -34.95
CA GLY B 565 -54.42 -121.65 -35.01
C GLY B 565 -53.93 -120.74 -33.91
N THR B 566 -54.85 -120.02 -33.26
CA THR B 566 -54.49 -119.07 -32.23
C THR B 566 -54.14 -119.80 -30.94
N THR B 567 -53.68 -119.02 -29.96
CA THR B 567 -53.43 -119.50 -28.61
C THR B 567 -54.41 -118.83 -27.64
N LEU B 568 -54.29 -119.20 -26.37
CA LEU B 568 -55.18 -118.65 -25.35
C LEU B 568 -54.94 -117.16 -25.18
N GLN B 569 -55.98 -116.37 -25.45
CA GLN B 569 -55.87 -114.93 -25.37
C GLN B 569 -55.61 -114.49 -23.93
N ASP B 570 -54.77 -113.46 -23.78
CA ASP B 570 -54.52 -112.91 -22.45
C ASP B 570 -55.75 -112.15 -21.95
N GLY B 571 -55.91 -112.15 -20.63
CA GLY B 571 -57.00 -111.48 -19.97
C GLY B 571 -57.65 -112.36 -18.93
N ARG B 572 -58.73 -111.85 -18.36
CA ARG B 572 -59.47 -112.56 -17.32
C ARG B 572 -60.32 -113.66 -17.96
N HIS B 573 -60.10 -114.90 -17.54
CA HIS B 573 -60.84 -116.04 -18.07
C HIS B 573 -61.40 -116.85 -16.91
N ASP B 574 -62.68 -117.20 -17.00
CA ASP B 574 -63.30 -118.00 -15.96
C ASP B 574 -63.25 -119.49 -16.31
N LEU B 575 -63.42 -120.32 -15.28
CA LEU B 575 -63.39 -121.77 -15.44
C LEU B 575 -64.64 -122.38 -14.84
N VAL B 576 -65.07 -123.50 -15.41
CA VAL B 576 -66.19 -124.28 -14.91
C VAL B 576 -65.71 -125.69 -14.62
N VAL B 577 -65.95 -126.16 -13.41
CA VAL B 577 -65.49 -127.48 -12.97
C VAL B 577 -66.63 -128.47 -13.14
N TYR B 578 -66.28 -129.70 -13.51
CA TYR B 578 -67.23 -130.76 -13.74
C TYR B 578 -67.00 -131.89 -12.74
N LYS B 579 -68.10 -132.36 -12.14
CA LYS B 579 -68.02 -133.43 -11.15
C LYS B 579 -68.92 -134.59 -11.57
N GLY B 580 -69.04 -135.60 -10.71
CA GLY B 580 -69.87 -136.74 -11.01
C GLY B 580 -69.11 -137.88 -11.66
N ASP B 581 -69.18 -137.96 -12.99
CA ASP B 581 -68.47 -139.01 -13.71
C ASP B 581 -66.97 -138.85 -13.57
N ASN B 582 -66.28 -139.98 -13.41
CA ASN B 582 -64.84 -139.99 -13.22
C ASN B 582 -64.08 -140.68 -14.37
N LYS B 583 -64.80 -141.33 -15.28
CA LYS B 583 -64.16 -142.05 -16.38
C LYS B 583 -64.07 -141.22 -17.66
N LYS B 584 -65.03 -140.34 -17.91
CA LYS B 584 -65.01 -139.51 -19.11
C LYS B 584 -63.95 -138.42 -19.06
N MET B 585 -63.44 -138.09 -17.88
CA MET B 585 -62.42 -137.05 -17.72
C MET B 585 -61.04 -137.63 -17.49
N GLU B 586 -60.88 -138.94 -17.61
CA GLU B 586 -59.59 -139.60 -17.45
C GLU B 586 -58.96 -140.05 -18.76
N ASP B 587 -59.76 -140.56 -19.70
CA ASP B 587 -59.24 -140.94 -21.01
C ASP B 587 -58.78 -139.69 -21.76
N ALA B 588 -57.51 -139.63 -22.11
CA ALA B 588 -56.93 -138.42 -22.68
C ALA B 588 -57.58 -138.05 -24.01
N LYS B 589 -57.87 -139.04 -24.85
CA LYS B 589 -58.40 -138.76 -26.18
C LYS B 589 -59.82 -138.18 -26.14
N PHE B 590 -60.51 -138.28 -25.01
CA PHE B 590 -61.91 -137.85 -24.93
C PHE B 590 -62.03 -136.36 -24.63
N TYR B 591 -61.44 -135.90 -23.53
CA TYR B 591 -61.63 -134.52 -23.08
C TYR B 591 -60.79 -133.51 -23.85
N LEU B 592 -60.24 -133.88 -25.00
CA LEU B 592 -59.50 -132.92 -25.81
C LEU B 592 -60.43 -131.86 -26.39
N THR B 593 -61.69 -132.20 -26.62
CA THR B 593 -62.68 -131.30 -27.22
C THR B 593 -63.83 -131.01 -26.25
N LEU B 594 -63.54 -130.99 -24.94
CA LEU B 594 -64.57 -130.66 -23.97
C LEU B 594 -64.41 -129.22 -23.50
N PRO B 595 -65.50 -128.59 -23.05
CA PRO B 595 -65.42 -127.19 -22.59
C PRO B 595 -64.55 -127.06 -21.34
N GLY B 596 -63.48 -126.29 -21.46
CA GLY B 596 -62.60 -126.03 -20.33
C GLY B 596 -62.23 -124.57 -20.16
N THR B 597 -62.56 -123.75 -21.15
CA THR B 597 -62.27 -122.33 -21.12
C THR B 597 -63.50 -121.55 -21.57
N LYS B 598 -63.57 -120.28 -21.15
CA LYS B 598 -64.79 -119.51 -21.32
C LYS B 598 -65.14 -119.27 -22.79
N MET B 599 -64.16 -118.84 -23.58
CA MET B 599 -64.46 -118.50 -24.98
C MET B 599 -64.87 -119.72 -25.77
N GLU B 600 -64.14 -120.82 -25.64
CA GLU B 600 -64.50 -122.03 -26.38
C GLU B 600 -65.81 -122.62 -25.87
N MET B 601 -66.06 -122.55 -24.56
CA MET B 601 -67.33 -123.03 -24.03
C MET B 601 -68.50 -122.23 -24.57
N GLU B 602 -68.36 -120.90 -24.62
CA GLU B 602 -69.46 -120.07 -25.09
C GLU B 602 -69.68 -120.24 -26.60
N GLU B 603 -68.59 -120.40 -27.37
CA GLU B 603 -68.79 -120.65 -28.80
C GLU B 603 -69.41 -122.01 -29.04
N LYS B 604 -69.03 -123.03 -28.24
CA LYS B 604 -69.66 -124.34 -28.36
C LYS B 604 -71.15 -124.29 -28.01
N GLU B 605 -71.50 -123.54 -26.96
CA GLU B 605 -72.91 -123.46 -26.60
C GLU B 605 -73.71 -122.65 -27.62
N LEU B 606 -73.10 -121.63 -28.24
CA LEU B 606 -73.76 -120.92 -29.33
C LEU B 606 -73.97 -121.84 -30.53
N GLN B 607 -72.97 -122.64 -30.86
CA GLN B 607 -73.12 -123.60 -31.96
C GLN B 607 -74.22 -124.61 -31.65
N ALA B 608 -74.29 -125.07 -30.39
CA ALA B 608 -75.36 -125.99 -30.00
C ALA B 608 -76.72 -125.31 -30.12
N SER B 609 -76.82 -124.04 -29.74
CA SER B 609 -78.07 -123.31 -29.85
C SER B 609 -78.51 -123.18 -31.31
N LYS B 610 -77.57 -122.84 -32.19
CA LYS B 610 -77.91 -122.73 -33.60
C LYS B 610 -78.02 -124.09 -34.28
N ASN B 611 -77.25 -125.08 -33.82
CA ASN B 611 -77.28 -126.42 -34.40
C ASN B 611 -77.03 -127.43 -33.29
N LEU B 612 -78.09 -128.06 -32.79
CA LEU B 612 -77.99 -129.02 -31.70
C LEU B 612 -77.67 -130.43 -32.23
N VAL B 613 -76.59 -130.54 -32.99
CA VAL B 613 -76.17 -131.81 -33.58
C VAL B 613 -74.71 -132.03 -33.19
N THR B 614 -74.43 -133.20 -32.59
CA THR B 614 -73.09 -133.64 -32.21
C THR B 614 -72.45 -132.71 -31.18
N PHE B 615 -73.18 -131.72 -30.69
CA PHE B 615 -72.67 -130.80 -29.68
C PHE B 615 -73.85 -130.36 -28.82
N THR B 616 -73.92 -130.90 -27.60
CA THR B 616 -74.97 -130.57 -26.67
C THR B 616 -74.38 -130.20 -25.32
N PRO B 617 -75.01 -129.29 -24.57
CA PRO B 617 -74.50 -128.94 -23.24
C PRO B 617 -74.80 -130.05 -22.24
N SER B 618 -73.74 -130.56 -21.62
CA SER B 618 -73.89 -131.63 -20.63
C SER B 618 -74.44 -131.06 -19.31
N LYS B 619 -75.06 -131.95 -18.53
CA LYS B 619 -75.66 -131.58 -17.26
C LYS B 619 -74.76 -131.90 -16.08
N ASP B 620 -73.51 -132.29 -16.34
CA ASP B 620 -72.56 -132.62 -15.28
C ASP B 620 -71.96 -131.38 -14.62
N SER B 621 -72.22 -130.19 -15.17
CA SER B 621 -71.70 -128.96 -14.59
C SER B 621 -72.34 -128.70 -13.23
N THR B 622 -71.57 -128.08 -12.35
CA THR B 622 -72.00 -127.78 -10.99
C THR B 622 -72.29 -126.28 -10.86
N LYS B 623 -72.66 -125.88 -9.64
CA LYS B 623 -72.97 -124.49 -9.33
C LYS B 623 -71.73 -123.69 -8.94
N ASP B 624 -70.55 -124.21 -9.23
CA ASP B 624 -69.29 -123.55 -8.87
C ASP B 624 -68.64 -122.96 -10.12
N SER B 625 -67.70 -122.05 -9.88
CA SER B 625 -66.96 -121.42 -10.97
C SER B 625 -65.57 -121.06 -10.46
N PHE B 626 -64.65 -120.86 -11.40
CA PHE B 626 -63.28 -120.51 -11.10
C PHE B 626 -62.82 -119.44 -12.09
N GLN B 627 -61.75 -118.74 -11.75
CA GLN B 627 -61.23 -117.68 -12.60
C GLN B 627 -59.72 -117.81 -12.68
N ILE B 628 -59.17 -117.60 -13.87
CA ILE B 628 -57.74 -117.62 -14.10
C ILE B 628 -57.33 -116.36 -14.85
N ALA B 629 -56.08 -115.95 -14.64
CA ALA B 629 -55.48 -114.83 -15.36
C ALA B 629 -54.32 -115.35 -16.18
N THR B 630 -54.37 -115.11 -17.50
CA THR B 630 -53.36 -115.61 -18.42
C THR B 630 -52.58 -114.44 -18.99
N LEU B 631 -51.26 -114.46 -18.81
CA LEU B 631 -50.36 -113.46 -19.39
C LEU B 631 -49.11 -114.23 -19.83
N ILE B 632 -49.10 -114.67 -21.08
CA ILE B 632 -48.04 -115.51 -21.62
C ILE B 632 -47.01 -114.61 -22.28
N CYS B 633 -45.85 -114.46 -21.64
CA CYS B 633 -44.75 -113.65 -22.17
C CYS B 633 -43.79 -114.59 -22.89
N SER B 634 -44.29 -115.19 -23.96
CA SER B 634 -43.50 -116.10 -24.78
C SER B 634 -43.16 -115.43 -26.11
N THR B 635 -42.43 -116.18 -26.94
CA THR B 635 -41.98 -115.68 -28.25
C THR B 635 -42.60 -116.44 -29.41
N LYS B 636 -43.31 -117.54 -29.17
CA LYS B 636 -43.91 -118.33 -30.22
C LYS B 636 -45.43 -118.43 -30.14
N LEU B 637 -46.06 -117.73 -29.19
CA LEU B 637 -47.51 -117.73 -29.09
C LEU B 637 -48.12 -116.85 -30.17
N THR B 638 -49.44 -116.96 -30.33
CA THR B 638 -50.17 -116.12 -31.29
C THR B 638 -51.57 -115.87 -30.72
N GLN B 639 -51.71 -114.78 -29.99
CA GLN B 639 -53.00 -114.36 -29.44
C GLN B 639 -53.65 -113.32 -30.35
N ASN B 640 -53.82 -113.68 -31.62
CA ASN B 640 -54.41 -112.76 -32.59
C ASN B 640 -54.90 -113.56 -33.78
N VAL B 641 -56.20 -113.51 -34.05
CA VAL B 641 -56.73 -114.13 -35.26
C VAL B 641 -56.24 -113.38 -36.49
N ASP B 642 -55.98 -112.08 -36.36
CA ASP B 642 -55.41 -111.32 -37.47
C ASP B 642 -54.00 -111.80 -37.80
N LEU B 643 -53.23 -112.19 -36.80
CA LEU B 643 -51.88 -112.70 -37.05
C LEU B 643 -51.91 -113.97 -37.89
N LEU B 644 -52.77 -114.92 -37.53
CA LEU B 644 -52.88 -116.14 -38.33
C LEU B 644 -53.47 -115.83 -39.70
N GLY B 645 -54.45 -114.91 -39.76
CA GLY B 645 -55.00 -114.52 -41.05
C GLY B 645 -53.95 -113.99 -41.99
N LEU B 646 -53.00 -113.22 -41.45
CA LEU B 646 -51.82 -112.86 -42.23
C LEU B 646 -51.00 -114.09 -42.59
N LEU B 647 -50.83 -115.01 -41.63
CA LEU B 647 -50.01 -116.20 -41.86
C LEU B 647 -50.69 -117.16 -42.83
N ASN B 648 -52.00 -117.40 -42.65
CA ASN B 648 -52.68 -118.40 -43.46
C ASN B 648 -53.83 -117.78 -44.26
N TRP B 649 -53.57 -116.67 -44.94
CA TRP B 649 -54.60 -116.02 -45.74
C TRP B 649 -55.10 -116.90 -46.87
N ARG B 650 -54.35 -117.95 -47.23
CA ARG B 650 -54.85 -118.87 -48.25
C ARG B 650 -56.13 -119.56 -47.81
N SER B 651 -56.26 -119.86 -46.51
CA SER B 651 -57.44 -120.55 -46.01
C SER B 651 -58.63 -119.61 -45.90
N ASN B 652 -58.40 -118.35 -45.53
CA ASN B 652 -59.46 -117.39 -45.22
C ASN B 652 -59.24 -116.08 -45.97
N SER B 653 -59.01 -116.18 -47.28
CA SER B 653 -58.80 -114.99 -48.11
C SER B 653 -60.03 -114.10 -48.20
N GLN B 654 -61.21 -114.59 -47.80
CA GLN B 654 -62.40 -113.76 -47.82
C GLN B 654 -62.30 -112.62 -46.81
N ASN B 655 -61.67 -112.88 -45.65
CA ASN B 655 -61.54 -111.89 -44.59
C ASN B 655 -60.23 -111.12 -44.66
N ILE B 656 -59.62 -111.04 -45.86
CA ILE B 656 -58.40 -110.25 -46.02
C ILE B 656 -58.69 -108.78 -45.76
N LYS B 657 -59.84 -108.28 -46.23
CA LYS B 657 -60.21 -106.90 -45.98
C LYS B 657 -60.35 -106.63 -44.48
N HIS B 658 -61.01 -107.54 -43.76
CA HIS B 658 -61.17 -107.38 -42.32
C HIS B 658 -59.81 -107.42 -41.62
N ASN B 659 -58.93 -108.32 -42.03
CA ASN B 659 -57.61 -108.41 -41.43
C ASN B 659 -56.82 -107.12 -41.65
N LEU B 660 -56.86 -106.60 -42.86
CA LEU B 660 -56.14 -105.35 -43.15
C LEU B 660 -56.74 -104.17 -42.39
N LYS B 661 -58.06 -104.15 -42.23
CA LYS B 661 -58.69 -103.10 -41.42
C LYS B 661 -58.27 -103.20 -39.95
N LYS B 662 -58.20 -104.40 -39.41
CA LYS B 662 -57.85 -104.59 -38.01
C LYS B 662 -56.35 -104.54 -37.73
N LEU B 663 -55.52 -104.53 -38.79
CA LEU B 663 -54.09 -104.42 -38.58
C LEU B 663 -53.68 -103.07 -38.01
N MET B 664 -54.58 -102.08 -38.03
CA MET B 664 -54.22 -100.73 -37.65
C MET B 664 -54.21 -100.50 -36.14
N GLU B 665 -54.66 -101.46 -35.34
CA GLU B 665 -54.67 -101.30 -33.88
C GLU B 665 -54.03 -102.46 -33.15
N VAL B 666 -53.29 -103.32 -33.85
CA VAL B 666 -52.64 -104.45 -33.20
C VAL B 666 -51.49 -103.95 -32.32
N ASP B 667 -51.29 -104.62 -31.20
CA ASP B 667 -50.23 -104.23 -30.28
C ASP B 667 -48.86 -104.39 -30.93
N GLY B 668 -47.95 -103.47 -30.59
CA GLY B 668 -46.63 -103.47 -31.21
C GLY B 668 -45.82 -104.72 -30.91
N GLY B 669 -45.89 -105.21 -29.67
CA GLY B 669 -45.10 -106.37 -29.30
C GLY B 669 -45.50 -107.62 -30.06
N GLU B 670 -46.81 -107.89 -30.14
CA GLU B 670 -47.27 -109.06 -30.88
C GLU B 670 -46.97 -108.94 -32.37
N ILE B 671 -46.88 -107.71 -32.87
CA ILE B 671 -46.46 -107.51 -34.26
C ILE B 671 -44.99 -107.86 -34.41
N VAL B 672 -44.12 -107.18 -33.66
CA VAL B 672 -42.68 -107.38 -33.78
C VAL B 672 -42.24 -108.79 -33.41
N LYS B 673 -43.11 -109.56 -32.76
CA LYS B 673 -42.78 -110.95 -32.47
C LYS B 673 -42.55 -111.75 -33.74
N PHE B 674 -43.39 -111.56 -34.76
CA PHE B 674 -43.25 -112.21 -36.06
C PHE B 674 -43.38 -111.19 -37.18
N LEU B 675 -42.79 -110.01 -36.97
CA LEU B 675 -42.79 -108.97 -38.00
C LEU B 675 -42.25 -109.47 -39.32
N GLN B 676 -41.21 -110.31 -39.29
CA GLN B 676 -40.64 -110.82 -40.54
C GLN B 676 -41.65 -111.67 -41.29
N ASP B 677 -42.36 -112.56 -40.58
CA ASP B 677 -43.37 -113.38 -41.22
C ASP B 677 -44.52 -112.54 -41.74
N THR B 678 -44.94 -111.53 -40.98
CA THR B 678 -46.03 -110.67 -41.42
C THR B 678 -45.64 -109.88 -42.67
N LEU B 679 -44.41 -109.35 -42.70
CA LEU B 679 -43.94 -108.62 -43.87
C LEU B 679 -43.84 -109.53 -45.09
N ASP B 680 -43.34 -110.75 -44.89
CA ASP B 680 -43.27 -111.70 -46.01
C ASP B 680 -44.66 -112.05 -46.53
N ALA B 681 -45.62 -112.23 -45.62
CA ALA B 681 -46.99 -112.51 -46.03
C ALA B 681 -47.58 -111.34 -46.81
N LEU B 682 -47.33 -110.11 -46.35
CA LEU B 682 -47.81 -108.94 -47.09
C LEU B 682 -47.16 -108.85 -48.47
N PHE B 683 -45.87 -109.14 -48.55
CA PHE B 683 -45.18 -109.11 -49.84
C PHE B 683 -45.78 -110.13 -50.80
N ASN B 684 -46.03 -111.35 -50.30
CA ASN B 684 -46.65 -112.38 -51.13
C ASN B 684 -48.05 -111.96 -51.56
N ILE B 685 -48.82 -111.38 -50.64
CA ILE B 685 -50.18 -110.97 -50.95
C ILE B 685 -50.19 -109.92 -52.05
N MET B 686 -49.30 -108.93 -51.95
CA MET B 686 -49.24 -107.90 -52.98
C MET B 686 -48.55 -108.37 -54.25
N MET B 687 -47.81 -109.48 -54.20
CA MET B 687 -47.18 -110.02 -55.40
C MET B 687 -48.17 -110.86 -56.22
N GLU B 688 -48.67 -111.95 -55.62
CA GLU B 688 -49.54 -112.86 -56.37
C GLU B 688 -50.95 -112.33 -56.54
N MET B 689 -51.44 -111.52 -55.59
CA MET B 689 -52.75 -110.89 -55.69
C MET B 689 -52.53 -109.39 -55.86
N SER B 690 -52.33 -108.97 -57.12
CA SER B 690 -52.14 -107.57 -57.46
C SER B 690 -53.19 -107.08 -58.45
N ASP B 691 -54.32 -107.78 -58.56
CA ASP B 691 -55.37 -107.41 -59.50
C ASP B 691 -56.32 -106.37 -58.93
N SER B 692 -56.62 -106.46 -57.64
CA SER B 692 -57.55 -105.55 -56.98
C SER B 692 -56.77 -104.37 -56.40
N GLU B 693 -57.14 -103.16 -56.81
CA GLU B 693 -56.45 -101.95 -56.35
C GLU B 693 -56.70 -101.66 -54.87
N THR B 694 -57.90 -101.93 -54.37
CA THR B 694 -58.16 -101.70 -52.94
C THR B 694 -57.33 -102.62 -52.07
N TYR B 695 -57.09 -103.86 -52.51
CA TYR B 695 -56.19 -104.75 -51.79
C TYR B 695 -54.80 -104.14 -51.67
N ASP B 696 -54.28 -103.62 -52.79
CA ASP B 696 -52.95 -103.02 -52.78
C ASP B 696 -52.92 -101.78 -51.90
N PHE B 697 -53.97 -100.96 -51.95
CA PHE B 697 -54.01 -99.75 -51.13
C PHE B 697 -54.02 -100.09 -49.64
N LEU B 698 -54.82 -101.08 -49.25
CA LEU B 698 -54.87 -101.47 -47.85
C LEU B 698 -53.57 -102.13 -47.41
N VAL B 699 -52.94 -102.92 -48.27
CA VAL B 699 -51.64 -103.50 -47.94
C VAL B 699 -50.60 -102.41 -47.76
N PHE B 700 -50.62 -101.39 -48.63
CA PHE B 700 -49.69 -100.28 -48.50
C PHE B 700 -49.91 -99.52 -47.18
N ASP B 701 -51.18 -99.27 -46.83
CA ASP B 701 -51.46 -98.61 -45.57
C ASP B 701 -50.99 -99.44 -44.38
N ALA B 702 -51.23 -100.75 -44.42
CA ALA B 702 -50.82 -101.62 -43.34
C ALA B 702 -49.31 -101.67 -43.19
N LEU B 703 -48.58 -101.75 -44.31
CA LEU B 703 -47.13 -101.78 -44.22
C LEU B 703 -46.57 -100.43 -43.78
N VAL B 704 -47.23 -99.32 -44.17
CA VAL B 704 -46.82 -98.01 -43.66
C VAL B 704 -46.99 -97.96 -42.15
N PHE B 705 -48.12 -98.46 -41.65
CA PHE B 705 -48.34 -98.48 -40.20
C PHE B 705 -47.31 -99.36 -39.49
N ILE B 706 -47.02 -100.52 -40.06
CA ILE B 706 -46.05 -101.44 -39.45
C ILE B 706 -44.67 -100.81 -39.42
N ILE B 707 -44.24 -100.20 -40.52
CA ILE B 707 -42.90 -99.61 -40.57
C ILE B 707 -42.82 -98.37 -39.69
N SER B 708 -43.92 -97.64 -39.54
CA SER B 708 -43.94 -96.53 -38.60
C SER B 708 -43.79 -97.02 -37.16
N LEU B 709 -44.45 -98.14 -36.84
CA LEU B 709 -44.26 -98.74 -35.52
C LEU B 709 -42.81 -99.19 -35.33
N ILE B 710 -42.21 -99.76 -36.37
CA ILE B 710 -40.81 -100.18 -36.30
C ILE B 710 -39.90 -98.99 -36.05
N GLY B 711 -40.17 -97.87 -36.73
CA GLY B 711 -39.35 -96.68 -36.58
C GLY B 711 -39.55 -95.93 -35.29
N ASP B 712 -40.44 -96.40 -34.41
CA ASP B 712 -40.67 -95.75 -33.14
C ASP B 712 -39.44 -95.89 -32.23
N ILE B 713 -39.44 -95.09 -31.16
CA ILE B 713 -38.32 -95.07 -30.22
C ILE B 713 -38.17 -96.38 -29.46
N LYS B 714 -39.17 -97.25 -29.50
CA LYS B 714 -39.11 -98.49 -28.74
C LYS B 714 -38.52 -99.65 -29.55
N PHE B 715 -38.24 -99.46 -30.83
CA PHE B 715 -37.83 -100.55 -31.71
C PHE B 715 -36.67 -100.13 -32.61
N GLN B 716 -35.70 -99.42 -32.04
CA GLN B 716 -34.45 -99.20 -32.79
C GLN B 716 -33.60 -100.45 -32.81
N HIS B 717 -33.70 -101.29 -31.76
CA HIS B 717 -32.91 -102.50 -31.71
C HIS B 717 -33.33 -103.50 -32.79
N PHE B 718 -34.60 -103.48 -33.19
CA PHE B 718 -35.07 -104.37 -34.25
C PHE B 718 -34.81 -103.83 -35.64
N ASN B 719 -34.37 -102.58 -35.79
CA ASN B 719 -33.98 -102.08 -37.10
C ASN B 719 -32.81 -102.85 -37.71
N PRO B 720 -31.75 -103.20 -36.97
CA PRO B 720 -30.76 -104.11 -37.55
C PRO B 720 -31.34 -105.45 -37.95
N VAL B 721 -32.33 -105.96 -37.21
CA VAL B 721 -32.99 -107.20 -37.61
C VAL B 721 -33.71 -106.99 -38.95
N LEU B 722 -34.39 -105.85 -39.10
CA LEU B 722 -35.04 -105.54 -40.36
C LEU B 722 -34.04 -105.49 -41.52
N GLU B 723 -32.90 -104.83 -41.30
CA GLU B 723 -31.91 -104.72 -42.36
C GLU B 723 -31.30 -106.08 -42.69
N THR B 724 -31.03 -106.90 -41.67
CA THR B 724 -30.51 -108.24 -41.92
C THR B 724 -31.50 -109.08 -42.71
N TYR B 725 -32.80 -108.96 -42.38
CA TYR B 725 -33.82 -109.68 -43.14
C TYR B 725 -33.90 -109.16 -44.57
N ILE B 726 -33.72 -107.84 -44.75
CA ILE B 726 -33.64 -107.28 -46.09
C ILE B 726 -32.52 -107.94 -46.88
N TYR B 727 -31.36 -108.12 -46.25
CA TYR B 727 -30.22 -108.68 -46.96
C TYR B 727 -30.34 -110.18 -47.19
N LYS B 728 -31.00 -110.91 -46.29
CA LYS B 728 -30.96 -112.37 -46.34
C LYS B 728 -32.23 -113.01 -46.90
N HIS B 729 -33.42 -112.49 -46.58
CA HIS B 729 -34.67 -113.16 -46.94
C HIS B 729 -35.59 -112.34 -47.84
N PHE B 730 -35.28 -111.08 -48.10
CA PHE B 730 -36.13 -110.25 -48.95
C PHE B 730 -36.03 -110.76 -50.39
N SER B 731 -37.13 -111.30 -50.91
CA SER B 731 -37.15 -111.94 -52.23
C SER B 731 -38.10 -111.23 -53.17
N ALA B 732 -38.28 -109.93 -53.00
CA ALA B 732 -39.12 -109.16 -53.91
C ALA B 732 -38.33 -108.81 -55.17
N THR B 733 -38.97 -109.01 -56.33
CA THR B 733 -38.31 -108.75 -57.61
C THR B 733 -39.04 -107.68 -58.40
N LEU B 734 -40.37 -107.72 -58.41
CA LEU B 734 -41.19 -106.74 -59.09
C LEU B 734 -42.01 -105.90 -58.14
N ALA B 735 -41.77 -106.01 -56.84
CA ALA B 735 -42.52 -105.22 -55.86
C ALA B 735 -42.07 -103.76 -55.84
N TYR B 736 -40.84 -103.49 -56.27
CA TYR B 736 -40.33 -102.12 -56.20
C TYR B 736 -41.10 -101.18 -57.12
N VAL B 737 -41.36 -101.62 -58.36
CA VAL B 737 -42.09 -100.78 -59.30
C VAL B 737 -43.54 -100.60 -58.86
N LYS B 738 -44.16 -101.66 -58.35
CA LYS B 738 -45.53 -101.56 -57.85
C LYS B 738 -45.62 -100.59 -56.69
N LEU B 739 -44.68 -100.69 -55.74
CA LEU B 739 -44.67 -99.77 -54.60
C LEU B 739 -44.42 -98.34 -55.06
N SER B 740 -43.52 -98.15 -56.03
CA SER B 740 -43.27 -96.81 -56.53
C SER B 740 -44.51 -96.21 -57.19
N LYS B 741 -45.23 -97.01 -57.96
CA LYS B 741 -46.47 -96.52 -58.59
C LYS B 741 -47.51 -96.21 -57.52
N VAL B 742 -47.62 -97.05 -56.49
CA VAL B 742 -48.59 -96.80 -55.44
C VAL B 742 -48.28 -95.50 -54.70
N LEU B 743 -47.01 -95.26 -54.37
CA LEU B 743 -46.67 -94.03 -53.67
C LEU B 743 -46.78 -92.81 -54.59
N ASN B 744 -46.54 -92.99 -55.90
CA ASN B 744 -46.79 -91.92 -56.84
C ASN B 744 -48.26 -91.53 -56.86
N PHE B 745 -49.14 -92.53 -56.86
CA PHE B 745 -50.58 -92.24 -56.76
C PHE B 745 -50.90 -91.56 -55.43
N TYR B 746 -50.28 -92.02 -54.35
CA TYR B 746 -50.50 -91.41 -53.04
C TYR B 746 -50.15 -89.93 -53.04
N VAL B 747 -48.98 -89.58 -53.56
CA VAL B 747 -48.57 -88.18 -53.55
C VAL B 747 -49.39 -87.37 -54.54
N ALA B 748 -49.72 -87.94 -55.70
CA ALA B 748 -50.53 -87.22 -56.68
C ALA B 748 -51.96 -87.03 -56.22
N ASN B 749 -52.42 -87.82 -55.24
CA ASN B 749 -53.79 -87.69 -54.74
C ASN B 749 -53.76 -87.30 -53.26
N ALA B 750 -52.92 -86.35 -52.92
CA ALA B 750 -52.73 -85.91 -51.54
C ALA B 750 -53.80 -84.91 -51.08
N ASP B 751 -54.88 -84.76 -51.83
CA ASP B 751 -55.87 -83.74 -51.52
C ASP B 751 -56.84 -84.15 -50.43
N ASP B 752 -56.90 -85.43 -50.08
CA ASP B 752 -57.87 -85.90 -49.10
C ASP B 752 -57.47 -85.47 -47.69
N SER B 753 -58.46 -85.08 -46.89
CA SER B 753 -58.20 -84.71 -45.51
C SER B 753 -57.99 -85.93 -44.62
N SER B 754 -58.72 -87.02 -44.86
CA SER B 754 -58.48 -88.25 -44.11
C SER B 754 -57.17 -88.92 -44.51
N LYS B 755 -56.60 -88.54 -45.64
CA LYS B 755 -55.31 -89.05 -46.08
C LYS B 755 -54.14 -88.31 -45.46
N THR B 756 -54.40 -87.24 -44.70
CA THR B 756 -53.33 -86.40 -44.18
C THR B 756 -52.39 -87.18 -43.26
N GLU B 757 -52.95 -87.88 -42.27
CA GLU B 757 -52.10 -88.59 -41.32
C GLU B 757 -51.42 -89.80 -41.98
N LEU B 758 -52.10 -90.47 -42.90
CA LEU B 758 -51.49 -91.59 -43.61
C LEU B 758 -50.29 -91.12 -44.43
N LEU B 759 -50.46 -90.00 -45.14
CA LEU B 759 -49.35 -89.44 -45.92
C LEU B 759 -48.23 -88.93 -45.02
N PHE B 760 -48.58 -88.35 -43.86
CA PHE B 760 -47.55 -87.92 -42.93
C PHE B 760 -46.72 -89.09 -42.43
N ALA B 761 -47.38 -90.19 -42.08
CA ALA B 761 -46.66 -91.39 -41.65
C ALA B 761 -45.82 -91.96 -42.79
N ALA B 762 -46.35 -91.96 -44.01
CA ALA B 762 -45.60 -92.47 -45.15
C ALA B 762 -44.35 -91.62 -45.40
N LEU B 763 -44.49 -90.29 -45.32
CA LEU B 763 -43.33 -89.42 -45.49
C LEU B 763 -42.32 -89.58 -44.36
N LYS B 764 -42.79 -89.81 -43.13
CA LYS B 764 -41.88 -90.06 -42.03
C LYS B 764 -41.10 -91.37 -42.22
N ALA B 765 -41.76 -92.40 -42.73
CA ALA B 765 -41.16 -93.72 -42.86
C ALA B 765 -40.66 -94.00 -44.28
N LEU B 766 -40.57 -92.97 -45.12
CA LEU B 766 -40.06 -93.14 -46.47
C LEU B 766 -38.71 -93.87 -46.52
N LYS B 767 -37.86 -93.66 -45.52
CA LYS B 767 -36.51 -94.22 -45.56
C LYS B 767 -36.53 -95.74 -45.70
N TYR B 768 -37.28 -96.41 -44.84
CA TYR B 768 -37.23 -97.88 -44.80
C TYR B 768 -37.98 -98.49 -46.00
N LEU B 769 -39.09 -97.89 -46.40
CA LEU B 769 -39.80 -98.40 -47.56
C LEU B 769 -38.98 -98.19 -48.84
N PHE B 770 -38.22 -97.10 -48.91
CA PHE B 770 -37.32 -96.91 -50.03
C PHE B 770 -36.14 -97.87 -49.97
N ARG B 771 -35.70 -98.25 -48.77
CA ARG B 771 -34.73 -99.34 -48.67
C ARG B 771 -35.31 -100.62 -49.24
N PHE B 772 -36.56 -100.92 -48.92
CA PHE B 772 -37.22 -102.10 -49.48
C PHE B 772 -37.28 -102.03 -51.00
N ILE B 773 -37.65 -100.87 -51.54
CA ILE B 773 -37.76 -100.70 -52.98
C ILE B 773 -36.40 -100.87 -53.64
N ILE B 774 -35.36 -100.28 -53.05
CA ILE B 774 -34.01 -100.41 -53.61
C ILE B 774 -33.56 -101.86 -53.59
N GLN B 775 -33.82 -102.58 -52.50
CA GLN B 775 -33.44 -103.99 -52.43
C GLN B 775 -34.17 -104.80 -53.49
N SER B 776 -35.48 -104.56 -53.66
CA SER B 776 -36.23 -105.28 -54.67
C SER B 776 -35.71 -104.98 -56.07
N ARG B 777 -35.40 -103.71 -56.34
CA ARG B 777 -34.90 -103.33 -57.66
C ARG B 777 -33.55 -103.95 -57.96
N VAL B 778 -32.63 -103.94 -56.98
CA VAL B 778 -31.32 -104.53 -57.22
C VAL B 778 -31.42 -106.04 -57.32
N LEU B 779 -32.35 -106.65 -56.60
CA LEU B 779 -32.59 -108.08 -56.75
C LEU B 779 -33.07 -108.41 -58.16
N TYR B 780 -34.00 -107.61 -58.67
CA TYR B 780 -34.45 -107.78 -60.06
C TYR B 780 -33.30 -107.61 -61.04
N LEU B 781 -32.47 -106.58 -60.82
CA LEU B 781 -31.34 -106.33 -61.71
C LEU B 781 -30.36 -107.49 -61.73
N ARG B 782 -30.02 -108.02 -60.54
CA ARG B 782 -29.05 -109.10 -60.49
C ARG B 782 -29.62 -110.44 -60.94
N PHE B 783 -30.92 -110.66 -60.77
CA PHE B 783 -31.51 -111.89 -61.29
C PHE B 783 -31.66 -111.85 -62.80
N TYR B 784 -31.95 -110.68 -63.37
CA TYR B 784 -32.10 -110.54 -64.82
C TYR B 784 -30.85 -110.00 -65.48
N GLY B 785 -29.78 -109.80 -64.73
CA GLY B 785 -28.53 -109.30 -65.30
C GLY B 785 -28.57 -107.82 -65.56
N GLN B 786 -29.33 -107.41 -66.56
CA GLN B 786 -29.56 -106.00 -66.86
C GLN B 786 -31.04 -105.80 -67.15
N SER B 787 -31.59 -104.69 -66.65
CA SER B 787 -33.01 -104.41 -66.75
C SER B 787 -33.24 -103.26 -67.72
N LYS B 788 -34.06 -103.52 -68.75
CA LYS B 788 -34.57 -102.44 -69.58
C LYS B 788 -35.60 -101.60 -68.83
N ASP B 789 -36.07 -102.05 -67.68
CA ASP B 789 -36.98 -101.29 -66.84
C ASP B 789 -36.26 -100.30 -65.94
N GLY B 790 -34.92 -100.26 -66.00
CA GLY B 790 -34.19 -99.24 -65.25
C GLY B 790 -34.52 -97.83 -65.72
N ASP B 791 -34.60 -97.64 -67.04
CA ASP B 791 -34.92 -96.33 -67.58
C ASP B 791 -36.33 -95.89 -67.17
N GLU B 792 -37.30 -96.80 -67.28
CA GLU B 792 -38.67 -96.42 -66.91
C GLU B 792 -38.80 -96.22 -65.40
N PHE B 793 -38.04 -96.95 -64.59
CA PHE B 793 -38.09 -96.71 -63.15
C PHE B 793 -37.43 -95.39 -62.79
N ASN B 794 -36.36 -95.02 -63.50
CA ASN B 794 -35.78 -93.70 -63.30
C ASN B 794 -36.77 -92.61 -63.70
N ASN B 795 -37.51 -92.83 -64.79
CA ASN B 795 -38.56 -91.90 -65.17
C ASN B 795 -39.64 -91.83 -64.10
N SER B 796 -39.99 -92.96 -63.49
CA SER B 796 -40.96 -92.97 -62.40
C SER B 796 -40.45 -92.18 -61.20
N ILE B 797 -39.17 -92.30 -60.89
CA ILE B 797 -38.59 -91.51 -59.79
C ILE B 797 -38.63 -90.03 -60.12
N ARG B 798 -38.31 -89.68 -61.37
CA ARG B 798 -38.38 -88.27 -61.78
C ARG B 798 -39.81 -87.75 -61.69
N GLN B 799 -40.79 -88.56 -62.08
CA GLN B 799 -42.19 -88.19 -61.93
C GLN B 799 -42.59 -88.07 -60.47
N LEU B 800 -42.02 -88.90 -59.60
CA LEU B 800 -42.27 -88.75 -58.16
C LEU B 800 -41.72 -87.42 -57.66
N PHE B 801 -40.53 -87.03 -58.14
CA PHE B 801 -39.98 -85.72 -57.78
C PHE B 801 -40.87 -84.59 -58.29
N LEU B 802 -41.39 -84.73 -59.50
CA LEU B 802 -42.30 -83.71 -60.03
C LEU B 802 -43.59 -83.64 -59.21
N ALA B 803 -44.08 -84.80 -58.77
CA ALA B 803 -45.25 -84.83 -57.89
C ALA B 803 -44.95 -84.16 -56.56
N PHE B 804 -43.73 -84.34 -56.04
CA PHE B 804 -43.32 -83.61 -54.85
C PHE B 804 -43.30 -82.11 -55.10
N ASN B 805 -42.83 -81.70 -56.29
CA ASN B 805 -42.86 -80.30 -56.65
C ASN B 805 -44.29 -79.76 -56.66
N MET B 806 -45.22 -80.54 -57.21
CA MET B 806 -46.62 -80.12 -57.21
C MET B 806 -47.18 -80.06 -55.78
N LEU B 807 -46.80 -81.02 -54.94
CA LEU B 807 -47.23 -81.02 -53.55
C LEU B 807 -46.70 -79.79 -52.81
N MET B 808 -45.51 -79.33 -53.17
CA MET B 808 -44.99 -78.10 -52.59
C MET B 808 -45.68 -76.87 -53.19
N ASP B 809 -46.11 -76.95 -54.44
CA ASP B 809 -46.72 -75.81 -55.11
C ASP B 809 -48.14 -75.55 -54.60
N ARG B 810 -48.86 -76.60 -54.21
CA ARG B 810 -50.20 -76.42 -53.69
C ARG B 810 -50.14 -75.71 -52.33
N PRO B 811 -51.24 -75.05 -51.92
CA PRO B 811 -51.18 -74.21 -50.72
C PRO B 811 -50.77 -74.99 -49.48
N LEU B 812 -50.02 -74.32 -48.61
CA LEU B 812 -49.52 -74.90 -47.37
C LEU B 812 -50.52 -74.77 -46.22
N GLU B 813 -51.68 -74.15 -46.46
CA GLU B 813 -52.62 -73.84 -45.38
C GLU B 813 -53.12 -75.08 -44.65
N GLU B 814 -53.16 -76.24 -45.33
CA GLU B 814 -53.65 -77.46 -44.70
C GLU B 814 -52.57 -78.50 -44.44
N ALA B 815 -51.37 -78.30 -44.97
CA ALA B 815 -50.28 -79.28 -44.84
C ALA B 815 -48.99 -78.60 -44.43
N VAL B 816 -49.07 -77.73 -43.43
CA VAL B 816 -47.87 -77.05 -42.92
C VAL B 816 -46.89 -78.10 -42.37
N LYS B 817 -47.30 -78.81 -41.33
CA LYS B 817 -46.42 -79.79 -40.70
C LYS B 817 -46.15 -80.97 -41.64
N ILE B 818 -47.14 -81.34 -42.45
CA ILE B 818 -46.98 -82.48 -43.35
C ILE B 818 -45.89 -82.18 -44.37
N LYS B 819 -45.96 -81.02 -45.03
CA LYS B 819 -44.94 -80.68 -46.01
C LYS B 819 -43.60 -80.37 -45.35
N GLY B 820 -43.62 -79.82 -44.12
CA GLY B 820 -42.37 -79.63 -43.40
C GLY B 820 -41.66 -80.94 -43.15
N ALA B 821 -42.40 -81.96 -42.71
CA ALA B 821 -41.81 -83.27 -42.49
C ALA B 821 -41.38 -83.91 -43.81
N ALA B 822 -42.17 -83.71 -44.87
CA ALA B 822 -41.78 -84.24 -46.17
C ALA B 822 -40.45 -83.66 -46.63
N LEU B 823 -40.26 -82.35 -46.43
CA LEU B 823 -38.95 -81.75 -46.67
C LEU B 823 -37.89 -82.34 -45.73
N LYS B 824 -38.28 -82.62 -44.48
CA LYS B 824 -37.32 -83.07 -43.49
C LYS B 824 -36.74 -84.43 -43.84
N TYR B 825 -37.59 -85.39 -44.21
CA TYR B 825 -37.16 -86.77 -44.38
C TYR B 825 -36.94 -87.15 -45.84
N LEU B 826 -37.06 -86.21 -46.77
CA LEU B 826 -36.87 -86.54 -48.18
C LEU B 826 -35.46 -87.02 -48.51
N PRO B 827 -34.38 -86.34 -48.10
CA PRO B 827 -33.03 -86.80 -48.46
C PRO B 827 -32.52 -87.98 -47.64
N SER B 828 -33.39 -88.66 -46.88
CA SER B 828 -32.93 -89.74 -46.02
C SER B 828 -32.35 -90.89 -46.83
N ILE B 829 -33.02 -91.27 -47.92
CA ILE B 829 -32.60 -92.42 -48.71
C ILE B 829 -31.78 -92.05 -49.94
N ILE B 830 -31.82 -90.78 -50.36
CA ILE B 830 -31.16 -90.39 -51.61
C ILE B 830 -29.67 -90.64 -51.57
N ASN B 831 -29.07 -90.69 -50.37
CA ASN B 831 -27.68 -91.10 -50.26
C ASN B 831 -27.48 -92.52 -50.78
N ASP B 832 -28.37 -93.44 -50.41
CA ASP B 832 -28.35 -94.79 -50.95
C ASP B 832 -28.90 -94.88 -52.36
N VAL B 833 -29.79 -93.96 -52.75
CA VAL B 833 -30.29 -93.93 -54.12
C VAL B 833 -29.16 -93.57 -55.08
N LYS B 834 -28.23 -92.72 -54.64
CA LYS B 834 -27.08 -92.36 -55.47
C LYS B 834 -26.29 -93.58 -55.91
N LEU B 835 -26.26 -94.64 -55.08
CA LEU B 835 -25.49 -95.82 -55.42
C LEU B 835 -26.02 -96.52 -56.66
N VAL B 836 -27.31 -96.35 -56.96
CA VAL B 836 -27.91 -97.00 -58.12
C VAL B 836 -28.42 -95.99 -59.16
N PHE B 837 -28.73 -94.76 -58.78
CA PHE B 837 -29.19 -93.74 -59.71
C PHE B 837 -28.05 -92.80 -60.06
N ASP B 838 -28.22 -92.09 -61.17
CA ASP B 838 -27.18 -91.18 -61.64
C ASP B 838 -27.03 -90.02 -60.67
N PRO B 839 -25.85 -89.80 -60.09
CA PRO B 839 -25.70 -88.70 -59.12
C PRO B 839 -25.97 -87.32 -59.72
N VAL B 840 -25.60 -87.10 -60.98
CA VAL B 840 -25.83 -85.79 -61.59
C VAL B 840 -27.32 -85.52 -61.72
N GLU B 841 -28.07 -86.52 -62.19
CA GLU B 841 -29.50 -86.36 -62.35
C GLU B 841 -30.19 -86.14 -61.00
N LEU B 842 -29.80 -86.91 -59.98
CA LEU B 842 -30.37 -86.72 -58.65
C LEU B 842 -30.05 -85.33 -58.12
N SER B 843 -28.81 -84.87 -58.31
CA SER B 843 -28.43 -83.55 -57.82
C SER B 843 -29.23 -82.45 -58.50
N VAL B 844 -29.36 -82.51 -59.83
CA VAL B 844 -30.09 -81.45 -60.52
C VAL B 844 -31.57 -81.52 -60.20
N LEU B 845 -32.14 -82.72 -60.04
CA LEU B 845 -33.55 -82.81 -59.66
C LEU B 845 -33.79 -82.23 -58.29
N PHE B 846 -32.90 -82.52 -57.33
CA PHE B 846 -33.04 -81.93 -56.00
C PHE B 846 -32.83 -80.42 -56.03
N CYS B 847 -31.92 -79.93 -56.87
CA CYS B 847 -31.74 -78.50 -57.02
C CYS B 847 -33.01 -77.83 -57.51
N LYS B 848 -33.64 -78.41 -58.52
CA LYS B 848 -34.91 -77.86 -59.02
C LYS B 848 -35.99 -77.94 -57.94
N PHE B 849 -36.04 -79.06 -57.22
CA PHE B 849 -37.05 -79.22 -56.17
C PHE B 849 -36.90 -78.17 -55.08
N ILE B 850 -35.66 -77.87 -54.68
CA ILE B 850 -35.46 -76.95 -53.58
C ILE B 850 -35.57 -75.50 -54.05
N GLN B 851 -35.18 -75.21 -55.29
CA GLN B 851 -35.38 -73.86 -55.82
C GLN B 851 -36.85 -73.57 -56.09
N SER B 852 -37.66 -74.61 -56.30
CA SER B 852 -39.10 -74.43 -56.41
C SER B 852 -39.76 -74.12 -55.07
N ILE B 853 -39.05 -74.32 -53.96
CA ILE B 853 -39.59 -74.04 -52.63
C ILE B 853 -39.74 -72.53 -52.45
N PRO B 854 -40.92 -72.03 -52.10
CA PRO B 854 -41.06 -70.60 -51.81
C PRO B 854 -40.21 -70.17 -50.64
N ASP B 855 -39.73 -68.93 -50.70
CA ASP B 855 -38.83 -68.38 -49.70
C ASP B 855 -39.56 -67.46 -48.71
N ASN B 856 -40.79 -67.78 -48.36
CA ASN B 856 -41.59 -66.94 -47.48
C ASN B 856 -42.14 -67.67 -46.25
N GLN B 857 -42.08 -68.99 -46.21
CA GLN B 857 -42.66 -69.78 -45.12
C GLN B 857 -41.65 -70.80 -44.63
N LEU B 858 -41.46 -70.86 -43.31
CA LEU B 858 -40.68 -71.91 -42.64
C LEU B 858 -39.24 -71.94 -43.17
N VAL B 859 -38.53 -70.84 -42.92
CA VAL B 859 -37.16 -70.71 -43.38
C VAL B 859 -36.23 -71.65 -42.62
N ARG B 860 -36.42 -71.77 -41.30
CA ARG B 860 -35.52 -72.61 -40.51
C ARG B 860 -35.64 -74.07 -40.88
N GLN B 861 -36.86 -74.54 -41.17
CA GLN B 861 -37.04 -75.94 -41.53
C GLN B 861 -36.32 -76.27 -42.84
N LYS B 862 -36.49 -75.44 -43.86
CA LYS B 862 -35.79 -75.67 -45.12
C LYS B 862 -34.29 -75.50 -44.97
N LEU B 863 -33.83 -74.60 -44.09
CA LEU B 863 -32.40 -74.49 -43.84
C LEU B 863 -31.86 -75.76 -43.20
N ASN B 864 -32.61 -76.35 -42.26
CA ASN B 864 -32.18 -77.62 -41.68
C ASN B 864 -32.17 -78.73 -42.74
N CYS B 865 -33.18 -78.75 -43.60
CA CYS B 865 -33.21 -79.74 -44.68
C CYS B 865 -31.99 -79.60 -45.58
N MET B 866 -31.64 -78.37 -45.94
CA MET B 866 -30.45 -78.14 -46.75
C MET B 866 -29.17 -78.49 -45.99
N THR B 867 -29.18 -78.30 -44.67
CA THR B 867 -28.04 -78.72 -43.85
C THR B 867 -27.83 -80.23 -43.96
N LYS B 868 -28.93 -80.98 -43.91
CA LYS B 868 -28.83 -82.42 -44.12
C LYS B 868 -28.41 -82.74 -45.56
N ILE B 869 -28.85 -81.91 -46.51
CA ILE B 869 -28.54 -82.13 -47.91
C ILE B 869 -27.03 -82.00 -48.16
N VAL B 870 -26.43 -80.91 -47.69
CA VAL B 870 -25.01 -80.70 -47.92
C VAL B 870 -24.19 -81.76 -47.18
N GLU B 871 -24.64 -82.17 -46.00
CA GLU B 871 -23.92 -83.20 -45.25
C GLU B 871 -23.83 -84.51 -46.02
N SER B 872 -24.84 -84.83 -46.83
CA SER B 872 -24.91 -86.10 -47.52
C SER B 872 -24.53 -85.93 -48.99
N THR B 873 -23.65 -86.81 -49.46
CA THR B 873 -23.28 -87.00 -50.87
C THR B 873 -22.49 -85.84 -51.47
N LEU B 874 -22.27 -84.76 -50.75
CA LEU B 874 -21.37 -83.72 -51.25
C LEU B 874 -19.91 -84.12 -51.14
N PHE B 875 -19.55 -84.93 -50.15
CA PHE B 875 -18.20 -85.48 -50.08
C PHE B 875 -17.85 -86.27 -51.32
N ARG B 876 -18.84 -86.87 -51.99
CA ARG B 876 -18.65 -87.47 -53.31
C ARG B 876 -18.82 -86.36 -54.35
N GLN B 877 -17.81 -85.49 -54.40
CA GLN B 877 -17.92 -84.23 -55.12
C GLN B 877 -17.59 -84.32 -56.61
N SER B 878 -17.28 -85.53 -57.11
CA SER B 878 -16.81 -85.66 -58.48
C SER B 878 -17.81 -85.13 -59.51
N GLU B 879 -19.09 -85.04 -59.15
CA GLU B 879 -20.10 -84.54 -60.09
C GLU B 879 -21.11 -83.59 -59.46
N CYS B 880 -20.87 -83.06 -58.26
CA CYS B 880 -21.85 -82.22 -57.60
C CYS B 880 -21.20 -80.99 -56.95
N ARG B 881 -20.19 -80.43 -57.59
CA ARG B 881 -19.59 -79.19 -57.10
C ARG B 881 -20.21 -77.95 -57.75
N GLU B 882 -20.10 -77.87 -59.07
CA GLU B 882 -20.55 -76.70 -59.82
C GLU B 882 -22.08 -76.62 -59.92
N VAL B 883 -22.80 -77.64 -59.49
CA VAL B 883 -24.26 -77.62 -59.49
C VAL B 883 -24.81 -77.37 -58.09
N LEU B 884 -24.11 -77.82 -57.06
CA LEU B 884 -24.60 -77.63 -55.70
C LEU B 884 -24.11 -76.33 -55.09
N LEU B 885 -22.85 -75.96 -55.33
CA LEU B 885 -22.32 -74.72 -54.75
C LEU B 885 -23.09 -73.48 -55.17
N PRO B 886 -23.46 -73.27 -56.45
CA PRO B 886 -24.30 -72.11 -56.77
C PRO B 886 -25.63 -72.10 -56.03
N LEU B 887 -26.23 -73.28 -55.81
CA LEU B 887 -27.46 -73.36 -55.04
C LEU B 887 -27.28 -72.90 -53.61
N LEU B 888 -26.21 -73.36 -52.95
CA LEU B 888 -25.92 -72.91 -51.60
C LEU B 888 -25.66 -71.41 -51.56
N THR B 889 -24.94 -70.89 -52.57
CA THR B 889 -24.66 -69.47 -52.63
C THR B 889 -25.96 -68.66 -52.78
N ASP B 890 -26.86 -69.12 -53.64
CA ASP B 890 -28.12 -68.42 -53.83
C ASP B 890 -28.98 -68.46 -52.56
N GLN B 891 -29.04 -69.61 -51.89
CA GLN B 891 -29.86 -69.69 -50.68
C GLN B 891 -29.28 -68.82 -49.57
N LEU B 892 -27.95 -68.77 -49.43
CA LEU B 892 -27.37 -67.90 -48.41
C LEU B 892 -27.55 -66.44 -48.77
N SER B 893 -27.49 -66.09 -50.07
CA SER B 893 -27.74 -64.71 -50.47
C SER B 893 -29.17 -64.30 -50.15
N GLY B 894 -30.13 -65.19 -50.38
CA GLY B 894 -31.49 -64.93 -49.94
C GLY B 894 -31.60 -64.81 -48.43
N GLN B 895 -30.79 -65.60 -47.71
CA GLN B 895 -30.79 -65.51 -46.25
C GLN B 895 -30.21 -64.18 -45.75
N LEU B 896 -29.32 -63.57 -46.53
CA LEU B 896 -28.53 -62.43 -46.07
C LEU B 896 -29.36 -61.26 -45.57
N ASP B 897 -30.14 -60.63 -46.43
CA ASP B 897 -30.83 -59.38 -46.13
C ASP B 897 -32.31 -59.68 -45.87
N ASP B 898 -32.65 -59.87 -44.60
CA ASP B 898 -34.03 -60.11 -44.19
C ASP B 898 -34.48 -59.27 -43.02
N ASN B 899 -33.57 -58.69 -42.24
CA ASN B 899 -33.86 -57.94 -41.02
C ASN B 899 -34.57 -58.77 -39.96
N SER B 900 -34.67 -60.08 -40.18
CA SER B 900 -35.28 -61.00 -39.22
C SER B 900 -34.45 -62.27 -39.13
N ASN B 901 -33.16 -62.18 -39.46
CA ASN B 901 -32.24 -63.30 -39.43
C ASN B 901 -31.68 -63.55 -38.04
N LYS B 902 -32.33 -63.01 -37.00
CA LYS B 902 -31.85 -63.22 -35.63
C LYS B 902 -31.76 -64.69 -35.24
N PRO B 903 -32.74 -65.56 -35.52
CA PRO B 903 -32.55 -66.99 -35.23
C PRO B 903 -31.90 -67.76 -36.37
N ASP B 904 -31.89 -67.21 -37.58
CA ASP B 904 -31.27 -67.88 -38.73
C ASP B 904 -29.75 -67.88 -38.66
N HIS B 905 -29.17 -67.16 -37.70
CA HIS B 905 -27.72 -67.11 -37.60
C HIS B 905 -27.12 -68.48 -37.36
N GLU B 906 -27.74 -69.28 -36.49
CA GLU B 906 -27.22 -70.61 -36.20
C GLU B 906 -27.28 -71.50 -37.43
N ALA B 907 -28.39 -71.45 -38.17
CA ALA B 907 -28.49 -72.26 -39.39
C ALA B 907 -27.47 -71.83 -40.42
N SER B 908 -27.28 -70.53 -40.60
CA SER B 908 -26.27 -70.05 -41.55
C SER B 908 -24.88 -70.48 -41.13
N SER B 909 -24.59 -70.43 -39.83
CA SER B 909 -23.30 -70.86 -39.33
C SER B 909 -23.08 -72.34 -39.59
N GLN B 910 -24.10 -73.16 -39.35
CA GLN B 910 -23.99 -74.59 -39.62
C GLN B 910 -23.75 -74.86 -41.10
N LEU B 911 -24.46 -74.14 -41.97
CA LEU B 911 -24.27 -74.30 -43.40
C LEU B 911 -22.85 -73.94 -43.81
N LEU B 912 -22.36 -72.80 -43.33
CA LEU B 912 -21.01 -72.38 -43.65
C LEU B 912 -19.98 -73.38 -43.15
N SER B 913 -20.18 -73.87 -41.92
CA SER B 913 -19.26 -74.85 -41.36
C SER B 913 -19.22 -76.10 -42.22
N ASN B 914 -20.38 -76.63 -42.58
CA ASN B 914 -20.42 -77.89 -43.33
C ASN B 914 -19.85 -77.71 -44.73
N ILE B 915 -20.14 -76.58 -45.39
CA ILE B 915 -19.59 -76.40 -46.73
C ILE B 915 -18.08 -76.24 -46.67
N LEU B 916 -17.57 -75.53 -45.67
CA LEU B 916 -16.13 -75.45 -45.52
C LEU B 916 -15.52 -76.82 -45.24
N GLU B 917 -16.18 -77.63 -44.41
CA GLU B 917 -15.71 -78.98 -44.14
C GLU B 917 -15.56 -79.77 -45.43
N VAL B 918 -16.63 -79.81 -46.23
CA VAL B 918 -16.57 -80.57 -47.47
C VAL B 918 -15.60 -79.95 -48.47
N LEU B 919 -15.32 -78.65 -48.34
CA LEU B 919 -14.32 -78.03 -49.21
C LEU B 919 -12.90 -78.44 -48.84
N ASP B 920 -12.61 -78.58 -47.54
CA ASP B 920 -11.26 -78.87 -47.09
C ASP B 920 -11.02 -80.36 -46.87
N ARG B 921 -11.99 -81.22 -47.18
CA ARG B 921 -11.79 -82.65 -47.00
C ARG B 921 -10.65 -83.15 -47.90
N LYS B 922 -9.80 -84.00 -47.32
CA LYS B 922 -8.64 -84.52 -48.04
C LYS B 922 -9.00 -85.62 -49.03
N ASP B 923 -10.23 -86.14 -48.98
CA ASP B 923 -10.70 -87.12 -49.94
C ASP B 923 -11.56 -86.50 -51.04
N VAL B 924 -11.30 -85.25 -51.40
CA VAL B 924 -12.08 -84.51 -52.39
C VAL B 924 -11.34 -84.40 -53.71
N GLY B 925 -10.16 -83.78 -53.70
CA GLY B 925 -9.41 -83.60 -54.93
C GLY B 925 -9.31 -82.16 -55.38
N ALA B 926 -9.70 -81.91 -56.63
CA ALA B 926 -9.57 -80.58 -57.21
C ALA B 926 -10.72 -79.67 -56.76
N THR B 927 -10.36 -78.54 -56.15
CA THR B 927 -11.33 -77.54 -55.73
C THR B 927 -10.83 -76.13 -56.01
N ALA B 928 -10.04 -75.95 -57.06
CA ALA B 928 -9.40 -74.66 -57.33
C ALA B 928 -10.42 -73.64 -57.83
N VAL B 929 -11.06 -73.93 -58.96
CA VAL B 929 -12.01 -72.97 -59.54
C VAL B 929 -13.22 -72.77 -58.63
N HIS B 930 -13.64 -73.84 -57.94
CA HIS B 930 -14.81 -73.73 -57.07
C HIS B 930 -14.53 -72.82 -55.87
N ILE B 931 -13.38 -73.01 -55.20
CA ILE B 931 -12.99 -72.10 -54.13
C ILE B 931 -12.77 -70.70 -54.67
N GLN B 932 -12.26 -70.59 -55.90
CA GLN B 932 -12.10 -69.28 -56.52
C GLN B 932 -13.44 -68.56 -56.63
N LEU B 933 -14.45 -69.23 -57.15
CA LEU B 933 -15.77 -68.63 -57.26
C LEU B 933 -16.35 -68.32 -55.88
N ILE B 934 -16.11 -69.20 -54.91
CA ILE B 934 -16.62 -68.98 -53.56
C ILE B 934 -16.04 -67.69 -52.99
N MET B 935 -14.72 -67.54 -53.05
CA MET B 935 -14.11 -66.30 -52.55
C MET B 935 -14.48 -65.12 -53.43
N GLU B 936 -14.90 -65.38 -54.68
CA GLU B 936 -15.48 -64.30 -55.49
C GLU B 936 -16.77 -63.78 -54.88
N ARG B 937 -17.64 -64.68 -54.39
CA ARG B 937 -18.92 -64.24 -53.88
C ARG B 937 -19.28 -64.77 -52.49
N LEU B 938 -18.29 -65.07 -51.64
CA LEU B 938 -18.59 -65.49 -50.27
C LEU B 938 -17.65 -64.83 -49.26
N LEU B 939 -17.25 -63.59 -49.51
CA LEU B 939 -16.45 -62.87 -48.51
C LEU B 939 -17.08 -61.54 -48.10
N ARG B 940 -17.55 -60.76 -49.07
CA ARG B 940 -18.20 -59.50 -48.75
C ARG B 940 -19.45 -59.72 -47.90
N ARG B 941 -20.19 -60.79 -48.20
CA ARG B 941 -21.43 -61.04 -47.47
C ARG B 941 -21.17 -61.45 -46.03
N ILE B 942 -20.13 -62.25 -45.75
CA ILE B 942 -19.84 -62.57 -44.35
C ILE B 942 -19.29 -61.35 -43.63
N ASN B 943 -18.50 -60.54 -44.32
CA ASN B 943 -18.05 -59.28 -43.73
C ASN B 943 -19.26 -58.42 -43.33
N ARG B 944 -20.23 -58.29 -44.23
CA ARG B 944 -21.45 -57.55 -43.93
C ARG B 944 -22.26 -58.15 -42.79
N THR B 945 -22.38 -59.47 -42.75
CA THR B 945 -23.14 -60.11 -41.68
C THR B 945 -22.50 -59.86 -40.33
N VAL B 946 -21.16 -59.99 -40.24
CA VAL B 946 -20.50 -59.78 -38.96
C VAL B 946 -20.56 -58.31 -38.57
N ILE B 947 -20.51 -57.40 -39.56
CA ILE B 947 -20.71 -55.98 -39.27
C ILE B 947 -22.09 -55.75 -38.68
N GLY B 948 -23.11 -56.39 -39.26
CA GLY B 948 -24.45 -56.26 -38.72
C GLY B 948 -24.59 -56.82 -37.32
N MET B 949 -23.97 -57.98 -37.07
CA MET B 949 -24.05 -58.64 -35.77
C MET B 949 -22.83 -58.37 -34.89
N ASN B 950 -22.23 -57.19 -35.03
CA ASN B 950 -21.17 -56.77 -34.10
C ASN B 950 -21.62 -56.82 -32.65
N ARG B 951 -22.93 -56.94 -32.39
CA ARG B 951 -23.41 -57.09 -31.02
C ARG B 951 -22.81 -58.35 -30.39
N GLN B 952 -22.53 -58.26 -29.09
CA GLN B 952 -21.77 -59.30 -28.40
C GLN B 952 -22.64 -60.37 -27.77
N SER B 953 -23.96 -60.29 -27.90
CA SER B 953 -24.86 -61.27 -27.30
C SER B 953 -24.94 -62.59 -28.08
N PRO B 954 -25.06 -62.59 -29.42
CA PRO B 954 -25.27 -63.87 -30.12
C PRO B 954 -24.03 -64.74 -30.18
N HIS B 955 -24.13 -65.86 -30.89
CA HIS B 955 -23.02 -66.81 -31.02
C HIS B 955 -22.15 -66.39 -32.21
N ILE B 956 -21.38 -65.32 -31.98
CA ILE B 956 -20.51 -64.80 -33.04
C ILE B 956 -19.39 -65.79 -33.35
N GLY B 957 -18.96 -66.54 -32.34
CA GLY B 957 -17.79 -67.41 -32.50
C GLY B 957 -17.90 -68.37 -33.66
N SER B 958 -19.13 -68.83 -33.95
CA SER B 958 -19.33 -69.70 -35.10
C SER B 958 -18.98 -68.97 -36.40
N PHE B 959 -19.48 -67.75 -36.55
CA PHE B 959 -19.15 -66.96 -37.74
C PHE B 959 -17.65 -66.67 -37.78
N VAL B 960 -17.04 -66.42 -36.62
CA VAL B 960 -15.60 -66.15 -36.58
C VAL B 960 -14.83 -67.37 -37.07
N ALA B 961 -15.21 -68.56 -36.60
CA ALA B 961 -14.52 -69.76 -37.02
C ALA B 961 -14.70 -69.98 -38.52
N CYS B 962 -15.93 -69.77 -39.03
CA CYS B 962 -16.17 -69.95 -40.45
C CYS B 962 -15.30 -68.99 -41.27
N MET B 963 -15.28 -67.71 -40.89
CA MET B 963 -14.55 -66.73 -41.68
C MET B 963 -13.04 -66.97 -41.60
N ILE B 964 -12.53 -67.37 -40.44
CA ILE B 964 -11.10 -67.61 -40.34
C ILE B 964 -10.72 -68.84 -41.15
N ALA B 965 -11.56 -69.89 -41.12
CA ALA B 965 -11.29 -71.06 -41.94
C ALA B 965 -11.28 -70.68 -43.42
N LEU B 966 -12.27 -69.91 -43.84
CA LEU B 966 -12.34 -69.46 -45.23
C LEU B 966 -11.08 -68.70 -45.63
N LEU B 967 -10.66 -67.75 -44.80
CA LEU B 967 -9.51 -66.92 -45.15
C LEU B 967 -8.22 -67.73 -45.16
N GLN B 968 -8.04 -68.67 -44.23
CA GLN B 968 -6.80 -69.43 -44.20
C GLN B 968 -6.73 -70.49 -45.28
N GLN B 969 -7.86 -71.06 -45.68
CA GLN B 969 -7.85 -72.16 -46.64
C GLN B 969 -7.28 -71.73 -47.98
N MET B 970 -7.69 -70.57 -48.46
CA MET B 970 -7.23 -70.10 -49.76
C MET B 970 -5.83 -69.52 -49.66
N ASP B 971 -5.02 -69.81 -50.67
CA ASP B 971 -3.64 -69.35 -50.76
C ASP B 971 -3.57 -68.03 -51.53
N ASP B 972 -2.35 -67.49 -51.62
CA ASP B 972 -2.16 -66.17 -52.24
C ASP B 972 -2.59 -66.15 -53.70
N SER B 973 -2.62 -67.32 -54.36
CA SER B 973 -2.97 -67.36 -55.77
C SER B 973 -4.38 -66.86 -56.01
N HIS B 974 -5.35 -67.33 -55.22
CA HIS B 974 -6.73 -66.87 -55.39
C HIS B 974 -6.88 -65.40 -55.05
N TYR B 975 -6.19 -64.94 -54.01
CA TYR B 975 -6.25 -63.52 -53.67
C TYR B 975 -5.75 -62.66 -54.82
N SER B 976 -4.58 -63.02 -55.38
CA SER B 976 -4.06 -62.26 -56.51
C SER B 976 -4.95 -62.36 -57.72
N HIS B 977 -5.59 -63.51 -57.94
CA HIS B 977 -6.44 -63.69 -59.12
C HIS B 977 -7.68 -62.83 -59.04
N TYR B 978 -8.40 -62.87 -57.92
CA TYR B 978 -9.67 -62.14 -57.85
C TYR B 978 -9.81 -61.19 -56.66
N ILE B 979 -9.30 -61.52 -55.48
CA ILE B 979 -9.52 -60.63 -54.33
C ILE B 979 -8.88 -59.28 -54.58
N SER B 980 -7.67 -59.27 -55.14
CA SER B 980 -7.06 -58.03 -55.59
C SER B 980 -7.72 -57.47 -56.85
N THR B 981 -8.36 -58.32 -57.65
CA THR B 981 -9.01 -57.90 -58.89
C THR B 981 -10.48 -57.64 -58.61
N PHE B 982 -10.73 -56.68 -57.73
CA PHE B 982 -12.07 -56.24 -57.41
C PHE B 982 -12.46 -55.07 -58.31
N LYS B 983 -13.54 -54.37 -57.96
CA LYS B 983 -14.10 -53.32 -58.79
C LYS B 983 -13.26 -52.05 -58.66
N THR B 984 -13.81 -50.90 -59.06
CA THR B 984 -13.05 -49.66 -59.19
C THR B 984 -12.33 -49.29 -57.90
N ARG B 985 -11.35 -48.40 -58.02
CA ARG B 985 -10.41 -48.10 -56.96
C ARG B 985 -11.08 -47.50 -55.73
N GLN B 986 -12.05 -46.61 -55.92
CA GLN B 986 -12.77 -46.07 -54.77
C GLN B 986 -13.51 -47.17 -54.02
N ASP B 987 -14.14 -48.09 -54.75
CA ASP B 987 -14.87 -49.18 -54.11
C ASP B 987 -13.93 -50.14 -53.40
N ILE B 988 -12.75 -50.42 -53.97
CA ILE B 988 -11.82 -51.29 -53.28
C ILE B 988 -11.22 -50.59 -52.06
N ILE B 989 -11.07 -49.26 -52.11
CA ILE B 989 -10.67 -48.53 -50.92
C ILE B 989 -11.73 -48.64 -49.84
N ASP B 990 -13.01 -48.55 -50.22
CA ASP B 990 -14.09 -48.76 -49.27
C ASP B 990 -14.04 -50.17 -48.68
N PHE B 991 -13.77 -51.16 -49.53
CA PHE B 991 -13.62 -52.54 -49.07
C PHE B 991 -12.51 -52.64 -48.04
N LEU B 992 -11.36 -52.04 -48.34
CA LEU B 992 -10.21 -52.12 -47.45
C LEU B 992 -10.50 -51.45 -46.10
N MET B 993 -11.13 -50.28 -46.12
CA MET B 993 -11.43 -49.60 -44.86
C MET B 993 -12.48 -50.36 -44.06
N GLU B 994 -13.47 -50.97 -44.73
CA GLU B 994 -14.43 -51.79 -44.02
C GLU B 994 -13.76 -53.00 -43.39
N THR B 995 -12.81 -53.63 -44.11
CA THR B 995 -12.08 -54.76 -43.54
C THR B 995 -11.25 -54.34 -42.35
N PHE B 996 -10.63 -53.16 -42.42
CA PHE B 996 -9.87 -52.67 -41.26
C PHE B 996 -10.78 -52.42 -40.07
N ILE B 997 -11.96 -51.85 -40.32
CA ILE B 997 -12.90 -51.58 -39.23
C ILE B 997 -13.36 -52.89 -38.58
N MET B 998 -13.72 -53.88 -39.41
CA MET B 998 -14.16 -55.15 -38.84
C MET B 998 -13.03 -55.87 -38.13
N PHE B 999 -11.80 -55.71 -38.61
CA PHE B 999 -10.65 -56.30 -37.92
C PHE B 999 -10.46 -55.68 -36.55
N LYS B 1000 -10.45 -54.34 -36.48
CA LYS B 1000 -10.26 -53.68 -35.19
C LYS B 1000 -11.44 -53.92 -34.25
N ASP B 1001 -12.63 -54.20 -34.79
CA ASP B 1001 -13.75 -54.56 -33.92
C ASP B 1001 -13.63 -56.00 -33.44
N LEU B 1002 -13.14 -56.89 -34.30
CA LEU B 1002 -12.94 -58.28 -33.90
C LEU B 1002 -11.90 -58.38 -32.80
N ILE B 1003 -10.75 -57.73 -32.99
CA ILE B 1003 -9.71 -57.74 -31.98
C ILE B 1003 -10.14 -56.92 -30.77
N GLY B 1004 -10.73 -55.75 -31.01
CA GLY B 1004 -11.21 -54.89 -29.94
C GLY B 1004 -12.31 -55.53 -29.12
N LYS B 1005 -12.00 -55.83 -27.86
CA LYS B 1005 -12.94 -56.43 -26.92
C LYS B 1005 -13.50 -57.74 -27.48
N ASN B 1006 -12.58 -58.70 -27.67
CA ASN B 1006 -13.00 -60.04 -28.08
C ASN B 1006 -13.81 -60.68 -26.96
N VAL B 1007 -14.84 -61.44 -27.35
CA VAL B 1007 -15.84 -61.90 -26.40
C VAL B 1007 -15.75 -63.41 -26.17
N TYR B 1008 -14.54 -63.96 -26.24
CA TYR B 1008 -14.35 -65.36 -25.87
C TYR B 1008 -14.55 -65.54 -24.38
N ALA B 1009 -14.46 -66.79 -23.93
CA ALA B 1009 -14.59 -67.12 -22.52
C ALA B 1009 -13.23 -67.25 -21.83
N LYS B 1010 -12.24 -66.48 -22.28
CA LYS B 1010 -10.87 -66.49 -21.75
C LYS B 1010 -10.36 -67.90 -21.48
N ASP B 1011 -10.77 -68.85 -22.33
CA ASP B 1011 -10.37 -70.24 -22.20
C ASP B 1011 -9.92 -70.87 -23.51
N TRP B 1012 -10.33 -70.36 -24.66
CA TRP B 1012 -9.98 -70.94 -25.95
C TRP B 1012 -8.78 -70.20 -26.53
N MET B 1013 -7.66 -70.30 -25.81
CA MET B 1013 -6.44 -69.64 -26.26
C MET B 1013 -5.97 -70.20 -27.59
N VAL B 1014 -6.25 -71.48 -27.86
CA VAL B 1014 -5.93 -72.05 -29.16
C VAL B 1014 -6.76 -71.36 -30.24
N MET B 1015 -8.04 -71.10 -29.95
CA MET B 1015 -8.86 -70.33 -30.86
C MET B 1015 -8.29 -68.93 -31.07
N ASN B 1016 -7.83 -68.31 -29.98
CA ASN B 1016 -7.24 -66.98 -30.09
C ASN B 1016 -6.03 -66.98 -31.00
N MET B 1017 -5.13 -67.97 -30.82
CA MET B 1017 -3.92 -68.00 -31.62
C MET B 1017 -4.18 -68.37 -33.07
N THR B 1018 -5.15 -69.24 -33.35
CA THR B 1018 -5.53 -69.48 -34.74
C THR B 1018 -6.11 -68.23 -35.37
N GLN B 1019 -6.94 -67.50 -34.62
CA GLN B 1019 -7.48 -66.24 -35.10
C GLN B 1019 -6.37 -65.24 -35.39
N ASN B 1020 -5.36 -65.18 -34.53
CA ASN B 1020 -4.25 -64.29 -34.77
C ASN B 1020 -3.42 -64.73 -35.97
N ARG B 1021 -3.26 -66.04 -36.17
CA ARG B 1021 -2.53 -66.52 -37.33
C ARG B 1021 -3.23 -66.14 -38.61
N VAL B 1022 -4.56 -66.31 -38.66
CA VAL B 1022 -5.28 -65.94 -39.88
C VAL B 1022 -5.30 -64.42 -40.04
N PHE B 1023 -5.30 -63.67 -38.93
CA PHE B 1023 -5.17 -62.22 -39.03
C PHE B 1023 -3.82 -61.85 -39.63
N LEU B 1024 -2.76 -62.55 -39.25
CA LEU B 1024 -1.45 -62.32 -39.84
C LEU B 1024 -1.48 -62.62 -41.33
N ARG B 1025 -2.14 -63.71 -41.71
CA ARG B 1025 -2.26 -64.03 -43.14
C ARG B 1025 -2.99 -62.93 -43.90
N ALA B 1026 -4.09 -62.44 -43.33
CA ALA B 1026 -4.88 -61.37 -43.94
C ALA B 1026 -4.07 -60.09 -44.08
N ILE B 1027 -3.32 -59.75 -43.04
CA ILE B 1027 -2.48 -58.56 -43.09
C ILE B 1027 -1.39 -58.71 -44.13
N ASN B 1028 -0.82 -59.92 -44.24
CA ASN B 1028 0.22 -60.15 -45.23
C ASN B 1028 -0.32 -60.00 -46.65
N GLN B 1029 -1.50 -60.56 -46.91
CA GLN B 1029 -2.06 -60.41 -48.25
C GLN B 1029 -2.50 -58.98 -48.52
N PHE B 1030 -2.95 -58.25 -47.49
CA PHE B 1030 -3.22 -56.83 -47.66
C PHE B 1030 -1.96 -56.07 -48.03
N ALA B 1031 -0.85 -56.38 -47.36
CA ALA B 1031 0.41 -55.73 -47.68
C ALA B 1031 0.84 -56.06 -49.11
N GLU B 1032 0.66 -57.32 -49.53
CA GLU B 1032 1.07 -57.70 -50.87
C GLU B 1032 0.22 -57.03 -51.94
N VAL B 1033 -1.09 -56.91 -51.72
CA VAL B 1033 -1.92 -56.22 -52.72
C VAL B 1033 -1.63 -54.73 -52.72
N LEU B 1034 -1.32 -54.16 -51.56
CA LEU B 1034 -0.93 -52.76 -51.51
C LEU B 1034 0.35 -52.51 -52.30
N THR B 1035 1.34 -53.39 -52.13
CA THR B 1035 2.55 -53.30 -52.93
C THR B 1035 2.29 -53.58 -54.41
N ARG B 1036 1.27 -54.37 -54.71
CA ARG B 1036 0.95 -54.70 -56.09
C ARG B 1036 0.27 -53.56 -56.84
N PHE B 1037 -0.57 -52.77 -56.17
CA PHE B 1037 -1.30 -51.72 -56.87
C PHE B 1037 -1.36 -50.37 -56.16
N PHE B 1038 -0.56 -50.15 -55.12
CA PHE B 1038 -0.59 -48.85 -54.45
C PHE B 1038 0.80 -48.28 -54.26
N MET B 1039 1.61 -48.28 -55.32
CA MET B 1039 2.96 -47.73 -55.28
C MET B 1039 2.89 -46.21 -55.49
N ASP B 1040 4.04 -45.62 -55.82
CA ASP B 1040 4.14 -44.17 -55.92
C ASP B 1040 3.18 -43.59 -56.95
N GLN B 1041 2.87 -44.35 -58.01
CA GLN B 1041 1.91 -43.86 -59.00
C GLN B 1041 0.53 -43.66 -58.40
N ALA B 1042 0.19 -44.45 -57.37
CA ALA B 1042 -1.07 -44.29 -56.64
C ALA B 1042 -0.88 -43.35 -55.46
N SER B 1043 -0.40 -42.15 -55.77
CA SER B 1043 -0.10 -41.16 -54.72
C SER B 1043 -1.37 -40.59 -54.09
N PHE B 1044 -2.54 -40.86 -54.66
CA PHE B 1044 -3.78 -40.40 -54.08
C PHE B 1044 -4.21 -41.32 -52.94
N GLU B 1045 -5.15 -40.81 -52.14
CA GLU B 1045 -5.77 -41.54 -51.02
C GLU B 1045 -4.75 -42.38 -50.24
N LEU B 1046 -3.70 -41.72 -49.78
CA LEU B 1046 -2.66 -42.37 -49.00
C LEU B 1046 -2.95 -42.38 -47.50
N GLN B 1047 -4.08 -41.79 -47.09
CA GLN B 1047 -4.45 -41.78 -45.68
C GLN B 1047 -4.82 -43.15 -45.14
N LEU B 1048 -5.16 -44.10 -46.02
CA LEU B 1048 -5.54 -45.43 -45.57
C LEU B 1048 -4.40 -46.14 -44.87
N TRP B 1049 -3.15 -45.79 -45.22
CA TRP B 1049 -2.00 -46.41 -44.58
C TRP B 1049 -1.95 -46.09 -43.08
N ASN B 1050 -2.47 -44.94 -42.68
CA ASN B 1050 -2.50 -44.60 -41.26
C ASN B 1050 -3.33 -45.62 -40.48
N ASN B 1051 -4.56 -45.86 -40.94
CA ASN B 1051 -5.40 -46.86 -40.29
C ASN B 1051 -4.83 -48.26 -40.46
N TYR B 1052 -4.17 -48.53 -41.59
CA TYR B 1052 -3.55 -49.83 -41.82
C TYR B 1052 -2.51 -50.13 -40.74
N PHE B 1053 -1.59 -49.18 -40.52
CA PHE B 1053 -0.55 -49.41 -39.52
C PHE B 1053 -1.09 -49.30 -38.11
N HIS B 1054 -2.15 -48.51 -37.89
CA HIS B 1054 -2.80 -48.51 -36.59
C HIS B 1054 -3.35 -49.88 -36.25
N LEU B 1055 -4.03 -50.51 -37.22
CA LEU B 1055 -4.53 -51.86 -37.04
C LEU B 1055 -3.39 -52.85 -36.85
N ALA B 1056 -2.31 -52.70 -37.62
CA ALA B 1056 -1.17 -53.59 -37.50
C ALA B 1056 -0.56 -53.53 -36.10
N VAL B 1057 -0.41 -52.31 -35.56
CA VAL B 1057 0.18 -52.16 -34.23
C VAL B 1057 -0.77 -52.68 -33.16
N ALA B 1058 -2.07 -52.40 -33.30
CA ALA B 1058 -3.04 -52.91 -32.34
C ALA B 1058 -3.04 -54.43 -32.32
N PHE B 1059 -2.87 -55.05 -33.48
CA PHE B 1059 -2.71 -56.50 -33.53
C PHE B 1059 -1.38 -56.94 -32.91
N LEU B 1060 -0.34 -56.13 -33.09
CA LEU B 1060 0.99 -56.46 -32.60
C LEU B 1060 1.09 -56.37 -31.08
N THR B 1061 0.25 -55.54 -30.43
CA THR B 1061 0.43 -55.21 -29.02
C THR B 1061 -0.24 -56.19 -28.07
N HIS B 1062 -0.43 -57.45 -28.47
CA HIS B 1062 -0.97 -58.45 -27.57
C HIS B 1062 -0.30 -59.79 -27.86
N GLU B 1063 -0.54 -60.75 -26.97
CA GLU B 1063 0.06 -62.09 -27.06
C GLU B 1063 1.59 -62.00 -27.09
N SER B 1064 2.14 -61.20 -26.20
CA SER B 1064 3.57 -60.94 -26.18
C SER B 1064 4.27 -61.84 -25.17
N LEU B 1065 5.56 -61.60 -24.98
CA LEU B 1065 6.38 -62.46 -24.12
C LEU B 1065 5.85 -62.51 -22.70
N GLN B 1066 5.51 -61.34 -22.13
CA GLN B 1066 5.01 -61.29 -20.77
C GLN B 1066 3.64 -61.94 -20.63
N LEU B 1067 2.87 -62.02 -21.71
CA LEU B 1067 1.60 -62.75 -21.67
C LEU B 1067 1.83 -64.23 -21.41
N GLU B 1068 2.82 -64.83 -22.07
CA GLU B 1068 3.08 -66.25 -21.92
C GLU B 1068 4.16 -66.55 -20.88
N THR B 1069 4.70 -65.52 -20.21
CA THR B 1069 5.84 -65.71 -19.33
C THR B 1069 5.50 -66.47 -18.05
N PHE B 1070 4.22 -66.78 -17.81
CA PHE B 1070 3.85 -67.44 -16.56
C PHE B 1070 4.53 -68.80 -16.41
N SER B 1071 4.57 -69.60 -17.46
CA SER B 1071 5.24 -70.90 -17.41
C SER B 1071 6.00 -71.12 -18.70
N GLN B 1072 7.22 -71.64 -18.59
CA GLN B 1072 8.07 -71.80 -19.76
C GLN B 1072 7.48 -72.78 -20.75
N ALA B 1073 6.66 -73.72 -20.27
CA ALA B 1073 6.05 -74.71 -21.16
C ALA B 1073 5.19 -74.05 -22.23
N LYS B 1074 4.49 -72.97 -21.89
CA LYS B 1074 3.69 -72.27 -22.89
C LYS B 1074 4.57 -71.69 -23.98
N ARG B 1075 5.69 -71.07 -23.62
CA ARG B 1075 6.60 -70.55 -24.62
C ARG B 1075 7.15 -71.67 -25.49
N ASN B 1076 7.53 -72.79 -24.86
CA ASN B 1076 8.07 -73.91 -25.63
C ASN B 1076 7.05 -74.43 -26.63
N LYS B 1077 5.81 -74.63 -26.19
CA LYS B 1077 4.81 -75.19 -27.09
C LYS B 1077 4.45 -74.20 -28.20
N ILE B 1078 4.38 -72.90 -27.87
CA ILE B 1078 4.01 -71.93 -28.90
C ILE B 1078 5.12 -71.78 -29.94
N VAL B 1079 6.38 -71.83 -29.51
CA VAL B 1079 7.46 -71.75 -30.50
C VAL B 1079 7.59 -73.07 -31.25
N LYS B 1080 7.10 -74.16 -30.66
CA LYS B 1080 7.12 -75.44 -31.36
C LYS B 1080 6.06 -75.48 -32.47
N LYS B 1081 4.87 -74.98 -32.17
CA LYS B 1081 3.78 -75.16 -33.14
C LYS B 1081 3.64 -73.96 -34.08
N TYR B 1082 3.80 -72.75 -33.58
CA TYR B 1082 3.68 -71.57 -34.44
C TYR B 1082 4.95 -70.73 -34.47
N GLY B 1083 5.63 -70.56 -33.34
CA GLY B 1083 6.73 -69.62 -33.28
C GLY B 1083 6.25 -68.22 -33.01
N ASP B 1084 7.16 -67.31 -32.65
CA ASP B 1084 6.77 -65.94 -32.39
C ASP B 1084 6.27 -65.26 -33.66
N MET B 1085 5.17 -64.53 -33.53
CA MET B 1085 4.57 -63.81 -34.63
C MET B 1085 4.90 -62.32 -34.64
N ARG B 1086 5.06 -61.72 -33.46
CA ARG B 1086 5.40 -60.30 -33.38
C ARG B 1086 6.69 -60.00 -34.12
N LYS B 1087 7.60 -60.97 -34.21
CA LYS B 1087 8.85 -60.76 -34.93
C LYS B 1087 8.59 -60.50 -36.41
N GLU B 1088 7.82 -61.36 -37.07
CA GLU B 1088 7.52 -61.13 -38.47
C GLU B 1088 6.56 -59.95 -38.65
N ILE B 1089 5.75 -59.63 -37.63
CA ILE B 1089 4.96 -58.41 -37.68
C ILE B 1089 5.88 -57.20 -37.81
N GLY B 1090 6.90 -57.14 -36.96
CA GLY B 1090 7.87 -56.06 -37.05
C GLY B 1090 8.63 -56.07 -38.36
N PHE B 1091 8.98 -57.26 -38.85
CA PHE B 1091 9.66 -57.36 -40.13
C PHE B 1091 8.83 -56.79 -41.25
N ARG B 1092 7.55 -57.15 -41.30
CA ARG B 1092 6.66 -56.63 -42.33
C ARG B 1092 6.49 -55.13 -42.21
N ILE B 1093 6.35 -54.63 -40.98
CA ILE B 1093 6.22 -53.19 -40.78
C ILE B 1093 7.46 -52.46 -41.28
N ARG B 1094 8.64 -52.97 -40.94
CA ARG B 1094 9.87 -52.28 -41.31
C ARG B 1094 10.10 -52.33 -42.82
N ASP B 1095 9.81 -53.46 -43.47
CA ASP B 1095 10.01 -53.50 -44.91
C ASP B 1095 8.98 -52.64 -45.64
N MET B 1096 7.75 -52.58 -45.12
CA MET B 1096 6.76 -51.70 -45.73
C MET B 1096 7.15 -50.23 -45.57
N TRP B 1097 7.69 -49.87 -44.41
CA TRP B 1097 8.18 -48.50 -44.22
C TRP B 1097 9.36 -48.21 -45.15
N TYR B 1098 10.26 -49.19 -45.33
CA TYR B 1098 11.38 -48.99 -46.22
C TYR B 1098 10.94 -48.79 -47.66
N ASN B 1099 9.98 -49.59 -48.13
CA ASN B 1099 9.56 -49.56 -49.52
C ASN B 1099 8.44 -48.56 -49.80
N LEU B 1100 7.90 -47.91 -48.78
CA LEU B 1100 6.78 -47.00 -48.99
C LEU B 1100 7.18 -45.81 -49.86
N GLY B 1101 8.14 -45.00 -49.40
CA GLY B 1101 8.59 -43.88 -50.16
C GLY B 1101 8.96 -42.67 -49.31
N PRO B 1102 9.17 -41.53 -49.95
CA PRO B 1102 9.59 -40.32 -49.21
C PRO B 1102 8.43 -39.57 -48.57
N HIS B 1103 7.25 -40.20 -48.50
CA HIS B 1103 6.05 -39.55 -47.96
C HIS B 1103 5.92 -39.72 -46.45
N LYS B 1104 7.04 -39.75 -45.73
CA LYS B 1104 7.00 -39.93 -44.28
C LYS B 1104 6.54 -38.68 -43.55
N ILE B 1105 6.52 -37.53 -44.22
CA ILE B 1105 6.20 -36.28 -43.55
C ILE B 1105 4.79 -36.31 -43.00
N LYS B 1106 3.83 -36.75 -43.82
CA LYS B 1106 2.45 -36.84 -43.38
C LYS B 1106 2.23 -37.93 -42.33
N PHE B 1107 3.15 -38.89 -42.21
CA PHE B 1107 2.97 -39.99 -41.27
C PHE B 1107 3.32 -39.57 -39.85
N ILE B 1108 4.24 -38.61 -39.69
CA ILE B 1108 4.86 -38.27 -38.42
C ILE B 1108 3.84 -38.11 -37.31
N PRO B 1109 2.89 -37.17 -37.38
CA PRO B 1109 1.99 -36.96 -36.24
C PRO B 1109 1.12 -38.17 -35.93
N SER B 1110 0.94 -39.06 -36.89
CA SER B 1110 0.20 -40.30 -36.69
C SER B 1110 1.11 -41.47 -36.35
N MET B 1111 2.30 -41.55 -36.94
CA MET B 1111 3.18 -42.68 -36.72
C MET B 1111 3.99 -42.57 -35.43
N VAL B 1112 4.03 -41.40 -34.80
CA VAL B 1112 4.84 -41.25 -33.59
C VAL B 1112 4.38 -42.19 -32.49
N GLY B 1113 3.07 -42.30 -32.29
CA GLY B 1113 2.52 -43.09 -31.22
C GLY B 1113 2.72 -44.59 -31.37
N PRO B 1114 2.14 -45.19 -32.41
CA PRO B 1114 2.14 -46.65 -32.52
C PRO B 1114 3.52 -47.29 -32.57
N ILE B 1115 4.52 -46.62 -33.17
CA ILE B 1115 5.84 -47.23 -33.27
C ILE B 1115 6.49 -47.38 -31.91
N LEU B 1116 5.99 -46.66 -30.90
CA LEU B 1116 6.56 -46.73 -29.56
C LEU B 1116 6.44 -48.12 -28.95
N GLU B 1117 5.29 -48.77 -29.13
CA GLU B 1117 5.09 -50.08 -28.52
C GLU B 1117 6.10 -51.10 -29.03
N VAL B 1118 6.34 -51.11 -30.35
CA VAL B 1118 7.40 -51.96 -30.88
C VAL B 1118 8.78 -51.42 -30.54
N THR B 1119 8.89 -50.12 -30.24
CA THR B 1119 10.17 -49.57 -29.80
C THR B 1119 10.60 -50.17 -28.46
N LEU B 1120 9.68 -50.25 -27.50
CA LEU B 1120 10.00 -50.71 -26.16
C LEU B 1120 9.68 -52.19 -25.96
N THR B 1121 9.83 -53.00 -27.00
CA THR B 1121 9.56 -54.42 -26.88
C THR B 1121 10.56 -55.08 -25.95
N PRO B 1122 10.12 -56.05 -25.13
CA PRO B 1122 11.06 -56.74 -24.22
C PRO B 1122 12.16 -57.50 -24.93
N GLU B 1123 11.95 -57.94 -26.17
CA GLU B 1123 12.95 -58.75 -26.87
C GLU B 1123 14.08 -57.85 -27.37
N VAL B 1124 15.02 -58.43 -28.10
CA VAL B 1124 16.20 -57.72 -28.57
C VAL B 1124 16.35 -57.80 -30.09
N GLU B 1125 16.24 -58.99 -30.68
CA GLU B 1125 16.59 -59.18 -32.08
C GLU B 1125 15.70 -58.35 -33.00
N LEU B 1126 14.38 -58.45 -32.83
CA LEU B 1126 13.47 -57.67 -33.66
C LEU B 1126 13.68 -56.18 -33.45
N ARG B 1127 13.89 -55.75 -32.21
CA ARG B 1127 14.20 -54.34 -31.98
C ARG B 1127 15.52 -53.95 -32.63
N LYS B 1128 16.50 -54.86 -32.61
CA LYS B 1128 17.77 -54.59 -33.28
C LYS B 1128 17.56 -54.35 -34.77
N ALA B 1129 16.74 -55.18 -35.41
CA ALA B 1129 16.45 -54.99 -36.82
C ALA B 1129 15.57 -53.78 -37.09
N THR B 1130 14.76 -53.37 -36.11
CA THR B 1130 13.80 -52.29 -36.31
C THR B 1130 14.35 -50.91 -35.99
N ILE B 1131 15.43 -50.81 -35.22
CA ILE B 1131 16.01 -49.53 -34.82
C ILE B 1131 16.31 -48.61 -36.00
N PRO B 1132 16.92 -49.08 -37.11
CA PRO B 1132 17.27 -48.15 -38.19
C PRO B 1132 16.10 -47.39 -38.80
N ILE B 1133 14.85 -47.78 -38.52
CA ILE B 1133 13.72 -46.98 -38.97
C ILE B 1133 13.75 -45.60 -38.31
N PHE B 1134 14.31 -45.51 -37.11
CA PHE B 1134 14.42 -44.22 -36.43
C PHE B 1134 15.43 -43.33 -37.13
N PHE B 1135 16.56 -43.89 -37.56
CA PHE B 1135 17.53 -43.12 -38.33
C PHE B 1135 16.92 -42.67 -39.65
N ASP B 1136 16.20 -43.58 -40.33
CA ASP B 1136 15.57 -43.21 -41.60
C ASP B 1136 14.56 -42.09 -41.42
N MET B 1137 13.71 -42.18 -40.40
CA MET B 1137 12.73 -41.13 -40.18
C MET B 1137 13.40 -39.83 -39.74
N MET B 1138 14.50 -39.91 -38.99
CA MET B 1138 15.20 -38.69 -38.61
C MET B 1138 15.80 -37.99 -39.83
N GLN B 1139 16.41 -38.74 -40.74
CA GLN B 1139 16.98 -38.11 -41.93
C GLN B 1139 15.88 -37.58 -42.85
N CYS B 1140 14.77 -38.30 -42.96
CA CYS B 1140 13.64 -37.77 -43.72
C CYS B 1140 13.10 -36.49 -43.09
N GLU B 1141 13.02 -36.46 -41.76
CA GLU B 1141 12.53 -35.26 -41.08
C GLU B 1141 13.48 -34.08 -41.29
N PHE B 1142 14.79 -34.34 -41.29
CA PHE B 1142 15.72 -33.25 -41.59
C PHE B 1142 15.55 -32.78 -43.03
N ASN B 1143 15.38 -33.70 -43.97
CA ASN B 1143 15.16 -33.31 -45.36
C ASN B 1143 13.91 -32.44 -45.48
N PHE B 1144 12.89 -32.74 -44.69
CA PHE B 1144 11.65 -31.94 -44.72
C PHE B 1144 11.83 -30.59 -44.02
N SER B 1145 12.56 -30.56 -42.91
CA SER B 1145 12.61 -29.40 -42.02
C SER B 1145 13.94 -28.67 -42.06
N GLY B 1146 14.72 -28.84 -43.12
CA GLY B 1146 15.93 -28.04 -43.26
C GLY B 1146 15.67 -26.55 -43.22
N ASN B 1147 14.46 -26.13 -43.57
CA ASN B 1147 14.05 -24.74 -43.46
C ASN B 1147 13.55 -24.44 -42.04
N GLY B 1148 14.39 -24.75 -41.07
CA GLY B 1148 14.07 -24.55 -39.68
C GLY B 1148 14.61 -25.69 -38.84
N ASN B 1149 13.94 -25.96 -37.73
CA ASN B 1149 14.31 -27.03 -36.81
C ASN B 1149 13.35 -28.21 -37.00
N PHE B 1150 13.59 -29.28 -36.25
CA PHE B 1150 12.77 -30.49 -36.35
C PHE B 1150 12.45 -31.05 -34.97
N HIS B 1151 12.22 -30.17 -33.99
CA HIS B 1151 11.90 -30.63 -32.65
C HIS B 1151 10.53 -31.29 -32.58
N MET B 1152 9.61 -30.92 -33.49
CA MET B 1152 8.22 -31.32 -33.46
C MET B 1152 8.01 -32.82 -33.63
N PHE B 1153 9.06 -33.62 -33.75
CA PHE B 1153 8.94 -35.07 -33.61
C PHE B 1153 9.38 -35.55 -32.24
N GLU B 1154 10.53 -35.04 -31.77
CA GLU B 1154 11.04 -35.47 -30.47
C GLU B 1154 10.13 -35.04 -29.34
N ASN B 1155 9.39 -33.94 -29.51
CA ASN B 1155 8.48 -33.49 -28.46
C ASN B 1155 7.46 -34.58 -28.12
N GLU B 1156 6.63 -34.95 -29.11
CA GLU B 1156 5.65 -35.99 -28.83
C GLU B 1156 6.30 -37.37 -28.71
N LEU B 1157 7.51 -37.55 -29.25
CA LEU B 1157 8.22 -38.80 -28.98
C LEU B 1157 8.49 -38.96 -27.49
N ILE B 1158 8.97 -37.90 -26.85
CA ILE B 1158 9.19 -37.91 -25.41
C ILE B 1158 7.87 -38.06 -24.68
N THR B 1159 6.83 -37.36 -25.15
CA THR B 1159 5.51 -37.51 -24.55
C THR B 1159 5.06 -38.96 -24.52
N LYS B 1160 5.13 -39.63 -25.67
CA LYS B 1160 4.67 -41.01 -25.77
C LYS B 1160 5.60 -41.97 -25.04
N LEU B 1161 6.90 -41.69 -24.99
CA LEU B 1161 7.80 -42.50 -24.19
C LEU B 1161 7.45 -42.42 -22.71
N ASP B 1162 7.13 -41.21 -22.24
CA ASP B 1162 6.67 -41.04 -20.86
C ASP B 1162 5.40 -41.83 -20.61
N GLN B 1163 4.46 -41.76 -21.56
CA GLN B 1163 3.22 -42.52 -21.41
C GLN B 1163 3.51 -44.03 -21.36
N GLU B 1164 4.42 -44.51 -22.21
CA GLU B 1164 4.77 -45.92 -22.21
C GLU B 1164 5.37 -46.36 -20.89
N VAL B 1165 6.30 -45.56 -20.35
CA VAL B 1165 6.92 -45.94 -19.08
C VAL B 1165 5.89 -45.89 -17.96
N GLU B 1166 4.98 -44.91 -18.00
CA GLU B 1166 3.89 -44.89 -17.04
C GLU B 1166 2.97 -46.09 -17.19
N GLY B 1167 2.94 -46.70 -18.38
CA GLY B 1167 2.24 -47.96 -18.56
C GLY B 1167 2.98 -49.16 -18.03
N GLY B 1168 4.25 -49.00 -17.68
CA GLY B 1168 5.02 -50.08 -17.08
C GLY B 1168 5.76 -50.94 -18.10
N ARG B 1169 6.52 -50.30 -18.99
CA ARG B 1169 7.27 -51.04 -20.00
C ARG B 1169 8.67 -50.46 -20.21
N GLY B 1170 9.30 -49.96 -19.14
CA GLY B 1170 10.63 -49.41 -19.25
C GLY B 1170 11.73 -50.43 -18.99
N ASP B 1171 12.91 -50.12 -19.50
CA ASP B 1171 14.06 -51.01 -19.36
C ASP B 1171 15.34 -50.21 -19.49
N GLU B 1172 16.43 -50.76 -18.94
CA GLU B 1172 17.71 -50.06 -18.85
C GLU B 1172 18.76 -50.62 -19.81
N GLN B 1173 18.92 -51.95 -19.86
CA GLN B 1173 19.82 -52.50 -20.87
C GLN B 1173 19.30 -52.20 -22.26
N TYR B 1174 17.98 -52.06 -22.41
CA TYR B 1174 17.44 -51.55 -23.66
C TYR B 1174 17.92 -50.13 -23.93
N LYS B 1175 18.03 -49.32 -22.88
CA LYS B 1175 18.59 -47.98 -23.04
C LYS B 1175 20.04 -48.05 -23.53
N VAL B 1176 20.81 -48.98 -22.97
CA VAL B 1176 22.20 -49.12 -23.41
C VAL B 1176 22.25 -49.54 -24.87
N LEU B 1177 21.40 -50.47 -25.27
CA LEU B 1177 21.33 -50.89 -26.67
C LEU B 1177 20.92 -49.73 -27.57
N LEU B 1178 19.96 -48.93 -27.11
CA LEU B 1178 19.54 -47.74 -27.86
C LEU B 1178 20.71 -46.80 -28.06
N GLU B 1179 21.48 -46.56 -26.99
CA GLU B 1179 22.62 -45.65 -27.10
C GLU B 1179 23.67 -46.18 -28.06
N LYS B 1180 23.95 -47.48 -28.00
CA LYS B 1180 24.90 -48.07 -28.93
C LYS B 1180 24.44 -47.92 -30.37
N LEU B 1181 23.16 -48.22 -30.63
CA LEU B 1181 22.65 -48.14 -31.99
C LEU B 1181 22.63 -46.70 -32.50
N LEU B 1182 22.26 -45.74 -31.64
CA LEU B 1182 22.22 -44.35 -32.08
C LEU B 1182 23.62 -43.79 -32.29
N LEU B 1183 24.60 -44.23 -31.49
CA LEU B 1183 25.98 -43.88 -31.76
C LEU B 1183 26.44 -44.43 -33.11
N GLU B 1184 26.06 -45.69 -33.40
CA GLU B 1184 26.40 -46.27 -34.70
C GLU B 1184 25.78 -45.47 -35.84
N HIS B 1185 24.51 -45.09 -35.68
CA HIS B 1185 23.83 -44.35 -36.74
C HIS B 1185 24.39 -42.94 -36.90
N CYS B 1186 24.78 -42.30 -35.79
CA CYS B 1186 25.42 -40.99 -35.88
C CYS B 1186 26.76 -41.09 -36.60
N ARG B 1187 27.53 -42.14 -36.31
CA ARG B 1187 28.76 -42.38 -37.06
C ARG B 1187 28.48 -42.67 -38.52
N LYS B 1188 27.32 -43.25 -38.84
CA LYS B 1188 26.89 -43.40 -40.22
C LYS B 1188 26.48 -42.09 -40.87
N HIS B 1189 26.38 -41.01 -40.11
CA HIS B 1189 25.85 -39.73 -40.57
C HIS B 1189 26.94 -38.65 -40.49
N LYS B 1190 26.52 -37.41 -40.71
CA LYS B 1190 27.38 -36.23 -40.83
C LYS B 1190 27.06 -35.25 -39.70
N TYR B 1191 27.57 -34.02 -39.82
CA TYR B 1191 27.57 -33.04 -38.71
C TYR B 1191 26.27 -33.02 -37.92
N LEU B 1192 25.15 -33.37 -38.55
CA LEU B 1192 23.89 -33.50 -37.82
C LEU B 1192 23.97 -34.61 -36.78
N SER B 1193 24.96 -35.49 -36.88
CA SER B 1193 25.15 -36.54 -35.88
C SER B 1193 25.27 -35.95 -34.48
N SER B 1194 25.90 -34.79 -34.34
CA SER B 1194 26.06 -34.18 -33.03
C SER B 1194 24.72 -33.84 -32.40
N SER B 1195 23.86 -33.14 -33.14
CA SER B 1195 22.55 -32.81 -32.62
C SER B 1195 21.73 -34.07 -32.37
N GLY B 1196 21.77 -35.02 -33.30
CA GLY B 1196 21.04 -36.27 -33.10
C GLY B 1196 21.48 -36.99 -31.84
N GLU B 1197 22.79 -37.10 -31.61
CA GLU B 1197 23.28 -37.84 -30.46
C GLU B 1197 23.04 -37.10 -29.15
N VAL B 1198 23.12 -35.76 -29.15
CA VAL B 1198 22.83 -35.06 -27.90
C VAL B 1198 21.35 -35.16 -27.57
N PHE B 1199 20.47 -35.04 -28.57
CA PHE B 1199 19.05 -35.21 -28.31
C PHE B 1199 18.74 -36.62 -27.85
N ALA B 1200 19.39 -37.62 -28.46
CA ALA B 1200 19.16 -39.00 -28.06
C ALA B 1200 19.73 -39.28 -26.67
N LEU B 1201 20.82 -38.61 -26.30
CA LEU B 1201 21.32 -38.71 -24.93
C LEU B 1201 20.32 -38.12 -23.96
N LEU B 1202 19.70 -37.00 -24.31
CA LEU B 1202 18.61 -36.47 -23.49
C LEU B 1202 17.48 -37.48 -23.38
N VAL B 1203 17.15 -38.14 -24.48
CA VAL B 1203 16.08 -39.14 -24.48
C VAL B 1203 16.43 -40.28 -23.53
N SER B 1204 17.67 -40.79 -23.61
CA SER B 1204 18.07 -41.92 -22.79
C SER B 1204 18.14 -41.54 -21.32
N SER B 1205 18.63 -40.33 -21.03
CA SER B 1205 18.67 -39.86 -19.65
C SER B 1205 17.26 -39.74 -19.08
N LEU B 1206 16.33 -39.22 -19.88
CA LEU B 1206 14.93 -39.16 -19.44
C LEU B 1206 14.36 -40.56 -19.26
N LEU B 1207 14.75 -41.49 -20.11
CA LEU B 1207 14.25 -42.85 -20.00
C LEU B 1207 14.74 -43.53 -18.73
N GLU B 1208 16.01 -43.36 -18.39
CA GLU B 1208 16.50 -43.92 -17.12
C GLU B 1208 15.92 -43.17 -15.95
N ASN B 1209 15.64 -41.87 -16.12
CA ASN B 1209 14.90 -41.11 -15.11
C ASN B 1209 13.57 -41.79 -14.79
N LEU B 1210 12.79 -42.07 -15.82
CA LEU B 1210 11.49 -42.68 -15.60
C LEU B 1210 11.63 -44.14 -15.15
N LEU B 1211 12.71 -44.81 -15.56
CA LEU B 1211 12.98 -46.15 -15.06
C LEU B 1211 13.19 -46.13 -13.56
N ASP B 1212 13.99 -45.18 -13.06
CA ASP B 1212 14.17 -45.04 -11.63
C ASP B 1212 12.86 -44.69 -10.94
N TYR B 1213 12.08 -43.80 -11.57
CA TYR B 1213 10.81 -43.40 -10.98
C TYR B 1213 9.87 -44.60 -10.82
N ARG B 1214 9.78 -45.44 -11.85
CA ARG B 1214 8.88 -46.58 -11.79
C ARG B 1214 9.42 -47.67 -10.86
N THR B 1215 10.74 -47.87 -10.83
CA THR B 1215 11.30 -48.90 -9.97
C THR B 1215 11.34 -48.48 -8.51
N ILE B 1216 11.17 -47.19 -8.21
CA ILE B 1216 11.10 -46.75 -6.83
C ILE B 1216 9.67 -46.44 -6.37
N ILE B 1217 8.75 -46.22 -7.31
CA ILE B 1217 7.36 -45.98 -6.91
C ILE B 1217 6.72 -47.24 -6.35
N MET B 1218 7.28 -48.41 -6.66
CA MET B 1218 6.77 -49.67 -6.11
C MET B 1218 7.45 -50.06 -4.81
N GLN B 1219 8.67 -49.59 -4.57
CA GLN B 1219 9.39 -49.89 -3.35
C GLN B 1219 8.98 -48.90 -2.26
N ASP B 1220 9.67 -48.93 -1.12
CA ASP B 1220 9.36 -48.02 -0.03
C ASP B 1220 9.60 -46.58 -0.44
N GLU B 1221 8.75 -45.69 0.04
CA GLU B 1221 8.83 -44.27 -0.29
C GLU B 1221 10.10 -43.66 0.32
N SER B 1222 10.80 -42.85 -0.46
CA SER B 1222 11.99 -42.14 -0.02
C SER B 1222 11.89 -40.64 -0.22
N LYS B 1223 11.26 -40.20 -1.30
CA LYS B 1223 10.91 -38.79 -1.52
C LYS B 1223 12.14 -37.92 -1.79
N GLU B 1224 13.24 -38.51 -2.22
CA GLU B 1224 14.33 -37.68 -2.71
C GLU B 1224 14.80 -38.09 -4.10
N ASN B 1225 14.91 -39.38 -4.38
CA ASN B 1225 15.27 -39.83 -5.71
C ASN B 1225 14.18 -39.53 -6.72
N ARG B 1226 12.92 -39.69 -6.31
CA ARG B 1226 11.81 -39.29 -7.17
C ARG B 1226 11.85 -37.80 -7.44
N MET B 1227 12.21 -36.99 -6.43
CA MET B 1227 12.30 -35.55 -6.64
C MET B 1227 13.41 -35.20 -7.62
N SER B 1228 14.56 -35.86 -7.49
CA SER B 1228 15.66 -35.63 -8.44
C SER B 1228 15.24 -36.02 -9.85
N CYS B 1229 14.59 -37.18 -9.99
CA CYS B 1229 14.12 -37.60 -11.31
C CYS B 1229 13.13 -36.62 -11.90
N THR B 1230 12.16 -36.16 -11.10
CA THR B 1230 11.16 -35.24 -11.61
C THR B 1230 11.77 -33.89 -12.00
N VAL B 1231 12.71 -33.38 -11.20
CA VAL B 1231 13.33 -32.12 -11.59
C VAL B 1231 14.17 -32.31 -12.84
N ASN B 1232 14.72 -33.51 -13.05
CA ASN B 1232 15.43 -33.78 -14.29
C ASN B 1232 14.48 -33.79 -15.49
N VAL B 1233 13.30 -34.37 -15.33
CA VAL B 1233 12.33 -34.33 -16.43
C VAL B 1233 11.90 -32.90 -16.70
N LEU B 1234 11.77 -32.08 -15.65
CA LEU B 1234 11.40 -30.68 -15.85
C LEU B 1234 12.50 -29.94 -16.60
N ASN B 1235 13.76 -30.22 -16.26
CA ASN B 1235 14.88 -29.63 -16.99
C ASN B 1235 14.85 -30.03 -18.45
N PHE B 1236 14.61 -31.31 -18.73
CA PHE B 1236 14.55 -31.77 -20.12
C PHE B 1236 13.42 -31.07 -20.87
N TYR B 1237 12.25 -30.94 -20.24
CA TYR B 1237 11.10 -30.33 -20.90
C TYR B 1237 11.31 -28.85 -21.15
N LYS B 1238 11.89 -28.11 -20.21
CA LYS B 1238 12.19 -26.71 -20.45
C LYS B 1238 13.32 -26.55 -21.45
N GLU B 1239 14.18 -27.57 -21.57
CA GLU B 1239 15.22 -27.53 -22.59
C GLU B 1239 14.66 -27.76 -23.98
N LYS B 1240 13.63 -28.59 -24.09
CA LYS B 1240 13.00 -28.90 -25.37
C LYS B 1240 11.80 -28.02 -25.68
N LYS B 1241 11.59 -26.95 -24.91
CA LYS B 1241 10.50 -26.00 -25.14
C LYS B 1241 9.14 -26.68 -25.09
N ARG B 1242 9.01 -27.67 -24.21
CA ARG B 1242 7.77 -28.42 -24.03
C ARG B 1242 7.26 -28.21 -22.62
N GLU B 1243 5.98 -27.90 -22.50
CA GLU B 1243 5.36 -27.59 -21.22
C GLU B 1243 4.28 -28.58 -20.80
N ASP B 1244 3.60 -29.23 -21.74
CA ASP B 1244 2.49 -30.11 -21.40
C ASP B 1244 2.90 -31.17 -20.38
N ILE B 1245 3.87 -32.01 -20.75
CA ILE B 1245 4.38 -32.98 -19.78
C ILE B 1245 5.03 -32.25 -18.62
N TYR B 1246 5.66 -31.10 -18.90
CA TYR B 1246 6.27 -30.31 -17.84
C TYR B 1246 5.24 -29.81 -16.84
N ILE B 1247 4.11 -29.28 -17.33
CA ILE B 1247 3.11 -28.76 -16.41
C ILE B 1247 2.44 -29.90 -15.64
N ARG B 1248 2.17 -31.02 -16.32
CA ARG B 1248 1.55 -32.14 -15.60
C ARG B 1248 2.49 -32.70 -14.53
N TYR B 1249 3.78 -32.79 -14.84
CA TYR B 1249 4.74 -33.28 -13.86
C TYR B 1249 4.97 -32.30 -12.72
N LEU B 1250 4.95 -30.99 -12.98
CA LEU B 1250 5.01 -30.06 -11.85
C LEU B 1250 3.73 -30.11 -11.03
N TYR B 1251 2.60 -30.42 -11.66
CA TYR B 1251 1.37 -30.67 -10.90
C TYR B 1251 1.55 -31.85 -9.96
N LYS B 1252 2.14 -32.94 -10.47
CA LYS B 1252 2.42 -34.09 -9.61
C LYS B 1252 3.39 -33.72 -8.50
N LEU B 1253 4.40 -32.91 -8.82
CA LEU B 1253 5.33 -32.41 -7.81
C LEU B 1253 4.59 -31.65 -6.71
N ARG B 1254 3.69 -30.75 -7.11
CA ARG B 1254 2.92 -29.97 -6.15
C ARG B 1254 2.02 -30.85 -5.30
N ASP B 1255 1.42 -31.89 -5.88
CA ASP B 1255 0.61 -32.80 -5.08
C ASP B 1255 1.47 -33.53 -4.05
N LEU B 1256 2.62 -34.05 -4.49
CA LEU B 1256 3.50 -34.78 -3.57
C LEU B 1256 4.03 -33.85 -2.49
N HIS B 1257 4.27 -32.59 -2.82
CA HIS B 1257 4.77 -31.65 -1.83
C HIS B 1257 3.68 -31.21 -0.86
N ARG B 1258 2.42 -31.15 -1.33
CA ARG B 1258 1.31 -31.01 -0.42
C ARG B 1258 1.24 -32.19 0.54
N ASP B 1259 1.55 -33.39 0.04
CA ASP B 1259 1.60 -34.55 0.92
C ASP B 1259 2.69 -34.44 1.97
N CYS B 1260 3.76 -33.69 1.70
CA CYS B 1260 4.87 -33.55 2.63
C CYS B 1260 4.98 -32.13 3.19
N GLU B 1261 3.89 -31.35 3.10
CA GLU B 1261 3.79 -30.01 3.68
C GLU B 1261 5.06 -29.17 3.50
N ASN B 1262 5.57 -29.14 2.26
CA ASN B 1262 6.74 -28.34 1.93
C ASN B 1262 6.29 -27.21 1.01
N TYR B 1263 5.99 -26.06 1.61
CA TYR B 1263 5.40 -24.95 0.87
C TYR B 1263 6.40 -24.20 0.02
N THR B 1264 7.68 -24.18 0.42
CA THR B 1264 8.67 -23.38 -0.30
C THR B 1264 8.93 -23.94 -1.70
N GLU B 1265 9.09 -25.25 -1.82
CA GLU B 1265 9.28 -25.84 -3.15
C GLU B 1265 8.02 -25.74 -3.98
N ALA B 1266 6.85 -25.80 -3.34
CA ALA B 1266 5.60 -25.59 -4.07
C ALA B 1266 5.55 -24.18 -4.64
N ALA B 1267 5.95 -23.18 -3.86
CA ALA B 1267 6.04 -21.83 -4.37
C ALA B 1267 7.04 -21.71 -5.51
N TYR B 1268 8.18 -22.40 -5.37
CA TYR B 1268 9.17 -22.40 -6.46
C TYR B 1268 8.56 -22.93 -7.75
N THR B 1269 7.87 -24.07 -7.67
CA THR B 1269 7.26 -24.67 -8.86
C THR B 1269 6.16 -23.77 -9.42
N LEU B 1270 5.39 -23.13 -8.54
CA LEU B 1270 4.38 -22.19 -9.00
C LEU B 1270 5.01 -21.03 -9.76
N LEU B 1271 6.14 -20.53 -9.27
CA LEU B 1271 6.85 -19.48 -9.99
C LEU B 1271 7.36 -19.98 -11.33
N LEU B 1272 7.81 -21.24 -11.38
CA LEU B 1272 8.22 -21.83 -12.66
C LEU B 1272 7.05 -21.85 -13.65
N HIS B 1273 5.89 -22.28 -13.18
CA HIS B 1273 4.70 -22.29 -14.03
C HIS B 1273 4.35 -20.89 -14.50
N ALA B 1274 4.41 -19.91 -13.60
CA ALA B 1274 4.07 -18.54 -13.96
C ALA B 1274 5.05 -17.98 -15.00
N GLU B 1275 6.35 -18.24 -14.82
CA GLU B 1275 7.34 -17.71 -15.75
C GLU B 1275 7.32 -18.43 -17.10
N LEU B 1276 6.86 -19.69 -17.12
CA LEU B 1276 6.67 -20.37 -18.39
C LEU B 1276 5.27 -20.16 -18.96
N LEU B 1277 4.46 -19.31 -18.33
CA LEU B 1277 3.14 -18.96 -18.83
C LEU B 1277 3.18 -17.53 -19.36
N GLN B 1278 2.77 -17.36 -20.62
CA GLN B 1278 2.80 -16.05 -21.25
C GLN B 1278 1.57 -15.24 -20.84
N TRP B 1279 1.62 -13.93 -21.12
CA TRP B 1279 0.54 -13.04 -20.76
C TRP B 1279 -0.61 -13.03 -21.76
N SER B 1280 -0.50 -13.79 -22.85
CA SER B 1280 -1.59 -13.88 -23.81
C SER B 1280 -2.84 -14.43 -23.15
N ASP B 1281 -3.96 -13.75 -23.38
CA ASP B 1281 -5.22 -14.09 -22.72
C ASP B 1281 -6.11 -14.99 -23.55
N LYS B 1282 -5.66 -15.44 -24.71
CA LYS B 1282 -6.45 -16.33 -25.55
C LYS B 1282 -5.96 -17.76 -25.37
N PRO B 1283 -6.77 -18.65 -24.79
CA PRO B 1283 -6.35 -20.06 -24.61
C PRO B 1283 -6.27 -20.83 -25.93
N CYS B 1284 -5.24 -20.51 -26.70
CA CYS B 1284 -5.05 -21.16 -28.00
C CYS B 1284 -4.73 -22.65 -27.82
N VAL B 1285 -3.76 -22.94 -26.96
CA VAL B 1285 -3.41 -24.33 -26.69
C VAL B 1285 -4.15 -24.80 -25.45
N PRO B 1286 -5.07 -25.77 -25.57
CA PRO B 1286 -5.88 -26.21 -24.43
C PRO B 1286 -5.19 -27.16 -23.47
N HIS B 1287 -3.88 -27.38 -23.61
CA HIS B 1287 -3.21 -28.37 -22.77
C HIS B 1287 -3.07 -27.93 -21.32
N LEU B 1288 -3.04 -26.62 -21.05
CA LEU B 1288 -2.86 -26.16 -19.68
C LEU B 1288 -4.10 -26.38 -18.83
N LEU B 1289 -5.25 -26.65 -19.44
CA LEU B 1289 -6.47 -26.91 -18.69
C LEU B 1289 -6.42 -28.29 -18.05
N GLN B 1290 -7.39 -28.56 -17.19
CA GLN B 1290 -7.53 -29.84 -16.52
C GLN B 1290 -8.80 -30.54 -17.02
N ARG B 1291 -8.66 -31.82 -17.33
CA ARG B 1291 -9.73 -32.60 -17.94
C ARG B 1291 -10.64 -33.27 -16.91
N ASP B 1292 -10.40 -33.05 -15.62
CA ASP B 1292 -11.25 -33.65 -14.60
C ASP B 1292 -12.67 -33.14 -14.70
N SER B 1293 -12.86 -31.84 -14.92
CA SER B 1293 -14.18 -31.27 -15.06
C SER B 1293 -14.31 -30.59 -16.42
N TYR B 1294 -15.46 -29.96 -16.69
CA TYR B 1294 -15.69 -29.29 -17.97
C TYR B 1294 -16.57 -28.08 -17.72
N TYR B 1295 -15.98 -26.89 -17.81
CA TYR B 1295 -16.71 -25.64 -17.71
C TYR B 1295 -16.00 -24.62 -18.59
N VAL B 1296 -16.27 -23.33 -18.35
CA VAL B 1296 -15.72 -22.28 -19.21
C VAL B 1296 -14.20 -22.35 -19.27
N TYR B 1297 -13.56 -22.53 -18.11
CA TYR B 1297 -12.10 -22.66 -18.02
C TYR B 1297 -11.37 -21.47 -18.65
N THR B 1298 -11.94 -20.28 -18.52
CA THR B 1298 -11.26 -19.09 -19.02
C THR B 1298 -9.98 -18.83 -18.23
N GLN B 1299 -8.97 -18.36 -18.93
CA GLN B 1299 -7.63 -18.24 -18.35
C GLN B 1299 -7.49 -17.09 -17.36
N GLN B 1300 -8.40 -16.11 -17.39
CA GLN B 1300 -8.28 -14.96 -16.50
C GLN B 1300 -8.59 -15.35 -15.05
N GLU B 1301 -9.67 -16.10 -14.84
CA GLU B 1301 -9.98 -16.57 -13.49
C GLU B 1301 -8.91 -17.52 -12.98
N LEU B 1302 -8.36 -18.36 -13.85
CA LEU B 1302 -7.25 -19.23 -13.45
C LEU B 1302 -6.04 -18.40 -13.04
N LYS B 1303 -5.73 -17.35 -13.80
CA LYS B 1303 -4.60 -16.50 -13.47
C LYS B 1303 -4.80 -15.84 -12.11
N GLU B 1304 -5.99 -15.29 -11.86
CA GLU B 1304 -6.21 -14.62 -10.59
C GLU B 1304 -6.21 -15.61 -9.42
N LYS B 1305 -6.75 -16.81 -9.64
CA LYS B 1305 -6.70 -17.84 -8.59
C LYS B 1305 -5.26 -18.24 -8.28
N LEU B 1306 -4.44 -18.40 -9.32
CA LEU B 1306 -3.03 -18.73 -9.08
C LEU B 1306 -2.32 -17.59 -8.37
N TYR B 1307 -2.63 -16.34 -8.73
CA TYR B 1307 -1.96 -15.21 -8.08
C TYR B 1307 -2.35 -15.11 -6.61
N GLN B 1308 -3.63 -15.33 -6.28
CA GLN B 1308 -4.03 -15.30 -4.88
C GLN B 1308 -3.49 -16.51 -4.12
N GLU B 1309 -3.32 -17.66 -4.78
CA GLU B 1309 -2.63 -18.78 -4.14
C GLU B 1309 -1.18 -18.43 -3.86
N ILE B 1310 -0.53 -17.71 -4.78
CA ILE B 1310 0.83 -17.23 -4.54
C ILE B 1310 0.85 -16.31 -3.33
N ILE B 1311 -0.14 -15.43 -3.23
CA ILE B 1311 -0.23 -14.53 -2.08
C ILE B 1311 -0.35 -15.31 -0.78
N SER B 1312 -1.23 -16.32 -0.76
CA SER B 1312 -1.42 -17.12 0.44
C SER B 1312 -0.14 -17.86 0.81
N TYR B 1313 0.53 -18.45 -0.18
CA TYR B 1313 1.75 -19.20 0.10
C TYR B 1313 2.85 -18.29 0.62
N PHE B 1314 2.96 -17.08 0.05
CA PHE B 1314 3.93 -16.11 0.57
C PHE B 1314 3.57 -15.67 1.98
N ASP B 1315 2.28 -15.61 2.28
CA ASP B 1315 1.85 -15.34 3.65
C ASP B 1315 2.31 -16.46 4.60
N LYS B 1316 2.24 -17.70 4.12
CA LYS B 1316 2.64 -18.86 4.92
C LYS B 1316 3.98 -19.43 4.48
N GLY B 1317 4.84 -18.58 3.92
CA GLY B 1317 6.11 -19.06 3.41
C GLY B 1317 7.33 -18.35 3.96
N LYS B 1318 7.13 -17.16 4.53
CA LYS B 1318 8.19 -16.39 5.18
C LYS B 1318 9.27 -15.92 4.19
N MET B 1319 9.10 -16.23 2.90
CA MET B 1319 9.97 -15.69 1.88
C MET B 1319 9.51 -14.29 1.49
N TRP B 1320 10.46 -13.37 1.39
CA TRP B 1320 10.13 -11.96 1.24
C TRP B 1320 10.66 -11.33 -0.04
N GLU B 1321 11.94 -11.52 -0.36
CA GLU B 1321 12.54 -10.75 -1.45
C GLU B 1321 11.87 -11.04 -2.79
N LYS B 1322 11.77 -12.31 -3.17
CA LYS B 1322 11.00 -12.65 -4.36
C LYS B 1322 9.53 -12.32 -4.17
N ALA B 1323 9.02 -12.52 -2.96
CA ALA B 1323 7.64 -12.13 -2.66
C ALA B 1323 7.44 -10.63 -2.83
N ILE B 1324 8.40 -9.83 -2.39
CA ILE B 1324 8.28 -8.38 -2.52
C ILE B 1324 8.34 -7.96 -3.99
N LYS B 1325 9.25 -8.58 -4.76
CA LYS B 1325 9.32 -8.26 -6.19
C LYS B 1325 8.02 -8.63 -6.90
N LEU B 1326 7.48 -9.81 -6.60
CA LEU B 1326 6.23 -10.23 -7.23
C LEU B 1326 5.07 -9.37 -6.77
N SER B 1327 5.12 -8.87 -5.52
CA SER B 1327 4.12 -7.92 -5.06
C SER B 1327 4.20 -6.59 -5.80
N LYS B 1328 5.40 -6.09 -6.08
CA LYS B 1328 5.54 -4.91 -6.93
C LYS B 1328 4.93 -5.15 -8.31
N GLU B 1329 5.24 -6.31 -8.90
CA GLU B 1329 4.68 -6.62 -10.22
C GLU B 1329 3.17 -6.73 -10.18
N LEU B 1330 2.62 -7.34 -9.12
CA LEU B 1330 1.18 -7.48 -8.98
C LEU B 1330 0.51 -6.12 -8.77
N ALA B 1331 1.16 -5.23 -8.02
CA ALA B 1331 0.63 -3.87 -7.88
C ALA B 1331 0.63 -3.15 -9.22
N GLU B 1332 1.70 -3.34 -10.00
CA GLU B 1332 1.74 -2.76 -11.35
C GLU B 1332 0.58 -3.28 -12.20
N THR B 1333 0.35 -4.59 -12.18
CA THR B 1333 -0.74 -5.17 -12.96
C THR B 1333 -2.10 -4.67 -12.46
N TYR B 1334 -2.25 -4.57 -11.14
CA TYR B 1334 -3.49 -4.04 -10.55
C TYR B 1334 -3.78 -2.63 -11.05
N GLU B 1335 -2.81 -1.72 -10.90
CA GLU B 1335 -3.07 -0.32 -11.21
C GLU B 1335 -3.17 -0.08 -12.71
N SER B 1336 -2.42 -0.84 -13.52
CA SER B 1336 -2.37 -0.59 -14.94
C SER B 1336 -3.48 -1.24 -15.74
N LYS B 1337 -3.94 -2.43 -15.35
CA LYS B 1337 -4.82 -3.22 -16.21
C LYS B 1337 -6.19 -3.50 -15.61
N VAL B 1338 -6.25 -3.96 -14.36
CA VAL B 1338 -7.49 -4.48 -13.80
C VAL B 1338 -8.13 -3.54 -12.79
N PHE B 1339 -7.37 -2.64 -12.17
CA PHE B 1339 -7.90 -1.67 -11.21
C PHE B 1339 -8.60 -2.34 -10.04
N ASP B 1340 -8.12 -3.52 -9.64
CA ASP B 1340 -8.64 -4.21 -8.46
C ASP B 1340 -8.02 -3.57 -7.22
N TYR B 1341 -8.74 -2.58 -6.68
CA TYR B 1341 -8.19 -1.74 -5.62
C TYR B 1341 -8.13 -2.44 -4.27
N GLU B 1342 -9.12 -3.25 -3.91
CA GLU B 1342 -9.10 -3.92 -2.61
C GLU B 1342 -8.00 -4.97 -2.54
N GLY B 1343 -7.88 -5.78 -3.59
CA GLY B 1343 -6.77 -6.73 -3.65
C GLY B 1343 -5.43 -6.01 -3.66
N LEU B 1344 -5.37 -4.87 -4.34
CA LEU B 1344 -4.14 -4.08 -4.34
C LEU B 1344 -3.80 -3.61 -2.93
N GLY B 1345 -4.80 -3.14 -2.18
CA GLY B 1345 -4.54 -2.69 -0.82
C GLY B 1345 -4.10 -3.80 0.09
N ASN B 1346 -4.74 -4.97 -0.02
CA ASN B 1346 -4.31 -6.13 0.77
C ASN B 1346 -2.89 -6.54 0.41
N LEU B 1347 -2.56 -6.51 -0.89
CA LEU B 1347 -1.21 -6.81 -1.33
C LEU B 1347 -0.19 -5.83 -0.74
N LEU B 1348 -0.54 -4.55 -0.73
CA LEU B 1348 0.34 -3.54 -0.15
C LEU B 1348 0.52 -3.75 1.35
N LYS B 1349 -0.56 -4.12 2.05
CA LYS B 1349 -0.45 -4.42 3.47
C LYS B 1349 0.48 -5.59 3.72
N LYS B 1350 0.35 -6.65 2.90
CA LYS B 1350 1.22 -7.81 3.08
C LYS B 1350 2.67 -7.47 2.74
N ARG B 1351 2.89 -6.62 1.73
CA ARG B 1351 4.25 -6.20 1.42
C ARG B 1351 4.85 -5.35 2.54
N ALA B 1352 4.02 -4.51 3.17
CA ALA B 1352 4.50 -3.74 4.31
C ALA B 1352 4.84 -4.66 5.48
N SER B 1353 4.04 -5.71 5.69
CA SER B 1353 4.37 -6.70 6.71
C SER B 1353 5.70 -7.39 6.39
N PHE B 1354 5.93 -7.71 5.12
CA PHE B 1354 7.21 -8.30 4.72
C PHE B 1354 8.36 -7.33 5.00
N TYR B 1355 8.16 -6.04 4.69
CA TYR B 1355 9.19 -5.05 4.96
C TYR B 1355 9.50 -4.97 6.46
N GLU B 1356 8.47 -4.97 7.29
CA GLU B 1356 8.69 -4.93 8.74
C GLU B 1356 9.41 -6.18 9.22
N ASN B 1357 9.02 -7.35 8.71
CA ASN B 1357 9.65 -8.59 9.15
C ASN B 1357 11.09 -8.69 8.69
N ILE B 1358 11.42 -8.03 7.57
CA ILE B 1358 12.81 -8.02 7.12
C ILE B 1358 13.72 -7.43 8.17
N ILE B 1359 13.31 -6.32 8.77
CA ILE B 1359 14.12 -5.66 9.79
C ILE B 1359 13.95 -6.31 11.15
N LYS B 1360 12.77 -6.82 11.46
CA LYS B 1360 12.49 -7.35 12.80
C LYS B 1360 12.69 -8.86 12.93
N ALA B 1361 12.09 -9.65 12.04
CA ALA B 1361 12.16 -11.11 12.16
C ALA B 1361 13.57 -11.59 11.85
N MET B 1362 13.96 -12.69 12.50
CA MET B 1362 15.30 -13.23 12.34
C MET B 1362 15.30 -14.33 11.29
N ARG B 1363 16.27 -14.30 10.38
CA ARG B 1363 16.40 -15.30 9.34
C ARG B 1363 17.58 -16.21 9.62
N PRO B 1364 17.36 -17.48 9.94
CA PRO B 1364 18.48 -18.42 10.06
C PRO B 1364 19.20 -18.56 8.74
N GLN B 1365 20.51 -18.69 8.80
CA GLN B 1365 21.30 -18.85 7.60
C GLN B 1365 21.47 -20.33 7.27
N PRO B 1366 20.94 -20.82 6.16
CA PRO B 1366 21.08 -22.24 5.84
C PRO B 1366 22.54 -22.61 5.60
N GLU B 1367 22.91 -23.78 6.10
CA GLU B 1367 24.25 -24.29 5.85
C GLU B 1367 24.31 -24.92 4.46
N TYR B 1368 25.55 -25.08 4.00
CA TYR B 1368 25.77 -25.63 2.64
C TYR B 1368 26.84 -26.72 2.69
N PHE B 1369 26.51 -27.93 2.21
CA PHE B 1369 27.42 -29.07 2.24
C PHE B 1369 27.58 -29.60 0.82
N ALA B 1370 28.79 -30.05 0.48
CA ALA B 1370 29.04 -30.66 -0.80
C ALA B 1370 29.13 -32.17 -0.63
N VAL B 1371 28.31 -32.90 -1.39
CA VAL B 1371 28.24 -34.36 -1.32
C VAL B 1371 28.46 -34.92 -2.71
N GLY B 1372 29.39 -35.87 -2.82
CA GLY B 1372 29.64 -36.56 -4.08
C GLY B 1372 29.55 -38.06 -3.87
N TYR B 1373 28.83 -38.73 -4.76
CA TYR B 1373 28.61 -40.17 -4.70
C TYR B 1373 29.48 -40.81 -5.76
N TYR B 1374 30.28 -41.81 -5.36
CA TYR B 1374 31.18 -42.51 -6.26
C TYR B 1374 30.97 -44.01 -6.13
N GLY B 1375 31.32 -44.72 -7.19
CA GLY B 1375 31.13 -46.16 -7.23
C GLY B 1375 29.91 -46.55 -8.05
N GLN B 1376 29.97 -47.77 -8.60
CA GLN B 1376 28.90 -48.26 -9.45
C GLN B 1376 27.64 -48.64 -8.69
N GLY B 1377 27.69 -48.68 -7.36
CA GLY B 1377 26.52 -49.03 -6.59
C GLY B 1377 25.44 -47.97 -6.52
N PHE B 1378 25.79 -46.71 -6.82
CA PHE B 1378 24.79 -45.65 -6.83
C PHE B 1378 24.01 -45.67 -8.16
N PRO B 1379 22.79 -45.14 -8.15
CA PRO B 1379 22.03 -45.06 -9.40
C PRO B 1379 22.71 -44.16 -10.42
N SER B 1380 22.24 -44.25 -11.66
CA SER B 1380 22.85 -43.51 -12.76
C SER B 1380 22.87 -42.01 -12.53
N PHE B 1381 21.89 -41.49 -11.78
CA PHE B 1381 21.84 -40.07 -11.52
C PHE B 1381 22.67 -39.66 -10.31
N LEU B 1382 23.35 -40.62 -9.66
CA LEU B 1382 24.25 -40.34 -8.55
C LEU B 1382 25.68 -40.73 -8.84
N ARG B 1383 25.94 -41.41 -9.95
CA ARG B 1383 27.27 -41.97 -10.22
C ARG B 1383 28.23 -40.89 -10.68
N ASN B 1384 29.37 -40.80 -9.98
CA ASN B 1384 30.48 -39.91 -10.36
C ASN B 1384 30.04 -38.45 -10.50
N LYS B 1385 29.20 -37.98 -9.59
CA LYS B 1385 28.70 -36.61 -9.63
C LYS B 1385 28.78 -35.98 -8.24
N ILE B 1386 28.90 -34.66 -8.24
CA ILE B 1386 29.00 -33.87 -7.01
C ILE B 1386 27.88 -32.84 -7.01
N PHE B 1387 27.15 -32.78 -5.90
CA PHE B 1387 26.06 -31.83 -5.73
C PHE B 1387 26.27 -31.01 -4.46
N ILE B 1388 25.92 -29.73 -4.53
CA ILE B 1388 26.04 -28.84 -3.38
C ILE B 1388 24.67 -28.73 -2.73
N TYR B 1389 24.53 -29.32 -1.55
CA TYR B 1389 23.24 -29.43 -0.87
C TYR B 1389 23.04 -28.26 0.07
N ARG B 1390 21.84 -27.67 0.03
CA ARG B 1390 21.48 -26.55 0.89
C ARG B 1390 20.91 -27.11 2.19
N GLY B 1391 21.65 -26.96 3.27
CA GLY B 1391 21.19 -27.44 4.56
C GLY B 1391 19.99 -26.66 5.07
N LYS B 1392 19.21 -27.32 5.91
CA LYS B 1392 18.02 -26.70 6.48
C LYS B 1392 18.39 -25.84 7.68
N GLU B 1393 17.37 -25.42 8.42
CA GLU B 1393 17.56 -24.56 9.58
C GLU B 1393 18.46 -25.24 10.61
N TYR B 1394 19.63 -24.66 10.84
CA TYR B 1394 20.60 -25.13 11.83
C TYR B 1394 21.02 -26.58 11.61
N GLU B 1395 20.91 -27.09 10.39
CA GLU B 1395 21.25 -28.48 10.13
C GLU B 1395 22.75 -28.65 10.03
N ARG B 1396 23.32 -29.48 10.90
CA ARG B 1396 24.75 -29.70 10.95
C ARG B 1396 25.17 -30.80 9.98
N ARG B 1397 26.48 -30.87 9.74
CA ARG B 1397 27.00 -31.86 8.79
C ARG B 1397 26.86 -33.27 9.33
N GLU B 1398 26.95 -33.44 10.65
CA GLU B 1398 26.88 -34.77 11.24
C GLU B 1398 25.48 -35.37 11.06
N ASP B 1399 24.44 -34.60 11.40
CA ASP B 1399 23.07 -35.08 11.24
C ASP B 1399 22.75 -35.33 9.77
N PHE B 1400 23.21 -34.43 8.90
CA PHE B 1400 22.97 -34.60 7.46
C PHE B 1400 23.64 -35.87 6.95
N SER B 1401 24.88 -36.11 7.37
CA SER B 1401 25.59 -37.31 6.97
C SER B 1401 24.92 -38.57 7.50
N LEU B 1402 24.45 -38.55 8.75
CA LEU B 1402 23.73 -39.69 9.28
C LEU B 1402 22.46 -39.97 8.50
N ARG B 1403 21.69 -38.92 8.20
CA ARG B 1403 20.45 -39.10 7.46
C ARG B 1403 20.72 -39.60 6.05
N LEU B 1404 21.78 -39.12 5.41
CA LEU B 1404 22.11 -39.57 4.06
C LEU B 1404 22.59 -41.02 4.06
N LEU B 1405 23.39 -41.40 5.07
CA LEU B 1405 23.81 -42.79 5.19
C LEU B 1405 22.63 -43.71 5.49
N THR B 1406 21.61 -43.20 6.18
CA THR B 1406 20.40 -44.00 6.40
C THR B 1406 19.76 -44.38 5.08
N GLN B 1407 19.80 -43.49 4.08
CA GLN B 1407 19.26 -43.81 2.77
C GLN B 1407 20.05 -44.89 2.05
N PHE B 1408 21.37 -44.94 2.26
CA PHE B 1408 22.26 -45.88 1.59
C PHE B 1408 23.11 -46.59 2.64
N PRO B 1409 22.56 -47.63 3.28
CA PRO B 1409 23.37 -48.41 4.23
C PRO B 1409 24.61 -49.03 3.60
N ASN B 1410 24.54 -49.41 2.33
CA ASN B 1410 25.67 -49.99 1.63
C ASN B 1410 26.74 -48.97 1.29
N ALA B 1411 26.45 -47.67 1.44
CA ALA B 1411 27.40 -46.61 1.12
C ALA B 1411 28.57 -46.66 2.10
N GLU B 1412 29.78 -46.53 1.58
CA GLU B 1412 30.97 -46.46 2.42
C GLU B 1412 31.35 -44.99 2.61
N LYS B 1413 31.38 -44.56 3.86
CA LYS B 1413 31.62 -43.15 4.16
C LYS B 1413 33.09 -42.82 3.91
N MET B 1414 33.34 -41.94 2.94
CA MET B 1414 34.71 -41.54 2.63
C MET B 1414 35.24 -40.59 3.69
N THR B 1415 36.43 -40.90 4.21
CA THR B 1415 37.03 -40.11 5.28
C THR B 1415 38.00 -39.05 4.77
N SER B 1416 38.13 -38.90 3.45
CA SER B 1416 39.06 -37.94 2.87
C SER B 1416 38.34 -37.02 1.91
N THR B 1417 38.77 -35.75 1.89
CA THR B 1417 38.24 -34.76 0.97
C THR B 1417 39.00 -34.70 -0.35
N THR B 1418 40.11 -35.43 -0.47
CA THR B 1418 40.82 -35.48 -1.73
C THR B 1418 39.96 -36.18 -2.78
N PRO B 1419 39.88 -35.65 -4.00
CA PRO B 1419 39.06 -36.28 -5.05
C PRO B 1419 39.49 -37.71 -5.28
N PRO B 1420 38.54 -38.63 -5.42
CA PRO B 1420 38.90 -40.04 -5.57
C PRO B 1420 39.47 -40.34 -6.95
N GLY B 1421 40.23 -41.44 -7.02
CA GLY B 1421 40.77 -41.89 -8.28
C GLY B 1421 39.77 -42.71 -9.06
N GLU B 1422 40.25 -43.29 -10.17
CA GLU B 1422 39.40 -44.11 -11.02
C GLU B 1422 38.94 -45.38 -10.31
N ASP B 1423 39.70 -45.87 -9.34
CA ASP B 1423 39.34 -47.13 -8.67
C ASP B 1423 38.05 -46.98 -7.88
N ILE B 1424 37.93 -45.91 -7.08
CA ILE B 1424 36.73 -45.71 -6.27
C ILE B 1424 35.52 -45.48 -7.17
N LYS B 1425 35.69 -44.67 -8.22
CA LYS B 1425 34.59 -44.39 -9.14
C LYS B 1425 34.13 -45.65 -9.87
N SER B 1426 35.07 -46.49 -10.30
CA SER B 1426 34.73 -47.71 -11.03
C SER B 1426 34.40 -48.89 -10.12
N SER B 1427 34.63 -48.75 -8.82
CA SER B 1427 34.35 -49.85 -7.90
C SER B 1427 32.84 -50.09 -7.83
N PRO B 1428 32.40 -51.35 -7.74
CA PRO B 1428 30.95 -51.62 -7.67
C PRO B 1428 30.31 -51.15 -6.39
N LYS B 1429 31.07 -50.86 -5.34
CA LYS B 1429 30.50 -50.47 -4.05
C LYS B 1429 29.94 -49.05 -4.14
N GLN B 1430 29.41 -48.57 -3.02
CA GLN B 1430 28.87 -47.23 -2.90
C GLN B 1430 29.79 -46.42 -1.99
N TYR B 1431 30.31 -45.31 -2.50
CA TYR B 1431 31.21 -44.43 -1.75
C TYR B 1431 30.60 -43.03 -1.69
N MET B 1432 30.41 -42.53 -0.48
CA MET B 1432 29.79 -41.23 -0.25
C MET B 1432 30.76 -40.33 0.50
N GLN B 1433 30.94 -39.12 0.00
CA GLN B 1433 31.80 -38.12 0.63
C GLN B 1433 31.00 -36.85 0.87
N CYS B 1434 30.94 -36.42 2.13
CA CYS B 1434 30.16 -35.25 2.52
C CYS B 1434 31.05 -34.30 3.31
N PHE B 1435 31.01 -33.02 2.94
CA PHE B 1435 31.78 -32.00 3.65
C PHE B 1435 31.13 -30.65 3.42
N THR B 1436 31.49 -29.69 4.27
CA THR B 1436 30.87 -28.38 4.24
C THR B 1436 31.63 -27.44 3.31
N VAL B 1437 30.88 -26.60 2.58
CA VAL B 1437 31.46 -25.60 1.70
C VAL B 1437 30.82 -24.25 2.03
N LYS B 1438 31.54 -23.19 1.67
CA LYS B 1438 31.09 -21.84 1.98
C LYS B 1438 30.49 -21.16 0.77
N PRO B 1439 29.25 -20.70 0.85
CA PRO B 1439 28.64 -20.00 -0.29
C PRO B 1439 29.32 -18.67 -0.56
N VAL B 1440 29.26 -18.23 -1.81
CA VAL B 1440 29.86 -16.97 -2.24
C VAL B 1440 28.74 -15.99 -2.54
N MET B 1441 28.73 -14.86 -1.82
CA MET B 1441 27.67 -13.88 -1.96
C MET B 1441 27.74 -13.18 -3.31
N SER B 1442 26.58 -12.98 -3.93
CA SER B 1442 26.47 -12.25 -5.20
C SER B 1442 25.40 -11.18 -5.04
N LEU B 1443 25.84 -9.92 -5.02
CA LEU B 1443 24.92 -8.79 -4.84
C LEU B 1443 24.38 -8.34 -6.19
N PRO B 1444 23.17 -7.80 -6.24
CA PRO B 1444 22.65 -7.26 -7.50
C PRO B 1444 23.44 -6.02 -7.92
N PRO B 1445 23.52 -5.75 -9.22
CA PRO B 1445 24.19 -4.51 -9.66
C PRO B 1445 23.54 -3.25 -9.12
N SER B 1446 22.24 -3.30 -8.81
CA SER B 1446 21.55 -2.16 -8.23
C SER B 1446 22.12 -1.76 -6.87
N TYR B 1447 22.68 -2.71 -6.12
CA TYR B 1447 23.25 -2.42 -4.81
C TYR B 1447 24.73 -2.05 -4.85
N LYS B 1448 25.32 -1.93 -6.04
CA LYS B 1448 26.74 -1.63 -6.15
C LYS B 1448 27.03 -0.22 -5.62
N ASP B 1449 28.12 -0.10 -4.87
CA ASP B 1449 28.58 1.17 -4.31
C ASP B 1449 27.54 1.83 -3.41
N LYS B 1450 26.77 1.04 -2.66
CA LYS B 1450 25.75 1.62 -1.81
C LYS B 1450 25.80 1.00 -0.41
N PRO B 1451 25.46 1.78 0.63
CA PRO B 1451 25.46 1.24 1.98
C PRO B 1451 24.20 0.44 2.29
N VAL B 1452 24.08 -0.74 1.69
CA VAL B 1452 22.93 -1.62 1.87
C VAL B 1452 22.90 -2.09 3.32
N PRO B 1453 21.75 -2.09 3.98
CA PRO B 1453 21.70 -2.55 5.38
C PRO B 1453 22.14 -4.00 5.51
N GLU B 1454 22.76 -4.32 6.65
CA GLU B 1454 23.27 -5.67 6.87
C GLU B 1454 22.16 -6.71 6.88
N GLN B 1455 20.97 -6.34 7.34
CA GLN B 1455 19.84 -7.27 7.29
C GLN B 1455 19.50 -7.67 5.86
N ILE B 1456 19.80 -6.81 4.89
CA ILE B 1456 19.58 -7.15 3.49
C ILE B 1456 20.78 -7.89 2.92
N LEU B 1457 22.00 -7.50 3.31
CA LEU B 1457 23.19 -8.13 2.76
C LEU B 1457 23.32 -9.57 3.22
N ASN B 1458 22.91 -9.87 4.45
CA ASN B 1458 22.98 -11.24 4.94
C ASN B 1458 22.10 -12.18 4.12
N TYR B 1459 21.05 -11.66 3.51
CA TYR B 1459 20.22 -12.47 2.61
C TYR B 1459 21.03 -12.96 1.43
N TYR B 1460 21.70 -12.05 0.73
CA TYR B 1460 22.52 -12.44 -0.42
C TYR B 1460 23.77 -13.21 0.01
N ARG B 1461 24.18 -13.09 1.27
CA ARG B 1461 25.31 -13.87 1.76
C ARG B 1461 25.01 -15.36 1.80
N ALA B 1462 23.74 -15.73 1.96
CA ALA B 1462 23.34 -17.13 1.96
C ALA B 1462 22.34 -17.48 0.87
N ASN B 1463 21.94 -16.52 0.04
CA ASN B 1463 20.98 -16.77 -1.03
C ASN B 1463 21.48 -16.10 -2.30
N GLU B 1464 20.87 -16.50 -3.43
CA GLU B 1464 21.30 -16.04 -4.75
C GLU B 1464 22.78 -16.31 -4.99
N VAL B 1465 23.24 -17.50 -4.59
CA VAL B 1465 24.65 -17.86 -4.63
C VAL B 1465 24.85 -18.98 -5.63
N GLN B 1466 25.95 -18.90 -6.37
CA GLN B 1466 26.35 -19.96 -7.29
C GLN B 1466 27.68 -20.58 -6.88
N GLN B 1467 28.68 -19.72 -6.66
CA GLN B 1467 30.02 -20.20 -6.37
C GLN B 1467 30.11 -20.72 -4.93
N PHE B 1468 31.07 -21.62 -4.72
CA PHE B 1468 31.32 -22.18 -3.41
C PHE B 1468 32.83 -22.34 -3.22
N ARG B 1469 33.30 -22.05 -2.01
CA ARG B 1469 34.71 -22.07 -1.70
C ARG B 1469 34.96 -22.92 -0.45
N TYR B 1470 36.19 -23.40 -0.31
CA TYR B 1470 36.62 -24.12 0.88
C TYR B 1470 38.09 -23.85 1.12
N SER B 1471 38.52 -24.04 2.36
CA SER B 1471 39.86 -23.72 2.82
C SER B 1471 40.71 -24.99 2.88
N ARG B 1472 41.91 -24.91 2.33
CA ARG B 1472 42.85 -26.04 2.32
C ARG B 1472 44.17 -25.62 2.98
N PRO B 1473 44.39 -25.96 4.25
CA PRO B 1473 45.65 -25.64 4.91
C PRO B 1473 46.79 -26.53 4.38
N PHE B 1474 47.88 -25.90 3.98
CA PHE B 1474 49.06 -26.59 3.50
C PHE B 1474 50.28 -26.13 4.28
N ARG B 1475 51.14 -27.07 4.65
CA ARG B 1475 52.33 -26.78 5.45
C ARG B 1475 53.53 -26.59 4.54
N LYS B 1476 54.13 -25.41 4.60
CA LYS B 1476 55.32 -25.09 3.79
C LYS B 1476 56.19 -24.14 4.59
N GLY B 1477 57.19 -24.68 5.26
CA GLY B 1477 58.12 -23.86 6.02
C GLY B 1477 58.65 -24.61 7.22
N GLU B 1478 59.43 -23.90 8.03
CA GLU B 1478 60.01 -24.48 9.23
C GLU B 1478 58.93 -24.77 10.27
N LYS B 1479 59.08 -25.91 10.94
CA LYS B 1479 58.14 -26.31 12.00
C LYS B 1479 58.59 -25.79 13.37
N ASP B 1480 58.53 -24.48 13.55
CA ASP B 1480 58.88 -23.88 14.82
C ASP B 1480 57.87 -24.28 15.89
N PRO B 1481 58.33 -24.58 17.12
CA PRO B 1481 57.42 -25.04 18.17
C PRO B 1481 56.34 -24.03 18.54
N ASP B 1482 56.67 -22.75 18.48
CA ASP B 1482 55.73 -21.71 18.89
C ASP B 1482 54.99 -21.08 17.74
N ASN B 1483 55.71 -20.53 16.76
CA ASN B 1483 55.08 -19.82 15.65
C ASN B 1483 54.44 -20.83 14.70
N GLU B 1484 53.12 -21.03 14.85
CA GLU B 1484 52.40 -21.98 14.01
C GLU B 1484 52.02 -21.40 12.66
N PHE B 1485 52.09 -20.09 12.49
CA PHE B 1485 51.72 -19.43 11.24
C PHE B 1485 52.86 -19.39 10.23
N ALA B 1486 54.04 -19.90 10.60
CA ALA B 1486 55.18 -19.93 9.69
C ALA B 1486 55.01 -20.91 8.55
N THR B 1487 54.04 -21.82 8.65
CA THR B 1487 53.77 -22.80 7.61
C THR B 1487 52.36 -22.67 7.04
N MET B 1488 51.84 -21.44 6.92
CA MET B 1488 50.47 -21.25 6.46
C MET B 1488 50.43 -21.08 4.94
N TRP B 1489 49.94 -22.09 4.25
CA TRP B 1489 49.70 -22.03 2.81
C TRP B 1489 48.30 -22.54 2.53
N ILE B 1490 47.56 -21.83 1.69
CA ILE B 1490 46.17 -22.13 1.41
C ILE B 1490 46.00 -22.32 -0.09
N GLU B 1491 45.34 -23.41 -0.47
CA GLU B 1491 44.99 -23.68 -1.87
C GLU B 1491 43.49 -23.91 -1.91
N ARG B 1492 42.73 -22.82 -2.01
CA ARG B 1492 41.28 -22.90 -1.95
C ARG B 1492 40.72 -23.62 -3.17
N THR B 1493 39.59 -24.30 -2.96
CA THR B 1493 38.92 -25.06 -4.00
C THR B 1493 37.78 -24.20 -4.56
N THR B 1494 37.85 -23.93 -5.86
CA THR B 1494 36.87 -23.09 -6.53
C THR B 1494 35.77 -23.97 -7.11
N TYR B 1495 34.52 -23.65 -6.77
CA TYR B 1495 33.36 -24.38 -7.26
C TYR B 1495 32.45 -23.40 -8.01
N THR B 1496 32.06 -23.77 -9.23
CA THR B 1496 31.19 -22.94 -10.05
C THR B 1496 29.90 -23.69 -10.34
N THR B 1497 28.77 -23.02 -10.14
CA THR B 1497 27.46 -23.58 -10.40
C THR B 1497 26.71 -22.67 -11.36
N ALA B 1498 26.05 -23.26 -12.35
CA ALA B 1498 25.30 -22.49 -13.34
C ALA B 1498 23.98 -21.94 -12.80
N TYR B 1499 23.49 -22.45 -11.67
CA TYR B 1499 22.21 -22.03 -11.10
C TYR B 1499 22.44 -21.44 -9.71
N THR B 1500 21.57 -20.51 -9.33
CA THR B 1500 21.69 -19.78 -8.08
C THR B 1500 20.95 -20.53 -6.98
N PHE B 1501 21.54 -20.54 -5.78
CA PHE B 1501 20.86 -21.09 -4.62
C PHE B 1501 20.22 -19.97 -3.82
N PRO B 1502 18.92 -20.10 -3.46
CA PRO B 1502 18.06 -21.25 -3.77
C PRO B 1502 17.48 -21.20 -5.18
N GLY B 1503 16.85 -22.30 -5.60
CA GLY B 1503 16.27 -22.38 -6.92
C GLY B 1503 15.19 -23.45 -7.02
N ILE B 1504 15.17 -24.17 -8.14
CA ILE B 1504 14.18 -25.22 -8.31
C ILE B 1504 14.53 -26.44 -7.47
N LEU B 1505 15.80 -26.60 -7.14
CA LEU B 1505 16.29 -27.74 -6.36
C LEU B 1505 17.18 -27.23 -5.24
N LYS B 1506 17.17 -27.98 -4.13
CA LYS B 1506 18.06 -27.69 -3.00
C LYS B 1506 19.51 -27.90 -3.41
N TRP B 1507 19.77 -28.92 -4.22
CA TRP B 1507 21.13 -29.22 -4.64
C TRP B 1507 21.28 -29.07 -6.14
N PHE B 1508 22.50 -28.67 -6.56
CA PHE B 1508 22.83 -28.50 -7.95
C PHE B 1508 24.27 -28.94 -8.17
N GLU B 1509 24.52 -29.57 -9.30
CA GLU B 1509 25.84 -30.13 -9.58
C GLU B 1509 26.85 -29.03 -9.89
N VAL B 1510 28.12 -29.34 -9.65
CA VAL B 1510 29.19 -28.41 -10.01
C VAL B 1510 29.46 -28.51 -11.51
N LYS B 1511 29.80 -27.37 -12.10
CA LYS B 1511 30.10 -27.29 -13.53
C LYS B 1511 31.59 -27.23 -13.81
N GLN B 1512 32.30 -26.28 -13.20
CA GLN B 1512 33.75 -26.16 -13.35
C GLN B 1512 34.38 -26.00 -11.98
N ILE B 1513 35.50 -26.69 -11.76
CA ILE B 1513 36.24 -26.63 -10.50
C ILE B 1513 37.65 -26.17 -10.80
N SER B 1514 38.15 -25.22 -10.02
CA SER B 1514 39.47 -24.65 -10.23
C SER B 1514 40.23 -24.64 -8.90
N THR B 1515 41.54 -24.51 -9.00
CA THR B 1515 42.41 -24.44 -7.83
C THR B 1515 43.16 -23.11 -7.82
N GLU B 1516 43.54 -22.69 -6.62
CA GLU B 1516 44.28 -21.45 -6.42
C GLU B 1516 45.42 -21.70 -5.44
N GLU B 1517 46.23 -20.67 -5.22
CA GLU B 1517 47.34 -20.75 -4.27
C GLU B 1517 47.41 -19.43 -3.52
N ILE B 1518 47.62 -19.52 -2.20
CA ILE B 1518 47.66 -18.34 -1.34
C ILE B 1518 48.97 -18.36 -0.56
N SER B 1519 49.80 -17.35 -0.78
CA SER B 1519 51.03 -17.19 -0.03
C SER B 1519 50.71 -16.72 1.39
N PRO B 1520 51.64 -16.90 2.33
CA PRO B 1520 51.39 -16.42 3.70
C PRO B 1520 51.08 -14.94 3.78
N LEU B 1521 51.70 -14.11 2.93
CA LEU B 1521 51.35 -12.70 2.88
C LEU B 1521 49.89 -12.52 2.47
N GLU B 1522 49.46 -13.23 1.43
CA GLU B 1522 48.06 -13.15 1.00
C GLU B 1522 47.12 -13.69 2.06
N ASN B 1523 47.51 -14.76 2.75
CA ASN B 1523 46.68 -15.30 3.83
C ASN B 1523 46.51 -14.28 4.94
N ALA B 1524 47.60 -13.61 5.34
CA ALA B 1524 47.50 -12.59 6.37
C ALA B 1524 46.63 -11.42 5.91
N ILE B 1525 46.78 -11.02 4.64
CA ILE B 1525 45.96 -9.93 4.10
C ILE B 1525 44.49 -10.31 4.18
N GLU B 1526 44.15 -11.52 3.76
CA GLU B 1526 42.76 -11.97 3.77
C GLU B 1526 42.21 -12.07 5.18
N THR B 1527 43.00 -12.58 6.13
CA THR B 1527 42.55 -12.64 7.52
C THR B 1527 42.30 -11.25 8.08
N MET B 1528 43.20 -10.30 7.79
CA MET B 1528 43.00 -8.94 8.25
C MET B 1528 41.76 -8.32 7.65
N GLU B 1529 41.53 -8.53 6.35
CA GLU B 1529 40.33 -8.02 5.71
C GLU B 1529 39.07 -8.61 6.34
N LEU B 1530 39.07 -9.93 6.58
CA LEU B 1530 37.92 -10.58 7.17
C LEU B 1530 37.65 -10.04 8.57
N THR B 1531 38.69 -9.89 9.38
CA THR B 1531 38.50 -9.38 10.74
C THR B 1531 38.01 -7.94 10.72
N ASN B 1532 38.55 -7.11 9.83
CA ASN B 1532 38.08 -5.74 9.72
C ASN B 1532 36.62 -5.68 9.33
N GLU B 1533 36.21 -6.52 8.36
CA GLU B 1533 34.81 -6.55 7.96
C GLU B 1533 33.92 -7.01 9.11
N ARG B 1534 34.36 -8.01 9.87
CA ARG B 1534 33.57 -8.47 11.02
C ARG B 1534 33.41 -7.37 12.05
N ILE B 1535 34.49 -6.65 12.36
CA ILE B 1535 34.42 -5.57 13.35
C ILE B 1535 33.48 -4.48 12.86
N SER B 1536 33.62 -4.10 11.58
CA SER B 1536 32.74 -3.06 11.03
C SER B 1536 31.29 -3.48 11.06
N ASN B 1537 31.01 -4.74 10.73
CA ASN B 1537 29.64 -5.25 10.76
C ASN B 1537 29.07 -5.20 12.16
N CYS B 1538 29.86 -5.63 13.16
CA CYS B 1538 29.39 -5.59 14.53
C CYS B 1538 29.12 -4.16 14.99
N VAL B 1539 30.03 -3.24 14.65
CA VAL B 1539 29.87 -1.84 15.06
C VAL B 1539 28.62 -1.25 14.43
N GLN B 1540 28.40 -1.50 13.13
CA GLN B 1540 27.22 -0.99 12.45
C GLN B 1540 25.94 -1.59 13.03
N GLN B 1541 25.97 -2.89 13.33
CA GLN B 1541 24.79 -3.53 13.91
C GLN B 1541 24.44 -2.95 15.27
N HIS B 1542 25.44 -2.74 16.13
CA HIS B 1542 25.16 -2.20 17.45
C HIS B 1542 24.83 -0.71 17.43
N ALA B 1543 25.37 0.04 16.47
CA ALA B 1543 25.03 1.46 16.36
C ALA B 1543 23.60 1.68 15.90
N TRP B 1544 22.98 0.68 15.27
CA TRP B 1544 21.59 0.76 14.84
C TRP B 1544 20.69 -0.07 15.75
N ASP B 1545 21.22 -0.46 16.92
CA ASP B 1545 20.46 -1.25 17.87
C ASP B 1545 20.61 -0.61 19.25
N ARG B 1546 19.57 -0.77 20.06
CA ARG B 1546 19.55 -0.22 21.41
C ARG B 1546 19.56 -1.29 22.49
N SER B 1547 18.69 -2.29 22.37
CA SER B 1547 18.65 -3.39 23.35
C SER B 1547 19.49 -4.57 22.84
N LEU B 1548 20.76 -4.29 22.60
CA LEU B 1548 21.71 -5.31 22.14
C LEU B 1548 22.77 -5.54 23.21
N SER B 1549 23.04 -6.80 23.49
CA SER B 1549 23.99 -7.15 24.54
C SER B 1549 25.41 -6.77 24.14
N VAL B 1550 26.24 -6.54 25.16
CA VAL B 1550 27.64 -6.19 24.92
C VAL B 1550 28.54 -7.41 24.85
N HIS B 1551 27.98 -8.61 25.03
CA HIS B 1551 28.78 -9.84 24.97
C HIS B 1551 29.49 -10.02 23.64
N PRO B 1552 28.86 -9.84 22.47
CA PRO B 1552 29.65 -9.90 21.22
C PRO B 1552 30.76 -8.87 21.19
N LEU B 1553 30.51 -7.66 21.69
CA LEU B 1553 31.56 -6.65 21.77
C LEU B 1553 32.68 -7.10 22.68
N SER B 1554 32.35 -7.68 23.84
CA SER B 1554 33.38 -8.14 24.76
C SER B 1554 34.21 -9.24 24.12
N MET B 1555 33.57 -10.20 23.46
CA MET B 1555 34.28 -11.29 22.80
C MET B 1555 35.21 -10.76 21.72
N LEU B 1556 34.69 -9.87 20.87
CA LEU B 1556 35.51 -9.33 19.78
C LEU B 1556 36.69 -8.53 20.32
N LEU B 1557 36.45 -7.69 21.33
CA LEU B 1557 37.53 -6.87 21.88
C LEU B 1557 38.57 -7.73 22.59
N SER B 1558 38.13 -8.78 23.30
CA SER B 1558 39.07 -9.70 23.92
C SER B 1558 39.91 -10.42 22.88
N GLY B 1559 39.28 -10.81 21.76
CA GLY B 1559 40.04 -11.44 20.70
C GLY B 1559 41.07 -10.51 20.09
N ILE B 1560 40.66 -9.28 19.78
CA ILE B 1560 41.56 -8.33 19.13
C ILE B 1560 42.70 -7.95 20.07
N VAL B 1561 42.39 -7.71 21.34
CA VAL B 1561 43.35 -7.09 22.25
C VAL B 1561 44.48 -8.05 22.60
N ASP B 1562 44.15 -9.18 23.22
CA ASP B 1562 45.16 -10.08 23.77
C ASP B 1562 44.97 -11.50 23.28
N PRO B 1563 45.54 -11.87 22.13
CA PRO B 1563 45.60 -13.30 21.75
C PRO B 1563 46.61 -14.04 22.62
N ALA B 1564 46.22 -14.26 23.88
CA ALA B 1564 47.16 -14.79 24.88
C ALA B 1564 47.62 -16.20 24.53
N VAL B 1565 46.70 -17.05 24.06
CA VAL B 1565 47.07 -18.41 23.70
C VAL B 1565 48.05 -18.42 22.54
N MET B 1566 47.80 -17.60 21.53
CA MET B 1566 48.66 -17.52 20.35
C MET B 1566 48.66 -16.10 19.82
N GLY B 1567 49.70 -15.35 20.13
CA GLY B 1567 49.76 -13.95 19.76
C GLY B 1567 50.09 -13.74 18.30
N GLY B 1568 49.08 -13.34 17.51
CA GLY B 1568 49.28 -13.21 16.09
C GLY B 1568 50.04 -11.96 15.68
N PHE B 1569 49.97 -10.91 16.49
CA PHE B 1569 50.69 -9.68 16.17
C PHE B 1569 52.20 -9.93 16.18
N SER B 1570 52.71 -10.54 17.25
CA SER B 1570 54.12 -10.88 17.33
C SER B 1570 54.52 -11.89 16.27
N ASN B 1571 53.67 -12.86 15.96
CA ASN B 1571 53.95 -13.80 14.89
C ASN B 1571 54.11 -13.10 13.55
N TYR B 1572 53.21 -12.16 13.25
CA TYR B 1572 53.34 -11.38 12.01
C TYR B 1572 54.61 -10.54 12.02
N GLU B 1573 54.94 -9.93 13.16
CA GLU B 1573 56.17 -9.15 13.26
C GLU B 1573 57.38 -10.01 12.93
N LYS B 1574 57.49 -11.18 13.57
CA LYS B 1574 58.63 -12.06 13.31
C LYS B 1574 58.61 -12.60 11.88
N ALA B 1575 57.43 -12.84 11.32
CA ALA B 1575 57.33 -13.47 10.02
C ALA B 1575 57.64 -12.50 8.89
N PHE B 1576 57.28 -11.23 9.03
CA PHE B 1576 57.43 -10.28 7.93
C PHE B 1576 58.39 -9.14 8.24
N PHE B 1577 58.25 -8.50 9.40
CA PHE B 1577 59.04 -7.32 9.71
C PHE B 1577 60.53 -7.63 9.84
N THR B 1578 60.88 -8.88 10.15
CA THR B 1578 62.28 -9.26 10.27
C THR B 1578 62.95 -9.25 8.89
N GLU B 1579 64.26 -8.97 8.89
CA GLU B 1579 65.04 -8.97 7.66
C GLU B 1579 65.13 -10.37 7.06
N LYS B 1580 64.89 -11.42 7.86
CA LYS B 1580 64.94 -12.77 7.33
C LYS B 1580 63.91 -12.97 6.22
N TYR B 1581 62.70 -12.44 6.40
CA TYR B 1581 61.71 -12.54 5.33
C TYR B 1581 62.09 -11.70 4.12
N LEU B 1582 62.75 -10.57 4.34
CA LEU B 1582 63.24 -9.79 3.20
C LEU B 1582 64.27 -10.57 2.40
N GLN B 1583 65.12 -11.35 3.07
CA GLN B 1583 65.94 -12.31 2.34
C GLN B 1583 65.09 -13.37 1.66
N GLU B 1584 64.06 -13.88 2.34
CA GLU B 1584 63.13 -14.82 1.73
C GLU B 1584 62.34 -14.22 0.58
N HIS B 1585 61.89 -12.97 0.72
CA HIS B 1585 61.09 -12.31 -0.31
C HIS B 1585 61.73 -10.97 -0.64
N PRO B 1586 62.78 -10.97 -1.46
CA PRO B 1586 63.47 -9.72 -1.79
C PRO B 1586 62.60 -8.73 -2.55
N GLU B 1587 61.90 -9.21 -3.58
CA GLU B 1587 61.07 -8.38 -4.43
C GLU B 1587 59.60 -8.37 -4.00
N ASP B 1588 59.26 -9.07 -2.93
CA ASP B 1588 57.89 -9.12 -2.42
C ASP B 1588 57.86 -8.32 -1.11
N GLN B 1589 57.65 -7.02 -1.22
CA GLN B 1589 57.67 -6.12 -0.08
C GLN B 1589 56.42 -5.28 0.04
N GLU B 1590 55.67 -5.10 -1.05
CA GLU B 1590 54.45 -4.30 -1.02
C GLU B 1590 53.34 -4.94 -0.21
N LYS B 1591 53.41 -6.26 0.05
CA LYS B 1591 52.36 -6.93 0.80
C LYS B 1591 52.35 -6.49 2.27
N VAL B 1592 53.54 -6.34 2.86
CA VAL B 1592 53.59 -5.88 4.25
C VAL B 1592 53.07 -4.45 4.34
N GLU B 1593 53.21 -3.67 3.27
CA GLU B 1593 52.55 -2.36 3.22
C GLU B 1593 51.04 -2.50 3.30
N LEU B 1594 50.48 -3.48 2.60
CA LEU B 1594 49.04 -3.72 2.68
C LEU B 1594 48.64 -4.14 4.08
N LEU B 1595 49.46 -4.98 4.73
CA LEU B 1595 49.17 -5.37 6.11
C LEU B 1595 49.19 -4.15 7.03
N LYS B 1596 50.19 -3.28 6.86
CA LYS B 1596 50.29 -2.09 7.69
C LYS B 1596 49.09 -1.18 7.51
N ARG B 1597 48.68 -0.97 6.26
CA ARG B 1597 47.52 -0.11 6.03
C ARG B 1597 46.23 -0.76 6.52
N LEU B 1598 46.15 -2.10 6.46
CA LEU B 1598 44.97 -2.79 6.96
C LEU B 1598 44.83 -2.63 8.47
N ILE B 1599 45.94 -2.82 9.21
CA ILE B 1599 45.85 -2.62 10.66
C ILE B 1599 45.65 -1.14 10.99
N ALA B 1600 46.23 -0.24 10.19
CA ALA B 1600 46.03 1.18 10.42
C ALA B 1600 44.58 1.58 10.25
N LEU B 1601 43.90 1.02 9.24
CA LEU B 1601 42.47 1.27 9.07
C LEU B 1601 41.63 0.49 10.07
N GLN B 1602 42.16 -0.60 10.62
CA GLN B 1602 41.51 -1.26 11.74
C GLN B 1602 41.48 -0.38 12.97
N MET B 1603 42.55 0.40 13.18
CA MET B 1603 42.67 1.22 14.39
C MET B 1603 41.49 2.15 14.64
N PRO B 1604 40.99 2.95 13.67
CA PRO B 1604 39.82 3.79 13.95
C PRO B 1604 38.58 2.96 14.27
N LEU B 1605 38.47 1.78 13.65
CA LEU B 1605 37.37 0.89 13.99
C LEU B 1605 37.49 0.40 15.42
N LEU B 1606 38.71 0.11 15.88
CA LEU B 1606 38.91 -0.24 17.28
C LEU B 1606 38.57 0.93 18.19
N THR B 1607 38.88 2.16 17.76
CA THR B 1607 38.52 3.34 18.54
C THR B 1607 37.01 3.47 18.66
N GLU B 1608 36.29 3.23 17.57
CA GLU B 1608 34.83 3.25 17.61
C GLU B 1608 34.28 2.15 18.51
N GLY B 1609 34.89 0.97 18.48
CA GLY B 1609 34.50 -0.08 19.40
C GLY B 1609 34.72 0.30 20.85
N ILE B 1610 35.84 0.96 21.14
CA ILE B 1610 36.08 1.48 22.48
C ILE B 1610 35.02 2.51 22.85
N ARG B 1611 34.64 3.37 21.90
CA ARG B 1611 33.61 4.36 22.16
C ARG B 1611 32.28 3.71 22.54
N ILE B 1612 31.85 2.72 21.75
CA ILE B 1612 30.56 2.09 22.06
C ILE B 1612 30.65 1.27 23.35
N HIS B 1613 31.80 0.65 23.62
CA HIS B 1613 31.96 -0.09 24.87
C HIS B 1613 31.89 0.83 26.07
N GLY B 1614 32.53 2.01 25.98
CA GLY B 1614 32.41 2.99 27.05
C GLY B 1614 31.00 3.54 27.18
N GLU B 1615 30.29 3.66 26.06
CA GLU B 1615 28.89 4.04 26.10
C GLU B 1615 28.07 3.00 26.86
N LYS B 1616 28.39 1.72 26.68
CA LYS B 1616 27.75 0.65 27.44
C LYS B 1616 28.52 0.26 28.69
N LEU B 1617 29.55 1.02 29.07
CA LEU B 1617 30.35 0.67 30.22
C LEU B 1617 29.54 0.75 31.51
N THR B 1618 29.80 -0.21 32.40
CA THR B 1618 29.16 -0.23 33.71
C THR B 1618 30.18 -0.72 34.73
N GLU B 1619 29.71 -0.95 35.96
CA GLU B 1619 30.59 -1.47 37.00
C GLU B 1619 31.04 -2.90 36.68
N GLN B 1620 30.15 -3.70 36.08
CA GLN B 1620 30.51 -5.07 35.72
C GLN B 1620 31.63 -5.10 34.69
N LEU B 1621 31.57 -4.21 33.71
CA LEU B 1621 32.57 -4.13 32.66
C LEU B 1621 33.71 -3.17 32.99
N LYS B 1622 33.72 -2.59 34.19
CA LYS B 1622 34.75 -1.62 34.55
C LYS B 1622 36.17 -2.15 34.42
N PRO B 1623 36.53 -3.31 35.00
CA PRO B 1623 37.92 -3.77 34.82
C PRO B 1623 38.19 -4.26 33.41
N LEU B 1624 37.22 -4.92 32.78
CA LEU B 1624 37.39 -5.35 31.40
C LEU B 1624 37.64 -4.16 30.49
N HIS B 1625 36.82 -3.11 30.62
CA HIS B 1625 37.04 -1.91 29.81
C HIS B 1625 38.30 -1.17 30.19
N GLU B 1626 38.72 -1.21 31.46
CA GLU B 1626 39.99 -0.62 31.85
C GLU B 1626 41.14 -1.29 31.12
N ARG B 1627 41.15 -2.63 31.10
CA ARG B 1627 42.16 -3.36 30.35
C ARG B 1627 42.06 -3.07 28.86
N LEU B 1628 40.83 -2.96 28.33
CA LEU B 1628 40.64 -2.67 26.92
C LEU B 1628 41.25 -1.32 26.57
N SER B 1629 40.99 -0.29 27.38
CA SER B 1629 41.53 1.03 27.10
C SER B 1629 43.05 1.05 27.25
N SER B 1630 43.57 0.38 28.28
CA SER B 1630 45.02 0.33 28.48
C SER B 1630 45.71 -0.31 27.28
N CYS B 1631 45.21 -1.47 26.85
CA CYS B 1631 45.80 -2.13 25.69
C CYS B 1631 45.54 -1.39 24.40
N PHE B 1632 44.43 -0.64 24.30
CA PHE B 1632 44.18 0.19 23.13
C PHE B 1632 45.25 1.28 23.02
N ARG B 1633 45.53 1.97 24.13
CA ARG B 1633 46.59 2.96 24.13
C ARG B 1633 47.94 2.32 23.83
N GLU B 1634 48.20 1.15 24.41
CA GLU B 1634 49.47 0.47 24.18
C GLU B 1634 49.64 0.12 22.70
N LEU B 1635 48.60 -0.44 22.08
CA LEU B 1635 48.68 -0.80 20.67
C LEU B 1635 48.76 0.42 19.77
N LYS B 1636 48.08 1.50 20.13
CA LYS B 1636 48.22 2.74 19.37
C LYS B 1636 49.67 3.23 19.39
N GLU B 1637 50.27 3.28 20.58
CA GLU B 1637 51.67 3.70 20.67
C GLU B 1637 52.57 2.74 19.93
N LYS B 1638 52.30 1.43 19.99
CA LYS B 1638 53.11 0.46 19.27
C LYS B 1638 53.07 0.73 17.77
N VAL B 1639 51.87 0.83 17.21
CA VAL B 1639 51.75 1.01 15.76
C VAL B 1639 52.31 2.36 15.32
N GLU B 1640 52.24 3.36 16.20
CA GLU B 1640 52.77 4.68 15.84
C GLU B 1640 54.30 4.68 15.85
N LYS B 1641 54.91 4.07 16.85
CA LYS B 1641 56.36 4.22 17.01
C LYS B 1641 57.14 2.96 16.61
N HIS B 1642 56.83 1.83 17.24
CA HIS B 1642 57.67 0.64 17.08
C HIS B 1642 57.51 0.04 15.70
N TYR B 1643 56.26 -0.11 15.23
CA TYR B 1643 56.04 -0.71 13.92
C TYR B 1643 56.53 0.21 12.81
N GLY B 1644 56.56 1.52 13.06
CA GLY B 1644 56.99 2.47 12.06
C GLY B 1644 55.97 2.76 10.99
N VAL B 1645 54.75 2.24 11.11
CA VAL B 1645 53.72 2.43 10.10
C VAL B 1645 53.20 3.86 10.20
N ILE B 1646 52.48 4.27 9.16
CA ILE B 1646 51.87 5.60 9.09
C ILE B 1646 50.36 5.43 9.06
N THR B 1647 49.68 6.02 10.04
CA THR B 1647 48.23 5.92 10.14
C THR B 1647 47.57 7.19 9.62
N MET C 8 66.36 -123.15 35.90
CA MET C 8 66.28 -123.88 34.64
C MET C 8 64.85 -124.36 34.39
N GLN C 9 64.06 -124.40 35.45
CA GLN C 9 62.68 -124.85 35.35
C GLN C 9 61.83 -123.79 34.65
N SER C 10 61.46 -124.05 33.40
CA SER C 10 60.57 -123.15 32.67
C SER C 10 59.16 -123.27 33.23
N ILE C 11 58.54 -122.12 33.50
CA ILE C 11 57.24 -122.09 34.15
C ILE C 11 56.26 -121.34 33.25
N LYS C 12 55.02 -121.82 33.22
CA LYS C 12 53.97 -121.18 32.44
C LYS C 12 53.53 -119.87 33.10
N CYS C 13 53.03 -118.96 32.27
CA CYS C 13 52.65 -117.64 32.75
C CYS C 13 51.38 -117.19 32.04
N VAL C 14 50.60 -116.36 32.74
CA VAL C 14 49.40 -115.74 32.18
C VAL C 14 49.41 -114.26 32.56
N VAL C 15 49.19 -113.40 31.57
CA VAL C 15 49.18 -111.96 31.78
C VAL C 15 47.75 -111.46 31.60
N VAL C 16 47.22 -110.80 32.64
CA VAL C 16 45.88 -110.26 32.63
C VAL C 16 45.95 -108.80 33.07
N GLY C 17 44.79 -108.17 33.17
CA GLY C 17 44.73 -106.80 33.62
C GLY C 17 43.33 -106.23 33.45
N ASP C 18 43.20 -104.97 33.84
CA ASP C 18 41.93 -104.28 33.71
C ASP C 18 41.67 -103.89 32.24
N GLY C 19 40.43 -103.54 31.96
CA GLY C 19 40.06 -103.15 30.60
C GLY C 19 40.58 -101.77 30.25
N ALA C 20 41.05 -101.63 29.00
CA ALA C 20 41.55 -100.37 28.47
C ALA C 20 42.69 -99.81 29.32
N VAL C 21 43.77 -100.59 29.40
CA VAL C 21 44.95 -100.17 30.15
C VAL C 21 46.19 -100.06 29.28
N GLY C 22 46.21 -100.64 28.08
CA GLY C 22 47.37 -100.54 27.22
C GLY C 22 48.05 -101.87 26.99
N LYS C 23 47.29 -102.96 27.02
CA LYS C 23 47.87 -104.28 26.79
C LYS C 23 48.45 -104.41 25.39
N THR C 24 47.73 -103.90 24.38
CA THR C 24 48.24 -103.97 23.01
C THR C 24 49.52 -103.17 22.87
N CYS C 25 49.59 -101.99 23.49
CA CYS C 25 50.80 -101.19 23.43
C CYS C 25 51.98 -101.92 24.08
N LEU C 26 51.74 -102.57 25.22
CA LEU C 26 52.79 -103.32 25.88
C LEU C 26 53.27 -104.48 25.03
N LEU C 27 52.34 -105.20 24.40
CA LEU C 27 52.72 -106.32 23.53
C LEU C 27 53.53 -105.83 22.35
N ILE C 28 53.11 -104.72 21.73
CA ILE C 28 53.85 -104.17 20.59
C ILE C 28 55.24 -103.72 21.03
N CYS C 29 55.34 -103.09 22.20
CA CYS C 29 56.65 -102.68 22.71
C CYS C 29 57.54 -103.89 22.96
N TYR C 30 56.97 -104.97 23.47
CA TYR C 30 57.77 -106.17 23.74
C TYR C 30 58.23 -106.82 22.45
N THR C 31 57.39 -106.82 21.41
CA THR C 31 57.73 -107.54 20.18
C THR C 31 58.52 -106.70 19.19
N THR C 32 58.54 -105.36 19.34
CA THR C 32 59.20 -104.52 18.35
C THR C 32 60.07 -103.42 18.95
N ASN C 33 60.13 -103.28 20.28
CA ASN C 33 60.92 -102.25 20.95
C ASN C 33 60.52 -100.86 20.46
N ALA C 34 59.23 -100.57 20.58
CA ALA C 34 58.67 -99.28 20.17
C ALA C 34 57.70 -98.81 21.25
N PHE C 35 56.95 -97.76 20.95
CA PHE C 35 55.95 -97.23 21.88
C PHE C 35 54.89 -96.49 21.08
N PRO C 36 53.97 -97.21 20.44
CA PRO C 36 52.92 -96.56 19.66
C PRO C 36 51.76 -96.13 20.54
N LYS C 37 51.33 -94.87 20.39
CA LYS C 37 50.17 -94.39 21.11
C LYS C 37 48.87 -94.81 20.43
N GLU C 38 48.95 -95.25 19.19
CA GLU C 38 47.76 -95.70 18.48
C GLU C 38 47.23 -96.99 19.09
N TYR C 39 45.90 -97.09 19.20
CA TYR C 39 45.26 -98.26 19.77
C TYR C 39 44.72 -99.14 18.66
N ILE C 40 45.16 -100.40 18.64
CA ILE C 40 44.75 -101.37 17.64
C ILE C 40 44.08 -102.53 18.38
N PRO C 41 42.87 -102.94 17.98
CA PRO C 41 42.21 -104.05 18.68
C PRO C 41 43.04 -105.34 18.57
N THR C 42 43.03 -106.11 19.64
CA THR C 42 43.76 -107.37 19.71
C THR C 42 42.89 -108.43 20.34
N VAL C 43 42.80 -109.59 19.71
CA VAL C 43 42.02 -110.69 20.26
C VAL C 43 42.82 -111.47 21.29
N PHE C 44 43.94 -112.03 20.87
CA PHE C 44 44.82 -112.77 21.78
C PHE C 44 46.23 -112.75 21.23
N ASP C 45 47.19 -112.94 22.13
CA ASP C 45 48.60 -112.99 21.76
C ASP C 45 49.33 -113.92 22.72
N ASN C 46 50.45 -114.46 22.24
CA ASN C 46 51.30 -115.33 23.05
C ASN C 46 52.74 -115.12 22.62
N TYR C 47 53.59 -114.71 23.56
CA TYR C 47 55.00 -114.47 23.30
C TYR C 47 55.82 -115.46 24.11
N SER C 48 56.79 -116.09 23.45
CA SER C 48 57.72 -117.02 24.10
C SER C 48 59.09 -116.38 24.09
N ALA C 49 59.56 -115.95 25.26
CA ALA C 49 60.84 -115.28 25.41
C ALA C 49 61.79 -116.15 26.22
N GLN C 50 63.02 -116.31 25.72
CA GLN C 50 64.05 -117.09 26.39
C GLN C 50 64.95 -116.12 27.14
N SER C 51 64.61 -115.87 28.41
CA SER C 51 65.36 -114.97 29.27
C SER C 51 65.91 -115.75 30.45
N ALA C 52 67.20 -115.57 30.72
CA ALA C 52 67.88 -116.24 31.82
C ALA C 52 68.28 -115.22 32.86
N VAL C 53 67.87 -115.45 34.11
CA VAL C 53 68.17 -114.56 35.23
C VAL C 53 68.74 -115.40 36.37
N ASP C 54 69.85 -114.91 36.95
CA ASP C 54 70.51 -115.56 38.08
C ASP C 54 70.93 -117.00 37.76
N GLY C 55 71.30 -117.24 36.50
CA GLY C 55 71.77 -118.55 36.11
C GLY C 55 70.68 -119.57 35.85
N ARG C 56 69.41 -119.18 35.91
CA ARG C 56 68.29 -120.08 35.69
C ARG C 56 67.60 -119.70 34.39
N THR C 57 67.36 -120.69 33.54
CA THR C 57 66.73 -120.48 32.24
C THR C 57 65.24 -120.78 32.36
N VAL C 58 64.42 -119.72 32.40
CA VAL C 58 62.98 -119.84 32.46
C VAL C 58 62.38 -119.09 31.27
N ASN C 59 61.51 -119.77 30.53
CA ASN C 59 60.90 -119.20 29.34
C ASN C 59 59.63 -118.44 29.73
N LEU C 60 59.55 -117.17 29.35
CA LEU C 60 58.40 -116.32 29.67
C LEU C 60 57.31 -116.61 28.66
N ASN C 61 56.36 -117.44 29.05
CA ASN C 61 55.23 -117.80 28.19
C ASN C 61 54.13 -116.76 28.40
N LEU C 62 54.27 -115.62 27.72
CA LEU C 62 53.30 -114.55 27.82
C LEU C 62 51.97 -114.96 27.20
N TRP C 63 50.88 -114.47 27.79
CA TRP C 63 49.54 -114.74 27.30
C TRP C 63 48.71 -113.46 27.38
N ASP C 64 48.13 -113.06 26.26
CA ASP C 64 47.25 -111.91 26.23
C ASP C 64 45.81 -112.36 26.50
N THR C 65 45.08 -111.53 27.24
CA THR C 65 43.72 -111.84 27.65
C THR C 65 42.79 -110.70 27.28
N ALA C 66 41.53 -111.05 27.04
CA ALA C 66 40.48 -110.10 26.67
C ALA C 66 39.43 -110.06 27.77
N GLY C 67 38.98 -108.84 28.10
CA GLY C 67 38.00 -108.66 29.14
C GLY C 67 36.56 -108.65 28.63
N LEU C 68 36.38 -109.09 27.38
CA LEU C 68 35.05 -109.11 26.78
C LEU C 68 34.18 -110.18 27.45
N GLU C 69 32.87 -109.92 27.43
CA GLU C 69 31.91 -110.83 28.06
C GLU C 69 31.78 -112.14 27.29
N GLU C 70 31.91 -112.11 25.96
CA GLU C 70 31.73 -113.31 25.16
C GLU C 70 32.77 -114.37 25.46
N TYR C 71 34.03 -113.97 25.71
CA TYR C 71 35.12 -114.91 25.92
C TYR C 71 35.38 -115.20 27.39
N ASP C 72 34.35 -115.16 28.24
CA ASP C 72 34.54 -115.47 29.65
C ASP C 72 35.01 -116.91 29.84
N ARG C 73 34.40 -117.86 29.11
CA ARG C 73 34.80 -119.25 29.24
C ARG C 73 36.23 -119.48 28.77
N LEU C 74 36.63 -118.81 27.70
CA LEU C 74 38.00 -118.94 27.20
C LEU C 74 39.00 -118.44 28.22
N ARG C 75 38.71 -117.29 28.85
CA ARG C 75 39.61 -116.75 29.86
C ARG C 75 39.66 -117.63 31.10
N THR C 76 38.50 -118.15 31.53
CA THR C 76 38.45 -118.98 32.73
C THR C 76 38.99 -120.39 32.49
N LEU C 77 39.25 -120.76 31.24
CA LEU C 77 39.81 -122.09 30.98
C LEU C 77 41.21 -122.25 31.54
N SER C 78 42.05 -121.22 31.40
CA SER C 78 43.43 -121.28 31.86
C SER C 78 43.64 -120.75 33.27
N TYR C 79 42.60 -120.19 33.90
CA TYR C 79 42.75 -119.68 35.26
C TYR C 79 43.10 -120.77 36.27
N PRO C 80 42.43 -121.93 36.31
CA PRO C 80 42.84 -122.96 37.27
C PRO C 80 44.22 -123.51 36.95
N GLN C 81 44.92 -123.91 38.02
CA GLN C 81 46.25 -124.50 37.94
C GLN C 81 47.29 -123.56 37.35
N THR C 82 46.98 -122.26 37.30
CA THR C 82 47.96 -121.29 36.83
C THR C 82 49.05 -121.09 37.88
N ASN C 83 50.30 -120.96 37.43
CA ASN C 83 51.44 -120.88 38.33
C ASN C 83 51.89 -119.46 38.64
N VAL C 84 51.56 -118.50 37.80
CA VAL C 84 51.95 -117.11 38.03
C VAL C 84 51.04 -116.21 37.20
N PHE C 85 50.81 -115.00 37.69
CA PHE C 85 49.98 -114.02 37.02
C PHE C 85 50.72 -112.69 36.93
N VAL C 86 50.50 -111.97 35.82
CA VAL C 86 51.01 -110.63 35.62
C VAL C 86 49.80 -109.73 35.43
N ILE C 87 49.46 -108.97 36.45
CA ILE C 87 48.24 -108.17 36.47
C ILE C 87 48.62 -106.69 36.48
N CYS C 88 48.00 -105.93 35.58
CA CYS C 88 48.19 -104.48 35.51
C CYS C 88 46.87 -103.80 35.79
N PHE C 89 46.89 -102.81 36.69
CA PHE C 89 45.67 -102.13 37.11
C PHE C 89 45.98 -100.67 37.36
N SER C 90 44.94 -99.84 37.31
CA SER C 90 45.09 -98.41 37.56
C SER C 90 45.32 -98.16 39.05
N ILE C 91 46.33 -97.35 39.36
CA ILE C 91 46.68 -97.10 40.75
C ILE C 91 45.60 -96.29 41.45
N ALA C 92 45.08 -95.27 40.79
CA ALA C 92 44.16 -94.30 41.40
C ALA C 92 42.75 -94.42 40.83
N SER C 93 42.28 -95.65 40.61
CA SER C 93 40.92 -95.88 40.15
C SER C 93 40.17 -96.69 41.20
N PRO C 94 39.29 -96.06 42.00
CA PRO C 94 38.50 -96.81 42.99
C PRO C 94 37.65 -97.90 42.35
N PRO C 95 37.09 -97.68 41.15
CA PRO C 95 36.42 -98.82 40.48
C PRO C 95 37.37 -99.99 40.22
N SER C 96 38.62 -99.72 39.89
CA SER C 96 39.59 -100.81 39.69
C SER C 96 39.80 -101.58 40.99
N TYR C 97 39.93 -100.86 42.11
CA TYR C 97 40.09 -101.53 43.40
C TYR C 97 38.86 -102.36 43.73
N GLU C 98 37.66 -101.83 43.48
CA GLU C 98 36.44 -102.58 43.74
C GLU C 98 36.38 -103.85 42.90
N ASN C 99 36.70 -103.74 41.62
CA ASN C 99 36.68 -104.91 40.73
C ASN C 99 37.72 -105.94 41.18
N VAL C 100 38.91 -105.48 41.55
CA VAL C 100 39.94 -106.41 42.02
C VAL C 100 39.48 -107.16 43.26
N ARG C 101 38.97 -106.42 44.26
CA ARG C 101 38.50 -107.05 45.48
C ARG C 101 37.32 -107.99 45.22
N HIS C 102 36.48 -107.68 44.24
CA HIS C 102 35.33 -108.52 43.96
C HIS C 102 35.73 -109.81 43.22
N LYS C 103 36.70 -109.74 42.32
CA LYS C 103 36.99 -110.87 41.44
C LYS C 103 38.32 -111.55 41.72
N TRP C 104 39.43 -110.82 41.75
CA TRP C 104 40.74 -111.46 41.65
C TRP C 104 41.17 -112.08 42.97
N HIS C 105 41.30 -111.28 44.03
CA HIS C 105 41.90 -111.76 45.27
C HIS C 105 41.16 -112.93 45.90
N PRO C 106 39.84 -112.89 46.12
CA PRO C 106 39.18 -114.05 46.74
C PRO C 106 39.34 -115.34 45.95
N GLU C 107 39.25 -115.27 44.62
CA GLU C 107 39.34 -116.47 43.81
C GLU C 107 40.75 -117.06 43.84
N VAL C 108 41.77 -116.22 43.67
CA VAL C 108 43.13 -116.73 43.68
C VAL C 108 43.51 -117.22 45.08
N CYS C 109 42.92 -116.65 46.12
CA CYS C 109 43.22 -117.12 47.47
C CYS C 109 42.53 -118.46 47.75
N HIS C 110 41.28 -118.61 47.32
CA HIS C 110 40.54 -119.83 47.63
C HIS C 110 40.98 -121.00 46.76
N HIS C 111 41.26 -120.76 45.49
CA HIS C 111 41.59 -121.86 44.58
C HIS C 111 42.98 -122.43 44.88
N CYS C 112 44.01 -121.60 44.76
CA CYS C 112 45.39 -122.03 44.97
C CYS C 112 46.05 -121.11 45.98
N PRO C 113 46.21 -121.54 47.23
CA PRO C 113 46.88 -120.69 48.23
C PRO C 113 48.38 -120.52 47.99
N ASP C 114 48.99 -121.32 47.12
CA ASP C 114 50.43 -121.34 46.95
C ASP C 114 50.86 -121.02 45.51
N VAL C 115 50.20 -120.06 44.88
CA VAL C 115 50.57 -119.60 43.54
C VAL C 115 51.17 -118.20 43.67
N PRO C 116 52.44 -118.01 43.36
CA PRO C 116 53.01 -116.65 43.34
C PRO C 116 52.31 -115.79 42.30
N ILE C 117 52.07 -114.53 42.67
CA ILE C 117 51.39 -113.57 41.80
C ILE C 117 52.20 -112.29 41.77
N LEU C 118 52.46 -111.79 40.55
CA LEU C 118 53.16 -110.53 40.35
C LEU C 118 52.14 -109.45 40.01
N LEU C 119 52.15 -108.36 40.78
CA LEU C 119 51.21 -107.27 40.60
C LEU C 119 51.97 -105.97 40.41
N VAL C 120 51.65 -105.25 39.34
CA VAL C 120 52.27 -103.96 39.04
C VAL C 120 51.17 -102.94 38.76
N GLY C 121 51.25 -101.79 39.41
CA GLY C 121 50.30 -100.72 39.19
C GLY C 121 50.69 -99.89 37.98
N THR C 122 49.69 -99.52 37.19
CA THR C 122 49.88 -98.75 35.97
C THR C 122 49.10 -97.44 36.05
N LYS C 123 49.13 -96.68 34.95
CA LYS C 123 48.45 -95.38 34.86
C LYS C 123 48.92 -94.43 35.95
N LYS C 124 50.24 -94.23 35.99
CA LYS C 124 50.87 -93.33 36.95
C LYS C 124 51.56 -92.14 36.28
N ASP C 125 51.82 -92.19 34.98
CA ASP C 125 52.46 -91.09 34.28
C ASP C 125 51.47 -90.02 33.81
N LEU C 126 50.18 -90.21 34.07
CA LEU C 126 49.17 -89.25 33.68
C LEU C 126 49.16 -88.00 34.55
N ARG C 127 49.95 -87.97 35.64
CA ARG C 127 49.96 -86.81 36.51
C ARG C 127 50.43 -85.56 35.79
N ALA C 128 51.37 -85.72 34.84
CA ALA C 128 51.86 -84.59 34.07
C ALA C 128 50.84 -84.03 33.09
N GLN C 129 49.73 -84.74 32.87
CA GLN C 129 48.71 -84.28 31.94
C GLN C 129 47.58 -83.63 32.72
N PRO C 130 47.37 -82.32 32.60
CA PRO C 130 46.26 -81.67 33.32
C PRO C 130 44.89 -82.12 32.86
N ASP C 131 44.77 -82.72 31.67
CA ASP C 131 43.45 -83.10 31.16
C ASP C 131 42.79 -84.15 32.05
N THR C 132 43.51 -85.23 32.36
CA THR C 132 42.93 -86.25 33.23
C THR C 132 42.71 -85.73 34.64
N LEU C 133 43.56 -84.82 35.11
CA LEU C 133 43.35 -84.20 36.42
C LEU C 133 42.04 -83.43 36.46
N ARG C 134 41.76 -82.66 35.40
CA ARG C 134 40.50 -81.93 35.34
C ARG C 134 39.32 -82.88 35.20
N ARG C 135 39.49 -83.96 34.43
CA ARG C 135 38.42 -84.93 34.27
C ARG C 135 38.06 -85.60 35.60
N LEU C 136 39.08 -85.95 36.40
CA LEU C 136 38.81 -86.55 37.70
C LEU C 136 38.38 -85.51 38.72
N LYS C 137 38.68 -84.24 38.49
CA LYS C 137 38.32 -83.19 39.44
C LYS C 137 36.83 -82.84 39.36
N GLU C 138 36.26 -82.84 38.16
CA GLU C 138 34.87 -82.43 38.00
C GLU C 138 33.88 -83.42 38.60
N GLN C 139 34.29 -84.67 38.82
CA GLN C 139 33.42 -85.67 39.40
C GLN C 139 33.54 -85.77 40.92
N GLY C 140 34.34 -84.90 41.54
CA GLY C 140 34.52 -84.95 42.98
C GLY C 140 35.23 -86.18 43.48
N GLN C 141 36.29 -86.60 42.80
CA GLN C 141 37.06 -87.78 43.18
C GLN C 141 38.46 -87.37 43.61
N ALA C 142 38.96 -88.05 44.62
CA ALA C 142 40.27 -87.79 45.18
C ALA C 142 41.18 -88.99 44.98
N PRO C 143 42.48 -88.77 44.81
CA PRO C 143 43.41 -89.89 44.63
C PRO C 143 43.45 -90.78 45.86
N ILE C 144 43.72 -92.07 45.63
CA ILE C 144 43.78 -93.03 46.72
C ILE C 144 44.94 -92.70 47.64
N THR C 145 44.68 -92.73 48.95
CA THR C 145 45.72 -92.42 49.92
C THR C 145 46.81 -93.49 49.88
N PRO C 146 48.08 -93.10 50.05
CA PRO C 146 49.16 -94.11 50.02
C PRO C 146 49.04 -95.18 51.09
N GLN C 147 48.53 -94.83 52.28
CA GLN C 147 48.43 -95.82 53.34
C GLN C 147 47.43 -96.93 52.98
N GLN C 148 46.30 -96.57 52.38
CA GLN C 148 45.33 -97.57 51.97
C GLN C 148 45.89 -98.44 50.83
N GLY C 149 46.64 -97.84 49.91
CA GLY C 149 47.28 -98.63 48.88
C GLY C 149 48.28 -99.62 49.43
N GLN C 150 49.10 -99.19 50.40
CA GLN C 150 50.05 -100.10 51.03
C GLN C 150 49.33 -101.20 51.81
N ALA C 151 48.23 -100.86 52.48
CA ALA C 151 47.44 -101.88 53.18
C ALA C 151 46.89 -102.90 52.20
N LEU C 152 46.38 -102.44 51.06
CA LEU C 152 45.89 -103.36 50.03
C LEU C 152 47.01 -104.24 49.51
N ALA C 153 48.19 -103.67 49.30
CA ALA C 153 49.33 -104.45 48.81
C ALA C 153 49.75 -105.51 49.81
N LYS C 154 49.75 -105.17 51.09
CA LYS C 154 50.19 -106.13 52.11
C LYS C 154 49.09 -107.12 52.50
N GLN C 155 47.83 -106.84 52.18
CA GLN C 155 46.73 -107.72 52.56
C GLN C 155 46.37 -108.73 51.47
N ILE C 156 47.05 -108.70 50.33
CA ILE C 156 46.77 -109.62 49.23
C ILE C 156 47.81 -110.75 49.16
N HIS C 157 48.49 -111.03 50.28
CA HIS C 157 49.48 -112.09 50.37
C HIS C 157 50.62 -111.87 49.37
N ALA C 158 51.21 -110.68 49.43
CA ALA C 158 52.32 -110.31 48.58
C ALA C 158 53.56 -110.08 49.43
N VAL C 159 54.66 -110.75 49.07
CA VAL C 159 55.90 -110.61 49.84
C VAL C 159 56.42 -109.18 49.75
N ARG C 160 56.43 -108.62 48.54
CA ARG C 160 56.90 -107.25 48.33
C ARG C 160 56.24 -106.69 47.08
N TYR C 161 55.55 -105.57 47.23
CA TYR C 161 54.87 -104.93 46.11
C TYR C 161 55.79 -103.91 45.44
N LEU C 162 55.86 -103.99 44.11
CA LEU C 162 56.73 -103.10 43.35
C LEU C 162 56.01 -102.70 42.06
N GLU C 163 56.37 -101.52 41.55
CA GLU C 163 55.78 -100.99 40.33
C GLU C 163 56.88 -100.62 39.36
N CYS C 164 56.53 -100.66 38.07
CA CYS C 164 57.46 -100.32 37.00
C CYS C 164 56.77 -99.36 36.02
N SER C 165 57.57 -98.57 35.33
CA SER C 165 57.07 -97.60 34.37
C SER C 165 57.32 -98.09 32.95
N ALA C 166 56.29 -98.07 32.12
CA ALA C 166 56.37 -98.51 30.74
C ALA C 166 56.75 -97.38 29.78
N LEU C 167 56.18 -96.19 29.97
CA LEU C 167 56.53 -95.06 29.12
C LEU C 167 57.99 -94.66 29.33
N GLN C 168 58.45 -94.67 30.57
CA GLN C 168 59.83 -94.33 30.89
C GLN C 168 60.78 -95.52 30.78
N GLN C 169 60.24 -96.73 30.63
CA GLN C 169 61.05 -97.95 30.51
C GLN C 169 62.02 -98.08 31.69
N ASP C 170 61.45 -98.10 32.90
CA ASP C 170 62.23 -98.15 34.13
C ASP C 170 61.64 -99.19 35.05
N GLY C 171 62.45 -100.18 35.43
CA GLY C 171 62.09 -101.15 36.44
C GLY C 171 61.38 -102.39 35.96
N VAL C 172 61.02 -102.47 34.67
CA VAL C 172 60.29 -103.63 34.17
C VAL C 172 61.14 -104.89 34.30
N LYS C 173 62.39 -104.83 33.82
CA LYS C 173 63.30 -105.96 33.98
C LYS C 173 63.58 -106.22 35.44
N GLU C 174 63.73 -105.15 36.24
CA GLU C 174 63.92 -105.32 37.67
C GLU C 174 62.72 -105.96 38.33
N VAL C 175 61.51 -105.58 37.88
CA VAL C 175 60.29 -106.19 38.43
C VAL C 175 60.25 -107.68 38.11
N PHE C 176 60.58 -108.05 36.86
CA PHE C 176 60.61 -109.45 36.51
C PHE C 176 61.66 -110.22 37.31
N ALA C 177 62.84 -109.62 37.49
CA ALA C 177 63.89 -110.29 38.23
C ALA C 177 63.51 -110.49 39.70
N GLU C 178 62.91 -109.47 40.32
CA GLU C 178 62.51 -109.61 41.71
C GLU C 178 61.34 -110.59 41.85
N ALA C 179 60.45 -110.64 40.87
CA ALA C 179 59.40 -111.66 40.89
C ALA C 179 59.99 -113.07 40.81
N VAL C 180 60.98 -113.25 39.95
CA VAL C 180 61.64 -114.56 39.85
C VAL C 180 62.33 -114.91 41.17
N ARG C 181 63.01 -113.94 41.78
CA ARG C 181 63.67 -114.20 43.06
C ARG C 181 62.65 -114.55 44.14
N ALA C 182 61.51 -113.85 44.17
CA ALA C 182 60.47 -114.17 45.14
C ALA C 182 59.90 -115.56 44.91
N VAL C 183 59.74 -115.96 43.65
CA VAL C 183 59.30 -117.32 43.35
C VAL C 183 60.34 -118.33 43.84
N LEU C 184 61.62 -118.00 43.71
CA LEU C 184 62.68 -118.91 44.17
C LEU C 184 62.61 -119.10 45.69
N ASN C 185 62.34 -118.04 46.43
CA ASN C 185 62.27 -118.07 47.90
C ASN C 185 60.95 -117.48 48.35
N PRO C 186 59.85 -118.24 48.22
CA PRO C 186 58.55 -117.71 48.64
C PRO C 186 58.31 -117.87 50.13
N THR C 187 57.19 -117.36 50.62
CA THR C 187 56.85 -117.51 52.03
C THR C 187 56.50 -118.96 52.34
N PRO C 188 56.86 -119.44 53.55
CA PRO C 188 56.55 -120.79 54.04
C PRO C 188 55.12 -121.23 53.76
N MET D 8 16.25 -12.64 21.61
CA MET D 8 17.48 -13.41 21.46
C MET D 8 18.16 -13.64 22.80
N GLN D 9 18.94 -14.72 22.88
CA GLN D 9 19.68 -15.08 24.07
C GLN D 9 21.10 -15.46 23.70
N ALA D 10 22.03 -15.25 24.64
CA ALA D 10 23.44 -15.55 24.45
C ALA D 10 23.92 -16.51 25.52
N ILE D 11 24.96 -17.27 25.18
CA ILE D 11 25.54 -18.26 26.07
C ILE D 11 26.99 -17.89 26.35
N LYS D 12 27.35 -17.82 27.62
CA LYS D 12 28.71 -17.52 28.05
C LYS D 12 29.30 -18.76 28.70
N CYS D 13 30.46 -19.20 28.21
CA CYS D 13 31.10 -20.40 28.74
C CYS D 13 32.60 -20.17 28.77
N VAL D 14 33.22 -20.54 29.89
CA VAL D 14 34.65 -20.41 30.09
C VAL D 14 35.30 -21.77 29.91
N VAL D 15 36.25 -21.84 28.98
CA VAL D 15 36.98 -23.07 28.67
C VAL D 15 38.41 -22.89 29.17
N VAL D 16 38.86 -23.82 30.01
CA VAL D 16 40.18 -23.75 30.62
C VAL D 16 40.91 -25.05 30.36
N GLY D 17 42.24 -24.99 30.33
CA GLY D 17 43.03 -26.19 30.13
C GLY D 17 44.50 -25.86 30.09
N ASP D 18 45.32 -26.90 29.99
CA ASP D 18 46.76 -26.76 29.93
C ASP D 18 47.22 -26.63 28.48
N GLY D 19 48.47 -26.22 28.29
CA GLY D 19 49.05 -26.05 26.99
C GLY D 19 49.60 -27.31 26.36
N ALA D 20 49.71 -28.41 27.11
CA ALA D 20 50.17 -29.68 26.58
C ALA D 20 49.07 -30.45 25.87
N VAL D 21 47.81 -30.03 26.01
CA VAL D 21 46.70 -30.68 25.34
C VAL D 21 46.20 -29.87 24.15
N ALA D 22 46.29 -28.53 24.19
CA ALA D 22 45.92 -27.66 23.09
C ALA D 22 44.45 -27.83 22.69
N LYS D 23 43.57 -27.47 23.63
CA LYS D 23 42.15 -27.41 23.32
C LYS D 23 41.81 -26.29 22.34
N THR D 24 42.75 -25.37 22.11
CA THR D 24 42.51 -24.27 21.17
C THR D 24 42.29 -24.80 19.76
N CYS D 25 43.07 -25.82 19.36
CA CYS D 25 42.88 -26.41 18.05
C CYS D 25 41.50 -27.04 17.91
N LEU D 26 41.06 -27.77 18.95
CA LEU D 26 39.74 -28.37 18.93
C LEU D 26 38.64 -27.31 18.83
N LEU D 27 38.77 -26.24 19.63
CA LEU D 27 37.78 -25.17 19.60
C LEU D 27 37.73 -24.46 18.25
N ILE D 28 38.90 -24.15 17.66
CA ILE D 28 38.90 -23.46 16.38
C ILE D 28 38.41 -24.37 15.26
N SER D 29 38.69 -25.67 15.33
CA SER D 29 38.10 -26.62 14.38
C SER D 29 36.59 -26.73 14.51
N TYR D 30 36.06 -26.73 15.73
CA TYR D 30 34.61 -26.73 15.91
C TYR D 30 33.98 -25.45 15.38
N THR D 31 34.56 -24.28 15.71
CA THR D 31 34.01 -23.02 15.24
C THR D 31 34.09 -22.90 13.72
N THR D 32 35.22 -23.29 13.14
CA THR D 32 35.37 -23.26 11.70
C THR D 32 34.47 -24.26 10.97
N ASN D 33 34.06 -25.34 11.65
CA ASN D 33 33.28 -26.43 11.07
C ASN D 33 33.98 -27.08 9.88
N ALA D 34 35.30 -26.94 9.78
CA ALA D 34 36.04 -27.47 8.65
C ALA D 34 36.19 -28.98 8.77
N PHE D 35 36.57 -29.61 7.66
CA PHE D 35 36.83 -31.03 7.62
C PHE D 35 38.02 -31.37 8.51
N PRO D 36 37.99 -32.53 9.18
CA PRO D 36 39.09 -32.89 10.08
C PRO D 36 40.42 -32.95 9.33
N GLY D 37 41.46 -32.47 9.99
CA GLY D 37 42.78 -32.40 9.40
C GLY D 37 43.02 -31.22 8.50
N GLU D 38 42.04 -30.33 8.35
CA GLU D 38 42.16 -29.17 7.47
C GLU D 38 41.69 -27.91 8.19
N TYR D 39 42.11 -27.76 9.44
CA TYR D 39 41.77 -26.57 10.22
C TYR D 39 42.81 -25.49 9.99
N ILE D 40 42.38 -24.24 10.06
CA ILE D 40 43.26 -23.08 9.89
C ILE D 40 43.39 -22.39 11.25
N PRO D 41 44.54 -22.47 11.91
CA PRO D 41 44.76 -21.65 13.10
C PRO D 41 44.72 -20.17 12.75
N THR D 42 44.14 -19.39 13.64
CA THR D 42 43.96 -17.96 13.42
C THR D 42 44.69 -17.16 14.50
N VAL D 43 44.97 -15.91 14.17
CA VAL D 43 45.80 -15.07 15.04
C VAL D 43 45.06 -14.72 16.32
N PHE D 44 43.75 -14.47 16.23
CA PHE D 44 43.02 -13.96 17.37
C PHE D 44 42.46 -15.09 18.23
N ASP D 45 42.16 -14.78 19.48
CA ASP D 45 41.51 -15.71 20.40
C ASP D 45 40.04 -15.32 20.53
N ASN D 46 39.33 -15.97 21.46
CA ASN D 46 37.93 -15.65 21.77
C ASN D 46 37.05 -15.83 20.53
N TYR D 47 36.89 -17.09 20.15
CA TYR D 47 36.08 -17.46 18.98
C TYR D 47 34.61 -17.49 19.38
N SER D 48 33.89 -16.43 19.05
CA SER D 48 32.45 -16.37 19.26
C SER D 48 31.72 -16.71 17.97
N ALA D 49 30.55 -17.35 18.13
CA ALA D 49 29.78 -17.80 16.98
C ALA D 49 28.31 -17.87 17.37
N ASN D 50 27.46 -17.93 16.35
CA ASN D 50 26.01 -18.01 16.50
C ASN D 50 25.56 -19.36 15.98
N VAL D 51 25.63 -20.38 16.85
CA VAL D 51 25.23 -21.74 16.50
C VAL D 51 24.36 -22.29 17.62
N MET D 52 23.22 -22.85 17.24
CA MET D 52 22.30 -23.48 18.18
C MET D 52 22.19 -24.96 17.88
N VAL D 53 21.48 -25.67 18.76
CA VAL D 53 21.18 -27.08 18.58
C VAL D 53 19.68 -27.35 18.67
N ASP D 54 19.03 -26.90 19.73
CA ASP D 54 17.62 -27.15 19.96
C ASP D 54 16.99 -25.95 20.65
N GLY D 55 15.66 -25.87 20.58
CA GLY D 55 14.92 -24.80 21.23
C GLY D 55 14.78 -23.53 20.41
N LYS D 56 15.84 -22.74 20.34
CA LYS D 56 15.82 -21.48 19.61
C LYS D 56 17.26 -21.09 19.28
N PRO D 57 17.45 -20.29 18.23
CA PRO D 57 18.80 -19.82 17.92
C PRO D 57 19.34 -18.91 19.01
N VAL D 58 20.59 -19.15 19.40
CA VAL D 58 21.27 -18.41 20.46
C VAL D 58 22.70 -18.16 20.05
N ASN D 59 23.35 -17.24 20.74
CA ASN D 59 24.75 -16.91 20.51
C ASN D 59 25.63 -17.67 21.50
N LEU D 60 26.66 -18.34 20.98
CA LEU D 60 27.56 -19.13 21.79
C LEU D 60 28.90 -18.41 21.93
N GLY D 61 29.33 -18.24 23.17
CA GLY D 61 30.60 -17.61 23.46
C GLY D 61 31.55 -18.58 24.13
N LEU D 62 32.80 -18.54 23.66
CA LEU D 62 33.85 -19.43 24.14
C LEU D 62 35.06 -18.56 24.47
N TRP D 63 35.26 -18.29 25.75
CA TRP D 63 36.38 -17.48 26.20
C TRP D 63 37.68 -18.29 26.14
N ASP D 64 38.57 -17.94 25.22
CA ASP D 64 39.82 -18.66 25.04
C ASP D 64 40.78 -18.26 26.16
N THR D 65 40.94 -19.14 27.14
CA THR D 65 41.79 -18.87 28.29
C THR D 65 43.17 -19.48 28.08
N ALA D 66 44.20 -18.66 28.28
CA ALA D 66 45.57 -19.12 28.12
C ALA D 66 45.98 -20.02 29.28
N GLY D 67 46.74 -21.06 28.95
CA GLY D 67 47.28 -21.95 29.96
C GLY D 67 48.51 -21.44 30.68
N GLN D 68 49.05 -20.30 30.26
CA GLN D 68 50.21 -19.74 30.91
C GLN D 68 49.85 -19.25 32.31
N GLU D 69 50.80 -19.43 33.24
CA GLU D 69 50.55 -19.08 34.64
C GLU D 69 50.60 -17.58 34.86
N ASP D 70 51.23 -16.83 33.95
CA ASP D 70 51.36 -15.39 34.13
C ASP D 70 50.02 -14.68 34.01
N TYR D 71 49.12 -15.20 33.18
CA TYR D 71 47.80 -14.62 32.98
C TYR D 71 46.77 -15.12 33.98
N ASP D 72 47.20 -15.64 35.12
CA ASP D 72 46.27 -16.12 36.14
C ASP D 72 45.53 -14.97 36.82
N ARG D 73 46.11 -13.77 36.84
CA ARG D 73 45.44 -12.64 37.46
C ARG D 73 44.32 -12.10 36.59
N LEU D 74 44.32 -12.43 35.30
CA LEU D 74 43.29 -11.97 34.38
C LEU D 74 42.07 -12.89 34.32
N ARG D 75 42.20 -14.13 34.77
CA ARG D 75 41.12 -15.11 34.70
C ARG D 75 40.01 -14.92 35.74
N PRO D 76 40.29 -14.54 37.00
CA PRO D 76 39.23 -14.59 38.02
C PRO D 76 38.06 -13.67 37.74
N LEU D 77 38.25 -12.60 36.97
CA LEU D 77 37.16 -11.68 36.67
C LEU D 77 36.24 -12.16 35.57
N SER D 78 36.67 -13.14 34.76
CA SER D 78 35.81 -13.65 33.70
C SER D 78 34.75 -14.60 34.25
N TYR D 79 35.05 -15.28 35.36
CA TYR D 79 34.10 -16.22 35.93
C TYR D 79 32.77 -15.62 36.36
N PRO D 80 32.71 -14.48 37.06
CA PRO D 80 31.41 -13.93 37.46
C PRO D 80 30.55 -13.59 36.26
N GLN D 81 29.23 -13.74 36.44
CA GLN D 81 28.23 -13.44 35.42
C GLN D 81 28.49 -14.24 34.14
N THR D 82 28.76 -15.52 34.33
CA THR D 82 28.93 -16.48 33.25
C THR D 82 27.94 -17.63 33.43
N ASP D 83 27.29 -18.01 32.34
CA ASP D 83 26.24 -19.03 32.36
C ASP D 83 26.76 -20.41 32.74
N VAL D 84 27.85 -20.86 32.12
CA VAL D 84 28.42 -22.18 32.37
C VAL D 84 29.94 -22.09 32.28
N PHE D 85 30.60 -23.17 32.69
CA PHE D 85 32.04 -23.30 32.61
C PHE D 85 32.39 -24.68 32.10
N LEU D 86 33.43 -24.76 31.26
CA LEU D 86 33.86 -26.01 30.64
C LEU D 86 35.26 -26.34 31.13
N ILE D 87 35.36 -27.34 32.00
CA ILE D 87 36.66 -27.86 32.41
C ILE D 87 37.07 -28.98 31.45
N CYS D 88 38.25 -28.84 30.86
CA CYS D 88 38.72 -29.75 29.82
C CYS D 88 40.03 -30.39 30.24
N PHE D 89 40.12 -31.70 30.04
CA PHE D 89 41.34 -32.45 30.30
C PHE D 89 41.48 -33.52 29.24
N SER D 90 42.64 -34.17 29.22
CA SER D 90 42.95 -35.21 28.24
C SER D 90 43.05 -36.56 28.94
N LEU D 91 42.39 -37.55 28.34
CA LEU D 91 42.42 -38.91 28.87
C LEU D 91 43.76 -39.60 28.66
N VAL D 92 44.58 -39.10 27.74
CA VAL D 92 45.83 -39.75 27.40
C VAL D 92 47.00 -38.92 27.93
N SER D 93 46.68 -37.82 28.60
CA SER D 93 47.73 -36.98 29.17
C SER D 93 47.61 -36.97 30.69
N PRO D 94 48.40 -37.79 31.39
CA PRO D 94 48.35 -37.78 32.87
C PRO D 94 48.73 -36.43 33.45
N ALA D 95 49.58 -35.69 32.74
CA ALA D 95 49.95 -34.36 33.20
C ALA D 95 48.74 -33.43 33.25
N SER D 96 47.86 -33.51 32.25
CA SER D 96 46.64 -32.72 32.26
C SER D 96 45.76 -33.10 33.44
N PHE D 97 45.63 -34.40 33.73
CA PHE D 97 44.84 -34.84 34.86
C PHE D 97 45.40 -34.32 36.17
N GLU D 98 46.73 -34.37 36.34
CA GLU D 98 47.36 -33.86 37.55
C GLU D 98 47.14 -32.36 37.68
N ASN D 99 47.29 -31.63 36.57
CA ASN D 99 47.07 -30.18 36.61
C ASN D 99 45.64 -29.85 36.97
N VAL D 100 44.68 -30.58 36.42
CA VAL D 100 43.27 -30.35 36.77
C VAL D 100 43.06 -30.63 38.25
N ARG D 101 43.55 -31.77 38.74
CA ARG D 101 43.35 -32.12 40.14
C ARG D 101 44.05 -31.16 41.10
N ALA D 102 45.12 -30.50 40.65
CA ALA D 102 45.87 -29.63 41.54
C ALA D 102 45.38 -28.18 41.50
N LYS D 103 45.34 -27.57 40.30
CA LYS D 103 45.07 -26.14 40.18
C LYS D 103 43.74 -25.85 39.52
N TRP D 104 43.46 -26.41 38.34
CA TRP D 104 42.32 -25.98 37.55
C TRP D 104 40.99 -26.33 38.22
N TYR D 105 40.80 -27.58 38.64
CA TYR D 105 39.54 -27.95 39.28
C TYR D 105 39.29 -27.20 40.59
N PRO D 106 40.25 -27.11 41.52
CA PRO D 106 39.93 -26.42 42.78
C PRO D 106 39.63 -24.94 42.61
N GLU D 107 40.40 -24.23 41.78
CA GLU D 107 40.24 -22.78 41.67
C GLU D 107 38.97 -22.41 40.93
N VAL D 108 38.68 -23.10 39.82
CA VAL D 108 37.47 -22.82 39.06
C VAL D 108 36.23 -23.11 39.90
N ARG D 109 36.25 -24.24 40.62
CA ARG D 109 35.15 -24.55 41.54
C ARG D 109 35.02 -23.51 42.64
N HIS D 110 36.15 -23.04 43.18
CA HIS D 110 36.11 -22.05 44.25
C HIS D 110 35.55 -20.71 43.77
N HIS D 111 35.89 -20.31 42.55
CA HIS D 111 35.46 -19.01 42.05
C HIS D 111 33.94 -18.92 41.93
N CYS D 112 33.31 -19.96 41.38
CA CYS D 112 31.85 -19.98 41.18
C CYS D 112 31.30 -21.30 41.72
N PRO D 113 31.08 -21.39 43.03
CA PRO D 113 30.56 -22.62 43.63
C PRO D 113 29.18 -23.02 43.14
N ASN D 114 28.34 -22.08 42.71
CA ASN D 114 26.96 -22.35 42.33
C ASN D 114 26.82 -22.19 40.82
N THR D 115 27.14 -23.26 40.08
CA THR D 115 27.00 -23.31 38.63
C THR D 115 27.15 -24.75 38.16
N PRO D 116 26.26 -25.24 37.30
CA PRO D 116 26.45 -26.58 36.74
C PRO D 116 27.76 -26.67 35.96
N ILE D 117 28.42 -27.83 36.06
CA ILE D 117 29.75 -28.02 35.49
C ILE D 117 29.72 -29.22 34.57
N ILE D 118 30.45 -29.11 33.46
CA ILE D 118 30.57 -30.19 32.48
C ILE D 118 32.04 -30.56 32.34
N LEU D 119 32.34 -31.85 32.48
CA LEU D 119 33.69 -32.35 32.36
C LEU D 119 33.82 -33.12 31.05
N VAL D 120 34.83 -32.78 30.26
CA VAL D 120 35.04 -33.37 28.95
C VAL D 120 36.45 -33.94 28.90
N GLY D 121 36.60 -35.00 28.08
CA GLY D 121 37.90 -35.63 27.90
C GLY D 121 38.45 -35.41 26.51
N THR D 122 39.70 -34.95 26.44
CA THR D 122 40.33 -34.65 25.16
C THR D 122 41.17 -35.83 24.68
N LYS D 123 41.34 -35.90 23.36
CA LYS D 123 42.11 -36.97 22.71
C LYS D 123 41.57 -38.35 23.07
N LEU D 124 40.27 -38.55 22.82
CA LEU D 124 39.64 -39.85 23.01
C LEU D 124 40.22 -40.91 22.10
N ASP D 125 40.66 -40.54 20.90
CA ASP D 125 41.26 -41.49 19.96
C ASP D 125 42.56 -42.08 20.46
N LEU D 126 43.42 -41.29 21.10
CA LEU D 126 44.70 -41.77 21.60
C LEU D 126 44.57 -42.55 22.90
N ARG D 127 43.39 -42.55 23.52
CA ARG D 127 43.17 -43.35 24.72
C ARG D 127 43.34 -44.85 24.45
N ASP D 128 42.84 -45.34 23.31
CA ASP D 128 42.98 -46.74 22.94
C ASP D 128 44.12 -46.99 21.97
N ASP D 129 44.92 -45.98 21.63
CA ASP D 129 46.01 -46.15 20.69
C ASP D 129 47.12 -46.99 21.32
N LYS D 130 47.55 -48.04 20.62
CA LYS D 130 48.54 -48.95 21.19
C LYS D 130 49.91 -48.30 21.28
N ASP D 131 50.33 -47.56 20.24
CA ASP D 131 51.66 -46.94 20.26
C ASP D 131 51.73 -45.84 21.31
N THR D 132 50.67 -45.04 21.42
CA THR D 132 50.64 -43.99 22.44
C THR D 132 50.68 -44.58 23.84
N ILE D 133 49.92 -45.65 24.08
CA ILE D 133 49.93 -46.30 25.39
C ILE D 133 51.30 -46.88 25.68
N GLU D 134 51.95 -47.48 24.67
CA GLU D 134 53.28 -48.03 24.85
C GLU D 134 54.27 -46.94 25.22
N LYS D 135 54.21 -45.80 24.53
CA LYS D 135 55.10 -44.68 24.83
C LYS D 135 54.84 -44.14 26.23
N LEU D 136 53.58 -44.03 26.63
CA LEU D 136 53.27 -43.56 27.98
C LEU D 136 53.77 -44.53 29.05
N LYS D 137 53.62 -45.83 28.83
CA LYS D 137 54.12 -46.81 29.79
C LYS D 137 55.64 -46.77 29.87
N GLU D 138 56.31 -46.54 28.72
CA GLU D 138 57.74 -46.32 28.74
C GLU D 138 58.10 -45.06 29.52
N LYS D 139 57.29 -44.01 29.40
CA LYS D 139 57.45 -42.78 30.16
C LYS D 139 56.70 -42.81 31.49
N LYS D 140 56.44 -44.01 32.02
CA LYS D 140 55.70 -44.22 33.28
C LYS D 140 54.47 -43.32 33.38
N LEU D 141 53.71 -43.24 32.30
CA LEU D 141 52.47 -42.49 32.24
C LEU D 141 51.31 -43.44 31.98
N THR D 142 50.20 -43.21 32.67
CA THR D 142 49.03 -44.06 32.57
C THR D 142 47.87 -43.29 31.96
N PRO D 143 47.33 -43.75 30.82
CA PRO D 143 46.15 -43.08 30.25
C PRO D 143 44.94 -43.13 31.17
N ILE D 144 44.30 -41.99 31.40
CA ILE D 144 43.13 -41.95 32.27
C ILE D 144 41.95 -42.56 31.53
N THR D 145 41.30 -43.54 32.16
CA THR D 145 40.20 -44.24 31.52
C THR D 145 38.86 -43.70 32.01
N TYR D 146 37.79 -44.36 31.56
CA TYR D 146 36.44 -43.94 31.91
C TYR D 146 36.15 -43.96 33.42
N PRO D 147 36.52 -45.00 34.19
CA PRO D 147 36.14 -45.01 35.61
C PRO D 147 36.68 -43.83 36.40
N GLN D 148 37.91 -43.38 36.13
CA GLN D 148 38.46 -42.25 36.85
C GLN D 148 37.69 -40.96 36.54
N GLY D 149 37.37 -40.74 35.26
CA GLY D 149 36.58 -39.58 34.90
C GLY D 149 35.19 -39.62 35.51
N LEU D 150 34.57 -40.80 35.53
CA LEU D 150 33.25 -40.94 36.14
C LEU D 150 33.31 -40.66 37.63
N ALA D 151 34.35 -41.15 38.32
CA ALA D 151 34.50 -40.88 39.74
C ALA D 151 34.69 -39.40 39.99
N MET D 152 35.51 -38.73 39.18
CA MET D 152 35.69 -37.29 39.33
C MET D 152 34.40 -36.53 39.08
N ALA D 153 33.63 -36.93 38.06
CA ALA D 153 32.37 -36.27 37.78
C ALA D 153 31.38 -36.43 38.92
N LYS D 154 31.30 -37.64 39.49
CA LYS D 154 30.45 -37.85 40.65
C LYS D 154 30.93 -37.08 41.87
N GLU D 155 32.25 -36.92 42.04
CA GLU D 155 32.76 -36.09 43.12
C GLU D 155 32.36 -34.63 42.94
N ILE D 156 32.45 -34.11 41.73
CA ILE D 156 32.13 -32.71 41.47
C ILE D 156 30.63 -32.49 41.22
N GLY D 157 29.85 -33.56 41.11
CA GLY D 157 28.43 -33.40 40.82
C GLY D 157 28.13 -32.81 39.45
N ALA D 158 28.91 -33.19 38.45
CA ALA D 158 28.68 -32.68 37.10
C ALA D 158 27.38 -33.23 36.53
N VAL D 159 26.76 -32.44 35.65
CA VAL D 159 25.51 -32.88 35.04
C VAL D 159 25.74 -34.09 34.16
N LYS D 160 26.82 -34.11 33.37
CA LYS D 160 27.13 -35.24 32.51
C LYS D 160 28.60 -35.18 32.11
N TYR D 161 29.32 -36.25 32.39
CA TYR D 161 30.72 -36.37 31.97
C TYR D 161 30.76 -36.75 30.49
N LEU D 162 31.69 -36.15 29.75
CA LEU D 162 31.78 -36.33 28.32
C LEU D 162 33.20 -36.64 27.89
N GLU D 163 33.34 -37.21 26.69
CA GLU D 163 34.63 -37.52 26.11
C GLU D 163 34.57 -37.21 24.62
N CYS D 164 35.39 -36.27 24.16
CA CYS D 164 35.40 -35.84 22.77
C CYS D 164 36.78 -36.09 22.16
N SER D 165 36.92 -35.75 20.89
CA SER D 165 38.17 -35.94 20.16
C SER D 165 38.31 -34.83 19.14
N ALA D 166 39.53 -34.66 18.63
CA ALA D 166 39.82 -33.61 17.66
C ALA D 166 40.15 -34.11 16.27
N LEU D 167 40.95 -35.17 16.13
CA LEU D 167 41.28 -35.68 14.80
C LEU D 167 40.06 -36.26 14.09
N THR D 168 39.19 -36.95 14.81
CA THR D 168 37.97 -37.49 14.23
C THR D 168 36.71 -36.76 14.69
N GLN D 169 36.83 -35.78 15.59
CA GLN D 169 35.71 -35.02 16.11
C GLN D 169 34.63 -35.91 16.72
N ARG D 170 35.04 -36.97 17.42
CA ARG D 170 34.10 -37.94 17.96
C ARG D 170 33.40 -37.41 19.21
N GLY D 171 32.12 -37.08 19.09
CA GLY D 171 31.36 -36.59 20.22
C GLY D 171 31.51 -35.11 20.52
N LEU D 172 32.33 -34.40 19.77
CA LEU D 172 32.52 -32.97 20.01
C LEU D 172 31.21 -32.21 19.81
N LYS D 173 30.48 -32.53 18.74
CA LYS D 173 29.18 -31.92 18.53
C LYS D 173 28.20 -32.28 19.63
N THR D 174 28.23 -33.54 20.08
CA THR D 174 27.41 -33.93 21.22
C THR D 174 27.83 -33.19 22.47
N VAL D 175 29.14 -32.97 22.65
CA VAL D 175 29.62 -32.23 23.81
C VAL D 175 29.07 -30.81 23.81
N PHE D 176 29.12 -30.14 22.65
CA PHE D 176 28.60 -28.77 22.58
C PHE D 176 27.09 -28.75 22.71
N ASP D 177 26.39 -29.76 22.20
CA ASP D 177 24.94 -29.84 22.40
C ASP D 177 24.60 -29.96 23.88
N GLU D 178 25.34 -30.80 24.61
CA GLU D 178 25.13 -30.93 26.04
C GLU D 178 25.44 -29.63 26.77
N ALA D 179 26.51 -28.95 26.36
CA ALA D 179 26.86 -27.68 26.99
C ALA D 179 25.76 -26.64 26.77
N ILE D 180 25.20 -26.58 25.56
CA ILE D 180 24.12 -25.63 25.29
C ILE D 180 22.87 -26.00 26.07
N ARG D 181 22.52 -27.28 26.11
CA ARG D 181 21.30 -27.70 26.77
C ARG D 181 21.44 -27.78 28.29
N ALA D 182 22.63 -27.57 28.84
CA ALA D 182 22.79 -27.60 30.29
C ALA D 182 21.93 -26.53 30.95
N VAL D 183 21.92 -25.32 30.38
CA VAL D 183 21.02 -24.28 30.87
C VAL D 183 19.58 -24.64 30.55
N LEU D 184 19.34 -25.21 29.37
CA LEU D 184 18.00 -25.57 28.94
C LEU D 184 17.43 -26.72 29.78
N MET E 7 -34.66 104.95 -34.74
CA MET E 7 -35.55 106.07 -35.06
C MET E 7 -36.42 106.43 -33.86
N PRO E 8 -36.01 107.45 -33.12
CA PRO E 8 -36.76 107.84 -31.91
C PRO E 8 -38.15 108.32 -32.26
N PRO E 9 -39.14 108.06 -31.40
CA PRO E 9 -40.48 108.55 -31.66
C PRO E 9 -40.54 110.05 -31.54
N PRO E 10 -41.47 110.71 -32.24
CA PRO E 10 -41.58 112.17 -32.16
C PRO E 10 -41.90 112.62 -30.74
N ALA E 11 -41.33 113.78 -30.37
CA ALA E 11 -41.54 114.37 -29.06
C ALA E 11 -42.32 115.69 -29.15
N ASP E 12 -43.01 115.93 -30.26
CA ASP E 12 -43.75 117.17 -30.42
C ASP E 12 -45.03 117.20 -29.60
N ILE E 13 -45.44 116.07 -29.03
CA ILE E 13 -46.66 115.97 -28.24
C ILE E 13 -46.28 115.75 -26.78
N VAL E 14 -46.81 116.59 -25.90
CA VAL E 14 -46.57 116.50 -24.47
C VAL E 14 -47.89 116.65 -23.73
N LYS E 15 -47.91 116.21 -22.48
CA LYS E 15 -49.08 116.32 -21.62
C LYS E 15 -48.75 117.20 -20.43
N VAL E 16 -49.61 118.18 -20.16
CA VAL E 16 -49.41 119.11 -19.05
C VAL E 16 -50.77 119.66 -18.65
N ALA E 17 -51.00 119.73 -17.34
CA ALA E 17 -52.23 120.26 -16.77
C ALA E 17 -51.97 121.62 -16.15
N ILE E 18 -52.82 122.59 -16.47
CA ILE E 18 -52.66 123.95 -15.94
C ILE E 18 -53.72 124.20 -14.88
N GLU E 19 -53.29 124.21 -13.61
CA GLU E 19 -54.22 124.32 -12.50
C GLU E 19 -54.70 125.77 -12.33
N TRP E 20 -55.75 125.93 -11.54
CA TRP E 20 -56.28 127.22 -11.15
C TRP E 20 -56.56 127.21 -9.66
N PRO E 21 -56.49 128.37 -9.00
CA PRO E 21 -56.84 128.44 -7.58
C PRO E 21 -58.34 128.25 -7.38
N GLY E 22 -58.74 127.11 -6.83
CA GLY E 22 -60.13 126.80 -6.62
C GLY E 22 -60.83 126.15 -7.79
N ALA E 23 -60.15 125.96 -8.92
CA ALA E 23 -60.73 125.35 -10.10
C ALA E 23 -59.82 124.24 -10.61
N TYR E 24 -60.43 123.20 -11.18
CA TYR E 24 -59.67 122.06 -11.66
C TYR E 24 -59.01 122.36 -13.00
N PRO E 25 -57.89 121.69 -13.31
CA PRO E 25 -57.10 122.06 -14.49
C PRO E 25 -57.73 121.68 -15.82
N LYS E 26 -57.10 122.11 -16.90
CA LYS E 26 -57.50 121.76 -18.25
C LYS E 26 -56.26 121.33 -19.02
N LEU E 27 -56.44 120.41 -19.96
CA LEU E 27 -55.33 119.77 -20.66
C LEU E 27 -55.14 120.39 -22.05
N MET E 28 -53.88 120.68 -22.36
CA MET E 28 -53.50 121.17 -23.68
C MET E 28 -52.02 120.85 -23.89
N GLU E 29 -51.60 120.86 -25.15
CA GLU E 29 -50.22 120.60 -25.53
C GLU E 29 -49.50 121.92 -25.74
N ILE E 30 -48.33 122.06 -25.12
CA ILE E 30 -47.53 123.28 -25.18
C ILE E 30 -46.19 122.96 -25.80
N ASP E 31 -45.80 123.73 -26.82
CA ASP E 31 -44.52 123.58 -27.49
C ASP E 31 -43.65 124.76 -27.09
N GLN E 32 -42.52 124.47 -26.44
CA GLN E 32 -41.61 125.51 -25.95
C GLN E 32 -40.77 126.12 -27.06
N LYS E 33 -40.66 125.48 -28.22
CA LYS E 33 -39.87 126.03 -29.30
C LYS E 33 -40.46 127.34 -29.81
N LYS E 34 -41.78 127.41 -29.93
CA LYS E 34 -42.43 128.62 -30.39
C LYS E 34 -42.29 129.73 -29.35
N PRO E 35 -42.32 130.99 -29.78
CA PRO E 35 -42.22 132.10 -28.83
C PRO E 35 -43.38 132.12 -27.86
N LEU E 36 -43.14 132.73 -26.69
CA LEU E 36 -44.16 132.78 -25.64
C LEU E 36 -45.41 133.51 -26.10
N SER E 37 -45.27 134.47 -27.02
CA SER E 37 -46.43 135.17 -27.55
C SER E 37 -47.36 134.21 -28.28
N ALA E 38 -46.79 133.32 -29.09
CA ALA E 38 -47.61 132.33 -29.79
C ALA E 38 -48.28 131.37 -28.81
N ILE E 39 -47.56 130.97 -27.76
CA ILE E 39 -48.15 130.08 -26.75
C ILE E 39 -49.32 130.76 -26.06
N ILE E 40 -49.15 132.03 -25.69
CA ILE E 40 -50.23 132.78 -25.04
C ILE E 40 -51.42 132.94 -25.97
N LYS E 41 -51.16 133.23 -27.25
CA LYS E 41 -52.25 133.37 -28.22
C LYS E 41 -53.01 132.06 -28.37
N GLU E 42 -52.29 130.93 -28.45
CA GLU E 42 -52.95 129.64 -28.55
C GLU E 42 -53.76 129.31 -27.30
N VAL E 43 -53.22 129.65 -26.12
CA VAL E 43 -53.96 129.42 -24.88
C VAL E 43 -55.24 130.24 -24.86
N CYS E 44 -55.15 131.51 -25.26
CA CYS E 44 -56.32 132.37 -25.29
C CYS E 44 -57.36 131.87 -26.30
N ASP E 45 -56.90 131.40 -27.46
CA ASP E 45 -57.82 130.84 -28.44
C ASP E 45 -58.52 129.59 -27.91
N GLY E 46 -57.75 128.71 -27.24
CA GLY E 46 -58.34 127.50 -26.71
C GLY E 46 -59.34 127.75 -25.59
N TRP E 47 -59.01 128.65 -24.68
CA TRP E 47 -59.85 128.95 -23.53
C TRP E 47 -60.81 130.11 -23.78
N SER E 48 -60.80 130.70 -24.97
CA SER E 48 -61.69 131.81 -25.34
C SER E 48 -61.57 132.96 -24.34
N LEU E 49 -60.33 133.29 -23.97
CA LEU E 49 -60.04 134.36 -23.03
C LEU E 49 -59.46 135.55 -23.77
N ALA E 50 -60.02 136.73 -23.52
CA ALA E 50 -59.53 137.95 -24.12
C ALA E 50 -58.40 138.56 -23.29
N ASN E 51 -57.81 139.63 -23.81
CA ASN E 51 -56.72 140.35 -23.15
C ASN E 51 -55.54 139.42 -22.88
N HIS E 52 -54.94 138.96 -23.98
CA HIS E 52 -53.83 138.02 -23.89
C HIS E 52 -52.64 138.59 -23.14
N GLU E 53 -52.51 139.91 -23.06
CA GLU E 53 -51.38 140.53 -22.38
C GLU E 53 -51.54 140.54 -20.86
N TYR E 54 -52.70 140.11 -20.34
CA TYR E 54 -52.96 140.10 -18.91
C TYR E 54 -52.81 138.72 -18.29
N PHE E 55 -52.20 137.78 -19.02
CA PHE E 55 -51.98 136.43 -18.52
C PHE E 55 -50.55 136.01 -18.82
N ALA E 56 -50.03 135.12 -17.99
CA ALA E 56 -48.68 134.59 -18.15
C ALA E 56 -48.65 133.16 -17.61
N LEU E 57 -47.44 132.61 -17.53
CA LEU E 57 -47.24 131.24 -17.06
C LEU E 57 -46.21 131.22 -15.94
N GLN E 58 -46.32 130.24 -15.06
CA GLN E 58 -45.43 130.10 -13.92
C GLN E 58 -45.29 128.64 -13.56
N HIS E 59 -44.28 128.34 -12.75
CA HIS E 59 -44.02 126.99 -12.28
C HIS E 59 -44.58 126.84 -10.87
N ALA E 60 -45.39 125.80 -10.67
CA ALA E 60 -46.04 125.54 -9.39
C ALA E 60 -45.21 124.65 -8.48
N ASP E 61 -43.93 124.46 -8.78
CA ASP E 61 -43.05 123.64 -7.96
C ASP E 61 -42.59 124.45 -6.74
N SER E 62 -41.60 123.93 -6.02
CA SER E 62 -41.08 124.62 -4.85
C SER E 62 -40.43 125.95 -5.21
N SER E 63 -39.90 126.08 -6.43
CA SER E 63 -39.31 127.35 -6.84
C SER E 63 -40.34 128.47 -6.92
N ASN E 64 -41.54 128.15 -7.42
CA ASN E 64 -42.62 129.14 -7.58
C ASN E 64 -42.16 130.31 -8.44
N PHE E 65 -41.46 130.02 -9.53
CA PHE E 65 -40.94 131.02 -10.44
C PHE E 65 -41.72 130.97 -11.76
N TYR E 66 -41.62 132.07 -12.50
CA TYR E 66 -42.23 132.14 -13.83
C TYR E 66 -41.32 131.49 -14.86
N ILE E 67 -41.88 131.28 -16.06
CA ILE E 67 -41.11 130.67 -17.14
C ILE E 67 -40.16 131.70 -17.71
N THR E 68 -38.88 131.34 -17.78
CA THR E 68 -37.84 132.21 -18.30
C THR E 68 -37.17 131.55 -19.50
N GLU E 69 -36.63 132.38 -20.40
CA GLU E 69 -36.00 131.87 -21.61
C GLU E 69 -34.76 131.04 -21.32
N LYS E 70 -34.08 131.29 -20.19
CA LYS E 70 -32.85 130.57 -19.87
C LYS E 70 -33.07 129.36 -18.99
N ASN E 71 -34.19 129.28 -18.27
CA ASN E 71 -34.47 128.19 -17.35
C ASN E 71 -35.85 127.61 -17.60
N ARG E 72 -36.20 127.37 -18.86
CA ARG E 72 -37.47 126.78 -19.22
C ARG E 72 -37.38 125.26 -19.40
N ASN E 73 -36.20 124.67 -19.21
CA ASN E 73 -36.05 123.23 -19.41
C ASN E 73 -36.51 122.42 -18.20
N GLU E 74 -36.84 123.08 -17.09
CA GLU E 74 -37.34 122.38 -15.92
C GLU E 74 -38.74 121.82 -16.10
N ILE E 75 -39.44 122.20 -17.18
CA ILE E 75 -40.79 121.71 -17.42
C ILE E 75 -40.71 120.22 -17.76
N LYS E 76 -41.46 119.40 -17.02
CA LYS E 76 -41.48 117.96 -17.20
C LYS E 76 -42.92 117.47 -17.25
N ASN E 77 -43.14 116.41 -18.03
CA ASN E 77 -44.47 115.82 -18.12
C ASN E 77 -44.90 115.27 -16.76
N GLY E 78 -46.20 115.37 -16.48
CA GLY E 78 -46.72 114.94 -15.20
C GLY E 78 -46.27 115.78 -14.03
N THR E 79 -46.23 117.10 -14.18
CA THR E 79 -45.85 118.02 -13.13
C THR E 79 -46.96 119.03 -12.91
N ILE E 80 -47.23 119.33 -11.63
CA ILE E 80 -48.31 120.25 -11.29
C ILE E 80 -47.91 121.66 -11.67
N LEU E 81 -48.78 122.32 -12.44
CA LEU E 81 -48.58 123.72 -12.84
C LEU E 81 -49.90 124.45 -12.71
N ARG E 82 -49.87 125.63 -12.09
CA ARG E 82 -51.07 126.43 -11.86
C ARG E 82 -50.94 127.78 -12.53
N LEU E 83 -52.05 128.28 -13.04
CA LEU E 83 -52.05 129.58 -13.70
C LEU E 83 -52.07 130.71 -12.67
N THR E 84 -51.37 131.80 -13.00
CA THR E 84 -51.28 132.96 -12.13
C THR E 84 -51.57 134.21 -12.94
N THR E 85 -51.71 135.33 -12.23
CA THR E 85 -51.91 136.63 -12.86
C THR E 85 -50.62 137.10 -13.50
N SER E 86 -50.75 137.96 -14.51
CA SER E 86 -49.57 138.47 -15.21
C SER E 86 -48.70 139.28 -14.26
N PRO E 87 -47.38 139.27 -14.45
CA PRO E 87 -46.50 140.04 -13.55
C PRO E 87 -46.80 141.53 -13.54
N ALA E 88 -47.23 142.12 -14.66
CA ALA E 88 -47.56 143.53 -14.67
C ALA E 88 -48.73 143.83 -13.74
N GLN E 89 -49.78 143.00 -13.80
CA GLN E 89 -50.92 143.18 -12.90
C GLN E 89 -50.54 142.97 -11.46
N ASN E 90 -49.68 141.98 -11.17
CA ASN E 90 -49.22 141.76 -9.80
C ASN E 90 -48.45 142.97 -9.29
N ALA E 91 -47.56 143.52 -10.11
CA ALA E 91 -46.82 144.71 -9.71
C ALA E 91 -47.76 145.89 -9.48
N GLN E 92 -48.75 146.07 -10.36
CA GLN E 92 -49.69 147.17 -10.21
C GLN E 92 -50.50 147.04 -8.91
N GLN E 93 -51.00 145.83 -8.61
CA GLN E 93 -51.78 145.66 -7.40
C GLN E 93 -50.91 145.79 -6.15
N LEU E 94 -49.66 145.32 -6.20
CA LEU E 94 -48.75 145.54 -5.07
C LEU E 94 -48.50 147.02 -4.85
N HIS E 95 -48.29 147.78 -5.92
CA HIS E 95 -48.08 149.21 -5.79
C HIS E 95 -49.32 149.90 -5.23
N GLU E 96 -50.51 149.49 -5.68
CA GLU E 96 -51.74 150.06 -5.15
C GLU E 96 -51.91 149.75 -3.67
N ARG E 97 -51.58 148.52 -3.26
CA ARG E 97 -51.72 148.12 -1.86
C ARG E 97 -50.57 148.57 -0.99
N ILE E 98 -49.52 149.16 -1.56
CA ILE E 98 -48.45 149.73 -0.75
C ILE E 98 -48.99 150.84 0.14
N GLN E 99 -49.85 151.71 -0.41
CA GLN E 99 -50.46 152.80 0.32
C GLN E 99 -51.90 152.51 0.71
N SER E 100 -52.26 151.24 0.88
CA SER E 100 -53.62 150.87 1.23
C SER E 100 -53.91 151.23 2.69
N SER E 101 -55.18 151.10 3.06
CA SER E 101 -55.64 151.41 4.41
C SER E 101 -55.71 150.18 5.31
N SER E 102 -55.32 149.01 4.83
CA SER E 102 -55.39 147.78 5.60
C SER E 102 -53.99 147.32 5.97
N MET E 103 -53.78 147.08 7.27
CA MET E 103 -52.47 146.62 7.74
C MET E 103 -52.19 145.19 7.30
N ASP E 104 -53.20 144.31 7.35
CA ASP E 104 -53.02 142.93 6.91
C ASP E 104 -52.70 142.86 5.43
N ALA E 105 -53.36 143.71 4.62
CA ALA E 105 -53.07 143.74 3.19
C ALA E 105 -51.62 144.16 2.94
N LYS E 106 -51.14 145.17 3.65
CA LYS E 106 -49.74 145.57 3.53
C LYS E 106 -48.81 144.43 3.94
N LEU E 107 -49.13 143.76 5.04
CA LEU E 107 -48.30 142.66 5.52
C LEU E 107 -48.18 141.57 4.47
N GLU E 108 -49.32 141.09 3.96
CA GLU E 108 -49.29 140.01 2.98
C GLU E 108 -48.65 140.45 1.66
N ALA E 109 -48.90 141.69 1.23
CA ALA E 109 -48.29 142.17 -0.01
C ALA E 109 -46.78 142.24 0.11
N LEU E 110 -46.28 142.77 1.23
CA LEU E 110 -44.83 142.84 1.42
C LEU E 110 -44.23 141.44 1.53
N LYS E 111 -44.92 140.53 2.21
CA LYS E 111 -44.41 139.16 2.32
C LYS E 111 -44.32 138.50 0.95
N ASP E 112 -45.37 138.66 0.12
CA ASP E 112 -45.36 138.08 -1.21
C ASP E 112 -44.29 138.71 -2.09
N LEU E 113 -44.10 140.03 -1.99
CA LEU E 113 -43.08 140.71 -2.77
C LEU E 113 -41.68 140.22 -2.38
N ALA E 114 -41.43 140.07 -1.07
CA ALA E 114 -40.14 139.57 -0.62
C ALA E 114 -39.91 138.13 -1.06
N SER E 115 -40.96 137.29 -0.99
CA SER E 115 -40.80 135.89 -1.38
C SER E 115 -40.57 135.75 -2.88
N LEU E 116 -41.23 136.58 -3.69
CA LEU E 116 -41.15 136.49 -5.14
C LEU E 116 -40.18 137.49 -5.75
N SER E 117 -39.08 137.79 -5.06
CA SER E 117 -38.07 138.72 -5.55
C SER E 117 -36.79 138.02 -5.99
N ARG E 118 -36.90 136.77 -6.44
CA ARG E 118 -35.74 135.98 -6.85
C ARG E 118 -35.55 135.94 -8.36
N ASP E 119 -36.28 136.77 -9.11
CA ASP E 119 -36.15 136.85 -10.55
C ASP E 119 -35.51 138.18 -10.94
N VAL E 120 -34.66 138.15 -11.97
CA VAL E 120 -33.90 139.31 -12.37
C VAL E 120 -34.65 140.18 -13.37
N THR E 121 -35.22 139.58 -14.41
CA THR E 121 -35.92 140.36 -15.43
C THR E 121 -37.14 141.07 -14.86
N PHE E 122 -37.93 140.37 -14.03
CA PHE E 122 -39.09 141.00 -13.42
C PHE E 122 -38.69 142.04 -12.38
N ALA E 123 -37.54 141.87 -11.72
CA ALA E 123 -37.03 142.93 -10.87
C ALA E 123 -36.70 144.17 -11.69
N GLN E 124 -36.11 143.99 -12.88
CA GLN E 124 -35.86 145.11 -13.76
C GLN E 124 -37.17 145.78 -14.18
N GLU E 125 -38.18 144.98 -14.50
CA GLU E 125 -39.48 145.55 -14.90
C GLU E 125 -40.09 146.35 -13.76
N PHE E 126 -40.02 145.83 -12.53
CA PHE E 126 -40.56 146.53 -11.38
C PHE E 126 -39.82 147.83 -11.12
N ILE E 127 -38.48 147.80 -11.24
CA ILE E 127 -37.68 149.00 -11.02
C ILE E 127 -37.94 150.04 -12.11
N ASN E 128 -38.29 149.58 -13.32
CA ASN E 128 -38.62 150.51 -14.40
C ASN E 128 -39.78 151.43 -14.05
N LEU E 129 -40.63 151.03 -13.10
CA LEU E 129 -41.73 151.86 -12.62
C LEU E 129 -41.31 152.77 -11.47
N ASP E 130 -40.02 153.11 -11.37
CA ASP E 130 -39.50 153.98 -10.32
C ASP E 130 -39.80 153.41 -8.93
N GLY E 131 -39.69 152.09 -8.80
CA GLY E 131 -39.92 151.46 -7.50
C GLY E 131 -38.85 151.82 -6.49
N ILE E 132 -37.59 151.88 -6.93
CA ILE E 132 -36.49 152.19 -6.02
C ILE E 132 -36.64 153.59 -5.45
N SER E 133 -36.99 154.56 -6.31
CA SER E 133 -37.19 155.93 -5.84
C SER E 133 -38.34 156.02 -4.85
N LEU E 134 -39.44 155.30 -5.13
CA LEU E 134 -40.57 155.30 -4.21
C LEU E 134 -40.20 154.70 -2.87
N LEU E 135 -39.44 153.59 -2.89
CA LEU E 135 -38.99 152.99 -1.63
C LEU E 135 -38.09 153.93 -0.86
N THR E 136 -37.17 154.61 -1.55
CA THR E 136 -36.29 155.55 -0.87
C THR E 136 -37.09 156.70 -0.26
N GLN E 137 -38.06 157.23 -1.00
CA GLN E 137 -38.88 158.32 -0.48
C GLN E 137 -39.70 157.89 0.73
N MET E 138 -40.29 156.70 0.68
CA MET E 138 -41.10 156.24 1.81
C MET E 138 -40.23 155.90 3.01
N VAL E 139 -38.99 155.46 2.80
CA VAL E 139 -38.08 155.22 3.91
C VAL E 139 -37.67 156.55 4.54
N GLU E 140 -37.33 157.54 3.72
CA GLU E 140 -36.92 158.84 4.25
C GLU E 140 -38.06 159.53 4.99
N SER E 141 -39.26 159.48 4.42
CA SER E 141 -40.42 160.12 5.05
C SER E 141 -41.03 159.27 6.15
N GLY E 142 -40.70 157.99 6.24
CA GLY E 142 -41.23 157.10 7.25
C GLY E 142 -40.46 157.03 8.53
N THR E 143 -39.45 157.88 8.71
CA THR E 143 -38.66 157.85 9.94
C THR E 143 -39.52 158.20 11.15
N GLU E 144 -40.26 159.30 11.08
CA GLU E 144 -41.13 159.71 12.17
C GLU E 144 -42.54 159.16 12.07
N ARG E 145 -42.89 158.52 10.94
CA ARG E 145 -44.24 158.01 10.77
C ARG E 145 -44.48 156.76 11.61
N TYR E 146 -43.49 155.87 11.67
CA TYR E 146 -43.62 154.62 12.42
C TYR E 146 -43.25 154.76 13.89
N GLN E 147 -42.73 155.91 14.30
CA GLN E 147 -42.35 156.09 15.71
C GLN E 147 -43.56 156.02 16.63
N LYS E 148 -44.69 156.60 16.20
CA LYS E 148 -45.88 156.61 17.04
C LYS E 148 -46.40 155.20 17.29
N LEU E 149 -46.38 154.34 16.27
CA LEU E 149 -46.88 152.98 16.38
C LEU E 149 -45.77 151.96 16.56
N GLN E 150 -44.53 152.40 16.78
CA GLN E 150 -43.44 151.46 17.01
C GLN E 150 -43.67 150.66 18.29
N LYS E 151 -43.98 151.34 19.40
CA LYS E 151 -44.21 150.65 20.65
C LYS E 151 -45.44 149.78 20.64
N ILE E 152 -46.29 149.90 19.62
CA ILE E 152 -47.49 149.09 19.49
C ILE E 152 -47.26 147.87 18.61
N MET E 153 -46.60 148.04 17.46
CA MET E 153 -46.42 146.95 16.50
C MET E 153 -44.95 146.80 16.11
N LYS E 154 -44.06 146.83 17.10
CA LYS E 154 -42.65 146.52 16.83
C LYS E 154 -42.41 145.16 16.18
N PRO E 155 -43.07 144.05 16.60
CA PRO E 155 -42.78 142.77 15.94
C PRO E 155 -43.08 142.76 14.44
N CYS E 156 -44.28 143.17 14.05
CA CYS E 156 -44.65 143.16 12.64
C CYS E 156 -43.79 144.13 11.83
N PHE E 157 -43.54 145.32 12.39
CA PHE E 157 -42.69 146.28 11.70
C PHE E 157 -41.28 145.75 11.51
N GLY E 158 -40.74 145.09 12.53
CA GLY E 158 -39.41 144.50 12.41
C GLY E 158 -39.36 143.38 11.39
N ASP E 159 -40.41 142.56 11.34
CA ASP E 159 -40.46 141.49 10.34
C ASP E 159 -40.51 142.06 8.93
N MET E 160 -41.34 143.10 8.73
CA MET E 160 -41.41 143.72 7.41
C MET E 160 -40.08 144.40 7.05
N LEU E 161 -39.42 145.00 8.04
CA LEU E 161 -38.11 145.59 7.81
C LEU E 161 -37.09 144.53 7.41
N SER E 162 -37.15 143.36 8.06
CA SER E 162 -36.25 142.27 7.70
C SER E 162 -36.52 141.78 6.27
N PHE E 163 -37.78 141.68 5.89
CA PHE E 163 -38.11 141.29 4.52
C PHE E 163 -37.60 142.33 3.52
N THR E 164 -37.76 143.61 3.84
CA THR E 164 -37.25 144.67 2.97
C THR E 164 -35.73 144.62 2.86
N LEU E 165 -35.05 144.34 3.98
CA LEU E 165 -33.60 144.21 3.97
C LEU E 165 -33.17 143.02 3.11
N THR E 166 -33.89 141.90 3.19
CA THR E 166 -33.58 140.76 2.33
C THR E 166 -33.77 141.11 0.86
N ALA E 167 -34.84 141.84 0.55
CA ALA E 167 -35.06 142.27 -0.83
C ALA E 167 -33.93 143.18 -1.31
N PHE E 168 -33.49 144.10 -0.46
CA PHE E 168 -32.38 144.98 -0.82
C PHE E 168 -31.09 144.18 -1.01
N VAL E 169 -30.86 143.18 -0.16
CA VAL E 169 -29.67 142.36 -0.26
C VAL E 169 -29.66 141.59 -1.58
N GLU E 170 -30.80 141.00 -1.96
CA GLU E 170 -30.82 140.27 -3.23
C GLU E 170 -30.73 141.20 -4.43
N LEU E 171 -31.31 142.40 -4.33
CA LEU E 171 -31.15 143.39 -5.41
C LEU E 171 -29.68 143.80 -5.56
N MET E 172 -28.99 144.00 -4.44
CA MET E 172 -27.55 144.31 -4.50
C MET E 172 -26.77 143.14 -5.07
N ASP E 173 -27.14 141.90 -4.71
CA ASP E 173 -26.47 140.72 -5.26
C ASP E 173 -26.63 140.67 -6.77
N HIS E 174 -27.83 140.98 -7.27
CA HIS E 174 -28.01 141.09 -8.72
C HIS E 174 -27.37 142.34 -9.30
N GLY E 175 -27.01 143.31 -8.47
CA GLY E 175 -26.33 144.50 -8.95
C GLY E 175 -27.17 145.43 -9.80
N ILE E 176 -28.49 145.33 -9.69
CA ILE E 176 -29.37 146.19 -10.49
C ILE E 176 -29.26 147.64 -10.01
N VAL E 177 -29.24 147.84 -8.70
CA VAL E 177 -29.15 149.19 -8.15
C VAL E 177 -27.75 149.74 -8.38
N SER E 178 -27.67 150.99 -8.84
CA SER E 178 -26.39 151.61 -9.10
C SER E 178 -25.66 151.93 -7.80
N TRP E 179 -24.33 151.93 -7.87
CA TRP E 179 -23.51 152.22 -6.70
C TRP E 179 -23.72 153.65 -6.22
N ASP E 180 -23.82 154.60 -7.16
CA ASP E 180 -23.96 156.01 -6.77
C ASP E 180 -25.32 156.29 -6.14
N THR E 181 -26.33 155.47 -6.43
CA THR E 181 -27.66 155.69 -5.88
C THR E 181 -27.71 155.48 -4.37
N PHE E 182 -26.71 154.82 -3.79
CA PHE E 182 -26.68 154.63 -2.35
C PHE E 182 -26.50 155.98 -1.65
N SER E 183 -27.25 156.17 -0.56
CA SER E 183 -27.24 157.42 0.19
C SER E 183 -26.83 157.16 1.64
N VAL E 184 -26.47 158.23 2.33
CA VAL E 184 -26.07 158.12 3.73
C VAL E 184 -27.27 157.87 4.64
N ALA E 185 -28.48 158.05 4.12
CA ALA E 185 -29.67 157.80 4.94
C ALA E 185 -29.77 156.34 5.36
N PHE E 186 -29.46 155.42 4.45
CA PHE E 186 -29.49 154.00 4.77
C PHE E 186 -28.46 153.66 5.85
N ILE E 187 -27.25 154.21 5.72
CA ILE E 187 -26.22 153.97 6.72
C ILE E 187 -26.63 154.53 8.08
N LYS E 188 -27.20 155.73 8.09
CA LYS E 188 -27.66 156.32 9.34
C LYS E 188 -28.77 155.48 9.98
N LYS E 189 -29.69 154.97 9.16
CA LYS E 189 -30.76 154.13 9.68
C LYS E 189 -30.21 152.83 10.26
N ILE E 190 -29.24 152.22 9.58
CA ILE E 190 -28.62 151.01 10.10
C ILE E 190 -27.90 151.29 11.42
N ALA E 191 -27.19 152.42 11.48
CA ALA E 191 -26.51 152.78 12.73
C ALA E 191 -27.50 153.00 13.86
N SER E 192 -28.62 153.66 13.57
CA SER E 192 -29.65 153.86 14.58
C SER E 192 -30.24 152.53 15.05
N PHE E 193 -30.45 151.60 14.12
CA PHE E 193 -30.94 150.27 14.49
C PHE E 193 -29.94 149.56 15.38
N VAL E 194 -28.65 149.68 15.07
CA VAL E 194 -27.62 149.06 15.90
C VAL E 194 -27.60 149.68 17.29
N ASN E 195 -27.73 151.00 17.37
CA ASN E 195 -27.68 151.70 18.66
C ASN E 195 -28.82 151.30 19.59
N LYS E 196 -29.94 150.82 19.05
CA LYS E 196 -31.06 150.40 19.88
C LYS E 196 -30.66 149.17 20.70
N SER E 197 -31.00 149.19 21.99
CA SER E 197 -30.67 148.09 22.89
C SER E 197 -31.79 147.07 23.02
N ALA E 198 -32.92 147.27 22.33
CA ALA E 198 -34.06 146.36 22.40
C ALA E 198 -34.30 145.63 21.08
N ILE E 199 -33.23 145.32 20.35
CA ILE E 199 -33.37 144.61 19.08
C ILE E 199 -33.12 143.12 19.31
N ASP E 200 -33.69 142.31 18.43
CA ASP E 200 -33.55 140.86 18.50
C ASP E 200 -32.23 140.44 17.86
N ILE E 201 -31.88 139.17 18.06
CA ILE E 201 -30.64 138.61 17.51
C ILE E 201 -30.70 138.62 15.99
N SER E 202 -31.89 138.36 15.44
CA SER E 202 -32.10 138.36 13.99
C SER E 202 -31.83 139.75 13.42
N ILE E 203 -32.31 140.78 14.11
CA ILE E 203 -32.08 142.17 13.70
C ILE E 203 -30.58 142.45 13.74
N LEU E 204 -29.91 141.97 14.79
CA LEU E 204 -28.47 142.16 14.90
C LEU E 204 -27.73 141.44 13.79
N GLN E 205 -28.16 140.22 13.45
CA GLN E 205 -27.53 139.47 12.36
C GLN E 205 -27.71 140.20 11.04
N ARG E 206 -28.91 140.71 10.78
CA ARG E 206 -29.14 141.48 9.55
C ARG E 206 -28.31 142.75 9.51
N SER E 207 -28.19 143.44 10.64
CA SER E 207 -27.37 144.65 10.68
C SER E 207 -25.91 144.34 10.40
N LEU E 208 -25.39 143.27 10.98
CA LEU E 208 -24.00 142.90 10.76
C LEU E 208 -23.78 142.45 9.31
N ALA E 209 -24.76 141.76 8.73
CA ALA E 209 -24.67 141.41 7.31
C ALA E 209 -24.65 142.66 6.43
N ILE E 210 -25.48 143.65 6.76
CA ILE E 210 -25.46 144.91 6.04
C ILE E 210 -24.09 145.58 6.18
N LEU E 211 -23.53 145.56 7.38
CA LEU E 211 -22.22 146.18 7.60
C LEU E 211 -21.14 145.49 6.77
N GLU E 212 -21.13 144.15 6.74
CA GLU E 212 -20.10 143.45 5.99
C GLU E 212 -20.29 143.65 4.49
N SER E 213 -21.54 143.70 4.01
CA SER E 213 -21.79 143.98 2.60
C SER E 213 -21.30 145.38 2.24
N MET E 214 -21.56 146.36 3.11
CA MET E 214 -21.10 147.72 2.86
C MET E 214 -19.58 147.80 2.85
N VAL E 215 -18.93 147.05 3.75
CA VAL E 215 -17.46 146.99 3.74
C VAL E 215 -16.98 146.40 2.43
N LEU E 216 -17.64 145.34 1.95
CA LEU E 216 -17.28 144.76 0.66
C LEU E 216 -17.53 145.75 -0.48
N ASN E 217 -18.44 146.70 -0.30
CA ASN E 217 -18.75 147.64 -1.36
C ASN E 217 -17.61 148.62 -1.61
N SER E 218 -17.25 149.40 -0.60
CA SER E 218 -16.24 150.45 -0.75
C SER E 218 -15.33 150.43 0.48
N HIS E 219 -14.42 151.41 0.54
CA HIS E 219 -13.44 151.50 1.63
C HIS E 219 -13.72 152.68 2.55
N ASP E 220 -14.17 153.81 1.99
CA ASP E 220 -14.51 154.96 2.82
C ASP E 220 -15.68 154.66 3.74
N LEU E 221 -16.69 153.95 3.23
CA LEU E 221 -17.80 153.52 4.09
C LEU E 221 -17.31 152.59 5.19
N TYR E 222 -16.28 151.79 4.91
CA TYR E 222 -15.66 150.99 5.95
C TYR E 222 -15.03 151.85 7.03
N GLN E 223 -14.36 152.95 6.65
CA GLN E 223 -13.84 153.88 7.65
C GLN E 223 -14.97 154.49 8.46
N LYS E 224 -16.07 154.86 7.78
CA LYS E 224 -17.20 155.46 8.47
C LYS E 224 -17.79 154.51 9.50
N VAL E 225 -17.96 153.24 9.14
CA VAL E 225 -18.52 152.29 10.10
C VAL E 225 -17.52 151.98 11.21
N ALA E 226 -16.22 151.92 10.88
CA ALA E 226 -15.21 151.68 11.91
C ALA E 226 -15.15 152.83 12.90
N GLN E 227 -15.56 154.03 12.48
CA GLN E 227 -15.67 155.15 13.40
C GLN E 227 -16.67 154.88 14.52
N GLU E 228 -17.61 153.96 14.31
CA GLU E 228 -18.59 153.58 15.32
C GLU E 228 -18.44 152.11 15.70
N ILE E 229 -17.21 151.60 15.65
CA ILE E 229 -16.92 150.22 16.02
C ILE E 229 -16.01 150.22 17.23
N THR E 230 -16.43 149.52 18.29
CA THR E 230 -15.66 149.36 19.50
C THR E 230 -15.44 147.88 19.76
N ILE E 231 -14.25 147.54 20.28
CA ILE E 231 -13.95 146.13 20.55
C ILE E 231 -14.81 145.62 21.70
N GLY E 232 -15.34 146.52 22.53
CA GLY E 232 -16.13 146.15 23.68
C GLY E 232 -17.59 145.84 23.40
N GLN E 233 -18.04 145.95 22.15
CA GLN E 233 -19.43 145.64 21.81
C GLN E 233 -19.57 144.36 21.00
N LEU E 234 -18.53 143.95 20.26
CA LEU E 234 -18.58 142.72 19.51
C LEU E 234 -18.22 141.50 20.36
N ILE E 235 -17.67 141.72 21.55
CA ILE E 235 -17.35 140.63 22.48
C ILE E 235 -18.63 140.14 23.16
N PRO E 236 -19.57 141.03 23.60
CA PRO E 236 -20.86 140.54 24.10
C PRO E 236 -21.60 139.69 23.08
N HIS E 237 -21.39 139.97 21.79
CA HIS E 237 -21.93 139.14 20.74
C HIS E 237 -21.41 137.70 20.79
N LEU E 238 -20.14 137.51 21.13
CA LEU E 238 -19.60 136.17 21.29
C LEU E 238 -20.23 135.43 22.46
N GLN E 239 -20.69 136.17 23.47
CA GLN E 239 -21.29 135.53 24.65
C GLN E 239 -22.50 134.70 24.28
N GLY E 240 -23.24 135.09 23.24
CA GLY E 240 -24.32 134.28 22.73
C GLY E 240 -23.83 132.94 22.22
N SER E 241 -24.42 131.85 22.71
CA SER E 241 -24.00 130.50 22.36
C SER E 241 -24.36 130.12 20.93
N ASP E 242 -25.18 130.93 20.24
CA ASP E 242 -25.54 130.64 18.87
C ASP E 242 -24.31 130.69 17.97
N GLN E 243 -24.17 129.69 17.11
CA GLN E 243 -23.00 129.62 16.23
C GLN E 243 -23.12 130.58 15.05
N GLU E 244 -24.34 130.81 14.55
CA GLU E 244 -24.52 131.65 13.36
C GLU E 244 -24.12 133.10 13.65
N ILE E 245 -24.52 133.63 14.80
CA ILE E 245 -24.14 134.99 15.14
C ILE E 245 -22.62 135.10 15.32
N GLN E 246 -21.99 134.05 15.86
CA GLN E 246 -20.53 134.05 15.96
C GLN E 246 -19.89 134.07 14.57
N THR E 247 -20.43 133.29 13.64
CA THR E 247 -19.91 133.31 12.27
C THR E 247 -20.04 134.69 11.65
N TYR E 248 -21.21 135.32 11.85
CA TYR E 248 -21.43 136.66 11.28
C TYR E 248 -20.46 137.68 11.87
N THR E 249 -20.29 137.65 13.19
CA THR E 249 -19.38 138.58 13.85
C THR E 249 -17.94 138.38 13.39
N ILE E 250 -17.51 137.12 13.29
CA ILE E 250 -16.14 136.85 12.85
C ILE E 250 -15.96 137.27 11.39
N ALA E 251 -16.99 137.07 10.56
CA ALA E 251 -16.91 137.52 9.17
C ALA E 251 -16.79 139.03 9.08
N VAL E 252 -17.54 139.76 9.90
CA VAL E 252 -17.41 141.22 9.90
C VAL E 252 -16.03 141.63 10.40
N ILE E 253 -15.49 140.91 11.38
CA ILE E 253 -14.14 141.18 11.87
C ILE E 253 -13.12 141.00 10.74
N ASN E 254 -13.28 139.92 9.97
CA ASN E 254 -12.41 139.72 8.82
C ASN E 254 -12.57 140.84 7.80
N ALA E 255 -13.81 141.28 7.58
CA ALA E 255 -14.06 142.41 6.69
C ALA E 255 -13.33 143.66 7.17
N LEU E 256 -13.15 143.79 8.48
CA LEU E 256 -12.36 144.90 9.00
C LEU E 256 -10.91 144.82 8.55
N PHE E 257 -10.42 143.61 8.26
CA PHE E 257 -9.03 143.40 7.85
C PHE E 257 -8.86 143.26 6.34
N LEU E 258 -9.90 143.54 5.55
CA LEU E 258 -9.80 143.31 4.11
C LEU E 258 -9.15 144.49 3.39
N LYS E 259 -9.66 145.70 3.59
CA LYS E 259 -9.21 146.88 2.87
C LYS E 259 -8.80 147.99 3.83
N ALA E 260 -7.97 147.64 4.80
CA ALA E 260 -7.46 148.59 5.78
C ALA E 260 -5.94 148.68 5.67
N PRO E 261 -5.36 149.82 6.04
CA PRO E 261 -3.89 149.94 6.01
C PRO E 261 -3.24 148.94 6.95
N ASP E 262 -2.06 148.45 6.56
CA ASP E 262 -1.36 147.46 7.36
C ASP E 262 -0.95 148.02 8.72
N GLU E 263 -0.64 149.31 8.81
CA GLU E 263 -0.36 149.91 10.11
C GLU E 263 -1.59 149.83 11.01
N ARG E 264 -2.76 150.15 10.47
CA ARG E 264 -3.99 149.99 11.24
C ARG E 264 -4.30 148.52 11.50
N ARG E 265 -3.91 147.63 10.60
CA ARG E 265 -4.03 146.20 10.88
C ARG E 265 -3.24 145.83 12.13
N GLN E 266 -1.99 146.27 12.22
CA GLN E 266 -1.18 146.00 13.40
C GLN E 266 -1.78 146.65 14.64
N GLU E 267 -2.30 147.87 14.50
CA GLU E 267 -2.89 148.57 15.64
C GLU E 267 -4.09 147.80 16.19
N MET E 268 -5.01 147.37 15.32
CA MET E 268 -6.18 146.66 15.82
C MET E 268 -5.83 145.24 16.26
N ALA E 269 -4.78 144.64 15.69
CA ALA E 269 -4.29 143.37 16.22
C ALA E 269 -3.76 143.53 17.64
N ASN E 270 -3.05 144.63 17.90
CA ASN E 270 -2.59 144.92 19.25
C ASN E 270 -3.75 145.18 20.19
N ILE E 271 -4.81 145.83 19.68
CA ILE E 271 -6.01 146.05 20.49
C ILE E 271 -6.65 144.71 20.86
N LEU E 272 -6.75 143.80 19.88
CA LEU E 272 -7.30 142.47 20.15
C LEU E 272 -6.45 141.73 21.17
N ALA E 273 -5.12 141.84 21.05
CA ALA E 273 -4.22 141.18 21.99
C ALA E 273 -4.38 141.76 23.40
N GLN E 274 -4.50 143.08 23.53
CA GLN E 274 -4.67 143.68 24.84
C GLN E 274 -6.03 143.34 25.44
N LYS E 275 -7.04 143.11 24.60
CA LYS E 275 -8.31 142.56 25.08
C LYS E 275 -8.30 141.05 25.19
N GLN E 276 -7.26 140.39 24.67
CA GLN E 276 -7.13 138.94 24.71
C GLN E 276 -8.36 138.26 24.11
N LEU E 277 -8.63 138.59 22.85
CA LEU E 277 -9.80 138.05 22.17
C LEU E 277 -9.71 136.55 21.98
N ARG E 278 -8.52 136.02 21.70
CA ARG E 278 -8.39 134.61 21.38
C ARG E 278 -8.71 133.73 22.59
N SER E 279 -8.44 134.23 23.79
CA SER E 279 -8.76 133.46 24.99
C SER E 279 -10.27 133.31 25.18
N ILE E 280 -11.02 134.40 25.02
CA ILE E 280 -12.47 134.32 25.17
C ILE E 280 -13.08 133.54 24.01
N ILE E 281 -12.45 133.62 22.82
CA ILE E 281 -12.88 132.80 21.70
C ILE E 281 -12.71 131.33 22.03
N LEU E 282 -11.56 130.96 22.61
CA LEU E 282 -11.34 129.57 23.02
C LEU E 282 -12.36 129.13 24.06
N THR E 283 -12.62 130.00 25.04
CA THR E 283 -13.52 129.60 26.12
C THR E 283 -14.99 129.65 25.68
N HIS E 284 -15.27 130.19 24.49
CA HIS E 284 -16.64 130.26 24.02
C HIS E 284 -16.95 129.34 22.84
N VAL E 285 -16.21 129.43 21.74
CA VAL E 285 -16.59 128.69 20.53
C VAL E 285 -15.78 127.40 20.41
N ILE E 286 -14.56 127.38 20.95
CA ILE E 286 -13.75 126.18 20.86
C ILE E 286 -14.31 125.09 21.77
N ARG E 287 -14.69 125.44 23.00
CA ARG E 287 -15.23 124.47 23.94
C ARG E 287 -16.66 124.06 23.63
N ALA E 288 -17.33 124.74 22.70
CA ALA E 288 -18.69 124.37 22.32
C ALA E 288 -18.68 123.06 21.52
N GLN E 289 -19.58 122.15 21.89
CA GLN E 289 -19.69 120.87 21.19
C GLN E 289 -20.99 120.79 20.41
N ARG E 290 -21.41 121.91 19.82
CA ARG E 290 -22.62 121.97 19.01
C ARG E 290 -22.26 121.66 17.55
N ALA E 291 -23.23 121.85 16.66
CA ALA E 291 -23.03 121.60 15.23
C ALA E 291 -22.18 122.74 14.67
N ILE E 292 -20.88 122.46 14.51
CA ILE E 292 -19.97 123.47 13.98
C ILE E 292 -20.28 123.69 12.51
N ASN E 293 -20.40 124.96 12.12
CA ASN E 293 -20.78 125.30 10.75
C ASN E 293 -19.58 125.23 9.82
N ASN E 294 -19.85 124.92 8.55
CA ASN E 294 -18.83 125.08 7.52
C ASN E 294 -18.47 126.56 7.35
N GLU E 295 -19.44 127.45 7.56
CA GLU E 295 -19.12 128.87 7.60
C GLU E 295 -18.15 129.19 8.72
N MET E 296 -18.32 128.54 9.88
CA MET E 296 -17.37 128.73 10.97
C MET E 296 -15.99 128.21 10.59
N ALA E 297 -15.93 127.12 9.82
CA ALA E 297 -14.66 126.63 9.32
C ALA E 297 -14.00 127.66 8.39
N HIS E 298 -14.80 128.28 7.53
CA HIS E 298 -14.29 129.36 6.70
C HIS E 298 -13.79 130.51 7.55
N GLN E 299 -14.50 130.81 8.65
CA GLN E 299 -14.06 131.86 9.56
C GLN E 299 -12.70 131.52 10.16
N LEU E 300 -12.52 130.28 10.59
CA LEU E 300 -11.22 129.86 11.13
C LEU E 300 -10.13 130.01 10.08
N TYR E 301 -10.40 129.55 8.86
CA TYR E 301 -9.39 129.64 7.80
C TYR E 301 -9.04 131.08 7.48
N VAL E 302 -10.05 131.95 7.40
CA VAL E 302 -9.77 133.34 7.02
C VAL E 302 -9.08 134.08 8.17
N LEU E 303 -9.38 133.74 9.43
CA LEU E 303 -8.63 134.33 10.53
C LEU E 303 -7.19 133.84 10.55
N GLN E 304 -6.97 132.58 10.18
CA GLN E 304 -5.60 132.10 9.99
C GLN E 304 -4.88 132.88 8.90
N VAL E 305 -5.57 133.15 7.79
CA VAL E 305 -4.99 133.94 6.71
C VAL E 305 -4.72 135.37 7.19
N LEU E 306 -5.59 135.92 8.02
CA LEU E 306 -5.38 137.27 8.56
C LEU E 306 -4.15 137.31 9.44
N THR E 307 -3.96 136.31 10.29
CA THR E 307 -2.75 136.24 11.09
C THR E 307 -1.51 136.10 10.21
N PHE E 308 -1.60 135.28 9.16
CA PHE E 308 -0.49 135.13 8.23
C PHE E 308 -0.15 136.45 7.57
N ASN E 309 -1.17 137.23 7.19
CA ASN E 309 -0.93 138.52 6.56
C ASN E 309 -0.37 139.54 7.55
N LEU E 310 -0.84 139.50 8.81
CA LEU E 310 -0.29 140.36 9.84
C LEU E 310 1.15 140.03 10.16
N LEU E 311 1.57 138.79 9.88
CA LEU E 311 2.99 138.45 9.95
C LEU E 311 3.75 138.81 8.68
N GLU E 312 3.09 138.71 7.52
CA GLU E 312 3.77 138.93 6.25
C GLU E 312 4.05 140.41 6.02
N ASP E 313 3.09 141.28 6.33
CA ASP E 313 3.27 142.71 6.08
C ASP E 313 4.43 143.28 6.88
N ARG E 314 4.86 142.59 7.93
CA ARG E 314 6.06 142.95 8.67
C ARG E 314 7.25 142.08 8.32
N MET E 315 7.04 140.91 7.72
CA MET E 315 8.14 140.05 7.29
C MET E 315 8.44 140.15 5.80
N MET E 316 7.54 140.72 5.00
CA MET E 316 7.76 140.79 3.56
C MET E 316 8.94 141.70 3.23
N THR E 317 9.16 142.72 4.05
CA THR E 317 10.25 143.66 3.80
C THR E 317 11.61 142.98 4.02
N LYS E 318 12.64 143.57 3.43
CA LYS E 318 13.99 143.04 3.53
C LYS E 318 14.75 143.80 4.62
N MET E 319 15.41 143.05 5.50
CA MET E 319 16.22 143.65 6.56
C MET E 319 17.56 144.05 5.98
N ASP E 320 17.83 145.36 5.96
CA ASP E 320 19.07 145.85 5.38
C ASP E 320 20.26 145.37 6.20
N PRO E 321 21.23 144.69 5.59
CA PRO E 321 22.43 144.25 6.33
C PRO E 321 23.28 145.41 6.83
N GLN E 322 23.04 146.61 6.29
CA GLN E 322 23.79 147.80 6.65
C GLN E 322 23.21 148.52 7.86
N ASP E 323 22.15 147.99 8.45
CA ASP E 323 21.49 148.60 9.61
C ASP E 323 22.35 148.35 10.84
N GLN E 324 22.82 149.43 11.46
CA GLN E 324 23.56 149.29 12.72
C GLN E 324 22.65 148.87 13.86
N ALA E 325 21.38 149.27 13.82
CA ALA E 325 20.42 148.81 14.82
C ALA E 325 20.24 147.31 14.74
N GLN E 326 20.18 146.76 13.53
CA GLN E 326 20.17 145.32 13.35
C GLN E 326 21.44 144.66 13.89
N ARG E 327 22.60 145.31 13.70
CA ARG E 327 23.83 144.79 14.27
C ARG E 327 23.75 144.72 15.79
N ASP E 328 23.22 145.77 16.42
CA ASP E 328 23.08 145.77 17.87
C ASP E 328 22.09 144.70 18.33
N ILE E 329 20.99 144.53 17.59
CA ILE E 329 19.99 143.53 17.97
C ILE E 329 20.57 142.13 17.90
N ILE E 330 21.27 141.82 16.80
CA ILE E 330 21.86 140.48 16.68
C ILE E 330 23.00 140.32 17.67
N PHE E 331 23.69 141.40 18.01
CA PHE E 331 24.73 141.33 19.05
C PHE E 331 24.13 140.93 20.39
N GLU E 332 23.04 141.59 20.79
CA GLU E 332 22.38 141.22 22.04
C GLU E 332 21.83 139.79 21.98
N LEU E 333 21.26 139.40 20.84
CA LEU E 333 20.74 138.04 20.70
C LEU E 333 21.83 136.99 20.84
N ARG E 334 22.97 137.18 20.18
CA ARG E 334 24.07 136.23 20.30
C ARG E 334 24.75 136.31 21.65
N ARG E 335 24.67 137.44 22.35
CA ARG E 335 25.16 137.51 23.72
C ARG E 335 24.31 136.64 24.64
N ILE E 336 22.99 136.82 24.57
CA ILE E 336 22.09 136.04 25.42
C ILE E 336 21.98 134.59 24.97
N ALA E 337 22.44 134.27 23.76
CA ALA E 337 22.46 132.90 23.27
C ALA E 337 23.75 132.15 23.58
N PHE E 338 24.91 132.77 23.35
CA PHE E 338 26.19 132.08 23.42
C PHE E 338 27.02 132.51 24.61
N ASP E 339 26.38 132.70 25.77
CA ASP E 339 27.11 133.05 26.99
C ASP E 339 27.71 131.81 27.64
N ALA E 340 28.39 130.98 26.85
CA ALA E 340 29.15 129.85 27.35
C ALA E 340 30.54 129.87 26.74
N GLU E 341 30.63 130.26 25.48
CA GLU E 341 31.90 130.38 24.77
C GLU E 341 32.37 131.82 24.66
N SER E 342 31.45 132.78 24.73
CA SER E 342 31.78 134.19 24.64
C SER E 342 31.79 134.82 26.02
N GLU E 343 32.88 135.49 26.36
CA GLU E 343 32.98 136.13 27.66
C GLU E 343 31.98 137.29 27.75
N PRO E 344 31.46 137.58 28.95
CA PRO E 344 30.56 138.71 29.10
C PRO E 344 31.22 140.07 28.88
N ASN E 345 32.54 140.14 28.87
CA ASN E 345 33.25 141.40 28.73
C ASN E 345 33.20 141.97 27.32
N ASN E 346 32.93 141.14 26.31
CA ASN E 346 32.89 141.63 24.94
C ASN E 346 31.68 142.50 24.64
N SER E 347 30.71 142.58 25.56
CA SER E 347 29.58 143.47 25.36
C SER E 347 30.03 144.92 25.27
N SER E 348 30.99 145.32 26.10
CA SER E 348 31.58 146.64 26.05
C SER E 348 32.87 146.67 25.24
N GLY E 349 33.20 145.58 24.54
CA GLY E 349 34.43 145.49 23.78
C GLY E 349 34.32 146.13 22.41
N SER E 350 35.26 145.75 21.54
CA SER E 350 35.37 146.31 20.20
C SER E 350 34.77 145.37 19.17
N MET E 351 34.72 145.85 17.92
CA MET E 351 34.10 145.08 16.86
C MET E 351 35.01 144.00 16.31
N GLU E 352 36.31 144.05 16.58
CA GLU E 352 37.21 142.98 16.16
C GLU E 352 36.86 141.67 16.88
N LYS E 353 36.64 141.74 18.19
CA LYS E 353 36.16 140.58 18.92
C LYS E 353 34.78 140.17 18.44
N ARG E 354 33.96 141.12 18.00
CA ARG E 354 32.66 140.79 17.44
C ARG E 354 32.79 139.94 16.18
N LYS E 355 33.71 140.33 15.29
CA LYS E 355 33.94 139.55 14.07
C LYS E 355 34.56 138.19 14.40
N SER E 356 35.45 138.15 15.38
CA SER E 356 36.03 136.86 15.80
C SER E 356 34.95 135.92 16.32
N MET E 357 34.04 136.43 17.16
CA MET E 357 32.94 135.60 17.63
C MET E 357 32.02 135.21 16.49
N TYR E 358 31.77 136.12 15.55
CA TYR E 358 30.97 135.80 14.38
C TYR E 358 31.54 134.59 13.64
N THR E 359 32.83 134.64 13.30
CA THR E 359 33.41 133.56 12.51
C THR E 359 33.50 132.27 13.31
N ARG E 360 33.85 132.36 14.60
CA ARG E 360 34.04 131.15 15.39
C ARG E 360 32.71 130.48 15.71
N ASP E 361 31.62 131.25 15.75
CA ASP E 361 30.31 130.68 16.02
C ASP E 361 29.53 130.36 14.76
N TYR E 362 29.96 130.86 13.60
CA TYR E 362 29.31 130.53 12.34
C TYR E 362 30.04 129.46 11.54
N LYS E 363 31.31 129.20 11.85
CA LYS E 363 31.99 128.05 11.24
C LYS E 363 31.42 126.74 11.74
N LYS E 364 30.78 126.73 12.91
CA LYS E 364 30.14 125.54 13.46
C LYS E 364 28.66 125.48 13.18
N LEU E 365 28.07 126.51 12.56
CA LEU E 365 26.64 126.57 12.27
C LEU E 365 26.40 126.54 10.76
N GLY E 366 27.41 126.13 10.00
CA GLY E 366 27.24 126.00 8.55
C GLY E 366 27.01 127.30 7.84
N PHE E 367 27.78 128.33 8.17
CA PHE E 367 27.74 129.60 7.47
C PHE E 367 29.06 129.82 6.72
N ILE E 368 28.95 130.21 5.45
CA ILE E 368 30.14 130.34 4.61
C ILE E 368 30.84 131.68 4.80
N ASN E 369 30.11 132.79 4.71
CA ASN E 369 30.70 134.12 4.78
C ASN E 369 30.82 134.57 6.22
N HIS E 370 31.98 135.12 6.57
CA HIS E 370 32.24 135.60 7.93
C HIS E 370 32.55 137.09 7.96
N VAL E 371 32.59 137.75 6.79
CA VAL E 371 32.80 139.18 6.72
C VAL E 371 31.49 139.96 6.68
N ASN E 372 30.44 139.40 6.08
CA ASN E 372 29.11 140.02 6.02
C ASN E 372 28.08 139.01 6.51
N PRO E 373 27.95 138.86 7.83
CA PRO E 373 27.06 137.82 8.36
C PRO E 373 25.59 138.02 8.03
N ALA E 374 25.17 139.23 7.69
CA ALA E 374 23.77 139.53 7.45
C ALA E 374 23.37 139.36 5.99
N MET E 375 24.17 138.65 5.19
CA MET E 375 23.81 138.42 3.80
C MET E 375 22.62 137.48 3.68
N ASP E 376 22.48 136.56 4.63
CA ASP E 376 21.39 135.58 4.59
C ASP E 376 20.07 136.14 5.12
N PHE E 377 20.00 137.43 5.41
CA PHE E 377 18.79 138.06 5.94
C PHE E 377 18.04 138.85 4.88
N THR E 378 18.44 138.76 3.62
CA THR E 378 17.80 139.50 2.53
C THR E 378 16.80 138.65 1.76
N GLN E 379 16.48 137.46 2.26
CA GLN E 379 15.55 136.54 1.60
C GLN E 379 14.36 136.33 2.51
N THR E 380 13.17 136.65 2.00
CA THR E 380 11.92 136.47 2.74
C THR E 380 10.98 135.62 1.91
N PRO E 381 10.20 134.71 2.52
CA PRO E 381 10.13 134.40 3.95
C PRO E 381 11.34 133.58 4.43
N PRO E 382 11.64 133.62 5.74
CA PRO E 382 10.93 134.39 6.76
C PRO E 382 11.49 135.79 6.98
N GLY E 383 12.77 135.98 6.70
CA GLY E 383 13.41 137.27 6.91
C GLY E 383 13.67 137.58 8.36
N MET E 384 12.93 138.52 8.92
CA MET E 384 13.10 138.90 10.32
C MET E 384 12.25 138.05 11.26
N LEU E 385 11.40 137.18 10.71
CA LEU E 385 10.58 136.31 11.55
C LEU E 385 11.44 135.33 12.36
N ALA E 386 12.50 134.79 11.77
CA ALA E 386 13.40 133.92 12.52
C ALA E 386 14.07 134.69 13.66
N LEU E 387 14.36 135.97 13.45
CA LEU E 387 14.91 136.80 14.51
C LEU E 387 13.92 136.94 15.67
N ASP E 388 12.64 137.15 15.38
CA ASP E 388 11.64 137.20 16.44
C ASP E 388 11.50 135.86 17.13
N ASN E 389 11.60 134.76 16.36
CA ASN E 389 11.51 133.43 16.94
C ASN E 389 12.66 133.19 17.92
N MET E 390 13.87 133.58 17.54
CA MET E 390 15.00 133.39 18.44
C MET E 390 14.94 134.35 19.63
N LEU E 391 14.36 135.54 19.44
CA LEU E 391 14.08 136.41 20.58
C LEU E 391 13.17 135.73 21.58
N TYR E 392 12.09 135.11 21.08
CA TYR E 392 11.18 134.38 21.96
C TYR E 392 11.86 133.20 22.63
N PHE E 393 12.72 132.49 21.89
CA PHE E 393 13.46 131.38 22.47
C PHE E 393 14.35 131.84 23.61
N ALA E 394 15.06 132.95 23.42
CA ALA E 394 15.89 133.49 24.49
C ALA E 394 15.05 133.97 25.67
N LYS E 395 13.86 134.53 25.40
CA LYS E 395 13.02 135.05 26.47
C LYS E 395 12.44 133.93 27.33
N HIS E 396 11.89 132.89 26.72
CA HIS E 396 11.14 131.87 27.45
C HIS E 396 11.89 130.54 27.57
N HIS E 397 12.60 130.13 26.54
CA HIS E 397 13.28 128.83 26.50
C HIS E 397 14.78 128.96 26.74
N GLN E 398 15.19 129.85 27.66
CA GLN E 398 16.61 130.12 27.84
C GLN E 398 17.40 128.88 28.21
N ASP E 399 16.82 127.97 29.01
CA ASP E 399 17.51 126.72 29.33
C ASP E 399 17.70 125.87 28.08
N ALA E 400 16.62 125.66 27.33
CA ALA E 400 16.73 124.95 26.06
C ALA E 400 17.57 125.71 25.04
N TYR E 401 17.52 127.05 25.08
CA TYR E 401 18.35 127.84 24.18
C TYR E 401 19.83 127.58 24.44
N ILE E 402 20.24 127.60 25.72
CA ILE E 402 21.62 127.32 26.06
C ILE E 402 21.99 125.88 25.75
N ARG E 403 21.07 124.95 25.97
CA ARG E 403 21.36 123.55 25.64
C ARG E 403 21.60 123.37 24.14
N ILE E 404 20.78 124.02 23.31
CA ILE E 404 20.96 123.93 21.87
C ILE E 404 22.27 124.61 21.46
N VAL E 405 22.57 125.75 22.07
CA VAL E 405 23.82 126.46 21.75
C VAL E 405 25.03 125.59 22.07
N LEU E 406 25.03 124.93 23.23
CA LEU E 406 26.12 124.03 23.57
C LEU E 406 26.04 122.69 22.85
N GLU E 407 24.93 122.42 22.15
CA GLU E 407 24.79 121.15 21.45
C GLU E 407 25.25 121.25 20.00
N ASN E 408 24.84 122.31 19.31
CA ASN E 408 25.19 122.45 17.89
C ASN E 408 26.70 122.61 17.71
N SER E 409 27.34 123.38 18.59
CA SER E 409 28.78 123.57 18.49
C SER E 409 29.55 122.31 18.90
N SER E 410 28.89 121.41 19.65
CA SER E 410 29.55 120.19 20.08
C SER E 410 29.37 119.04 19.09
N ARG E 411 28.74 119.30 17.95
CA ARG E 411 28.51 118.25 16.96
C ARG E 411 29.83 117.75 16.40
N GLU E 412 30.20 116.51 16.75
CA GLU E 412 31.42 115.89 16.26
C GLU E 412 31.18 114.87 15.14
N ASP E 413 29.94 114.78 14.63
CA ASP E 413 29.63 113.85 13.55
C ASP E 413 29.78 114.47 12.16
N LYS E 414 30.23 115.72 12.09
CA LYS E 414 30.41 116.43 10.82
C LYS E 414 29.09 116.56 10.07
N HIS E 415 27.97 116.53 10.81
CA HIS E 415 26.65 116.68 10.23
C HIS E 415 25.86 117.80 10.88
N GLU E 416 26.51 118.92 11.19
CA GLU E 416 25.82 120.04 11.80
C GLU E 416 24.77 120.61 10.86
N CYS E 417 23.58 120.84 11.38
CA CYS E 417 22.48 121.34 10.57
C CYS E 417 22.47 122.86 10.57
N PRO E 418 22.57 123.50 9.42
CA PRO E 418 22.46 124.97 9.37
C PRO E 418 21.06 125.42 9.76
N PHE E 419 20.98 126.20 10.84
CA PHE E 419 19.69 126.62 11.35
C PHE E 419 18.94 127.50 10.36
N GLY E 420 19.65 128.41 9.70
CA GLY E 420 18.99 129.31 8.75
C GLY E 420 18.41 128.58 7.56
N ARG E 421 19.18 127.67 6.96
CA ARG E 421 18.69 126.93 5.80
C ARG E 421 17.52 126.04 6.16
N SER E 422 17.61 125.34 7.30
CA SER E 422 16.52 124.49 7.75
C SER E 422 15.27 125.31 8.03
N SER E 423 15.42 126.48 8.66
CA SER E 423 14.28 127.34 8.93
C SER E 423 13.64 127.83 7.63
N ILE E 424 14.46 128.21 6.64
CA ILE E 424 13.92 128.67 5.37
C ILE E 424 13.17 127.54 4.67
N GLU E 425 13.74 126.33 4.67
CA GLU E 425 13.07 125.20 4.04
C GLU E 425 11.75 124.88 4.73
N LEU E 426 11.75 124.89 6.07
CA LEU E 426 10.51 124.61 6.79
C LEU E 426 9.46 125.67 6.55
N THR E 427 9.88 126.94 6.50
CA THR E 427 8.93 128.01 6.20
C THR E 427 8.35 127.86 4.79
N LYS E 428 9.18 127.50 3.82
CA LYS E 428 8.69 127.28 2.47
C LYS E 428 7.70 126.12 2.44
N MET E 429 8.01 125.03 3.14
CA MET E 429 7.10 123.89 3.18
C MET E 429 5.78 124.25 3.83
N LEU E 430 5.83 125.03 4.92
CA LEU E 430 4.60 125.47 5.60
C LEU E 430 3.77 126.36 4.69
N CYS E 431 4.42 127.28 3.97
CA CYS E 431 3.69 128.14 3.04
C CYS E 431 3.05 127.33 1.93
N GLU E 432 3.76 126.31 1.43
CA GLU E 432 3.20 125.47 0.37
C GLU E 432 2.01 124.66 0.86
N ILE E 433 2.14 124.03 2.02
CA ILE E 433 1.06 123.16 2.50
C ILE E 433 -0.16 123.98 2.93
N LEU E 434 0.07 125.14 3.56
CA LEU E 434 -1.02 125.99 4.01
C LEU E 434 -1.60 126.87 2.90
N LYS E 435 -0.97 126.87 1.72
CA LYS E 435 -1.44 127.63 0.56
C LYS E 435 -1.56 129.12 0.90
N VAL E 436 -0.41 129.71 1.20
CA VAL E 436 -0.32 131.13 1.54
C VAL E 436 -0.15 131.93 0.25
N GLY E 437 -0.98 132.95 0.06
CA GLY E 437 -0.93 133.79 -1.12
C GLY E 437 -1.97 133.49 -2.17
N GLU E 438 -2.94 132.63 -1.88
CA GLU E 438 -3.99 132.29 -2.82
C GLU E 438 -5.35 132.77 -2.30
N LEU E 439 -6.27 133.00 -3.23
CA LEU E 439 -7.60 133.46 -2.87
C LEU E 439 -8.35 132.39 -2.08
N PRO E 440 -9.23 132.78 -1.17
CA PRO E 440 -9.99 131.78 -0.41
C PRO E 440 -10.86 130.92 -1.32
N SER E 441 -10.98 129.65 -0.98
CA SER E 441 -11.74 128.70 -1.77
C SER E 441 -13.23 128.88 -1.53
N GLU E 442 -14.02 128.60 -2.57
CA GLU E 442 -15.47 128.72 -2.49
C GLU E 442 -16.15 127.44 -2.01
N THR E 443 -15.42 126.34 -1.88
CA THR E 443 -16.00 125.06 -1.49
C THR E 443 -15.32 124.43 -0.29
N CYS E 444 -13.99 124.55 -0.17
CA CYS E 444 -13.28 123.92 0.92
C CYS E 444 -13.62 124.59 2.25
N ASN E 445 -13.79 123.76 3.28
CA ASN E 445 -14.17 124.22 4.63
C ASN E 445 -13.31 123.57 5.69
N ASP E 446 -11.99 123.57 5.49
CA ASP E 446 -11.06 123.04 6.48
C ASP E 446 -10.88 124.06 7.60
N PHE E 447 -10.84 123.58 8.84
CA PHE E 447 -10.66 124.43 10.01
C PHE E 447 -9.65 123.80 10.96
N HIS E 448 -8.82 124.64 11.57
CA HIS E 448 -7.86 124.19 12.57
C HIS E 448 -8.15 124.89 13.88
N PRO E 449 -8.70 124.20 14.89
CA PRO E 449 -9.06 124.89 16.14
C PRO E 449 -7.85 125.34 16.96
N MET E 450 -6.63 125.09 16.49
CA MET E 450 -5.46 125.46 17.28
C MET E 450 -5.03 126.90 17.03
N PHE E 451 -5.63 127.58 16.04
CA PHE E 451 -5.23 128.94 15.74
C PHE E 451 -5.78 129.94 16.75
N PHE E 452 -6.82 129.56 17.49
CA PHE E 452 -7.42 130.47 18.47
C PHE E 452 -6.88 130.26 19.88
N THR E 453 -5.99 129.30 20.08
CA THR E 453 -5.40 129.10 21.40
C THR E 453 -4.59 130.31 21.84
N HIS E 454 -3.80 130.87 20.92
CA HIS E 454 -3.02 132.07 21.20
C HIS E 454 -3.13 133.00 20.00
N ASP E 455 -2.96 134.31 20.27
CA ASP E 455 -2.90 135.27 19.17
C ASP E 455 -1.65 135.04 18.32
N ARG E 456 -0.61 134.50 18.94
CA ARG E 456 0.62 134.09 18.24
C ARG E 456 0.66 132.59 18.00
N SER E 457 -0.50 131.99 17.70
CA SER E 457 -0.60 130.54 17.61
C SER E 457 0.29 129.95 16.52
N PHE E 458 0.48 130.68 15.42
CA PHE E 458 1.35 130.17 14.36
C PHE E 458 2.78 130.02 14.85
N GLU E 459 3.25 131.00 15.63
CA GLU E 459 4.60 130.89 16.19
C GLU E 459 4.72 129.71 17.15
N GLU E 460 3.71 129.48 17.98
CA GLU E 460 3.73 128.34 18.88
C GLU E 460 3.73 127.02 18.11
N PHE E 461 2.93 126.94 17.04
CA PHE E 461 2.93 125.76 16.19
C PHE E 461 4.29 125.53 15.55
N PHE E 462 4.92 126.61 15.08
CA PHE E 462 6.26 126.50 14.51
C PHE E 462 7.27 126.04 15.55
N CYS E 463 7.17 126.55 16.79
CA CYS E 463 8.07 126.12 17.85
C CYS E 463 7.90 124.64 18.15
N ILE E 464 6.66 124.18 18.25
CA ILE E 464 6.42 122.76 18.50
C ILE E 464 6.96 121.92 17.36
N CYS E 465 6.75 122.36 16.12
CA CYS E 465 7.24 121.62 14.96
C CYS E 465 8.76 121.53 14.96
N ILE E 466 9.45 122.64 15.22
CA ILE E 466 10.90 122.63 15.17
C ILE E 466 11.47 121.81 16.33
N GLN E 467 10.84 121.87 17.51
CA GLN E 467 11.30 121.04 18.62
C GLN E 467 11.14 119.56 18.30
N LEU E 468 9.99 119.18 17.72
CA LEU E 468 9.78 117.79 17.34
C LEU E 468 10.79 117.35 16.28
N LEU E 469 11.06 118.23 15.31
CA LEU E 469 12.03 117.89 14.27
C LEU E 469 13.43 117.74 14.85
N ASN E 470 13.80 118.61 15.80
CA ASN E 470 15.10 118.49 16.44
C ASN E 470 15.23 117.18 17.21
N LYS E 471 14.16 116.81 17.94
CA LYS E 471 14.19 115.55 18.68
C LYS E 471 14.29 114.36 17.72
N THR E 472 13.52 114.40 16.63
CA THR E 472 13.55 113.31 15.66
C THR E 472 14.90 113.20 14.99
N TRP E 473 15.52 114.33 14.67
CA TRP E 473 16.85 114.32 14.05
C TRP E 473 17.91 113.83 15.02
N LYS E 474 17.79 114.20 16.31
CA LYS E 474 18.71 113.68 17.31
C LYS E 474 18.58 112.17 17.44
N GLU E 475 17.35 111.67 17.43
CA GLU E 475 17.15 110.22 17.47
C GLU E 475 17.71 109.54 16.22
N MET E 476 17.49 110.12 15.04
CA MET E 476 17.92 109.50 13.81
C MET E 476 19.41 109.72 13.54
N ARG E 477 19.93 110.89 13.92
CA ARG E 477 21.28 111.31 13.54
C ARG E 477 21.43 111.28 12.02
N ALA E 478 20.63 112.10 11.34
CA ALA E 478 20.53 112.04 9.89
C ALA E 478 21.82 112.54 9.24
N THR E 479 21.92 112.28 7.94
CA THR E 479 23.06 112.64 7.12
C THR E 479 22.61 113.61 6.02
N SER E 480 23.50 113.88 5.08
CA SER E 480 23.22 114.79 3.98
C SER E 480 22.58 114.10 2.77
N GLU E 481 22.29 112.81 2.86
CA GLU E 481 21.74 112.07 1.74
C GLU E 481 20.24 111.80 1.85
N ASP E 482 19.57 112.31 2.88
CA ASP E 482 18.16 112.03 3.09
C ASP E 482 17.37 113.33 3.27
N PHE E 483 17.71 114.36 2.50
CA PHE E 483 16.93 115.59 2.54
C PHE E 483 15.51 115.35 2.05
N ASN E 484 15.35 114.57 0.99
CA ASN E 484 14.02 114.24 0.51
C ASN E 484 13.24 113.45 1.55
N LYS E 485 13.91 112.52 2.24
CA LYS E 485 13.25 111.78 3.30
C LYS E 485 12.79 112.70 4.43
N VAL E 486 13.64 113.65 4.81
CA VAL E 486 13.27 114.61 5.85
C VAL E 486 12.07 115.43 5.42
N MET E 487 12.10 115.94 4.18
CA MET E 487 10.99 116.77 3.71
C MET E 487 9.69 115.98 3.68
N GLN E 488 9.73 114.75 3.16
CA GLN E 488 8.50 113.97 3.06
C GLN E 488 7.98 113.59 4.45
N VAL E 489 8.88 113.24 5.38
CA VAL E 489 8.43 112.83 6.70
C VAL E 489 7.85 114.01 7.47
N VAL E 490 8.45 115.20 7.32
CA VAL E 490 7.89 116.36 8.02
C VAL E 490 6.56 116.76 7.41
N LYS E 491 6.42 116.69 6.08
CA LYS E 491 5.15 116.97 5.45
C LYS E 491 4.07 116.01 5.93
N GLU E 492 4.40 114.72 5.96
CA GLU E 492 3.42 113.73 6.40
C GLU E 492 3.05 113.91 7.87
N GLN E 493 4.02 114.19 8.74
CA GLN E 493 3.71 114.35 10.14
C GLN E 493 2.90 115.63 10.39
N VAL E 494 3.16 116.69 9.63
CA VAL E 494 2.35 117.89 9.77
C VAL E 494 0.92 117.64 9.30
N MET E 495 0.76 116.93 8.18
CA MET E 495 -0.58 116.60 7.70
C MET E 495 -1.32 115.75 8.73
N ARG E 496 -0.65 114.74 9.29
CA ARG E 496 -1.24 113.90 10.31
C ARG E 496 -1.60 114.67 11.57
N ALA E 497 -0.77 115.64 11.97
CA ALA E 497 -1.08 116.45 13.15
C ALA E 497 -2.27 117.36 12.90
N LEU E 498 -2.34 117.97 11.72
CA LEU E 498 -3.45 118.87 11.41
C LEU E 498 -4.76 118.10 11.26
N THR E 499 -4.72 116.89 10.71
CA THR E 499 -5.94 116.10 10.55
C THR E 499 -6.54 115.65 11.88
N THR E 500 -5.77 115.68 12.97
CA THR E 500 -6.26 115.24 14.26
C THR E 500 -7.14 116.28 14.95
N LYS E 501 -7.14 117.53 14.48
CA LYS E 501 -7.91 118.62 15.06
C LYS E 501 -7.61 118.76 16.55
N PRO E 502 -6.43 119.24 16.92
CA PRO E 502 -6.08 119.34 18.34
C PRO E 502 -6.88 120.43 19.04
N SER E 503 -6.88 120.34 20.37
CA SER E 503 -7.59 121.28 21.23
C SER E 503 -6.68 122.24 21.97
N SER E 504 -5.60 121.75 22.56
CA SER E 504 -4.67 122.58 23.31
C SER E 504 -3.24 122.29 22.84
N LEU E 505 -2.38 123.31 22.96
CA LEU E 505 -1.01 123.19 22.49
C LEU E 505 -0.24 122.10 23.23
N ASP E 506 -0.37 122.08 24.56
CA ASP E 506 0.32 121.05 25.34
C ASP E 506 -0.22 119.66 25.03
N GLN E 507 -1.55 119.53 24.95
CA GLN E 507 -2.14 118.24 24.59
C GLN E 507 -1.77 117.83 23.18
N PHE E 508 -1.70 118.80 22.26
CA PHE E 508 -1.27 118.51 20.89
C PHE E 508 0.15 117.99 20.86
N LYS E 509 1.05 118.65 21.60
CA LYS E 509 2.45 118.21 21.62
C LYS E 509 2.58 116.84 22.26
N SER E 510 1.81 116.57 23.32
CA SER E 510 1.84 115.24 23.93
C SER E 510 1.32 114.18 22.97
N LYS E 511 0.23 114.48 22.25
CA LYS E 511 -0.33 113.52 21.30
C LYS E 511 0.58 113.30 20.10
N LEU E 512 1.43 114.27 19.77
CA LEU E 512 2.39 114.07 18.69
C LEU E 512 3.30 112.88 18.98
N GLN E 513 3.85 112.81 20.20
CA GLN E 513 4.65 111.65 20.58
C GLN E 513 3.80 110.44 20.93
N ASN E 514 2.56 110.67 21.39
CA ASN E 514 1.71 109.56 21.80
C ASN E 514 1.22 108.74 20.62
N LEU E 515 1.22 109.30 19.41
CA LEU E 515 0.75 108.59 18.22
C LEU E 515 1.72 107.46 17.91
N SER E 516 1.19 106.29 17.60
CA SER E 516 2.00 105.13 17.27
C SER E 516 2.46 105.20 15.82
N TYR E 517 3.05 104.13 15.32
CA TYR E 517 3.55 104.07 13.95
C TYR E 517 2.42 103.60 13.02
N THR E 518 1.62 104.55 12.55
CA THR E 518 0.51 104.29 11.62
C THR E 518 -0.48 103.28 12.19
N GLU E 519 -0.73 103.32 13.49
CA GLU E 519 -1.70 102.42 14.10
C GLU E 519 -3.13 102.78 13.67
N ILE E 520 -3.41 104.08 13.50
CA ILE E 520 -4.75 104.51 13.11
C ILE E 520 -5.11 103.97 11.74
N LEU E 521 -4.18 104.03 10.79
CA LEU E 521 -4.42 103.48 9.46
C LEU E 521 -4.68 101.98 9.50
N LYS E 522 -3.88 101.23 10.26
CA LYS E 522 -4.07 99.79 10.36
C LYS E 522 -5.40 99.43 10.98
N ILE E 523 -5.79 100.11 12.07
CA ILE E 523 -7.06 99.79 12.71
C ILE E 523 -8.23 100.20 11.81
N ARG E 524 -8.11 101.32 11.10
CA ARG E 524 -9.17 101.70 10.17
C ARG E 524 -9.31 100.68 9.04
N GLN E 525 -8.18 100.20 8.51
CA GLN E 525 -8.22 99.19 7.46
C GLN E 525 -8.85 97.90 7.98
N SER E 526 -8.49 97.49 9.20
CA SER E 526 -9.06 96.28 9.78
C SER E 526 -10.56 96.41 10.00
N GLU E 527 -11.00 97.57 10.50
CA GLU E 527 -12.43 97.79 10.71
C GLU E 527 -13.19 97.80 9.39
N ARG E 528 -12.62 98.45 8.37
CA ARG E 528 -13.26 98.45 7.06
C ARG E 528 -13.35 97.05 6.48
N MET E 529 -12.28 96.26 6.64
CA MET E 529 -12.31 94.88 6.15
C MET E 529 -13.34 94.04 6.88
N ASN E 530 -13.45 94.21 8.20
CA ASN E 530 -14.44 93.48 8.97
C ASN E 530 -15.86 93.87 8.56
N GLN E 531 -16.10 95.16 8.36
CA GLN E 531 -17.43 95.61 7.93
C GLN E 531 -17.76 95.07 6.54
N GLU E 532 -16.78 95.09 5.64
CA GLU E 532 -16.99 94.57 4.29
C GLU E 532 -17.28 93.07 4.33
N ASP E 533 -16.55 92.33 5.17
CA ASP E 533 -16.81 90.91 5.32
C ASP E 533 -18.19 90.65 5.89
N PHE E 534 -18.64 91.48 6.81
CA PHE E 534 -20.01 91.37 7.31
C PHE E 534 -21.01 91.65 6.20
N GLN E 535 -20.82 92.74 5.45
CA GLN E 535 -21.70 93.09 4.35
C GLN E 535 -21.02 94.14 3.48
N SER E 536 -20.90 93.86 2.19
CA SER E 536 -20.39 94.83 1.23
C SER E 536 -20.75 94.38 -0.17
N ARG E 537 -20.86 95.35 -1.07
CA ARG E 537 -21.14 95.09 -2.48
C ARG E 537 -19.88 94.64 -3.24
N PRO E 538 -18.76 95.38 -3.18
CA PRO E 538 -17.59 95.00 -3.99
C PRO E 538 -16.55 94.14 -3.29
N ILE E 539 -16.74 93.78 -2.02
CA ILE E 539 -15.74 93.02 -1.26
C ILE E 539 -16.30 91.70 -0.75
N LEU E 540 -17.47 91.71 -0.13
CA LEU E 540 -18.08 90.52 0.45
C LEU E 540 -18.31 89.41 -0.57
N GLU E 541 -18.71 89.76 -1.79
CA GLU E 541 -18.99 88.74 -2.79
C GLU E 541 -17.73 87.97 -3.21
N LEU E 542 -16.55 88.54 -2.97
CA LEU E 542 -15.30 87.91 -3.37
C LEU E 542 -15.05 86.58 -2.66
N LYS E 543 -15.26 86.53 -1.34
CA LYS E 543 -15.00 85.29 -0.61
C LYS E 543 -16.06 84.23 -0.89
N GLU E 544 -17.34 84.62 -0.86
CA GLU E 544 -18.41 83.64 -1.08
C GLU E 544 -18.44 83.14 -2.52
N LYS E 545 -17.89 83.93 -3.46
CA LYS E 545 -17.80 83.46 -4.84
C LYS E 545 -16.95 82.21 -4.96
N ILE E 546 -15.82 82.17 -4.25
CA ILE E 546 -14.90 81.04 -4.32
C ILE E 546 -14.97 80.26 -3.01
N GLN E 547 -15.85 79.27 -2.95
CA GLN E 547 -15.87 78.36 -1.81
C GLN E 547 -15.93 76.90 -2.24
N PRO E 548 -15.13 76.45 -3.23
CA PRO E 548 -15.19 75.03 -3.62
C PRO E 548 -14.24 74.14 -2.82
N GLU E 549 -13.14 74.72 -2.33
CA GLU E 549 -12.06 73.95 -1.75
C GLU E 549 -12.05 73.95 -0.23
N ILE E 550 -12.40 75.07 0.40
CA ILE E 550 -12.36 75.15 1.86
C ILE E 550 -13.35 74.16 2.47
N LEU E 551 -14.59 74.18 2.00
CA LEU E 551 -15.59 73.25 2.53
C LEU E 551 -15.27 71.81 2.16
N GLU E 552 -14.74 71.58 0.96
CA GLU E 552 -14.37 70.23 0.57
C GLU E 552 -13.28 69.67 1.48
N LEU E 553 -12.27 70.49 1.78
CA LEU E 553 -11.22 70.05 2.68
C LEU E 553 -11.73 69.91 4.11
N ILE E 554 -12.69 70.74 4.52
CA ILE E 554 -13.29 70.57 5.84
C ILE E 554 -14.01 69.23 5.94
N LYS E 555 -14.79 68.89 4.92
CA LYS E 555 -15.46 67.59 4.90
C LYS E 555 -14.46 66.44 4.84
N GLN E 556 -13.36 66.62 4.09
CA GLN E 556 -12.32 65.60 4.06
C GLN E 556 -11.69 65.41 5.44
N GLN E 557 -11.45 66.50 6.16
CA GLN E 557 -10.92 66.40 7.52
C GLN E 557 -11.91 65.70 8.44
N ARG E 558 -13.20 66.00 8.30
CA ARG E 558 -14.20 65.31 9.10
C ARG E 558 -14.21 63.82 8.81
N LEU E 559 -14.11 63.46 7.53
CA LEU E 559 -14.06 62.04 7.16
C LEU E 559 -12.82 61.36 7.72
N ASN E 560 -11.68 62.06 7.67
CA ASN E 560 -10.48 61.52 8.28
C ASN E 560 -10.65 61.32 9.78
N ARG E 561 -11.36 62.24 10.43
CA ARG E 561 -11.72 62.05 11.83
C ARG E 561 -12.58 60.80 12.00
N LEU E 562 -13.48 60.54 11.05
CA LEU E 562 -14.26 59.31 11.09
C LEU E 562 -13.39 58.09 10.88
N VAL E 563 -12.37 58.19 10.03
CA VAL E 563 -11.51 57.05 9.73
C VAL E 563 -10.69 56.66 10.96
N GLU E 564 -10.06 57.66 11.61
CA GLU E 564 -9.28 57.35 12.80
C GLU E 564 -10.16 56.85 13.94
N GLY E 565 -11.32 57.45 14.14
CA GLY E 565 -12.27 56.97 15.12
C GLY E 565 -11.84 57.15 16.56
N THR E 566 -12.67 56.71 17.49
CA THR E 566 -12.38 56.82 18.92
C THR E 566 -13.28 55.84 19.66
N CYS E 567 -13.30 55.96 20.99
CA CYS E 567 -14.13 55.12 21.84
C CYS E 567 -15.55 55.68 21.87
N PHE E 568 -16.53 54.85 21.54
CA PHE E 568 -17.92 55.25 21.55
C PHE E 568 -18.59 54.74 22.83
N ARG E 569 -19.89 55.04 22.99
CA ARG E 569 -20.66 54.62 24.15
C ARG E 569 -21.96 54.00 23.70
N LYS E 570 -22.47 53.08 24.51
CA LYS E 570 -23.69 52.35 24.21
C LYS E 570 -24.86 52.92 25.01
N LEU E 571 -26.00 52.25 24.94
CA LEU E 571 -27.23 52.68 25.60
C LEU E 571 -27.54 51.74 26.76
N ASN E 572 -27.77 52.33 27.93
CA ASN E 572 -28.22 51.59 29.12
C ASN E 572 -27.23 50.47 29.49
N ALA E 573 -26.01 50.87 29.79
CA ALA E 573 -24.96 49.96 30.22
C ALA E 573 -24.99 49.91 31.74
N ARG E 574 -25.78 49.00 32.28
CA ARG E 574 -26.00 48.94 33.73
C ARG E 574 -25.72 47.58 34.33
N ARG E 575 -26.03 46.49 33.63
CA ARG E 575 -25.94 45.15 34.19
C ARG E 575 -24.95 44.32 33.37
N ARG E 576 -23.68 44.40 33.75
CA ARG E 576 -22.60 43.62 33.14
C ARG E 576 -22.54 43.82 31.63
N GLN E 577 -22.67 45.07 31.19
CA GLN E 577 -22.64 45.42 29.79
C GLN E 577 -21.50 46.40 29.52
N ASP E 578 -20.78 46.16 28.43
CA ASP E 578 -19.67 47.02 28.05
C ASP E 578 -20.19 48.38 27.60
N LYS E 579 -19.36 49.41 27.85
CA LYS E 579 -19.73 50.77 27.53
C LYS E 579 -18.75 51.47 26.58
N PHE E 580 -17.66 50.82 26.19
CA PHE E 580 -16.69 51.40 25.27
C PHE E 580 -16.53 50.48 24.06
N TRP E 581 -16.58 51.05 22.87
CA TRP E 581 -16.45 50.32 21.62
C TRP E 581 -15.95 51.28 20.56
N TYR E 582 -15.85 50.80 19.32
CA TYR E 582 -15.30 51.63 18.25
C TYR E 582 -16.23 51.57 17.04
N CYS E 583 -16.30 52.70 16.33
CA CYS E 583 -17.00 52.79 15.04
C CYS E 583 -16.04 53.47 14.08
N ARG E 584 -15.23 52.67 13.41
CA ARG E 584 -14.15 53.17 12.56
C ARG E 584 -14.58 53.16 11.10
N LEU E 585 -14.35 54.27 10.42
CA LEU E 585 -14.64 54.36 8.99
C LEU E 585 -13.54 53.68 8.19
N SER E 586 -13.96 53.01 7.12
CA SER E 586 -13.01 52.33 6.25
C SER E 586 -12.13 53.36 5.53
N PRO E 587 -10.88 53.01 5.20
CA PRO E 587 -10.06 53.92 4.40
C PRO E 587 -10.65 54.24 3.04
N ASN E 588 -11.54 53.38 2.52
CA ASN E 588 -12.28 53.69 1.32
C ASN E 588 -13.45 54.64 1.55
N HIS E 589 -13.74 54.96 2.82
CA HIS E 589 -14.82 55.89 3.17
C HIS E 589 -16.17 55.42 2.62
N LYS E 590 -16.41 54.12 2.70
CA LYS E 590 -17.66 53.57 2.18
C LYS E 590 -18.41 52.71 3.20
N VAL E 591 -17.70 52.07 4.12
CA VAL E 591 -18.33 51.19 5.10
C VAL E 591 -17.82 51.53 6.49
N LEU E 592 -18.59 51.15 7.50
CA LEU E 592 -18.27 51.43 8.90
C LEU E 592 -18.06 50.12 9.64
N HIS E 593 -16.99 50.06 10.43
CA HIS E 593 -16.71 48.91 11.28
C HIS E 593 -17.08 49.25 12.71
N TYR E 594 -18.08 48.54 13.25
CA TYR E 594 -18.62 48.86 14.57
C TYR E 594 -19.31 47.61 15.12
N GLY E 595 -19.59 47.65 16.42
CA GLY E 595 -20.24 46.56 17.10
C GLY E 595 -19.98 46.63 18.59
N ASP E 596 -20.29 45.54 19.29
CA ASP E 596 -20.05 45.46 20.72
C ASP E 596 -18.61 45.04 20.98
N LEU E 597 -17.87 45.91 21.66
CA LEU E 597 -16.46 45.64 21.94
C LEU E 597 -16.19 45.63 23.45
N GLU E 598 -14.95 45.37 23.83
CA GLU E 598 -14.55 45.29 25.22
C GLU E 598 -14.02 46.64 25.69
N GLU E 599 -13.49 46.65 26.92
CA GLU E 599 -12.94 47.86 27.52
C GLU E 599 -11.50 48.04 27.05
N SER E 600 -11.30 48.96 26.11
CA SER E 600 -9.97 49.24 25.58
C SER E 600 -9.56 50.64 25.97
N PRO E 601 -8.75 50.83 27.01
CA PRO E 601 -8.33 52.19 27.38
C PRO E 601 -7.50 52.87 26.30
N GLN E 602 -6.73 52.12 25.52
CA GLN E 602 -5.91 52.74 24.48
C GLN E 602 -6.78 53.40 23.40
N GLY E 603 -7.86 52.74 23.00
CA GLY E 603 -8.73 53.29 21.99
C GLY E 603 -9.36 52.24 21.10
N GLU E 604 -9.29 52.45 19.79
CA GLU E 604 -9.87 51.52 18.84
C GLU E 604 -8.94 50.34 18.59
N VAL E 605 -9.52 49.15 18.48
CA VAL E 605 -8.81 47.92 18.18
C VAL E 605 -9.02 47.59 16.71
N PRO E 606 -7.97 47.63 15.88
CA PRO E 606 -8.15 47.37 14.45
C PRO E 606 -8.43 45.89 14.17
N HIS E 607 -9.69 45.60 13.84
CA HIS E 607 -10.12 44.25 13.51
C HIS E 607 -11.53 44.35 12.94
N ASP E 608 -12.09 43.20 12.56
CA ASP E 608 -13.46 43.14 12.08
C ASP E 608 -14.41 43.00 13.27
N SER E 609 -15.38 43.90 13.36
CA SER E 609 -16.31 43.93 14.47
C SER E 609 -17.54 43.10 14.16
N LEU E 610 -18.55 43.14 15.04
CA LEU E 610 -19.74 42.32 14.87
C LEU E 610 -20.55 42.78 13.66
N GLN E 611 -20.81 44.08 13.55
CA GLN E 611 -21.60 44.64 12.45
C GLN E 611 -20.64 45.40 11.54
N ASP E 612 -20.04 44.68 10.58
CA ASP E 612 -19.03 45.25 9.71
C ASP E 612 -19.60 46.00 8.51
N LYS E 613 -20.91 45.92 8.28
CA LYS E 613 -21.53 46.52 7.10
C LYS E 613 -22.49 47.62 7.52
N LEU E 614 -22.37 48.78 6.88
CA LEU E 614 -23.29 49.89 7.08
C LEU E 614 -23.46 50.61 5.76
N PRO E 615 -24.49 50.26 4.99
CA PRO E 615 -24.69 50.90 3.68
C PRO E 615 -24.93 52.40 3.82
N VAL E 616 -24.00 53.19 3.28
CA VAL E 616 -24.09 54.64 3.30
C VAL E 616 -24.86 55.18 2.12
N ALA E 617 -25.07 54.37 1.07
CA ALA E 617 -25.86 54.79 -0.06
C ALA E 617 -27.36 54.70 0.19
N ASP E 618 -27.77 54.07 1.31
CA ASP E 618 -29.19 53.97 1.63
C ASP E 618 -29.55 54.69 2.93
N ILE E 619 -28.63 55.47 3.51
CA ILE E 619 -28.96 56.22 4.71
C ILE E 619 -29.86 57.39 4.35
N LYS E 620 -31.03 57.46 4.99
CA LYS E 620 -31.95 58.54 4.71
C LYS E 620 -31.43 59.87 5.26
N ALA E 621 -31.23 59.93 6.57
CA ALA E 621 -30.71 61.11 7.25
C ALA E 621 -30.30 60.70 8.65
N VAL E 622 -29.90 61.68 9.46
CA VAL E 622 -29.54 61.46 10.86
C VAL E 622 -30.35 62.46 11.68
N VAL E 623 -31.34 61.97 12.43
CA VAL E 623 -32.15 62.84 13.26
C VAL E 623 -31.34 63.29 14.48
N THR E 624 -31.46 64.58 14.81
CA THR E 624 -30.75 65.16 15.93
C THR E 624 -31.74 65.84 16.85
N GLY E 625 -31.56 65.63 18.15
CA GLY E 625 -32.42 66.24 19.15
C GLY E 625 -33.32 65.20 19.81
N LYS E 626 -34.60 65.55 19.99
CA LYS E 626 -35.56 64.70 20.66
C LYS E 626 -36.31 63.77 19.70
N ASP E 627 -35.95 63.78 18.41
CA ASP E 627 -36.59 62.93 17.42
C ASP E 627 -35.99 61.53 17.40
N CYS E 628 -35.06 61.22 18.31
CA CYS E 628 -34.44 59.91 18.36
C CYS E 628 -35.43 58.90 18.93
N PRO E 629 -35.73 57.80 18.22
CA PRO E 629 -36.68 56.82 18.76
C PRO E 629 -36.25 56.18 20.06
N HIS E 630 -34.95 56.01 20.31
CA HIS E 630 -34.48 55.35 21.52
C HIS E 630 -34.71 56.18 22.77
N MET E 631 -34.83 57.49 22.64
CA MET E 631 -35.09 58.35 23.79
C MET E 631 -36.56 58.39 24.18
N LYS E 632 -37.44 57.83 23.36
CA LYS E 632 -38.88 57.83 23.61
C LYS E 632 -39.33 56.59 24.37
N GLU E 633 -38.44 55.97 25.13
CA GLU E 633 -38.77 54.77 25.89
C GLU E 633 -39.75 55.10 27.02
N LYS E 634 -40.77 54.25 27.17
CA LYS E 634 -41.75 54.40 28.23
C LYS E 634 -41.67 53.29 29.27
N GLY E 635 -40.66 52.43 29.22
CA GLY E 635 -40.52 51.35 30.17
C GLY E 635 -39.44 51.60 31.21
N ALA E 636 -38.29 50.94 31.04
CA ALA E 636 -37.18 51.08 31.96
C ALA E 636 -35.89 51.57 31.32
N LEU E 637 -35.85 51.71 30.00
CA LEU E 637 -34.67 52.16 29.29
C LEU E 637 -34.66 53.66 29.03
N LYS E 638 -35.30 54.44 29.90
CA LYS E 638 -35.32 55.89 29.73
C LYS E 638 -33.92 56.47 29.91
N GLN E 639 -33.59 57.44 29.06
CA GLN E 639 -32.30 58.09 29.10
C GLN E 639 -32.33 59.30 30.03
N ASN E 640 -31.15 59.72 30.47
CA ASN E 640 -31.06 60.87 31.35
C ASN E 640 -31.37 62.16 30.61
N LYS E 641 -31.82 63.16 31.37
CA LYS E 641 -32.11 64.46 30.77
C LYS E 641 -30.85 65.25 30.45
N GLU E 642 -29.72 64.89 31.07
CA GLU E 642 -28.49 65.63 30.88
C GLU E 642 -27.78 65.27 29.57
N VAL E 643 -28.20 64.20 28.90
CA VAL E 643 -27.57 63.77 27.67
C VAL E 643 -28.41 64.17 26.45
N LEU E 644 -29.28 65.18 26.59
CA LEU E 644 -30.09 65.62 25.47
C LEU E 644 -29.26 66.22 24.35
N GLU E 645 -28.08 66.77 24.66
CA GLU E 645 -27.19 67.35 23.67
C GLU E 645 -26.29 66.31 23.01
N LEU E 646 -26.48 65.03 23.33
CA LEU E 646 -25.66 63.94 22.81
C LEU E 646 -26.50 62.94 22.03
N ALA E 647 -27.58 63.41 21.41
CA ALA E 647 -28.55 62.55 20.75
C ALA E 647 -28.37 62.63 19.24
N PHE E 648 -28.10 61.48 18.61
CA PHE E 648 -28.02 61.40 17.16
C PHE E 648 -28.14 59.94 16.73
N SER E 649 -29.04 59.66 15.79
CA SER E 649 -29.33 58.29 15.35
C SER E 649 -29.26 58.23 13.83
N ILE E 650 -28.53 57.25 13.31
CA ILE E 650 -28.46 57.01 11.87
C ILE E 650 -29.64 56.13 11.47
N LEU E 651 -30.73 56.75 11.02
CA LEU E 651 -31.94 56.02 10.69
C LEU E 651 -31.77 55.25 9.38
N TYR E 652 -32.10 53.97 9.41
CA TYR E 652 -32.08 53.14 8.21
C TYR E 652 -33.03 51.98 8.41
N ASP E 653 -33.53 51.45 7.30
CA ASP E 653 -34.48 50.34 7.22
C ASP E 653 -35.85 50.67 7.80
N SER E 654 -36.05 51.89 8.31
CA SER E 654 -37.34 52.37 8.79
C SER E 654 -37.86 51.57 9.98
N ASN E 655 -37.06 50.64 10.50
CA ASN E 655 -37.47 49.85 11.66
C ASN E 655 -36.39 49.68 12.71
N CYS E 656 -35.12 49.82 12.38
CA CYS E 656 -34.03 49.69 13.35
C CYS E 656 -33.21 50.98 13.38
N GLN E 657 -32.68 51.29 14.56
CA GLN E 657 -31.93 52.51 14.76
C GLN E 657 -30.59 52.20 15.42
N LEU E 658 -29.54 52.88 14.96
CA LEU E 658 -28.22 52.80 15.57
C LEU E 658 -27.99 54.12 16.31
N ASN E 659 -28.27 54.10 17.61
CA ASN E 659 -28.17 55.28 18.46
C ASN E 659 -26.84 55.25 19.20
N PHE E 660 -26.03 56.28 19.01
CA PHE E 660 -24.72 56.39 19.64
C PHE E 660 -24.73 57.50 20.68
N ILE E 661 -23.83 57.40 21.64
CA ILE E 661 -23.72 58.35 22.74
C ILE E 661 -22.37 59.05 22.65
N ALA E 662 -22.39 60.37 22.68
CA ALA E 662 -21.21 61.20 22.62
C ALA E 662 -20.75 61.60 24.02
N PRO E 663 -19.45 61.78 24.22
CA PRO E 663 -18.97 62.22 25.54
C PRO E 663 -19.42 63.63 25.90
N ASP E 664 -19.22 64.59 25.01
CA ASP E 664 -19.63 65.96 25.27
C ASP E 664 -20.03 66.62 23.95
N LYS E 665 -20.13 67.95 23.96
CA LYS E 665 -20.77 68.67 22.87
C LYS E 665 -19.89 68.72 21.62
N HIS E 666 -18.59 68.97 21.78
CA HIS E 666 -17.75 69.27 20.63
C HIS E 666 -17.60 68.06 19.70
N GLU E 667 -17.35 66.88 20.27
CA GLU E 667 -17.24 65.70 19.43
C GLU E 667 -18.60 65.22 18.93
N TYR E 668 -19.68 65.50 19.66
CA TYR E 668 -21.02 65.26 19.12
C TYR E 668 -21.23 66.09 17.86
N CYS E 669 -20.82 67.36 17.90
CA CYS E 669 -20.90 68.21 16.71
C CYS E 669 -20.00 67.69 15.60
N ILE E 670 -18.80 67.21 15.95
CA ILE E 670 -17.92 66.64 14.94
C ILE E 670 -18.58 65.45 14.26
N TRP E 671 -19.20 64.57 15.05
CA TRP E 671 -19.88 63.41 14.49
C TRP E 671 -21.06 63.80 13.60
N THR E 672 -21.86 64.79 14.03
CA THR E 672 -22.98 65.19 13.19
C THR E 672 -22.48 65.89 11.92
N ASP E 673 -21.34 66.59 11.99
CA ASP E 673 -20.74 67.15 10.79
C ASP E 673 -20.30 66.06 9.82
N GLY E 674 -19.69 65.00 10.35
CA GLY E 674 -19.31 63.88 9.50
C GLY E 674 -20.52 63.21 8.87
N LEU E 675 -21.59 63.04 9.65
CA LEU E 675 -22.80 62.42 9.14
C LEU E 675 -23.44 63.27 8.04
N ASN E 676 -23.45 64.59 8.23
CA ASN E 676 -24.01 65.48 7.21
C ASN E 676 -23.11 65.56 5.97
N ALA E 677 -21.79 65.47 6.15
CA ALA E 677 -20.89 65.45 5.00
C ALA E 677 -21.04 64.16 4.21
N LEU E 678 -21.33 63.04 4.89
CA LEU E 678 -21.64 61.81 4.19
C LEU E 678 -22.87 61.95 3.29
N LEU E 679 -23.83 62.79 3.65
CA LEU E 679 -24.96 63.11 2.80
C LEU E 679 -24.69 64.29 1.88
N GLY E 680 -23.51 64.88 1.93
CA GLY E 680 -23.16 66.03 1.10
C GLY E 680 -23.98 67.25 1.41
N LYS E 681 -24.15 67.56 2.70
CA LYS E 681 -24.95 68.70 3.12
C LYS E 681 -24.06 69.63 3.95
N ASP E 682 -24.66 70.69 4.47
CA ASP E 682 -23.93 71.69 5.24
C ASP E 682 -23.57 71.14 6.62
N MET E 683 -22.63 71.83 7.28
CA MET E 683 -22.17 71.45 8.60
C MET E 683 -23.06 72.06 9.68
N MET E 684 -23.15 71.35 10.81
CA MET E 684 -24.03 71.73 11.92
C MET E 684 -23.25 71.70 13.23
N SER E 685 -22.05 72.30 13.23
CA SER E 685 -21.16 72.25 14.38
C SER E 685 -20.73 73.65 14.78
N ASP E 686 -20.74 73.91 16.08
CA ASP E 686 -20.17 75.16 16.59
C ASP E 686 -18.66 75.21 16.32
N LEU E 687 -17.99 74.06 16.41
CA LEU E 687 -16.57 74.01 16.10
C LEU E 687 -16.30 74.36 14.65
N THR E 688 -17.12 73.85 13.73
CA THR E 688 -16.91 74.12 12.31
C THR E 688 -17.10 75.59 11.99
N ARG E 689 -18.18 76.19 12.50
CA ARG E 689 -18.40 77.62 12.26
C ARG E 689 -17.25 78.45 12.82
N ASN E 690 -16.72 78.05 13.97
CA ASN E 690 -15.51 78.69 14.48
C ASN E 690 -14.35 78.52 13.51
N ASP E 691 -14.20 77.32 12.96
CA ASP E 691 -13.17 77.09 11.96
C ASP E 691 -13.55 77.70 10.62
N LEU E 692 -14.85 77.78 10.32
CA LEU E 692 -15.28 78.32 9.03
C LEU E 692 -14.91 79.80 8.90
N ASP E 693 -15.10 80.57 9.98
CA ASP E 693 -14.83 82.00 9.91
C ASP E 693 -13.34 82.28 9.77
N THR E 694 -12.51 81.59 10.55
CA THR E 694 -11.08 81.87 10.54
C THR E 694 -10.44 81.42 9.23
N LEU E 695 -10.94 80.33 8.63
CA LEU E 695 -10.40 79.85 7.37
C LEU E 695 -10.57 80.89 6.27
N LEU E 696 -11.80 81.36 6.08
CA LEU E 696 -12.05 82.37 5.06
C LEU E 696 -11.32 83.66 5.38
N SER E 697 -11.34 84.07 6.66
CA SER E 697 -10.63 85.28 7.05
C SER E 697 -9.14 85.15 6.80
N MET E 698 -8.56 84.00 7.14
CA MET E 698 -7.13 83.80 6.90
C MET E 698 -6.80 83.81 5.43
N GLU E 699 -7.65 83.18 4.60
CA GLU E 699 -7.41 83.16 3.17
C GLU E 699 -7.46 84.56 2.59
N ILE E 700 -8.45 85.35 3.00
CA ILE E 700 -8.56 86.72 2.50
C ILE E 700 -7.39 87.56 2.99
N LYS E 701 -6.95 87.33 4.24
CA LYS E 701 -5.80 88.03 4.78
C LYS E 701 -4.55 87.70 3.97
N LEU E 702 -4.41 86.45 3.57
CA LEU E 702 -3.32 86.04 2.68
C LEU E 702 -3.40 86.70 1.32
N ARG E 703 -4.59 86.79 0.73
CA ARG E 703 -4.73 87.30 -0.62
C ARG E 703 -4.74 88.83 -0.71
N LEU E 704 -4.95 89.54 0.40
CA LEU E 704 -5.00 90.99 0.32
C LEU E 704 -3.62 91.64 0.25
N LEU E 705 -2.55 90.84 0.25
CA LEU E 705 -1.20 91.42 0.25
C LEU E 705 -0.91 92.17 -1.04
N ASP E 706 -1.39 91.65 -2.18
CA ASP E 706 -1.14 92.27 -3.47
C ASP E 706 -1.74 93.68 -3.57
N LEU E 707 -2.84 93.95 -2.88
CA LEU E 707 -3.47 95.25 -2.90
C LEU E 707 -2.99 96.18 -1.79
N GLU E 708 -1.98 95.75 -1.00
CA GLU E 708 -1.46 96.60 0.06
C GLU E 708 -0.90 97.89 -0.52
N ASN E 709 -1.10 98.98 0.22
CA ASN E 709 -0.75 100.34 -0.15
C ASN E 709 -1.49 100.80 -1.41
N ILE E 710 -2.54 100.09 -1.81
CA ILE E 710 -3.31 100.43 -3.00
C ILE E 710 -4.78 100.41 -2.64
N GLN E 711 -5.50 101.48 -2.98
CA GLN E 711 -6.94 101.51 -2.76
C GLN E 711 -7.65 100.57 -3.72
N ILE E 712 -8.72 99.95 -3.24
CA ILE E 712 -9.51 99.02 -4.04
C ILE E 712 -10.77 99.74 -4.50
N PRO E 713 -10.90 100.03 -5.79
CA PRO E 713 -12.12 100.71 -6.27
C PRO E 713 -13.35 99.82 -6.08
N ASP E 714 -14.47 100.47 -5.77
CA ASP E 714 -15.73 99.78 -5.52
C ASP E 714 -16.55 99.52 -6.78
N ALA E 715 -16.65 100.51 -7.67
CA ALA E 715 -17.41 100.33 -8.89
C ALA E 715 -16.65 99.38 -9.82
N PRO E 716 -17.36 98.59 -10.63
CA PRO E 716 -16.68 97.70 -11.57
C PRO E 716 -15.92 98.50 -12.61
N PRO E 717 -14.64 98.19 -12.82
CA PRO E 717 -13.87 98.90 -13.84
C PRO E 717 -14.48 98.69 -15.21
N PRO E 718 -14.38 99.68 -16.10
CA PRO E 718 -14.99 99.54 -17.43
C PRO E 718 -14.26 98.51 -18.29
N ILE E 719 -14.78 98.28 -19.49
CA ILE E 719 -14.20 97.31 -20.41
C ILE E 719 -13.69 98.05 -21.64
N PRO E 720 -12.42 98.43 -21.69
CA PRO E 720 -11.90 99.12 -22.88
C PRO E 720 -11.91 98.20 -24.10
N LYS E 721 -12.06 98.81 -25.27
CA LYS E 721 -12.13 98.05 -26.50
C LYS E 721 -10.81 97.36 -26.79
N GLU E 722 -10.90 96.22 -27.48
CA GLU E 722 -9.76 95.41 -27.84
C GLU E 722 -9.77 95.19 -29.34
N PRO E 723 -8.60 95.01 -29.95
CA PRO E 723 -8.56 94.65 -31.37
C PRO E 723 -9.23 93.31 -31.61
N SER E 724 -9.89 93.20 -32.76
CA SER E 724 -10.58 91.97 -33.12
C SER E 724 -9.63 90.85 -33.52
N ASN E 725 -8.52 91.20 -34.16
CA ASN E 725 -7.55 90.22 -34.64
C ASN E 725 -6.70 89.68 -33.50
N TYR E 726 -6.24 88.44 -33.66
CA TYR E 726 -5.33 87.79 -32.71
C TYR E 726 -3.87 87.86 -33.17
N ASP E 727 -3.49 88.92 -33.86
CA ASP E 727 -2.12 89.06 -34.36
C ASP E 727 -1.17 89.28 -33.18
N PHE E 728 -0.21 88.37 -33.01
CA PHE E 728 0.76 88.45 -31.93
C PHE E 728 2.04 89.08 -32.47
N VAL E 729 2.29 90.34 -32.08
CA VAL E 729 3.59 90.95 -32.38
C VAL E 729 4.69 90.20 -31.66
N TYR E 730 4.47 89.85 -30.40
CA TYR E 730 5.39 89.02 -29.64
C TYR E 730 4.87 87.59 -29.60
N ASP E 731 5.76 86.64 -29.88
CA ASP E 731 5.38 85.23 -29.93
C ASP E 731 4.95 84.76 -28.54
N CYS E 732 3.97 83.86 -28.53
CA CYS E 732 3.45 83.33 -27.28
C CYS E 732 4.44 82.35 -26.66
N ASN E 733 4.05 81.76 -25.53
CA ASN E 733 4.87 80.81 -24.78
C ASN E 733 6.20 81.42 -24.35
N MET F 7 -7.22 91.86 -29.64
CA MET F 7 -6.04 91.44 -28.91
C MET F 7 -4.80 91.44 -29.80
N ALA F 8 -4.51 92.60 -30.39
CA ALA F 8 -3.33 92.81 -31.20
C ALA F 8 -2.44 93.86 -30.57
N ARG F 9 -1.29 94.10 -31.19
CA ARG F 9 -0.31 95.09 -30.73
C ARG F 9 0.14 94.79 -29.29
N TRP F 10 0.73 93.62 -29.12
CA TRP F 10 1.26 93.19 -27.83
C TRP F 10 2.78 93.30 -27.87
N ILE F 11 3.34 94.04 -26.92
CA ILE F 11 4.77 94.35 -26.91
C ILE F 11 5.42 93.77 -25.66
N PRO F 12 6.56 93.11 -25.78
CA PRO F 12 7.27 92.63 -24.58
C PRO F 12 7.67 93.79 -23.69
N THR F 13 7.52 93.57 -22.38
CA THR F 13 7.87 94.57 -21.39
C THR F 13 8.21 93.85 -20.09
N LYS F 14 9.02 94.52 -19.26
CA LYS F 14 9.39 93.98 -17.96
C LYS F 14 9.01 94.92 -16.82
N ARG F 15 8.26 95.98 -17.10
CA ARG F 15 7.82 96.93 -16.07
C ARG F 15 6.42 96.61 -15.55
N GLN F 16 6.01 95.34 -15.60
CA GLN F 16 4.67 94.93 -15.18
C GLN F 16 4.69 93.63 -14.40
N LYS F 17 5.82 93.28 -13.80
CA LYS F 17 5.94 92.02 -13.06
C LYS F 17 4.96 91.96 -11.89
N TYR F 18 4.55 93.12 -11.37
CA TYR F 18 3.57 93.19 -10.30
C TYR F 18 2.22 93.58 -10.92
N GLY F 19 1.49 92.57 -11.37
CA GLY F 19 0.16 92.78 -11.92
C GLY F 19 -0.90 92.71 -10.85
N VAL F 20 -1.46 93.85 -10.47
CA VAL F 20 -2.36 93.96 -9.32
C VAL F 20 -3.79 93.88 -9.82
N ALA F 21 -4.56 92.96 -9.23
CA ALA F 21 -5.97 92.81 -9.54
C ALA F 21 -6.78 93.76 -8.65
N ILE F 22 -8.11 93.67 -8.73
CA ILE F 22 -8.98 94.50 -7.91
C ILE F 22 -9.94 93.63 -7.12
N TYR F 23 -10.77 92.86 -7.83
CA TYR F 23 -11.73 91.97 -7.22
C TYR F 23 -11.95 90.80 -8.16
N ASN F 24 -13.02 90.03 -7.94
CA ASN F 24 -13.33 88.92 -8.83
C ASN F 24 -13.67 89.43 -10.23
N TYR F 25 -12.75 89.23 -11.17
CA TYR F 25 -12.94 89.73 -12.52
C TYR F 25 -14.11 89.02 -13.20
N ASN F 26 -14.75 89.73 -14.12
CA ASN F 26 -15.91 89.24 -14.84
C ASN F 26 -15.52 88.04 -15.70
N ALA F 27 -16.51 87.16 -15.92
CA ALA F 27 -16.30 85.93 -16.69
C ALA F 27 -16.56 86.15 -18.17
N SER F 28 -16.37 87.38 -18.66
CA SER F 28 -16.55 87.66 -20.08
C SER F 28 -15.54 86.90 -20.92
N GLN F 29 -14.35 86.66 -20.37
CA GLN F 29 -13.33 85.88 -21.06
C GLN F 29 -13.24 84.48 -20.45
N ASP F 30 -13.10 83.49 -21.34
CA ASP F 30 -13.10 82.09 -20.90
C ASP F 30 -11.90 81.78 -20.02
N VAL F 31 -10.71 82.28 -20.37
CA VAL F 31 -9.53 82.03 -19.56
C VAL F 31 -9.63 82.76 -18.23
N GLU F 32 -10.42 83.83 -18.18
CA GLU F 32 -10.57 84.61 -16.96
C GLU F 32 -11.68 84.04 -16.08
N LEU F 33 -11.40 83.99 -14.78
CA LEU F 33 -12.39 83.55 -13.81
C LEU F 33 -12.56 84.62 -12.74
N SER F 34 -13.16 84.26 -11.60
CA SER F 34 -13.30 85.18 -10.49
C SER F 34 -11.95 85.34 -9.79
N LEU F 35 -11.13 86.26 -10.30
CA LEU F 35 -9.76 86.40 -9.81
C LEU F 35 -9.73 86.81 -8.36
N GLN F 36 -8.75 86.26 -7.62
CA GLN F 36 -8.60 86.56 -6.22
C GLN F 36 -7.90 87.92 -6.04
N ILE F 37 -7.79 88.37 -4.80
CA ILE F 37 -7.17 89.65 -4.51
C ILE F 37 -5.68 89.61 -4.83
N GLY F 38 -5.01 88.54 -4.39
CA GLY F 38 -3.59 88.39 -4.64
C GLY F 38 -3.25 87.60 -5.88
N ASP F 39 -3.78 88.02 -7.03
CA ASP F 39 -3.52 87.35 -8.31
C ASP F 39 -2.52 88.20 -9.08
N THR F 40 -1.23 87.99 -8.79
CA THR F 40 -0.18 88.65 -9.55
C THR F 40 -0.01 87.97 -10.91
N VAL F 41 -0.07 88.78 -11.96
CA VAL F 41 0.04 88.30 -13.33
C VAL F 41 1.42 88.70 -13.86
N HIS F 42 2.23 87.71 -14.20
CA HIS F 42 3.55 87.95 -14.78
C HIS F 42 3.35 88.19 -16.28
N ILE F 43 3.00 89.43 -16.61
CA ILE F 43 2.64 89.77 -17.98
C ILE F 43 3.90 89.97 -18.81
N LEU F 44 3.89 89.42 -20.02
CA LEU F 44 4.97 89.62 -20.98
C LEU F 44 4.55 90.35 -22.24
N GLU F 45 3.33 90.89 -22.29
CA GLU F 45 2.85 91.61 -23.46
C GLU F 45 2.20 92.91 -23.02
N MET F 46 2.35 93.95 -23.85
CA MET F 46 1.92 95.29 -23.51
C MET F 46 0.85 95.77 -24.50
N TYR F 47 -0.20 96.37 -23.98
CA TYR F 47 -1.23 97.00 -24.79
C TYR F 47 -1.75 98.22 -24.05
N GLU F 48 -2.41 99.12 -24.79
CA GLU F 48 -2.83 100.40 -24.24
C GLU F 48 -3.82 100.22 -23.09
N GLY F 49 -4.78 99.30 -23.26
CA GLY F 49 -5.84 99.18 -22.27
C GLY F 49 -6.10 97.76 -21.78
N TRP F 50 -5.28 96.81 -22.21
CA TRP F 50 -5.45 95.42 -21.79
C TRP F 50 -4.08 94.80 -21.58
N TYR F 51 -4.01 93.83 -20.66
CA TYR F 51 -2.77 93.12 -20.35
C TYR F 51 -3.09 91.64 -20.23
N ARG F 52 -2.43 90.81 -21.03
CA ARG F 52 -2.58 89.37 -20.96
C ARG F 52 -1.26 88.75 -20.52
N GLY F 53 -1.31 87.98 -19.43
CA GLY F 53 -0.11 87.38 -18.86
C GLY F 53 -0.46 86.16 -18.04
N TYR F 54 0.58 85.59 -17.44
CA TYR F 54 0.43 84.38 -16.65
C TYR F 54 0.00 84.70 -15.22
N THR F 55 -1.20 84.24 -14.84
CA THR F 55 -1.66 84.40 -13.47
C THR F 55 -0.82 83.56 -12.53
N LEU F 56 -0.67 84.04 -11.29
CA LEU F 56 0.12 83.33 -10.30
C LEU F 56 -0.50 81.97 -9.96
N GLN F 57 -1.83 81.89 -9.97
CA GLN F 57 -2.48 80.61 -9.70
C GLN F 57 -2.17 79.59 -10.77
N ASN F 58 -2.15 80.01 -12.04
CA ASN F 58 -1.87 79.12 -13.17
C ASN F 58 -0.87 79.84 -14.08
N LYS F 59 0.42 79.57 -13.86
CA LYS F 59 1.48 80.20 -14.64
C LYS F 59 1.57 79.66 -16.06
N SER F 60 0.86 78.59 -16.40
CA SER F 60 0.84 78.06 -17.75
C SER F 60 -0.41 78.47 -18.51
N LYS F 61 -1.26 79.31 -17.90
CA LYS F 61 -2.49 79.76 -18.51
C LYS F 61 -2.47 81.28 -18.61
N LYS F 62 -2.70 81.80 -19.82
CA LYS F 62 -2.76 83.24 -20.02
C LYS F 62 -4.08 83.80 -19.49
N GLY F 63 -4.04 85.06 -19.10
CA GLY F 63 -5.24 85.78 -18.71
C GLY F 63 -5.19 87.24 -19.09
N ILE F 64 -6.16 87.69 -19.87
CA ILE F 64 -6.20 89.06 -20.36
C ILE F 64 -6.90 89.93 -19.33
N PHE F 65 -6.20 90.97 -18.86
CA PHE F 65 -6.70 91.82 -17.79
C PHE F 65 -6.69 93.27 -18.28
N PRO F 66 -7.80 94.00 -18.12
CA PRO F 66 -7.83 95.39 -18.57
C PRO F 66 -6.86 96.26 -17.79
N GLU F 67 -6.42 97.34 -18.44
CA GLU F 67 -5.55 98.30 -17.77
C GLU F 67 -6.23 98.92 -16.56
N THR F 68 -7.54 99.20 -16.66
CA THR F 68 -8.28 99.70 -15.52
C THR F 68 -8.36 98.69 -14.38
N TYR F 69 -8.27 97.40 -14.68
CA TYR F 69 -8.20 96.37 -13.64
C TYR F 69 -6.79 96.18 -13.10
N ILE F 70 -5.77 96.70 -13.80
CA ILE F 70 -4.39 96.54 -13.37
C ILE F 70 -3.88 97.85 -12.78
N HIS F 71 -3.37 97.78 -11.56
CA HIS F 71 -2.70 98.91 -10.94
C HIS F 71 -1.29 99.01 -11.51
N LEU F 72 -0.95 100.16 -12.09
CA LEU F 72 0.33 100.34 -12.74
C LEU F 72 1.47 100.18 -11.75
N LYS F 73 2.26 99.12 -11.91
CA LYS F 73 3.39 98.83 -11.03
C LYS F 73 4.62 98.60 -11.90
N GLU F 74 5.40 99.66 -12.09
CA GLU F 74 6.67 99.53 -12.80
C GLU F 74 7.70 98.72 -12.03
N ALA F 75 7.44 98.45 -10.75
CA ALA F 75 8.38 97.71 -9.93
C ALA F 75 8.61 96.30 -10.47
N THR F 76 9.87 95.89 -10.48
CA THR F 76 10.30 94.54 -10.84
C THR F 76 10.59 93.76 -9.56
N VAL F 77 11.13 92.55 -9.73
CA VAL F 77 11.56 91.77 -8.57
C VAL F 77 12.66 92.50 -7.82
N GLU F 78 13.61 93.08 -8.55
CA GLU F 78 14.61 93.97 -7.95
C GLU F 78 14.04 95.38 -7.84
N ASP F 79 13.87 95.85 -6.61
CA ASP F 79 13.26 97.15 -6.35
C ASP F 79 14.29 98.26 -6.15
N LEU F 80 15.57 97.99 -6.35
CA LEU F 80 16.61 99.00 -6.20
C LEU F 80 17.05 99.60 -7.53
N GLY F 81 16.91 98.86 -8.63
CA GLY F 81 17.31 99.41 -9.92
C GLY F 81 16.47 100.59 -10.35
N GLN F 82 15.16 100.54 -10.05
CA GLN F 82 14.24 101.61 -10.40
C GLN F 82 13.92 102.53 -9.24
N HIS F 83 14.68 102.44 -8.14
CA HIS F 83 14.49 103.25 -6.94
C HIS F 83 13.10 103.07 -6.34
N GLU F 84 12.52 101.88 -6.49
CA GLU F 84 11.18 101.63 -5.96
C GLU F 84 11.16 101.54 -4.44
N THR F 85 12.28 101.14 -3.82
CA THR F 85 12.32 100.99 -2.37
C THR F 85 12.11 102.33 -1.69
N VAL F 86 11.23 102.33 -0.67
CA VAL F 86 11.11 103.51 0.19
C VAL F 86 12.40 103.73 0.97
N ILE F 87 13.07 102.66 1.37
CA ILE F 87 14.41 102.72 1.95
C ILE F 87 15.19 101.55 1.38
N PRO F 88 16.43 101.76 0.92
CA PRO F 88 17.17 100.68 0.25
C PRO F 88 17.39 99.48 1.17
N GLY F 89 17.32 98.30 0.57
CA GLY F 89 17.56 97.07 1.31
C GLY F 89 16.44 96.60 2.20
N GLU F 90 15.20 96.99 1.92
CA GLU F 90 14.06 96.59 2.74
C GLU F 90 13.01 95.83 1.96
N LEU F 91 12.77 96.20 0.70
CA LEU F 91 11.77 95.54 -0.12
C LEU F 91 12.14 94.11 -0.47
N PRO F 92 13.43 93.74 -0.55
CA PRO F 92 13.75 92.30 -0.57
C PRO F 92 13.19 91.56 0.62
N LEU F 93 13.17 92.18 1.80
CA LEU F 93 12.54 91.56 2.96
C LEU F 93 11.05 91.37 2.74
N VAL F 94 10.38 92.38 2.16
CA VAL F 94 8.94 92.25 1.94
C VAL F 94 8.64 91.17 0.90
N GLN F 95 9.50 91.02 -0.10
CA GLN F 95 9.23 90.00 -1.12
C GLN F 95 9.52 88.60 -0.59
N GLU F 96 10.57 88.44 0.21
CA GLU F 96 10.78 87.14 0.84
C GLU F 96 9.67 86.85 1.86
N LEU F 97 9.09 87.88 2.46
CA LEU F 97 7.94 87.67 3.33
C LEU F 97 6.72 87.25 2.53
N THR F 98 6.55 87.80 1.32
CA THR F 98 5.47 87.33 0.45
C THR F 98 5.66 85.86 0.09
N SER F 99 6.90 85.46 -0.19
CA SER F 99 7.17 84.04 -0.43
C SER F 99 6.87 83.21 0.80
N THR F 100 7.22 83.73 1.98
CA THR F 100 6.94 83.02 3.23
C THR F 100 5.44 82.84 3.43
N LEU F 101 4.65 83.85 3.08
CA LEU F 101 3.20 83.73 3.21
C LEU F 101 2.61 82.79 2.17
N ARG F 102 3.16 82.79 0.95
CA ARG F 102 2.72 81.81 -0.04
C ARG F 102 3.05 80.39 0.42
N GLU F 103 4.10 80.23 1.24
CA GLU F 103 4.34 78.96 1.89
C GLU F 103 3.40 78.71 3.06
N TRP F 104 3.06 79.75 3.83
CA TRP F 104 2.05 79.62 4.87
C TRP F 104 0.75 79.10 4.31
N ALA F 105 0.47 79.42 3.05
CA ALA F 105 -0.71 78.90 2.37
C ALA F 105 -0.74 77.37 2.44
N VAL F 106 0.28 76.72 1.90
CA VAL F 106 0.33 75.26 1.95
C VAL F 106 0.51 74.77 3.38
N ILE F 107 1.08 75.60 4.26
CA ILE F 107 1.22 75.20 5.65
C ILE F 107 -0.14 74.99 6.29
N TRP F 108 -1.04 75.97 6.15
CA TRP F 108 -2.37 75.81 6.72
C TRP F 108 -3.19 74.81 5.90
N ARG F 109 -2.88 74.68 4.61
CA ARG F 109 -3.56 73.67 3.80
C ARG F 109 -3.23 72.26 4.29
N LYS F 110 -2.02 72.06 4.81
CA LYS F 110 -1.61 70.76 5.32
C LYS F 110 -1.83 70.60 6.81
N LEU F 111 -1.91 71.71 7.56
CA LEU F 111 -2.05 71.63 9.01
C LEU F 111 -3.40 71.11 9.46
N TYR F 112 -4.38 71.03 8.57
CA TYR F 112 -5.70 70.51 8.93
C TYR F 112 -5.84 69.02 8.71
N VAL F 113 -5.01 68.42 7.86
CA VAL F 113 -5.03 66.98 7.69
C VAL F 113 -4.67 66.28 8.99
N ASN F 114 -3.71 66.82 9.73
CA ASN F 114 -3.33 66.28 11.03
C ASN F 114 -3.53 67.35 12.08
N ASN F 115 -4.28 67.00 13.13
CA ASN F 115 -4.66 67.93 14.19
C ASN F 115 -3.41 68.28 15.00
N LYS F 116 -2.99 69.54 14.88
CA LYS F 116 -1.83 70.06 15.62
C LYS F 116 -2.28 71.24 16.47
N LEU F 117 -3.37 71.06 17.22
CA LEU F 117 -4.14 72.16 17.79
C LEU F 117 -3.28 73.14 18.58
N THR F 118 -2.39 72.68 19.46
CA THR F 118 -1.55 73.61 20.22
C THR F 118 -0.57 74.31 19.29
N LEU F 119 0.15 73.53 18.48
CA LEU F 119 1.06 74.13 17.51
C LEU F 119 0.30 74.97 16.49
N PHE F 120 -0.89 74.55 16.11
CA PHE F 120 -1.69 75.33 15.17
C PHE F 120 -2.07 76.68 15.77
N ARG F 121 -2.49 76.70 17.05
CA ARG F 121 -2.88 77.95 17.68
C ARG F 121 -1.69 78.88 17.84
N GLN F 122 -0.54 78.35 18.27
CA GLN F 122 0.64 79.20 18.38
C GLN F 122 1.10 79.69 17.02
N LEU F 123 0.95 78.87 15.97
CA LEU F 123 1.25 79.31 14.61
C LEU F 123 0.31 80.42 14.18
N GLN F 124 -0.97 80.32 14.55
CA GLN F 124 -1.92 81.39 14.25
C GLN F 124 -1.50 82.69 14.92
N GLN F 125 -1.11 82.62 16.19
CA GLN F 125 -0.67 83.82 16.89
C GLN F 125 0.58 84.40 16.25
N MET F 126 1.53 83.55 15.89
CA MET F 126 2.75 84.02 15.24
C MET F 126 2.44 84.67 13.89
N THR F 127 1.55 84.08 13.10
CA THR F 127 1.23 84.66 11.79
C THR F 127 0.42 85.95 11.95
N TYR F 128 -0.39 86.04 13.00
CA TYR F 128 -1.10 87.29 13.28
C TYR F 128 -0.11 88.40 13.60
N SER F 129 0.85 88.12 14.47
CA SER F 129 1.90 89.11 14.74
C SER F 129 2.68 89.44 13.48
N LEU F 130 2.92 88.43 12.64
CA LEU F 130 3.66 88.64 11.40
C LEU F 130 2.93 89.59 10.46
N ILE F 131 1.62 89.38 10.28
CA ILE F 131 0.88 90.26 9.38
C ILE F 131 0.72 91.64 10.00
N GLU F 132 0.59 91.73 11.32
CA GLU F 132 0.57 93.05 11.97
C GLU F 132 1.85 93.81 11.70
N TRP F 133 3.00 93.14 11.83
CA TRP F 133 4.27 93.81 11.60
C TRP F 133 4.46 94.15 10.13
N ARG F 134 3.99 93.27 9.23
CA ARG F 134 4.07 93.56 7.81
C ARG F 134 3.27 94.80 7.46
N SER F 135 2.05 94.90 7.99
CA SER F 135 1.25 96.10 7.76
C SER F 135 1.91 97.33 8.37
N GLN F 136 2.53 97.19 9.54
CA GLN F 136 3.21 98.32 10.17
C GLN F 136 4.37 98.81 9.31
N ILE F 137 5.14 97.89 8.74
CA ILE F 137 6.32 98.24 7.96
C ILE F 137 6.03 98.21 6.45
N LEU F 138 4.77 98.31 6.07
CA LEU F 138 4.43 98.48 4.65
C LEU F 138 5.11 99.71 4.06
N SER F 139 5.29 100.77 4.84
CA SER F 139 5.99 101.96 4.40
C SER F 139 7.08 102.27 5.43
N GLY F 140 8.33 102.36 4.96
CA GLY F 140 9.45 102.59 5.85
C GLY F 140 9.62 104.05 6.23
N THR F 141 9.35 104.38 7.50
CA THR F 141 9.45 105.74 7.99
C THR F 141 10.06 105.81 9.40
N LEU F 142 10.95 104.90 9.75
CA LEU F 142 11.53 104.82 11.08
C LEU F 142 13.05 104.78 10.99
N PRO F 143 13.76 105.17 12.06
CA PRO F 143 15.22 105.12 12.04
C PRO F 143 15.74 103.71 11.91
N LYS F 144 17.00 103.61 11.49
CA LYS F 144 17.63 102.34 11.13
C LYS F 144 17.70 101.35 12.28
N ASP F 145 17.78 101.82 13.53
CA ASP F 145 17.85 100.90 14.66
C ASP F 145 16.58 100.06 14.79
N GLU F 146 15.42 100.72 14.68
CA GLU F 146 14.16 100.00 14.75
C GLU F 146 14.01 99.02 13.59
N LEU F 147 14.41 99.43 12.39
CA LEU F 147 14.35 98.54 11.23
C LEU F 147 15.25 97.33 11.44
N ALA F 148 16.46 97.54 11.95
CA ALA F 148 17.38 96.44 12.18
C ALA F 148 16.82 95.47 13.22
N GLU F 149 16.30 95.99 14.33
CA GLU F 149 15.81 95.09 15.37
C GLU F 149 14.56 94.34 14.90
N LEU F 150 13.67 95.00 14.16
CA LEU F 150 12.49 94.31 13.66
C LEU F 150 12.87 93.25 12.64
N LYS F 151 13.85 93.54 11.76
CA LYS F 151 14.31 92.53 10.82
C LYS F 151 14.91 91.34 11.55
N LYS F 152 15.70 91.60 12.58
CA LYS F 152 16.33 90.51 13.34
C LYS F 152 15.27 89.63 14.00
N LYS F 153 14.29 90.25 14.67
CA LYS F 153 13.29 89.46 15.37
C LYS F 153 12.38 88.72 14.38
N VAL F 154 12.06 89.35 13.25
CA VAL F 154 11.26 88.69 12.23
C VAL F 154 12.00 87.48 11.67
N THR F 155 13.29 87.63 11.36
CA THR F 155 14.07 86.50 10.86
C THR F 155 14.15 85.39 11.91
N ALA F 156 14.34 85.76 13.17
CA ALA F 156 14.40 84.77 14.24
C ALA F 156 13.09 84.00 14.34
N LYS F 157 11.95 84.70 14.29
CA LYS F 157 10.67 84.01 14.39
C LYS F 157 10.41 83.16 13.15
N ILE F 158 10.84 83.62 11.98
CA ILE F 158 10.69 82.83 10.76
C ILE F 158 11.48 81.53 10.88
N ASP F 159 12.72 81.61 11.35
CA ASP F 159 13.52 80.40 11.51
C ASP F 159 12.94 79.50 12.59
N HIS F 160 12.37 80.09 13.64
CA HIS F 160 11.70 79.30 14.67
C HIS F 160 10.52 78.54 14.08
N GLY F 161 9.72 79.19 13.24
CA GLY F 161 8.61 78.51 12.60
C GLY F 161 9.08 77.42 11.66
N ASN F 162 10.17 77.67 10.93
CA ASN F 162 10.73 76.64 10.06
C ASN F 162 11.19 75.43 10.86
N ARG F 163 11.83 75.67 12.01
CA ARG F 163 12.35 74.59 12.81
C ARG F 163 11.23 73.78 13.46
N MET F 164 10.23 74.45 14.02
CA MET F 164 9.14 73.74 14.67
C MET F 164 8.31 72.92 13.70
N LEU F 165 8.13 73.39 12.46
CA LEU F 165 7.48 72.58 11.45
C LEU F 165 8.45 71.71 10.67
N GLY F 166 9.74 71.79 10.99
CA GLY F 166 10.74 70.99 10.29
C GLY F 166 10.88 71.34 8.83
N LEU F 167 10.88 72.63 8.51
CA LEU F 167 10.99 73.08 7.13
C LEU F 167 12.26 73.91 6.95
N ASP F 168 12.42 74.46 5.74
CA ASP F 168 13.65 75.14 5.37
C ASP F 168 13.74 76.50 6.06
N LEU F 169 14.89 76.77 6.67
CA LEU F 169 15.12 78.02 7.36
C LEU F 169 15.75 79.04 6.40
N VAL F 170 16.19 80.18 6.94
CA VAL F 170 16.76 81.24 6.13
C VAL F 170 18.25 81.33 6.35
N VAL F 171 18.94 82.11 5.52
CA VAL F 171 20.37 82.32 5.63
C VAL F 171 20.63 83.81 5.72
N ARG F 172 21.91 84.19 5.87
CA ARG F 172 22.36 85.58 5.82
C ARG F 172 21.50 86.48 6.72
N ASP F 173 21.61 86.21 8.02
CA ASP F 173 20.73 86.77 9.05
C ASP F 173 20.41 88.25 8.86
N ASP F 174 21.37 89.02 8.34
CA ASP F 174 21.20 90.47 8.20
C ASP F 174 21.30 90.89 6.73
N ASN F 175 20.72 92.06 6.44
CA ASN F 175 20.79 92.76 5.16
C ASN F 175 20.53 91.83 3.96
N GLY F 176 19.30 91.31 3.93
CA GLY F 176 18.81 90.64 2.75
C GLY F 176 18.37 89.20 2.93
N ASN F 177 19.12 88.44 3.72
CA ASN F 177 18.82 87.04 4.03
C ASN F 177 18.84 86.13 2.81
N ILE F 178 19.24 86.64 1.66
CA ILE F 178 19.34 85.85 0.43
C ILE F 178 20.73 86.04 -0.15
N LEU F 179 21.59 86.75 0.55
CA LEU F 179 22.91 87.12 0.04
C LEU F 179 23.97 86.04 0.30
N ASP F 180 23.59 84.93 0.94
CA ASP F 180 24.53 83.84 1.22
C ASP F 180 24.81 82.94 0.03
N PRO F 181 23.78 82.49 -0.74
CA PRO F 181 24.06 81.51 -1.81
C PRO F 181 24.66 82.12 -3.07
N ASP F 182 25.23 83.32 -2.94
CA ASP F 182 25.84 84.04 -4.06
C ASP F 182 27.33 83.75 -4.21
N GLU F 183 27.76 82.53 -3.88
CA GLU F 183 29.17 82.10 -3.90
C GLU F 183 30.06 83.11 -3.18
N THR F 184 29.49 83.74 -2.16
CA THR F 184 30.24 84.71 -1.36
C THR F 184 31.36 84.03 -0.59
N SER F 185 31.02 83.10 0.29
CA SER F 185 32.03 82.37 1.06
C SER F 185 31.38 81.11 1.63
N THR F 186 31.86 79.94 1.20
CA THR F 186 31.38 78.69 1.77
C THR F 186 31.73 78.59 3.25
N ILE F 187 32.89 79.12 3.64
CA ILE F 187 33.24 79.14 5.06
C ILE F 187 32.28 80.02 5.83
N ALA F 188 31.99 81.22 5.32
CA ALA F 188 31.03 82.09 5.98
C ALA F 188 29.64 81.46 5.97
N LEU F 189 29.32 80.72 4.91
CA LEU F 189 28.05 79.99 4.88
C LEU F 189 27.98 78.97 6.00
N PHE F 190 29.07 78.22 6.20
CA PHE F 190 29.11 77.23 7.29
C PHE F 190 29.03 77.90 8.64
N LYS F 191 29.72 79.03 8.80
CA LYS F 191 29.64 79.75 10.07
C LYS F 191 28.23 80.25 10.33
N ALA F 192 27.55 80.73 9.29
CA ALA F 192 26.15 81.10 9.43
C ALA F 192 25.31 79.90 9.82
N HIS F 193 25.58 78.73 9.21
CA HIS F 193 24.87 77.52 9.58
C HIS F 193 25.01 77.22 11.06
N GLU F 194 26.24 77.24 11.57
CA GLU F 194 26.45 76.85 12.96
C GLU F 194 25.92 77.89 13.93
N VAL F 195 26.04 79.18 13.60
CA VAL F 195 25.48 80.19 14.49
C VAL F 195 23.96 80.12 14.48
N ALA F 196 23.36 79.83 13.33
CA ALA F 196 21.92 79.64 13.27
C ALA F 196 21.50 78.44 14.11
N SER F 197 22.27 77.35 14.04
CA SER F 197 21.94 76.16 14.81
C SER F 197 22.01 76.43 16.31
N LYS F 198 23.08 77.11 16.75
CA LYS F 198 23.22 77.39 18.18
C LYS F 198 22.15 78.37 18.63
N ARG F 199 21.78 79.34 17.78
CA ARG F 199 20.67 80.22 18.13
C ARG F 199 19.36 79.45 18.22
N ILE F 200 19.17 78.46 17.35
CA ILE F 200 17.97 77.61 17.42
C ILE F 200 17.93 76.91 18.76
N GLU F 201 19.05 76.31 19.17
CA GLU F 201 19.09 75.62 20.45
C GLU F 201 18.84 76.59 21.61
N GLU F 202 19.44 77.78 21.56
CA GLU F 202 19.24 78.74 22.63
C GLU F 202 17.79 79.20 22.71
N LYS F 203 17.16 79.47 21.56
CA LYS F 203 15.78 79.93 21.58
C LYS F 203 14.83 78.83 22.02
N ILE F 204 15.09 77.58 21.60
CA ILE F 204 14.19 76.49 22.00
C ILE F 204 14.33 76.20 23.48
N GLN F 205 15.56 76.28 24.03
CA GLN F 205 15.71 76.07 25.47
C GLN F 205 15.12 77.23 26.25
N GLU F 206 15.21 78.44 25.72
CA GLU F 206 14.55 79.58 26.36
C GLU F 206 13.04 79.40 26.37
N GLU F 207 12.47 78.92 25.25
CA GLU F 207 11.03 78.66 25.20
C GLU F 207 10.64 77.58 26.18
N LYS F 208 11.44 76.51 26.29
CA LYS F 208 11.16 75.46 27.25
C LYS F 208 11.20 75.98 28.67
N SER F 209 12.18 76.83 28.97
CA SER F 209 12.27 77.41 30.32
C SER F 209 11.09 78.33 30.61
N ILE F 210 10.70 79.15 29.63
CA ILE F 210 9.65 80.14 29.86
C ILE F 210 8.26 79.52 29.84
N LEU F 211 8.12 78.31 29.29
CA LEU F 211 6.81 77.65 29.28
C LEU F 211 6.34 77.32 30.70
N GLN F 212 7.26 77.19 31.66
CA GLN F 212 6.90 76.90 33.04
C GLN F 212 7.17 78.06 33.99
N ASN F 213 8.37 78.62 33.99
CA ASN F 213 8.73 79.71 34.89
C ASN F 213 9.36 80.85 34.10
N LEU F 214 9.16 82.07 34.59
CA LEU F 214 9.68 83.28 33.96
C LEU F 214 10.69 83.97 34.85
N ASP F 215 11.55 83.19 35.50
CA ASP F 215 12.56 83.72 36.42
C ASP F 215 13.89 84.00 35.74
N LEU F 216 14.29 83.19 34.76
CA LEU F 216 15.58 83.39 34.11
C LEU F 216 15.59 84.64 33.26
N ARG F 217 14.46 84.99 32.64
CA ARG F 217 14.42 86.14 31.74
C ARG F 217 14.73 87.44 32.47
N GLY F 218 14.16 87.62 33.67
CA GLY F 218 14.41 88.85 34.42
C GLY F 218 15.85 88.97 34.86
N GLN F 219 16.43 87.87 35.35
CA GLN F 219 17.83 87.88 35.75
C GLN F 219 18.73 88.17 34.57
N SER F 220 18.44 87.57 33.40
CA SER F 220 19.24 87.84 32.21
C SER F 220 19.11 89.31 31.79
N ILE F 221 17.90 89.86 31.82
CA ILE F 221 17.71 91.26 31.43
C ILE F 221 18.48 92.17 32.37
N PHE F 222 18.40 91.93 33.68
CA PHE F 222 19.14 92.75 34.63
C PHE F 222 20.64 92.53 34.57
N SER F 223 21.10 91.38 34.08
CA SER F 223 22.52 91.14 33.91
C SER F 223 23.06 91.63 32.56
N THR F 224 22.18 92.02 31.64
CA THR F 224 22.65 92.58 30.37
C THR F 224 23.45 93.85 30.58
N ILE F 225 22.97 94.74 31.45
CA ILE F 225 23.63 96.00 31.73
C ILE F 225 23.74 96.17 33.25
N HIS F 226 24.49 97.18 33.66
CA HIS F 226 24.74 97.44 35.08
C HIS F 226 24.36 98.87 35.42
N THR F 227 23.20 99.30 34.94
CA THR F 227 22.67 100.64 35.22
C THR F 227 21.16 100.50 35.41
N TYR F 228 20.71 100.61 36.67
CA TYR F 228 19.31 100.41 37.01
C TYR F 228 18.71 101.70 37.52
N GLY F 229 17.42 101.65 37.83
CA GLY F 229 16.73 102.78 38.40
C GLY F 229 15.59 102.31 39.29
N LEU F 230 15.38 103.04 40.37
CA LEU F 230 14.32 102.74 41.33
C LEU F 230 13.17 103.72 41.14
N TYR F 231 11.98 103.19 40.88
CA TYR F 231 10.79 104.01 40.66
C TYR F 231 9.83 103.79 41.82
N VAL F 232 9.42 104.89 42.45
CA VAL F 232 8.55 104.85 43.62
C VAL F 232 7.18 105.39 43.22
N ASN F 233 6.15 104.58 43.44
CA ASN F 233 4.77 104.98 43.18
C ASN F 233 4.11 105.43 44.48
N PHE F 234 4.52 106.61 44.93
CA PHE F 234 3.97 107.20 46.15
C PHE F 234 2.55 107.67 45.86
N LYS F 235 1.56 106.85 46.23
CA LYS F 235 0.16 107.20 46.00
C LYS F 235 -0.36 108.13 47.10
N ASN F 236 -0.31 107.69 48.35
CA ASN F 236 -0.79 108.50 49.47
C ASN F 236 -0.09 108.05 50.74
N PHE F 237 -0.14 108.91 51.75
CA PHE F 237 0.45 108.66 53.07
C PHE F 237 -0.67 108.77 54.09
N VAL F 238 -1.30 107.63 54.40
CA VAL F 238 -2.45 107.61 55.31
C VAL F 238 -1.92 107.79 56.73
N CYS F 239 -2.13 108.98 57.29
CA CYS F 239 -1.69 109.32 58.64
C CYS F 239 -2.28 110.67 59.00
N ASN F 240 -2.10 111.05 60.27
CA ASN F 240 -2.57 112.35 60.75
C ASN F 240 -1.74 112.69 61.98
N ILE F 241 -0.92 113.74 61.87
CA ILE F 241 -0.01 114.15 62.94
C ILE F 241 -0.25 115.58 63.38
N GLY F 242 -0.34 116.52 62.43
CA GLY F 242 -0.58 117.91 62.75
C GLY F 242 0.58 118.85 62.45
N GLU F 243 1.64 118.37 61.81
CA GLU F 243 2.77 119.22 61.45
C GLU F 243 3.25 118.85 60.05
N ASP F 244 4.02 119.74 59.46
CA ASP F 244 4.55 119.51 58.12
C ASP F 244 5.43 118.26 58.10
N ALA F 245 5.26 117.45 57.07
CA ALA F 245 5.94 116.16 56.95
C ALA F 245 6.94 116.18 55.82
N GLU F 246 8.10 115.55 56.04
CA GLU F 246 9.15 115.45 55.05
C GLU F 246 9.56 113.98 54.91
N LEU F 247 9.83 113.56 53.68
CA LEU F 247 10.20 112.19 53.39
C LEU F 247 11.71 112.10 53.18
N PHE F 248 12.31 111.00 53.65
CA PHE F 248 13.73 110.74 53.46
C PHE F 248 13.91 109.24 53.31
N MET F 249 14.12 108.79 52.08
CA MET F 249 14.34 107.38 51.78
C MET F 249 15.75 107.16 51.24
N ALA F 250 16.28 105.97 51.49
CA ALA F 250 17.62 105.62 51.04
C ALA F 250 17.70 104.10 50.91
N LEU F 251 18.89 103.59 50.59
CA LEU F 251 19.13 102.17 50.48
C LEU F 251 20.11 101.75 51.58
N TYR F 252 19.73 100.71 52.33
CA TYR F 252 20.53 100.22 53.43
C TYR F 252 20.69 98.71 53.32
N ASP F 253 21.91 98.23 53.57
CA ASP F 253 22.18 96.80 53.53
C ASP F 253 22.27 96.29 54.97
N PRO F 254 21.31 95.51 55.45
CA PRO F 254 21.38 95.03 56.84
C PRO F 254 22.62 94.18 57.12
N ASP F 255 23.04 93.37 56.15
CA ASP F 255 24.19 92.50 56.36
C ASP F 255 25.51 93.28 56.35
N GLN F 256 25.66 94.23 55.43
CA GLN F 256 26.85 95.06 55.40
C GLN F 256 26.80 96.18 56.42
N SER F 257 25.62 96.48 56.98
CA SER F 257 25.44 97.53 57.99
C SER F 257 25.91 98.88 57.47
N THR F 258 25.75 99.11 56.16
CA THR F 258 26.15 100.36 55.54
C THR F 258 25.05 100.85 54.61
N PHE F 259 24.83 102.15 54.61
CA PHE F 259 23.89 102.78 53.70
C PHE F 259 24.47 102.84 52.29
N ILE F 260 23.59 102.87 51.31
CA ILE F 260 23.99 102.87 49.89
C ILE F 260 23.64 104.18 49.23
N SER F 261 22.36 104.53 49.15
CA SER F 261 21.90 105.70 48.42
C SER F 261 21.64 106.86 49.38
N GLU F 262 21.42 108.03 48.80
CA GLU F 262 21.15 109.26 49.56
C GLU F 262 19.65 109.41 49.78
N ASN F 263 19.24 110.58 50.27
CA ASN F 263 17.85 110.85 50.61
C ASN F 263 17.31 112.02 49.81
N TYR F 264 16.02 111.96 49.50
CA TYR F 264 15.31 113.01 48.78
C TYR F 264 14.07 113.39 49.56
N LEU F 265 13.80 114.70 49.63
CA LEU F 265 12.73 115.24 50.45
C LEU F 265 11.54 115.68 49.61
N ILE F 266 10.35 115.44 50.14
CA ILE F 266 9.09 115.83 49.50
C ILE F 266 8.24 116.57 50.53
N ARG F 267 7.74 117.74 50.16
CA ARG F 267 6.87 118.50 51.06
C ARG F 267 5.54 117.78 51.22
N TRP F 268 5.12 117.59 52.48
CA TRP F 268 3.86 116.94 52.79
C TRP F 268 3.14 117.72 53.88
N GLY F 269 1.81 117.75 53.81
CA GLY F 269 1.01 118.52 54.74
C GLY F 269 0.84 117.86 56.09
N SER F 270 0.07 118.52 56.95
CA SER F 270 -0.10 118.09 58.32
C SER F 270 -1.22 117.08 58.52
N ASN F 271 -2.06 116.86 57.51
CA ASN F 271 -3.22 115.98 57.66
C ASN F 271 -3.34 115.04 56.47
N GLY F 272 -2.21 114.43 56.08
CA GLY F 272 -2.22 113.41 55.05
C GLY F 272 -2.24 113.92 53.62
N MET F 273 -2.15 115.22 53.40
CA MET F 273 -2.09 115.80 52.08
C MET F 273 -0.68 116.29 51.78
N PRO F 274 -0.34 116.46 50.50
CA PRO F 274 0.95 117.07 50.15
C PRO F 274 0.88 118.59 50.23
N LYS F 275 1.97 119.19 50.72
CA LYS F 275 2.06 120.66 50.71
C LYS F 275 2.05 121.19 49.29
N GLU F 276 2.76 120.53 48.38
CA GLU F 276 2.77 120.87 46.96
C GLU F 276 1.95 119.81 46.23
N ILE F 277 0.85 120.24 45.60
CA ILE F 277 -0.02 119.32 44.87
C ILE F 277 0.57 118.85 43.56
N GLU F 278 1.72 119.41 43.15
CA GLU F 278 2.34 118.99 41.90
C GLU F 278 2.84 117.55 42.01
N LYS F 279 3.31 117.15 43.19
CA LYS F 279 3.81 115.79 43.41
C LYS F 279 2.72 114.84 43.86
N LEU F 280 1.47 115.30 43.96
CA LEU F 280 0.38 114.42 44.37
C LEU F 280 0.15 113.31 43.35
N ASN F 281 0.18 113.64 42.07
CA ASN F 281 -0.07 112.68 41.00
C ASN F 281 1.11 112.44 40.08
N ASN F 282 1.98 113.43 39.87
CA ASN F 282 3.12 113.31 38.98
C ASN F 282 4.41 112.98 39.74
N LEU F 283 4.30 112.24 40.84
CA LEU F 283 5.47 111.89 41.66
C LEU F 283 6.25 110.80 40.94
N GLN F 284 7.17 111.20 40.08
CA GLN F 284 8.03 110.29 39.34
C GLN F 284 9.47 110.51 39.79
N ALA F 285 10.07 109.49 40.40
CA ALA F 285 11.42 109.59 40.91
C ALA F 285 12.21 108.36 40.49
N VAL F 286 13.43 108.58 40.00
CA VAL F 286 14.33 107.51 39.59
C VAL F 286 15.63 107.67 40.36
N PHE F 287 16.07 106.59 41.00
CA PHE F 287 17.29 106.58 41.81
C PHE F 287 18.32 105.71 41.07
N THR F 288 19.26 106.37 40.40
CA THR F 288 20.19 105.71 39.50
C THR F 288 21.39 105.17 40.28
N ASP F 289 22.43 104.76 39.54
CA ASP F 289 23.67 104.21 40.09
C ASP F 289 23.40 102.91 40.86
N LEU F 290 22.90 101.92 40.12
CA LEU F 290 22.74 100.56 40.63
C LEU F 290 23.26 99.58 39.58
N SER F 291 23.80 98.46 40.06
CA SER F 291 24.41 97.48 39.18
C SER F 291 24.15 96.08 39.72
N SER F 292 24.67 95.08 39.00
CA SER F 292 24.49 93.69 39.40
C SER F 292 25.14 93.42 40.75
N MET F 293 26.33 93.98 40.98
CA MET F 293 27.00 93.81 42.26
C MET F 293 26.20 94.39 43.42
N ASP F 294 25.35 95.39 43.15
CA ASP F 294 24.43 95.87 44.18
C ASP F 294 23.25 94.93 44.36
N LEU F 295 22.79 94.30 43.27
CA LEU F 295 21.67 93.36 43.37
C LEU F 295 22.11 92.02 43.94
N ILE F 296 23.40 91.71 43.87
CA ILE F 296 23.91 90.43 44.36
C ILE F 296 24.05 90.49 45.88
N ARG F 297 23.68 91.62 46.46
CA ARG F 297 23.69 91.76 47.91
C ARG F 297 22.76 90.72 48.54
N PRO F 298 23.18 90.03 49.60
CA PRO F 298 22.30 89.00 50.19
C PRO F 298 20.97 89.53 50.68
N ARG F 299 20.94 90.76 51.18
CA ARG F 299 19.71 91.38 51.66
C ARG F 299 19.66 92.82 51.18
N VAL F 300 18.78 93.10 50.23
CA VAL F 300 18.59 94.44 49.69
C VAL F 300 17.32 95.01 50.31
N SER F 301 17.47 96.12 51.03
CA SER F 301 16.34 96.75 51.71
C SER F 301 16.38 98.25 51.46
N LEU F 302 15.20 98.87 51.50
CA LEU F 302 15.05 100.31 51.34
C LEU F 302 14.67 100.91 52.69
N VAL F 303 15.50 101.83 53.18
CA VAL F 303 15.27 102.49 54.45
C VAL F 303 14.55 103.81 54.18
N CYS F 304 13.47 104.06 54.92
CA CYS F 304 12.68 105.27 54.76
C CYS F 304 12.42 105.87 56.13
N GLN F 305 13.04 107.01 56.40
CA GLN F 305 12.87 107.73 57.65
C GLN F 305 12.19 109.06 57.37
N ILE F 306 11.28 109.45 58.25
CA ILE F 306 10.48 110.65 58.08
C ILE F 306 10.73 111.60 59.26
N VAL F 307 10.99 112.86 58.94
CA VAL F 307 11.25 113.91 59.92
C VAL F 307 10.15 114.96 59.80
N ARG F 308 9.50 115.26 60.92
CA ARG F 308 8.43 116.24 60.93
C ARG F 308 9.00 117.67 60.93
N VAL F 309 8.15 118.62 60.55
CA VAL F 309 8.50 120.04 60.58
C VAL F 309 7.38 120.79 61.28
N GLY F 310 7.72 121.49 62.34
CA GLY F 310 6.74 122.24 63.09
C GLY F 310 7.20 122.45 64.52
N HIS F 311 6.25 122.38 65.45
CA HIS F 311 6.52 122.64 66.86
C HIS F 311 7.33 121.51 67.47
N MET F 312 7.93 121.81 68.63
CA MET F 312 8.72 120.81 69.34
C MET F 312 7.85 119.66 69.84
N GLU F 313 6.68 119.98 70.39
CA GLU F 313 5.78 119.00 70.98
C GLU F 313 4.43 119.03 70.28
N LEU F 314 3.83 117.86 70.14
CA LEU F 314 2.51 117.73 69.52
C LEU F 314 1.40 117.83 70.56
N LYS F 315 1.44 118.89 71.37
CA LYS F 315 0.47 119.10 72.43
C LYS F 315 0.46 120.59 72.76
N GLU F 316 -0.24 120.96 73.84
CA GLU F 316 -0.32 122.32 74.31
C GLU F 316 0.47 122.48 75.61
N GLY F 317 0.46 123.70 76.13
CA GLY F 317 1.17 123.99 77.37
C GLY F 317 2.18 125.10 77.20
N LYS F 318 2.83 125.16 76.04
CA LYS F 318 3.82 126.19 75.76
C LYS F 318 3.93 126.35 74.25
N LYS F 319 4.45 127.51 73.84
CA LYS F 319 4.60 127.83 72.43
C LYS F 319 6.00 127.50 71.96
N HIS F 320 6.11 126.91 70.77
CA HIS F 320 7.39 126.50 70.20
C HIS F 320 7.58 127.16 68.84
N THR F 321 8.84 127.32 68.46
CA THR F 321 9.17 127.96 67.20
C THR F 321 8.71 127.10 66.02
N CYS F 322 8.12 127.75 65.02
CA CYS F 322 7.66 127.07 63.81
C CYS F 322 8.77 127.09 62.76
N GLY F 323 8.98 125.94 62.14
CA GLY F 323 10.01 125.80 61.12
C GLY F 323 11.23 125.00 61.54
N LEU F 324 11.08 124.06 62.46
CA LEU F 324 12.19 123.22 62.92
C LEU F 324 11.80 121.76 62.78
N ARG F 325 12.81 120.90 62.69
CA ARG F 325 12.63 119.50 62.38
C ARG F 325 12.63 118.64 63.63
N ARG F 326 11.80 117.60 63.62
CA ARG F 326 11.76 116.60 64.69
C ARG F 326 11.59 115.23 64.03
N PRO F 327 12.54 114.31 64.19
CA PRO F 327 12.39 112.98 63.60
C PRO F 327 11.22 112.22 64.21
N PHE F 328 10.58 111.39 63.38
CA PHE F 328 9.39 110.67 63.78
C PHE F 328 9.61 109.16 63.84
N GLY F 329 10.08 108.55 62.75
CA GLY F 329 10.31 107.13 62.74
C GLY F 329 10.89 106.69 61.42
N VAL F 330 11.23 105.40 61.36
CA VAL F 330 11.86 104.80 60.19
C VAL F 330 11.05 103.58 59.76
N ALA F 331 10.77 103.48 58.46
CA ALA F 331 10.07 102.35 57.88
C ALA F 331 10.96 101.70 56.83
N VAL F 332 11.14 100.39 56.93
CA VAL F 332 12.01 99.64 56.04
C VAL F 332 11.24 98.46 55.49
N MET F 333 11.30 98.27 54.17
CA MET F 333 10.68 97.13 53.50
C MET F 333 11.73 96.34 52.75
N ASP F 334 11.53 95.03 52.68
CA ASP F 334 12.45 94.16 51.96
C ASP F 334 12.12 94.17 50.48
N ILE F 335 13.13 94.44 49.65
CA ILE F 335 12.94 94.55 48.21
C ILE F 335 13.84 93.55 47.49
N THR F 336 14.11 92.41 48.14
CA THR F 336 14.95 91.38 47.54
C THR F 336 14.33 90.84 46.26
N ASP F 337 13.13 90.25 46.37
CA ASP F 337 12.46 89.71 45.20
C ASP F 337 11.87 90.80 44.31
N ILE F 338 11.64 91.99 44.84
CA ILE F 338 11.07 93.08 44.03
C ILE F 338 12.04 93.52 42.96
N ILE F 339 13.32 93.67 43.31
CA ILE F 339 14.32 94.14 42.35
C ILE F 339 14.72 93.08 41.33
N HIS F 340 14.22 91.85 41.47
CA HIS F 340 14.50 90.80 40.49
C HIS F 340 13.55 90.81 39.31
N GLY F 341 12.48 91.60 39.37
CA GLY F 341 11.59 91.77 38.23
C GLY F 341 10.91 90.48 37.78
N LYS F 342 10.56 89.61 38.71
CA LYS F 342 9.84 88.39 38.34
C LYS F 342 8.40 88.69 37.94
N VAL F 343 7.74 89.57 38.69
CA VAL F 343 6.37 89.98 38.41
C VAL F 343 6.34 91.49 38.26
N ASP F 344 5.79 91.97 37.15
CA ASP F 344 5.66 93.40 36.88
C ASP F 344 4.23 93.83 37.18
N ASP F 345 4.03 94.47 38.33
CA ASP F 345 2.71 94.94 38.75
C ASP F 345 2.86 96.38 39.27
N GLU F 346 2.73 97.34 38.36
CA GLU F 346 2.81 98.74 38.76
C GLU F 346 1.56 99.24 39.45
N GLU F 347 0.42 98.57 39.25
CA GLU F 347 -0.81 98.98 39.91
C GLU F 347 -0.84 98.56 41.38
N LYS F 348 -0.23 97.42 41.72
CA LYS F 348 -0.23 96.94 43.09
C LYS F 348 0.57 97.90 43.98
N GLN F 349 -0.02 98.27 45.12
CA GLN F 349 0.62 99.17 46.08
C GLN F 349 0.70 98.44 47.41
N HIS F 350 1.88 97.91 47.72
CA HIS F 350 2.08 97.14 48.94
C HIS F 350 2.19 98.09 50.14
N PHE F 351 1.32 97.89 51.12
CA PHE F 351 1.37 98.69 52.34
C PHE F 351 2.52 98.23 53.22
N ILE F 352 3.35 99.18 53.64
CA ILE F 352 4.53 98.92 54.45
C ILE F 352 4.21 99.34 55.90
N PRO F 353 4.24 98.42 56.85
CA PRO F 353 4.07 98.82 58.26
C PRO F 353 5.15 99.79 58.69
N PHE F 354 4.77 100.76 59.52
CA PHE F 354 5.67 101.84 59.93
C PHE F 354 5.89 101.77 61.43
N GLN F 355 7.16 101.84 61.83
CA GLN F 355 7.56 101.85 63.23
C GLN F 355 8.17 103.20 63.58
N GLN F 356 7.80 103.75 64.73
CA GLN F 356 8.27 105.06 65.16
C GLN F 356 8.70 104.97 66.62
N ILE F 357 9.10 106.11 67.17
CA ILE F 357 9.43 106.20 68.59
C ILE F 357 8.14 106.38 69.39
N ALA F 358 8.21 106.03 70.68
CA ALA F 358 7.04 106.11 71.54
C ALA F 358 6.52 107.54 71.64
N MET F 359 5.20 107.68 71.51
CA MET F 359 4.55 108.99 71.61
C MET F 359 3.31 109.00 72.48
N GLU F 360 2.84 107.85 72.97
CA GLU F 360 1.64 107.76 73.77
C GLU F 360 1.93 107.07 75.09
N THR F 361 1.32 107.56 76.16
CA THR F 361 1.49 107.01 77.51
C THR F 361 0.12 106.80 78.16
N TYR F 362 -0.79 106.17 77.41
CA TYR F 362 -2.17 105.97 77.85
C TYR F 362 -2.41 104.57 78.41
N ILE F 363 -1.69 103.57 77.93
CA ILE F 363 -1.89 102.20 78.38
C ILE F 363 -0.67 101.64 79.12
N ARG F 364 0.54 102.10 78.79
CA ARG F 364 1.74 101.50 79.35
C ARG F 364 1.91 101.79 80.84
N GLN F 365 1.49 102.97 81.30
CA GLN F 365 1.77 103.39 82.67
C GLN F 365 0.54 103.61 83.53
N ARG F 366 -0.65 103.72 82.94
CA ARG F 366 -1.84 104.08 83.72
C ARG F 366 -2.19 103.00 84.76
N GLN F 367 -2.10 101.73 84.37
CA GLN F 367 -2.52 100.62 85.22
C GLN F 367 -1.29 99.84 85.69
N LEU F 368 -0.85 100.13 86.92
CA LEU F 368 0.22 99.38 87.58
C LEU F 368 -0.10 99.34 89.07
N ILE F 369 -0.42 98.16 89.58
CA ILE F 369 -0.91 98.00 90.95
C ILE F 369 0.07 97.13 91.72
N MET F 370 -0.03 97.20 93.04
CA MET F 370 0.68 96.41 94.05
C MET F 370 2.14 96.81 94.22
N SER F 371 2.67 97.69 93.36
CA SER F 371 4.04 98.15 93.52
C SER F 371 4.28 99.43 92.73
N PRO F 372 3.68 100.56 93.12
CA PRO F 372 3.90 101.81 92.37
C PRO F 372 5.24 102.44 92.71
N LEU F 373 6.21 102.29 91.80
CA LEU F 373 7.53 102.92 91.95
C LEU F 373 8.06 103.18 90.54
N ILE F 374 7.82 104.38 90.04
CA ILE F 374 8.23 104.77 88.70
C ILE F 374 8.97 106.11 88.79
N THR F 375 10.25 106.09 88.38
CA THR F 375 11.07 107.30 88.31
C THR F 375 11.84 107.22 86.98
N SER F 376 11.26 107.79 85.94
CA SER F 376 11.86 107.75 84.60
C SER F 376 11.42 108.97 83.83
N HIS F 377 11.93 109.10 82.61
CA HIS F 377 11.62 110.20 81.71
C HIS F 377 10.90 109.66 80.47
N VAL F 378 10.64 110.55 79.52
CA VAL F 378 9.96 110.20 78.28
C VAL F 378 11.00 110.18 77.16
N ILE F 379 11.02 109.08 76.41
CA ILE F 379 11.97 108.89 75.32
C ILE F 379 11.28 109.39 74.06
N GLY F 380 11.60 110.62 73.67
CA GLY F 380 11.03 111.20 72.46
C GLY F 380 11.92 110.97 71.25
N GLU F 381 13.20 111.34 71.36
CA GLU F 381 14.16 111.12 70.30
C GLU F 381 15.47 110.57 70.84
N ASN F 382 15.40 109.75 71.88
CA ASN F 382 16.58 109.19 72.54
C ASN F 382 16.85 107.75 72.11
N GLU F 383 16.54 107.41 70.86
CA GLU F 383 16.76 106.06 70.34
C GLU F 383 17.91 106.09 69.36
N PRO F 384 19.02 105.39 69.63
CA PRO F 384 20.09 105.29 68.64
C PRO F 384 19.59 104.64 67.36
N LEU F 385 20.07 105.16 66.23
CA LEU F 385 19.56 104.73 64.92
C LEU F 385 20.00 103.33 64.54
N THR F 386 21.22 102.93 64.91
CA THR F 386 21.71 101.62 64.49
C THR F 386 20.86 100.49 65.06
N SER F 387 20.65 100.49 66.38
CA SER F 387 19.91 99.42 67.02
C SER F 387 18.44 99.42 66.58
N VAL F 388 17.84 100.60 66.50
CA VAL F 388 16.44 100.68 66.08
C VAL F 388 16.28 100.19 64.64
N LEU F 389 17.19 100.60 63.75
CA LEU F 389 17.13 100.15 62.36
C LEU F 389 17.30 98.64 62.27
N ASN F 390 18.25 98.08 63.02
CA ASN F 390 18.44 96.63 63.00
C ASN F 390 17.22 95.89 63.52
N LYS F 391 16.61 96.41 64.59
CA LYS F 391 15.41 95.78 65.14
C LYS F 391 14.24 95.85 64.16
N VAL F 392 14.07 96.99 63.50
CA VAL F 392 12.98 97.14 62.54
C VAL F 392 13.18 96.20 61.35
N ILE F 393 14.42 96.09 60.86
CA ILE F 393 14.69 95.18 59.74
C ILE F 393 14.45 93.74 60.16
N ALA F 394 14.91 93.38 61.37
CA ALA F 394 14.70 92.02 61.86
C ALA F 394 13.23 91.73 62.13
N ALA F 395 12.46 92.75 62.49
CA ALA F 395 11.04 92.56 62.77
C ALA F 395 10.28 92.21 61.49
N LYS F 396 9.27 91.36 61.62
CA LYS F 396 8.46 90.93 60.49
C LYS F 396 7.13 91.66 60.38
N GLU F 397 6.59 92.16 61.49
CA GLU F 397 5.33 92.89 61.46
C GLU F 397 5.37 93.98 62.51
N VAL F 398 4.81 95.14 62.16
CA VAL F 398 4.78 96.30 63.04
C VAL F 398 3.32 96.72 63.23
N ASN F 399 2.92 96.93 64.49
CA ASN F 399 1.57 97.38 64.82
C ASN F 399 1.51 98.89 64.59
N HIS F 400 1.37 99.26 63.31
CA HIS F 400 1.35 100.66 62.92
C HIS F 400 0.06 101.37 63.30
N LYS F 401 -1.01 100.63 63.60
CA LYS F 401 -2.30 101.22 64.00
C LYS F 401 -2.83 102.18 62.94
N GLY F 402 -2.67 101.81 61.67
CA GLY F 402 -3.21 102.61 60.58
C GLY F 402 -2.30 103.71 60.09
N GLN F 403 -0.98 103.51 60.15
CA GLN F 403 -0.02 104.48 59.65
C GLN F 403 0.87 103.82 58.60
N GLY F 404 1.13 104.54 57.53
CA GLY F 404 1.97 104.03 56.46
C GLY F 404 1.68 104.77 55.16
N LEU F 405 2.21 104.19 54.07
CA LEU F 405 2.04 104.77 52.74
C LEU F 405 2.05 103.66 51.72
N TRP F 406 1.52 103.96 50.54
CA TRP F 406 1.42 103.02 49.44
C TRP F 406 2.49 103.34 48.41
N VAL F 407 3.44 102.41 48.23
CA VAL F 407 4.54 102.57 47.28
C VAL F 407 4.81 101.23 46.62
N SER F 408 5.21 101.29 45.35
CA SER F 408 5.61 100.11 44.59
C SER F 408 6.95 100.40 43.92
N LEU F 409 7.87 99.46 43.99
CA LEU F 409 9.22 99.62 43.46
C LEU F 409 9.31 98.94 42.10
N LYS F 410 9.70 99.71 41.09
CA LYS F 410 9.87 99.21 39.73
C LYS F 410 11.29 99.47 39.26
N LEU F 411 11.92 98.45 38.69
CA LEU F 411 13.29 98.52 38.22
C LEU F 411 13.31 98.70 36.71
N LEU F 412 13.81 99.85 36.25
CA LEU F 412 13.92 100.13 34.83
C LEU F 412 15.40 100.12 34.44
N PRO F 413 15.88 99.10 33.73
CA PRO F 413 17.29 99.07 33.36
C PRO F 413 17.65 100.21 32.41
N GLY F 414 18.89 100.65 32.52
CA GLY F 414 19.42 101.71 31.68
C GLY F 414 19.56 103.02 32.43
N ASP F 415 19.74 104.09 31.65
CA ASP F 415 19.93 105.42 32.21
C ASP F 415 18.92 106.40 31.64
N LEU F 416 19.11 107.70 31.91
CA LEU F 416 18.15 108.72 31.53
C LEU F 416 18.04 108.91 30.02
N THR F 417 18.96 108.33 29.24
CA THR F 417 18.93 108.52 27.80
C THR F 417 17.66 107.93 27.17
N GLN F 418 17.24 106.76 27.64
CA GLN F 418 16.10 106.07 27.05
C GLN F 418 14.88 105.97 27.95
N VAL F 419 15.06 106.03 29.28
CA VAL F 419 13.92 105.93 30.17
C VAL F 419 13.02 107.15 30.09
N GLN F 420 13.54 108.28 29.59
CA GLN F 420 12.73 109.47 29.39
C GLN F 420 12.02 109.49 28.04
N LYS F 421 12.30 108.51 27.18
CA LYS F 421 11.65 108.38 25.89
C LYS F 421 10.81 107.11 25.78
N ASN F 422 11.40 105.95 26.11
CA ASN F 422 10.68 104.68 26.06
C ASN F 422 9.87 104.40 27.31
N PHE F 423 10.28 104.93 28.45
CA PHE F 423 9.58 104.76 29.72
C PHE F 423 8.94 106.07 30.18
N SER F 424 8.39 106.83 29.24
CA SER F 424 7.81 108.13 29.58
C SER F 424 6.63 107.99 30.54
N HIS F 425 5.93 106.86 30.47
CA HIS F 425 4.80 106.63 31.38
C HIS F 425 5.26 106.51 32.83
N LEU F 426 6.48 106.03 33.07
CA LEU F 426 7.03 105.95 34.42
C LEU F 426 8.05 107.03 34.73
N VAL F 427 8.83 107.47 33.75
CA VAL F 427 9.86 108.48 33.93
C VAL F 427 9.52 109.65 33.02
N ASP F 428 9.10 110.76 33.62
CA ASP F 428 8.77 111.96 32.87
C ASP F 428 9.98 112.90 32.81
N ARG F 429 9.78 114.07 32.19
CA ARG F 429 10.87 115.03 32.08
C ARG F 429 11.26 115.59 33.43
N SER F 430 10.28 115.83 34.31
CA SER F 430 10.53 116.39 35.62
C SER F 430 10.90 115.33 36.65
N THR F 431 11.31 114.13 36.21
CA THR F 431 11.67 113.07 37.14
C THR F 431 12.96 113.42 37.88
N ALA F 432 12.94 113.28 39.20
CA ALA F 432 14.14 113.53 40.00
C ALA F 432 15.15 112.41 39.79
N ILE F 433 16.43 112.77 39.76
CA ILE F 433 17.52 111.84 39.57
C ILE F 433 18.43 111.88 40.79
N ALA F 434 18.70 110.72 41.36
CA ALA F 434 19.55 110.60 42.54
C ALA F 434 20.83 109.87 42.17
N ARG F 435 21.96 110.38 42.64
CA ARG F 435 23.28 109.81 42.37
C ARG F 435 23.79 109.14 43.65
N LYS F 436 23.93 107.83 43.60
CA LYS F 436 24.42 107.07 44.75
C LYS F 436 25.89 107.40 45.02
N MET F 437 26.24 107.45 46.31
CA MET F 437 27.61 107.74 46.73
C MET F 437 28.45 106.48 46.54
N GLY F 438 28.70 106.15 45.27
CA GLY F 438 29.51 104.99 44.95
C GLY F 438 30.12 105.07 43.56
N PHE F 439 31.28 104.45 43.38
CA PHE F 439 31.93 104.47 42.10
C PHE F 439 31.12 103.69 41.07
N PRO F 440 30.96 104.20 39.85
CA PRO F 440 30.16 103.50 38.85
C PRO F 440 30.84 102.22 38.38
N GLU F 441 30.01 101.30 37.88
CA GLU F 441 30.48 100.07 37.28
C GLU F 441 30.78 100.23 35.79
N ILE F 442 29.84 100.78 35.03
CA ILE F 442 30.06 101.10 33.62
C ILE F 442 30.65 102.51 33.60
N ILE F 443 31.98 102.59 33.67
CA ILE F 443 32.66 103.88 33.79
C ILE F 443 32.87 104.39 32.37
N LEU F 444 31.85 105.05 31.84
CA LEU F 444 31.82 105.65 30.51
C LEU F 444 32.48 107.04 30.54
N PRO F 445 33.01 107.49 29.41
CA PRO F 445 33.57 108.84 29.36
C PRO F 445 32.49 109.89 29.54
N GLY F 446 32.87 111.02 30.12
CA GLY F 446 31.93 112.10 30.33
C GLY F 446 30.93 111.87 31.44
N ASP F 447 31.21 110.95 32.36
CA ASP F 447 30.34 110.70 33.50
C ASP F 447 30.50 111.86 34.48
N VAL F 448 29.77 112.95 34.20
CA VAL F 448 29.92 114.18 34.97
C VAL F 448 29.27 114.00 36.34
N ARG F 449 30.03 114.27 37.39
CA ARG F 449 29.51 114.23 38.76
C ARG F 449 30.40 115.13 39.61
N ASN F 450 29.85 116.26 40.06
CA ASN F 450 30.56 117.20 40.91
C ASN F 450 29.88 117.30 42.27
N ASP F 451 29.46 116.16 42.81
CA ASP F 451 28.75 116.13 44.07
C ASP F 451 29.71 115.87 45.22
N ILE F 452 29.65 116.72 46.24
CA ILE F 452 30.46 116.57 47.44
C ILE F 452 29.51 116.14 48.55
N TYR F 453 29.67 114.91 49.03
CA TYR F 453 28.78 114.36 50.04
C TYR F 453 29.44 114.44 51.41
N VAL F 454 28.73 115.06 52.36
CA VAL F 454 29.15 115.12 53.75
C VAL F 454 28.05 114.49 54.59
N THR F 455 28.42 113.52 55.42
CA THR F 455 27.47 112.73 56.20
C THR F 455 27.75 112.88 57.68
N LEU F 456 26.69 113.10 58.46
CA LEU F 456 26.79 113.18 59.91
C LEU F 456 26.26 111.87 60.49
N ILE F 457 27.04 111.25 61.38
CA ILE F 457 26.68 109.95 61.92
C ILE F 457 26.42 110.06 63.42
N HIS F 458 27.42 110.47 64.18
CA HIS F 458 27.30 110.52 65.62
C HIS F 458 28.19 111.62 66.17
N GLY F 459 27.91 112.02 67.42
CA GLY F 459 28.70 113.05 68.07
C GLY F 459 28.43 113.13 69.57
N GLU F 460 29.50 113.21 70.35
CA GLU F 460 29.38 113.29 71.80
C GLU F 460 28.94 114.69 72.23
N PHE F 461 27.95 114.75 73.11
CA PHE F 461 27.44 116.02 73.64
C PHE F 461 27.17 115.82 75.13
N ASP F 462 28.02 116.40 75.97
CA ASP F 462 27.89 116.27 77.40
C ASP F 462 26.71 117.09 77.92
N LYS F 463 26.27 116.75 79.13
CA LYS F 463 25.20 117.52 79.76
C LYS F 463 25.64 118.96 80.03
N GLY F 464 26.88 119.13 80.48
CA GLY F 464 27.40 120.46 80.75
C GLY F 464 27.02 120.98 82.12
N LYS F 465 26.80 122.30 82.22
CA LYS F 465 26.42 122.90 83.49
C LYS F 465 25.08 122.36 83.97
N LYS F 466 24.12 122.25 83.05
CA LYS F 466 22.81 121.70 83.39
C LYS F 466 22.77 120.21 83.13
N LYS F 467 21.82 119.52 83.77
CA LYS F 467 21.65 118.10 83.55
C LYS F 467 21.11 117.79 82.15
N THR F 468 20.55 118.78 81.46
CA THR F 468 20.05 118.59 80.11
C THR F 468 21.16 118.92 79.11
N PRO F 469 21.55 117.99 78.24
CA PRO F 469 22.54 118.32 77.20
C PRO F 469 22.03 119.42 76.28
N LYS F 470 22.97 120.22 75.79
CA LYS F 470 22.62 121.37 74.97
C LYS F 470 21.95 120.92 73.67
N ASN F 471 20.96 121.71 73.24
CA ASN F 471 20.25 121.45 71.99
C ASN F 471 21.16 121.87 70.84
N VAL F 472 21.49 120.93 69.97
CA VAL F 472 22.47 121.14 68.91
C VAL F 472 21.78 121.03 67.56
N GLU F 473 21.90 122.08 66.75
CA GLU F 473 21.49 122.06 65.35
C GLU F 473 22.69 122.50 64.52
N VAL F 474 23.01 121.74 63.48
CA VAL F 474 24.17 122.04 62.64
C VAL F 474 23.75 123.12 61.65
N THR F 475 23.93 124.38 62.04
CA THR F 475 23.62 125.52 61.19
C THR F 475 24.84 125.76 60.29
N MET F 476 24.88 125.04 59.18
CA MET F 476 26.02 125.07 58.27
C MET F 476 25.72 125.98 57.08
N SER F 477 26.79 126.53 56.50
CA SER F 477 26.67 127.38 55.33
C SER F 477 27.94 127.25 54.50
N VAL F 478 27.84 127.66 53.24
CA VAL F 478 28.96 127.60 52.30
C VAL F 478 29.64 128.95 52.27
N HIS F 479 30.97 128.96 52.40
CA HIS F 479 31.76 130.18 52.38
C HIS F 479 32.94 130.00 51.45
N ASP F 480 33.35 131.10 50.82
CA ASP F 480 34.50 131.11 49.93
C ASP F 480 35.76 131.45 50.73
N GLU F 481 36.86 131.75 50.02
CA GLU F 481 38.10 132.11 50.69
C GLU F 481 37.97 133.38 51.52
N GLU F 482 37.03 134.26 51.18
CA GLU F 482 36.78 135.47 51.96
C GLU F 482 35.58 135.34 52.89
N GLY F 483 35.05 134.13 53.06
CA GLY F 483 33.93 133.91 53.95
C GLY F 483 32.63 134.57 53.51
N LYS F 484 32.30 134.47 52.22
CA LYS F 484 31.07 135.03 51.68
C LYS F 484 30.08 133.91 51.41
N LEU F 485 28.85 134.08 51.88
CA LEU F 485 27.84 133.04 51.75
C LEU F 485 27.40 132.88 50.30
N LEU F 486 27.37 131.64 49.83
CA LEU F 486 26.92 131.31 48.49
C LEU F 486 25.49 130.77 48.54
N GLU F 487 24.74 131.00 47.46
CA GLU F 487 23.34 130.64 47.39
C GLU F 487 23.16 129.36 46.56
N LYS F 488 22.24 128.51 47.02
CA LYS F 488 21.88 127.27 46.32
C LYS F 488 23.10 126.38 46.11
N ALA F 489 23.76 126.03 47.21
CA ALA F 489 24.93 125.15 47.16
C ALA F 489 24.75 123.87 47.96
N ILE F 490 23.76 123.79 48.83
CA ILE F 490 23.49 122.60 49.64
C ILE F 490 22.20 121.99 49.14
N HIS F 491 22.25 120.70 48.77
CA HIS F 491 21.11 119.98 48.21
C HIS F 491 20.85 118.74 49.06
N PRO F 492 20.05 118.86 50.12
CA PRO F 492 19.75 117.66 50.93
C PRO F 492 19.05 116.57 50.14
N GLY F 493 18.20 116.92 49.18
CA GLY F 493 17.53 115.96 48.34
C GLY F 493 17.98 116.10 46.89
N ALA F 494 18.18 114.96 46.24
CA ALA F 494 18.62 114.94 44.85
C ALA F 494 17.42 115.20 43.94
N GLY F 495 17.52 116.22 43.10
CA GLY F 495 16.43 116.63 42.23
C GLY F 495 15.64 117.82 42.73
N TYR F 496 15.88 118.26 43.96
CA TYR F 496 15.19 119.41 44.53
C TYR F 496 16.13 120.61 44.57
N GLU F 497 15.53 121.80 44.56
CA GLU F 497 16.30 123.03 44.53
C GLU F 497 17.12 123.18 45.81
N GLY F 498 18.34 123.71 45.67
CA GLY F 498 19.22 123.86 46.80
C GLY F 498 18.81 125.01 47.72
N ILE F 499 19.45 125.03 48.89
CA ILE F 499 19.19 126.05 49.91
C ILE F 499 20.52 126.68 50.31
N SER F 500 20.49 127.99 50.53
CA SER F 500 21.72 128.69 50.92
C SER F 500 22.22 128.22 52.28
N GLU F 501 21.32 128.01 53.24
CA GLU F 501 21.68 127.57 54.58
C GLU F 501 20.88 126.33 54.93
N TYR F 502 21.53 125.37 55.57
CA TYR F 502 20.92 124.10 55.92
C TYR F 502 21.15 123.81 57.40
N LYS F 503 20.10 123.41 58.10
CA LYS F 503 20.17 123.01 59.49
C LYS F 503 19.95 121.50 59.62
N SER F 504 20.32 120.96 60.77
CA SER F 504 20.25 119.53 61.02
C SER F 504 19.00 119.21 61.85
N VAL F 505 18.84 117.92 62.15
CA VAL F 505 17.71 117.44 62.94
C VAL F 505 17.99 117.68 64.41
N VAL F 506 16.96 117.55 65.25
CA VAL F 506 17.06 117.82 66.68
C VAL F 506 16.73 116.56 67.45
N TYR F 507 17.53 116.26 68.47
CA TYR F 507 17.32 115.12 69.33
C TYR F 507 16.98 115.56 70.75
N TYR F 508 16.29 114.69 71.46
CA TYR F 508 15.76 115.01 72.79
C TYR F 508 16.84 114.78 73.86
N GLN F 509 17.88 115.60 73.79
CA GLN F 509 18.95 115.66 74.79
C GLN F 509 19.59 114.28 74.97
N VAL F 510 20.20 113.82 73.89
CA VAL F 510 20.83 112.49 73.84
C VAL F 510 22.33 112.67 74.05
N LYS F 511 22.89 111.83 74.92
CA LYS F 511 24.33 111.88 75.18
C LYS F 511 25.12 111.52 73.92
N GLN F 512 24.72 110.46 73.23
CA GLN F 512 25.39 110.00 72.02
C GLN F 512 24.33 109.74 70.94
N PRO F 513 23.74 110.78 70.37
CA PRO F 513 22.73 110.59 69.33
C PRO F 513 23.35 110.13 68.02
N CYS F 514 22.53 109.43 67.23
CA CYS F 514 22.91 108.96 65.91
C CYS F 514 22.13 109.74 64.86
N TRP F 515 22.84 110.30 63.89
CA TRP F 515 22.23 111.16 62.88
C TRP F 515 21.90 110.43 61.58
N TYR F 516 22.89 109.78 60.97
CA TYR F 516 22.73 109.18 59.64
C TYR F 516 22.21 110.20 58.63
N GLU F 517 22.71 111.43 58.73
CA GLU F 517 22.23 112.54 57.92
C GLU F 517 23.21 112.77 56.78
N THR F 518 22.76 112.53 55.55
CA THR F 518 23.58 112.69 54.36
C THR F 518 23.05 113.84 53.52
N VAL F 519 23.93 114.78 53.19
CA VAL F 519 23.59 115.92 52.37
C VAL F 519 24.64 116.08 51.28
N LYS F 520 24.27 116.78 50.21
CA LYS F 520 25.12 116.96 49.05
C LYS F 520 25.43 118.44 48.85
N VAL F 521 26.68 118.72 48.53
CA VAL F 521 27.16 120.08 48.29
C VAL F 521 27.70 120.16 46.87
N SER F 522 27.25 121.16 46.11
CA SER F 522 27.67 121.36 44.73
C SER F 522 28.29 122.74 44.62
N ILE F 523 29.58 122.79 44.26
CA ILE F 523 30.30 124.04 44.05
C ILE F 523 31.01 123.96 42.71
N ALA F 524 31.34 125.13 42.16
CA ALA F 524 32.08 125.18 40.91
C ALA F 524 33.46 124.56 41.09
N ILE F 525 33.96 123.96 40.01
CA ILE F 525 35.22 123.23 40.09
C ILE F 525 36.38 124.15 40.43
N GLU F 526 36.39 125.37 39.90
CA GLU F 526 37.39 126.35 40.31
C GLU F 526 37.09 126.96 41.67
N GLU F 527 35.80 127.17 41.98
CA GLU F 527 35.44 127.82 43.24
C GLU F 527 35.67 126.90 44.43
N VAL F 528 35.45 125.59 44.27
CA VAL F 528 35.61 124.66 45.37
C VAL F 528 37.04 124.61 45.89
N THR F 529 38.01 124.96 45.04
CA THR F 529 39.41 125.01 45.46
C THR F 529 39.69 126.14 46.45
N ARG F 530 38.74 127.06 46.64
CA ARG F 530 38.93 128.18 47.56
C ARG F 530 37.69 128.41 48.42
N CYS F 531 37.04 127.34 48.85
CA CYS F 531 35.85 127.42 49.68
C CYS F 531 36.08 126.79 51.05
N HIS F 532 35.28 127.20 52.02
CA HIS F 532 35.35 126.68 53.37
C HIS F 532 33.94 126.47 53.89
N ILE F 533 33.79 125.49 54.79
CA ILE F 533 32.50 125.12 55.35
C ILE F 533 32.58 125.23 56.86
N ARG F 534 31.56 125.83 57.48
CA ARG F 534 31.49 125.99 58.92
C ARG F 534 30.25 125.28 59.46
N PHE F 535 30.37 124.75 60.68
CA PHE F 535 29.29 124.04 61.36
C PHE F 535 29.01 124.76 62.68
N THR F 536 28.09 125.72 62.64
CA THR F 536 27.69 126.45 63.84
C THR F 536 26.58 125.69 64.55
N PHE F 537 26.76 125.46 65.84
CA PHE F 537 25.78 124.74 66.66
C PHE F 537 25.10 125.75 67.57
N ARG F 538 23.80 125.94 67.38
CA ARG F 538 23.02 126.92 68.11
C ARG F 538 22.12 126.23 69.13
N HIS F 539 22.14 126.75 70.36
CA HIS F 539 21.28 126.23 71.41
C HIS F 539 19.84 126.68 71.17
N ARG F 540 18.90 125.75 71.25
CA ARG F 540 17.49 126.01 71.00
C ARG F 540 16.70 125.80 72.27
N SER F 541 15.88 126.77 72.63
CA SER F 541 15.07 126.73 73.84
C SER F 541 13.62 126.39 73.52
N SER F 542 12.84 126.16 74.58
CA SER F 542 11.43 125.82 74.41
C SER F 542 10.65 127.01 73.85
N GLN F 543 10.80 128.17 74.46
CA GLN F 543 10.10 129.36 74.00
C GLN F 543 10.77 129.95 72.76
N GLU F 544 9.95 130.54 71.90
CA GLU F 544 10.46 131.07 70.63
C GLU F 544 11.43 132.21 70.84
N THR F 545 11.17 133.07 71.83
CA THR F 545 12.02 134.23 72.06
C THR F 545 13.45 133.80 72.40
N ARG F 546 13.60 132.89 73.36
CA ARG F 546 14.94 132.42 73.71
C ARG F 546 15.50 131.50 72.63
N ASP F 547 14.63 130.82 71.88
CA ASP F 547 15.09 129.98 70.79
C ASP F 547 15.79 130.79 69.71
N LYS F 548 15.24 131.96 69.38
CA LYS F 548 15.81 132.81 68.34
C LYS F 548 16.84 133.78 68.86
N SER F 549 16.79 134.14 70.14
CA SER F 549 17.76 135.09 70.69
C SER F 549 19.14 134.44 70.88
N GLU F 550 19.16 133.19 71.32
CA GLU F 550 20.43 132.50 71.55
C GLU F 550 21.15 132.24 70.24
N ARG F 551 22.45 132.51 70.24
CA ARG F 551 23.30 132.32 69.07
C ARG F 551 24.04 130.99 69.18
N ALA F 552 24.98 130.76 68.26
CA ALA F 552 25.73 129.51 68.25
C ALA F 552 26.69 129.44 69.43
N PHE F 553 26.40 128.54 70.36
CA PHE F 553 27.29 128.35 71.51
C PHE F 553 28.62 127.74 71.09
N GLY F 554 28.60 126.80 70.16
CA GLY F 554 29.81 126.20 69.66
C GLY F 554 29.82 126.18 68.15
N VAL F 555 30.98 126.46 67.58
CA VAL F 555 31.16 126.55 66.13
C VAL F 555 32.22 125.56 65.70
N ALA F 556 31.87 124.72 64.72
CA ALA F 556 32.80 123.81 64.08
C ALA F 556 32.97 124.22 62.62
N PHE F 557 33.94 123.61 61.96
CA PHE F 557 34.23 123.91 60.55
C PHE F 557 35.07 122.79 59.98
N VAL F 558 35.05 122.69 58.65
CA VAL F 558 35.82 121.67 57.93
C VAL F 558 36.42 122.32 56.70
N LYS F 559 37.69 122.02 56.44
CA LYS F 559 38.40 122.55 55.29
C LYS F 559 38.19 121.65 54.07
N LEU F 560 37.96 122.29 52.92
CA LEU F 560 37.74 121.57 51.67
C LEU F 560 39.03 121.36 50.89
N MET F 561 40.13 121.95 51.33
CA MET F 561 41.42 121.81 50.65
C MET F 561 42.48 121.50 51.69
N ASN F 562 43.71 121.30 51.20
CA ASN F 562 44.87 121.06 52.05
C ASN F 562 45.99 121.99 51.59
N PRO F 563 46.88 122.38 52.50
CA PRO F 563 48.01 123.25 52.10
C PRO F 563 48.92 122.61 51.07
N ASP F 564 49.07 121.28 51.10
CA ASP F 564 49.96 120.60 50.17
C ASP F 564 49.33 120.39 48.79
N GLY F 565 48.01 120.55 48.68
CA GLY F 565 47.35 120.41 47.39
C GLY F 565 46.25 119.37 47.37
N THR F 566 46.24 118.49 48.37
CA THR F 566 45.24 117.44 48.43
C THR F 566 43.89 117.99 48.88
N THR F 567 42.89 117.12 48.86
CA THR F 567 41.57 117.40 49.39
C THR F 567 41.30 116.52 50.61
N LEU F 568 40.12 116.70 51.20
CA LEU F 568 39.75 115.94 52.38
C LEU F 568 39.61 114.46 52.03
N GLN F 569 40.44 113.63 52.67
CA GLN F 569 40.44 112.20 52.40
C GLN F 569 39.11 111.58 52.83
N ASP F 570 38.65 110.62 52.03
CA ASP F 570 37.43 109.90 52.39
C ASP F 570 37.68 108.97 53.57
N GLY F 571 36.64 108.75 54.37
CA GLY F 571 36.71 107.90 55.53
C GLY F 571 36.06 108.56 56.73
N ARG F 572 36.17 107.88 57.87
CA ARG F 572 35.60 108.37 59.12
C ARG F 572 36.49 109.46 59.70
N HIS F 573 35.92 110.65 59.90
CA HIS F 573 36.65 111.78 60.44
C HIS F 573 35.87 112.35 61.61
N ASP F 574 36.58 112.62 62.71
CA ASP F 574 35.94 113.18 63.89
C ASP F 574 36.08 114.71 63.89
N LEU F 575 35.21 115.36 64.66
CA LEU F 575 35.21 116.81 64.78
C LEU F 575 35.28 117.21 66.25
N VAL F 576 35.89 118.37 66.50
CA VAL F 576 35.98 118.97 67.82
C VAL F 576 35.37 120.36 67.76
N VAL F 577 34.40 120.62 68.64
CA VAL F 577 33.69 121.88 68.66
C VAL F 577 34.33 122.80 69.70
N TYR F 578 34.36 124.09 69.40
CA TYR F 578 34.96 125.10 70.27
C TYR F 578 33.89 126.07 70.74
N LYS F 579 33.89 126.35 72.04
CA LYS F 579 32.92 127.27 72.63
C LYS F 579 33.64 128.39 73.37
N GLY F 580 32.88 129.24 74.04
CA GLY F 580 33.47 130.35 74.77
C GLY F 580 33.53 131.62 73.96
N ASP F 581 34.70 131.90 73.39
CA ASP F 581 34.87 133.10 72.58
C ASP F 581 33.98 133.05 71.34
N ASN F 582 33.40 134.20 70.99
CA ASN F 582 32.50 134.31 69.86
C ASN F 582 33.04 135.21 68.75
N LYS F 583 34.13 135.94 69.00
CA LYS F 583 34.68 136.85 68.01
C LYS F 583 35.80 136.25 67.18
N LYS F 584 36.59 135.33 67.75
CA LYS F 584 37.67 134.70 67.01
C LYS F 584 37.17 133.71 65.97
N MET F 585 35.92 133.25 66.06
CA MET F 585 35.37 132.29 65.12
C MET F 585 34.41 132.94 64.13
N GLU F 586 34.33 134.27 64.14
CA GLU F 586 33.47 135.00 63.22
C GLU F 586 34.22 135.70 62.10
N ASP F 587 35.39 136.27 62.38
CA ASP F 587 36.22 136.89 61.35
C ASP F 587 36.73 135.81 60.40
N ALA F 588 36.38 135.92 59.11
CA ALA F 588 36.67 134.85 58.16
C ALA F 588 38.17 134.63 58.01
N LYS F 589 38.96 135.70 57.99
CA LYS F 589 40.39 135.58 57.74
C LYS F 589 41.13 134.89 58.88
N PHE F 590 40.51 134.76 60.05
CA PHE F 590 41.19 134.20 61.21
C PHE F 590 41.13 132.68 61.25
N TYR F 591 39.93 132.11 61.22
CA TYR F 591 39.76 130.67 61.40
C TYR F 591 40.07 129.86 60.15
N LEU F 592 40.74 130.45 59.16
CA LEU F 592 41.14 129.67 57.98
C LEU F 592 42.20 128.65 58.33
N THR F 593 43.02 128.91 59.35
CA THR F 593 44.10 128.03 59.76
C THR F 593 43.89 127.50 61.17
N LEU F 594 42.63 127.30 61.58
CA LEU F 594 42.36 126.75 62.89
C LEU F 594 41.99 125.27 62.78
N PRO F 595 42.21 124.48 63.84
CA PRO F 595 41.90 123.05 63.78
C PRO F 595 40.40 122.82 63.64
N GLY F 596 40.01 122.15 62.55
CA GLY F 596 38.62 121.81 62.32
C GLY F 596 38.41 120.37 61.87
N THR F 597 39.50 119.68 61.54
CA THR F 597 39.45 118.30 61.10
C THR F 597 40.53 117.50 61.81
N LYS F 598 40.32 116.19 61.88
CA LYS F 598 41.15 115.34 62.73
C LYS F 598 42.60 115.30 62.25
N MET F 599 42.82 115.07 60.96
CA MET F 599 44.19 114.93 60.46
C MET F 599 44.99 116.22 60.61
N GLU F 600 44.40 117.35 60.22
CA GLU F 600 45.11 118.61 60.34
C GLU F 600 45.29 119.00 61.80
N MET F 601 44.31 118.72 62.65
CA MET F 601 44.47 119.00 64.07
C MET F 601 45.59 118.19 64.69
N GLU F 602 45.68 116.90 64.34
CA GLU F 602 46.72 116.07 64.94
C GLU F 602 48.09 116.44 64.39
N GLU F 603 48.19 116.80 63.10
CA GLU F 603 49.49 117.24 62.60
C GLU F 603 49.90 118.58 63.22
N LYS F 604 48.94 119.48 63.44
CA LYS F 604 49.25 120.74 64.11
C LYS F 604 49.71 120.51 65.55
N GLU F 605 49.06 119.58 66.27
CA GLU F 605 49.49 119.34 67.64
C GLU F 605 50.83 118.62 67.69
N LEU F 606 51.13 117.76 66.71
CA LEU F 606 52.46 117.17 66.62
C LEU F 606 53.52 118.23 66.35
N GLN F 607 53.23 119.17 65.45
CA GLN F 607 54.16 120.26 65.18
C GLN F 607 54.37 121.12 66.42
N ALA F 608 53.29 121.37 67.17
CA ALA F 608 53.42 122.12 68.42
C ALA F 608 54.29 121.36 69.43
N SER F 609 54.10 120.04 69.51
CA SER F 609 54.92 119.24 70.42
C SER F 609 56.38 119.29 70.03
N LYS F 610 56.69 119.16 68.74
CA LYS F 610 58.09 119.23 68.32
C LYS F 610 58.61 120.67 68.30
N ASN F 611 57.74 121.64 68.00
CA ASN F 611 58.14 123.05 67.94
C ASN F 611 56.97 123.89 68.42
N LEU F 612 57.03 124.34 69.67
CA LEU F 612 55.96 125.14 70.27
C LEU F 612 56.13 126.63 69.95
N VAL F 613 56.22 126.94 68.67
CA VAL F 613 56.39 128.32 68.20
C VAL F 613 55.31 128.62 67.19
N THR F 614 54.55 129.70 67.42
CA THR F 614 53.50 130.19 66.53
C THR F 614 52.37 129.17 66.34
N PHE F 615 52.41 128.06 67.08
CA PHE F 615 51.37 127.05 67.00
C PHE F 615 51.27 126.39 68.37
N THR F 616 50.21 126.72 69.11
CA THR F 616 49.99 126.17 70.44
C THR F 616 48.55 125.66 70.53
N PRO F 617 48.32 124.59 71.30
CA PRO F 617 46.95 124.10 71.47
C PRO F 617 46.15 125.01 72.40
N SER F 618 45.03 125.52 71.89
CA SER F 618 44.18 126.40 72.67
C SER F 618 43.39 125.61 73.70
N LYS F 619 42.96 126.30 74.76
CA LYS F 619 42.21 125.69 75.84
C LYS F 619 40.70 125.92 75.71
N ASP F 620 40.26 126.45 74.57
CA ASP F 620 38.85 126.69 74.33
C ASP F 620 38.08 125.42 73.96
N SER F 621 38.78 124.32 73.74
CA SER F 621 38.13 123.06 73.40
C SER F 621 37.31 122.55 74.57
N THR F 622 36.22 121.86 74.26
CA THR F 622 35.30 121.33 75.25
C THR F 622 35.46 119.80 75.34
N LYS F 623 34.65 119.20 76.20
CA LYS F 623 34.65 117.76 76.42
C LYS F 623 33.76 117.02 75.44
N ASP F 624 33.35 117.67 74.35
CA ASP F 624 32.46 117.08 73.37
C ASP F 624 33.25 116.74 72.10
N SER F 625 32.64 115.89 71.27
CA SER F 625 33.24 115.49 70.01
C SER F 625 32.14 115.19 69.01
N PHE F 626 32.48 115.21 67.74
CA PHE F 626 31.54 114.93 66.66
C PHE F 626 32.26 114.07 65.62
N GLN F 627 31.48 113.41 64.76
CA GLN F 627 32.03 112.55 63.74
C GLN F 627 31.31 112.81 62.42
N ILE F 628 32.08 112.83 61.34
CA ILE F 628 31.52 113.01 60.00
C ILE F 628 32.06 111.92 59.08
N ALA F 629 31.29 111.60 58.06
CA ALA F 629 31.69 110.64 57.02
C ALA F 629 31.76 111.39 55.70
N THR F 630 32.92 111.34 55.05
CA THR F 630 33.17 112.05 53.81
C THR F 630 33.35 111.04 52.68
N LEU F 631 32.52 111.16 51.65
CA LEU F 631 32.63 110.34 50.43
C LEU F 631 32.30 111.26 49.26
N ILE F 632 33.33 111.89 48.70
CA ILE F 632 33.18 112.89 47.66
C ILE F 632 33.29 112.19 46.31
N CYS F 633 32.16 112.05 45.62
CA CYS F 633 32.12 111.42 44.30
C CYS F 633 32.17 112.54 43.25
N SER F 634 33.29 113.25 43.24
CA SER F 634 33.51 114.34 42.30
C SER F 634 34.52 113.91 41.24
N THR F 635 34.80 114.83 40.31
CA THR F 635 35.72 114.57 39.22
C THR F 635 36.98 115.44 39.28
N LYS F 636 37.04 116.42 40.17
CA LYS F 636 38.18 117.31 40.28
C LYS F 636 38.87 117.26 41.63
N LEU F 637 38.45 116.38 42.53
CA LEU F 637 39.10 116.25 43.82
C LEU F 637 40.41 115.48 43.68
N THR F 638 41.22 115.51 44.74
CA THR F 638 42.48 114.76 44.77
C THR F 638 42.74 114.31 46.21
N GLN F 639 42.27 113.11 46.52
CA GLN F 639 42.51 112.51 47.84
C GLN F 639 43.69 111.56 47.78
N ASN F 640 44.83 112.09 47.36
CA ASN F 640 46.04 111.28 47.24
C ASN F 640 47.25 112.20 47.18
N VAL F 641 48.15 112.08 48.16
CA VAL F 641 49.40 112.82 48.10
C VAL F 641 50.27 112.32 46.96
N ASP F 642 50.14 111.04 46.60
CA ASP F 642 50.86 110.50 45.46
C ASP F 642 50.38 111.15 44.15
N LEU F 643 49.08 111.46 44.06
CA LEU F 643 48.57 112.10 42.85
C LEU F 643 49.21 113.47 42.65
N LEU F 644 49.24 114.29 43.72
CA LEU F 644 49.89 115.60 43.59
C LEU F 644 51.39 115.45 43.37
N GLY F 645 52.02 114.47 44.03
CA GLY F 645 53.43 114.24 43.81
C GLY F 645 53.74 113.93 42.36
N LEU F 646 52.87 113.18 41.70
CA LEU F 646 52.97 113.04 40.25
C LEU F 646 52.74 114.38 39.56
N LEU F 647 51.75 115.16 40.03
CA LEU F 647 51.44 116.43 39.39
C LEU F 647 52.52 117.47 39.64
N ASN F 648 53.01 117.56 40.88
CA ASN F 648 53.97 118.61 41.22
C ASN F 648 55.30 118.03 41.71
N TRP F 649 55.84 117.04 40.97
CA TRP F 649 57.11 116.43 41.36
C TRP F 649 58.26 117.44 41.36
N ARG F 650 58.10 118.58 40.71
CA ARG F 650 59.14 119.61 40.75
C ARG F 650 59.35 120.11 42.18
N SER F 651 58.28 120.20 42.97
CA SER F 651 58.41 120.70 44.33
C SER F 651 59.00 119.65 45.27
N ASN F 652 58.67 118.38 45.06
CA ASN F 652 59.04 117.30 45.98
C ASN F 652 59.68 116.14 45.22
N SER F 653 60.66 116.45 44.38
CA SER F 653 61.38 115.43 43.62
C SER F 653 62.16 114.46 44.50
N GLN F 654 62.38 114.78 45.77
CA GLN F 654 63.07 113.86 46.65
C GLN F 654 62.25 112.60 46.91
N ASN F 655 60.93 112.73 46.98
CA ASN F 655 60.03 111.61 47.25
C ASN F 655 59.49 110.97 45.97
N ILE F 656 60.21 111.13 44.85
CA ILE F 656 59.79 110.47 43.61
C ILE F 656 59.84 108.96 43.76
N LYS F 657 60.87 108.45 44.44
CA LYS F 657 60.96 107.01 44.67
C LYS F 657 59.78 106.51 45.49
N HIS F 658 59.43 107.24 46.56
CA HIS F 658 58.28 106.85 47.38
C HIS F 658 56.99 106.90 46.57
N ASN F 659 56.82 107.94 45.75
CA ASN F 659 55.62 108.04 44.94
C ASN F 659 55.50 106.88 43.96
N LEU F 660 56.61 106.53 43.31
CA LEU F 660 56.60 105.42 42.37
C LEU F 660 56.35 104.09 43.08
N LYS F 661 56.89 103.92 44.28
CA LYS F 661 56.60 102.72 45.06
C LYS F 661 55.14 102.62 45.45
N LYS F 662 54.53 103.75 45.84
CA LYS F 662 53.14 103.75 46.27
C LYS F 662 52.15 103.78 45.11
N LEU F 663 52.62 104.00 43.88
CA LEU F 663 51.71 103.99 42.74
C LEU F 663 51.14 102.61 42.47
N MET F 664 51.71 101.56 43.08
CA MET F 664 51.30 100.19 42.76
C MET F 664 50.02 99.75 43.46
N GLU F 665 49.49 100.53 44.39
CA GLU F 665 48.26 100.16 45.10
C GLU F 665 47.20 101.25 45.09
N VAL F 666 47.36 102.27 44.24
CA VAL F 666 46.38 103.35 44.17
C VAL F 666 45.09 102.81 43.57
N ASP F 667 43.95 103.32 44.05
CA ASP F 667 42.66 102.89 43.53
C ASP F 667 42.50 103.26 42.06
N GLY F 668 41.82 102.39 41.31
CA GLY F 668 41.69 102.59 39.88
C GLY F 668 40.91 103.84 39.53
N GLY F 669 39.84 104.14 40.27
CA GLY F 669 39.02 105.29 39.96
C GLY F 669 39.76 106.61 40.11
N GLU F 670 40.48 106.77 41.23
CA GLU F 670 41.25 108.00 41.43
C GLU F 670 42.38 108.12 40.41
N ILE F 671 42.87 107.00 39.90
CA ILE F 671 43.85 107.04 38.82
C ILE F 671 43.20 107.53 37.54
N VAL F 672 42.17 106.82 37.07
CA VAL F 672 41.53 107.17 35.81
C VAL F 672 40.87 108.53 35.83
N LYS F 673 40.69 109.12 37.02
CA LYS F 673 40.15 110.48 37.09
C LYS F 673 41.05 111.47 36.38
N PHE F 674 42.36 111.36 36.56
CA PHE F 674 43.35 112.21 35.89
C PHE F 674 44.46 111.37 35.30
N LEU F 675 44.09 110.22 34.72
CA LEU F 675 45.05 109.35 34.05
C LEU F 675 45.86 110.09 33.01
N GLN F 676 45.23 111.00 32.27
CA GLN F 676 45.96 111.73 31.23
C GLN F 676 47.06 112.60 31.85
N ASP F 677 46.73 113.32 32.93
CA ASP F 677 47.72 114.13 33.61
C ASP F 677 48.84 113.28 34.20
N THR F 678 48.48 112.13 34.80
CA THR F 678 49.49 111.26 35.37
C THR F 678 50.43 110.71 34.30
N LEU F 679 49.87 110.29 33.17
CA LEU F 679 50.70 109.78 32.07
C LEU F 679 51.60 110.87 31.52
N ASP F 680 51.08 112.10 31.37
CA ASP F 680 51.91 113.20 30.89
C ASP F 680 53.04 113.50 31.87
N ALA F 681 52.74 113.46 33.18
CA ALA F 681 53.77 113.69 34.18
C ALA F 681 54.83 112.60 34.13
N LEU F 682 54.42 111.34 33.95
CA LEU F 682 55.39 110.25 33.82
C LEU F 682 56.24 110.43 32.58
N PHE F 683 55.64 110.84 31.46
CA PHE F 683 56.38 111.06 30.23
C PHE F 683 57.42 112.16 30.43
N ASN F 684 57.02 113.26 31.07
CA ASN F 684 57.96 114.34 31.34
C ASN F 684 59.07 113.88 32.26
N ILE F 685 58.74 113.11 33.30
CA ILE F 685 59.74 112.62 34.25
C ILE F 685 60.77 111.76 33.55
N MET F 686 60.31 110.84 32.69
CA MET F 686 61.25 109.98 31.97
C MET F 686 61.95 110.70 30.81
N MET F 687 61.43 111.84 30.38
CA MET F 687 62.09 112.63 29.33
C MET F 687 63.22 113.48 29.89
N GLU F 688 62.88 114.42 30.76
CA GLU F 688 63.89 115.36 31.27
C GLU F 688 64.79 114.74 32.33
N MET F 689 64.30 113.76 33.09
CA MET F 689 65.10 113.04 34.07
C MET F 689 65.27 111.60 33.56
N SER F 690 66.28 111.39 32.72
CA SER F 690 66.59 110.08 32.17
C SER F 690 68.01 109.65 32.50
N ASP F 691 68.63 110.26 33.51
CA ASP F 691 70.01 109.96 33.89
C ASP F 691 70.09 108.77 34.84
N SER F 692 69.13 108.64 35.75
CA SER F 692 69.13 107.56 36.73
C SER F 692 68.33 106.38 36.18
N GLU F 693 68.98 105.21 36.11
CA GLU F 693 68.33 104.02 35.57
C GLU F 693 67.22 103.48 36.47
N THR F 694 67.38 103.57 37.79
CA THR F 694 66.32 103.12 38.68
C THR F 694 65.05 103.96 38.54
N TYR F 695 65.22 105.27 38.30
CA TYR F 695 64.05 106.11 38.02
C TYR F 695 63.30 105.62 36.80
N ASP F 696 64.03 105.31 35.72
CA ASP F 696 63.39 104.83 34.50
C ASP F 696 62.73 103.47 34.73
N PHE F 697 63.39 102.59 35.48
CA PHE F 697 62.81 101.28 35.74
C PHE F 697 61.51 101.39 36.54
N LEU F 698 61.50 102.23 37.57
CA LEU F 698 60.28 102.40 38.37
C LEU F 698 59.19 103.09 37.57
N VAL F 699 59.54 104.07 36.72
CA VAL F 699 58.55 104.70 35.86
C VAL F 699 57.95 103.67 34.90
N PHE F 700 58.80 102.81 34.33
CA PHE F 700 58.31 101.77 33.44
C PHE F 700 57.36 100.81 34.17
N ASP F 701 57.72 100.41 35.38
CA ASP F 701 56.84 99.53 36.16
C ASP F 701 55.52 100.22 36.46
N ALA F 702 55.56 101.50 36.85
CA ALA F 702 54.35 102.23 37.17
C ALA F 702 53.45 102.38 35.95
N LEU F 703 54.03 102.69 34.79
CA LEU F 703 53.21 102.82 33.58
C LEU F 703 52.66 101.48 33.13
N VAL F 704 53.42 100.39 33.33
CA VAL F 704 52.89 99.06 33.04
C VAL F 704 51.70 98.77 33.93
N PHE F 705 51.80 99.09 35.22
CA PHE F 705 50.68 98.87 36.13
C PHE F 705 49.47 99.72 35.73
N ILE F 706 49.70 100.99 35.37
CA ILE F 706 48.60 101.87 34.99
C ILE F 706 47.91 101.37 33.72
N ILE F 707 48.70 100.96 32.72
CA ILE F 707 48.10 100.52 31.47
C ILE F 707 47.42 99.17 31.65
N SER F 708 47.92 98.32 32.55
CA SER F 708 47.22 97.09 32.87
C SER F 708 45.88 97.37 33.53
N LEU F 709 45.84 98.37 34.43
CA LEU F 709 44.56 98.79 35.00
C LEU F 709 43.62 99.32 33.93
N ILE F 710 44.15 100.09 32.98
CA ILE F 710 43.34 100.61 31.89
C ILE F 710 42.76 99.47 31.05
N GLY F 711 43.57 98.46 30.77
CA GLY F 711 43.13 97.34 29.97
C GLY F 711 42.18 96.38 30.67
N ASP F 712 41.86 96.64 31.94
CA ASP F 712 40.94 95.78 32.67
C ASP F 712 39.53 95.88 32.09
N ILE F 713 38.67 94.95 32.50
CA ILE F 713 37.30 94.89 32.01
C ILE F 713 36.46 96.07 32.45
N LYS F 714 36.93 96.84 33.43
CA LYS F 714 36.15 97.96 33.93
C LYS F 714 36.43 99.27 33.20
N PHE F 715 37.41 99.29 32.30
CA PHE F 715 37.86 100.54 31.68
C PHE F 715 38.08 100.36 30.18
N GLN F 716 37.15 99.66 29.51
CA GLN F 716 37.17 99.66 28.05
C GLN F 716 36.63 100.98 27.49
N HIS F 717 35.73 101.63 28.22
CA HIS F 717 35.17 102.90 27.77
C HIS F 717 36.22 104.00 27.73
N PHE F 718 37.22 103.93 28.61
CA PHE F 718 38.29 104.92 28.63
C PHE F 718 39.40 104.62 27.62
N ASN F 719 39.39 103.46 27.00
CA ASN F 719 40.36 103.19 25.94
C ASN F 719 40.22 104.14 24.75
N PRO F 720 39.02 104.46 24.26
CA PRO F 720 38.92 105.54 23.26
C PRO F 720 39.45 106.86 23.75
N VAL F 721 39.28 107.17 25.05
CA VAL F 721 39.86 108.39 25.60
C VAL F 721 41.38 108.32 25.52
N LEU F 722 41.96 107.17 25.85
CA LEU F 722 43.41 106.99 25.73
C LEU F 722 43.88 107.20 24.30
N GLU F 723 43.17 106.61 23.34
CA GLU F 723 43.58 106.76 21.94
C GLU F 723 43.43 108.20 21.46
N THR F 724 42.35 108.87 21.87
CA THR F 724 42.18 110.27 21.50
C THR F 724 43.30 111.13 22.09
N TYR F 725 43.68 110.86 23.33
CA TYR F 725 44.80 111.59 23.93
C TYR F 725 46.11 111.28 23.22
N ILE F 726 46.28 110.04 22.78
CA ILE F 726 47.43 109.68 21.95
C ILE F 726 47.48 110.55 20.71
N TYR F 727 46.33 110.73 20.06
CA TYR F 727 46.31 111.49 18.80
C TYR F 727 46.44 112.98 19.03
N LYS F 728 45.95 113.52 20.15
CA LYS F 728 45.84 114.97 20.30
C LYS F 728 46.91 115.58 21.21
N HIS F 729 47.29 114.92 22.31
CA HIS F 729 48.19 115.52 23.28
C HIS F 729 49.48 114.77 23.51
N PHE F 730 49.67 113.58 22.93
CA PHE F 730 50.90 112.83 23.11
C PHE F 730 52.04 113.55 22.38
N SER F 731 53.00 114.06 23.15
CA SER F 731 54.08 114.89 22.61
C SER F 731 55.44 114.26 22.85
N ALA F 732 55.49 112.93 22.88
CA ALA F 732 56.76 112.24 23.03
C ALA F 732 57.47 112.15 21.68
N THR F 733 58.76 112.47 21.69
CA THR F 733 59.54 112.45 20.45
C THR F 733 60.69 111.46 20.51
N LEU F 734 61.37 111.40 21.67
CA LEU F 734 62.46 110.45 21.86
C LEU F 734 62.14 109.41 22.93
N ALA F 735 60.89 109.34 23.39
CA ALA F 735 60.51 108.35 24.39
C ALA F 735 60.38 106.96 23.80
N TYR F 736 60.14 106.86 22.48
CA TYR F 736 59.94 105.54 21.88
C TYR F 736 61.20 104.69 21.94
N VAL F 737 62.35 105.29 21.62
CA VAL F 737 63.61 104.53 21.65
C VAL F 737 63.99 104.16 23.08
N LYS F 738 63.78 105.08 24.02
CA LYS F 738 64.07 104.79 25.43
C LYS F 738 63.20 103.65 25.94
N LEU F 739 61.90 103.69 25.62
CA LEU F 739 61.00 102.62 26.03
C LEU F 739 61.38 101.30 25.38
N SER F 740 61.77 101.33 24.10
CA SER F 740 62.18 100.11 23.43
C SER F 740 63.43 99.51 24.08
N LYS F 741 64.39 100.35 24.43
CA LYS F 741 65.59 99.85 25.11
C LYS F 741 65.26 99.30 26.48
N VAL F 742 64.35 99.96 27.21
CA VAL F 742 63.96 99.48 28.53
C VAL F 742 63.29 98.11 28.43
N LEU F 743 62.38 97.94 27.47
CA LEU F 743 61.72 96.65 27.35
C LEU F 743 62.65 95.58 26.79
N ASN F 744 63.63 95.97 25.97
CA ASN F 744 64.66 95.03 25.55
C ASN F 744 65.46 94.54 26.74
N PHE F 745 65.83 95.44 27.66
CA PHE F 745 66.50 95.01 28.87
C PHE F 745 65.60 94.12 29.71
N TYR F 746 64.30 94.46 29.78
CA TYR F 746 63.35 93.66 30.54
C TYR F 746 63.31 92.22 30.02
N VAL F 747 63.18 92.05 28.70
CA VAL F 747 63.07 90.71 28.14
C VAL F 747 64.41 89.98 28.24
N ALA F 748 65.53 90.69 28.03
CA ALA F 748 66.83 90.06 28.13
C ALA F 748 67.20 89.68 29.56
N ASN F 749 66.53 90.28 30.55
CA ASN F 749 66.81 89.96 31.94
C ASN F 749 65.57 89.36 32.60
N ALA F 750 64.92 88.43 31.90
CA ALA F 750 63.69 87.81 32.37
C ALA F 750 63.92 86.67 33.35
N ASP F 751 65.14 86.55 33.89
CA ASP F 751 65.47 85.40 34.73
C ASP F 751 64.99 85.56 36.17
N ASP F 752 64.61 86.76 36.59
CA ASP F 752 64.23 87.00 37.97
C ASP F 752 62.85 86.40 38.26
N SER F 753 62.72 85.81 39.45
CA SER F 753 61.43 85.25 39.86
C SER F 753 60.45 86.35 40.30
N SER F 754 60.94 87.40 40.96
CA SER F 754 60.08 88.51 41.32
C SER F 754 59.68 89.34 40.11
N LYS F 755 60.40 89.19 38.99
CA LYS F 755 60.07 89.87 37.75
C LYS F 755 59.00 89.14 36.94
N THR F 756 58.58 87.96 37.40
CA THR F 756 57.66 87.14 36.61
C THR F 756 56.33 87.85 36.38
N GLU F 757 55.70 88.35 37.45
CA GLU F 757 54.40 88.99 37.30
C GLU F 757 54.50 90.32 36.58
N LEU F 758 55.59 91.07 36.80
CA LEU F 758 55.79 92.32 36.09
C LEU F 758 55.91 92.08 34.59
N LEU F 759 56.69 91.08 34.21
CA LEU F 759 56.85 90.75 32.80
C LEU F 759 55.55 90.19 32.22
N PHE F 760 54.78 89.43 33.00
CA PHE F 760 53.50 88.94 32.52
C PHE F 760 52.55 90.10 32.23
N ALA F 761 52.49 91.08 33.13
CA ALA F 761 51.66 92.24 32.91
C ALA F 761 52.15 93.05 31.71
N ALA F 762 53.46 93.20 31.56
CA ALA F 762 54.01 93.92 30.42
C ALA F 762 53.66 93.24 29.11
N LEU F 763 53.77 91.91 29.06
CA LEU F 763 53.40 91.17 27.87
C LEU F 763 51.91 91.24 27.59
N LYS F 764 51.08 91.25 28.64
CA LYS F 764 49.65 91.41 28.44
C LYS F 764 49.30 92.78 27.87
N ALA F 765 49.98 93.83 28.34
CA ALA F 765 49.68 95.20 27.96
C ALA F 765 50.61 95.73 26.87
N LEU F 766 51.37 94.85 26.21
CA LEU F 766 52.25 95.27 25.13
C LEU F 766 51.54 96.11 24.07
N LYS F 767 50.27 95.82 23.80
CA LYS F 767 49.56 96.49 22.72
C LYS F 767 49.56 98.01 22.89
N TYR F 768 49.15 98.48 24.07
CA TYR F 768 48.97 99.92 24.25
C TYR F 768 50.32 100.63 24.38
N LEU F 769 51.29 100.02 25.06
CA LEU F 769 52.60 100.63 25.16
C LEU F 769 53.29 100.68 23.80
N PHE F 770 53.05 99.68 22.95
CA PHE F 770 53.57 99.74 21.59
C PHE F 770 52.84 100.78 20.75
N ARG F 771 51.55 101.01 21.02
CA ARG F 771 50.86 102.15 20.42
C ARG F 771 51.55 103.46 20.81
N PHE F 772 51.89 103.58 22.10
CA PHE F 772 52.61 104.78 22.56
C PHE F 772 53.94 104.93 21.85
N ILE F 773 54.69 103.84 21.72
CA ILE F 773 55.99 103.87 21.07
C ILE F 773 55.85 104.26 19.60
N ILE F 774 54.86 103.70 18.92
CA ILE F 774 54.64 104.01 17.51
C ILE F 774 54.27 105.48 17.35
N GLN F 775 53.41 106.00 18.23
CA GLN F 775 53.04 107.41 18.14
C GLN F 775 54.24 108.30 18.37
N SER F 776 55.07 107.98 19.36
CA SER F 776 56.27 108.79 19.62
C SER F 776 57.22 108.74 18.43
N ARG F 777 57.41 107.56 17.84
CA ARG F 777 58.31 107.43 16.71
C ARG F 777 57.81 108.19 15.49
N VAL F 778 56.51 108.11 15.19
CA VAL F 778 56.00 108.83 14.04
C VAL F 778 56.01 110.34 14.30
N LEU F 779 55.81 110.75 15.55
CA LEU F 779 55.94 112.17 15.89
C LEU F 779 57.36 112.65 15.65
N TYR F 780 58.35 111.86 16.06
CA TYR F 780 59.74 112.19 15.79
C TYR F 780 60.01 112.27 14.29
N LEU F 781 59.48 111.31 13.54
CA LEU F 781 59.70 111.28 12.10
C LEU F 781 59.10 112.52 11.42
N ARG F 782 57.88 112.89 11.79
CA ARG F 782 57.23 114.03 11.15
C ARG F 782 57.80 115.36 11.62
N PHE F 783 58.30 115.45 12.85
CA PHE F 783 58.95 116.68 13.28
C PHE F 783 60.32 116.85 12.65
N TYR F 784 61.06 115.77 12.44
CA TYR F 784 62.38 115.82 11.84
C TYR F 784 62.35 115.50 10.35
N GLY F 785 61.17 115.30 9.77
CA GLY F 785 61.07 115.00 8.35
C GLY F 785 61.44 113.56 8.03
N GLN F 786 62.73 113.25 8.13
CA GLN F 786 63.21 111.88 7.96
C GLN F 786 64.23 111.61 9.06
N SER F 787 64.18 110.39 9.59
CA SER F 787 65.02 110.01 10.73
C SER F 787 66.06 109.01 10.28
N LYS F 788 67.34 109.33 10.50
CA LYS F 788 68.40 108.34 10.36
C LYS F 788 68.37 107.32 11.49
N ASP F 789 67.58 107.56 12.53
CA ASP F 789 67.38 106.61 13.61
C ASP F 789 66.34 105.56 13.29
N GLY F 790 65.71 105.63 12.12
CA GLY F 790 64.78 104.58 11.71
C GLY F 790 65.47 103.25 11.54
N ASP F 791 66.65 103.25 10.92
CA ASP F 791 67.39 102.00 10.74
C ASP F 791 67.80 101.39 12.07
N GLU F 792 68.32 102.21 13.00
CA GLU F 792 68.73 101.68 14.28
C GLU F 792 67.53 101.23 15.12
N PHE F 793 66.38 101.90 14.98
CA PHE F 793 65.20 101.45 15.71
C PHE F 793 64.66 100.15 15.12
N ASN F 794 64.75 99.98 13.80
CA ASN F 794 64.40 98.70 13.20
C ASN F 794 65.34 97.60 13.68
N ASN F 795 66.63 97.92 13.81
CA ASN F 795 67.58 96.97 14.38
C ASN F 795 67.22 96.64 15.82
N SER F 796 66.77 97.64 16.59
CA SER F 796 66.34 97.40 17.96
C SER F 796 65.13 96.48 18.01
N ILE F 797 64.19 96.67 17.09
CA ILE F 797 63.02 95.79 17.02
C ILE F 797 63.46 94.37 16.67
N ARG F 798 64.39 94.23 15.72
CA ARG F 798 64.89 92.91 15.37
C ARG F 798 65.59 92.24 16.55
N GLN F 799 66.36 93.03 17.32
CA GLN F 799 66.98 92.52 18.53
C GLN F 799 65.95 92.14 19.59
N LEU F 800 64.84 92.88 19.66
CA LEU F 800 63.75 92.49 20.55
C LEU F 800 63.15 91.16 20.14
N PHE F 801 62.99 90.95 18.84
CA PHE F 801 62.51 89.66 18.34
C PHE F 801 63.49 88.55 18.67
N LEU F 802 64.79 88.81 18.54
CA LEU F 802 65.80 87.81 18.91
C LEU F 802 65.76 87.52 20.40
N ALA F 803 65.54 88.55 21.22
CA ALA F 803 65.38 88.34 22.65
C ALA F 803 64.14 87.51 22.96
N PHE F 804 63.06 87.71 22.20
CA PHE F 804 61.89 86.85 22.34
C PHE F 804 62.22 85.41 21.96
N ASN F 805 63.04 85.23 20.91
CA ASN F 805 63.48 83.89 20.55
C ASN F 805 64.27 83.25 21.68
N MET F 806 65.14 84.01 22.33
CA MET F 806 65.89 83.49 23.47
C MET F 806 64.97 83.17 24.63
N LEU F 807 63.97 84.02 24.87
CA LEU F 807 63.00 83.77 25.93
C LEU F 807 62.21 82.49 25.67
N MET F 808 61.95 82.20 24.39
CA MET F 808 61.29 80.94 24.06
C MET F 808 62.25 79.76 24.17
N ASP F 809 63.55 79.99 23.93
CA ASP F 809 64.52 78.92 23.95
C ASP F 809 64.83 78.46 25.37
N ARG F 810 64.77 79.37 26.33
CA ARG F 810 65.04 79.01 27.72
C ARG F 810 63.91 78.10 28.23
N PRO F 811 64.18 77.30 29.26
CA PRO F 811 63.19 76.31 29.70
C PRO F 811 61.85 76.92 30.08
N LEU F 812 60.78 76.19 29.76
CA LEU F 812 59.42 76.61 30.05
C LEU F 812 58.96 76.24 31.45
N GLU F 813 59.80 75.56 32.23
CA GLU F 813 59.39 75.02 33.51
C GLU F 813 58.92 76.09 34.50
N GLU F 814 59.41 77.32 34.37
CA GLU F 814 59.03 78.39 35.28
C GLU F 814 58.17 79.46 34.64
N ALA F 815 58.01 79.45 33.32
CA ALA F 815 57.27 80.50 32.61
C ALA F 815 56.32 79.86 31.60
N VAL F 816 55.58 78.85 32.05
CA VAL F 816 54.58 78.22 31.17
C VAL F 816 53.53 79.24 30.75
N LYS F 817 52.77 79.75 31.74
CA LYS F 817 51.72 80.70 31.44
C LYS F 817 52.28 82.02 30.92
N ILE F 818 53.44 82.43 31.42
CA ILE F 818 54.03 83.70 31.00
C ILE F 818 54.37 83.66 29.52
N LYS F 819 55.07 82.60 29.08
CA LYS F 819 55.41 82.50 27.66
C LYS F 819 54.19 82.21 26.80
N GLY F 820 53.21 81.48 27.35
CA GLY F 820 51.97 81.29 26.61
C GLY F 820 51.26 82.61 26.32
N ALA F 821 51.18 83.48 27.33
CA ALA F 821 50.58 84.80 27.13
C ALA F 821 51.43 85.65 26.20
N ALA F 822 52.76 85.56 26.31
CA ALA F 822 53.64 86.30 25.42
C ALA F 822 53.39 85.91 23.97
N LEU F 823 53.23 84.62 23.70
CA LEU F 823 52.81 84.17 22.38
C LEU F 823 51.43 84.70 22.04
N LYS F 824 50.54 84.76 23.02
CA LYS F 824 49.15 85.13 22.77
C LYS F 824 49.03 86.58 22.30
N TYR F 825 49.72 87.51 22.98
CA TYR F 825 49.53 88.93 22.74
C TYR F 825 50.63 89.54 21.89
N LEU F 826 51.56 88.74 21.38
CA LEU F 826 52.65 89.30 20.57
C LEU F 826 52.15 89.93 19.27
N PRO F 827 51.31 89.30 18.45
CA PRO F 827 50.90 89.92 17.19
C PRO F 827 49.83 91.00 17.34
N SER F 828 49.58 91.48 18.56
CA SER F 828 48.50 92.46 18.76
C SER F 828 48.81 93.76 18.04
N ILE F 829 50.05 94.24 18.11
CA ILE F 829 50.41 95.53 17.53
C ILE F 829 51.08 95.42 16.17
N ILE F 830 51.56 94.23 15.80
CA ILE F 830 52.32 94.08 14.57
C ILE F 830 51.50 94.46 13.35
N ASN F 831 50.17 94.38 13.44
CA ASN F 831 49.33 94.89 12.37
C ASN F 831 49.55 96.38 12.15
N ASP F 832 49.61 97.15 13.24
CA ASP F 832 49.94 98.56 13.15
C ASP F 832 51.42 98.82 12.93
N VAL F 833 52.29 97.89 13.36
CA VAL F 833 53.72 98.03 13.10
C VAL F 833 53.99 97.92 11.60
N LYS F 834 53.22 97.10 10.90
CA LYS F 834 53.37 96.95 9.45
C LYS F 834 53.23 98.30 8.74
N LEU F 835 52.42 99.21 9.28
CA LEU F 835 52.21 100.50 8.63
C LEU F 835 53.50 101.33 8.58
N VAL F 836 54.42 101.10 9.51
CA VAL F 836 55.67 101.85 9.54
C VAL F 836 56.90 100.97 9.31
N PHE F 837 56.83 99.67 9.58
CA PHE F 837 57.95 98.77 9.37
C PHE F 837 57.75 97.99 8.08
N ASP F 838 58.84 97.45 7.55
CA ASP F 838 58.79 96.71 6.29
C ASP F 838 57.98 95.43 6.48
N PRO F 839 56.90 95.23 5.72
CA PRO F 839 56.10 94.02 5.90
C PRO F 839 56.85 92.73 5.64
N VAL F 840 57.77 92.72 4.66
CA VAL F 840 58.52 91.50 4.35
C VAL F 840 59.42 91.13 5.52
N GLU F 841 60.12 92.13 6.08
CA GLU F 841 61.00 91.87 7.22
C GLU F 841 60.22 91.39 8.43
N LEU F 842 59.09 92.03 8.72
CA LEU F 842 58.25 91.59 9.84
C LEU F 842 57.76 90.17 9.62
N SER F 843 57.32 89.85 8.40
CA SER F 843 56.82 88.52 8.11
C SER F 843 57.90 87.47 8.29
N VAL F 844 59.10 87.71 7.76
CA VAL F 844 60.16 86.71 7.87
C VAL F 844 60.63 86.60 9.32
N LEU F 845 60.69 87.71 10.07
CA LEU F 845 61.08 87.63 11.47
C LEU F 845 60.08 86.82 12.27
N PHE F 846 58.77 87.04 12.02
CA PHE F 846 57.76 86.25 12.72
C PHE F 846 57.81 84.78 12.30
N CYS F 847 58.10 84.51 11.03
CA CYS F 847 58.25 83.14 10.59
C CYS F 847 59.38 82.44 11.33
N LYS F 848 60.53 83.11 11.45
CA LYS F 848 61.64 82.54 12.21
C LYS F 848 61.27 82.36 13.68
N PHE F 849 60.58 83.34 14.26
CA PHE F 849 60.19 83.27 15.66
C PHE F 849 59.27 82.07 15.91
N ILE F 850 58.32 81.84 15.01
CA ILE F 850 57.36 80.77 15.25
C ILE F 850 57.94 79.41 14.89
N GLN F 851 58.82 79.33 13.89
CA GLN F 851 59.49 78.08 13.61
C GLN F 851 60.51 77.71 14.68
N SER F 852 61.00 78.69 15.43
CA SER F 852 61.85 78.40 16.58
C SER F 852 61.07 77.84 17.75
N ILE F 853 59.74 77.93 17.73
CA ILE F 853 58.90 77.41 18.82
C ILE F 853 58.96 75.89 18.80
N PRO F 854 59.30 75.24 19.92
CA PRO F 854 59.26 73.78 19.95
C PRO F 854 57.84 73.26 19.74
N ASP F 855 57.76 72.08 19.11
CA ASP F 855 56.49 71.46 18.77
C ASP F 855 56.10 70.34 19.74
N ASN F 856 56.41 70.51 21.03
CA ASN F 856 56.12 69.48 22.02
C ASN F 856 55.30 69.96 23.20
N GLN F 857 55.12 71.28 23.37
CA GLN F 857 54.42 71.83 24.52
C GLN F 857 53.39 72.84 24.05
N LEU F 858 52.16 72.73 24.56
CA LEU F 858 51.10 73.73 24.38
C LEU F 858 50.81 73.95 22.89
N VAL F 859 50.34 72.90 22.25
CA VAL F 859 50.04 72.96 20.83
C VAL F 859 48.83 73.84 20.55
N ARG F 860 47.79 73.75 21.39
CA ARG F 860 46.58 74.53 21.14
C ARG F 860 46.84 76.02 21.28
N GLN F 861 47.66 76.42 22.24
CA GLN F 861 47.95 77.85 22.42
C GLN F 861 48.67 78.42 21.22
N LYS F 862 49.70 77.73 20.72
CA LYS F 862 50.40 78.22 19.54
C LYS F 862 49.52 78.16 18.30
N LEU F 863 48.61 77.18 18.21
CA LEU F 863 47.68 77.16 17.10
C LEU F 863 46.74 78.35 17.14
N ASN F 864 46.27 78.73 18.33
CA ASN F 864 45.45 79.94 18.46
C ASN F 864 46.25 81.19 18.09
N CYS F 865 47.50 81.25 18.52
CA CYS F 865 48.35 82.38 18.16
C CYS F 865 48.52 82.48 16.65
N MET F 866 48.75 81.35 15.98
CA MET F 866 48.85 81.36 14.53
C MET F 866 47.52 81.70 13.87
N THR F 867 46.41 81.30 14.49
CA THR F 867 45.09 81.70 13.99
C THR F 867 44.95 83.22 14.00
N LYS F 868 45.40 83.87 15.07
CA LYS F 868 45.41 85.32 15.09
C LYS F 868 46.40 85.88 14.08
N ILE F 869 47.50 85.17 13.85
CA ILE F 869 48.53 85.63 12.91
C ILE F 869 47.98 85.66 11.49
N VAL F 870 47.37 84.56 11.04
CA VAL F 870 46.85 84.51 9.69
C VAL F 870 45.72 85.52 9.52
N GLU F 871 44.89 85.71 10.55
CA GLU F 871 43.80 86.67 10.47
C GLU F 871 44.30 88.08 10.19
N SER F 872 45.48 88.44 10.69
CA SER F 872 46.00 89.79 10.60
C SER F 872 47.07 89.87 9.52
N THR F 873 46.96 90.89 8.67
CA THR F 873 47.94 91.32 7.68
C THR F 873 48.16 90.33 6.54
N LEU F 874 47.52 89.17 6.54
CA LEU F 874 47.58 88.31 5.37
C LEU F 874 46.70 88.81 4.23
N PHE F 875 45.60 89.50 4.55
CA PHE F 875 44.81 90.14 3.51
C PHE F 875 45.62 91.13 2.71
N ARG F 876 46.64 91.73 3.32
CA ARG F 876 47.63 92.53 2.59
C ARG F 876 48.71 91.59 2.04
N GLN F 877 48.30 90.82 1.03
CA GLN F 877 49.08 89.67 0.57
C GLN F 877 50.17 90.03 -0.42
N SER F 878 50.34 91.31 -0.76
CA SER F 878 51.27 91.69 -1.83
C SER F 878 52.70 91.23 -1.56
N GLU F 879 53.06 90.98 -0.30
CA GLU F 879 54.41 90.54 0.02
C GLU F 879 54.48 89.43 1.05
N CYS F 880 53.38 88.75 1.36
CA CYS F 880 53.37 87.73 2.41
C CYS F 880 52.60 86.49 2.00
N ARG F 881 52.67 86.11 0.72
CA ARG F 881 52.04 84.87 0.26
C ARG F 881 53.03 83.71 0.29
N GLU F 882 54.11 83.82 -0.48
CA GLU F 882 55.09 82.74 -0.64
C GLU F 882 55.96 82.55 0.60
N VAL F 883 55.88 83.43 1.59
CA VAL F 883 56.62 83.28 2.83
C VAL F 883 55.74 82.78 3.96
N LEU F 884 54.45 83.12 3.94
CA LEU F 884 53.56 82.69 5.02
C LEU F 884 52.90 81.36 4.70
N LEU F 885 52.49 81.14 3.44
CA LEU F 885 51.83 79.88 3.09
C LEU F 885 52.69 78.65 3.36
N PRO F 886 53.98 78.61 3.01
CA PRO F 886 54.79 77.44 3.40
C PRO F 886 54.83 77.21 4.90
N LEU F 887 54.86 78.29 5.69
CA LEU F 887 54.83 78.15 7.15
C LEU F 887 53.54 77.50 7.63
N LEU F 888 52.39 77.94 7.11
CA LEU F 888 51.12 77.32 7.47
C LEU F 888 51.10 75.85 7.03
N THR F 889 51.62 75.56 5.85
CA THR F 889 51.66 74.18 5.37
C THR F 889 52.51 73.31 6.28
N ASP F 890 53.67 73.82 6.69
CA ASP F 890 54.54 73.05 7.57
C ASP F 890 53.90 72.82 8.94
N GLN F 891 53.25 73.84 9.49
CA GLN F 891 52.63 73.67 10.80
C GLN F 891 51.46 72.70 10.73
N LEU F 892 50.66 72.74 9.66
CA LEU F 892 49.57 71.78 9.54
C LEU F 892 50.10 70.37 9.30
N SER F 893 51.20 70.24 8.55
CA SER F 893 51.80 68.92 8.35
C SER F 893 52.28 68.34 9.67
N GLY F 894 52.90 69.18 10.51
CA GLY F 894 53.24 68.73 11.85
C GLY F 894 52.01 68.38 12.68
N GLN F 895 50.92 69.11 12.47
CA GLN F 895 49.67 68.80 13.17
C GLN F 895 49.07 67.48 12.73
N LEU F 896 49.33 67.06 11.48
CA LEU F 896 48.63 65.94 10.87
C LEU F 896 48.72 64.64 11.66
N ASP F 897 49.92 64.10 11.79
CA ASP F 897 50.12 62.75 12.35
C ASP F 897 50.63 62.89 13.78
N ASP F 898 49.70 62.84 14.74
CA ASP F 898 50.04 62.91 16.16
C ASP F 898 49.33 61.86 17.01
N ASN F 899 48.25 61.25 16.52
CA ASN F 899 47.43 60.30 17.26
C ASN F 899 46.81 60.91 18.52
N SER F 900 46.93 62.22 18.70
CA SER F 900 46.34 62.93 19.82
C SER F 900 45.73 64.24 19.35
N ASN F 901 45.37 64.30 18.08
CA ASN F 901 44.78 65.49 17.48
C ASN F 901 43.27 65.57 17.73
N LYS F 902 42.77 64.84 18.72
CA LYS F 902 41.34 64.88 19.01
C LYS F 902 40.83 66.28 19.35
N PRO F 903 41.50 67.09 20.18
CA PRO F 903 41.03 68.46 20.37
C PRO F 903 41.60 69.45 19.36
N ASP F 904 42.70 69.10 18.67
CA ASP F 904 43.30 69.97 17.68
C ASP F 904 42.46 70.10 16.42
N HIS F 905 41.40 69.30 16.28
CA HIS F 905 40.57 69.34 15.08
C HIS F 905 39.94 70.71 14.90
N GLU F 906 39.44 71.32 15.99
CA GLU F 906 38.82 72.63 15.89
C GLU F 906 39.82 73.69 15.46
N ALA F 907 41.03 73.66 16.02
CA ALA F 907 42.05 74.62 15.64
C ALA F 907 42.46 74.46 14.17
N SER F 908 42.62 73.20 13.74
CA SER F 908 42.96 72.96 12.34
C SER F 908 41.85 73.44 11.42
N SER F 909 40.59 73.21 11.81
CA SER F 909 39.47 73.69 11.00
C SER F 909 39.45 75.20 10.92
N GLN F 910 39.71 75.88 12.04
CA GLN F 910 39.76 77.34 12.02
C GLN F 910 40.88 77.85 11.12
N LEU F 911 42.04 77.21 11.20
CA LEU F 911 43.16 77.61 10.34
C LEU F 911 42.81 77.43 8.87
N LEU F 912 42.24 76.28 8.53
CA LEU F 912 41.87 76.02 7.13
C LEU F 912 40.83 77.03 6.66
N SER F 913 39.83 77.30 7.51
CA SER F 913 38.80 78.26 7.15
C SER F 913 39.41 79.63 6.87
N ASN F 914 40.27 80.11 7.77
CA ASN F 914 40.82 81.45 7.62
C ASN F 914 41.74 81.54 6.41
N ILE F 915 42.54 80.50 6.16
CA ILE F 915 43.43 80.57 5.00
C ILE F 915 42.62 80.53 3.71
N LEU F 916 41.56 79.72 3.66
CA LEU F 916 40.70 79.75 2.49
C LEU F 916 40.04 81.11 2.32
N GLU F 917 39.59 81.71 3.42
CA GLU F 917 39.01 83.05 3.35
C GLU F 917 39.96 84.04 2.71
N VAL F 918 41.20 84.10 3.22
CA VAL F 918 42.16 85.04 2.68
C VAL F 918 42.57 84.67 1.25
N LEU F 919 42.42 83.40 0.88
CA LEU F 919 42.71 83.00 -0.50
C LEU F 919 41.63 83.47 -1.46
N ASP F 920 40.37 83.43 -1.04
CA ASP F 920 39.26 83.77 -1.93
C ASP F 920 38.82 85.23 -1.80
N ARG F 921 39.51 86.04 -1.00
CA ARG F 921 39.14 87.44 -0.87
C ARG F 921 39.27 88.15 -2.21
N LYS F 922 38.28 88.98 -2.52
CA LYS F 922 38.25 89.70 -3.79
C LYS F 922 39.18 90.91 -3.81
N ASP F 923 39.73 91.31 -2.66
CA ASP F 923 40.71 92.38 -2.59
C ASP F 923 42.14 91.86 -2.49
N VAL F 924 42.42 90.70 -3.08
CA VAL F 924 43.73 90.05 -3.01
C VAL F 924 44.49 90.19 -4.33
N GLY F 925 43.93 89.68 -5.42
CA GLY F 925 44.60 89.77 -6.70
C GLY F 925 45.07 88.43 -7.23
N ALA F 926 46.36 88.33 -7.54
CA ALA F 926 46.91 87.12 -8.15
C ALA F 926 47.18 86.07 -7.08
N THR F 927 46.59 84.88 -7.26
CA THR F 927 46.81 83.75 -6.36
C THR F 927 46.90 82.44 -7.14
N ALA F 928 47.41 82.49 -8.37
CA ALA F 928 47.42 81.32 -9.23
C ALA F 928 48.46 80.30 -8.77
N VAL F 929 49.73 80.69 -8.74
CA VAL F 929 50.79 79.76 -8.37
C VAL F 929 50.66 79.33 -6.90
N HIS F 930 50.18 80.23 -6.04
CA HIS F 930 50.05 79.89 -4.63
C HIS F 930 48.96 78.85 -4.41
N ILE F 931 47.79 79.03 -5.02
CA ILE F 931 46.75 78.01 -4.96
C ILE F 931 47.21 76.73 -5.63
N GLN F 932 48.01 76.85 -6.70
CA GLN F 932 48.57 75.67 -7.34
C GLN F 932 49.42 74.85 -6.36
N LEU F 933 50.33 75.52 -5.65
CA LEU F 933 51.14 74.81 -4.66
C LEU F 933 50.28 74.25 -3.52
N ILE F 934 49.26 75.01 -3.12
CA ILE F 934 48.37 74.54 -2.05
C ILE F 934 47.71 73.22 -2.45
N MET F 935 47.09 73.20 -3.63
CA MET F 935 46.47 71.96 -4.09
C MET F 935 47.51 70.90 -4.39
N GLU F 936 48.77 71.30 -4.61
CA GLU F 936 49.85 70.32 -4.69
C GLU F 936 50.03 69.61 -3.36
N ARG F 937 49.97 70.34 -2.23
CA ARG F 937 50.23 69.71 -0.94
C ARG F 937 49.18 70.01 0.13
N LEU F 938 47.93 70.25 -0.24
CA LEU F 938 46.87 70.44 0.75
C LEU F 938 45.59 69.72 0.35
N LEU F 939 45.70 68.57 -0.31
CA LEU F 939 44.50 67.78 -0.60
C LEU F 939 44.59 66.36 -0.07
N ARG F 940 45.72 65.69 -0.25
CA ARG F 940 45.89 64.34 0.28
C ARG F 940 45.78 64.33 1.79
N ARG F 941 46.33 65.36 2.44
CA ARG F 941 46.31 65.40 3.90
C ARG F 941 44.91 65.60 4.46
N ILE F 942 44.07 66.44 3.83
CA ILE F 942 42.70 66.57 4.32
C ILE F 942 41.91 65.31 4.03
N ASN F 943 42.16 64.68 2.88
CA ASN F 943 41.54 63.39 2.61
C ASN F 943 41.89 62.38 3.71
N ARG F 944 43.16 62.30 4.08
CA ARG F 944 43.60 61.42 5.14
C ARG F 944 42.98 61.77 6.49
N THR F 945 42.90 63.07 6.82
CA THR F 945 42.32 63.46 8.10
C THR F 945 40.85 63.07 8.18
N VAL F 946 40.08 63.31 7.10
CA VAL F 946 38.67 62.96 7.15
C VAL F 946 38.50 61.44 7.17
N ILE F 947 39.39 60.71 6.49
CA ILE F 947 39.36 59.25 6.60
C ILE F 947 39.59 58.82 8.04
N GLY F 948 40.55 59.45 8.71
CA GLY F 948 40.79 59.12 10.11
C GLY F 948 39.61 59.45 11.00
N MET F 949 38.98 60.61 10.78
CA MET F 949 37.86 61.06 11.59
C MET F 949 36.51 60.76 10.96
N ASN F 950 36.41 59.67 10.18
CA ASN F 950 35.12 59.21 9.68
C ASN F 950 34.10 58.99 10.79
N ARG F 951 34.53 58.97 12.05
CA ARG F 951 33.61 58.87 13.17
C ARG F 951 32.65 60.06 13.17
N GLN F 952 31.40 59.81 13.55
CA GLN F 952 30.33 60.79 13.40
C GLN F 952 30.13 61.68 14.62
N SER F 953 30.94 61.50 15.66
CA SER F 953 30.80 62.31 16.88
C SER F 953 31.39 63.71 16.77
N PRO F 954 32.61 63.90 16.20
CA PRO F 954 33.20 65.25 16.22
C PRO F 954 32.54 66.23 15.26
N HIS F 955 33.11 67.43 15.16
CA HIS F 955 32.57 68.48 14.29
C HIS F 955 33.17 68.31 12.89
N ILE F 956 32.69 67.29 12.19
CA ILE F 956 33.19 67.01 10.84
C ILE F 956 32.79 68.12 9.88
N GLY F 957 31.64 68.76 10.12
CA GLY F 957 31.11 69.73 9.16
C GLY F 957 32.08 70.85 8.85
N SER F 958 32.91 71.24 9.82
CA SER F 958 33.93 72.25 9.55
C SER F 958 34.91 71.76 8.50
N PHE F 959 35.41 70.53 8.66
CA PHE F 959 36.31 69.95 7.67
C PHE F 959 35.62 69.81 6.33
N VAL F 960 34.34 69.44 6.34
CA VAL F 960 33.59 69.29 5.10
C VAL F 960 33.51 70.63 4.37
N ALA F 961 33.19 71.70 5.11
CA ALA F 961 33.12 73.02 4.49
C ALA F 961 34.46 73.44 3.94
N CYS F 962 35.53 73.20 4.70
CA CYS F 962 36.86 73.56 4.22
C CYS F 962 37.20 72.82 2.93
N MET F 963 36.97 71.51 2.91
CA MET F 963 37.35 70.72 1.74
C MET F 963 36.51 71.09 0.53
N ILE F 964 35.21 71.33 0.73
CA ILE F 964 34.37 71.68 -0.40
C ILE F 964 34.76 73.05 -0.95
N ALA F 965 35.08 74.00 -0.06
CA ALA F 965 35.55 75.31 -0.52
C ALA F 965 36.84 75.16 -1.32
N LEU F 966 37.77 74.37 -0.81
CA LEU F 966 39.03 74.13 -1.50
C LEU F 966 38.78 73.55 -2.89
N LEU F 967 37.94 72.52 -2.97
CA LEU F 967 37.72 71.86 -4.25
C LEU F 967 37.01 72.77 -5.25
N GLN F 968 36.03 73.57 -4.79
CA GLN F 968 35.31 74.42 -5.72
C GLN F 968 36.11 75.64 -6.17
N GLN F 969 36.99 76.16 -5.31
CA GLN F 969 37.70 77.40 -5.63
C GLN F 969 38.59 77.21 -6.85
N MET F 970 39.31 76.10 -6.91
CA MET F 970 40.24 75.88 -8.02
C MET F 970 39.47 75.41 -9.26
N ASP F 971 39.91 75.91 -10.41
CA ASP F 971 39.31 75.60 -11.70
C ASP F 971 40.04 74.42 -12.33
N ASP F 972 39.56 74.01 -13.50
CA ASP F 972 40.10 72.82 -14.16
C ASP F 972 41.56 72.98 -14.55
N SER F 973 42.04 74.23 -14.66
CA SER F 973 43.43 74.45 -15.06
C SER F 973 44.40 73.86 -14.04
N HIS F 974 44.18 74.13 -12.75
CA HIS F 974 45.07 73.59 -11.72
C HIS F 974 44.98 72.07 -11.65
N TYR F 975 43.77 71.51 -11.79
CA TYR F 975 43.63 70.07 -11.79
C TYR F 975 44.44 69.44 -12.92
N SER F 976 44.29 69.96 -14.14
CA SER F 976 45.04 69.44 -15.26
C SER F 976 46.54 69.65 -15.08
N HIS F 977 46.94 70.76 -14.47
CA HIS F 977 48.38 71.04 -14.31
C HIS F 977 49.02 70.07 -13.33
N TYR F 978 48.42 69.88 -12.16
CA TYR F 978 49.08 69.03 -11.14
C TYR F 978 48.22 67.91 -10.57
N ILE F 979 46.92 68.10 -10.37
CA ILE F 979 46.11 67.04 -9.76
C ILE F 979 46.12 65.79 -10.63
N SER F 980 45.98 65.98 -11.94
CA SER F 980 46.17 64.87 -12.87
C SER F 980 47.63 64.46 -13.01
N THR F 981 48.56 65.36 -12.74
CA THR F 981 49.98 65.08 -12.87
C THR F 981 50.53 64.65 -11.51
N PHE F 982 49.99 63.55 -11.01
CA PHE F 982 50.42 62.96 -9.75
C PHE F 982 51.51 61.90 -10.04
N LYS F 983 51.81 61.06 -9.06
CA LYS F 983 52.91 60.11 -9.14
C LYS F 983 52.47 58.91 -9.99
N THR F 984 53.19 57.80 -9.90
CA THR F 984 53.01 56.66 -10.79
C THR F 984 51.58 56.16 -10.82
N ARG F 985 51.25 55.39 -11.85
CA ARG F 985 49.89 55.01 -12.17
C ARG F 985 49.23 54.18 -11.08
N GLN F 986 49.98 53.25 -10.47
CA GLN F 986 49.41 52.48 -9.37
C GLN F 986 49.05 53.38 -8.20
N ASP F 987 49.92 54.35 -7.89
CA ASP F 987 49.64 55.26 -6.79
C ASP F 987 48.48 56.19 -7.10
N ILE F 988 48.34 56.65 -8.34
CA ILE F 988 47.19 57.49 -8.67
C ILE F 988 45.91 56.66 -8.67
N ILE F 989 45.98 55.38 -9.03
CA ILE F 989 44.83 54.51 -8.90
C ILE F 989 44.43 54.36 -7.43
N ASP F 990 45.43 54.23 -6.55
CA ASP F 990 45.15 54.20 -5.11
C ASP F 990 44.50 55.50 -4.66
N PHE F 991 45.01 56.63 -5.16
CA PHE F 991 44.41 57.93 -4.84
C PHE F 991 42.95 57.97 -5.27
N LEU F 992 42.67 57.52 -6.50
CA LEU F 992 41.31 57.57 -7.01
C LEU F 992 40.37 56.68 -6.20
N MET F 993 40.81 55.48 -5.84
CA MET F 993 39.95 54.60 -5.07
C MET F 993 39.73 55.14 -3.66
N GLU F 994 40.76 55.74 -3.06
CA GLU F 994 40.57 56.37 -1.75
C GLU F 994 39.58 57.53 -1.84
N THR F 995 39.66 58.33 -2.91
CA THR F 995 38.71 59.42 -3.09
C THR F 995 37.30 58.89 -3.25
N PHE F 996 37.13 57.80 -4.00
CA PHE F 996 35.81 57.21 -4.16
C PHE F 996 35.28 56.71 -2.82
N ILE F 997 36.13 56.09 -2.01
CA ILE F 997 35.71 55.58 -0.71
C ILE F 997 35.28 56.73 0.19
N MET F 998 36.08 57.79 0.23
CA MET F 998 35.72 58.92 1.10
C MET F 998 34.48 59.62 0.58
N PHE F 999 34.26 59.64 -0.74
CA PHE F 999 33.04 60.22 -1.29
C PHE F 999 31.82 59.42 -0.86
N LYS F 1000 31.86 58.10 -1.04
CA LYS F 1000 30.73 57.26 -0.65
C LYS F 1000 30.51 57.26 0.85
N ASP F 1001 31.55 57.50 1.65
CA ASP F 1001 31.35 57.64 3.09
C ASP F 1001 30.76 59.00 3.44
N LEU F 1002 31.16 60.04 2.73
CA LEU F 1002 30.61 61.37 2.97
C LEU F 1002 29.12 61.39 2.64
N ILE F 1003 28.75 60.88 1.46
CA ILE F 1003 27.35 60.83 1.08
C ILE F 1003 26.61 59.80 1.92
N GLY F 1004 27.22 58.63 2.13
CA GLY F 1004 26.63 57.59 2.94
C GLY F 1004 26.42 57.99 4.39
N LYS F 1005 25.17 58.14 4.80
CA LYS F 1005 24.80 58.51 6.16
C LYS F 1005 25.44 59.84 6.55
N ASN F 1006 25.06 60.88 5.82
CA ASN F 1006 25.50 62.23 6.17
C ASN F 1006 24.91 62.62 7.51
N VAL F 1007 25.69 63.34 8.31
CA VAL F 1007 25.36 63.56 9.72
C VAL F 1007 24.99 65.02 9.97
N TYR F 1008 24.39 65.68 8.99
CA TYR F 1008 23.86 67.02 9.22
C TYR F 1008 22.67 66.95 10.17
N ALA F 1009 22.14 68.13 10.49
CA ALA F 1009 20.95 68.24 11.36
C ALA F 1009 19.67 68.38 10.56
N LYS F 1010 19.61 67.78 9.36
CA LYS F 1010 18.46 67.81 8.46
C LYS F 1010 17.84 69.22 8.37
N ASP F 1011 18.70 70.24 8.44
CA ASP F 1011 18.27 71.62 8.37
C ASP F 1011 19.09 72.48 7.43
N TRP F 1012 20.34 72.10 7.14
CA TRP F 1012 21.21 72.91 6.28
C TRP F 1012 21.16 72.37 4.86
N MET F 1013 19.96 72.45 4.27
CA MET F 1013 19.77 71.97 2.91
C MET F 1013 20.63 72.76 1.93
N VAL F 1014 20.88 74.04 2.22
CA VAL F 1014 21.79 74.82 1.40
C VAL F 1014 23.19 74.24 1.47
N MET F 1015 23.62 73.83 2.66
CA MET F 1015 24.90 73.13 2.79
C MET F 1015 24.89 71.84 1.99
N ASN F 1016 23.78 71.10 2.05
CA ASN F 1016 23.69 69.85 1.30
C ASN F 1016 23.84 70.10 -0.20
N MET F 1017 23.16 71.12 -0.73
CA MET F 1017 23.20 71.38 -2.15
C MET F 1017 24.55 71.93 -2.60
N THR F 1018 25.21 72.75 -1.77
CA THR F 1018 26.57 73.17 -2.11
C THR F 1018 27.52 71.98 -2.11
N GLN F 1019 27.36 71.07 -1.14
CA GLN F 1019 28.16 69.86 -1.10
C GLN F 1019 27.92 69.02 -2.35
N ASN F 1020 26.67 68.92 -2.79
CA ASN F 1020 26.38 68.17 -4.00
C ASN F 1020 26.95 68.85 -5.24
N ARG F 1021 26.92 70.19 -5.27
CA ARG F 1021 27.50 70.91 -6.40
C ARG F 1021 29.00 70.66 -6.50
N VAL F 1022 29.70 70.72 -5.37
CA VAL F 1022 31.14 70.46 -5.40
C VAL F 1022 31.42 68.99 -5.69
N PHE F 1023 30.53 68.09 -5.26
CA PHE F 1023 30.67 66.69 -5.64
C PHE F 1023 30.53 66.52 -7.15
N LEU F 1024 29.60 67.25 -7.75
CA LEU F 1024 29.46 67.23 -9.20
C LEU F 1024 30.72 67.74 -9.88
N ARG F 1025 31.30 68.82 -9.33
CA ARG F 1025 32.54 69.34 -9.89
C ARG F 1025 33.66 68.29 -9.81
N ALA F 1026 33.78 67.63 -8.66
CA ALA F 1026 34.81 66.62 -8.45
C ALA F 1026 34.62 65.43 -9.40
N ILE F 1027 33.37 65.01 -9.58
CA ILE F 1027 33.09 63.91 -10.49
C ILE F 1027 33.40 64.32 -11.93
N ASN F 1028 33.11 65.57 -12.29
CA ASN F 1028 33.40 66.03 -13.64
C ASN F 1028 34.90 66.06 -13.90
N GLN F 1029 35.68 66.55 -12.93
CA GLN F 1029 37.13 66.56 -13.15
C GLN F 1029 37.70 65.13 -13.11
N PHE F 1030 37.11 64.24 -12.32
CA PHE F 1030 37.53 62.83 -12.39
C PHE F 1030 37.25 62.25 -13.77
N ALA F 1031 36.09 62.55 -14.34
CA ALA F 1031 35.78 62.07 -15.68
C ALA F 1031 36.75 62.65 -16.70
N GLU F 1032 37.09 63.93 -16.56
CA GLU F 1032 37.99 64.55 -17.54
C GLU F 1032 39.40 63.98 -17.43
N VAL F 1033 39.89 63.70 -16.22
CA VAL F 1033 41.23 63.11 -16.11
C VAL F 1033 41.21 61.66 -16.58
N LEU F 1034 40.10 60.95 -16.35
CA LEU F 1034 39.98 59.59 -16.87
C LEU F 1034 40.02 59.59 -18.40
N THR F 1035 39.30 60.51 -19.03
CA THR F 1035 39.38 60.64 -20.49
C THR F 1035 40.75 61.11 -20.94
N ARG F 1036 41.47 61.85 -20.10
CA ARG F 1036 42.78 62.36 -20.46
C ARG F 1036 43.86 61.28 -20.43
N PHE F 1037 43.78 60.34 -19.49
CA PHE F 1037 44.85 59.34 -19.38
C PHE F 1037 44.39 57.92 -19.17
N PHE F 1038 43.11 57.60 -19.38
CA PHE F 1038 42.65 56.22 -19.20
C PHE F 1038 41.83 55.75 -20.40
N MET F 1039 42.32 55.98 -21.61
CA MET F 1039 41.66 55.55 -22.82
C MET F 1039 41.98 54.08 -23.10
N ASP F 1040 41.73 53.64 -24.34
CA ASP F 1040 41.90 52.23 -24.69
C ASP F 1040 43.32 51.74 -24.47
N GLN F 1041 44.32 52.62 -24.61
CA GLN F 1041 45.69 52.19 -24.35
C GLN F 1041 45.89 51.80 -22.90
N ALA F 1042 45.13 52.39 -21.99
CA ALA F 1042 45.17 52.02 -20.57
C ALA F 1042 44.13 50.93 -20.29
N SER F 1043 44.26 49.83 -21.04
CA SER F 1043 43.30 48.73 -20.92
C SER F 1043 43.46 47.96 -19.61
N PHE F 1044 44.52 48.22 -18.86
CA PHE F 1044 44.69 47.57 -17.57
C PHE F 1044 43.86 48.27 -16.50
N GLU F 1045 43.70 47.57 -15.37
CA GLU F 1045 42.99 48.05 -14.17
C GLU F 1045 41.74 48.86 -14.53
N LEU F 1046 40.86 48.23 -15.30
CA LEU F 1046 39.61 48.84 -15.70
C LEU F 1046 38.48 48.60 -14.72
N GLN F 1047 38.76 47.87 -13.63
CA GLN F 1047 37.74 47.61 -12.61
C GLN F 1047 37.35 48.85 -11.83
N LEU F 1048 38.20 49.89 -11.83
CA LEU F 1048 37.89 51.09 -11.07
C LEU F 1048 36.65 51.79 -11.61
N TRP F 1049 36.34 51.60 -12.90
CA TRP F 1049 35.15 52.22 -13.47
C TRP F 1049 33.88 51.69 -12.82
N ASN F 1050 33.88 50.44 -12.35
CA ASN F 1050 32.73 49.89 -11.66
C ASN F 1050 32.40 50.70 -10.42
N ASN F 1051 33.40 50.91 -9.55
CA ASN F 1051 33.18 51.73 -8.37
C ASN F 1051 32.92 53.18 -8.73
N TYR F 1052 33.53 53.67 -9.81
CA TYR F 1052 33.29 55.04 -10.26
C TYR F 1052 31.81 55.26 -10.56
N PHE F 1053 31.23 54.37 -11.39
CA PHE F 1053 29.83 54.53 -11.75
C PHE F 1053 28.90 54.17 -10.60
N HIS F 1054 29.33 53.27 -9.71
CA HIS F 1054 28.55 53.01 -8.50
C HIS F 1054 28.42 54.28 -7.66
N LEU F 1055 29.54 54.98 -7.47
CA LEU F 1055 29.53 56.25 -6.75
C LEU F 1055 28.70 57.29 -7.48
N ALA F 1056 28.82 57.34 -8.80
CA ALA F 1056 28.06 58.31 -9.59
C ALA F 1056 26.56 58.08 -9.42
N VAL F 1057 26.12 56.82 -9.47
CA VAL F 1057 24.70 56.52 -9.33
C VAL F 1057 24.23 56.78 -7.91
N ALA F 1058 25.03 56.43 -6.91
CA ALA F 1058 24.66 56.70 -5.53
C ALA F 1058 24.52 58.19 -5.29
N PHE F 1059 25.36 59.00 -5.92
CA PHE F 1059 25.21 60.44 -5.86
C PHE F 1059 23.96 60.89 -6.62
N LEU F 1060 23.65 60.22 -7.73
CA LEU F 1060 22.51 60.58 -8.57
C LEU F 1060 21.17 60.27 -7.92
N THR F 1061 21.12 59.29 -7.00
CA THR F 1061 19.85 58.77 -6.51
C THR F 1061 19.31 59.53 -5.30
N HIS F 1062 19.63 60.81 -5.16
CA HIS F 1062 19.05 61.62 -4.09
C HIS F 1062 18.84 63.04 -4.61
N GLU F 1063 18.13 63.84 -3.82
CA GLU F 1063 17.78 65.21 -4.18
C GLU F 1063 17.05 65.27 -5.51
N SER F 1064 16.06 64.39 -5.66
CA SER F 1064 15.33 64.25 -6.92
C SER F 1064 14.04 65.06 -6.88
N LEU F 1065 13.22 64.89 -7.92
CA LEU F 1065 12.00 65.69 -8.07
C LEU F 1065 11.05 65.47 -6.90
N GLN F 1066 10.84 64.21 -6.51
CA GLN F 1066 9.93 63.91 -5.41
C GLN F 1066 10.46 64.41 -4.07
N LEU F 1067 11.77 64.60 -3.94
CA LEU F 1067 12.33 65.19 -2.72
C LEU F 1067 11.85 66.63 -2.57
N GLU F 1068 11.87 67.40 -3.65
CA GLU F 1068 11.49 68.80 -3.60
C GLU F 1068 10.02 69.03 -3.94
N THR F 1069 9.26 67.96 -4.23
CA THR F 1069 7.91 68.12 -4.74
C THR F 1069 6.92 68.64 -3.69
N PHE F 1070 7.34 68.82 -2.44
CA PHE F 1070 6.41 69.24 -1.40
C PHE F 1070 5.81 70.61 -1.70
N SER F 1071 6.63 71.57 -2.14
CA SER F 1071 6.12 72.89 -2.49
C SER F 1071 6.83 73.37 -3.75
N GLN F 1072 6.06 73.97 -4.67
CA GLN F 1072 6.61 74.37 -5.95
C GLN F 1072 7.68 75.44 -5.79
N ALA F 1073 7.61 76.23 -4.70
CA ALA F 1073 8.59 77.28 -4.48
C ALA F 1073 10.00 76.71 -4.38
N LYS F 1074 10.16 75.54 -3.77
CA LYS F 1074 11.48 74.93 -3.68
C LYS F 1074 12.03 74.59 -5.07
N ARG F 1075 11.18 74.03 -5.93
CA ARG F 1075 11.62 73.74 -7.29
C ARG F 1075 11.99 75.02 -8.03
N ASN F 1076 11.17 76.06 -7.87
CA ASN F 1076 11.45 77.33 -8.55
C ASN F 1076 12.78 77.91 -8.10
N LYS F 1077 13.02 77.94 -6.78
CA LYS F 1077 14.26 78.52 -6.29
C LYS F 1077 15.47 77.69 -6.68
N ILE F 1078 15.34 76.36 -6.66
CA ILE F 1078 16.49 75.52 -6.99
C ILE F 1078 16.82 75.63 -8.48
N VAL F 1079 15.81 75.71 -9.34
CA VAL F 1079 16.10 75.87 -10.76
C VAL F 1079 16.56 77.30 -11.05
N LYS F 1080 16.22 78.25 -10.18
CA LYS F 1080 16.71 79.60 -10.35
C LYS F 1080 18.18 79.73 -9.99
N LYS F 1081 18.60 79.09 -8.89
CA LYS F 1081 19.96 79.31 -8.41
C LYS F 1081 20.94 78.27 -8.94
N TYR F 1082 20.53 77.00 -9.02
CA TYR F 1082 21.43 75.97 -9.51
C TYR F 1082 20.88 75.27 -10.75
N GLY F 1083 19.58 74.97 -10.78
CA GLY F 1083 19.04 74.14 -11.84
C GLY F 1083 19.17 72.67 -11.50
N ASP F 1084 18.47 71.81 -12.24
CA ASP F 1084 18.57 70.38 -11.99
C ASP F 1084 19.96 69.86 -12.29
N MET F 1085 20.48 69.03 -11.40
CA MET F 1085 21.80 68.43 -11.54
C MET F 1085 21.76 67.00 -12.05
N ARG F 1086 20.72 66.24 -11.69
CA ARG F 1086 20.60 64.87 -12.15
C ARG F 1086 20.60 64.78 -13.68
N LYS F 1087 20.13 65.83 -14.35
CA LYS F 1087 20.13 65.84 -15.80
C LYS F 1087 21.55 65.77 -16.35
N GLU F 1088 22.43 66.66 -15.88
CA GLU F 1088 23.80 66.62 -16.36
C GLU F 1088 24.55 65.41 -15.81
N ILE F 1089 24.11 64.87 -14.67
CA ILE F 1089 24.67 63.60 -14.20
C ILE F 1089 24.41 62.51 -15.23
N GLY F 1090 23.16 62.40 -15.69
CA GLY F 1090 22.84 61.43 -16.72
C GLY F 1090 23.56 61.71 -18.03
N PHE F 1091 23.71 62.99 -18.38
CA PHE F 1091 24.44 63.34 -19.59
C PHE F 1091 25.88 62.88 -19.52
N ARG F 1092 26.55 63.13 -18.38
CA ARG F 1092 27.93 62.70 -18.23
C ARG F 1092 28.04 61.18 -18.25
N ILE F 1093 27.10 60.49 -17.58
CA ILE F 1093 27.12 59.03 -17.58
C ILE F 1093 26.97 58.50 -19.00
N ARG F 1094 26.04 59.05 -19.77
CA ARG F 1094 25.78 58.54 -21.11
C ARG F 1094 26.95 58.82 -22.04
N ASP F 1095 27.56 60.01 -21.95
CA ASP F 1095 28.69 60.29 -22.83
C ASP F 1095 29.91 59.46 -22.45
N MET F 1096 30.10 59.21 -21.15
CA MET F 1096 31.20 58.35 -20.73
C MET F 1096 30.99 56.92 -21.22
N TRP F 1097 29.75 56.42 -21.15
CA TRP F 1097 29.47 55.10 -21.69
C TRP F 1097 29.67 55.05 -23.19
N TYR F 1098 29.28 56.11 -23.90
CA TYR F 1098 29.49 56.15 -25.35
C TYR F 1098 30.97 56.13 -25.70
N ASN F 1099 31.78 56.91 -24.99
CA ASN F 1099 33.19 57.06 -25.33
C ASN F 1099 34.09 56.02 -24.67
N LEU F 1100 33.55 55.17 -23.79
CA LEU F 1100 34.37 54.21 -23.08
C LEU F 1100 35.02 53.21 -24.04
N GLY F 1101 34.20 52.42 -24.74
CA GLY F 1101 34.72 51.46 -25.68
C GLY F 1101 33.90 50.19 -25.75
N PRO F 1102 34.44 49.17 -26.42
CA PRO F 1102 33.70 47.91 -26.59
C PRO F 1102 33.82 46.97 -25.39
N HIS F 1103 34.29 47.48 -24.26
CA HIS F 1103 34.51 46.66 -23.06
C HIS F 1103 33.27 46.58 -22.18
N LYS F 1104 32.08 46.61 -22.77
CA LYS F 1104 30.85 46.57 -21.98
C LYS F 1104 30.56 45.18 -21.42
N ILE F 1105 31.24 44.15 -21.91
CA ILE F 1105 30.94 42.78 -21.49
C ILE F 1105 31.19 42.61 -20.00
N LYS F 1106 32.34 43.09 -19.53
CA LYS F 1106 32.66 42.99 -18.11
C LYS F 1106 31.79 43.89 -17.24
N PHE F 1107 31.13 44.90 -17.83
CA PHE F 1107 30.33 45.82 -17.04
C PHE F 1107 28.97 45.22 -16.69
N ILE F 1108 28.46 44.35 -17.55
CA ILE F 1108 27.07 43.86 -17.50
C ILE F 1108 26.66 43.45 -16.09
N PRO F 1109 27.29 42.45 -15.46
CA PRO F 1109 26.79 42.00 -14.15
C PRO F 1109 26.86 43.06 -13.08
N SER F 1110 27.70 44.08 -13.27
CA SER F 1110 27.80 45.21 -12.35
C SER F 1110 26.95 46.38 -12.77
N MET F 1111 26.83 46.65 -14.08
CA MET F 1111 26.10 47.82 -14.55
C MET F 1111 24.59 47.58 -14.63
N VAL F 1112 24.14 46.33 -14.52
CA VAL F 1112 22.70 46.07 -14.64
C VAL F 1112 21.92 46.79 -13.55
N GLY F 1113 22.40 46.76 -12.31
CA GLY F 1113 21.70 47.34 -11.19
C GLY F 1113 21.59 48.85 -11.22
N PRO F 1114 22.74 49.54 -11.14
CA PRO F 1114 22.70 51.01 -10.99
C PRO F 1114 21.97 51.75 -12.10
N ILE F 1115 22.04 51.28 -13.35
CA ILE F 1115 21.40 52.01 -14.44
C ILE F 1115 19.89 52.00 -14.29
N LEU F 1116 19.36 51.10 -13.47
CA LEU F 1116 17.90 51.02 -13.29
C LEU F 1116 17.32 52.28 -12.66
N GLU F 1117 18.01 52.86 -11.67
CA GLU F 1117 17.48 54.04 -11.00
C GLU F 1117 17.32 55.20 -11.97
N VAL F 1118 18.32 55.43 -12.83
CA VAL F 1118 18.16 56.43 -13.87
C VAL F 1118 17.20 55.98 -14.96
N THR F 1119 17.00 54.66 -15.11
CA THR F 1119 16.02 54.17 -16.06
C THR F 1119 14.61 54.60 -15.67
N LEU F 1120 14.25 54.45 -14.39
CA LEU F 1120 12.90 54.73 -13.93
C LEU F 1120 12.76 56.12 -13.34
N THR F 1121 13.50 57.09 -13.86
CA THR F 1121 13.42 58.46 -13.35
C THR F 1121 12.05 59.05 -13.65
N PRO F 1122 11.50 59.85 -12.72
CA PRO F 1122 10.17 60.46 -12.97
C PRO F 1122 10.16 61.42 -14.16
N GLU F 1123 11.29 62.01 -14.53
CA GLU F 1123 11.31 63.00 -15.59
C GLU F 1123 11.23 62.28 -16.95
N VAL F 1124 11.33 63.06 -18.04
CA VAL F 1124 11.19 62.53 -19.39
C VAL F 1124 12.40 62.83 -20.26
N GLU F 1125 12.85 64.10 -20.27
CA GLU F 1125 13.86 64.53 -21.24
C GLU F 1125 15.18 63.77 -21.07
N LEU F 1126 15.69 63.72 -19.83
CA LEU F 1126 16.94 63.01 -19.58
C LEU F 1126 16.79 61.53 -19.88
N ARG F 1127 15.65 60.93 -19.52
CA ARG F 1127 15.41 59.54 -19.87
C ARG F 1127 15.32 59.36 -21.38
N LYS F 1128 14.73 60.33 -22.07
CA LYS F 1128 14.67 60.27 -23.53
C LYS F 1128 16.08 60.25 -24.13
N ALA F 1129 16.98 61.09 -23.61
CA ALA F 1129 18.34 61.09 -24.12
C ALA F 1129 19.13 59.87 -23.66
N THR F 1130 18.75 59.24 -22.56
CA THR F 1130 19.49 58.13 -21.99
C THR F 1130 19.06 56.76 -22.51
N ILE F 1131 17.85 56.66 -23.06
CA ILE F 1131 17.32 55.39 -23.55
C ILE F 1131 18.26 54.67 -24.53
N PRO F 1132 18.86 55.36 -25.53
CA PRO F 1132 19.69 54.63 -26.52
C PRO F 1132 20.86 53.86 -25.92
N ILE F 1133 21.23 54.11 -24.66
CA ILE F 1133 22.26 53.29 -24.04
C ILE F 1133 21.81 51.84 -23.95
N PHE F 1134 20.48 51.62 -23.83
CA PHE F 1134 19.98 50.25 -23.79
C PHE F 1134 20.13 49.56 -25.13
N PHE F 1135 19.86 50.28 -26.23
CA PHE F 1135 20.10 49.72 -27.55
C PHE F 1135 21.57 49.43 -27.77
N ASP F 1136 22.44 50.35 -27.34
CA ASP F 1136 23.88 50.13 -27.50
C ASP F 1136 24.35 48.92 -26.71
N MET F 1137 23.90 48.78 -25.46
CA MET F 1137 24.31 47.62 -24.68
C MET F 1137 23.69 46.33 -25.21
N MET F 1138 22.49 46.38 -25.77
CA MET F 1138 21.90 45.19 -26.37
C MET F 1138 22.70 44.73 -27.59
N GLN F 1139 23.10 45.67 -28.45
CA GLN F 1139 23.88 45.27 -29.63
C GLN F 1139 25.27 44.79 -29.23
N CYS F 1140 25.88 45.42 -28.22
CA CYS F 1140 27.16 44.92 -27.71
C CYS F 1140 27.00 43.52 -27.13
N GLU F 1141 25.90 43.28 -26.41
CA GLU F 1141 25.67 41.96 -25.83
C GLU F 1141 25.47 40.91 -26.92
N PHE F 1142 24.78 41.27 -28.00
CA PHE F 1142 24.66 40.33 -29.11
C PHE F 1142 26.01 40.06 -29.75
N ASN F 1143 26.83 41.10 -29.94
CA ASN F 1143 28.16 40.91 -30.49
C ASN F 1143 28.97 39.95 -29.61
N PHE F 1144 28.79 40.04 -28.30
CA PHE F 1144 29.52 39.16 -27.39
C PHE F 1144 28.94 37.73 -27.39
N SER F 1145 27.62 37.60 -27.46
CA SER F 1145 26.95 36.34 -27.23
C SER F 1145 26.35 35.73 -28.50
N GLY F 1146 26.86 36.12 -29.68
CA GLY F 1146 26.42 35.47 -30.90
C GLY F 1146 26.65 33.97 -30.88
N ASN F 1147 27.60 33.50 -30.08
CA ASN F 1147 27.84 32.08 -29.88
C ASN F 1147 26.91 31.53 -28.79
N GLY F 1148 25.62 31.76 -28.99
CA GLY F 1148 24.61 31.33 -28.05
C GLY F 1148 23.51 32.38 -27.93
N ASN F 1149 22.88 32.42 -26.76
CA ASN F 1149 21.82 33.36 -26.46
C ASN F 1149 22.37 34.46 -25.55
N PHE F 1150 21.51 35.43 -25.23
CA PHE F 1150 21.91 36.57 -24.40
C PHE F 1150 20.85 36.89 -23.36
N HIS F 1151 20.21 35.86 -22.81
CA HIS F 1151 19.18 36.08 -21.79
C HIS F 1151 19.77 36.60 -20.49
N MET F 1152 21.05 36.30 -20.21
CA MET F 1152 21.71 36.56 -18.94
C MET F 1152 21.83 38.05 -18.63
N PHE F 1153 21.32 38.95 -19.46
CA PHE F 1153 21.15 40.34 -19.08
C PHE F 1153 19.71 40.65 -18.71
N GLU F 1154 18.76 40.18 -19.52
CA GLU F 1154 17.34 40.45 -19.26
C GLU F 1154 16.88 39.77 -17.97
N ASN F 1155 17.51 38.65 -17.60
CA ASN F 1155 17.11 37.98 -16.37
C ASN F 1155 17.25 38.91 -15.16
N GLU F 1156 18.48 39.35 -14.88
CA GLU F 1156 18.67 40.25 -13.76
C GLU F 1156 18.11 41.64 -14.04
N LEU F 1157 17.93 42.01 -15.31
CA LEU F 1157 17.23 43.26 -15.61
C LEU F 1157 15.81 43.22 -15.07
N ILE F 1158 15.11 42.12 -15.33
CA ILE F 1158 13.76 41.93 -14.79
C ILE F 1158 13.80 41.85 -13.27
N THR F 1159 14.80 41.15 -12.72
CA THR F 1159 14.94 41.09 -11.27
C THR F 1159 15.03 42.48 -10.66
N LYS F 1160 15.92 43.32 -11.18
CA LYS F 1160 16.12 44.66 -10.65
C LYS F 1160 14.93 45.57 -10.92
N LEU F 1161 14.26 45.40 -12.06
CA LEU F 1161 13.03 46.16 -12.31
C LEU F 1161 11.96 45.82 -11.28
N ASP F 1162 11.83 44.53 -10.96
CA ASP F 1162 10.89 44.13 -9.92
C ASP F 1162 11.27 44.74 -8.58
N GLN F 1163 12.56 44.75 -8.25
CA GLN F 1163 13.00 45.37 -7.01
C GLN F 1163 12.68 46.87 -7.00
N GLU F 1164 12.89 47.53 -8.13
CA GLU F 1164 12.61 48.97 -8.22
C GLU F 1164 11.13 49.26 -8.02
N VAL F 1165 10.26 48.48 -8.66
CA VAL F 1165 8.83 48.69 -8.51
C VAL F 1165 8.40 48.40 -7.07
N GLU F 1166 8.99 47.36 -6.46
CA GLU F 1166 8.72 47.09 -5.05
C GLU F 1166 9.22 48.23 -4.17
N GLY F 1167 10.20 49.00 -4.64
CA GLY F 1167 10.61 50.20 -3.94
C GLY F 1167 9.67 51.38 -4.13
N GLY F 1168 8.73 51.28 -5.07
CA GLY F 1168 7.74 52.32 -5.27
C GLY F 1168 8.16 53.38 -6.27
N ARG F 1169 8.57 52.95 -7.46
CA ARG F 1169 8.99 53.89 -8.49
C ARG F 1169 8.50 53.47 -9.88
N GLY F 1170 7.31 52.88 -9.96
CA GLY F 1170 6.78 52.46 -11.23
C GLY F 1170 5.91 53.51 -11.90
N ASP F 1171 5.76 53.40 -13.22
CA ASP F 1171 4.98 54.35 -13.99
C ASP F 1171 4.50 53.68 -15.26
N GLU F 1172 3.43 54.24 -15.84
CA GLU F 1172 2.75 53.66 -16.99
C GLU F 1172 2.99 54.43 -18.28
N GLN F 1173 2.83 55.76 -18.25
CA GLN F 1173 3.20 56.54 -19.43
C GLN F 1173 4.68 56.41 -19.73
N TYR F 1174 5.49 56.18 -18.70
CA TYR F 1174 6.88 55.81 -18.94
C TYR F 1174 6.99 54.50 -19.68
N LYS F 1175 6.10 53.55 -19.38
CA LYS F 1175 6.07 52.30 -20.15
C LYS F 1175 5.73 52.57 -21.61
N VAL F 1176 4.78 53.46 -21.86
CA VAL F 1176 4.44 53.80 -23.24
C VAL F 1176 5.62 54.43 -23.96
N LEU F 1177 6.33 55.34 -23.27
CA LEU F 1177 7.51 55.95 -23.86
C LEU F 1177 8.59 54.90 -24.12
N LEU F 1178 8.77 53.96 -23.19
CA LEU F 1178 9.72 52.88 -23.38
C LEU F 1178 9.36 52.08 -24.62
N GLU F 1179 8.09 51.74 -24.80
CA GLU F 1179 7.68 50.96 -25.95
C GLU F 1179 7.91 51.72 -27.25
N LYS F 1180 7.61 53.02 -27.25
CA LYS F 1180 7.86 53.83 -28.45
C LYS F 1180 9.35 53.84 -28.79
N LEU F 1181 10.19 54.07 -27.77
CA LEU F 1181 11.64 54.15 -28.03
C LEU F 1181 12.20 52.81 -28.48
N LEU F 1182 11.73 51.71 -27.88
CA LEU F 1182 12.25 50.41 -28.28
C LEU F 1182 11.75 50.00 -29.66
N LEU F 1183 10.53 50.40 -30.03
CA LEU F 1183 10.09 50.21 -31.41
C LEU F 1183 10.96 50.99 -32.37
N GLU F 1184 11.30 52.23 -32.02
CA GLU F 1184 12.18 53.04 -32.86
C GLU F 1184 13.54 52.36 -33.02
N HIS F 1185 14.10 51.86 -31.90
CA HIS F 1185 15.41 51.23 -31.96
C HIS F 1185 15.38 49.92 -32.73
N CYS F 1186 14.29 49.15 -32.61
CA CYS F 1186 14.16 47.93 -33.41
C CYS F 1186 14.06 48.25 -34.89
N ARG F 1187 13.33 49.30 -35.26
CA ARG F 1187 13.32 49.75 -36.64
C ARG F 1187 14.70 50.24 -37.08
N LYS F 1188 15.51 50.76 -36.16
CA LYS F 1188 16.90 51.08 -36.45
C LYS F 1188 17.78 49.85 -36.63
N HIS F 1189 17.26 48.66 -36.32
CA HIS F 1189 18.05 47.43 -36.30
C HIS F 1189 17.51 46.45 -37.34
N LYS F 1190 18.01 45.21 -37.28
CA LYS F 1190 17.78 44.15 -38.25
C LYS F 1190 17.07 42.99 -37.56
N TYR F 1191 17.01 41.84 -38.24
CA TYR F 1191 16.15 40.71 -37.84
C TYR F 1191 16.14 40.46 -36.33
N LEU F 1192 17.22 40.79 -35.65
CA LEU F 1192 17.22 40.71 -34.19
C LEU F 1192 16.21 41.65 -33.56
N SER F 1193 15.70 42.63 -34.33
CA SER F 1193 14.67 43.51 -33.84
C SER F 1193 13.46 42.75 -33.33
N SER F 1194 13.12 41.62 -33.99
CA SER F 1194 11.95 40.85 -33.56
C SER F 1194 12.14 40.31 -32.15
N SER F 1195 13.27 39.65 -31.89
CA SER F 1195 13.53 39.13 -30.56
C SER F 1195 13.63 40.27 -29.54
N GLY F 1196 14.31 41.35 -29.90
CA GLY F 1196 14.41 42.49 -28.99
C GLY F 1196 13.05 43.05 -28.62
N GLU F 1197 12.18 43.22 -29.61
CA GLU F 1197 10.88 43.83 -29.35
C GLU F 1197 9.95 42.89 -28.61
N VAL F 1198 10.02 41.58 -28.87
CA VAL F 1198 9.15 40.67 -28.12
C VAL F 1198 9.62 40.59 -26.67
N PHE F 1199 10.93 40.54 -26.43
CA PHE F 1199 11.43 40.55 -25.06
C PHE F 1199 11.07 41.86 -24.36
N ALA F 1200 11.17 42.98 -25.07
CA ALA F 1200 10.83 44.26 -24.46
C ALA F 1200 9.32 44.37 -24.22
N LEU F 1201 8.51 43.76 -25.07
CA LEU F 1201 7.08 43.69 -24.80
C LEU F 1201 6.81 42.88 -23.55
N LEU F 1202 7.52 41.77 -23.37
CA LEU F 1202 7.42 41.03 -22.11
C LEU F 1202 7.81 41.92 -20.93
N VAL F 1203 8.88 42.70 -21.10
CA VAL F 1203 9.33 43.60 -20.03
C VAL F 1203 8.25 44.62 -19.69
N SER F 1204 7.64 45.22 -20.71
CA SER F 1204 6.64 46.26 -20.47
C SER F 1204 5.37 45.66 -19.87
N SER F 1205 4.98 44.47 -20.33
CA SER F 1205 3.83 43.81 -19.74
C SER F 1205 4.07 43.47 -18.28
N LEU F 1206 5.28 43.01 -17.95
CA LEU F 1206 5.62 42.76 -16.55
C LEU F 1206 5.63 44.06 -15.76
N LEU F 1207 6.08 45.14 -16.37
CA LEU F 1207 6.13 46.43 -15.69
C LEU F 1207 4.74 46.94 -15.37
N GLU F 1208 3.80 46.84 -16.32
CA GLU F 1208 2.43 47.24 -16.03
C GLU F 1208 1.77 46.27 -15.06
N ASN F 1209 2.17 45.00 -15.09
CA ASN F 1209 1.76 44.05 -14.08
C ASN F 1209 2.11 44.54 -12.69
N LEU F 1210 3.37 44.90 -12.48
CA LEU F 1210 3.78 45.36 -11.17
C LEU F 1210 3.22 46.73 -10.84
N LEU F 1211 2.95 47.55 -11.87
CA LEU F 1211 2.27 48.82 -11.65
C LEU F 1211 0.88 48.60 -11.09
N ASP F 1212 0.13 47.66 -11.67
CA ASP F 1212 -1.18 47.32 -11.13
C ASP F 1212 -1.06 46.76 -9.74
N TYR F 1213 -0.06 45.91 -9.50
CA TYR F 1213 0.13 45.32 -8.18
C TYR F 1213 0.37 46.40 -7.13
N ARG F 1214 1.22 47.38 -7.43
CA ARG F 1214 1.53 48.41 -6.46
C ARG F 1214 0.38 49.39 -6.30
N THR F 1215 -0.35 49.69 -7.38
CA THR F 1215 -1.45 50.62 -7.28
C THR F 1215 -2.69 50.00 -6.65
N ILE F 1216 -2.74 48.68 -6.55
CA ILE F 1216 -3.86 48.02 -5.87
C ILE F 1216 -3.49 47.53 -4.48
N ILE F 1217 -2.20 47.37 -4.17
CA ILE F 1217 -1.80 46.95 -2.84
C ILE F 1217 -2.07 48.06 -1.81
N MET F 1218 -2.19 49.31 -2.26
CA MET F 1218 -2.50 50.42 -1.38
C MET F 1218 -4.00 50.67 -1.24
N GLN F 1219 -4.79 50.28 -2.24
CA GLN F 1219 -6.23 50.45 -2.21
C GLN F 1219 -6.86 49.27 -1.47
N ASP F 1220 -8.19 49.19 -1.48
CA ASP F 1220 -8.89 48.10 -0.81
C ASP F 1220 -8.53 46.76 -1.45
N GLU F 1221 -8.43 45.74 -0.60
CA GLU F 1221 -8.07 44.41 -1.06
C GLU F 1221 -9.20 43.83 -1.92
N SER F 1222 -8.81 43.21 -3.04
CA SER F 1222 -9.74 42.55 -3.94
C SER F 1222 -9.40 41.09 -4.18
N LYS F 1223 -8.11 40.75 -4.24
CA LYS F 1223 -7.62 39.38 -4.27
C LYS F 1223 -7.94 38.66 -5.57
N GLU F 1224 -8.20 39.40 -6.64
CA GLU F 1224 -8.25 38.74 -7.95
C GLU F 1224 -7.34 39.40 -8.98
N ASN F 1225 -7.27 40.72 -9.01
CA ASN F 1225 -6.36 41.41 -9.92
C ASN F 1225 -4.91 41.16 -9.53
N ARG F 1226 -4.63 41.15 -8.23
CA ARG F 1226 -3.29 40.79 -7.77
C ARG F 1226 -2.95 39.36 -8.16
N MET F 1227 -3.92 38.45 -8.09
CA MET F 1227 -3.67 37.06 -8.48
C MET F 1227 -3.37 36.97 -9.97
N SER F 1228 -4.13 37.69 -10.80
CA SER F 1228 -3.86 37.70 -12.23
C SER F 1228 -2.47 38.26 -12.51
N CYS F 1229 -2.12 39.37 -11.85
CA CYS F 1229 -0.80 39.94 -12.05
C CYS F 1229 0.31 38.98 -11.64
N THR F 1230 0.16 38.32 -10.49
CA THR F 1230 1.18 37.40 -10.02
C THR F 1230 1.32 36.19 -10.94
N VAL F 1231 0.20 35.65 -11.42
CA VAL F 1231 0.32 34.51 -12.34
C VAL F 1231 0.95 34.97 -13.64
N ASN F 1232 0.74 36.23 -14.04
CA ASN F 1232 1.41 36.74 -15.23
C ASN F 1232 2.93 36.84 -15.01
N VAL F 1233 3.34 37.30 -13.82
CA VAL F 1233 4.78 37.34 -13.55
C VAL F 1233 5.35 35.93 -13.54
N LEU F 1234 4.60 34.95 -13.02
CA LEU F 1234 5.07 33.57 -13.02
C LEU F 1234 5.21 33.05 -14.44
N ASN F 1235 4.25 33.39 -15.31
CA ASN F 1235 4.36 33.01 -16.71
C ASN F 1235 5.59 33.61 -17.36
N PHE F 1236 5.84 34.89 -17.10
CA PHE F 1236 7.03 35.55 -17.66
C PHE F 1236 8.30 34.88 -17.17
N TYR F 1237 8.36 34.56 -15.89
CA TYR F 1237 9.57 33.96 -15.33
C TYR F 1237 9.82 32.56 -15.85
N LYS F 1238 8.76 31.74 -15.98
CA LYS F 1238 8.95 30.41 -16.57
C LYS F 1238 9.24 30.50 -18.06
N GLU F 1239 8.81 31.60 -18.70
CA GLU F 1239 9.15 31.81 -20.11
C GLU F 1239 10.61 32.19 -20.28
N LYS F 1240 11.16 32.94 -19.32
CA LYS F 1240 12.56 33.38 -19.38
C LYS F 1240 13.51 32.45 -18.64
N LYS F 1241 13.04 31.26 -18.24
CA LYS F 1241 13.88 30.27 -17.56
C LYS F 1241 14.47 30.83 -16.28
N ARG F 1242 13.70 31.65 -15.58
CA ARG F 1242 14.12 32.25 -14.33
C ARG F 1242 13.19 31.80 -13.20
N GLU F 1243 13.78 31.36 -12.10
CA GLU F 1243 13.02 30.82 -10.98
C GLU F 1243 13.13 31.63 -9.71
N ASP F 1244 14.22 32.36 -9.49
CA ASP F 1244 14.43 33.08 -8.24
C ASP F 1244 13.25 34.00 -7.93
N ILE F 1245 13.00 34.97 -8.81
CA ILE F 1245 11.83 35.82 -8.63
C ILE F 1245 10.56 34.98 -8.71
N TYR F 1246 10.58 33.95 -9.55
CA TYR F 1246 9.44 33.06 -9.68
C TYR F 1246 9.15 32.33 -8.38
N ILE F 1247 10.18 31.79 -7.73
CA ILE F 1247 9.95 31.05 -6.49
C ILE F 1247 9.56 32.00 -5.37
N ARG F 1248 10.16 33.18 -5.30
CA ARG F 1248 9.78 34.12 -4.26
C ARG F 1248 8.34 34.60 -4.44
N TYR F 1249 7.93 34.84 -5.68
CA TYR F 1249 6.56 35.27 -5.94
C TYR F 1249 5.55 34.15 -5.72
N LEU F 1250 5.89 32.90 -6.03
CA LEU F 1250 4.98 31.82 -5.66
C LEU F 1250 4.94 31.63 -4.15
N TYR F 1251 6.02 31.93 -3.45
CA TYR F 1251 5.98 31.96 -1.99
C TYR F 1251 4.98 33.01 -1.50
N LYS F 1252 5.02 34.19 -2.09
CA LYS F 1252 4.04 35.23 -1.74
C LYS F 1252 2.63 34.77 -2.06
N LEU F 1253 2.45 34.11 -3.21
CA LEU F 1253 1.16 33.55 -3.57
C LEU F 1253 0.66 32.58 -2.51
N ARG F 1254 1.54 31.68 -2.08
CA ARG F 1254 1.18 30.70 -1.06
C ARG F 1254 0.84 31.34 0.28
N ASP F 1255 1.55 32.41 0.65
CA ASP F 1255 1.21 33.13 1.87
C ASP F 1255 -0.17 33.76 1.75
N LEU F 1256 -0.44 34.44 0.63
CA LEU F 1256 -1.72 35.09 0.45
C LEU F 1256 -2.85 34.06 0.40
N HIS F 1257 -2.58 32.88 -0.16
CA HIS F 1257 -3.60 31.84 -0.25
C HIS F 1257 -3.83 31.19 1.11
N ARG F 1258 -2.79 31.09 1.94
CA ARG F 1258 -2.98 30.72 3.33
C ARG F 1258 -3.87 31.73 4.03
N ASP F 1259 -3.71 33.01 3.71
CA ASP F 1259 -4.58 34.04 4.27
C ASP F 1259 -6.03 33.86 3.84
N CYS F 1260 -6.27 33.26 2.68
CA CYS F 1260 -7.63 33.07 2.17
C CYS F 1260 -8.04 31.59 2.14
N GLU F 1261 -7.35 30.75 2.90
CA GLU F 1261 -7.66 29.33 3.09
C GLU F 1261 -8.09 28.65 1.78
N ASN F 1262 -7.30 28.83 0.74
CA ASN F 1262 -7.54 28.20 -0.56
C ASN F 1262 -6.43 27.19 -0.80
N TYR F 1263 -6.69 25.94 -0.40
CA TYR F 1263 -5.66 24.92 -0.44
C TYR F 1263 -5.39 24.38 -1.84
N THR F 1264 -6.38 24.42 -2.74
CA THR F 1264 -6.19 23.82 -4.05
C THR F 1264 -5.18 24.59 -4.89
N GLU F 1265 -5.27 25.93 -4.89
CA GLU F 1265 -4.29 26.72 -5.61
C GLU F 1265 -2.91 26.64 -4.97
N ALA F 1266 -2.87 26.51 -3.65
CA ALA F 1266 -1.60 26.30 -2.97
C ALA F 1266 -0.95 24.99 -3.42
N ALA F 1267 -1.76 23.92 -3.53
CA ALA F 1267 -1.24 22.66 -4.06
C ALA F 1267 -0.77 22.81 -5.50
N TYR F 1268 -1.53 23.56 -6.31
CA TYR F 1268 -1.10 23.81 -7.68
C TYR F 1268 0.27 24.48 -7.73
N THR F 1269 0.45 25.54 -6.93
CA THR F 1269 1.73 26.25 -6.92
C THR F 1269 2.85 25.36 -6.38
N LEU F 1270 2.54 24.52 -5.39
CA LEU F 1270 3.54 23.58 -4.88
C LEU F 1270 3.96 22.60 -5.97
N LEU F 1271 3.00 22.13 -6.77
CA LEU F 1271 3.35 21.27 -7.90
C LEU F 1271 4.19 22.02 -8.93
N LEU F 1272 3.90 23.30 -9.14
CA LEU F 1272 4.73 24.10 -10.04
C LEU F 1272 6.17 24.17 -9.53
N HIS F 1273 6.33 24.42 -8.23
CA HIS F 1273 7.66 24.46 -7.64
C HIS F 1273 8.36 23.12 -7.79
N ALA F 1274 7.65 22.02 -7.54
CA ALA F 1274 8.25 20.69 -7.65
C ALA F 1274 8.68 20.39 -9.07
N GLU F 1275 7.85 20.73 -10.06
CA GLU F 1275 8.17 20.43 -11.44
C GLU F 1275 9.27 21.34 -11.98
N LEU F 1276 9.42 22.54 -11.43
CA LEU F 1276 10.54 23.40 -11.77
C LEU F 1276 11.77 23.15 -10.90
N LEU F 1277 11.72 22.15 -10.02
CA LEU F 1277 12.85 21.77 -9.19
C LEU F 1277 13.41 20.44 -9.71
N GLN F 1278 14.70 20.42 -10.01
CA GLN F 1278 15.34 19.23 -10.54
C GLN F 1278 15.69 18.26 -9.41
N TRP F 1279 16.01 17.03 -9.79
CA TRP F 1279 16.33 15.99 -8.82
C TRP F 1279 17.78 16.04 -8.34
N SER F 1280 18.59 16.96 -8.86
CA SER F 1280 19.97 17.10 -8.39
C SER F 1280 19.99 17.43 -6.91
N ASP F 1281 20.81 16.71 -6.16
CA ASP F 1281 20.86 16.83 -4.71
C ASP F 1281 21.95 17.77 -4.22
N LYS F 1282 22.68 18.43 -5.12
CA LYS F 1282 23.72 19.36 -4.73
C LYS F 1282 23.20 20.78 -4.83
N PRO F 1283 23.04 21.50 -3.72
CA PRO F 1283 22.55 22.90 -3.78
C PRO F 1283 23.57 23.86 -4.39
N CYS F 1284 23.75 23.75 -5.71
CA CYS F 1284 24.70 24.60 -6.41
C CYS F 1284 24.25 26.06 -6.38
N VAL F 1285 22.99 26.32 -6.73
CA VAL F 1285 22.46 27.68 -6.69
C VAL F 1285 21.74 27.89 -5.36
N PRO F 1286 22.24 28.77 -4.50
CA PRO F 1286 21.63 28.96 -3.18
C PRO F 1286 20.38 29.83 -3.15
N HIS F 1287 19.81 30.18 -4.29
CA HIS F 1287 18.66 31.08 -4.32
C HIS F 1287 17.38 30.44 -3.78
N LEU F 1288 17.26 29.11 -3.87
CA LEU F 1288 16.03 28.47 -3.41
C LEU F 1288 15.92 28.46 -1.89
N LEU F 1289 17.01 28.71 -1.17
CA LEU F 1289 16.97 28.75 0.28
C LEU F 1289 16.28 30.02 0.76
N GLN F 1290 16.01 30.06 2.06
CA GLN F 1290 15.41 31.23 2.71
C GLN F 1290 16.42 31.87 3.64
N ARG F 1291 16.51 33.20 3.57
CA ARG F 1291 17.52 33.96 4.30
C ARG F 1291 17.04 34.39 5.68
N ASP F 1292 15.83 33.99 6.08
CA ASP F 1292 15.34 34.36 7.41
C ASP F 1292 16.20 33.76 8.51
N SER F 1293 16.59 32.49 8.36
CA SER F 1293 17.44 31.84 9.33
C SER F 1293 18.73 31.36 8.67
N TYR F 1294 19.59 30.68 9.42
CA TYR F 1294 20.86 30.19 8.88
C TYR F 1294 21.20 28.88 9.57
N TYR F 1295 21.09 27.78 8.84
CA TYR F 1295 21.47 26.47 9.34
C TYR F 1295 21.96 25.66 8.13
N VAL F 1296 22.00 24.33 8.29
CA VAL F 1296 22.54 23.47 7.24
C VAL F 1296 21.81 23.68 5.93
N TYR F 1297 20.48 23.74 5.97
CA TYR F 1297 19.64 23.98 4.79
C TYR F 1297 19.91 22.96 3.69
N THR F 1298 20.18 21.72 4.05
CA THR F 1298 20.37 20.68 3.05
C THR F 1298 19.06 20.42 2.31
N GLN F 1299 19.18 20.15 1.01
CA GLN F 1299 18.01 20.05 0.14
C GLN F 1299 17.20 18.79 0.35
N GLN F 1300 17.77 17.75 0.96
CA GLN F 1300 17.03 16.50 1.13
C GLN F 1300 15.93 16.63 2.17
N GLU F 1301 16.24 17.25 3.31
CA GLU F 1301 15.21 17.49 4.32
C GLU F 1301 14.14 18.43 3.80
N LEU F 1302 14.53 19.45 3.01
CA LEU F 1302 13.55 20.33 2.40
C LEU F 1302 12.64 19.55 1.45
N LYS F 1303 13.24 18.66 0.65
CA LYS F 1303 12.44 17.87 -0.28
C LYS F 1303 11.44 17.00 0.46
N GLU F 1304 11.87 16.31 1.52
CA GLU F 1304 10.95 15.44 2.25
C GLU F 1304 9.88 16.25 2.97
N LYS F 1305 10.23 17.43 3.50
CA LYS F 1305 9.23 18.27 4.13
C LYS F 1305 8.19 18.75 3.12
N LEU F 1306 8.64 19.14 1.92
CA LEU F 1306 7.70 19.54 0.89
C LEU F 1306 6.82 18.38 0.46
N TYR F 1307 7.38 17.18 0.36
CA TYR F 1307 6.59 16.02 -0.06
C TYR F 1307 5.54 15.68 0.99
N GLN F 1308 5.90 15.74 2.28
CA GLN F 1308 4.90 15.46 3.32
C GLN F 1308 3.87 16.58 3.41
N GLU F 1309 4.25 17.83 3.11
CA GLU F 1309 3.26 18.89 3.01
C GLU F 1309 2.30 18.63 1.86
N ILE F 1310 2.82 18.12 0.74
CA ILE F 1310 1.97 17.72 -0.38
C ILE F 1310 0.99 16.64 0.07
N ILE F 1311 1.49 15.67 0.83
CA ILE F 1311 0.64 14.60 1.34
C ILE F 1311 -0.49 15.16 2.21
N SER F 1312 -0.13 16.08 3.11
CA SER F 1312 -1.13 16.68 4.00
C SER F 1312 -2.16 17.46 3.20
N TYR F 1313 -1.72 18.25 2.23
CA TYR F 1313 -2.65 19.04 1.43
C TYR F 1313 -3.57 18.16 0.61
N PHE F 1314 -3.04 17.07 0.05
CA PHE F 1314 -3.89 16.13 -0.67
C PHE F 1314 -4.88 15.45 0.29
N ASP F 1315 -4.48 15.23 1.53
CA ASP F 1315 -5.41 14.72 2.52
C ASP F 1315 -6.53 15.72 2.78
N LYS F 1316 -6.21 17.01 2.78
CA LYS F 1316 -7.19 18.06 3.03
C LYS F 1316 -7.55 18.81 1.74
N GLY F 1317 -7.43 18.13 0.60
CA GLY F 1317 -7.69 18.79 -0.68
C GLY F 1317 -8.73 18.12 -1.55
N LYS F 1318 -9.01 16.84 -1.28
CA LYS F 1318 -10.04 16.06 -1.97
C LYS F 1318 -9.70 15.85 -3.45
N MET F 1319 -8.54 16.33 -3.89
CA MET F 1319 -8.07 16.03 -5.24
C MET F 1319 -7.38 14.67 -5.24
N TRP F 1320 -7.70 13.85 -6.25
CA TRP F 1320 -7.29 12.47 -6.25
C TRP F 1320 -6.41 12.09 -7.42
N GLU F 1321 -6.80 12.43 -8.65
CA GLU F 1321 -6.12 11.88 -9.83
C GLU F 1321 -4.66 12.30 -9.88
N LYS F 1322 -4.39 13.61 -9.78
CA LYS F 1322 -3.01 14.05 -9.68
C LYS F 1322 -2.39 13.58 -8.38
N ALA F 1323 -3.18 13.55 -7.30
CA ALA F 1323 -2.70 13.00 -6.03
C ALA F 1323 -2.31 11.54 -6.17
N ILE F 1324 -3.12 10.76 -6.90
CA ILE F 1324 -2.81 9.34 -7.08
C ILE F 1324 -1.56 9.16 -7.92
N LYS F 1325 -1.41 9.96 -8.98
CA LYS F 1325 -0.21 9.87 -9.80
C LYS F 1325 1.03 10.22 -8.99
N LEU F 1326 0.95 11.30 -8.20
CA LEU F 1326 2.09 11.69 -7.38
C LEU F 1326 2.37 10.67 -6.29
N SER F 1327 1.33 10.00 -5.78
CA SER F 1327 1.52 8.90 -4.84
C SER F 1327 2.23 7.72 -5.48
N LYS F 1328 1.90 7.38 -6.73
CA LYS F 1328 2.65 6.35 -7.45
C LYS F 1328 4.12 6.74 -7.58
N GLU F 1329 4.38 8.00 -7.95
CA GLU F 1329 5.75 8.46 -8.09
C GLU F 1329 6.48 8.43 -6.75
N LEU F 1330 5.80 8.82 -5.68
CA LEU F 1330 6.42 8.81 -4.35
C LEU F 1330 6.68 7.39 -3.87
N ALA F 1331 5.80 6.45 -4.18
CA ALA F 1331 6.06 5.05 -3.88
C ALA F 1331 7.26 4.54 -4.65
N GLU F 1332 7.38 4.92 -5.92
CA GLU F 1332 8.55 4.58 -6.71
C GLU F 1332 9.83 5.11 -6.07
N THR F 1333 9.82 6.38 -5.66
CA THR F 1333 10.99 6.97 -5.02
C THR F 1333 11.30 6.28 -3.70
N TYR F 1334 10.26 5.97 -2.91
CA TYR F 1334 10.44 5.26 -1.66
C TYR F 1334 11.12 3.92 -1.86
N GLU F 1335 10.59 3.09 -2.75
CA GLU F 1335 11.10 1.73 -2.89
C GLU F 1335 12.46 1.70 -3.59
N SER F 1336 12.70 2.64 -4.51
CA SER F 1336 13.92 2.62 -5.31
C SER F 1336 15.11 3.28 -4.65
N LYS F 1337 14.91 4.35 -3.89
CA LYS F 1337 16.03 5.19 -3.46
C LYS F 1337 16.19 5.25 -1.95
N VAL F 1338 15.11 5.52 -1.20
CA VAL F 1338 15.23 5.83 0.22
C VAL F 1338 14.78 4.70 1.13
N PHE F 1339 13.93 3.78 0.65
CA PHE F 1339 13.47 2.64 1.43
C PHE F 1339 12.76 3.07 2.72
N ASP F 1340 12.07 4.21 2.68
CA ASP F 1340 11.27 4.68 3.81
C ASP F 1340 9.94 3.91 3.81
N TYR F 1341 9.94 2.79 4.55
CA TYR F 1341 8.82 1.86 4.48
C TYR F 1341 7.58 2.34 5.20
N GLU F 1342 7.71 3.01 6.35
CA GLU F 1342 6.53 3.47 7.08
C GLU F 1342 5.82 4.59 6.32
N GLY F 1343 6.58 5.56 5.82
CA GLY F 1343 5.99 6.59 4.99
C GLY F 1343 5.37 6.01 3.72
N LEU F 1344 6.02 4.99 3.16
CA LEU F 1344 5.45 4.31 2.00
C LEU F 1344 4.12 3.67 2.34
N GLY F 1345 4.03 3.01 3.50
CA GLY F 1345 2.78 2.38 3.88
C GLY F 1345 1.66 3.39 4.13
N ASN F 1346 1.99 4.50 4.78
CA ASN F 1346 1.01 5.55 4.98
C ASN F 1346 0.56 6.14 3.65
N LEU F 1347 1.49 6.33 2.73
CA LEU F 1347 1.15 6.81 1.39
C LEU F 1347 0.21 5.84 0.68
N LEU F 1348 0.49 4.54 0.78
CA LEU F 1348 -0.36 3.54 0.16
C LEU F 1348 -1.76 3.54 0.79
N LYS F 1349 -1.84 3.70 2.11
CA LYS F 1349 -3.14 3.78 2.77
C LYS F 1349 -3.93 4.99 2.28
N LYS F 1350 -3.25 6.15 2.14
CA LYS F 1350 -3.94 7.33 1.66
C LYS F 1350 -4.38 7.18 0.20
N ARG F 1351 -3.55 6.51 -0.62
CA ARG F 1351 -3.94 6.26 -2.00
C ARG F 1351 -5.12 5.31 -2.07
N ALA F 1352 -5.18 4.31 -1.20
CA ALA F 1352 -6.33 3.43 -1.14
C ALA F 1352 -7.58 4.18 -0.71
N SER F 1353 -7.44 5.11 0.22
CA SER F 1353 -8.57 5.97 0.60
C SER F 1353 -9.03 6.81 -0.58
N PHE F 1354 -8.09 7.34 -1.37
CA PHE F 1354 -8.46 8.08 -2.58
C PHE F 1354 -9.21 7.19 -3.56
N TYR F 1355 -8.74 5.95 -3.74
CA TYR F 1355 -9.40 5.01 -4.64
C TYR F 1355 -10.83 4.74 -4.17
N GLU F 1356 -11.02 4.53 -2.87
CA GLU F 1356 -12.36 4.29 -2.35
C GLU F 1356 -13.25 5.52 -2.53
N ASN F 1357 -12.71 6.71 -2.29
CA ASN F 1357 -13.51 7.92 -2.41
C ASN F 1357 -13.86 8.21 -3.86
N ILE F 1358 -13.03 7.75 -4.81
CA ILE F 1358 -13.35 7.93 -6.22
C ILE F 1358 -14.67 7.27 -6.57
N ILE F 1359 -14.88 6.05 -6.07
CA ILE F 1359 -16.10 5.32 -6.36
C ILE F 1359 -17.24 5.74 -5.45
N LYS F 1360 -16.94 6.10 -4.20
CA LYS F 1360 -17.99 6.39 -3.22
C LYS F 1360 -18.32 7.87 -3.10
N ALA F 1361 -17.33 8.74 -2.91
CA ALA F 1361 -17.59 10.15 -2.69
C ALA F 1361 -18.09 10.81 -3.98
N MET F 1362 -18.94 11.82 -3.82
CA MET F 1362 -19.53 12.50 -4.96
C MET F 1362 -18.73 13.75 -5.32
N ARG F 1363 -18.45 13.92 -6.61
CA ARG F 1363 -17.69 15.08 -7.09
C ARG F 1363 -18.62 16.03 -7.82
N PRO F 1364 -18.90 17.22 -7.28
CA PRO F 1364 -19.66 18.21 -8.04
C PRO F 1364 -18.90 18.63 -9.30
N GLN F 1365 -19.64 18.85 -10.36
CA GLN F 1365 -19.02 19.26 -11.62
C GLN F 1365 -18.97 20.77 -11.69
N PRO F 1366 -17.78 21.38 -11.72
CA PRO F 1366 -17.70 22.84 -11.79
C PRO F 1366 -18.28 23.36 -13.09
N GLU F 1367 -18.99 24.48 -13.00
CA GLU F 1367 -19.50 25.13 -14.18
C GLU F 1367 -18.40 25.97 -14.83
N TYR F 1368 -18.65 26.30 -16.10
CA TYR F 1368 -17.64 27.06 -16.88
C TYR F 1368 -18.34 28.23 -17.60
N PHE F 1369 -17.86 29.45 -17.38
CA PHE F 1369 -18.44 30.65 -17.96
C PHE F 1369 -17.36 31.41 -18.73
N ALA F 1370 -17.73 31.99 -19.87
CA ALA F 1370 -16.82 32.82 -20.63
C ALA F 1370 -17.13 34.30 -20.39
N VAL F 1371 -16.13 35.04 -19.95
CA VAL F 1371 -16.28 36.46 -19.64
C VAL F 1371 -15.25 37.24 -20.44
N GLY F 1372 -15.71 38.27 -21.15
CA GLY F 1372 -14.82 39.17 -21.88
C GLY F 1372 -15.09 40.60 -21.48
N TYR F 1373 -14.01 41.33 -21.20
CA TYR F 1373 -14.08 42.72 -20.77
C TYR F 1373 -13.66 43.60 -21.95
N TYR F 1374 -14.50 44.58 -22.27
CA TYR F 1374 -14.25 45.49 -23.39
C TYR F 1374 -14.38 46.93 -22.93
N GLY F 1375 -13.72 47.82 -23.65
CA GLY F 1375 -13.71 49.23 -23.27
C GLY F 1375 -12.42 49.62 -22.59
N GLN F 1376 -12.09 50.91 -22.73
CA GLN F 1376 -10.85 51.44 -22.17
C GLN F 1376 -10.89 51.58 -20.65
N GLY F 1377 -12.05 51.42 -20.03
CA GLY F 1377 -12.14 51.56 -18.58
C GLY F 1377 -11.56 50.41 -17.80
N PHE F 1378 -11.37 49.25 -18.44
CA PHE F 1378 -10.76 48.12 -17.74
C PHE F 1378 -9.25 48.26 -17.72
N PRO F 1379 -8.57 47.64 -16.76
CA PRO F 1379 -7.10 47.69 -16.74
C PRO F 1379 -6.51 47.01 -17.96
N SER F 1380 -5.20 47.24 -18.17
CA SER F 1380 -4.52 46.74 -19.35
C SER F 1380 -4.60 45.21 -19.47
N PHE F 1381 -4.69 44.52 -18.34
CA PHE F 1381 -4.77 43.07 -18.39
C PHE F 1381 -6.20 42.56 -18.56
N LEU F 1382 -7.17 43.46 -18.66
CA LEU F 1382 -8.56 43.08 -18.93
C LEU F 1382 -9.09 43.65 -20.24
N ARG F 1383 -8.33 44.51 -20.91
CA ARG F 1383 -8.82 45.20 -22.09
C ARG F 1383 -8.84 44.30 -23.31
N ASN F 1384 -10.00 44.19 -23.95
CA ASN F 1384 -10.17 43.48 -25.22
C ASN F 1384 -9.70 42.03 -25.13
N LYS F 1385 -10.01 41.35 -24.03
CA LYS F 1385 -9.60 39.97 -23.84
C LYS F 1385 -10.77 39.15 -23.30
N ILE F 1386 -10.73 37.85 -23.60
CA ILE F 1386 -11.77 36.90 -23.19
C ILE F 1386 -11.10 35.79 -22.38
N PHE F 1387 -11.67 35.50 -21.22
CA PHE F 1387 -11.18 34.45 -20.35
C PHE F 1387 -12.29 33.47 -20.02
N ILE F 1388 -11.96 32.19 -19.96
CA ILE F 1388 -12.91 31.15 -19.62
C ILE F 1388 -12.76 30.82 -18.13
N TYR F 1389 -13.75 31.22 -17.33
CA TYR F 1389 -13.69 31.12 -15.89
C TYR F 1389 -14.28 29.80 -15.42
N ARG F 1390 -13.59 29.12 -14.52
CA ARG F 1390 -14.04 27.86 -13.94
C ARG F 1390 -14.91 28.17 -12.72
N GLY F 1391 -16.21 27.92 -12.84
CA GLY F 1391 -17.11 28.17 -11.73
C GLY F 1391 -16.86 27.22 -10.58
N LYS F 1392 -17.24 27.67 -9.39
CA LYS F 1392 -17.06 26.88 -8.19
C LYS F 1392 -18.20 25.88 -8.03
N GLU F 1393 -18.28 25.27 -6.85
CA GLU F 1393 -19.29 24.27 -6.58
C GLU F 1393 -20.70 24.87 -6.73
N TYR F 1394 -21.45 24.36 -7.69
CA TYR F 1394 -22.83 24.74 -7.98
C TYR F 1394 -22.97 26.24 -8.22
N GLU F 1395 -21.92 26.92 -8.65
CA GLU F 1395 -21.99 28.36 -8.86
C GLU F 1395 -22.68 28.67 -10.17
N ARG F 1396 -23.79 29.40 -10.10
CA ARG F 1396 -24.59 29.74 -11.27
C ARG F 1396 -24.07 31.00 -11.94
N ARG F 1397 -24.53 31.22 -13.17
CA ARG F 1397 -24.07 32.38 -13.94
C ARG F 1397 -24.58 33.68 -13.34
N GLU F 1398 -25.78 33.65 -12.74
CA GLU F 1398 -26.35 34.88 -12.18
C GLU F 1398 -25.54 35.37 -10.98
N ASP F 1399 -25.23 34.47 -10.04
CA ASP F 1399 -24.44 34.85 -8.88
C ASP F 1399 -23.04 35.29 -9.30
N PHE F 1400 -22.45 34.57 -10.25
CA PHE F 1400 -21.11 34.93 -10.74
C PHE F 1400 -21.12 36.32 -11.38
N SER F 1401 -22.14 36.60 -12.19
CA SER F 1401 -22.25 37.91 -12.82
C SER F 1401 -22.47 39.01 -11.80
N LEU F 1402 -23.29 38.76 -10.78
CA LEU F 1402 -23.49 39.74 -9.72
C LEU F 1402 -22.19 40.03 -8.99
N ARG F 1403 -21.46 38.97 -8.64
CA ARG F 1403 -20.20 39.15 -7.91
C ARG F 1403 -19.17 39.89 -8.77
N LEU F 1404 -19.13 39.59 -10.07
CA LEU F 1404 -18.19 40.27 -10.95
C LEU F 1404 -18.56 41.73 -11.14
N LEU F 1405 -19.86 42.02 -11.27
CA LEU F 1405 -20.30 43.42 -11.35
C LEU F 1405 -20.02 44.17 -10.07
N THR F 1406 -20.06 43.48 -8.92
CA THR F 1406 -19.69 44.13 -7.67
C THR F 1406 -18.25 44.65 -7.71
N GLN F 1407 -17.36 43.93 -8.38
CA GLN F 1407 -15.99 44.39 -8.52
C GLN F 1407 -15.87 45.63 -9.39
N PHE F 1408 -16.73 45.76 -10.40
CA PHE F 1408 -16.69 46.87 -11.35
C PHE F 1408 -18.08 47.48 -11.45
N PRO F 1409 -18.44 48.37 -10.51
CA PRO F 1409 -19.74 49.05 -10.62
C PRO F 1409 -19.88 49.86 -11.89
N ASN F 1410 -18.79 50.42 -12.41
CA ASN F 1410 -18.82 51.19 -13.64
C ASN F 1410 -18.99 50.33 -14.87
N ALA F 1411 -18.86 49.01 -14.75
CA ALA F 1411 -18.98 48.11 -15.88
C ALA F 1411 -20.42 48.10 -16.37
N GLU F 1412 -20.58 48.16 -17.70
CA GLU F 1412 -21.90 48.05 -18.31
C GLU F 1412 -22.13 46.62 -18.75
N LYS F 1413 -23.19 45.99 -18.22
CA LYS F 1413 -23.46 44.59 -18.50
C LYS F 1413 -23.95 44.43 -19.93
N MET F 1414 -23.19 43.73 -20.75
CA MET F 1414 -23.59 43.51 -22.13
C MET F 1414 -24.68 42.45 -22.20
N THR F 1415 -25.75 42.78 -22.92
CA THR F 1415 -26.90 41.90 -23.02
C THR F 1415 -26.87 41.01 -24.26
N SER F 1416 -25.80 41.08 -25.05
CA SER F 1416 -25.70 40.29 -26.27
C SER F 1416 -24.43 39.46 -26.28
N THR F 1417 -24.52 38.26 -26.85
CA THR F 1417 -23.38 37.37 -26.99
C THR F 1417 -22.64 37.58 -28.31
N THR F 1418 -23.16 38.41 -29.20
CA THR F 1418 -22.46 38.71 -30.43
C THR F 1418 -21.18 39.48 -30.11
N PRO F 1419 -20.05 39.13 -30.74
CA PRO F 1419 -18.80 39.83 -30.46
C PRO F 1419 -18.93 41.33 -30.72
N PRO F 1420 -18.40 42.17 -29.85
CA PRO F 1420 -18.58 43.62 -30.02
C PRO F 1420 -17.71 44.16 -31.14
N GLY F 1421 -18.14 45.31 -31.66
CA GLY F 1421 -17.38 45.99 -32.68
C GLY F 1421 -16.26 46.83 -32.09
N GLU F 1422 -15.62 47.60 -32.97
CA GLU F 1422 -14.53 48.47 -32.53
C GLU F 1422 -15.00 49.58 -31.60
N ASP F 1423 -16.27 49.99 -31.70
CA ASP F 1423 -16.76 51.09 -30.87
C ASP F 1423 -16.77 50.72 -29.39
N ILE F 1424 -17.30 49.54 -29.06
CA ILE F 1424 -17.35 49.12 -27.66
C ILE F 1424 -15.95 48.92 -27.11
N LYS F 1425 -15.07 48.29 -27.90
CA LYS F 1425 -13.70 48.07 -27.45
C LYS F 1425 -12.95 49.37 -27.24
N SER F 1426 -13.13 50.35 -28.12
CA SER F 1426 -12.43 51.62 -28.00
C SER F 1426 -13.16 52.62 -27.11
N SER F 1427 -14.37 52.31 -26.67
CA SER F 1427 -15.10 53.22 -25.80
C SER F 1427 -14.41 53.34 -24.45
N PRO F 1428 -14.36 54.52 -23.84
CA PRO F 1428 -13.71 54.66 -22.53
C PRO F 1428 -14.44 53.94 -21.40
N LYS F 1429 -15.70 53.57 -21.58
CA LYS F 1429 -16.47 52.94 -20.52
C LYS F 1429 -16.00 51.50 -20.31
N GLN F 1430 -16.64 50.81 -19.35
CA GLN F 1430 -16.35 49.43 -19.04
C GLN F 1430 -17.52 48.58 -19.49
N TYR F 1431 -17.26 47.60 -20.35
CA TYR F 1431 -18.28 46.70 -20.89
C TYR F 1431 -17.90 45.27 -20.54
N MET F 1432 -18.82 44.57 -19.86
CA MET F 1432 -18.57 43.21 -19.41
C MET F 1432 -19.63 42.30 -20.01
N GLN F 1433 -19.19 41.18 -20.59
CA GLN F 1433 -20.08 40.19 -21.16
C GLN F 1433 -19.78 38.83 -20.55
N CYS F 1434 -20.78 38.22 -19.93
CA CYS F 1434 -20.62 36.94 -19.25
C CYS F 1434 -21.67 35.96 -19.76
N PHE F 1435 -21.23 34.74 -20.10
CA PHE F 1435 -22.14 33.71 -20.56
C PHE F 1435 -21.49 32.35 -20.31
N THR F 1436 -22.32 31.31 -20.36
CA THR F 1436 -21.87 29.96 -20.03
C THR F 1436 -21.38 29.24 -21.28
N VAL F 1437 -20.30 28.48 -21.13
CA VAL F 1437 -19.76 27.66 -22.21
C VAL F 1437 -19.60 26.23 -21.72
N LYS F 1438 -19.56 25.29 -22.66
CA LYS F 1438 -19.49 23.88 -22.32
C LYS F 1438 -18.09 23.35 -22.51
N PRO F 1439 -17.48 22.77 -21.48
CA PRO F 1439 -16.14 22.21 -21.64
C PRO F 1439 -16.15 20.99 -22.54
N VAL F 1440 -15.00 20.74 -23.18
CA VAL F 1440 -14.84 19.61 -24.09
C VAL F 1440 -13.92 18.59 -23.44
N MET F 1441 -14.43 17.38 -23.24
CA MET F 1441 -13.68 16.34 -22.55
C MET F 1441 -12.51 15.86 -23.38
N SER F 1442 -11.36 15.65 -22.74
CA SER F 1442 -10.16 15.12 -23.37
C SER F 1442 -9.67 13.94 -22.55
N LEU F 1443 -9.80 12.73 -23.10
CA LEU F 1443 -9.39 11.52 -22.39
C LEU F 1443 -7.92 11.23 -22.67
N PRO F 1444 -7.21 10.61 -21.74
CA PRO F 1444 -5.82 10.20 -22.00
C PRO F 1444 -5.75 9.13 -23.06
N PRO F 1445 -4.66 9.06 -23.82
CA PRO F 1445 -4.53 7.97 -24.81
C PRO F 1445 -4.55 6.59 -24.17
N SER F 1446 -4.15 6.48 -22.90
CA SER F 1446 -4.20 5.21 -22.19
C SER F 1446 -5.61 4.66 -22.06
N TYR F 1447 -6.63 5.53 -22.03
CA TYR F 1447 -8.02 5.09 -21.91
C TYR F 1447 -8.70 4.88 -23.24
N LYS F 1448 -7.98 4.99 -24.36
CA LYS F 1448 -8.58 4.81 -25.67
C LYS F 1448 -9.06 3.38 -25.86
N ASP F 1449 -10.25 3.24 -26.44
CA ASP F 1449 -10.86 1.95 -26.76
C ASP F 1449 -11.04 1.08 -25.52
N LYS F 1450 -11.35 1.67 -24.36
CA LYS F 1450 -11.51 0.89 -23.16
C LYS F 1450 -12.78 1.29 -22.41
N PRO F 1451 -13.43 0.34 -21.72
CA PRO F 1451 -14.64 0.67 -20.96
C PRO F 1451 -14.33 1.31 -19.61
N VAL F 1452 -13.86 2.54 -19.64
CA VAL F 1452 -13.49 3.28 -18.43
C VAL F 1452 -14.76 3.52 -17.61
N PRO F 1453 -14.74 3.32 -16.31
CA PRO F 1453 -15.94 3.58 -15.50
C PRO F 1453 -16.40 5.02 -15.59
N GLU F 1454 -17.71 5.21 -15.50
CA GLU F 1454 -18.29 6.55 -15.63
C GLU F 1454 -17.81 7.48 -14.53
N GLN F 1455 -17.56 6.94 -13.32
CA GLN F 1455 -17.02 7.77 -12.25
C GLN F 1455 -15.67 8.36 -12.61
N ILE F 1456 -14.92 7.67 -13.47
CA ILE F 1456 -13.64 8.19 -13.94
C ILE F 1456 -13.82 9.12 -15.13
N LEU F 1457 -14.75 8.78 -16.04
CA LEU F 1457 -14.95 9.58 -17.24
C LEU F 1457 -15.53 10.95 -16.90
N ASN F 1458 -16.39 11.02 -15.90
CA ASN F 1458 -16.97 12.31 -15.50
C ASN F 1458 -15.89 13.28 -15.02
N TYR F 1459 -14.79 12.76 -14.50
CA TYR F 1459 -13.67 13.62 -14.12
C TYR F 1459 -13.11 14.35 -15.32
N TYR F 1460 -12.78 13.62 -16.38
CA TYR F 1460 -12.26 14.25 -17.59
C TYR F 1460 -13.32 15.06 -18.33
N ARG F 1461 -14.60 14.78 -18.08
CA ARG F 1461 -15.66 15.57 -18.69
C ARG F 1461 -15.67 17.00 -18.18
N ALA F 1462 -15.19 17.24 -16.96
CA ALA F 1462 -15.10 18.58 -16.41
C ALA F 1462 -13.69 19.00 -16.04
N ASN F 1463 -12.69 18.15 -16.25
CA ASN F 1463 -11.31 18.48 -15.94
C ASN F 1463 -10.41 18.04 -17.09
N GLU F 1464 -9.18 18.55 -17.07
CA GLU F 1464 -8.22 18.33 -18.16
C GLU F 1464 -8.80 18.77 -19.50
N VAL F 1465 -9.48 19.91 -19.52
CA VAL F 1465 -10.19 20.39 -20.70
C VAL F 1465 -9.56 21.68 -21.19
N GLN F 1466 -9.47 21.80 -22.52
CA GLN F 1466 -8.98 23.01 -23.15
C GLN F 1466 -10.06 23.67 -23.99
N GLN F 1467 -10.68 22.88 -24.87
CA GLN F 1467 -11.66 23.42 -25.80
C GLN F 1467 -12.98 23.73 -25.09
N PHE F 1468 -13.72 24.67 -25.66
CA PHE F 1468 -15.03 25.05 -25.15
C PHE F 1468 -15.97 25.30 -26.31
N ARG F 1469 -17.22 24.87 -26.16
CA ARG F 1469 -18.22 24.98 -27.21
C ARG F 1469 -19.48 25.64 -26.67
N TYR F 1470 -20.26 26.20 -27.59
CA TYR F 1470 -21.57 26.76 -27.25
C TYR F 1470 -22.51 26.60 -28.44
N SER F 1471 -23.81 26.63 -28.15
CA SER F 1471 -24.85 26.37 -29.12
C SER F 1471 -25.46 27.67 -29.62
N ARG F 1472 -25.59 27.79 -30.94
CA ARG F 1472 -26.16 28.98 -31.58
C ARG F 1472 -27.35 28.58 -32.44
N PRO F 1473 -28.58 28.75 -31.94
CA PRO F 1473 -29.78 28.44 -32.75
C PRO F 1473 -29.97 29.49 -33.84
N PHE F 1474 -30.14 29.02 -35.07
CA PHE F 1474 -30.39 29.89 -36.22
C PHE F 1474 -31.65 29.41 -36.95
N ARG F 1475 -32.48 30.36 -37.35
CA ARG F 1475 -33.74 30.05 -38.01
C ARG F 1475 -33.56 30.11 -39.52
N LYS F 1476 -33.83 28.98 -40.20
CA LYS F 1476 -33.71 28.90 -41.65
C LYS F 1476 -34.77 27.91 -42.14
N GLY F 1477 -35.90 28.42 -42.58
CA GLY F 1477 -36.95 27.59 -43.11
C GLY F 1477 -38.31 28.20 -42.87
N GLU F 1478 -39.34 27.44 -43.23
CA GLU F 1478 -40.71 27.88 -43.06
C GLU F 1478 -41.07 27.91 -41.58
N LYS F 1479 -41.82 28.94 -41.18
CA LYS F 1479 -42.27 29.11 -39.81
C LYS F 1479 -43.63 28.43 -39.58
N ASP F 1480 -43.65 27.10 -39.64
CA ASP F 1480 -44.86 26.36 -39.40
C ASP F 1480 -45.30 26.50 -37.94
N PRO F 1481 -46.60 26.65 -37.68
CA PRO F 1481 -47.07 26.87 -36.31
C PRO F 1481 -46.75 25.72 -35.36
N ASP F 1482 -46.76 24.49 -35.86
CA ASP F 1482 -46.55 23.34 -35.00
C ASP F 1482 -45.11 22.83 -35.04
N ASN F 1483 -44.60 22.49 -36.22
CA ASN F 1483 -43.27 21.91 -36.35
C ASN F 1483 -42.23 22.98 -36.12
N GLU F 1484 -41.69 23.05 -34.89
CA GLU F 1484 -40.69 24.04 -34.54
C GLU F 1484 -39.29 23.64 -34.98
N PHE F 1485 -39.07 22.37 -35.31
CA PHE F 1485 -37.76 21.89 -35.72
C PHE F 1485 -37.47 22.11 -37.20
N ALA F 1486 -38.43 22.65 -37.96
CA ALA F 1486 -38.24 22.90 -39.37
C ALA F 1486 -37.26 24.04 -39.64
N THR F 1487 -36.93 24.84 -38.63
CA THR F 1487 -35.98 25.94 -38.76
C THR F 1487 -34.76 25.76 -37.86
N MET F 1488 -34.30 24.54 -37.67
CA MET F 1488 -33.18 24.29 -36.75
C MET F 1488 -31.85 24.34 -37.50
N TRP F 1489 -31.09 25.42 -37.27
CA TRP F 1489 -29.74 25.53 -37.78
C TRP F 1489 -28.83 25.97 -36.65
N ILE F 1490 -27.67 25.32 -36.54
CA ILE F 1490 -26.74 25.54 -35.44
C ILE F 1490 -25.39 25.94 -36.02
N GLU F 1491 -24.81 27.02 -35.49
CA GLU F 1491 -23.47 27.47 -35.83
C GLU F 1491 -22.68 27.57 -34.53
N ARG F 1492 -22.12 26.44 -34.10
CA ARG F 1492 -21.44 26.39 -32.82
C ARG F 1492 -20.17 27.25 -32.84
N THR F 1493 -19.83 27.77 -31.67
CA THR F 1493 -18.66 28.62 -31.50
C THR F 1493 -17.52 27.76 -30.93
N THR F 1494 -16.42 27.69 -31.68
CA THR F 1494 -15.28 26.88 -31.30
C THR F 1494 -14.30 27.74 -30.51
N TYR F 1495 -13.91 27.27 -29.32
CA TYR F 1495 -12.96 27.97 -28.47
C TYR F 1495 -11.78 27.04 -28.21
N THR F 1496 -10.57 27.54 -28.43
CA THR F 1496 -9.35 26.78 -28.22
C THR F 1496 -8.51 27.45 -27.15
N THR F 1497 -8.04 26.66 -26.19
CA THR F 1497 -7.20 27.14 -25.10
C THR F 1497 -5.91 26.32 -25.08
N ALA F 1498 -4.77 26.99 -24.91
CA ALA F 1498 -3.49 26.32 -24.88
C ALA F 1498 -3.22 25.59 -23.56
N TYR F 1499 -3.98 25.88 -22.51
CA TYR F 1499 -3.77 25.26 -21.21
C TYR F 1499 -5.03 24.50 -20.79
N THR F 1500 -4.83 23.45 -20.00
CA THR F 1500 -5.90 22.55 -19.59
C THR F 1500 -6.54 23.07 -18.30
N PHE F 1501 -7.85 22.94 -18.21
CA PHE F 1501 -8.54 23.25 -16.97
C PHE F 1501 -8.81 21.97 -16.18
N PRO F 1502 -8.47 21.94 -14.88
CA PRO F 1502 -7.86 23.04 -14.12
C PRO F 1502 -6.35 23.15 -14.34
N GLY F 1503 -5.77 24.24 -13.85
CA GLY F 1503 -4.34 24.47 -13.98
C GLY F 1503 -3.79 25.45 -12.96
N ILE F 1504 -2.89 26.33 -13.38
CA ILE F 1504 -2.32 27.30 -12.46
C ILE F 1504 -3.33 28.41 -12.16
N LEU F 1505 -4.28 28.63 -13.08
CA LEU F 1505 -5.28 29.67 -12.92
C LEU F 1505 -6.67 29.09 -13.20
N LYS F 1506 -7.67 29.64 -12.53
CA LYS F 1506 -9.06 29.27 -12.77
C LYS F 1506 -9.48 29.66 -14.19
N TRP F 1507 -8.99 30.81 -14.66
CA TRP F 1507 -9.37 31.29 -15.98
C TRP F 1507 -8.14 31.37 -16.89
N PHE F 1508 -8.38 31.15 -18.18
CA PHE F 1508 -7.33 31.22 -19.20
C PHE F 1508 -7.93 31.80 -20.46
N GLU F 1509 -7.14 32.64 -21.15
CA GLU F 1509 -7.64 33.33 -22.33
C GLU F 1509 -7.79 32.38 -23.50
N VAL F 1510 -8.67 32.76 -24.44
CA VAL F 1510 -8.83 31.99 -25.66
C VAL F 1510 -7.70 32.34 -26.63
N LYS F 1511 -7.26 31.33 -27.39
CA LYS F 1511 -6.19 31.50 -28.35
C LYS F 1511 -6.71 31.60 -29.78
N GLN F 1512 -7.51 30.64 -30.23
CA GLN F 1512 -8.11 30.66 -31.56
C GLN F 1512 -9.60 30.35 -31.44
N ILE F 1513 -10.41 31.10 -32.19
CA ILE F 1513 -11.86 30.92 -32.20
C ILE F 1513 -12.29 30.63 -33.64
N SER F 1514 -13.13 29.61 -33.81
CA SER F 1514 -13.58 29.20 -35.13
C SER F 1514 -15.10 29.04 -35.12
N THR F 1515 -15.68 29.06 -36.30
CA THR F 1515 -17.12 28.89 -36.48
C THR F 1515 -17.39 27.65 -37.32
N GLU F 1516 -18.58 27.07 -37.12
CA GLU F 1516 -19.03 25.88 -37.83
C GLU F 1516 -20.47 26.08 -38.28
N GLU F 1517 -20.98 25.10 -39.02
CA GLU F 1517 -22.36 25.14 -39.47
C GLU F 1517 -22.94 23.73 -39.37
N ILE F 1518 -24.17 23.63 -38.88
CA ILE F 1518 -24.83 22.36 -38.65
C ILE F 1518 -26.17 22.36 -39.38
N SER F 1519 -26.31 21.48 -40.36
CA SER F 1519 -27.57 21.32 -41.06
C SER F 1519 -28.58 20.61 -40.16
N PRO F 1520 -29.88 20.73 -40.46
CA PRO F 1520 -30.88 20.03 -39.64
C PRO F 1520 -30.65 18.53 -39.55
N LEU F 1521 -30.19 17.90 -40.63
CA LEU F 1521 -29.84 16.48 -40.56
C LEU F 1521 -28.74 16.24 -39.54
N GLU F 1522 -27.69 17.06 -39.59
CA GLU F 1522 -26.60 16.93 -38.62
C GLU F 1522 -27.07 17.21 -37.21
N ASN F 1523 -27.94 18.21 -37.04
CA ASN F 1523 -28.48 18.50 -35.71
C ASN F 1523 -29.27 17.31 -35.16
N ALA F 1524 -30.10 16.70 -36.00
CA ALA F 1524 -30.85 15.52 -35.56
C ALA F 1524 -29.91 14.37 -35.22
N ILE F 1525 -28.87 14.17 -36.03
CA ILE F 1525 -27.89 13.12 -35.77
C ILE F 1525 -27.23 13.34 -34.41
N GLU F 1526 -26.80 14.58 -34.15
CA GLU F 1526 -26.15 14.89 -32.89
C GLU F 1526 -27.08 14.74 -31.71
N THR F 1527 -28.34 15.16 -31.84
CA THR F 1527 -29.29 14.98 -30.75
C THR F 1527 -29.53 13.50 -30.47
N MET F 1528 -29.67 12.69 -31.52
CA MET F 1528 -29.85 11.26 -31.32
C MET F 1528 -28.64 10.63 -30.65
N GLU F 1529 -27.43 11.02 -31.07
CA GLU F 1529 -26.22 10.50 -30.44
C GLU F 1529 -26.17 10.89 -28.96
N LEU F 1530 -26.48 12.15 -28.65
CA LEU F 1530 -26.46 12.60 -27.27
C LEU F 1530 -27.47 11.83 -26.42
N THR F 1531 -28.69 11.65 -26.94
CA THR F 1531 -29.71 10.94 -26.18
C THR F 1531 -29.32 9.48 -25.97
N ASN F 1532 -28.76 8.84 -27.00
CA ASN F 1532 -28.31 7.46 -26.87
C ASN F 1532 -27.22 7.34 -25.82
N GLU F 1533 -26.26 8.28 -25.83
CA GLU F 1533 -25.20 8.23 -24.83
C GLU F 1533 -25.76 8.45 -23.43
N ARG F 1534 -26.72 9.36 -23.27
CA ARG F 1534 -27.34 9.57 -21.96
C ARG F 1534 -28.05 8.32 -21.47
N ILE F 1535 -28.81 7.67 -22.34
CA ILE F 1535 -29.52 6.45 -21.96
C ILE F 1535 -28.54 5.35 -21.57
N SER F 1536 -27.47 5.19 -22.37
CA SER F 1536 -26.47 4.17 -22.06
C SER F 1536 -25.79 4.46 -20.73
N ASN F 1537 -25.47 5.73 -20.48
CA ASN F 1537 -24.83 6.10 -19.21
C ASN F 1537 -25.75 5.79 -18.03
N CYS F 1538 -27.03 6.13 -18.15
CA CYS F 1538 -27.96 5.85 -17.06
C CYS F 1538 -28.10 4.35 -16.82
N VAL F 1539 -28.19 3.57 -17.91
CA VAL F 1539 -28.33 2.12 -17.78
C VAL F 1539 -27.10 1.52 -17.11
N GLN F 1540 -25.91 1.96 -17.54
CA GLN F 1540 -24.69 1.43 -16.94
C GLN F 1540 -24.56 1.85 -15.47
N GLN F 1541 -24.95 3.08 -15.14
CA GLN F 1541 -24.89 3.53 -13.76
C GLN F 1541 -25.83 2.72 -12.87
N HIS F 1542 -27.06 2.47 -13.32
CA HIS F 1542 -28.00 1.71 -12.51
C HIS F 1542 -27.69 0.22 -12.47
N ALA F 1543 -27.08 -0.34 -13.52
CA ALA F 1543 -26.69 -1.74 -13.50
C ALA F 1543 -25.55 -2.00 -12.53
N TRP F 1544 -24.78 -0.98 -12.17
CA TRP F 1544 -23.69 -1.11 -11.20
C TRP F 1544 -24.09 -0.52 -9.86
N ASP F 1545 -25.39 -0.26 -9.67
CA ASP F 1545 -25.88 0.31 -8.43
C ASP F 1545 -27.08 -0.51 -7.97
N ARG F 1546 -27.25 -0.57 -6.65
CA ARG F 1546 -28.35 -1.31 -6.06
C ARG F 1546 -29.37 -0.42 -5.37
N SER F 1547 -28.92 0.51 -4.52
CA SER F 1547 -29.81 1.44 -3.84
C SER F 1547 -29.91 2.76 -4.62
N LEU F 1548 -30.33 2.64 -5.88
CA LEU F 1548 -30.51 3.77 -6.77
C LEU F 1548 -31.98 3.93 -7.11
N SER F 1549 -32.48 5.16 -7.01
CA SER F 1549 -33.88 5.43 -7.25
C SER F 1549 -34.24 5.23 -8.72
N VAL F 1550 -35.52 4.93 -8.96
CA VAL F 1550 -36.00 4.73 -10.33
C VAL F 1550 -36.50 6.03 -10.94
N HIS F 1551 -36.47 7.13 -10.19
CA HIS F 1551 -36.94 8.41 -10.73
C HIS F 1551 -36.17 8.87 -11.97
N PRO F 1552 -34.84 8.80 -12.04
CA PRO F 1552 -34.18 9.12 -13.32
C PRO F 1552 -34.64 8.20 -14.45
N LEU F 1553 -34.83 6.91 -14.16
CA LEU F 1553 -35.35 6.00 -15.17
C LEU F 1553 -36.74 6.41 -15.61
N SER F 1554 -37.61 6.77 -14.67
CA SER F 1554 -38.96 7.18 -15.02
C SER F 1554 -38.95 8.43 -15.88
N MET F 1555 -38.12 9.41 -15.52
CA MET F 1555 -38.02 10.65 -16.29
C MET F 1555 -37.53 10.37 -17.70
N LEU F 1556 -36.46 9.56 -17.82
CA LEU F 1556 -35.90 9.27 -19.13
C LEU F 1556 -36.88 8.50 -20.00
N LEU F 1557 -37.56 7.51 -19.42
CA LEU F 1557 -38.52 6.72 -20.19
C LEU F 1557 -39.73 7.54 -20.59
N SER F 1558 -40.19 8.43 -19.71
CA SER F 1558 -41.29 9.32 -20.07
C SER F 1558 -40.89 10.26 -21.19
N GLY F 1559 -39.66 10.76 -21.15
CA GLY F 1559 -39.19 11.61 -22.24
C GLY F 1559 -39.10 10.87 -23.56
N ILE F 1560 -38.53 9.67 -23.55
CA ILE F 1560 -38.36 8.91 -24.78
C ILE F 1560 -39.71 8.49 -25.35
N VAL F 1561 -40.62 8.04 -24.48
CA VAL F 1561 -41.83 7.37 -24.94
C VAL F 1561 -42.79 8.36 -25.59
N ASP F 1562 -43.25 9.35 -24.83
CA ASP F 1562 -44.32 10.24 -25.30
C ASP F 1562 -43.91 11.70 -25.16
N PRO F 1563 -43.26 12.29 -26.16
CA PRO F 1563 -43.09 13.76 -26.19
C PRO F 1563 -44.41 14.44 -26.51
N ALA F 1564 -45.31 14.44 -25.52
CA ALA F 1564 -46.68 14.89 -25.74
C ALA F 1564 -46.74 16.37 -26.10
N VAL F 1565 -45.94 17.19 -25.42
CA VAL F 1565 -45.94 18.63 -25.70
C VAL F 1565 -45.46 18.89 -27.12
N MET F 1566 -44.38 18.21 -27.54
CA MET F 1566 -43.81 18.40 -28.86
C MET F 1566 -43.24 17.06 -29.34
N GLY F 1567 -43.98 16.37 -30.20
CA GLY F 1567 -43.56 15.05 -30.64
C GLY F 1567 -42.47 15.10 -31.67
N GLY F 1568 -41.25 14.74 -31.26
CA GLY F 1568 -40.12 14.83 -32.16
C GLY F 1568 -40.06 13.73 -33.20
N PHE F 1569 -40.62 12.56 -32.89
CA PHE F 1569 -40.62 11.46 -33.86
C PHE F 1569 -41.41 11.84 -35.11
N SER F 1570 -42.64 12.32 -34.91
CA SER F 1570 -43.46 12.77 -36.03
C SER F 1570 -42.85 13.96 -36.75
N ASN F 1571 -42.22 14.89 -36.02
CA ASN F 1571 -41.54 16.00 -36.66
C ASN F 1571 -40.41 15.52 -37.56
N TYR F 1572 -39.62 14.55 -37.09
CA TYR F 1572 -38.56 13.98 -37.93
C TYR F 1572 -39.15 13.27 -39.14
N GLU F 1573 -40.23 12.53 -38.94
CA GLU F 1573 -40.87 11.85 -40.06
C GLU F 1573 -41.29 12.85 -41.13
N LYS F 1574 -42.00 13.91 -40.73
CA LYS F 1574 -42.43 14.92 -41.70
C LYS F 1574 -41.25 15.65 -42.32
N ALA F 1575 -40.18 15.88 -41.55
CA ALA F 1575 -39.07 16.69 -42.01
C ALA F 1575 -38.18 15.94 -42.98
N PHE F 1576 -38.01 14.63 -42.80
CA PHE F 1576 -37.06 13.87 -43.62
C PHE F 1576 -37.72 12.79 -44.45
N PHE F 1577 -38.60 11.96 -43.85
CA PHE F 1577 -39.16 10.82 -44.55
C PHE F 1577 -40.05 11.24 -45.72
N THR F 1578 -40.62 12.45 -45.68
CA THR F 1578 -41.46 12.92 -46.76
C THR F 1578 -40.62 13.18 -48.01
N GLU F 1579 -41.28 13.01 -49.17
CA GLU F 1579 -40.62 13.28 -50.45
C GLU F 1579 -40.26 14.74 -50.62
N LYS F 1580 -40.92 15.64 -49.86
CA LYS F 1580 -40.61 17.06 -49.96
C LYS F 1580 -39.16 17.34 -49.60
N TYR F 1581 -38.64 16.68 -48.56
CA TYR F 1581 -37.23 16.85 -48.22
C TYR F 1581 -36.31 16.24 -49.28
N LEU F 1582 -36.74 15.15 -49.91
CA LEU F 1582 -35.96 14.59 -51.01
C LEU F 1582 -35.87 15.57 -52.17
N GLN F 1583 -36.94 16.32 -52.44
CA GLN F 1583 -36.82 17.43 -53.38
C GLN F 1583 -35.89 18.51 -52.83
N GLU F 1584 -35.99 18.81 -51.53
CA GLU F 1584 -35.08 19.75 -50.89
C GLU F 1584 -33.63 19.26 -50.88
N HIS F 1585 -33.41 17.97 -50.61
CA HIS F 1585 -32.06 17.41 -50.53
C HIS F 1585 -32.00 16.21 -51.45
N PRO F 1586 -31.83 16.42 -52.75
CA PRO F 1586 -31.80 15.29 -53.70
C PRO F 1586 -30.61 14.36 -53.47
N GLU F 1587 -29.42 14.93 -53.32
CA GLU F 1587 -28.20 14.15 -53.15
C GLU F 1587 -27.81 13.97 -51.69
N ASP F 1588 -28.61 14.46 -50.76
CA ASP F 1588 -28.36 14.31 -49.32
C ASP F 1588 -29.39 13.33 -48.77
N GLN F 1589 -29.07 12.05 -48.84
CA GLN F 1589 -29.99 11.00 -48.42
C GLN F 1589 -29.37 10.03 -47.41
N GLU F 1590 -28.03 9.96 -47.35
CA GLU F 1590 -27.38 9.05 -46.41
C GLU F 1590 -27.55 9.48 -44.96
N LYS F 1591 -27.93 10.73 -44.70
CA LYS F 1591 -28.08 11.20 -43.33
C LYS F 1591 -29.30 10.55 -42.66
N VAL F 1592 -30.40 10.42 -43.40
CA VAL F 1592 -31.58 9.76 -42.83
C VAL F 1592 -31.27 8.29 -42.55
N GLU F 1593 -30.34 7.69 -43.30
CA GLU F 1593 -29.86 6.35 -42.98
C GLU F 1593 -29.17 6.35 -41.63
N LEU F 1594 -28.37 7.37 -41.34
CA LEU F 1594 -27.73 7.47 -40.04
C LEU F 1594 -28.74 7.64 -38.93
N LEU F 1595 -29.79 8.44 -39.19
CA LEU F 1595 -30.86 8.59 -38.20
C LEU F 1595 -31.56 7.26 -37.94
N LYS F 1596 -31.85 6.51 -39.00
CA LYS F 1596 -32.51 5.22 -38.86
C LYS F 1596 -31.66 4.25 -38.07
N ARG F 1597 -30.36 4.19 -38.36
CA ARG F 1597 -29.50 3.27 -37.61
C ARG F 1597 -29.31 3.75 -36.17
N LEU F 1598 -29.34 5.06 -35.93
CA LEU F 1598 -29.23 5.56 -34.57
C LEU F 1598 -30.43 5.18 -33.73
N ILE F 1599 -31.64 5.34 -34.27
CA ILE F 1599 -32.82 4.92 -33.51
C ILE F 1599 -32.87 3.40 -33.40
N ALA F 1600 -32.41 2.68 -34.42
CA ALA F 1600 -32.38 1.22 -34.35
C ALA F 1600 -31.46 0.73 -33.25
N LEU F 1601 -30.29 1.38 -33.09
CA LEU F 1601 -29.40 1.03 -31.99
C LEU F 1601 -29.89 1.58 -30.66
N GLN F 1602 -30.73 2.61 -30.68
CA GLN F 1602 -31.41 3.05 -29.47
C GLN F 1602 -32.36 1.99 -28.96
N MET F 1603 -33.03 1.28 -29.88
CA MET F 1603 -34.05 0.31 -29.52
C MET F 1603 -33.59 -0.75 -28.52
N PRO F 1604 -32.43 -1.43 -28.69
CA PRO F 1604 -32.00 -2.40 -27.68
C PRO F 1604 -31.72 -1.74 -26.34
N LEU F 1605 -31.22 -0.50 -26.37
CA LEU F 1605 -31.03 0.24 -25.14
C LEU F 1605 -32.35 0.51 -24.45
N LEU F 1606 -33.39 0.83 -25.22
CA LEU F 1606 -34.73 0.99 -24.64
C LEU F 1606 -35.24 -0.34 -24.09
N THR F 1607 -34.92 -1.45 -24.75
CA THR F 1607 -35.30 -2.75 -24.23
C THR F 1607 -34.62 -3.03 -22.89
N GLU F 1608 -33.33 -2.69 -22.78
CA GLU F 1608 -32.62 -2.84 -21.51
C GLU F 1608 -33.20 -1.95 -20.44
N GLY F 1609 -33.60 -0.73 -20.80
CA GLY F 1609 -34.27 0.14 -19.84
C GLY F 1609 -35.59 -0.44 -19.37
N ILE F 1610 -36.35 -1.03 -20.28
CA ILE F 1610 -37.57 -1.73 -19.91
C ILE F 1610 -37.27 -2.89 -18.97
N ARG F 1611 -36.17 -3.62 -19.24
CA ARG F 1611 -35.79 -4.73 -18.38
C ARG F 1611 -35.50 -4.26 -16.96
N ILE F 1612 -34.69 -3.21 -16.83
CA ILE F 1612 -34.35 -2.73 -15.50
C ILE F 1612 -35.57 -2.12 -14.80
N HIS F 1613 -36.44 -1.44 -15.56
CA HIS F 1613 -37.65 -0.88 -14.96
C HIS F 1613 -38.56 -2.00 -14.44
N GLY F 1614 -38.70 -3.08 -15.20
CA GLY F 1614 -39.47 -4.21 -14.73
C GLY F 1614 -38.82 -4.89 -13.54
N GLU F 1615 -37.48 -4.91 -13.50
CA GLU F 1615 -36.77 -5.41 -12.34
C GLU F 1615 -37.09 -4.57 -11.11
N LYS F 1616 -37.21 -3.26 -11.27
CA LYS F 1616 -37.62 -2.36 -10.19
C LYS F 1616 -39.12 -2.10 -10.17
N LEU F 1617 -39.90 -2.82 -10.97
CA LEU F 1617 -41.34 -2.59 -11.05
C LEU F 1617 -42.01 -2.91 -9.72
N THR F 1618 -42.98 -2.09 -9.35
CA THR F 1618 -43.79 -2.31 -8.15
C THR F 1618 -45.22 -1.89 -8.44
N GLU F 1619 -46.04 -1.90 -7.40
CA GLU F 1619 -47.43 -1.46 -7.56
C GLU F 1619 -47.52 0.02 -7.88
N GLN F 1620 -46.62 0.83 -7.30
CA GLN F 1620 -46.62 2.26 -7.59
C GLN F 1620 -46.30 2.54 -9.04
N LEU F 1621 -45.35 1.81 -9.62
CA LEU F 1621 -44.96 1.98 -11.01
C LEU F 1621 -45.73 1.07 -11.96
N LYS F 1622 -46.72 0.33 -11.47
CA LYS F 1622 -47.47 -0.60 -12.30
C LYS F 1622 -48.15 0.06 -13.50
N PRO F 1623 -48.91 1.15 -13.36
CA PRO F 1623 -49.52 1.76 -14.56
C PRO F 1623 -48.50 2.48 -15.42
N LEU F 1624 -47.52 3.14 -14.80
CA LEU F 1624 -46.45 3.78 -15.57
C LEU F 1624 -45.70 2.76 -16.41
N HIS F 1625 -45.32 1.63 -15.81
CA HIS F 1625 -44.62 0.60 -16.57
C HIS F 1625 -45.54 -0.08 -17.57
N GLU F 1626 -46.84 -0.19 -17.29
CA GLU F 1626 -47.76 -0.73 -18.27
C GLU F 1626 -47.78 0.15 -19.53
N ARG F 1627 -47.89 1.46 -19.33
CA ARG F 1627 -47.82 2.38 -20.47
C ARG F 1627 -46.47 2.31 -21.16
N LEU F 1628 -45.39 2.18 -20.40
CA LEU F 1628 -44.06 2.08 -20.98
C LEU F 1628 -43.95 0.86 -21.88
N SER F 1629 -44.43 -0.29 -21.40
CA SER F 1629 -44.35 -1.51 -22.20
C SER F 1629 -45.25 -1.42 -23.43
N SER F 1630 -46.46 -0.87 -23.26
CA SER F 1630 -47.37 -0.74 -24.40
C SER F 1630 -46.76 0.15 -25.49
N CYS F 1631 -46.23 1.30 -25.10
CA CYS F 1631 -45.61 2.18 -26.07
C CYS F 1631 -44.30 1.62 -26.60
N PHE F 1632 -43.59 0.80 -25.82
CA PHE F 1632 -42.39 0.14 -26.32
C PHE F 1632 -42.74 -0.82 -27.44
N ARG F 1633 -43.77 -1.64 -27.24
CA ARG F 1633 -44.23 -2.53 -28.30
C ARG F 1633 -44.72 -1.74 -29.50
N GLU F 1634 -45.45 -0.66 -29.26
CA GLU F 1634 -45.96 0.16 -30.35
C GLU F 1634 -44.82 0.75 -31.18
N LEU F 1635 -43.81 1.29 -30.51
CA LEU F 1635 -42.67 1.87 -31.23
C LEU F 1635 -41.84 0.81 -31.94
N LYS F 1636 -41.70 -0.37 -31.33
CA LYS F 1636 -41.02 -1.46 -32.02
C LYS F 1636 -41.74 -1.82 -33.31
N GLU F 1637 -43.06 -2.00 -33.25
CA GLU F 1637 -43.81 -2.30 -34.46
C GLU F 1637 -43.73 -1.17 -35.46
N LYS F 1638 -43.75 0.09 -35.00
CA LYS F 1638 -43.64 1.22 -35.90
C LYS F 1638 -42.31 1.18 -36.65
N VAL F 1639 -41.20 1.05 -35.93
CA VAL F 1639 -39.89 1.09 -36.57
C VAL F 1639 -39.69 -0.14 -37.46
N GLU F 1640 -40.32 -1.25 -37.12
CA GLU F 1640 -40.17 -2.45 -37.94
C GLU F 1640 -40.95 -2.33 -39.25
N LYS F 1641 -42.18 -1.82 -39.19
CA LYS F 1641 -43.04 -1.87 -40.36
C LYS F 1641 -43.21 -0.51 -41.04
N HIS F 1642 -43.68 0.50 -40.30
CA HIS F 1642 -44.08 1.76 -40.92
C HIS F 1642 -42.87 2.55 -41.38
N TYR F 1643 -41.84 2.66 -40.53
CA TYR F 1643 -40.65 3.41 -40.89
C TYR F 1643 -39.87 2.73 -41.99
N GLY F 1644 -40.01 1.40 -42.10
CA GLY F 1644 -39.28 0.65 -43.10
C GLY F 1644 -37.81 0.44 -42.80
N VAL F 1645 -37.35 0.83 -41.62
CA VAL F 1645 -35.94 0.70 -41.27
C VAL F 1645 -35.62 -0.76 -40.99
N ILE F 1646 -34.34 -1.08 -40.95
CA ILE F 1646 -33.86 -2.42 -40.66
C ILE F 1646 -33.07 -2.38 -39.36
N THR F 1647 -33.51 -3.18 -38.39
CA THR F 1647 -32.86 -3.21 -37.08
C THR F 1647 -31.97 -4.44 -36.96
N MET G 8 -75.18 121.62 -20.43
CA MET G 8 -74.13 122.52 -20.89
C MET G 8 -73.23 122.91 -19.72
N GLN G 9 -73.72 122.72 -18.50
CA GLN G 9 -72.97 123.07 -17.30
C GLN G 9 -71.85 122.05 -17.09
N SER G 10 -70.61 122.46 -17.35
CA SER G 10 -69.47 121.61 -17.09
C SER G 10 -69.23 121.52 -15.59
N ILE G 11 -69.05 120.30 -15.10
CA ILE G 11 -68.93 120.05 -13.67
C ILE G 11 -67.59 119.36 -13.38
N LYS G 12 -66.99 119.74 -12.27
CA LYS G 12 -65.73 119.14 -11.85
C LYS G 12 -65.94 117.71 -11.35
N CYS G 13 -64.91 116.89 -11.47
CA CYS G 13 -65.00 115.49 -11.10
C CYS G 13 -63.71 115.04 -10.43
N VAL G 14 -63.84 114.06 -9.55
CA VAL G 14 -62.69 113.42 -8.89
C VAL G 14 -62.90 111.92 -8.94
N VAL G 15 -61.86 111.20 -9.37
CA VAL G 15 -61.92 109.74 -9.47
C VAL G 15 -60.99 109.16 -8.42
N VAL G 16 -61.54 108.31 -7.54
CA VAL G 16 -60.81 107.65 -6.48
C VAL G 16 -61.11 106.15 -6.54
N GLY G 17 -60.54 105.42 -5.60
CA GLY G 17 -60.78 103.99 -5.52
C GLY G 17 -59.86 103.34 -4.50
N ASP G 18 -60.01 102.03 -4.38
CA ASP G 18 -59.19 101.26 -3.46
C ASP G 18 -57.79 101.09 -4.03
N GLY G 19 -56.86 100.67 -3.16
CA GLY G 19 -55.49 100.46 -3.58
C GLY G 19 -55.34 99.19 -4.41
N ALA G 20 -54.50 99.29 -5.44
CA ALA G 20 -54.18 98.17 -6.32
C ALA G 20 -55.45 97.59 -6.96
N VAL G 21 -56.14 98.44 -7.73
CA VAL G 21 -57.35 98.02 -8.43
C VAL G 21 -57.24 98.14 -9.94
N GLY G 22 -56.27 98.88 -10.47
CA GLY G 22 -56.11 99.02 -11.90
C GLY G 22 -56.38 100.42 -12.40
N LYS G 23 -56.11 101.44 -11.57
CA LYS G 23 -56.33 102.81 -11.97
C LYS G 23 -55.44 103.19 -13.15
N THR G 24 -54.17 102.78 -13.11
CA THR G 24 -53.26 103.10 -14.21
C THR G 24 -53.72 102.45 -15.51
N CYS G 25 -54.19 101.20 -15.43
CA CYS G 25 -54.69 100.53 -16.63
C CYS G 25 -55.91 101.25 -17.19
N LEU G 26 -56.81 101.69 -16.31
CA LEU G 26 -57.99 102.42 -16.78
C LEU G 26 -57.59 103.74 -17.44
N LEU G 27 -56.64 104.46 -16.84
CA LEU G 27 -56.20 105.72 -17.43
C LEU G 27 -55.55 105.49 -18.79
N ILE G 28 -54.72 104.45 -18.91
CA ILE G 28 -54.07 104.15 -20.19
C ILE G 28 -55.12 103.76 -21.23
N CYS G 29 -56.12 102.97 -20.83
CA CYS G 29 -57.19 102.60 -21.75
C CYS G 29 -57.97 103.83 -22.21
N TYR G 30 -58.21 104.77 -21.31
CA TYR G 30 -58.95 105.98 -21.68
C TYR G 30 -58.13 106.86 -22.62
N THR G 31 -56.81 106.93 -22.41
CA THR G 31 -56.00 107.85 -23.20
C THR G 31 -55.49 107.24 -24.50
N THR G 32 -55.51 105.91 -24.65
CA THR G 32 -54.92 105.28 -25.82
C THR G 32 -55.79 104.19 -26.43
N ASN G 33 -56.95 103.86 -25.85
CA ASN G 33 -57.83 102.81 -26.34
C ASN G 33 -57.09 101.47 -26.45
N ALA G 34 -56.51 101.05 -25.34
CA ALA G 34 -55.77 99.81 -25.26
C ALA G 34 -56.16 99.10 -23.95
N PHE G 35 -55.42 98.05 -23.63
CA PHE G 35 -55.65 97.29 -22.39
C PHE G 35 -54.37 96.58 -21.99
N PRO G 36 -53.42 97.32 -21.41
CA PRO G 36 -52.15 96.71 -20.99
C PRO G 36 -52.28 96.05 -19.63
N LYS G 37 -51.82 94.79 -19.54
CA LYS G 37 -51.81 94.11 -18.25
C LYS G 37 -50.60 94.52 -17.42
N GLU G 38 -49.60 95.15 -18.03
CA GLU G 38 -48.42 95.59 -17.30
C GLU G 38 -48.78 96.73 -16.35
N TYR G 39 -48.22 96.69 -15.15
CA TYR G 39 -48.47 97.71 -14.14
C TYR G 39 -47.32 98.70 -14.09
N ILE G 40 -47.64 99.97 -14.30
CA ILE G 40 -46.67 101.05 -14.30
C ILE G 40 -47.05 102.02 -13.18
N PRO G 41 -46.13 102.38 -12.28
CA PRO G 41 -46.48 103.32 -11.21
C PRO G 41 -46.90 104.67 -11.77
N THR G 42 -47.90 105.27 -11.12
CA THR G 42 -48.44 106.56 -11.53
C THR G 42 -48.61 107.43 -10.29
N VAL G 43 -48.13 108.68 -10.37
CA VAL G 43 -48.29 109.60 -9.25
C VAL G 43 -49.65 110.28 -9.32
N PHE G 44 -49.93 111.00 -10.40
CA PHE G 44 -51.21 111.65 -10.58
C PHE G 44 -51.46 111.84 -12.07
N ASP G 45 -52.73 111.99 -12.42
CA ASP G 45 -53.14 112.21 -13.80
C ASP G 45 -54.42 113.04 -13.81
N ASN G 46 -54.63 113.74 -14.92
CA ASN G 46 -55.82 114.55 -15.12
C ASN G 46 -56.17 114.53 -16.59
N TYR G 47 -57.37 114.06 -16.91
CA TYR G 47 -57.86 113.98 -18.28
C TYR G 47 -59.06 114.90 -18.43
N SER G 48 -59.05 115.72 -19.49
CA SER G 48 -60.15 116.61 -19.82
C SER G 48 -60.79 116.10 -21.10
N ALA G 49 -62.00 115.54 -20.98
CA ALA G 49 -62.72 114.97 -22.11
C ALA G 49 -63.98 115.79 -22.39
N GLN G 50 -64.19 116.11 -23.65
CA GLN G 50 -65.35 116.88 -24.09
C GLN G 50 -66.37 115.89 -24.64
N SER G 51 -67.26 115.43 -23.75
CA SER G 51 -68.30 114.48 -24.10
C SER G 51 -69.67 115.11 -23.87
N ALA G 52 -70.54 115.01 -24.86
CA ALA G 52 -71.89 115.56 -24.79
C ALA G 52 -72.90 114.43 -24.77
N VAL G 53 -73.77 114.44 -23.76
CA VAL G 53 -74.80 113.43 -23.60
C VAL G 53 -76.15 114.12 -23.40
N ASP G 54 -77.15 113.65 -24.13
CA ASP G 54 -78.52 114.17 -24.03
C ASP G 54 -78.59 115.67 -24.34
N GLY G 55 -77.73 116.14 -25.25
CA GLY G 55 -77.74 117.53 -25.64
C GLY G 55 -77.04 118.48 -24.69
N ARG G 56 -76.42 117.97 -23.63
CA ARG G 56 -75.73 118.80 -22.65
C ARG G 56 -74.23 118.56 -22.76
N THR G 57 -73.47 119.65 -22.83
CA THR G 57 -72.01 119.57 -22.97
C THR G 57 -71.38 119.72 -21.59
N VAL G 58 -70.91 118.60 -21.03
CA VAL G 58 -70.24 118.58 -19.74
C VAL G 58 -68.84 117.98 -19.94
N ASN G 59 -67.82 118.67 -19.45
CA ASN G 59 -66.44 118.24 -19.61
C ASN G 59 -66.07 117.33 -18.45
N LEU G 60 -65.59 116.13 -18.77
CA LEU G 60 -65.20 115.15 -17.76
C LEU G 60 -63.80 115.48 -17.28
N ASN G 61 -63.72 116.16 -16.14
CA ASN G 61 -62.45 116.55 -15.54
C ASN G 61 -61.97 115.40 -14.66
N LEU G 62 -61.37 114.40 -15.29
CA LEU G 62 -60.86 113.24 -14.57
C LEU G 62 -59.69 113.62 -13.68
N TRP G 63 -59.60 112.96 -12.53
CA TRP G 63 -58.51 113.17 -11.59
C TRP G 63 -58.05 111.85 -11.03
N ASP G 64 -56.76 111.57 -11.15
CA ASP G 64 -56.18 110.36 -10.57
C ASP G 64 -55.70 110.63 -9.15
N THR G 65 -55.89 109.65 -8.29
CA THR G 65 -55.58 109.77 -6.87
C THR G 65 -54.69 108.63 -6.43
N ALA G 66 -53.87 108.90 -5.41
CA ALA G 66 -52.95 107.93 -4.85
C ALA G 66 -53.33 107.63 -3.41
N GLY G 67 -53.28 106.35 -3.05
CA GLY G 67 -53.66 105.93 -1.71
C GLY G 67 -52.49 105.87 -0.75
N LEU G 68 -51.36 106.47 -1.14
CA LEU G 68 -50.17 106.47 -0.30
C LEU G 68 -50.38 107.34 0.94
N GLU G 69 -49.68 106.99 2.01
CA GLU G 69 -49.80 107.70 3.27
C GLU G 69 -49.19 109.10 3.21
N GLU G 70 -48.12 109.28 2.42
CA GLU G 70 -47.44 110.56 2.36
C GLU G 70 -48.33 111.66 1.78
N TYR G 71 -49.14 111.32 0.78
CA TYR G 71 -49.96 112.30 0.08
C TYR G 71 -51.38 112.40 0.63
N ASP G 72 -51.57 112.16 1.93
CA ASP G 72 -52.90 112.26 2.51
C ASP G 72 -53.43 113.69 2.42
N ARG G 73 -52.58 114.68 2.72
CA ARG G 73 -53.01 116.07 2.66
C ARG G 73 -53.36 116.49 1.24
N LEU G 74 -52.58 116.02 0.26
CA LEU G 74 -52.88 116.35 -1.13
C LEU G 74 -54.23 115.78 -1.57
N ARG G 75 -54.51 114.54 -1.17
CA ARG G 75 -55.79 113.93 -1.53
C ARG G 75 -56.95 114.61 -0.81
N THR G 76 -56.77 114.95 0.47
CA THR G 76 -57.84 115.59 1.22
C THR G 76 -58.03 117.06 0.85
N LEU G 77 -57.13 117.64 0.06
CA LEU G 77 -57.30 119.04 -0.34
C LEU G 77 -58.51 119.22 -1.24
N SER G 78 -58.74 118.30 -2.18
CA SER G 78 -59.84 118.42 -3.12
C SER G 78 -61.10 117.70 -2.68
N TYR G 79 -61.07 116.97 -1.56
CA TYR G 79 -62.26 116.28 -1.08
C TYR G 79 -63.39 117.23 -0.72
N PRO G 80 -63.18 118.30 0.05
CA PRO G 80 -64.30 119.21 0.33
C PRO G 80 -64.79 119.91 -0.93
N GLN G 81 -66.08 120.21 -0.93
CA GLN G 81 -66.76 120.92 -2.02
C GLN G 81 -66.70 120.17 -3.34
N THR G 82 -66.40 118.87 -3.31
CA THR G 82 -66.41 118.06 -4.52
C THR G 82 -67.85 117.81 -4.95
N ASN G 83 -68.09 117.85 -6.27
CA ASN G 83 -69.43 117.74 -6.80
C ASN G 83 -69.81 116.34 -7.25
N VAL G 84 -68.83 115.48 -7.54
CA VAL G 84 -69.11 114.11 -7.97
C VAL G 84 -67.87 113.28 -7.73
N PHE G 85 -68.07 111.98 -7.47
CA PHE G 85 -66.98 111.05 -7.24
C PHE G 85 -67.16 109.82 -8.13
N VAL G 86 -66.05 109.27 -8.59
CA VAL G 86 -66.02 108.02 -9.33
C VAL G 86 -65.16 107.06 -8.52
N ILE G 87 -65.80 106.11 -7.84
CA ILE G 87 -65.13 105.23 -6.89
C ILE G 87 -65.19 103.80 -7.44
N CYS G 88 -64.05 103.12 -7.47
CA CYS G 88 -63.96 101.74 -7.89
C CYS G 88 -63.47 100.90 -6.71
N PHE G 89 -64.17 99.80 -6.44
CA PHE G 89 -63.83 98.96 -5.30
C PHE G 89 -64.09 97.50 -5.65
N SER G 90 -63.43 96.61 -4.92
CA SER G 90 -63.61 95.18 -5.14
C SER G 90 -64.98 94.73 -4.63
N ILE G 91 -65.69 93.97 -5.45
CA ILE G 91 -67.04 93.55 -5.11
C ILE G 91 -67.02 92.55 -3.95
N ALA G 92 -66.09 91.60 -3.99
CA ALA G 92 -66.06 90.48 -3.06
C ALA G 92 -64.86 90.56 -2.11
N SER G 93 -64.54 91.76 -1.63
CA SER G 93 -63.48 91.94 -0.66
C SER G 93 -64.05 92.52 0.63
N PRO G 94 -64.24 91.70 1.67
CA PRO G 94 -64.74 92.23 2.96
C PRO G 94 -63.85 93.32 3.52
N PRO G 95 -62.51 93.24 3.39
CA PRO G 95 -61.70 94.40 3.78
C PRO G 95 -62.06 95.67 3.03
N SER G 96 -62.41 95.57 1.75
CA SER G 96 -62.81 96.75 1.00
C SER G 96 -64.11 97.33 1.57
N TYR G 97 -65.06 96.47 1.90
CA TYR G 97 -66.31 96.95 2.52
C TYR G 97 -66.04 97.61 3.86
N GLU G 98 -65.16 97.02 4.67
CA GLU G 98 -64.83 97.62 5.96
C GLU G 98 -64.18 98.99 5.78
N ASN G 99 -63.23 99.10 4.84
CA ASN G 99 -62.58 100.38 4.60
C ASN G 99 -63.57 101.42 4.10
N VAL G 100 -64.47 101.02 3.20
CA VAL G 100 -65.47 101.95 2.67
C VAL G 100 -66.35 102.45 3.80
N ARG G 101 -66.88 101.54 4.62
CA ARG G 101 -67.75 101.94 5.73
C ARG G 101 -67.00 102.80 6.74
N HIS G 102 -65.70 102.56 6.94
CA HIS G 102 -64.94 103.35 7.90
C HIS G 102 -64.63 104.75 7.40
N LYS G 103 -64.36 104.90 6.10
CA LYS G 103 -63.85 106.17 5.58
C LYS G 103 -64.83 106.92 4.69
N TRP G 104 -65.36 106.29 3.65
CA TRP G 104 -65.99 107.03 2.57
C TRP G 104 -67.40 107.51 2.95
N HIS G 105 -68.29 106.57 3.25
CA HIS G 105 -69.71 106.90 3.42
C HIS G 105 -69.96 107.90 4.54
N PRO G 106 -69.47 107.71 5.77
CA PRO G 106 -69.77 108.70 6.82
C PRO G 106 -69.29 110.10 6.49
N GLU G 107 -68.10 110.22 5.89
CA GLU G 107 -67.55 111.54 5.59
C GLU G 107 -68.35 112.24 4.50
N VAL G 108 -68.65 111.52 3.41
CA VAL G 108 -69.41 112.14 2.32
C VAL G 108 -70.83 112.45 2.77
N CYS G 109 -71.38 111.67 3.70
CA CYS G 109 -72.72 111.96 4.19
C CYS G 109 -72.73 113.18 5.12
N HIS G 110 -71.73 113.29 6.00
CA HIS G 110 -71.72 114.38 6.97
C HIS G 110 -71.30 115.70 6.34
N HIS G 111 -70.32 115.68 5.43
CA HIS G 111 -69.82 116.92 4.86
C HIS G 111 -70.83 117.55 3.92
N CYS G 112 -71.19 116.85 2.84
CA CYS G 112 -72.12 117.36 1.83
C CYS G 112 -73.24 116.35 1.63
N PRO G 113 -74.43 116.61 2.18
CA PRO G 113 -75.55 115.68 1.97
C PRO G 113 -76.09 115.68 0.55
N ASP G 114 -75.73 116.66 -0.29
CA ASP G 114 -76.33 116.82 -1.61
C ASP G 114 -75.29 116.74 -2.73
N VAL G 115 -74.32 115.84 -2.62
CA VAL G 115 -73.33 115.62 -3.67
C VAL G 115 -73.63 114.28 -4.33
N PRO G 116 -74.00 114.25 -5.61
CA PRO G 116 -74.15 112.95 -6.29
C PRO G 116 -72.84 112.19 -6.35
N ILE G 117 -72.92 110.89 -6.15
CA ILE G 117 -71.75 110.02 -6.14
C ILE G 117 -72.02 108.83 -7.04
N LEU G 118 -71.09 108.54 -7.94
CA LEU G 118 -71.16 107.39 -8.82
C LEU G 118 -70.25 106.29 -8.29
N LEU G 119 -70.82 105.10 -8.07
CA LEU G 119 -70.09 103.98 -7.53
C LEU G 119 -70.21 102.78 -8.47
N VAL G 120 -69.07 102.20 -8.83
CA VAL G 120 -69.02 101.05 -9.71
C VAL G 120 -68.13 99.99 -9.05
N GLY G 121 -68.64 98.76 -8.97
CA GLY G 121 -67.86 97.65 -8.44
C GLY G 121 -66.96 97.06 -9.50
N THR G 122 -65.73 96.72 -9.09
CA THR G 122 -64.73 96.17 -9.98
C THR G 122 -64.29 94.80 -9.46
N LYS G 123 -63.30 94.21 -10.13
CA LYS G 123 -62.76 92.90 -9.80
C LYS G 123 -63.86 91.83 -9.81
N LYS G 124 -64.55 91.74 -10.95
CA LYS G 124 -65.60 90.76 -11.14
C LYS G 124 -65.30 89.75 -12.24
N ASP G 125 -64.32 90.02 -13.11
CA ASP G 125 -63.94 89.10 -14.17
C ASP G 125 -62.95 88.04 -13.71
N LEU G 126 -62.54 88.06 -12.45
CA LEU G 126 -61.59 87.08 -11.92
C LEU G 126 -62.23 85.72 -11.67
N ARG G 127 -63.55 85.60 -11.81
CA ARG G 127 -64.22 84.32 -11.55
C ARG G 127 -63.73 83.25 -12.52
N ALA G 128 -63.41 83.62 -13.75
CA ALA G 128 -62.92 82.67 -14.73
C ALA G 128 -61.50 82.19 -14.43
N GLN G 129 -60.80 82.82 -13.49
CA GLN G 129 -59.44 82.41 -13.13
C GLN G 129 -59.48 81.56 -11.88
N PRO G 130 -59.16 80.27 -11.97
CA PRO G 130 -59.16 79.43 -10.75
C PRO G 130 -58.10 79.83 -9.73
N ASP G 131 -57.07 80.57 -10.14
CA ASP G 131 -55.99 80.92 -9.21
C ASP G 131 -56.50 81.76 -8.04
N THR G 132 -57.23 82.83 -8.34
CA THR G 132 -57.76 83.67 -7.27
C THR G 132 -58.82 82.92 -6.45
N LEU G 133 -59.57 82.03 -7.09
CA LEU G 133 -60.53 81.21 -6.34
C LEU G 133 -59.83 80.33 -5.32
N ARG G 134 -58.72 79.70 -5.72
CA ARG G 134 -57.95 78.89 -4.79
C ARG G 134 -57.31 79.74 -3.71
N ARG G 135 -56.83 80.94 -4.07
CA ARG G 135 -56.23 81.82 -3.08
C ARG G 135 -57.24 82.25 -2.03
N LEU G 136 -58.47 82.56 -2.44
CA LEU G 136 -59.51 82.93 -1.48
C LEU G 136 -60.06 81.72 -0.75
N LYS G 137 -59.91 80.53 -1.32
CA LYS G 137 -60.45 79.32 -0.69
C LYS G 137 -59.59 78.87 0.49
N GLU G 138 -58.27 79.00 0.38
CA GLU G 138 -57.39 78.49 1.42
C GLU G 138 -57.48 79.30 2.72
N GLN G 139 -57.99 80.53 2.66
CA GLN G 139 -58.13 81.36 3.85
C GLN G 139 -59.50 81.23 4.50
N GLY G 140 -60.35 80.35 4.01
CA GLY G 140 -61.69 80.19 4.57
C GLY G 140 -62.58 81.40 4.40
N GLN G 141 -62.58 82.01 3.22
CA GLN G 141 -63.39 83.18 2.93
C GLN G 141 -64.44 82.83 1.89
N ALA G 142 -65.63 83.40 2.06
CA ALA G 142 -66.75 83.16 1.17
C ALA G 142 -67.15 84.46 0.48
N PRO G 143 -67.65 84.37 -0.75
CA PRO G 143 -68.08 85.59 -1.46
C PRO G 143 -69.22 86.28 -0.75
N ILE G 144 -69.26 87.60 -0.91
CA ILE G 144 -70.31 88.40 -0.27
C ILE G 144 -71.66 88.03 -0.86
N THR G 145 -72.65 87.84 0.01
CA THR G 145 -73.98 87.48 -0.44
C THR G 145 -74.61 88.64 -1.22
N PRO G 146 -75.36 88.34 -2.28
CA PRO G 146 -75.97 89.43 -3.07
C PRO G 146 -76.92 90.31 -2.28
N GLN G 147 -77.65 89.75 -1.31
CA GLN G 147 -78.58 90.56 -0.53
C GLN G 147 -77.86 91.61 0.30
N GLN G 148 -76.74 91.24 0.91
CA GLN G 148 -75.98 92.22 1.68
C GLN G 148 -75.37 93.29 0.79
N GLY G 149 -74.92 92.90 -0.42
CA GLY G 149 -74.43 93.89 -1.35
C GLY G 149 -75.50 94.87 -1.79
N GLN G 150 -76.70 94.36 -2.06
CA GLN G 150 -77.81 95.25 -2.43
C GLN G 150 -78.20 96.16 -1.27
N ALA G 151 -78.18 95.62 -0.04
CA ALA G 151 -78.46 96.46 1.12
C ALA G 151 -77.43 97.56 1.28
N LEU G 152 -76.16 97.23 1.07
CA LEU G 152 -75.11 98.25 1.12
C LEU G 152 -75.31 99.30 0.03
N ALA G 153 -75.69 98.86 -1.17
CA ALA G 153 -75.90 99.81 -2.27
C ALA G 153 -77.06 100.75 -1.97
N LYS G 154 -78.15 100.22 -1.38
CA LYS G 154 -79.31 101.05 -1.11
C LYS G 154 -79.17 101.86 0.17
N GLN G 155 -78.23 101.53 1.05
CA GLN G 155 -78.06 102.24 2.30
C GLN G 155 -77.04 103.37 2.22
N ILE G 156 -76.40 103.57 1.07
CA ILE G 156 -75.40 104.62 0.91
C ILE G 156 -75.97 105.81 0.15
N HIS G 157 -77.30 105.99 0.17
CA HIS G 157 -77.97 107.12 -0.48
C HIS G 157 -77.68 107.15 -1.97
N ALA G 158 -77.93 106.01 -2.63
CA ALA G 158 -77.74 105.87 -4.07
C ALA G 158 -79.09 105.63 -4.72
N VAL G 159 -79.41 106.43 -5.75
CA VAL G 159 -80.68 106.28 -6.45
C VAL G 159 -80.75 104.93 -7.16
N ARG G 160 -79.67 104.55 -7.84
CA ARG G 160 -79.62 103.28 -8.55
C ARG G 160 -78.17 102.86 -8.69
N TYR G 161 -77.84 101.67 -8.20
CA TYR G 161 -76.49 101.16 -8.27
C TYR G 161 -76.29 100.34 -9.54
N LEU G 162 -75.21 100.61 -10.25
CA LEU G 162 -74.91 99.92 -11.50
C LEU G 162 -73.41 99.67 -11.59
N GLU G 163 -73.05 98.61 -12.32
CA GLU G 163 -71.66 98.21 -12.51
C GLU G 163 -71.36 98.09 -13.99
N CYS G 164 -70.09 98.31 -14.33
CA CYS G 164 -69.62 98.20 -15.70
C CYS G 164 -68.35 97.36 -15.74
N SER G 165 -68.10 96.74 -16.89
CA SER G 165 -66.95 95.88 -17.09
C SER G 165 -65.91 96.61 -17.93
N ALA G 166 -64.66 96.61 -17.46
CA ALA G 166 -63.55 97.27 -18.15
C ALA G 166 -62.84 96.33 -19.12
N LEU G 167 -62.60 95.09 -18.72
CA LEU G 167 -61.96 94.13 -19.61
C LEU G 167 -62.84 93.82 -20.81
N GLN G 168 -64.15 93.68 -20.59
CA GLN G 168 -65.10 93.42 -21.65
C GLN G 168 -65.59 94.69 -22.35
N GLN G 169 -65.29 95.86 -21.79
CA GLN G 169 -65.71 97.15 -22.34
C GLN G 169 -67.22 97.18 -22.57
N ASP G 170 -67.97 96.97 -21.48
CA ASP G 170 -69.42 96.90 -21.53
C ASP G 170 -70.00 97.75 -20.41
N GLY G 171 -70.82 98.73 -20.77
CA GLY G 171 -71.58 99.50 -19.81
C GLY G 171 -70.91 100.74 -19.27
N VAL G 172 -69.63 100.97 -19.58
CA VAL G 172 -68.94 102.14 -19.03
C VAL G 172 -69.59 103.43 -19.50
N LYS G 173 -69.81 103.55 -20.82
CA LYS G 173 -70.50 104.71 -21.35
C LYS G 173 -71.93 104.77 -20.83
N GLU G 174 -72.59 103.62 -20.73
CA GLU G 174 -73.93 103.59 -20.15
C GLU G 174 -73.93 104.01 -18.69
N VAL G 175 -72.91 103.60 -17.93
CA VAL G 175 -72.79 104.02 -16.53
C VAL G 175 -72.63 105.52 -16.44
N PHE G 176 -71.76 106.10 -17.27
CA PHE G 176 -71.59 107.54 -17.26
C PHE G 176 -72.88 108.26 -17.65
N ALA G 177 -73.58 107.76 -18.66
CA ALA G 177 -74.83 108.40 -19.09
C ALA G 177 -75.89 108.34 -18.01
N GLU G 178 -76.03 107.19 -17.34
CA GLU G 178 -77.02 107.08 -16.28
C GLU G 178 -76.65 107.92 -15.07
N ALA G 179 -75.34 108.05 -14.79
CA ALA G 179 -74.92 108.96 -13.73
C ALA G 179 -75.27 110.40 -14.06
N VAL G 180 -75.05 110.81 -15.32
CA VAL G 180 -75.42 112.17 -15.73
C VAL G 180 -76.92 112.37 -15.60
N ARG G 181 -77.71 111.38 -16.02
CA ARG G 181 -79.16 111.49 -15.92
C ARG G 181 -79.61 111.59 -14.47
N ALA G 182 -78.98 110.81 -13.58
CA ALA G 182 -79.31 110.88 -12.16
C ALA G 182 -78.94 112.25 -11.58
N VAL G 183 -77.81 112.81 -12.01
CA VAL G 183 -77.45 114.16 -11.57
C VAL G 183 -78.47 115.17 -12.06
N LEU G 184 -79.00 114.97 -13.27
CA LEU G 184 -80.01 115.88 -13.81
C LEU G 184 -81.29 115.84 -12.98
N ASN G 185 -81.69 114.66 -12.53
CA ASN G 185 -82.92 114.48 -11.74
C ASN G 185 -82.57 113.71 -10.48
N PRO G 186 -81.96 114.37 -9.48
CA PRO G 186 -81.61 113.68 -8.24
C PRO G 186 -82.78 113.60 -7.28
N THR G 187 -82.59 112.92 -6.15
CA THR G 187 -83.62 112.83 -5.14
C THR G 187 -83.84 114.19 -4.47
N PRO G 188 -85.09 114.51 -4.10
CA PRO G 188 -85.47 115.73 -3.39
C PRO G 188 -84.53 116.09 -2.24
N MET H 8 -27.89 10.61 -1.26
CA MET H 8 -28.45 11.50 -2.27
C MET H 8 -29.97 11.57 -2.17
N GLN H 9 -30.53 12.70 -2.62
CA GLN H 9 -31.97 12.93 -2.61
C GLN H 9 -32.41 13.49 -3.95
N ALA H 10 -33.66 13.22 -4.30
CA ALA H 10 -34.24 13.66 -5.56
C ALA H 10 -35.49 14.49 -5.30
N ILE H 11 -35.80 15.39 -6.24
CA ILE H 11 -36.95 16.28 -6.15
C ILE H 11 -37.88 15.99 -7.30
N LYS H 12 -39.16 15.76 -6.99
CA LYS H 12 -40.20 15.53 -7.99
C LYS H 12 -41.16 16.71 -7.98
N CYS H 13 -41.37 17.31 -9.15
CA CYS H 13 -42.25 18.45 -9.26
C CYS H 13 -43.02 18.36 -10.56
N VAL H 14 -44.33 18.60 -10.47
CA VAL H 14 -45.21 18.57 -11.62
C VAL H 14 -45.51 19.99 -12.06
N VAL H 15 -45.21 20.28 -13.32
CA VAL H 15 -45.43 21.60 -13.90
C VAL H 15 -46.57 21.48 -14.91
N VAL H 16 -47.60 22.30 -14.75
CA VAL H 16 -48.78 22.26 -15.59
C VAL H 16 -49.04 23.65 -16.14
N GLY H 17 -49.70 23.70 -17.30
CA GLY H 17 -50.04 24.97 -17.90
C GLY H 17 -50.73 24.78 -19.22
N ASP H 18 -51.14 25.90 -19.81
CA ASP H 18 -51.82 25.89 -21.10
C ASP H 18 -50.81 26.02 -22.23
N GLY H 19 -51.25 25.75 -23.45
CA GLY H 19 -50.41 25.84 -24.62
C GLY H 19 -50.27 27.20 -25.22
N ALA H 20 -51.06 28.18 -24.77
CA ALA H 20 -50.94 29.56 -25.24
C ALA H 20 -49.85 30.33 -24.53
N VAL H 21 -49.29 29.79 -23.45
CA VAL H 21 -48.20 30.42 -22.74
C VAL H 21 -46.85 29.76 -23.03
N ALA H 22 -46.83 28.45 -23.28
CA ALA H 22 -45.61 27.72 -23.65
C ALA H 22 -44.54 27.83 -22.56
N LYS H 23 -44.87 27.26 -21.39
CA LYS H 23 -43.86 27.13 -20.34
C LYS H 23 -42.76 26.14 -20.71
N THR H 24 -42.96 25.35 -21.76
CA THR H 24 -41.95 24.39 -22.19
C THR H 24 -40.67 25.10 -22.63
N CYS H 25 -40.82 26.22 -23.34
CA CYS H 25 -39.65 27.00 -23.73
C CYS H 25 -38.89 27.51 -22.53
N LEU H 26 -39.61 28.03 -21.53
CA LEU H 26 -38.96 28.51 -20.31
C LEU H 26 -38.23 27.40 -19.59
N LEU H 27 -38.87 26.24 -19.46
CA LEU H 27 -38.26 25.10 -18.79
C LEU H 27 -37.02 24.60 -19.53
N ILE H 28 -37.09 24.48 -20.85
CA ILE H 28 -35.94 24.00 -21.61
C ILE H 28 -34.81 25.01 -21.60
N SER H 29 -35.11 26.31 -21.61
CA SER H 29 -34.09 27.34 -21.44
C SER H 29 -33.43 27.29 -20.07
N TYR H 30 -34.20 27.07 -19.01
CA TYR H 30 -33.62 26.92 -17.69
C TYR H 30 -32.74 25.67 -17.59
N THR H 31 -33.21 24.53 -18.10
CA THR H 31 -32.42 23.31 -18.05
C THR H 31 -31.15 23.43 -18.90
N THR H 32 -31.27 24.00 -20.09
CA THR H 32 -30.10 24.20 -20.95
C THR H 32 -29.11 25.20 -20.37
N ASN H 33 -29.57 26.14 -19.54
CA ASN H 33 -28.78 27.24 -18.99
C ASN H 33 -28.17 28.10 -20.08
N ALA H 34 -28.75 28.10 -21.27
CA ALA H 34 -28.21 28.86 -22.39
C ALA H 34 -28.52 30.34 -22.24
N PHE H 35 -27.81 31.16 -23.02
CA PHE H 35 -28.03 32.59 -23.05
C PHE H 35 -29.43 32.90 -23.57
N PRO H 36 -30.08 33.92 -23.03
CA PRO H 36 -31.45 34.24 -23.48
C PRO H 36 -31.49 34.53 -24.97
N GLY H 37 -32.56 34.05 -25.62
CA GLY H 37 -32.72 34.18 -27.05
C GLY H 37 -31.97 33.16 -27.88
N GLU H 38 -31.25 32.23 -27.25
CA GLU H 38 -30.46 31.23 -27.96
C GLU H 38 -30.73 29.85 -27.39
N TYR H 39 -32.00 29.54 -27.15
CA TYR H 39 -32.40 28.22 -26.65
C TYR H 39 -32.65 27.28 -27.82
N ILE H 40 -32.37 26.00 -27.60
CA ILE H 40 -32.58 24.97 -28.61
C ILE H 40 -33.75 24.10 -28.15
N PRO H 41 -34.91 24.18 -28.79
CA PRO H 41 -35.97 23.21 -28.51
C PRO H 41 -35.52 21.80 -28.87
N THR H 42 -35.93 20.83 -28.05
CA THR H 42 -35.52 19.45 -28.22
C THR H 42 -36.75 18.57 -28.43
N VAL H 43 -36.51 17.41 -29.02
CA VAL H 43 -37.60 16.53 -29.43
C VAL H 43 -38.29 15.92 -28.21
N PHE H 44 -37.51 15.57 -27.18
CA PHE H 44 -38.07 14.84 -26.06
C PHE H 44 -38.61 15.79 -24.98
N ASP H 45 -39.52 15.26 -24.15
CA ASP H 45 -40.04 15.98 -23.01
C ASP H 45 -39.36 15.46 -21.74
N ASN H 46 -39.84 15.89 -20.57
CA ASN H 46 -39.38 15.41 -19.26
C ASN H 46 -37.88 15.69 -19.10
N TYR H 47 -37.58 16.98 -18.97
CA TYR H 47 -36.20 17.45 -18.81
C TYR H 47 -35.80 17.30 -17.34
N SER H 48 -35.05 16.24 -17.05
CA SER H 48 -34.49 16.02 -15.72
C SER H 48 -33.05 16.49 -15.68
N ALA H 49 -32.64 16.99 -14.51
CA ALA H 49 -31.30 17.54 -14.36
C ALA H 49 -30.88 17.44 -12.90
N ASN H 50 -29.58 17.57 -12.68
CA ASN H 50 -28.98 17.50 -11.34
C ASN H 50 -28.42 18.88 -11.01
N VAL H 51 -29.28 19.75 -10.49
CA VAL H 51 -28.89 21.11 -10.12
C VAL H 51 -29.46 21.41 -8.74
N MET H 52 -28.60 21.92 -7.86
CA MET H 52 -28.98 22.31 -6.51
C MET H 52 -28.80 23.82 -6.35
N VAL H 53 -29.25 24.32 -5.20
CA VAL H 53 -29.05 25.70 -4.81
C VAL H 53 -28.39 25.84 -3.45
N ASP H 54 -28.93 25.17 -2.44
CA ASP H 54 -28.42 25.26 -1.08
C ASP H 54 -28.58 23.92 -0.38
N GLY H 55 -27.84 23.74 0.71
CA GLY H 55 -27.92 22.54 1.51
C GLY H 55 -27.04 21.39 1.03
N LYS H 56 -27.45 20.72 -0.03
CA LYS H 56 -26.73 19.58 -0.56
C LYS H 56 -27.14 19.36 -2.01
N PRO H 57 -26.27 18.75 -2.82
CA PRO H 57 -26.66 18.45 -4.21
C PRO H 57 -27.79 17.44 -4.25
N VAL H 58 -28.78 17.73 -5.10
CA VAL H 58 -29.96 16.89 -5.25
C VAL H 58 -30.33 16.84 -6.73
N ASN H 59 -31.18 15.87 -7.07
CA ASN H 59 -31.67 15.71 -8.44
C ASN H 59 -33.02 16.39 -8.59
N LEU H 60 -33.16 17.20 -9.62
CA LEU H 60 -34.39 17.95 -9.87
C LEU H 60 -35.13 17.33 -11.05
N GLY H 61 -36.40 17.01 -10.83
CA GLY H 61 -37.24 16.45 -11.86
C GLY H 61 -38.39 17.39 -12.20
N LEU H 62 -38.61 17.53 -13.51
CA LEU H 62 -39.64 18.43 -14.03
C LEU H 62 -40.47 17.63 -15.03
N TRP H 63 -41.65 17.18 -14.60
CA TRP H 63 -42.53 16.41 -15.47
C TRP H 63 -43.22 17.33 -16.48
N ASP H 64 -42.85 17.20 -17.75
CA ASP H 64 -43.40 18.05 -18.81
C ASP H 64 -44.81 17.56 -19.13
N THR H 65 -45.81 18.30 -18.65
CA THR H 65 -47.20 17.94 -18.84
C THR H 65 -47.78 18.68 -20.05
N ALA H 66 -48.41 17.94 -20.94
CA ALA H 66 -49.01 18.54 -22.13
C ALA H 66 -50.29 19.27 -21.77
N GLY H 67 -50.49 20.42 -22.42
CA GLY H 67 -51.70 21.19 -22.24
C GLY H 67 -52.90 20.69 -23.01
N GLN H 68 -52.71 19.68 -23.86
CA GLN H 68 -53.83 19.12 -24.61
C GLN H 68 -54.80 18.40 -23.68
N GLU H 69 -56.09 18.52 -24.00
CA GLU H 69 -57.13 17.95 -23.15
C GLU H 69 -57.22 16.44 -23.32
N ASP H 70 -56.69 15.90 -24.42
CA ASP H 70 -56.80 14.46 -24.65
C ASP H 70 -55.94 13.66 -23.67
N TYR H 71 -54.82 14.23 -23.23
CA TYR H 71 -53.92 13.56 -22.29
C TYR H 71 -54.29 13.81 -20.84
N ASP H 72 -55.54 14.20 -20.56
CA ASP H 72 -55.97 14.43 -19.19
C ASP H 72 -56.07 13.13 -18.39
N ARG H 73 -56.29 12.01 -19.06
CA ARG H 73 -56.37 10.73 -18.35
C ARG H 73 -55.01 10.24 -17.91
N LEU H 74 -53.94 10.77 -18.50
CA LEU H 74 -52.59 10.36 -18.14
C LEU H 74 -52.00 11.17 -16.99
N ARG H 75 -52.55 12.34 -16.69
CA ARG H 75 -52.01 13.21 -15.65
C ARG H 75 -52.33 12.78 -14.21
N PRO H 76 -53.52 12.24 -13.89
CA PRO H 76 -53.85 12.05 -12.47
C PRO H 76 -52.93 11.08 -11.74
N LEU H 77 -52.27 10.16 -12.45
CA LEU H 77 -51.39 9.20 -11.81
C LEU H 77 -50.01 9.76 -11.50
N SER H 78 -49.63 10.88 -12.12
CA SER H 78 -48.32 11.47 -11.83
C SER H 78 -48.34 12.23 -10.50
N TYR H 79 -49.49 12.76 -10.11
CA TYR H 79 -49.58 13.53 -8.88
C TYR H 79 -49.22 12.75 -7.61
N PRO H 80 -49.69 11.52 -7.39
CA PRO H 80 -49.31 10.81 -6.15
C PRO H 80 -47.82 10.58 -6.06
N GLN H 81 -47.31 10.59 -4.82
CA GLN H 81 -45.90 10.36 -4.53
C GLN H 81 -45.00 11.36 -5.25
N THR H 82 -45.42 12.62 -5.20
CA THR H 82 -44.66 13.74 -5.75
C THR H 82 -44.41 14.76 -4.65
N ASP H 83 -43.17 15.25 -4.57
CA ASP H 83 -42.74 16.15 -3.52
C ASP H 83 -43.45 17.50 -3.56
N VAL H 84 -43.52 18.13 -4.73
CA VAL H 84 -44.13 19.44 -4.89
C VAL H 84 -44.83 19.49 -6.25
N PHE H 85 -45.62 20.56 -6.44
CA PHE H 85 -46.29 20.82 -7.71
C PHE H 85 -46.15 22.29 -8.05
N LEU H 86 -45.97 22.58 -9.34
CA LEU H 86 -45.76 23.93 -9.83
C LEU H 86 -46.94 24.31 -10.74
N ILE H 87 -47.81 25.18 -10.24
CA ILE H 87 -48.86 25.73 -11.07
C ILE H 87 -48.35 27.01 -11.72
N CYS H 88 -48.44 27.06 -13.05
CA CYS H 88 -47.87 28.16 -13.83
C CYS H 88 -48.95 28.84 -14.65
N PHE H 89 -48.94 30.17 -14.63
CA PHE H 89 -49.85 30.97 -15.43
C PHE H 89 -49.11 32.21 -15.91
N SER H 90 -49.74 32.94 -16.82
CA SER H 90 -49.14 34.13 -17.40
C SER H 90 -49.91 35.38 -16.95
N LEU H 91 -49.15 36.38 -16.53
CA LEU H 91 -49.73 37.65 -16.09
C LEU H 91 -50.29 38.47 -17.23
N VAL H 92 -49.88 38.18 -18.47
CA VAL H 92 -50.28 38.98 -19.61
C VAL H 92 -51.26 38.19 -20.47
N SER H 93 -51.59 36.98 -20.03
CA SER H 93 -52.54 36.15 -20.77
C SER H 93 -53.78 35.90 -19.92
N PRO H 94 -54.86 36.67 -20.11
CA PRO H 94 -56.08 36.44 -19.34
C PRO H 94 -56.67 35.06 -19.58
N ALA H 95 -56.43 34.50 -20.78
CA ALA H 95 -56.90 33.15 -21.06
C ALA H 95 -56.25 32.14 -20.13
N SER H 96 -54.94 32.29 -19.87
CA SER H 96 -54.27 31.40 -18.94
C SER H 96 -54.85 31.53 -17.54
N PHE H 97 -55.15 32.75 -17.11
CA PHE H 97 -55.75 32.95 -15.79
C PHE H 97 -57.12 32.28 -15.70
N GLU H 98 -57.94 32.44 -16.74
CA GLU H 98 -59.24 31.80 -16.76
C GLU H 98 -59.13 30.27 -16.74
N ASN H 99 -58.19 29.73 -17.53
CA ASN H 99 -57.99 28.30 -17.53
C ASN H 99 -57.53 27.78 -16.18
N VAL H 100 -56.62 28.50 -15.51
CA VAL H 100 -56.19 28.10 -14.18
C VAL H 100 -57.37 28.13 -13.21
N ARG H 101 -58.14 29.22 -13.23
CA ARG H 101 -59.26 29.35 -12.31
C ARG H 101 -60.35 28.32 -12.57
N ALA H 102 -60.46 27.84 -13.81
CA ALA H 102 -61.54 26.90 -14.14
C ALA H 102 -61.12 25.43 -13.96
N LYS H 103 -60.04 25.01 -14.61
CA LYS H 103 -59.67 23.60 -14.66
C LYS H 103 -58.40 23.30 -13.89
N TRP H 104 -57.30 24.01 -14.15
CA TRP H 104 -56.01 23.60 -13.63
C TRP H 104 -55.92 23.73 -12.11
N TYR H 105 -56.29 24.89 -11.55
CA TYR H 105 -56.22 25.04 -10.11
C TYR H 105 -57.15 24.09 -9.36
N PRO H 106 -58.43 23.94 -9.72
CA PRO H 106 -59.29 23.04 -8.92
C PRO H 106 -58.86 21.59 -8.98
N GLU H 107 -58.49 21.08 -10.16
CA GLU H 107 -58.19 19.66 -10.28
C GLU H 107 -56.86 19.29 -9.64
N VAL H 108 -55.83 20.12 -9.83
CA VAL H 108 -54.53 19.84 -9.21
C VAL H 108 -54.65 19.90 -7.70
N ARG H 109 -55.37 20.90 -7.18
CA ARG H 109 -55.61 20.98 -5.75
C ARG H 109 -56.40 19.78 -5.24
N HIS H 110 -57.41 19.33 -6.00
CA HIS H 110 -58.21 18.19 -5.58
C HIS H 110 -57.40 16.90 -5.55
N HIS H 111 -56.50 16.71 -6.51
CA HIS H 111 -55.74 15.46 -6.58
C HIS H 111 -54.85 15.28 -5.35
N CYS H 112 -54.15 16.32 -4.93
CA CYS H 112 -53.23 16.25 -3.79
C CYS H 112 -53.53 17.42 -2.85
N PRO H 113 -54.54 17.29 -1.99
CA PRO H 113 -54.89 18.37 -1.07
C PRO H 113 -53.80 18.72 -0.06
N ASN H 114 -52.92 17.79 0.29
CA ASN H 114 -51.92 18.00 1.33
C ASN H 114 -50.54 18.05 0.67
N THR H 115 -50.17 19.23 0.19
CA THR H 115 -48.86 19.49 -0.40
C THR H 115 -48.66 21.00 -0.54
N PRO H 116 -47.51 21.53 -0.14
CA PRO H 116 -47.24 22.96 -0.39
C PRO H 116 -47.25 23.27 -1.87
N ILE H 117 -47.77 24.45 -2.22
CA ILE H 117 -47.98 24.83 -3.60
C ILE H 117 -47.27 26.16 -3.85
N ILE H 118 -46.70 26.28 -5.05
CA ILE H 118 -46.01 27.50 -5.47
C ILE H 118 -46.67 28.00 -6.75
N LEU H 119 -47.06 29.28 -6.73
CA LEU H 119 -47.69 29.92 -7.88
C LEU H 119 -46.70 30.87 -8.52
N VAL H 120 -46.52 30.74 -9.83
CA VAL H 120 -45.55 31.54 -10.57
C VAL H 120 -46.27 32.24 -11.71
N GLY H 121 -45.75 33.40 -12.10
CA GLY H 121 -46.32 34.17 -13.20
C GLY H 121 -45.39 34.21 -14.40
N THR H 122 -45.93 33.88 -15.57
CA THR H 122 -45.12 33.83 -16.78
C THR H 122 -45.25 35.13 -17.57
N LYS H 123 -44.21 35.42 -18.35
CA LYS H 123 -44.14 36.63 -19.18
C LYS H 123 -44.29 37.88 -18.32
N LEU H 124 -43.42 38.01 -17.32
CA LEU H 124 -43.39 39.20 -16.49
C LEU H 124 -42.99 40.44 -17.27
N ASP H 125 -42.15 40.29 -18.30
CA ASP H 125 -41.74 41.42 -19.14
C ASP H 125 -42.89 42.03 -19.91
N LEU H 126 -43.80 41.23 -20.45
CA LEU H 126 -44.93 41.75 -21.22
C LEU H 126 -46.05 42.30 -20.34
N ARG H 127 -45.97 42.12 -19.02
CA ARG H 127 -46.95 42.71 -18.13
C ARG H 127 -46.93 44.23 -18.18
N ASP H 128 -45.75 44.85 -18.25
CA ASP H 128 -45.62 46.29 -18.34
C ASP H 128 -45.39 46.78 -19.76
N ASP H 129 -45.42 45.90 -20.77
CA ASP H 129 -45.19 46.31 -22.15
C ASP H 129 -46.38 47.14 -22.63
N LYS H 130 -46.08 48.31 -23.20
CA LYS H 130 -47.15 49.21 -23.63
C LYS H 130 -47.87 48.67 -24.86
N ASP H 131 -47.15 48.14 -25.84
CA ASP H 131 -47.78 47.64 -27.05
C ASP H 131 -48.62 46.40 -26.76
N THR H 132 -48.11 45.51 -25.92
CA THR H 132 -48.88 44.31 -25.56
C THR H 132 -50.14 44.68 -24.80
N ILE H 133 -50.04 45.64 -23.87
CA ILE H 133 -51.23 46.08 -23.13
C ILE H 133 -52.23 46.74 -24.07
N GLU H 134 -51.74 47.53 -25.03
CA GLU H 134 -52.63 48.16 -26.01
C GLU H 134 -53.36 47.11 -26.83
N LYS H 135 -52.64 46.09 -27.30
CA LYS H 135 -53.27 45.03 -28.07
C LYS H 135 -54.29 44.25 -27.24
N LEU H 136 -53.97 43.98 -25.98
CA LEU H 136 -54.92 43.29 -25.11
C LEU H 136 -56.18 44.12 -24.88
N LYS H 137 -56.02 45.43 -24.65
CA LYS H 137 -57.18 46.28 -24.46
C LYS H 137 -58.01 46.36 -25.72
N GLU H 138 -57.36 46.37 -26.89
CA GLU H 138 -58.10 46.28 -28.15
C GLU H 138 -58.84 44.95 -28.25
N LYS H 139 -58.22 43.86 -27.77
CA LYS H 139 -58.86 42.55 -27.72
C LYS H 139 -59.61 42.32 -26.42
N LYS H 140 -60.03 43.39 -25.74
CA LYS H 140 -60.75 43.35 -24.45
C LYS H 140 -60.14 42.34 -23.49
N LEU H 141 -58.81 42.37 -23.40
CA LEU H 141 -58.05 41.53 -22.48
C LEU H 141 -57.33 42.41 -21.46
N THR H 142 -57.33 41.98 -20.20
CA THR H 142 -56.71 42.73 -19.13
C THR H 142 -55.54 41.97 -18.56
N PRO H 143 -54.32 42.53 -18.58
CA PRO H 143 -53.18 41.86 -17.97
C PRO H 143 -53.35 41.67 -16.47
N ILE H 144 -53.12 40.46 -15.99
CA ILE H 144 -53.26 40.19 -14.56
C ILE H 144 -52.08 40.80 -13.82
N THR H 145 -52.37 41.61 -12.81
CA THR H 145 -51.32 42.30 -12.08
C THR H 145 -51.00 41.59 -10.77
N TYR H 146 -50.13 42.21 -9.98
CA TYR H 146 -49.71 41.62 -8.71
C TYR H 146 -50.84 41.40 -7.72
N PRO H 147 -51.77 42.35 -7.49
CA PRO H 147 -52.81 42.10 -6.47
C PRO H 147 -53.65 40.86 -6.71
N GLN H 148 -54.01 40.58 -7.97
CA GLN H 148 -54.82 39.39 -8.23
C GLN H 148 -54.05 38.11 -7.93
N GLY H 149 -52.78 38.06 -8.32
CA GLY H 149 -51.96 36.90 -8.01
C GLY H 149 -51.76 36.73 -6.51
N LEU H 150 -51.57 37.83 -5.80
CA LEU H 150 -51.43 37.76 -4.34
C LEU H 150 -52.71 37.26 -3.69
N ALA H 151 -53.86 37.74 -4.16
CA ALA H 151 -55.14 37.28 -3.63
C ALA H 151 -55.34 35.80 -3.88
N MET H 152 -55.00 35.33 -5.09
CA MET H 152 -55.09 33.91 -5.39
C MET H 152 -54.15 33.09 -4.51
N ALA H 153 -52.92 33.57 -4.30
CA ALA H 153 -51.98 32.84 -3.46
C ALA H 153 -52.46 32.75 -2.03
N LYS H 154 -53.02 33.85 -1.50
CA LYS H 154 -53.58 33.81 -0.16
C LYS H 154 -54.81 32.90 -0.08
N GLU H 155 -55.61 32.83 -1.15
CA GLU H 155 -56.74 31.90 -1.18
C GLU H 155 -56.25 30.46 -1.14
N ILE H 156 -55.21 30.14 -1.91
CA ILE H 156 -54.70 28.77 -1.96
C ILE H 156 -53.72 28.46 -0.84
N GLY H 157 -53.31 29.46 -0.07
CA GLY H 157 -52.33 29.23 0.98
C GLY H 157 -50.96 28.82 0.47
N ALA H 158 -50.52 29.42 -0.64
CA ALA H 158 -49.21 29.10 -1.20
C ALA H 158 -48.11 29.61 -0.28
N VAL H 159 -46.97 28.92 -0.31
CA VAL H 159 -45.83 29.32 0.52
C VAL H 159 -45.31 30.68 0.07
N LYS H 160 -45.18 30.90 -1.24
CA LYS H 160 -44.70 32.17 -1.76
C LYS H 160 -45.11 32.30 -3.22
N TYR H 161 -45.81 33.38 -3.54
CA TYR H 161 -46.18 33.67 -4.93
C TYR H 161 -44.97 34.27 -5.64
N LEU H 162 -44.76 33.87 -6.89
CA LEU H 162 -43.59 34.28 -7.65
C LEU H 162 -43.99 34.76 -9.03
N GLU H 163 -43.07 35.51 -9.66
CA GLU H 163 -43.26 36.01 -11.02
C GLU H 163 -41.94 35.93 -11.75
N CYS H 164 -41.89 35.14 -12.81
CA CYS H 164 -40.67 34.94 -13.58
C CYS H 164 -40.87 35.39 -15.03
N SER H 165 -39.82 35.25 -15.83
CA SER H 165 -39.86 35.66 -17.23
C SER H 165 -38.96 34.73 -18.02
N ALA H 166 -39.13 34.74 -19.35
CA ALA H 166 -38.36 33.88 -20.23
C ALA H 166 -37.39 34.61 -21.13
N LEU H 167 -37.76 35.74 -21.72
CA LEU H 167 -36.84 36.47 -22.59
C LEU H 167 -35.66 37.04 -21.82
N THR H 168 -35.90 37.54 -20.61
CA THR H 168 -34.82 38.05 -19.76
C THR H 168 -34.50 37.15 -18.58
N GLN H 169 -35.24 36.07 -18.38
CA GLN H 169 -35.06 35.14 -17.27
C GLN H 169 -35.10 35.85 -15.92
N ARG H 170 -36.01 36.81 -15.76
CA ARG H 170 -36.06 37.61 -14.53
C ARG H 170 -36.73 36.83 -13.41
N GLY H 171 -35.94 36.41 -12.42
CA GLY H 171 -36.49 35.70 -11.28
C GLY H 171 -36.68 34.23 -11.47
N LEU H 172 -36.41 33.70 -12.67
CA LEU H 172 -36.58 32.27 -12.92
C LEU H 172 -35.68 31.43 -12.01
N LYS H 173 -34.41 31.84 -11.88
CA LYS H 173 -33.51 31.16 -10.96
C LYS H 173 -33.99 31.28 -9.53
N THR H 174 -34.50 32.45 -9.13
CA THR H 174 -35.08 32.60 -7.81
C THR H 174 -36.32 31.71 -7.65
N VAL H 175 -37.11 31.58 -8.72
CA VAL H 175 -38.29 30.72 -8.67
C VAL H 175 -37.87 29.27 -8.40
N PHE H 176 -36.86 28.80 -9.12
CA PHE H 176 -36.41 27.42 -8.93
C PHE H 176 -35.76 27.24 -7.56
N ASP H 177 -35.05 28.25 -7.07
CA ASP H 177 -34.48 28.18 -5.72
C ASP H 177 -35.59 28.04 -4.68
N GLU H 178 -36.65 28.83 -4.83
CA GLU H 178 -37.79 28.72 -3.91
C GLU H 178 -38.45 27.36 -4.02
N ALA H 179 -38.60 26.84 -5.24
CA ALA H 179 -39.20 25.53 -5.41
C ALA H 179 -38.37 24.44 -4.73
N ILE H 180 -37.04 24.52 -4.87
CA ILE H 180 -36.17 23.53 -4.23
C ILE H 180 -36.23 23.66 -2.71
N ARG H 181 -36.20 24.89 -2.19
CA ARG H 181 -36.17 25.10 -0.76
C ARG H 181 -37.55 24.97 -0.11
N ALA H 182 -38.62 24.79 -0.89
CA ALA H 182 -39.94 24.60 -0.31
C ALA H 182 -39.97 23.38 0.60
N VAL H 183 -39.37 22.27 0.15
CA VAL H 183 -39.24 21.10 1.00
C VAL H 183 -38.26 21.36 2.13
N LEU H 184 -37.18 22.09 1.83
CA LEU H 184 -36.16 22.40 2.82
C LEU H 184 -36.68 23.35 3.89
#